data_7PNK
#
_entry.id   7PNK
#
_cell.length_a   1.00
_cell.length_b   1.00
_cell.length_c   1.00
_cell.angle_alpha   90.00
_cell.angle_beta   90.00
_cell.angle_gamma   90.00
#
_symmetry.space_group_name_H-M   'P 1'
#
loop_
_entity.id
_entity.type
_entity.pdbx_description
1 polymer 'Photosystem II protein D1'
2 polymer 'Photosystem II CP47 reaction center protein'
3 polymer 'Photosystem II reaction center protein Ycf12'
4 polymer 'Photosystem II CP43 reaction center protein'
5 polymer 'Photosystem II D2 protein'
6 polymer 'Cytochrome b559 subunit alpha'
7 polymer 'Cytochrome b559 subunit beta'
8 polymer 'Photosystem II reaction center protein H'
9 polymer 'Photosystem II reaction center protein I'
10 polymer 'Photosystem II reaction center protein J'
11 polymer 'Photosystem II reaction center protein K'
12 polymer 'Photosystem II reaction center protein L'
13 polymer 'Photosystem II reaction center protein M'
14 polymer PsbO
15 polymer PsbP
16 polymer 'Photosystem II reaction center protein T'
17 polymer PsbW
18 polymer PsbX
19 polymer 'Photosystem II reaction center protein Z'
20 polymer 'Chlorophyll a-b binding protein of LHCII type I, chloroplastic'
21 polymer 'Chlorophyll a-b binding protein, chloroplastic'
22 polymer CP26
23 polymer 'LHCII M1'
24 polymer PsbU
25 non-polymer 'CA-MN4-O5 CLUSTER'
26 non-polymer 'FE (II) ION'
27 non-polymer 'CHLORIDE ION'
28 non-polymer 'CHLOROPHYLL A'
29 non-polymer 'PHEOPHYTIN A'
30 non-polymer BETA-CAROTENE
31 non-polymer 1,2-DI-O-ACYL-3-O-[6-DEOXY-6-SULFO-ALPHA-D-GLUCOPYRANOSYL]-SN-GLYCEROL
32 non-polymer 1,2-DISTEAROYL-MONOGALACTOSYL-DIGLYCERIDE
33 non-polymer SPHINGOSINE
34 non-polymer (1~{S})-3,5,5-trimethyl-4-[(1~{E},3~{E},5~{E},7~{E},9~{E},11~{E},13~{E},15~{E},17~{E})-3,7,12,16-tetramethyl-18-[(4~{S})-2,6,6-trimethyl-4-oxidanyl-cyclohexen-1-yl]octadeca-1,3,5,7,9,11,13,15,17-nonaenyl]cyclohex-3-en-1-ol
35 non-polymer 'DIGALACTOSYL DIACYL GLYCEROL (DGDG)'
36 non-polymer 1,2-DIACYL-GLYCEROL-3-SN-PHOSPHATE
37 non-polymer 'DIACYL GLYCEROL'
38 non-polymer 1,2-DIPALMITOYL-PHOSPHATIDYL-GLYCEROLE
39 non-polymer trimethyl-[(2~{R})-1-oxidanyl-1-oxidanylidene-4-[(2~{S})-2-[(1~{S})-1-oxidanyloctadecoxy]-3-[(1~{R})-1-oxidanyloctadecoxy]propoxy]butan-2-yl]azanium
40 non-polymer 'BICARBONATE ION'
41 non-polymer 2,3-DIMETHYL-5-(3,7,11,15,19,23,27,31,35-NONAMETHYL-2,6,10,14,18,22,26,30,34-HEXATRIACONTANONAENYL-2,5-CYCLOHEXADIENE-1,4-DIONE-2,3-DIMETHYL-5-SOLANESYL-1,4-BENZOQUINONE
42 non-polymer 'PROTOPORPHYRIN IX CONTAINING FE'
43 non-polymer (3R)-beta,beta-caroten-3-ol
44 non-polymer GLYCEROL
45 non-polymer Tripalmitoylglycerol
46 non-polymer 'CHLOROPHYLL B'
47 non-polymer "(3R,3'R,6S)-4,5-DIDEHYDRO-5,6-DIHYDRO-BETA,BETA-CAROTENE-3,3'-DIOL"
48 non-polymer "(3S,5R,6S,3'S,5'R,6'S)-5,6,5',6'-DIEPOXY-5,6,5',6'- TETRAHYDRO-BETA,BETA-CAROTENE-3,3'-DIOL"
49 non-polymer (1R,3R)-6-{(3E,5E,7E,9E,11E,13E,15E,17E)-18-[(1S,4R,6R)-4-HYDROXY-2,2,6-TRIMETHYL-7-OXABICYCLO[4.1.0]HEPT-1-YL]-3,7,12,16-TETRAMETHYLOCTADECA-1,3,5,7,9,11,13,15,17-NONAENYLIDENE}-1,5,5-TRIMETHYLCYCLOHEXANE-1,3-DIOL
50 non-polymer '(2S)-3-{[(R)-(2-aminoethoxy)(hydroxy)phosphoryl]oxy}-2-hydroxypropyl hexadecanoate'
51 non-polymer PHOSPHATIDYLETHANOLAMINE
#
loop_
_entity_poly.entity_id
_entity_poly.type
_entity_poly.pdbx_seq_one_letter_code
_entity_poly.pdbx_strand_id
1 'polypeptide(L)'
;ENTSLWARFCEWITSTENRLYIGWFGVIMIPTLLTAISVYIIAFIAAPPVDIDGIREPVSGSLLYGNNIITGAVVPTSNA
IGLHFYPIWEAASLDEWLYNGGPYQLVVCHFFLGVCCYMGREWELSYRLGMRPWIAVAYSAPVAAATAVFIIYPIGQGSF
SDGMPLGISGTFNFMIVFQAEHNILMHPFHMFGVAGVFGGSLFSAMHGSLVTSSLIRETTENESANAGYKFGQEEETYNI
VAAHGYFGRLIFQYASFNNSRSLHFFLAVWPVVCIWLTALGISTMAFNLNGFNFNQSVVDSNGRVLNTWADIINRANLGM
EVMHERNAHNFPLDLA
;
A,a
2 'polypeptide(L)'
;GLPWYRVHTVVINDPGRLISVHLMHTALVAGWAGAMTLFEIAVFDPSDPVLNPMWRQGMFVLPFLTRLGVTQSWGGWTIS
GETSSNPGIWSYEGAAASHIVLSGLLFLASVWHWVYWDLELFRDPRTGKTALDLPKIFGIHLFLAGLLCFGFGAFHVTGV
FGPGIWVSDPYGLTGSVQPVAPSWGAEGFDPYNPGGVPAHHIAAGILGVLAGLFHL(CSD)VRPSIRLYFGLSMGSIESV
LSSSIAAVFWAAFVVAGTMWYGSAATPIELFGPTRYQWDQGFFQQEIQKRVAQSTSEGLSVSEAWAKIPEKLAFYDYIGN
NPAKGGLFRTGAMNSGDGIAVGWLGHASFKDQEGRELFVRRMPTFFETFPVVLIDKDGVVRADVPFRKAESKYSIEQVGV
SVTFYGGELNGLTFTDPSTVKKYARKAQLGEIFEFDRSTLQSDGVFRSSPRGWFTFGHLSFALLFFFGHIWHGSRTIFRD
VFAGIDED
;
B,b
3 'polypeptide(L)' SLTLILQLVALFAVVAAGPLVVVLLSVRGGNL V,v
4 'polypeptide(L)'
;GRDQETTGFAWWAGNARLINLSGKLLGAHVAHAGLIVFWAGAMNLFEVSHFVPEKPMYEQGLILLPHIATLGYGVGPGGE
VLDTFPYFVSGVLHLISSAVLGFGGVYHSLIGPETLEESYPFFGYVWKDKNKMTNILGYHLIILGCGAWLLVLKALYFGG
VYDTWAPGGGDVRIISNPTTNAAIIFGYIVKSPFGGDGWIVSVDNLEDIIGGHIWIGTLCILGGIWHIYTTPWPWARRAF
VWSGEAYLSYSLAAVSLMGFTACCFAWFNNTAYPSEFYGPTGPEASQAQAFTFLVRDQRLGANVASAQGPTGLGKYLMRS
PTGEIIFGGETMRFWDFRGPWVEPLRGPSGLDLVKLKNDIQPWQERRAAEYMTHAPLGSLNSVGGVATEINAVNFVSPRS
WLATSHFCLGFFFFVGHLWHAGRARAAAAGFEKGIDRVDEPVLSMRPLD
;
C,c
5 'polypeptide(L)'
;IGTYQEKRTWFDDADDWLRQDRFVFVGWSGLLLLPCAYFAVGGWLTGCTFVTSWYTHGLASSYIEGCNFLTAAVSTPANS
LGHSLLFVWGPEAQGDLTRWFQLGGLWAFVALHGAFGLIGFMLRQFEIARSVNLRPYNAIAFSAPIAVFVSVFLIYPLGQ
SGWFFAPSFGVASIFRFILFFQGFHNWTLNPFHMMGVAGVLGAALLCAIHGATVENTLFEDGDGANTFRAFNPTQAEETY
SMVTANRFWSQIFGVAFSNKRWLHFFMLFVPVTGLWMSALGVVGLALNLRAYDFVSQEIRAAEDPEFETFYTKNILLNEG
IRAWMAAQDQPHEKLTLPEEVLPRGNAL
;
D,d
6 'polypeptide(L)' ERPFSDILTSIRYWVIHSITVPSLFIAGWLFVSTGLAYDVFGSPRPNEYFTEDRQDAPLITDRFNALEQVKKLSAQ E,e
7 'polypeptide(L)' IFTVRWLAIHAIAVPTIFFLGAITAMQFIQR F,f
8 'polypeptide(L)' EPGIVTPLGTLLRPLNSEAGKVLPGWGTTVLMAVAILLFAVFLLIILEIYNSSLILDGVTNSWESLA H,h
9 'polypeptide(L)' MLTLKIFVYTVVTFFVGLFIFGFLSNDPSRNPGKG I,i
10 'polypeptide(L)' IGRIPLWLVGTVVGLLAIGLLAIFFYGSYVGLGSSL J,j
11 'polypeptide(L)' KLPEAYAPFSPIVDVLPIIPVLFILLAFVWQASVSFR K,k
12 'polypeptide(L)' MARPNPNKQVVELNRSSLYWGLLLIFVLAVLFSSYIFN L,l
13 'polypeptide(L)' VNILGLTATALFIIIPTSFLLILYVKTAASE M,m
14 'polypeptide(L)'
;LTYDELQGLTYLQVKGTGIANTCPVVEQGTSNVRELKPGDYKLEKFCMEPTSFTVKEVVDKGREEFVKTKLLTRLTISQF
GMNGSMKINNDGSVEFREDEGLDYAATTVKLPGGEYVPFLFTIKEFDGKGTLDSFSGDFLVPSYRGSTFLDPKGRGGATG
YDNAIALPAKADADEIQRLNNKSYTPGKGSAVFSVAKVDTETGEIAGVFESIQPSDTEMGAHPAKDIKITGLWYGQLT
;
O,o
15 'polypeptide(L)'
;AYGEGANVFGRVTNKSGFVPYAGDSFALLLPSKWNPSDEKEVDSIVLRYADNFDAVNNVYVIAQDTDKSSIQDYGSPEEF
ISQFGYLLGRQAWAGQTVSEGGFDANKVSSAALLGVATEKDKKGKTYYKFEILSRTADGNEGGRHQLVKATVSNGKLYLL
KVQAGDKRWFKGTDKECLGVLDSFTVV
;
P,p
16 'polypeptide(L)' MEALVYTFLLIGTLGIIFFSIFFREPPRIA T,t
17 'polypeptide(L)' LVDDRMNGDGTGLPFGVNDGILGWVIAGTLGTIWAIYFVSQKDL W,w
18 'polypeptide(L)' SVTPSLKNFLLSLVAGAVVLAAIAGAVTAV X,x
19 'polypeptide(L)' MTSILQIALLGLVLVSFALVVGVPVVFASPNGWTENKGVVFSGLSVWFLLVFAVGVFNSFA Z,z
20 'polypeptide(L)'
;TINQFYGPDRNKWLGPYSTNTPPYLTGEFPGDYGWDTAGLSADPETFKRYRELELIHARWALLGALGMVTPELLQDDDGI
MFGESAIWFKAGAAIFQEGGLNYLGNPSLIHAQNIVATLAVQVVLMGLVEGYRVNGGPAGEGLDPLYPGEAFDPLGLADD
PEAFAELKVKEIKNGRLAMFACLGFFVQAIVTGKGPIENLTDHLANPAENNAFAYATKFTPQ
;
N
21 'polypeptide(L)'
;EFYGPDRAKFLGPFSENDTPEYLTGEFPGDYGWDTAGLSADPQTFARYREIELIHARWALLGALGILTPELLSQYAGVQF
GEPVWFKAGAQIFAAGGLNYLGNESLIHAQSIIATLAVQVVLMGLAEAYRANGGSEGFLDDLDTLYPGGAFDPLGLADDP
DTFAELKVKEIKNGRLAMFSCLGFFVQAIVTGKGPVQNLTDHLADPTVNNAFASATKFTPG
;
G
22 'polypeptide(L)'
;PDLEKWYGPDRKLFLPGGLLDRDDVPEYLNGELAGDYGYDPLGLGKDEEQVEKYRANELLHARWAMLAAAGIIIPEGLQA
NGADIKGGTWFETGAEMLNGGTLNYFAVPFGVVQNPLPLAAVTLIEIVLLGAVEKFRVDGTGPAGFSPGVGKFDSDIFDG
LDKLYPGGPFDPLNLADDPEVFAELQVKEIKNGRLAMIAVLAFAIQSYVTGEGPYANITKHLSDPFGYNLLTVLQGDDRV
PTL
;
S
23 'polypeptide(L)'
;SAWYGPDRPLFLGSLSGEPPSYLTGEFPGDYGWDTAGFSADPTTFARYRTIELIHARWALLGALGIITPELLAKNGVPFS
EDGAIWFKAGAEIFKEGGLNYLGNENLIHAQSILATLAVQVIVMGAAEGFRANGEAPGVEGLDPLYPGGPFDPLGLADDP
EAFAELKVKEIKNGRLAMFSCLGFFVQAIVTGKGPIQNLQDHLADPGVNNAFASATKFVPTP
;
Y
24 'polypeptide(L)' QRVRTVLDMDDPAKEETVKELRKDINN U,u
#
# COMPACT_ATOMS: atom_id res chain seq x y z
N GLU A 1 6.17 -51.14 5.03
CA GLU A 1 5.91 -50.95 6.46
C GLU A 1 5.99 -49.47 6.84
N ASN A 2 6.59 -48.68 5.95
CA ASN A 2 6.55 -47.21 5.98
C ASN A 2 7.13 -46.63 7.28
N THR A 3 8.42 -46.85 7.45
CA THR A 3 9.17 -46.23 8.54
C THR A 3 10.34 -45.38 8.06
N SER A 4 10.91 -45.70 6.91
CA SER A 4 12.07 -44.98 6.39
C SER A 4 11.69 -43.54 6.02
N LEU A 5 12.71 -42.67 6.04
CA LEU A 5 12.50 -41.25 5.85
C LEU A 5 11.97 -40.93 4.47
N TRP A 6 12.52 -41.56 3.43
CA TRP A 6 12.04 -41.28 2.07
C TRP A 6 10.63 -41.81 1.85
N ALA A 7 10.29 -42.96 2.44
CA ALA A 7 8.92 -43.46 2.32
C ALA A 7 7.95 -42.54 3.03
N ARG A 8 8.30 -42.04 4.22
CA ARG A 8 7.45 -41.10 4.93
C ARG A 8 7.29 -39.80 4.16
N PHE A 9 8.38 -39.30 3.57
CA PHE A 9 8.33 -38.08 2.78
C PHE A 9 7.48 -38.27 1.53
N CYS A 10 7.60 -39.43 0.88
CA CYS A 10 6.81 -39.72 -0.31
C CYS A 10 5.33 -39.82 0.03
N GLU A 11 4.99 -40.45 1.16
CA GLU A 11 3.60 -40.54 1.56
C GLU A 11 3.05 -39.16 1.92
N TRP A 12 3.86 -38.31 2.56
CA TRP A 12 3.40 -36.96 2.88
C TRP A 12 3.22 -36.12 1.62
N ILE A 13 4.12 -36.27 0.64
CA ILE A 13 4.03 -35.50 -0.59
C ILE A 13 2.82 -35.94 -1.40
N THR A 14 2.62 -37.24 -1.55
CA THR A 14 1.48 -37.77 -2.29
C THR A 14 0.22 -37.85 -1.45
N SER A 15 0.23 -37.29 -0.24
CA SER A 15 -0.95 -37.33 0.62
C SER A 15 -2.05 -36.44 0.06
N THR A 16 -3.23 -37.01 -0.10
CA THR A 16 -4.42 -36.26 -0.48
C THR A 16 -5.11 -35.66 0.74
N GLU A 17 -4.52 -35.82 1.92
CA GLU A 17 -5.09 -35.32 3.16
C GLU A 17 -4.69 -33.88 3.46
N ASN A 18 -3.80 -33.29 2.66
CA ASN A 18 -3.38 -31.92 2.88
C ASN A 18 -4.47 -30.94 2.47
N ARG A 19 -4.37 -29.72 3.00
CA ARG A 19 -5.31 -28.66 2.61
C ARG A 19 -5.16 -28.32 1.13
N LEU A 20 -3.94 -28.23 0.65
CA LEU A 20 -3.64 -28.09 -0.77
C LEU A 20 -2.69 -29.21 -1.16
N TYR A 21 -3.05 -29.97 -2.19
CA TYR A 21 -2.23 -31.09 -2.61
C TYR A 21 -0.91 -30.60 -3.18
N ILE A 22 0.18 -31.25 -2.77
CA ILE A 22 1.50 -30.84 -3.22
C ILE A 22 1.92 -31.70 -4.41
N GLY A 23 2.13 -32.99 -4.17
CA GLY A 23 2.56 -33.89 -5.21
C GLY A 23 3.96 -33.66 -5.74
N TRP A 24 4.42 -34.58 -6.59
CA TRP A 24 5.75 -34.46 -7.17
C TRP A 24 5.82 -33.37 -8.22
N PHE A 25 4.68 -32.98 -8.81
CA PHE A 25 4.68 -31.77 -9.61
C PHE A 25 4.64 -30.53 -8.72
N GLY A 26 4.05 -30.64 -7.53
CA GLY A 26 4.01 -29.50 -6.64
C GLY A 26 5.33 -29.19 -5.99
N VAL A 27 6.21 -30.19 -5.87
CA VAL A 27 7.53 -29.92 -5.30
C VAL A 27 8.37 -29.03 -6.21
N ILE A 28 7.99 -28.87 -7.48
CA ILE A 28 8.57 -27.85 -8.34
C ILE A 28 7.65 -26.63 -8.44
N MET A 29 6.33 -26.88 -8.45
CA MET A 29 5.36 -25.79 -8.61
C MET A 29 5.48 -24.77 -7.48
N ILE A 30 5.57 -25.23 -6.24
CA ILE A 30 5.54 -24.35 -5.07
C ILE A 30 6.79 -23.47 -4.99
N PRO A 31 8.04 -24.00 -4.97
CA PRO A 31 9.17 -23.07 -4.75
C PRO A 31 9.42 -22.14 -5.93
N THR A 32 9.26 -22.62 -7.17
CA THR A 32 9.42 -21.77 -8.34
C THR A 32 8.41 -20.63 -8.33
N LEU A 33 7.15 -20.96 -8.04
CA LEU A 33 6.13 -19.92 -7.98
C LEU A 33 6.41 -18.92 -6.87
N LEU A 34 6.59 -19.40 -5.63
CA LEU A 34 6.84 -18.47 -4.52
C LEU A 34 8.06 -17.60 -4.75
N THR A 35 9.07 -18.12 -5.47
CA THR A 35 10.15 -17.26 -5.95
C THR A 35 9.62 -16.17 -6.88
N ALA A 36 8.76 -16.56 -7.83
CA ALA A 36 8.23 -15.60 -8.81
C ALA A 36 7.35 -14.54 -8.15
N ILE A 37 6.45 -14.95 -7.26
CA ILE A 37 5.65 -13.98 -6.50
C ILE A 37 6.53 -13.07 -5.65
N SER A 38 7.51 -13.62 -4.95
CA SER A 38 8.35 -12.79 -4.08
C SER A 38 9.06 -11.71 -4.88
N VAL A 39 9.76 -12.10 -5.95
CA VAL A 39 10.48 -11.12 -6.75
C VAL A 39 9.51 -10.21 -7.50
N TYR A 40 8.31 -10.69 -7.82
CA TYR A 40 7.36 -9.86 -8.56
C TYR A 40 6.77 -8.77 -7.68
N ILE A 41 6.41 -9.10 -6.43
CA ILE A 41 5.94 -8.09 -5.49
C ILE A 41 7.05 -7.07 -5.23
N ILE A 42 8.28 -7.55 -5.00
CA ILE A 42 9.37 -6.64 -4.68
C ILE A 42 9.70 -5.72 -5.86
N ALA A 43 9.71 -6.27 -7.08
CA ALA A 43 9.98 -5.47 -8.27
C ALA A 43 8.86 -4.49 -8.55
N PHE A 44 7.60 -4.92 -8.43
CA PHE A 44 6.46 -4.04 -8.66
C PHE A 44 6.43 -2.91 -7.64
N ILE A 45 6.92 -3.16 -6.42
CA ILE A 45 6.94 -2.10 -5.41
C ILE A 45 8.10 -1.14 -5.65
N ALA A 46 9.33 -1.64 -5.69
CA ALA A 46 10.50 -0.76 -5.67
C ALA A 46 11.52 -1.17 -6.74
N ALA A 47 11.08 -1.38 -7.96
CA ALA A 47 12.01 -1.70 -9.03
C ALA A 47 12.60 -0.42 -9.63
N PRO A 48 13.91 -0.31 -9.70
CA PRO A 48 14.53 0.85 -10.37
C PRO A 48 14.27 0.80 -11.86
N PRO A 49 14.41 1.93 -12.57
CA PRO A 49 14.07 1.96 -14.00
C PRO A 49 14.92 1.02 -14.83
N VAL A 50 14.28 0.46 -15.87
CA VAL A 50 14.86 -0.58 -16.70
C VAL A 50 14.98 -0.05 -18.13
N ASP A 51 16.18 -0.17 -18.70
CA ASP A 51 16.43 0.23 -20.09
C ASP A 51 15.95 -0.90 -20.99
N ILE A 52 14.67 -0.83 -21.38
CA ILE A 52 14.06 -1.91 -22.16
C ILE A 52 14.60 -1.96 -23.58
N ASP A 53 14.72 -0.80 -24.24
CA ASP A 53 15.07 -0.78 -25.65
C ASP A 53 16.55 -0.93 -25.90
N GLY A 54 17.38 -0.95 -24.86
CA GLY A 54 18.81 -1.03 -25.04
C GLY A 54 19.47 0.25 -25.45
N ILE A 55 18.71 1.35 -25.54
CA ILE A 55 19.24 2.63 -26.00
C ILE A 55 19.55 3.56 -24.84
N ARG A 56 19.80 3.01 -23.65
CA ARG A 56 20.13 3.75 -22.43
C ARG A 56 19.04 4.74 -22.05
N GLU A 57 17.79 4.39 -22.36
CA GLU A 57 16.61 5.18 -21.96
C GLU A 57 15.78 4.31 -21.03
N PRO A 58 15.93 4.44 -19.73
CA PRO A 58 15.26 3.52 -18.80
C PRO A 58 13.79 3.84 -18.59
N VAL A 59 13.04 2.80 -18.23
CA VAL A 59 11.60 2.89 -17.98
C VAL A 59 11.36 2.45 -16.53
N SER A 60 10.74 3.33 -15.74
CA SER A 60 10.57 3.11 -14.31
C SER A 60 9.71 1.88 -14.00
N GLY A 61 8.42 1.93 -14.34
CA GLY A 61 7.54 0.80 -14.20
C GLY A 61 7.08 0.45 -12.81
N SER A 62 7.69 0.97 -11.75
CA SER A 62 7.37 0.58 -10.39
C SER A 62 6.73 1.73 -9.62
N LEU A 63 5.92 1.34 -8.62
CA LEU A 63 5.09 2.30 -7.88
C LEU A 63 5.93 3.34 -7.17
N LEU A 64 6.99 2.92 -6.49
CA LEU A 64 7.86 3.86 -5.79
C LEU A 64 8.64 4.77 -6.73
N TYR A 65 8.65 4.49 -8.03
CA TYR A 65 9.24 5.40 -9.00
C TYR A 65 8.19 6.20 -9.75
N GLY A 66 6.99 6.34 -9.19
CA GLY A 66 5.98 7.19 -9.76
C GLY A 66 4.94 6.53 -10.64
N ASN A 67 4.64 5.26 -10.42
CA ASN A 67 3.65 4.54 -11.20
C ASN A 67 2.43 4.23 -10.35
N ASN A 68 1.26 4.25 -10.98
CA ASN A 68 0.05 3.81 -10.32
C ASN A 68 -0.15 2.33 -10.63
N ILE A 69 -1.31 1.80 -10.28
CA ILE A 69 -1.55 0.37 -10.44
C ILE A 69 -1.73 0.00 -11.91
N ILE A 70 -2.43 0.85 -12.68
CA ILE A 70 -2.61 0.57 -14.09
C ILE A 70 -1.30 0.73 -14.85
N THR A 71 -0.54 1.78 -14.54
CA THR A 71 0.72 2.05 -15.21
C THR A 71 1.89 1.26 -14.65
N GLY A 72 1.75 0.67 -13.48
CA GLY A 72 2.85 -0.08 -12.89
C GLY A 72 3.05 -1.40 -13.62
N ALA A 73 4.30 -1.72 -13.93
CA ALA A 73 4.60 -2.93 -14.67
C ALA A 73 6.07 -3.29 -14.48
N VAL A 74 6.33 -4.59 -14.32
CA VAL A 74 7.69 -5.09 -14.38
C VAL A 74 8.12 -5.02 -15.84
N VAL A 75 9.12 -4.19 -16.12
CA VAL A 75 9.57 -3.90 -17.48
C VAL A 75 10.35 -5.09 -18.02
N PRO A 76 10.23 -5.42 -19.30
CA PRO A 76 11.03 -6.53 -19.86
C PRO A 76 12.52 -6.25 -19.85
N THR A 77 13.26 -7.29 -20.22
CA THR A 77 14.71 -7.30 -20.16
C THR A 77 15.28 -6.33 -21.19
N SER A 78 16.53 -5.88 -20.97
CA SER A 78 17.19 -5.00 -21.92
C SER A 78 17.39 -5.68 -23.27
N ASN A 79 17.27 -4.87 -24.34
CA ASN A 79 17.44 -5.39 -25.68
C ASN A 79 18.87 -5.81 -25.98
N ALA A 80 19.85 -5.27 -25.25
CA ALA A 80 21.24 -5.67 -25.44
C ALA A 80 21.44 -7.13 -25.06
N ILE A 81 20.72 -7.60 -24.04
CA ILE A 81 20.82 -8.99 -23.64
C ILE A 81 20.17 -9.90 -24.68
N GLY A 82 19.00 -9.51 -25.19
CA GLY A 82 18.29 -10.31 -26.16
C GLY A 82 17.78 -11.60 -25.58
N LEU A 83 18.16 -12.73 -26.19
CA LEU A 83 17.79 -14.04 -25.70
C LEU A 83 18.87 -14.68 -24.83
N HIS A 84 19.87 -13.90 -24.42
CA HIS A 84 20.86 -14.42 -23.49
C HIS A 84 20.24 -14.65 -22.12
N PHE A 85 20.80 -15.61 -21.39
CA PHE A 85 20.34 -15.90 -20.05
C PHE A 85 21.05 -14.97 -19.07
N TYR A 86 20.26 -14.26 -18.27
CA TYR A 86 20.77 -13.24 -17.36
C TYR A 86 20.30 -13.48 -15.93
N PRO A 87 20.91 -14.42 -15.23
CA PRO A 87 20.65 -14.55 -13.79
C PRO A 87 21.52 -13.56 -13.01
N ILE A 88 21.23 -13.49 -11.71
CA ILE A 88 21.93 -12.53 -10.84
C ILE A 88 23.44 -12.80 -10.84
N TRP A 89 23.83 -14.08 -10.80
CA TRP A 89 25.25 -14.41 -10.81
C TRP A 89 25.92 -14.05 -12.13
N GLU A 90 25.16 -13.92 -13.22
CA GLU A 90 25.80 -13.47 -14.45
C GLU A 90 25.97 -11.97 -14.50
N ALA A 91 25.46 -11.24 -13.51
CA ALA A 91 25.66 -9.81 -13.40
C ALA A 91 26.69 -9.52 -12.30
N ALA A 92 27.47 -8.48 -12.49
CA ALA A 92 28.46 -8.11 -11.48
C ALA A 92 27.81 -7.46 -10.27
N SER A 93 26.72 -6.73 -10.47
CA SER A 93 26.08 -6.04 -9.37
C SER A 93 24.57 -6.11 -9.53
N LEU A 94 23.88 -6.06 -8.39
CA LEU A 94 22.42 -6.02 -8.38
C LEU A 94 21.90 -4.78 -9.09
N ASP A 95 22.67 -3.69 -9.05
CA ASP A 95 22.25 -2.45 -9.70
C ASP A 95 22.14 -2.63 -11.21
N GLU A 96 23.16 -3.22 -11.85
CA GLU A 96 23.05 -3.42 -13.28
C GLU A 96 22.12 -4.58 -13.62
N TRP A 97 21.98 -5.56 -12.71
CA TRP A 97 21.02 -6.63 -12.94
C TRP A 97 19.60 -6.08 -12.98
N LEU A 98 19.30 -5.11 -12.12
CA LEU A 98 18.00 -4.46 -12.16
C LEU A 98 17.88 -3.48 -13.32
N TYR A 99 18.99 -2.84 -13.71
CA TYR A 99 18.96 -1.90 -14.82
C TYR A 99 18.74 -2.61 -16.15
N ASN A 100 19.17 -3.87 -16.26
CA ASN A 100 19.10 -4.59 -17.52
C ASN A 100 17.89 -5.51 -17.64
N GLY A 101 16.98 -5.50 -16.66
CA GLY A 101 15.77 -6.26 -16.77
C GLY A 101 15.85 -7.72 -16.39
N GLY A 102 16.83 -8.11 -15.55
CA GLY A 102 16.93 -9.45 -15.01
C GLY A 102 15.74 -9.98 -14.26
N PRO A 103 15.06 -9.18 -13.42
CA PRO A 103 13.83 -9.67 -12.78
C PRO A 103 12.77 -10.14 -13.77
N TYR A 104 12.67 -9.54 -14.96
CA TYR A 104 11.69 -9.99 -15.93
C TYR A 104 11.98 -11.41 -16.38
N GLN A 105 13.25 -11.71 -16.70
CA GLN A 105 13.60 -13.08 -17.08
C GLN A 105 13.38 -14.05 -15.93
N LEU A 106 13.70 -13.64 -14.70
CA LEU A 106 13.54 -14.56 -13.58
C LEU A 106 12.06 -14.87 -13.34
N VAL A 107 11.20 -13.84 -13.41
CA VAL A 107 9.76 -14.05 -13.24
C VAL A 107 9.21 -14.90 -14.38
N VAL A 108 9.64 -14.63 -15.62
CA VAL A 108 9.10 -15.37 -16.77
C VAL A 108 9.49 -16.84 -16.70
N CYS A 109 10.75 -17.13 -16.38
CA CYS A 109 11.20 -18.53 -16.29
C CYS A 109 10.50 -19.26 -15.15
N HIS A 110 10.44 -18.62 -13.96
CA HIS A 110 9.79 -19.27 -12.82
C HIS A 110 8.29 -19.42 -13.05
N PHE A 111 7.67 -18.46 -13.75
CA PHE A 111 6.25 -18.55 -14.02
C PHE A 111 5.94 -19.63 -15.03
N PHE A 112 6.79 -19.80 -16.05
CA PHE A 112 6.61 -20.86 -17.02
C PHE A 112 6.74 -22.23 -16.36
N LEU A 113 7.77 -22.39 -15.52
CA LEU A 113 7.92 -23.64 -14.78
C LEU A 113 6.74 -23.87 -13.83
N GLY A 114 6.27 -22.78 -13.20
CA GLY A 114 5.16 -22.90 -12.27
C GLY A 114 3.86 -23.30 -12.93
N VAL A 115 3.54 -22.72 -14.09
CA VAL A 115 2.30 -23.08 -14.75
C VAL A 115 2.40 -24.49 -15.34
N CYS A 116 3.57 -24.88 -15.83
CA CYS A 116 3.75 -26.24 -16.33
CA CYS A 116 3.75 -26.24 -16.33
C CYS A 116 3.57 -27.26 -15.22
N CYS A 117 4.15 -27.01 -14.05
CA CYS A 117 3.99 -27.94 -12.95
C CYS A 117 2.63 -27.81 -12.27
N TYR A 118 1.94 -26.68 -12.44
CA TYR A 118 0.55 -26.57 -11.99
C TYR A 118 -0.35 -27.46 -12.83
N MET A 119 -0.12 -27.47 -14.15
CA MET A 119 -0.83 -28.38 -15.04
C MET A 119 -0.50 -29.84 -14.71
N GLY A 120 0.77 -30.14 -14.44
CA GLY A 120 1.12 -31.48 -13.99
C GLY A 120 0.48 -31.86 -12.67
N ARG A 121 0.40 -30.91 -11.73
CA ARG A 121 -0.23 -31.16 -10.44
C ARG A 121 -1.73 -31.34 -10.56
N GLU A 122 -2.36 -30.62 -11.49
CA GLU A 122 -3.78 -30.84 -11.78
C GLU A 122 -4.00 -32.26 -12.26
N TRP A 123 -3.14 -32.74 -13.17
CA TRP A 123 -3.22 -34.15 -13.57
C TRP A 123 -3.00 -35.07 -12.37
N GLU A 124 -2.05 -34.74 -11.50
CA GLU A 124 -1.71 -35.62 -10.40
C GLU A 124 -2.86 -35.75 -9.41
N LEU A 125 -3.52 -34.65 -9.08
CA LEU A 125 -4.67 -34.74 -8.19
C LEU A 125 -5.85 -35.44 -8.86
N SER A 126 -6.03 -35.23 -10.18
CA SER A 126 -7.03 -36.00 -10.89
C SER A 126 -6.75 -37.49 -10.84
N TYR A 127 -5.47 -37.87 -10.84
CA TYR A 127 -5.09 -39.28 -10.74
C TYR A 127 -5.32 -39.81 -9.32
N ARG A 128 -4.91 -39.04 -8.31
CA ARG A 128 -5.01 -39.51 -6.94
C ARG A 128 -6.44 -39.45 -6.40
N LEU A 129 -7.35 -38.76 -7.08
CA LEU A 129 -8.75 -38.73 -6.66
C LEU A 129 -9.63 -39.66 -7.49
N GLY A 130 -9.03 -40.50 -8.33
CA GLY A 130 -9.82 -41.40 -9.16
C GLY A 130 -10.59 -40.72 -10.26
N MET A 131 -10.16 -39.55 -10.68
CA MET A 131 -10.85 -38.74 -11.67
C MET A 131 -10.30 -38.96 -13.07
N ARG A 132 -11.08 -38.55 -14.06
CA ARG A 132 -10.56 -38.48 -15.41
C ARG A 132 -9.59 -37.30 -15.50
N PRO A 133 -8.51 -37.42 -16.26
CA PRO A 133 -7.35 -36.52 -16.11
C PRO A 133 -7.28 -35.33 -17.06
N TRP A 134 -8.31 -35.04 -17.84
CA TRP A 134 -8.19 -34.06 -18.92
C TRP A 134 -8.48 -32.63 -18.48
N ILE A 135 -8.58 -32.38 -17.17
CA ILE A 135 -8.65 -31.02 -16.67
C ILE A 135 -7.35 -30.28 -16.99
N ALA A 136 -6.22 -30.98 -16.88
CA ALA A 136 -4.94 -30.41 -17.29
C ALA A 136 -4.89 -30.16 -18.80
N VAL A 137 -5.54 -31.02 -19.58
CA VAL A 137 -5.62 -30.80 -21.03
C VAL A 137 -6.40 -29.53 -21.32
N ALA A 138 -7.48 -29.27 -20.56
CA ALA A 138 -8.20 -28.02 -20.72
C ALA A 138 -7.35 -26.83 -20.29
N TYR A 139 -6.61 -26.96 -19.19
CA TYR A 139 -5.73 -25.90 -18.70
C TYR A 139 -4.51 -25.69 -19.59
N SER A 140 -4.24 -26.60 -20.52
CA SER A 140 -3.12 -26.42 -21.44
C SER A 140 -3.30 -25.22 -22.38
N ALA A 141 -4.50 -24.67 -22.51
CA ALA A 141 -4.71 -23.52 -23.39
C ALA A 141 -4.23 -22.20 -22.76
N PRO A 142 -4.61 -21.82 -21.53
CA PRO A 142 -4.00 -20.60 -20.96
C PRO A 142 -2.50 -20.74 -20.74
N VAL A 143 -2.01 -21.95 -20.46
CA VAL A 143 -0.57 -22.18 -20.34
C VAL A 143 0.11 -21.93 -21.69
N ALA A 144 -0.52 -22.39 -22.77
CA ALA A 144 0.00 -22.12 -24.11
C ALA A 144 0.01 -20.63 -24.42
N ALA A 145 -1.05 -19.93 -24.03
CA ALA A 145 -1.11 -18.48 -24.26
C ALA A 145 -0.01 -17.75 -23.50
N ALA A 146 0.18 -18.10 -22.22
CA ALA A 146 1.22 -17.48 -21.41
C ALA A 146 2.61 -17.77 -21.97
N THR A 147 2.86 -19.02 -22.39
CA THR A 147 4.15 -19.37 -22.97
C THR A 147 4.38 -18.63 -24.29
N ALA A 148 3.33 -18.50 -25.10
CA ALA A 148 3.47 -17.80 -26.38
C ALA A 148 3.79 -16.33 -26.17
N VAL A 149 3.16 -15.69 -25.18
CA VAL A 149 3.39 -14.26 -24.98
C VAL A 149 4.57 -13.94 -24.07
N PHE A 150 5.14 -14.94 -23.39
CA PHE A 150 6.26 -14.66 -22.50
C PHE A 150 7.58 -15.24 -22.97
N ILE A 151 7.57 -16.35 -23.72
CA ILE A 151 8.79 -17.03 -24.13
C ILE A 151 8.86 -17.20 -25.64
N ILE A 152 7.78 -17.65 -26.26
CA ILE A 152 7.82 -18.01 -27.69
C ILE A 152 7.98 -16.77 -28.55
N TYR A 153 7.23 -15.70 -28.26
CA TYR A 153 7.42 -14.45 -29.00
C TYR A 153 8.81 -13.83 -28.78
N PRO A 154 9.37 -13.76 -27.56
CA PRO A 154 10.77 -13.37 -27.44
C PRO A 154 11.74 -14.26 -28.21
N ILE A 155 11.47 -15.56 -28.29
CA ILE A 155 12.33 -16.45 -29.06
C ILE A 155 12.25 -16.11 -30.55
N GLY A 156 11.03 -15.91 -31.04
CA GLY A 156 10.85 -15.64 -32.47
C GLY A 156 11.43 -14.29 -32.89
N GLN A 157 11.29 -13.28 -32.04
CA GLN A 157 11.85 -11.97 -32.35
C GLN A 157 13.27 -11.77 -31.87
N GLY A 158 13.84 -12.72 -31.13
CA GLY A 158 15.23 -12.64 -30.73
C GLY A 158 15.54 -11.83 -29.49
N SER A 159 14.54 -11.37 -28.73
CA SER A 159 14.84 -10.59 -27.54
C SER A 159 13.71 -10.69 -26.53
N PHE A 160 14.08 -10.92 -25.25
CA PHE A 160 13.11 -10.97 -24.17
C PHE A 160 12.44 -9.62 -23.93
N SER A 161 13.07 -8.52 -24.37
CA SER A 161 12.44 -7.20 -24.35
C SER A 161 11.16 -7.19 -25.15
N ASP A 162 11.01 -8.14 -26.06
CA ASP A 162 9.90 -8.23 -26.97
C ASP A 162 8.73 -8.98 -26.37
N GLY A 163 8.89 -9.51 -25.15
CA GLY A 163 7.80 -10.19 -24.49
C GLY A 163 6.79 -9.23 -23.90
N MET A 164 5.72 -9.79 -23.39
CA MET A 164 4.67 -8.99 -22.76
C MET A 164 5.15 -8.44 -21.43
N PRO A 165 5.13 -7.11 -21.23
CA PRO A 165 5.52 -6.55 -19.93
C PRO A 165 4.57 -6.98 -18.84
N LEU A 166 5.12 -7.18 -17.64
CA LEU A 166 4.33 -7.72 -16.54
C LEU A 166 3.53 -6.58 -15.90
N GLY A 167 2.41 -6.26 -16.53
CA GLY A 167 1.58 -5.17 -16.04
C GLY A 167 0.34 -5.02 -16.88
N ILE A 168 -0.26 -3.83 -16.81
CA ILE A 168 -1.49 -3.52 -17.52
C ILE A 168 -1.22 -2.58 -18.71
N SER A 169 -0.64 -1.40 -18.43
CA SER A 169 -0.25 -0.51 -19.51
C SER A 169 0.84 -1.12 -20.37
N GLY A 170 1.74 -1.90 -19.77
CA GLY A 170 2.70 -2.65 -20.55
C GLY A 170 2.05 -3.68 -21.43
N THR A 171 0.99 -4.32 -20.93
CA THR A 171 0.23 -5.25 -21.76
C THR A 171 -0.40 -4.55 -22.95
N PHE A 172 -1.00 -3.37 -22.72
CA PHE A 172 -1.58 -2.61 -23.82
C PHE A 172 -0.52 -2.19 -24.83
N ASN A 173 0.66 -1.78 -24.34
CA ASN A 173 1.77 -1.44 -25.23
C ASN A 173 2.19 -2.63 -26.08
N PHE A 174 2.26 -3.82 -25.46
CA PHE A 174 2.58 -5.03 -26.19
C PHE A 174 1.56 -5.30 -27.28
N MET A 175 0.27 -5.15 -26.97
CA MET A 175 -0.78 -5.41 -27.96
C MET A 175 -0.73 -4.41 -29.10
N ILE A 176 -0.49 -3.13 -28.79
CA ILE A 176 -0.47 -2.09 -29.82
C ILE A 176 0.72 -2.28 -30.76
N VAL A 177 1.92 -2.46 -30.20
CA VAL A 177 3.10 -2.70 -31.02
C VAL A 177 2.96 -3.99 -31.80
N PHE A 178 2.34 -5.01 -31.19
CA PHE A 178 2.13 -6.28 -31.84
C PHE A 178 1.22 -6.14 -33.06
N GLN A 179 0.16 -5.33 -32.93
CA GLN A 179 -0.71 -5.06 -34.07
C GLN A 179 0.05 -4.35 -35.17
N ALA A 180 0.89 -3.37 -34.80
CA ALA A 180 1.73 -2.69 -35.79
C ALA A 180 2.59 -3.66 -36.57
N GLU A 181 3.20 -4.60 -35.86
CA GLU A 181 4.12 -5.54 -36.49
C GLU A 181 3.43 -6.57 -37.36
N HIS A 182 2.36 -7.17 -36.86
CA HIS A 182 1.85 -8.39 -37.46
C HIS A 182 0.43 -8.33 -37.98
N ASN A 183 -0.32 -7.26 -37.68
CA ASN A 183 -1.73 -7.11 -38.04
C ASN A 183 -2.53 -8.31 -37.54
N ILE A 184 -2.52 -8.46 -36.22
CA ILE A 184 -3.11 -9.63 -35.55
C ILE A 184 -4.62 -9.69 -35.76
N LEU A 185 -5.28 -8.54 -35.92
CA LEU A 185 -6.72 -8.52 -36.11
C LEU A 185 -7.12 -9.24 -37.40
N MET A 186 -6.29 -9.14 -38.44
CA MET A 186 -6.54 -9.78 -39.71
C MET A 186 -6.01 -11.21 -39.77
N HIS A 187 -5.90 -11.89 -38.64
CA HIS A 187 -5.41 -13.25 -38.67
C HIS A 187 -6.52 -14.24 -38.34
N PRO A 188 -6.60 -15.34 -39.09
CA PRO A 188 -7.64 -16.34 -38.79
C PRO A 188 -7.53 -16.95 -37.41
N PHE A 189 -6.31 -17.19 -36.92
CA PHE A 189 -6.16 -17.79 -35.59
C PHE A 189 -6.65 -16.85 -34.50
N HIS A 190 -6.31 -15.56 -34.61
CA HIS A 190 -6.84 -14.58 -33.67
C HIS A 190 -8.34 -14.41 -33.81
N MET A 191 -8.87 -14.55 -35.03
CA MET A 191 -10.31 -14.47 -35.24
C MET A 191 -11.03 -15.63 -34.56
N PHE A 192 -10.51 -16.85 -34.70
CA PHE A 192 -11.05 -17.98 -33.96
C PHE A 192 -10.90 -17.80 -32.45
N GLY A 193 -9.82 -17.19 -31.99
CA GLY A 193 -9.68 -16.92 -30.56
C GLY A 193 -10.73 -15.95 -30.05
N VAL A 194 -10.98 -14.87 -30.80
CA VAL A 194 -12.00 -13.91 -30.43
C VAL A 194 -13.39 -14.55 -30.44
N ALA A 195 -13.67 -15.33 -31.50
CA ALA A 195 -14.92 -16.07 -31.54
C ALA A 195 -15.03 -17.05 -30.39
N GLY A 196 -13.91 -17.61 -29.95
CA GLY A 196 -13.94 -18.53 -28.84
C GLY A 196 -14.24 -17.88 -27.51
N VAL A 197 -13.65 -16.71 -27.23
CA VAL A 197 -13.98 -16.05 -25.97
C VAL A 197 -15.39 -15.46 -25.99
N PHE A 198 -15.82 -14.93 -27.14
CA PHE A 198 -17.19 -14.43 -27.25
C PHE A 198 -18.19 -15.56 -27.10
N GLY A 199 -17.94 -16.70 -27.75
CA GLY A 199 -18.79 -17.86 -27.59
C GLY A 199 -18.68 -18.47 -26.22
N GLY A 200 -17.53 -18.35 -25.56
CA GLY A 200 -17.40 -18.84 -24.21
C GLY A 200 -18.26 -18.05 -23.24
N SER A 201 -18.27 -16.72 -23.40
CA SER A 201 -19.19 -15.90 -22.62
C SER A 201 -20.64 -16.23 -22.94
N LEU A 202 -20.93 -16.41 -24.23
CA LEU A 202 -22.30 -16.76 -24.66
C LEU A 202 -22.74 -18.09 -24.07
N PHE A 203 -21.87 -19.11 -24.13
CA PHE A 203 -22.24 -20.44 -23.65
C PHE A 203 -22.26 -20.50 -22.13
N SER A 204 -21.41 -19.72 -21.45
CA SER A 204 -21.50 -19.63 -20.00
C SER A 204 -22.84 -19.03 -19.58
N ALA A 205 -23.24 -17.94 -20.25
CA ALA A 205 -24.55 -17.34 -19.96
C ALA A 205 -25.69 -18.29 -20.31
N MET A 206 -25.56 -18.99 -21.45
CA MET A 206 -26.56 -19.96 -21.89
C MET A 206 -26.74 -21.09 -20.89
N HIS A 207 -25.64 -21.73 -20.51
CA HIS A 207 -25.70 -22.87 -19.60
C HIS A 207 -26.16 -22.45 -18.21
N GLY A 208 -25.63 -21.33 -17.70
CA GLY A 208 -26.03 -20.86 -16.40
C GLY A 208 -27.49 -20.46 -16.35
N SER A 209 -27.96 -19.78 -17.40
CA SER A 209 -29.36 -19.38 -17.46
C SER A 209 -30.27 -20.59 -17.59
N LEU A 210 -29.88 -21.59 -18.37
CA LEU A 210 -30.70 -22.78 -18.53
C LEU A 210 -30.79 -23.57 -17.22
N VAL A 211 -29.68 -23.72 -16.50
CA VAL A 211 -29.73 -24.50 -15.28
C VAL A 211 -30.39 -23.73 -14.15
N THR A 212 -30.04 -22.45 -13.96
CA THR A 212 -30.66 -21.65 -12.90
C THR A 212 -32.13 -21.39 -13.19
N SER A 213 -32.51 -21.36 -14.47
CA SER A 213 -33.92 -21.20 -14.83
C SER A 213 -34.73 -22.45 -14.55
N SER A 214 -34.10 -23.62 -14.60
CA SER A 214 -34.80 -24.89 -14.50
C SER A 214 -34.61 -25.58 -13.16
N LEU A 215 -34.24 -24.85 -12.12
CA LEU A 215 -34.08 -25.48 -10.80
C LEU A 215 -35.42 -25.93 -10.26
N ILE A 216 -35.41 -27.08 -9.59
CA ILE A 216 -36.63 -27.63 -9.00
C ILE A 216 -37.02 -26.82 -7.78
N ARG A 217 -38.30 -26.53 -7.65
CA ARG A 217 -38.81 -25.71 -6.54
C ARG A 217 -38.73 -26.51 -5.25
N GLU A 218 -37.80 -26.14 -4.38
CA GLU A 218 -37.65 -26.76 -3.07
C GLU A 218 -37.62 -25.74 -1.94
N THR A 219 -37.78 -24.46 -2.25
CA THR A 219 -37.78 -23.40 -1.25
C THR A 219 -38.95 -22.47 -1.53
N THR A 220 -39.00 -21.36 -0.78
CA THR A 220 -39.99 -20.32 -0.94
C THR A 220 -39.34 -19.09 -1.57
N GLU A 221 -40.12 -18.01 -1.67
CA GLU A 221 -39.61 -16.78 -2.28
C GLU A 221 -38.92 -15.86 -1.31
N ASN A 222 -38.98 -16.14 0.00
CA ASN A 222 -38.31 -15.31 0.99
C ASN A 222 -36.95 -15.88 1.39
N GLU A 223 -36.50 -16.96 0.75
CA GLU A 223 -35.20 -17.54 1.01
C GLU A 223 -34.49 -17.80 -0.32
N SER A 224 -33.17 -17.80 -0.28
CA SER A 224 -32.37 -17.92 -1.51
C SER A 224 -32.50 -19.30 -2.12
N ALA A 225 -32.57 -19.34 -3.46
CA ALA A 225 -32.72 -20.60 -4.17
C ALA A 225 -31.52 -21.52 -3.98
N ASN A 226 -30.35 -20.95 -3.69
CA ASN A 226 -29.18 -21.76 -3.39
C ASN A 226 -29.41 -22.63 -2.16
N ALA A 227 -30.22 -22.16 -1.21
CA ALA A 227 -30.56 -22.96 -0.04
C ALA A 227 -31.35 -24.22 -0.40
N GLY A 228 -31.91 -24.27 -1.61
CA GLY A 228 -32.56 -25.48 -2.08
C GLY A 228 -31.61 -26.59 -2.43
N TYR A 229 -30.34 -26.27 -2.71
CA TYR A 229 -29.37 -27.28 -3.08
C TYR A 229 -28.58 -27.70 -1.86
N LYS A 230 -28.57 -29.00 -1.57
CA LYS A 230 -27.81 -29.59 -0.48
C LYS A 230 -26.59 -30.29 -1.05
N PHE A 231 -25.42 -29.96 -0.52
CA PHE A 231 -24.19 -30.55 -1.02
C PHE A 231 -24.11 -32.03 -0.68
N GLY A 232 -23.56 -32.81 -1.60
CA GLY A 232 -23.44 -34.24 -1.42
C GLY A 232 -24.68 -35.04 -1.73
N GLN A 233 -25.70 -34.41 -2.31
CA GLN A 233 -26.92 -35.14 -2.65
C GLN A 233 -26.76 -35.84 -3.99
N GLU A 234 -27.59 -36.88 -4.18
CA GLU A 234 -27.62 -37.61 -5.44
C GLU A 234 -28.81 -37.24 -6.32
N GLU A 235 -29.85 -36.65 -5.74
CA GLU A 235 -31.01 -36.22 -6.51
C GLU A 235 -30.64 -35.02 -7.39
N GLU A 236 -31.13 -35.05 -8.62
CA GLU A 236 -30.86 -33.96 -9.56
C GLU A 236 -31.57 -32.69 -9.10
N THR A 237 -30.95 -31.55 -9.39
CA THR A 237 -31.46 -30.25 -8.94
C THR A 237 -32.14 -29.46 -10.05
N TYR A 238 -32.15 -29.94 -11.29
CA TYR A 238 -32.79 -29.19 -12.37
C TYR A 238 -33.35 -30.15 -13.40
N ASN A 239 -34.29 -29.65 -14.19
CA ASN A 239 -34.99 -30.46 -15.21
C ASN A 239 -34.24 -30.36 -16.53
N ILE A 240 -33.45 -31.38 -16.82
CA ILE A 240 -32.69 -31.45 -18.07
C ILE A 240 -33.62 -31.51 -19.27
N VAL A 241 -34.74 -32.23 -19.15
CA VAL A 241 -35.66 -32.36 -20.28
C VAL A 241 -36.34 -31.04 -20.58
N ALA A 242 -36.75 -30.31 -19.53
CA ALA A 242 -37.36 -29.00 -19.73
C ALA A 242 -36.37 -28.01 -20.32
N ALA A 243 -35.12 -28.01 -19.83
CA ALA A 243 -34.11 -27.10 -20.37
C ALA A 243 -33.80 -27.41 -21.83
N HIS A 244 -33.66 -28.70 -22.16
CA HIS A 244 -33.40 -29.09 -23.55
C HIS A 244 -34.57 -28.75 -24.46
N GLY A 245 -35.81 -28.94 -23.98
CA GLY A 245 -36.96 -28.57 -24.78
C GLY A 245 -37.05 -27.07 -25.02
N TYR A 246 -36.73 -26.28 -23.99
CA TYR A 246 -36.72 -24.83 -24.14
C TYR A 246 -35.68 -24.40 -25.16
N PHE A 247 -34.47 -24.97 -25.08
CA PHE A 247 -33.43 -24.63 -26.06
C PHE A 247 -33.81 -25.09 -27.47
N GLY A 248 -34.45 -26.26 -27.58
CA GLY A 248 -34.84 -26.77 -28.89
C GLY A 248 -35.90 -25.93 -29.56
N ARG A 249 -36.91 -25.50 -28.82
CA ARG A 249 -37.90 -24.61 -29.42
C ARG A 249 -37.43 -23.16 -29.44
N LEU A 250 -36.28 -22.86 -28.82
CA LEU A 250 -35.71 -21.53 -28.93
C LEU A 250 -34.89 -21.36 -30.21
N ILE A 251 -33.95 -22.27 -30.46
CA ILE A 251 -33.05 -22.16 -31.61
C ILE A 251 -33.37 -23.21 -32.68
N PHE A 252 -33.18 -24.49 -32.35
CA PHE A 252 -33.39 -25.57 -33.30
C PHE A 252 -33.60 -26.86 -32.54
N GLN A 253 -34.50 -27.71 -33.03
CA GLN A 253 -34.79 -28.97 -32.36
C GLN A 253 -33.69 -30.00 -32.60
N TYR A 254 -33.45 -30.34 -33.87
CA TYR A 254 -32.48 -31.37 -34.22
C TYR A 254 -31.04 -30.89 -34.09
N ALA A 255 -30.81 -29.61 -33.84
CA ALA A 255 -29.46 -29.07 -33.66
C ALA A 255 -29.24 -28.58 -32.23
N SER A 256 -29.74 -29.34 -31.26
CA SER A 256 -29.61 -29.00 -29.85
C SER A 256 -29.02 -30.19 -29.08
N PHE A 257 -28.41 -29.87 -27.94
CA PHE A 257 -27.75 -30.88 -27.11
C PHE A 257 -28.76 -31.46 -26.13
N ASN A 258 -29.25 -32.66 -26.42
CA ASN A 258 -30.15 -33.35 -25.51
C ASN A 258 -29.40 -34.15 -24.45
N ASN A 259 -28.08 -34.29 -24.58
CA ASN A 259 -27.25 -35.04 -23.64
C ASN A 259 -26.36 -34.06 -22.89
N SER A 260 -26.43 -34.10 -21.56
CA SER A 260 -25.64 -33.19 -20.74
C SER A 260 -24.15 -33.47 -20.86
N ARG A 261 -23.77 -34.73 -21.06
CA ARG A 261 -22.35 -35.06 -21.22
C ARG A 261 -21.78 -34.43 -22.48
N SER A 262 -22.52 -34.53 -23.59
CA SER A 262 -22.09 -33.89 -24.83
C SER A 262 -22.13 -32.36 -24.70
N LEU A 263 -23.14 -31.82 -24.01
CA LEU A 263 -23.24 -30.38 -23.81
C LEU A 263 -22.04 -29.85 -23.03
N HIS A 264 -21.70 -30.51 -21.92
CA HIS A 264 -20.56 -30.08 -21.11
C HIS A 264 -19.24 -30.31 -21.83
N PHE A 265 -19.15 -31.38 -22.64
CA PHE A 265 -17.95 -31.54 -23.46
C PHE A 265 -17.80 -30.41 -24.47
N PHE A 266 -18.91 -29.97 -25.07
CA PHE A 266 -18.86 -28.85 -26.00
C PHE A 266 -18.43 -27.57 -25.29
N LEU A 267 -18.98 -27.34 -24.09
CA LEU A 267 -18.59 -26.18 -23.28
C LEU A 267 -17.10 -26.23 -22.93
N ALA A 268 -16.57 -27.43 -22.70
CA ALA A 268 -15.16 -27.57 -22.40
C ALA A 268 -14.30 -27.37 -23.64
N VAL A 269 -14.76 -27.86 -24.80
CA VAL A 269 -13.87 -27.96 -25.94
C VAL A 269 -13.81 -26.66 -26.72
N TRP A 270 -14.90 -25.89 -26.77
CA TRP A 270 -14.93 -24.72 -27.66
C TRP A 270 -13.92 -23.63 -27.27
N PRO A 271 -13.97 -23.04 -26.08
CA PRO A 271 -12.97 -21.98 -25.79
C PRO A 271 -11.56 -22.52 -25.67
N VAL A 272 -11.40 -23.79 -25.29
CA VAL A 272 -10.06 -24.37 -25.16
C VAL A 272 -9.39 -24.50 -26.53
N VAL A 273 -10.12 -25.02 -27.52
CA VAL A 273 -9.50 -25.16 -28.84
C VAL A 273 -9.30 -23.78 -29.48
N CYS A 274 -10.20 -22.83 -29.20
CA CYS A 274 -10.02 -21.50 -29.78
C CYS A 274 -8.83 -20.77 -29.15
N ILE A 275 -8.62 -20.94 -27.84
CA ILE A 275 -7.44 -20.34 -27.21
C ILE A 275 -6.18 -21.04 -27.66
N TRP A 276 -6.25 -22.35 -27.92
CA TRP A 276 -5.13 -23.05 -28.56
C TRP A 276 -4.79 -22.41 -29.90
N LEU A 277 -5.82 -22.14 -30.70
CA LEU A 277 -5.61 -21.54 -32.02
C LEU A 277 -5.01 -20.14 -31.91
N THR A 278 -5.48 -19.32 -30.96
CA THR A 278 -4.94 -17.96 -30.87
C THR A 278 -3.53 -17.95 -30.26
N ALA A 279 -3.22 -18.89 -29.36
CA ALA A 279 -1.86 -18.99 -28.85
C ALA A 279 -0.90 -19.43 -29.96
N LEU A 280 -1.35 -20.36 -30.80
CA LEU A 280 -0.56 -20.74 -31.96
C LEU A 280 -0.45 -19.61 -32.97
N GLY A 281 -1.47 -18.77 -33.05
CA GLY A 281 -1.38 -17.59 -33.92
C GLY A 281 -0.30 -16.63 -33.44
N ILE A 282 -0.24 -16.39 -32.13
CA ILE A 282 0.82 -15.56 -31.57
C ILE A 282 2.19 -16.19 -31.82
N SER A 283 2.29 -17.51 -31.64
CA SER A 283 3.55 -18.19 -31.86
C SER A 283 3.97 -18.21 -33.33
N THR A 284 3.00 -18.22 -34.26
CA THR A 284 3.35 -18.15 -35.67
C THR A 284 3.75 -16.73 -36.05
N MET A 285 3.11 -15.74 -35.43
CA MET A 285 3.52 -14.36 -35.59
C MET A 285 4.91 -14.11 -35.04
N ALA A 286 5.32 -14.90 -34.05
CA ALA A 286 6.68 -14.82 -33.53
C ALA A 286 7.70 -15.11 -34.61
N PHE A 287 7.39 -16.03 -35.53
CA PHE A 287 8.25 -16.27 -36.68
C PHE A 287 7.80 -15.46 -37.89
N ASN A 288 7.06 -14.38 -37.65
CA ASN A 288 6.70 -13.37 -38.65
C ASN A 288 5.89 -13.97 -39.80
N LEU A 289 4.82 -14.67 -39.45
CA LEU A 289 3.89 -15.15 -40.48
C LEU A 289 2.77 -14.16 -40.73
N ASN A 290 2.42 -13.36 -39.71
CA ASN A 290 1.51 -12.21 -39.81
C ASN A 290 0.09 -12.56 -40.24
N GLY A 291 -0.81 -11.57 -40.18
CA GLY A 291 -2.19 -11.75 -40.56
C GLY A 291 -2.41 -11.52 -42.03
N PHE A 292 -3.69 -11.38 -42.40
CA PHE A 292 -4.05 -11.14 -43.80
C PHE A 292 -3.59 -9.75 -44.23
N ASN A 293 -2.90 -9.67 -45.35
CA ASN A 293 -2.43 -8.41 -45.91
C ASN A 293 -3.28 -8.10 -47.14
N PHE A 294 -4.13 -7.10 -47.03
CA PHE A 294 -5.00 -6.68 -48.12
C PHE A 294 -4.79 -5.20 -48.45
N ASN A 295 -3.55 -4.75 -48.29
CA ASN A 295 -3.20 -3.36 -48.60
C ASN A 295 -3.12 -3.19 -50.11
N GLN A 296 -3.93 -2.27 -50.64
CA GLN A 296 -4.04 -2.00 -52.07
C GLN A 296 -4.43 -3.25 -52.85
N SER A 297 -5.53 -3.88 -52.44
CA SER A 297 -6.01 -5.07 -53.14
C SER A 297 -7.06 -4.72 -54.19
N VAL A 298 -8.00 -3.86 -53.84
CA VAL A 298 -9.05 -3.45 -54.77
C VAL A 298 -8.47 -2.37 -55.68
N VAL A 299 -8.36 -2.67 -56.98
CA VAL A 299 -7.84 -1.74 -57.97
C VAL A 299 -8.82 -1.66 -59.13
N ASP A 300 -9.01 -0.46 -59.66
CA ASP A 300 -9.95 -0.26 -60.75
C ASP A 300 -9.28 -0.57 -62.09
N SER A 301 -10.04 -0.40 -63.17
CA SER A 301 -9.56 -0.77 -64.50
C SER A 301 -8.37 0.09 -64.93
N ASN A 302 -8.27 1.30 -64.43
CA ASN A 302 -7.13 2.16 -64.74
C ASN A 302 -5.97 1.98 -63.77
N GLY A 303 -6.08 1.06 -62.82
CA GLY A 303 -4.99 0.75 -61.93
C GLY A 303 -4.85 1.64 -60.71
N ARG A 304 -5.75 2.59 -60.51
CA ARG A 304 -5.68 3.44 -59.33
C ARG A 304 -6.06 2.65 -58.09
N VAL A 305 -5.42 2.98 -56.98
CA VAL A 305 -5.63 2.24 -55.73
C VAL A 305 -6.96 2.67 -55.12
N LEU A 306 -7.82 1.69 -54.86
CA LEU A 306 -9.10 1.93 -54.20
C LEU A 306 -8.96 1.46 -52.75
N ASN A 307 -8.92 2.41 -51.83
CA ASN A 307 -8.73 2.09 -50.42
C ASN A 307 -9.94 1.36 -49.86
N THR A 308 -9.69 0.51 -48.87
CA THR A 308 -10.73 -0.26 -48.20
C THR A 308 -10.54 -0.14 -46.68
N TRP A 309 -11.38 -0.88 -45.96
CA TRP A 309 -11.26 -0.93 -44.50
C TRP A 309 -9.92 -1.53 -44.09
N ALA A 310 -9.41 -2.48 -44.87
CA ALA A 310 -8.07 -3.00 -44.63
C ALA A 310 -7.02 -1.92 -44.84
N ASP A 311 -7.25 -0.99 -45.76
CA ASP A 311 -6.33 0.13 -45.93
C ASP A 311 -6.39 1.09 -44.74
N ILE A 312 -7.58 1.27 -44.16
CA ILE A 312 -7.65 2.09 -42.94
C ILE A 312 -6.92 1.39 -41.79
N ILE A 313 -7.03 0.07 -41.72
CA ILE A 313 -6.27 -0.71 -40.74
C ILE A 313 -4.78 -0.57 -41.00
N ASN A 314 -4.39 -0.49 -42.27
CA ASN A 314 -3.00 -0.23 -42.63
C ASN A 314 -2.57 1.15 -42.14
N ARG A 315 -3.46 2.14 -42.22
CA ARG A 315 -3.14 3.47 -41.71
C ARG A 315 -2.92 3.44 -40.20
N ALA A 316 -3.75 2.67 -39.48
CA ALA A 316 -3.54 2.46 -38.06
C ALA A 316 -2.20 1.78 -37.78
N ASN A 317 -1.86 0.78 -38.58
CA ASN A 317 -0.61 0.07 -38.40
C ASN A 317 0.58 1.00 -38.65
N LEU A 318 0.47 1.88 -39.64
CA LEU A 318 1.51 2.89 -39.88
C LEU A 318 1.64 3.84 -38.70
N GLY A 319 0.50 4.29 -38.15
CA GLY A 319 0.53 5.19 -37.01
C GLY A 319 1.18 4.57 -35.79
N MET A 320 0.92 3.28 -35.56
CA MET A 320 1.61 2.58 -34.48
C MET A 320 3.08 2.35 -34.81
N GLU A 321 3.40 2.02 -36.06
CA GLU A 321 4.73 1.59 -36.43
C GLU A 321 5.72 2.75 -36.37
N VAL A 322 5.33 3.93 -36.87
CA VAL A 322 6.22 5.08 -36.84
C VAL A 322 6.43 5.64 -35.43
N MET A 323 5.64 5.19 -34.46
CA MET A 323 5.72 5.68 -33.09
C MET A 323 6.28 4.69 -32.10
N HIS A 324 6.22 3.39 -32.39
CA HIS A 324 6.72 2.41 -31.43
C HIS A 324 8.25 2.42 -31.42
N GLU A 325 8.81 2.49 -30.20
CA GLU A 325 10.25 2.56 -29.95
C GLU A 325 10.90 3.66 -30.82
N ARG A 326 10.50 4.88 -30.48
CA ARG A 326 10.73 6.05 -31.31
C ARG A 326 12.19 6.42 -31.49
N ASN A 327 13.10 5.84 -30.70
CA ASN A 327 14.52 6.14 -30.82
C ASN A 327 15.38 4.90 -31.01
N ALA A 328 14.78 3.72 -31.13
CA ALA A 328 15.53 2.47 -31.20
C ALA A 328 15.76 1.97 -32.62
N HIS A 329 15.40 2.76 -33.63
CA HIS A 329 15.51 2.33 -35.03
C HIS A 329 16.43 3.31 -35.76
N ASN A 330 17.63 2.84 -36.11
CA ASN A 330 18.54 3.65 -36.92
C ASN A 330 18.34 3.44 -38.41
N PHE A 331 17.47 2.51 -38.80
CA PHE A 331 17.29 2.14 -40.20
C PHE A 331 15.81 1.93 -40.51
N PRO A 332 15.41 2.04 -41.79
CA PRO A 332 13.99 1.91 -42.14
C PRO A 332 13.36 0.54 -41.91
N LEU A 333 13.94 -0.53 -42.45
CA LEU A 333 13.31 -1.85 -42.38
C LEU A 333 13.33 -2.37 -40.95
N ASP A 334 12.15 -2.71 -40.44
CA ASP A 334 12.00 -3.19 -39.07
C ASP A 334 12.06 -4.73 -39.08
N LEU A 335 13.27 -5.23 -39.28
CA LEU A 335 13.47 -6.66 -39.40
C LEU A 335 13.71 -7.33 -38.05
N ALA A 336 14.06 -6.57 -37.03
CA ALA A 336 14.35 -7.13 -35.71
C ALA A 336 13.06 -7.43 -34.94
N GLY B 1 -33.42 -17.39 4.65
CA GLY B 1 -33.65 -16.00 4.94
C GLY B 1 -33.48 -15.09 3.74
N LEU B 2 -33.85 -13.83 3.89
CA LEU B 2 -33.74 -12.88 2.79
C LEU B 2 -32.28 -12.52 2.53
N PRO B 3 -31.82 -12.61 1.29
CA PRO B 3 -30.45 -12.18 0.98
C PRO B 3 -30.32 -10.67 1.07
N TRP B 4 -29.07 -10.20 1.04
CA TRP B 4 -28.78 -8.79 1.20
C TRP B 4 -29.42 -7.93 0.10
N TYR B 5 -29.58 -8.49 -1.09
CA TYR B 5 -30.18 -7.79 -2.21
C TYR B 5 -31.70 -7.93 -2.26
N ARG B 6 -32.31 -8.57 -1.25
CA ARG B 6 -33.76 -8.72 -1.21
C ARG B 6 -34.40 -8.07 0.01
N VAL B 7 -33.65 -7.21 0.72
CA VAL B 7 -34.10 -6.72 2.03
C VAL B 7 -35.39 -5.92 1.90
N HIS B 8 -35.47 -5.03 0.91
CA HIS B 8 -36.66 -4.20 0.73
C HIS B 8 -37.88 -5.01 0.34
N THR B 9 -37.72 -6.29 -0.03
CA THR B 9 -38.87 -7.14 -0.30
C THR B 9 -39.69 -7.40 0.96
N VAL B 10 -39.23 -6.93 2.12
CA VAL B 10 -40.08 -6.98 3.31
C VAL B 10 -41.30 -6.08 3.17
N VAL B 11 -41.28 -5.06 2.32
CA VAL B 11 -42.41 -4.13 2.29
C VAL B 11 -43.17 -4.20 0.97
N ILE B 12 -43.18 -5.37 0.33
CA ILE B 12 -43.99 -5.55 -0.86
C ILE B 12 -45.48 -5.50 -0.52
N ASN B 13 -45.88 -6.23 0.51
CA ASN B 13 -47.30 -6.37 0.87
C ASN B 13 -47.78 -5.31 1.84
N ASP B 14 -46.92 -4.41 2.32
CA ASP B 14 -47.32 -3.44 3.32
C ASP B 14 -47.45 -2.06 2.68
N PRO B 15 -48.67 -1.54 2.48
CA PRO B 15 -48.81 -0.22 1.88
C PRO B 15 -48.37 0.92 2.79
N GLY B 16 -48.61 0.80 4.10
CA GLY B 16 -48.16 1.83 5.02
C GLY B 16 -46.65 1.94 5.08
N ARG B 17 -45.97 0.79 5.17
CA ARG B 17 -44.52 0.80 5.16
C ARG B 17 -43.97 1.22 3.80
N LEU B 18 -44.70 0.90 2.72
CA LEU B 18 -44.30 1.34 1.39
C LEU B 18 -44.38 2.87 1.29
N ILE B 19 -45.45 3.47 1.84
CA ILE B 19 -45.56 4.91 1.86
C ILE B 19 -44.47 5.52 2.73
N SER B 20 -44.14 4.84 3.83
CA SER B 20 -43.07 5.32 4.71
C SER B 20 -41.72 5.34 4.00
N VAL B 21 -41.39 4.28 3.27
CA VAL B 21 -40.10 4.25 2.60
C VAL B 21 -40.08 5.19 1.39
N HIS B 22 -41.23 5.38 0.73
CA HIS B 22 -41.32 6.37 -0.33
C HIS B 22 -41.07 7.77 0.23
N LEU B 23 -41.66 8.07 1.39
CA LEU B 23 -41.44 9.35 2.04
C LEU B 23 -40.00 9.51 2.49
N MET B 24 -39.36 8.42 2.94
CA MET B 24 -37.96 8.50 3.34
C MET B 24 -37.06 8.81 2.15
N HIS B 25 -37.27 8.12 1.02
CA HIS B 25 -36.50 8.43 -0.19
C HIS B 25 -36.75 9.86 -0.65
N THR B 26 -38.01 10.29 -0.63
CA THR B 26 -38.37 11.62 -1.09
C THR B 26 -37.74 12.69 -0.20
N ALA B 27 -37.70 12.43 1.12
CA ALA B 27 -37.01 13.32 2.04
C ALA B 27 -35.51 13.37 1.77
N LEU B 28 -34.91 12.23 1.46
CA LEU B 28 -33.49 12.20 1.14
C LEU B 28 -33.19 13.02 -0.12
N VAL B 29 -34.05 12.91 -1.13
CA VAL B 29 -33.84 13.67 -2.36
C VAL B 29 -34.00 15.16 -2.13
N ALA B 30 -35.04 15.56 -1.36
CA ALA B 30 -35.23 16.97 -1.06
C ALA B 30 -34.08 17.53 -0.24
N GLY B 31 -33.59 16.76 0.75
CA GLY B 31 -32.46 17.20 1.53
C GLY B 31 -31.19 17.31 0.71
N TRP B 32 -31.00 16.40 -0.25
CA TRP B 32 -29.86 16.52 -1.14
C TRP B 32 -29.97 17.78 -2.01
N ALA B 33 -31.17 18.08 -2.50
CA ALA B 33 -31.34 19.28 -3.32
C ALA B 33 -31.00 20.53 -2.52
N GLY B 34 -31.49 20.61 -1.29
CA GLY B 34 -31.16 21.76 -0.44
C GLY B 34 -29.69 21.85 -0.11
N ALA B 35 -29.08 20.72 0.26
CA ALA B 35 -27.66 20.72 0.62
C ALA B 35 -26.78 21.04 -0.57
N MET B 36 -27.12 20.52 -1.76
CA MET B 36 -26.37 20.83 -2.97
C MET B 36 -26.48 22.30 -3.32
N THR B 37 -27.68 22.88 -3.18
CA THR B 37 -27.82 24.31 -3.47
C THR B 37 -27.01 25.17 -2.50
N LEU B 38 -27.04 24.83 -1.19
CA LEU B 38 -26.21 25.57 -0.24
C LEU B 38 -24.73 25.40 -0.52
N PHE B 39 -24.29 24.19 -0.87
CA PHE B 39 -22.89 23.97 -1.19
C PHE B 39 -22.46 24.77 -2.41
N GLU B 40 -23.30 24.82 -3.45
CA GLU B 40 -22.94 25.54 -4.66
C GLU B 40 -22.99 27.05 -4.46
N ILE B 41 -23.89 27.55 -3.63
CA ILE B 41 -23.87 28.97 -3.30
C ILE B 41 -22.64 29.30 -2.46
N ALA B 42 -22.24 28.40 -1.57
CA ALA B 42 -21.05 28.62 -0.75
C ALA B 42 -19.79 28.65 -1.60
N VAL B 43 -19.69 27.79 -2.61
CA VAL B 43 -18.50 27.74 -3.45
C VAL B 43 -18.67 28.53 -4.75
N PHE B 44 -19.76 29.27 -4.89
CA PHE B 44 -20.05 30.01 -6.12
C PHE B 44 -19.37 31.36 -6.10
N ASP B 45 -18.80 31.74 -7.25
CA ASP B 45 -18.17 33.03 -7.44
C ASP B 45 -18.96 33.81 -8.49
N PRO B 46 -19.84 34.74 -8.10
CA PRO B 46 -20.62 35.49 -9.08
C PRO B 46 -19.88 36.68 -9.65
N SER B 47 -18.55 36.70 -9.48
CA SER B 47 -17.72 37.83 -9.87
C SER B 47 -17.42 37.88 -11.37
N ASP B 48 -18.14 37.12 -12.21
CA ASP B 48 -18.07 37.28 -13.66
C ASP B 48 -19.28 36.65 -14.36
N PRO B 49 -20.39 37.36 -14.54
CA PRO B 49 -21.49 36.81 -15.34
C PRO B 49 -21.12 36.43 -16.77
N VAL B 50 -20.07 37.02 -17.34
CA VAL B 50 -19.76 36.85 -18.76
C VAL B 50 -18.67 35.81 -18.97
N LEU B 51 -17.47 36.08 -18.47
CA LEU B 51 -16.33 35.23 -18.75
C LEU B 51 -16.17 34.04 -17.81
N ASN B 52 -16.83 34.06 -16.65
CA ASN B 52 -16.83 32.92 -15.74
C ASN B 52 -18.25 32.63 -15.26
N PRO B 53 -19.14 32.20 -16.16
CA PRO B 53 -20.51 31.92 -15.76
C PRO B 53 -20.60 30.57 -15.04
N MET B 54 -21.83 30.21 -14.67
CA MET B 54 -22.06 29.06 -13.80
C MET B 54 -21.60 27.76 -14.45
N TRP B 55 -21.78 27.60 -15.77
CA TRP B 55 -21.32 26.38 -16.41
C TRP B 55 -19.81 26.31 -16.51
N ARG B 56 -19.11 27.45 -16.38
CA ARG B 56 -17.65 27.40 -16.25
C ARG B 56 -17.21 27.03 -14.84
N GLN B 57 -18.12 27.11 -13.86
CA GLN B 57 -17.80 26.77 -12.48
C GLN B 57 -18.34 25.41 -12.08
N GLY B 58 -18.81 24.63 -13.05
CA GLY B 58 -19.33 23.30 -12.76
C GLY B 58 -20.57 23.28 -11.92
N MET B 59 -21.45 24.28 -12.06
CA MET B 59 -22.66 24.35 -11.26
C MET B 59 -23.71 23.43 -11.83
N PHE B 60 -24.25 22.54 -11.00
CA PHE B 60 -25.18 21.52 -11.47
C PHE B 60 -26.64 21.94 -11.34
N VAL B 61 -27.12 22.18 -10.13
CA VAL B 61 -28.52 22.54 -9.95
C VAL B 61 -28.75 24.04 -9.99
N LEU B 62 -27.69 24.84 -10.01
CA LEU B 62 -27.85 26.28 -10.23
C LEU B 62 -28.48 26.62 -11.58
N PRO B 63 -28.10 26.01 -12.73
CA PRO B 63 -28.87 26.28 -13.95
C PRO B 63 -30.32 25.85 -13.87
N PHE B 64 -30.63 24.75 -13.16
CA PHE B 64 -32.01 24.30 -13.06
C PHE B 64 -32.83 25.23 -12.19
N LEU B 65 -32.24 25.79 -11.14
CA LEU B 65 -32.91 26.85 -10.38
C LEU B 65 -33.09 28.10 -11.24
N THR B 66 -32.08 28.42 -12.05
CA THR B 66 -32.12 29.61 -12.88
C THR B 66 -33.13 29.48 -14.01
N ARG B 67 -33.21 28.30 -14.62
CA ARG B 67 -34.04 28.11 -15.81
C ARG B 67 -35.51 28.35 -15.52
N LEU B 68 -35.98 27.95 -14.34
CA LEU B 68 -37.39 28.09 -14.01
C LEU B 68 -37.74 29.42 -13.34
N GLY B 69 -36.75 30.26 -13.03
CA GLY B 69 -37.09 31.59 -12.53
C GLY B 69 -36.25 32.14 -11.39
N VAL B 70 -35.61 31.28 -10.61
CA VAL B 70 -34.83 31.72 -9.45
C VAL B 70 -33.53 32.31 -9.96
N THR B 71 -33.46 33.64 -10.02
CA THR B 71 -32.28 34.35 -10.48
C THR B 71 -31.58 35.17 -9.41
N GLN B 72 -32.33 35.74 -8.47
CA GLN B 72 -31.75 36.53 -7.40
C GLN B 72 -31.28 35.62 -6.25
N SER B 73 -30.43 36.19 -5.39
CA SER B 73 -29.88 35.47 -4.26
C SER B 73 -29.94 36.34 -3.02
N TRP B 74 -29.88 35.69 -1.86
CA TRP B 74 -29.85 36.40 -0.59
C TRP B 74 -28.50 37.03 -0.31
N GLY B 75 -27.49 36.77 -1.13
CA GLY B 75 -26.19 37.39 -1.01
C GLY B 75 -26.10 38.79 -1.57
N GLY B 76 -27.20 39.33 -2.08
CA GLY B 76 -27.21 40.69 -2.58
C GLY B 76 -26.71 40.86 -4.00
N TRP B 77 -26.77 39.81 -4.82
CA TRP B 77 -26.34 39.90 -6.21
C TRP B 77 -27.31 39.14 -7.10
N THR B 78 -27.20 39.40 -8.39
CA THR B 78 -27.99 38.70 -9.40
C THR B 78 -27.03 38.12 -10.43
N ILE B 79 -27.36 36.93 -10.94
CA ILE B 79 -26.48 36.24 -11.88
C ILE B 79 -26.36 36.96 -13.21
N SER B 80 -27.32 37.84 -13.54
CA SER B 80 -27.24 38.62 -14.77
C SER B 80 -26.32 39.83 -14.64
N GLY B 81 -25.75 40.06 -13.46
CA GLY B 81 -24.86 41.17 -13.24
C GLY B 81 -25.46 42.36 -12.53
N GLU B 82 -26.73 42.29 -12.14
CA GLU B 82 -27.41 43.39 -11.46
C GLU B 82 -27.29 43.23 -9.95
N THR B 83 -27.99 44.10 -9.23
CA THR B 83 -28.01 44.09 -7.78
C THR B 83 -29.42 43.74 -7.30
N SER B 84 -29.52 42.73 -6.45
CA SER B 84 -30.81 42.31 -5.89
C SER B 84 -31.20 43.31 -4.80
N SER B 85 -32.14 44.21 -5.13
CA SER B 85 -32.62 45.18 -4.15
C SER B 85 -33.39 44.48 -3.03
N ASN B 86 -34.31 43.59 -3.40
CA ASN B 86 -35.03 42.77 -2.43
C ASN B 86 -35.38 41.46 -3.11
N PRO B 87 -34.55 40.43 -2.93
CA PRO B 87 -34.84 39.13 -3.58
C PRO B 87 -36.08 38.45 -3.06
N GLY B 88 -36.60 38.85 -1.90
CA GLY B 88 -37.76 38.20 -1.35
C GLY B 88 -37.41 36.88 -0.66
N ILE B 89 -38.40 36.00 -0.61
CA ILE B 89 -38.20 34.71 0.05
C ILE B 89 -37.76 33.61 -0.92
N TRP B 90 -37.99 33.77 -2.22
CA TRP B 90 -37.64 32.74 -3.20
C TRP B 90 -36.34 33.11 -3.90
N SER B 91 -35.25 32.90 -3.17
CA SER B 91 -33.89 33.02 -3.69
C SER B 91 -33.29 31.63 -3.80
N TYR B 92 -32.01 31.55 -4.13
CA TYR B 92 -31.32 30.27 -4.18
C TYR B 92 -31.26 29.64 -2.79
N GLU B 93 -30.79 30.41 -1.80
CA GLU B 93 -30.75 29.92 -0.43
C GLU B 93 -32.16 29.72 0.13
N GLY B 94 -33.13 30.52 -0.33
CA GLY B 94 -34.50 30.32 0.11
C GLY B 94 -35.06 29.00 -0.37
N ALA B 95 -34.83 28.67 -1.65
CA ALA B 95 -35.27 27.39 -2.18
C ALA B 95 -34.55 26.23 -1.50
N ALA B 96 -33.26 26.41 -1.20
CA ALA B 96 -32.50 25.36 -0.51
C ALA B 96 -33.04 25.13 0.90
N ALA B 97 -33.32 26.21 1.64
CA ALA B 97 -33.86 26.07 2.99
C ALA B 97 -35.26 25.47 2.96
N SER B 98 -36.05 25.83 1.94
CA SER B 98 -37.38 25.23 1.78
C SER B 98 -37.25 23.74 1.51
N HIS B 99 -36.28 23.32 0.70
CA HIS B 99 -36.06 21.91 0.46
C HIS B 99 -35.60 21.19 1.72
N ILE B 100 -34.78 21.85 2.54
CA ILE B 100 -34.31 21.25 3.78
C ILE B 100 -35.46 21.03 4.76
N VAL B 101 -36.30 22.05 4.94
CA VAL B 101 -37.43 21.89 5.87
C VAL B 101 -38.46 20.92 5.32
N LEU B 102 -38.63 20.87 3.99
CA LEU B 102 -39.48 19.86 3.38
C LEU B 102 -38.94 18.47 3.65
N SER B 103 -37.61 18.30 3.56
CA SER B 103 -36.99 17.01 3.87
C SER B 103 -37.23 16.61 5.32
N GLY B 104 -37.15 17.57 6.24
CA GLY B 104 -37.42 17.26 7.64
C GLY B 104 -38.85 16.83 7.88
N LEU B 105 -39.80 17.57 7.30
CA LEU B 105 -41.21 17.22 7.45
C LEU B 105 -41.52 15.87 6.82
N LEU B 106 -40.91 15.57 5.67
CA LEU B 106 -41.12 14.28 5.04
C LEU B 106 -40.47 13.16 5.84
N PHE B 107 -39.35 13.43 6.51
CA PHE B 107 -38.76 12.44 7.41
C PHE B 107 -39.70 12.12 8.58
N LEU B 108 -40.31 13.16 9.16
CA LEU B 108 -41.27 12.93 10.24
C LEU B 108 -42.49 12.16 9.74
N ALA B 109 -42.97 12.48 8.54
CA ALA B 109 -44.11 11.75 7.96
C ALA B 109 -43.73 10.30 7.68
N SER B 110 -42.50 10.05 7.24
CA SER B 110 -42.03 8.68 7.04
C SER B 110 -41.99 7.91 8.35
N VAL B 111 -41.55 8.56 9.43
CA VAL B 111 -41.56 7.90 10.74
C VAL B 111 -42.99 7.57 11.17
N TRP B 112 -43.92 8.52 10.95
CA TRP B 112 -45.31 8.27 11.32
C TRP B 112 -45.91 7.12 10.52
N HIS B 113 -45.63 7.06 9.21
CA HIS B 113 -46.16 5.98 8.40
C HIS B 113 -45.49 4.65 8.71
N TRP B 114 -44.23 4.69 9.17
CA TRP B 114 -43.58 3.46 9.60
C TRP B 114 -44.22 2.91 10.87
N VAL B 115 -44.59 3.80 11.80
CA VAL B 115 -45.17 3.35 13.05
C VAL B 115 -46.63 2.94 12.86
N TYR B 116 -47.44 3.84 12.32
CA TYR B 116 -48.88 3.58 12.15
C TYR B 116 -49.15 2.98 10.78
N TRP B 117 -48.57 1.81 10.54
CA TRP B 117 -48.74 1.12 9.27
C TRP B 117 -50.09 0.43 9.15
N ASP B 118 -50.65 -0.04 10.27
CA ASP B 118 -51.87 -0.85 10.25
C ASP B 118 -53.09 0.06 10.18
N LEU B 119 -53.36 0.54 8.96
CA LEU B 119 -54.55 1.34 8.69
C LEU B 119 -55.51 0.54 7.82
N GLU B 120 -56.78 0.48 8.26
CA GLU B 120 -57.77 -0.29 7.52
C GLU B 120 -58.09 0.30 6.16
N LEU B 121 -57.65 1.53 5.88
CA LEU B 121 -57.71 2.08 4.54
C LEU B 121 -56.95 1.20 3.55
N PHE B 122 -55.90 0.53 4.00
CA PHE B 122 -55.16 -0.39 3.15
C PHE B 122 -55.83 -1.75 3.04
N ARG B 123 -56.91 -1.99 3.78
CA ARG B 123 -57.63 -3.26 3.74
C ARG B 123 -58.94 -3.09 2.98
N ASP B 124 -59.17 -3.95 1.99
CA ASP B 124 -60.47 -3.86 1.33
C ASP B 124 -61.54 -4.52 2.21
N PRO B 125 -62.72 -3.91 2.33
CA PRO B 125 -63.75 -4.44 3.23
C PRO B 125 -64.47 -5.67 2.71
N ARG B 126 -64.28 -6.04 1.45
CA ARG B 126 -65.00 -7.20 0.91
C ARG B 126 -64.49 -8.50 1.51
N THR B 127 -63.17 -8.61 1.71
CA THR B 127 -62.57 -9.82 2.29
C THR B 127 -61.78 -9.57 3.56
N GLY B 128 -61.45 -8.32 3.89
CA GLY B 128 -60.66 -8.02 5.06
C GLY B 128 -59.16 -8.08 4.86
N LYS B 129 -58.70 -8.63 3.75
CA LYS B 129 -57.27 -8.69 3.46
C LYS B 129 -56.76 -7.32 3.04
N THR B 130 -55.44 -7.20 3.01
CA THR B 130 -54.79 -5.95 2.62
C THR B 130 -54.56 -5.94 1.11
N ALA B 131 -55.13 -4.95 0.43
CA ALA B 131 -54.99 -4.82 -1.01
C ALA B 131 -55.14 -3.37 -1.39
N LEU B 132 -54.61 -3.03 -2.57
CA LEU B 132 -54.66 -1.68 -3.12
C LEU B 132 -55.35 -1.70 -4.47
N ASP B 133 -56.28 -0.78 -4.66
CA ASP B 133 -56.99 -0.64 -5.95
C ASP B 133 -56.12 0.19 -6.88
N LEU B 134 -55.11 -0.49 -7.45
CA LEU B 134 -54.12 0.18 -8.28
C LEU B 134 -54.67 0.95 -9.48
N PRO B 135 -55.69 0.46 -10.23
CA PRO B 135 -56.26 1.34 -11.28
C PRO B 135 -56.83 2.64 -10.75
N LYS B 136 -57.50 2.62 -9.59
CA LYS B 136 -58.06 3.85 -9.04
C LYS B 136 -56.98 4.76 -8.49
N ILE B 137 -55.95 4.17 -7.87
CA ILE B 137 -54.81 4.97 -7.39
C ILE B 137 -54.10 5.64 -8.56
N PHE B 138 -53.96 4.90 -9.67
CA PHE B 138 -53.36 5.48 -10.87
C PHE B 138 -54.22 6.58 -11.44
N GLY B 139 -55.55 6.41 -11.41
CA GLY B 139 -56.43 7.45 -11.89
C GLY B 139 -56.31 8.72 -11.07
N ILE B 140 -56.23 8.58 -9.74
CA ILE B 140 -56.06 9.73 -8.86
C ILE B 140 -54.72 10.42 -9.15
N HIS B 141 -53.66 9.63 -9.29
CA HIS B 141 -52.33 10.21 -9.55
C HIS B 141 -52.27 10.89 -10.92
N LEU B 142 -52.90 10.29 -11.94
CA LEU B 142 -52.91 10.89 -13.27
C LEU B 142 -53.72 12.17 -13.28
N PHE B 143 -54.85 12.19 -12.57
CA PHE B 143 -55.66 13.40 -12.44
C PHE B 143 -54.87 14.51 -11.75
N LEU B 144 -54.16 14.17 -10.67
CA LEU B 144 -53.36 15.16 -9.95
C LEU B 144 -52.21 15.67 -10.83
N ALA B 145 -51.56 14.77 -11.58
CA ALA B 145 -50.49 15.17 -12.48
C ALA B 145 -51.02 16.06 -13.60
N GLY B 146 -52.23 15.77 -14.09
CA GLY B 146 -52.83 16.63 -15.10
C GLY B 146 -53.11 18.03 -14.58
N LEU B 147 -53.67 18.13 -13.36
CA LEU B 147 -53.89 19.45 -12.76
C LEU B 147 -52.58 20.19 -12.56
N LEU B 148 -51.56 19.50 -12.06
CA LEU B 148 -50.28 20.17 -11.78
C LEU B 148 -49.60 20.61 -13.07
N CYS B 149 -49.63 19.77 -14.11
CA CYS B 149 -49.01 20.12 -15.39
C CYS B 149 -49.75 21.28 -16.05
N PHE B 150 -51.09 21.26 -16.01
CA PHE B 150 -51.85 22.35 -16.61
C PHE B 150 -51.64 23.65 -15.86
N GLY B 151 -51.57 23.59 -14.52
CA GLY B 151 -51.28 24.80 -13.76
C GLY B 151 -49.90 25.34 -14.02
N PHE B 152 -48.90 24.46 -14.12
CA PHE B 152 -47.55 24.88 -14.43
C PHE B 152 -47.46 25.49 -15.82
N GLY B 153 -48.24 24.96 -16.77
CA GLY B 153 -48.20 25.48 -18.12
C GLY B 153 -49.05 26.71 -18.37
N ALA B 154 -50.05 26.94 -17.53
CA ALA B 154 -50.95 28.08 -17.71
C ALA B 154 -50.74 29.20 -16.71
N PHE B 155 -49.92 29.00 -15.68
CA PHE B 155 -49.74 30.06 -14.69
C PHE B 155 -48.28 30.42 -14.44
N HIS B 156 -47.38 29.43 -14.48
CA HIS B 156 -45.97 29.71 -14.18
C HIS B 156 -45.22 30.18 -15.42
N VAL B 157 -45.21 29.36 -16.48
CA VAL B 157 -44.40 29.67 -17.66
C VAL B 157 -45.01 30.83 -18.45
N THR B 158 -46.34 30.96 -18.47
CA THR B 158 -46.98 32.02 -19.22
C THR B 158 -46.91 33.37 -18.51
N GLY B 159 -46.54 33.39 -17.24
CA GLY B 159 -46.35 34.63 -16.53
C GLY B 159 -47.61 35.33 -16.05
N VAL B 160 -48.79 34.72 -16.21
CA VAL B 160 -49.99 35.34 -15.70
C VAL B 160 -50.00 35.30 -14.17
N PHE B 161 -49.32 34.31 -13.59
CA PHE B 161 -49.11 34.26 -12.14
C PHE B 161 -47.64 34.04 -11.79
N GLY B 162 -46.92 33.23 -12.57
CA GLY B 162 -45.53 32.93 -12.31
C GLY B 162 -44.58 33.89 -12.99
N PRO B 163 -43.28 33.58 -12.93
CA PRO B 163 -42.27 34.46 -13.55
C PRO B 163 -41.90 34.13 -14.98
N GLY B 164 -42.32 32.99 -15.51
CA GLY B 164 -41.90 32.58 -16.83
C GLY B 164 -40.70 31.67 -16.78
N ILE B 165 -40.04 31.54 -17.93
CA ILE B 165 -38.87 30.68 -18.07
C ILE B 165 -37.73 31.47 -18.71
N TRP B 166 -36.57 30.84 -18.80
CA TRP B 166 -35.37 31.48 -19.33
C TRP B 166 -35.46 31.52 -20.85
N VAL B 167 -35.49 32.74 -21.39
CA VAL B 167 -35.54 33.00 -22.82
C VAL B 167 -34.34 33.86 -23.18
N SER B 168 -33.76 33.60 -24.35
CA SER B 168 -32.58 34.31 -24.80
C SER B 168 -32.60 34.48 -26.31
N ASP B 169 -31.60 35.18 -26.82
CA ASP B 169 -31.33 35.30 -28.24
C ASP B 169 -30.73 33.99 -28.77
N PRO B 170 -30.73 33.77 -30.08
CA PRO B 170 -30.21 32.49 -30.62
C PRO B 170 -28.77 32.18 -30.26
N TYR B 171 -27.93 33.20 -30.04
CA TYR B 171 -26.53 32.97 -29.74
C TYR B 171 -26.22 33.08 -28.25
N GLY B 172 -27.24 33.20 -27.41
CA GLY B 172 -27.06 33.18 -25.97
C GLY B 172 -26.23 34.30 -25.40
N LEU B 173 -26.44 35.53 -25.89
CA LEU B 173 -25.65 36.65 -25.41
C LEU B 173 -26.32 37.35 -24.22
N THR B 174 -27.59 37.74 -24.36
CA THR B 174 -28.23 38.46 -23.26
C THR B 174 -28.77 37.51 -22.20
N GLY B 175 -29.84 36.79 -22.51
CA GLY B 175 -30.42 35.82 -21.59
C GLY B 175 -31.21 36.46 -20.46
N SER B 176 -32.41 35.97 -20.17
CA SER B 176 -33.18 36.48 -19.03
C SER B 176 -34.32 35.50 -18.74
N VAL B 177 -35.19 35.87 -17.81
CA VAL B 177 -36.39 35.09 -17.49
C VAL B 177 -37.60 35.93 -17.86
N GLN B 178 -38.34 35.48 -18.86
CA GLN B 178 -39.52 36.16 -19.37
C GLN B 178 -40.71 35.22 -19.39
N PRO B 179 -41.92 35.76 -19.28
CA PRO B 179 -43.11 34.98 -19.63
C PRO B 179 -43.09 34.68 -21.12
N VAL B 180 -43.60 33.52 -21.49
CA VAL B 180 -43.54 33.05 -22.86
C VAL B 180 -44.96 32.76 -23.37
N ALA B 181 -45.25 33.20 -24.59
CA ALA B 181 -46.54 32.97 -25.20
C ALA B 181 -46.57 31.58 -25.85
N PRO B 182 -47.63 30.79 -25.61
CA PRO B 182 -47.68 29.45 -26.20
C PRO B 182 -47.86 29.50 -27.71
N SER B 183 -47.12 28.63 -28.40
CA SER B 183 -47.20 28.49 -29.84
C SER B 183 -48.00 27.23 -30.13
N TRP B 184 -49.24 27.41 -30.57
CA TRP B 184 -50.14 26.29 -30.84
C TRP B 184 -49.96 25.72 -32.24
N GLY B 185 -49.13 26.34 -33.08
CA GLY B 185 -48.89 25.84 -34.41
C GLY B 185 -47.78 24.80 -34.43
N ALA B 186 -47.37 24.45 -35.65
CA ALA B 186 -46.29 23.47 -35.82
C ALA B 186 -44.98 23.97 -35.24
N GLU B 187 -44.78 25.30 -35.20
CA GLU B 187 -43.60 25.87 -34.57
C GLU B 187 -43.56 25.60 -33.08
N GLY B 188 -44.71 25.32 -32.46
CA GLY B 188 -44.72 24.88 -31.08
C GLY B 188 -44.06 23.54 -30.87
N PHE B 189 -44.01 22.71 -31.90
CA PHE B 189 -43.24 21.47 -31.87
C PHE B 189 -41.81 21.69 -32.32
N ASP B 190 -41.43 22.92 -32.59
CA ASP B 190 -40.05 23.29 -32.82
C ASP B 190 -39.33 23.14 -31.49
N PRO B 191 -38.31 22.28 -31.39
CA PRO B 191 -37.66 22.03 -30.09
C PRO B 191 -37.01 23.24 -29.46
N TYR B 192 -36.44 24.13 -30.27
CA TYR B 192 -35.76 25.30 -29.75
C TYR B 192 -36.72 26.46 -29.51
N ASN B 193 -37.99 26.30 -29.85
CA ASN B 193 -38.97 27.35 -29.60
C ASN B 193 -39.39 27.33 -28.14
N PRO B 194 -39.21 28.44 -27.40
CA PRO B 194 -39.67 28.46 -26.00
C PRO B 194 -41.17 28.44 -25.85
N GLY B 195 -41.92 28.80 -26.89
CA GLY B 195 -43.37 28.78 -26.82
C GLY B 195 -43.97 27.40 -26.82
N GLY B 196 -43.20 26.37 -27.16
CA GLY B 196 -43.70 25.02 -27.10
C GLY B 196 -43.98 24.54 -25.70
N VAL B 197 -43.14 24.95 -24.74
CA VAL B 197 -43.30 24.49 -23.35
C VAL B 197 -44.65 24.86 -22.74
N PRO B 198 -45.14 26.11 -22.82
CA PRO B 198 -46.47 26.37 -22.24
C PRO B 198 -47.59 25.67 -22.99
N ALA B 199 -47.54 25.64 -24.32
CA ALA B 199 -48.57 24.96 -25.10
C ALA B 199 -48.56 23.46 -24.81
N HIS B 200 -47.37 22.86 -24.76
CA HIS B 200 -47.27 21.44 -24.45
C HIS B 200 -47.81 21.13 -23.06
N HIS B 201 -47.44 21.96 -22.08
CA HIS B 201 -47.86 21.67 -20.72
C HIS B 201 -49.36 21.88 -20.55
N ILE B 202 -49.93 22.88 -21.22
CA ILE B 202 -51.37 23.09 -21.15
C ILE B 202 -52.12 21.92 -21.79
N ALA B 203 -51.71 21.52 -22.99
CA ALA B 203 -52.39 20.43 -23.68
C ALA B 203 -52.22 19.10 -22.95
N ALA B 204 -51.01 18.81 -22.47
CA ALA B 204 -50.75 17.58 -21.74
C ALA B 204 -51.48 17.56 -20.41
N GLY B 205 -51.57 18.71 -19.73
CA GLY B 205 -52.31 18.77 -18.49
C GLY B 205 -53.80 18.54 -18.70
N ILE B 206 -54.37 19.14 -19.75
CA ILE B 206 -55.78 18.96 -20.04
C ILE B 206 -56.07 17.49 -20.38
N LEU B 207 -55.22 16.90 -21.23
CA LEU B 207 -55.44 15.51 -21.62
C LEU B 207 -55.20 14.56 -20.46
N GLY B 208 -54.25 14.89 -19.58
CA GLY B 208 -54.04 14.08 -18.38
C GLY B 208 -55.21 14.18 -17.42
N VAL B 209 -55.83 15.37 -17.32
CA VAL B 209 -57.03 15.52 -16.50
C VAL B 209 -58.15 14.66 -17.04
N LEU B 210 -58.35 14.67 -18.36
CA LEU B 210 -59.40 13.85 -18.96
C LEU B 210 -59.11 12.36 -18.79
N ALA B 211 -57.85 11.94 -18.96
CA ALA B 211 -57.50 10.54 -18.80
C ALA B 211 -57.64 10.10 -17.35
N GLY B 212 -57.29 10.97 -16.39
CA GLY B 212 -57.48 10.64 -15.00
C GLY B 212 -58.94 10.53 -14.61
N LEU B 213 -59.78 11.42 -15.13
CA LEU B 213 -61.21 11.32 -14.89
C LEU B 213 -61.78 10.03 -15.49
N PHE B 214 -61.32 9.68 -16.68
CA PHE B 214 -61.74 8.41 -17.29
C PHE B 214 -61.30 7.22 -16.43
N HIS B 215 -60.08 7.27 -15.90
CA HIS B 215 -59.59 6.16 -15.09
C HIS B 215 -60.33 6.07 -13.76
N LEU B 216 -60.77 7.20 -13.22
CA LEU B 216 -61.57 7.21 -12.01
C LEU B 216 -62.95 6.60 -12.31
N VAL B 218 -63.98 4.48 -15.12
CA VAL B 218 -64.07 3.18 -15.77
C VAL B 218 -63.06 2.17 -15.21
N ARG B 219 -63.56 0.99 -14.88
CA ARG B 219 -62.75 -0.11 -14.38
C ARG B 219 -62.04 -0.81 -15.55
N PRO B 220 -60.93 -1.54 -15.27
CA PRO B 220 -60.29 -2.33 -16.32
C PRO B 220 -61.08 -3.57 -16.69
N SER B 221 -60.54 -4.41 -17.56
CA SER B 221 -61.22 -5.62 -18.01
C SER B 221 -60.53 -6.86 -17.44
N ILE B 222 -61.21 -8.01 -17.60
CA ILE B 222 -60.68 -9.29 -17.14
C ILE B 222 -59.36 -9.60 -17.86
N ARG B 223 -59.35 -9.43 -19.18
CA ARG B 223 -58.19 -9.80 -19.98
C ARG B 223 -56.97 -8.94 -19.64
N LEU B 224 -57.18 -7.62 -19.53
CA LEU B 224 -56.06 -6.74 -19.21
C LEU B 224 -55.57 -6.95 -17.78
N TYR B 225 -56.50 -7.12 -16.84
CA TYR B 225 -56.14 -7.32 -15.43
C TYR B 225 -55.36 -8.61 -15.23
N PHE B 226 -55.74 -9.67 -15.95
CA PHE B 226 -55.00 -10.93 -15.81
C PHE B 226 -53.75 -10.97 -16.68
N GLY B 227 -53.68 -10.15 -17.72
CA GLY B 227 -52.51 -10.14 -18.57
C GLY B 227 -51.37 -9.33 -18.00
N LEU B 228 -51.63 -8.07 -17.64
CA LEU B 228 -50.58 -7.23 -17.09
C LEU B 228 -50.45 -7.31 -15.58
N SER B 229 -51.31 -8.10 -14.93
CA SER B 229 -51.32 -8.27 -13.46
C SER B 229 -51.47 -6.92 -12.75
N MET B 230 -52.61 -6.26 -13.02
CA MET B 230 -52.86 -4.94 -12.45
C MET B 230 -53.07 -4.98 -10.94
N GLY B 231 -53.31 -6.16 -10.38
CA GLY B 231 -53.39 -6.32 -8.95
C GLY B 231 -52.07 -6.57 -8.28
N SER B 232 -50.97 -6.49 -9.02
CA SER B 232 -49.64 -6.73 -8.52
C SER B 232 -48.83 -5.43 -8.52
N ILE B 233 -47.96 -5.30 -7.53
CA ILE B 233 -47.16 -4.08 -7.40
C ILE B 233 -45.87 -4.15 -8.20
N GLU B 234 -45.39 -5.36 -8.53
CA GLU B 234 -44.22 -5.44 -9.40
C GLU B 234 -44.56 -5.07 -10.84
N SER B 235 -45.81 -5.25 -11.26
CA SER B 235 -46.21 -4.86 -12.62
C SER B 235 -46.11 -3.36 -12.81
N VAL B 236 -46.76 -2.62 -11.91
CA VAL B 236 -46.66 -1.16 -11.90
C VAL B 236 -45.23 -0.70 -11.65
N LEU B 237 -44.46 -1.43 -10.85
CA LEU B 237 -43.05 -1.08 -10.69
C LEU B 237 -42.29 -1.19 -12.01
N SER B 238 -42.52 -2.28 -12.74
CA SER B 238 -41.84 -2.51 -14.01
C SER B 238 -42.20 -1.43 -15.01
N SER B 239 -43.49 -1.10 -15.10
CA SER B 239 -43.91 -0.14 -16.11
C SER B 239 -43.51 1.28 -15.74
N SER B 240 -43.55 1.61 -14.44
CA SER B 240 -43.09 2.92 -14.01
C SER B 240 -41.61 3.07 -14.28
N ILE B 241 -40.81 2.04 -14.04
CA ILE B 241 -39.39 2.09 -14.36
C ILE B 241 -39.18 2.24 -15.86
N ALA B 242 -40.03 1.58 -16.66
CA ALA B 242 -39.95 1.73 -18.11
C ALA B 242 -40.17 3.17 -18.54
N ALA B 243 -41.22 3.81 -18.01
CA ALA B 243 -41.48 5.21 -18.31
C ALA B 243 -40.35 6.10 -17.82
N VAL B 244 -39.75 5.75 -16.68
CA VAL B 244 -38.68 6.56 -16.11
C VAL B 244 -37.43 6.53 -16.99
N PHE B 245 -37.00 5.36 -17.48
CA PHE B 245 -35.78 5.47 -18.28
C PHE B 245 -36.11 5.95 -19.69
N TRP B 246 -37.36 5.80 -20.14
CA TRP B 246 -37.77 6.46 -21.38
C TRP B 246 -37.58 7.96 -21.26
N ALA B 247 -38.12 8.55 -20.19
CA ALA B 247 -37.95 9.98 -19.95
C ALA B 247 -36.49 10.36 -19.76
N ALA B 248 -35.71 9.49 -19.12
CA ALA B 248 -34.29 9.76 -18.92
C ALA B 248 -33.53 9.79 -20.23
N PHE B 249 -33.81 8.84 -21.13
CA PHE B 249 -33.19 8.84 -22.45
C PHE B 249 -33.57 10.10 -23.24
N VAL B 250 -34.85 10.48 -23.19
CA VAL B 250 -35.32 11.66 -23.90
C VAL B 250 -34.65 12.92 -23.38
N VAL B 251 -34.57 13.06 -22.05
CA VAL B 251 -33.99 14.29 -21.51
C VAL B 251 -32.47 14.30 -21.68
N ALA B 252 -31.83 13.13 -21.70
CA ALA B 252 -30.39 13.09 -21.98
C ALA B 252 -30.12 13.53 -23.42
N GLY B 253 -30.92 13.06 -24.37
CA GLY B 253 -30.76 13.52 -25.74
C GLY B 253 -31.03 15.00 -25.88
N THR B 254 -32.06 15.50 -25.17
CA THR B 254 -32.37 16.93 -25.20
C THR B 254 -31.21 17.76 -24.65
N MET B 255 -30.63 17.32 -23.53
CA MET B 255 -29.50 18.03 -22.95
C MET B 255 -28.29 18.01 -23.87
N TRP B 256 -28.01 16.87 -24.50
CA TRP B 256 -26.82 16.77 -25.33
C TRP B 256 -26.95 17.58 -26.62
N TYR B 257 -28.11 17.51 -27.28
CA TYR B 257 -28.26 18.20 -28.55
C TYR B 257 -28.68 19.66 -28.38
N GLY B 258 -29.15 20.06 -27.21
CA GLY B 258 -29.62 21.42 -27.01
C GLY B 258 -31.08 21.61 -27.39
N SER B 259 -31.77 22.49 -26.67
CA SER B 259 -33.18 22.78 -26.95
C SER B 259 -33.53 24.11 -26.27
N ALA B 260 -34.82 24.43 -26.24
CA ALA B 260 -35.28 25.62 -25.54
C ALA B 260 -35.23 25.44 -24.03
N ALA B 261 -35.24 24.21 -23.54
CA ALA B 261 -35.14 23.92 -22.12
C ALA B 261 -33.70 23.75 -21.65
N THR B 262 -32.72 23.88 -22.55
CA THR B 262 -31.31 23.74 -22.22
C THR B 262 -30.56 24.95 -22.78
N PRO B 263 -30.64 26.11 -22.11
CA PRO B 263 -29.95 27.30 -22.61
C PRO B 263 -28.44 27.15 -22.53
N ILE B 264 -27.76 27.72 -23.53
CA ILE B 264 -26.31 27.58 -23.61
C ILE B 264 -25.60 28.41 -22.55
N GLU B 265 -26.14 29.58 -22.19
CA GLU B 265 -25.49 30.39 -21.16
C GLU B 265 -25.66 29.81 -19.76
N LEU B 266 -26.48 28.78 -19.59
CA LEU B 266 -26.63 28.10 -18.32
C LEU B 266 -25.96 26.73 -18.28
N PHE B 267 -26.10 25.94 -19.33
CA PHE B 267 -25.53 24.60 -19.37
C PHE B 267 -24.27 24.50 -20.21
N GLY B 268 -23.74 25.63 -20.67
CA GLY B 268 -22.60 25.60 -21.57
C GLY B 268 -23.04 25.41 -23.01
N PRO B 269 -22.14 25.65 -23.95
CA PRO B 269 -22.46 25.40 -25.35
C PRO B 269 -22.52 23.90 -25.63
N THR B 270 -23.07 23.56 -26.79
CA THR B 270 -23.11 22.18 -27.22
C THR B 270 -21.92 21.88 -28.12
N ARG B 271 -21.61 20.59 -28.24
CA ARG B 271 -20.49 20.19 -29.10
C ARG B 271 -20.83 20.40 -30.57
N TYR B 272 -22.11 20.33 -30.93
CA TYR B 272 -22.52 20.54 -32.31
C TYR B 272 -22.46 22.00 -32.72
N GLN B 273 -22.58 22.92 -31.77
CA GLN B 273 -22.35 24.33 -32.08
C GLN B 273 -20.90 24.57 -32.47
N TRP B 274 -19.96 23.93 -31.78
CA TRP B 274 -18.56 24.04 -32.14
C TRP B 274 -18.27 23.29 -33.44
N ASP B 275 -18.89 22.12 -33.63
CA ASP B 275 -18.62 21.32 -34.81
C ASP B 275 -19.15 21.97 -36.08
N GLN B 276 -20.31 22.61 -36.00
CA GLN B 276 -20.94 23.22 -37.16
C GLN B 276 -20.55 24.68 -37.33
N GLY B 277 -19.61 25.18 -36.53
CA GLY B 277 -19.13 26.54 -36.67
C GLY B 277 -20.17 27.60 -36.40
N PHE B 278 -20.98 27.43 -35.35
CA PHE B 278 -22.07 28.35 -35.07
C PHE B 278 -21.54 29.72 -34.62
N PHE B 279 -20.76 29.73 -33.54
CA PHE B 279 -20.27 30.99 -33.00
C PHE B 279 -19.22 31.62 -33.90
N GLN B 280 -18.38 30.81 -34.54
CA GLN B 280 -17.43 31.34 -35.52
C GLN B 280 -18.16 31.97 -36.70
N GLN B 281 -19.25 31.32 -37.14
CA GLN B 281 -20.10 31.88 -38.19
C GLN B 281 -20.67 33.22 -37.80
N GLU B 282 -21.19 33.32 -36.57
CA GLU B 282 -21.79 34.57 -36.14
C GLU B 282 -20.75 35.67 -35.97
N ILE B 283 -19.56 35.31 -35.48
CA ILE B 283 -18.48 36.29 -35.32
C ILE B 283 -18.03 36.81 -36.69
N GLN B 284 -17.85 35.92 -37.66
CA GLN B 284 -17.40 36.38 -38.97
C GLN B 284 -18.50 37.12 -39.72
N LYS B 285 -19.77 36.79 -39.46
CA LYS B 285 -20.86 37.57 -40.04
C LYS B 285 -20.92 38.97 -39.44
N ARG B 286 -20.75 39.08 -38.12
CA ARG B 286 -20.72 40.37 -37.45
C ARG B 286 -19.42 41.14 -37.71
N VAL B 287 -18.44 40.50 -38.33
CA VAL B 287 -17.25 41.21 -38.80
C VAL B 287 -17.46 41.70 -40.24
N ALA B 288 -18.00 40.83 -41.11
CA ALA B 288 -18.29 41.22 -42.49
C ALA B 288 -19.26 42.38 -42.54
N GLN B 289 -20.37 42.29 -41.81
CA GLN B 289 -21.11 43.48 -41.49
C GLN B 289 -20.27 44.30 -40.53
N SER B 290 -20.22 45.61 -40.78
CA SER B 290 -19.36 46.62 -40.13
C SER B 290 -17.90 46.53 -40.56
N THR B 291 -17.52 45.64 -41.49
CA THR B 291 -16.35 45.96 -42.30
C THR B 291 -16.76 46.32 -43.72
N SER B 292 -18.02 46.05 -44.10
CA SER B 292 -18.50 46.45 -45.41
C SER B 292 -18.92 47.92 -45.47
N GLU B 293 -18.95 48.61 -44.33
CA GLU B 293 -19.34 50.02 -44.26
C GLU B 293 -18.33 50.81 -43.43
N GLY B 294 -17.05 50.64 -43.74
CA GLY B 294 -16.01 51.32 -42.99
C GLY B 294 -15.64 50.56 -41.74
N LEU B 295 -14.91 51.26 -40.86
CA LEU B 295 -14.38 50.74 -39.59
C LEU B 295 -13.73 49.36 -39.78
N SER B 296 -12.61 49.40 -40.51
CA SER B 296 -11.90 48.23 -41.00
C SER B 296 -11.37 47.31 -39.90
N VAL B 297 -10.72 46.21 -40.31
CA VAL B 297 -10.32 45.12 -39.44
C VAL B 297 -9.42 45.56 -38.28
N SER B 298 -8.74 46.69 -38.41
CA SER B 298 -7.92 47.20 -37.30
C SER B 298 -8.79 47.54 -36.10
N GLU B 299 -9.99 48.06 -36.34
CA GLU B 299 -10.99 48.30 -35.32
C GLU B 299 -12.16 47.34 -35.54
N ALA B 300 -13.26 47.60 -34.81
CA ALA B 300 -14.56 46.96 -34.94
C ALA B 300 -14.58 45.50 -34.47
N TRP B 301 -13.41 44.92 -34.19
CA TRP B 301 -13.41 43.63 -33.53
C TRP B 301 -13.85 43.76 -32.08
N ALA B 302 -13.69 44.96 -31.50
CA ALA B 302 -14.31 45.25 -30.21
C ALA B 302 -15.83 45.24 -30.29
N LYS B 303 -16.40 45.39 -31.50
CA LYS B 303 -17.84 45.18 -31.65
C LYS B 303 -18.24 43.73 -31.47
N ILE B 304 -17.28 42.81 -31.52
CA ILE B 304 -17.55 41.40 -31.18
C ILE B 304 -17.59 41.31 -29.66
N PRO B 305 -18.70 40.85 -29.08
CA PRO B 305 -18.76 40.71 -27.62
C PRO B 305 -17.80 39.64 -27.12
N GLU B 306 -17.31 39.84 -25.91
CA GLU B 306 -16.38 38.88 -25.30
C GLU B 306 -17.07 37.56 -25.00
N LYS B 307 -18.39 37.59 -24.78
CA LYS B 307 -19.14 36.36 -24.53
C LYS B 307 -19.18 35.47 -25.77
N LEU B 308 -19.33 36.08 -26.95
CA LEU B 308 -19.39 35.31 -28.19
C LEU B 308 -18.04 34.66 -28.50
N ALA B 309 -16.95 35.42 -28.35
CA ALA B 309 -15.62 34.87 -28.54
C ALA B 309 -15.32 33.79 -27.50
N PHE B 310 -15.87 33.92 -26.29
CA PHE B 310 -15.75 32.85 -25.31
C PHE B 310 -16.51 31.61 -25.77
N TYR B 311 -17.69 31.80 -26.36
CA TYR B 311 -18.45 30.67 -26.91
C TYR B 311 -17.73 30.01 -28.07
N ASP B 312 -16.86 30.73 -28.75
CA ASP B 312 -16.08 30.19 -29.87
C ASP B 312 -14.77 29.53 -29.42
N TYR B 313 -14.73 29.03 -28.18
CA TYR B 313 -13.52 28.42 -27.62
C TYR B 313 -13.79 26.96 -27.28
N ILE B 314 -12.92 26.06 -27.76
CA ILE B 314 -13.12 24.63 -27.57
C ILE B 314 -12.99 24.20 -26.11
N GLY B 315 -12.44 25.05 -25.24
CA GLY B 315 -12.45 24.75 -23.82
C GLY B 315 -13.83 24.77 -23.22
N ASN B 316 -14.79 25.41 -23.90
CA ASN B 316 -16.19 25.35 -23.52
C ASN B 316 -16.92 24.21 -24.20
N ASN B 317 -16.21 23.37 -24.92
CA ASN B 317 -16.78 22.21 -25.58
C ASN B 317 -17.16 21.17 -24.53
N PRO B 318 -18.43 20.74 -24.47
CA PRO B 318 -18.81 19.74 -23.47
C PRO B 318 -18.21 18.37 -23.73
N ALA B 319 -17.82 18.07 -24.96
CA ALA B 319 -17.25 16.78 -25.34
C ALA B 319 -15.73 16.87 -25.50
N LYS B 320 -15.07 17.64 -24.65
CA LYS B 320 -13.61 17.76 -24.69
C LYS B 320 -12.97 17.44 -23.36
N GLY B 321 -13.73 16.97 -22.38
CA GLY B 321 -13.21 16.63 -21.07
C GLY B 321 -12.84 15.17 -20.96
N GLY B 322 -12.78 14.69 -19.72
CA GLY B 322 -12.43 13.31 -19.47
C GLY B 322 -13.36 12.70 -18.44
N LEU B 323 -13.34 11.36 -18.40
CA LEU B 323 -14.18 10.62 -17.47
C LEU B 323 -13.78 10.88 -16.03
N PHE B 324 -12.48 10.94 -15.74
CA PHE B 324 -11.99 11.14 -14.39
C PHE B 324 -11.33 12.51 -14.20
N ARG B 325 -11.50 13.42 -15.15
CA ARG B 325 -11.07 14.80 -14.98
C ARG B 325 -12.16 15.49 -14.18
N THR B 326 -12.03 15.41 -12.86
CA THR B 326 -13.05 15.90 -11.95
C THR B 326 -13.00 17.43 -11.83
N GLY B 327 -14.09 17.99 -11.31
CA GLY B 327 -14.16 19.39 -11.02
C GLY B 327 -14.69 20.24 -12.15
N ALA B 328 -14.58 21.54 -11.94
CA ALA B 328 -15.06 22.55 -12.87
C ALA B 328 -14.05 22.78 -14.00
N MET B 329 -14.51 23.46 -15.05
CA MET B 329 -13.59 23.84 -16.13
C MET B 329 -12.53 24.82 -15.66
N ASN B 330 -12.86 25.66 -14.67
CA ASN B 330 -11.88 26.60 -14.14
C ASN B 330 -10.71 25.87 -13.51
N SER B 331 -11.00 24.79 -12.76
CA SER B 331 -9.95 23.94 -12.24
C SER B 331 -9.21 23.17 -13.34
N GLY B 332 -9.74 23.17 -14.56
CA GLY B 332 -9.10 22.50 -15.66
C GLY B 332 -8.15 23.37 -16.47
N ASP B 333 -8.59 24.57 -16.86
CA ASP B 333 -7.78 25.44 -17.69
C ASP B 333 -7.78 26.89 -17.21
N GLY B 334 -7.87 27.11 -15.90
CA GLY B 334 -7.81 28.45 -15.35
C GLY B 334 -9.13 29.19 -15.49
N ILE B 335 -9.14 30.41 -14.96
CA ILE B 335 -10.30 31.29 -15.01
C ILE B 335 -10.08 32.30 -16.13
N ALA B 336 -11.07 32.47 -16.99
CA ALA B 336 -10.95 33.41 -18.10
C ALA B 336 -10.85 34.84 -17.56
N VAL B 337 -9.83 35.56 -18.02
CA VAL B 337 -9.58 36.94 -17.58
C VAL B 337 -10.02 37.95 -18.63
N GLY B 338 -9.62 37.74 -19.88
CA GLY B 338 -10.00 38.66 -20.95
C GLY B 338 -9.69 38.07 -22.30
N TRP B 339 -10.31 38.68 -23.31
CA TRP B 339 -10.12 38.25 -24.69
C TRP B 339 -8.84 38.85 -25.25
N LEU B 340 -8.01 38.03 -25.86
CA LEU B 340 -6.74 38.49 -26.44
C LEU B 340 -6.89 39.02 -27.85
N GLY B 341 -8.08 38.97 -28.42
CA GLY B 341 -8.31 39.47 -29.77
C GLY B 341 -8.12 38.39 -30.83
N HIS B 342 -8.77 38.61 -31.97
CA HIS B 342 -8.68 37.66 -33.07
C HIS B 342 -7.30 37.71 -33.71
N ALA B 343 -6.71 36.53 -33.91
CA ALA B 343 -5.38 36.42 -34.49
C ALA B 343 -5.49 36.24 -35.99
N SER B 344 -4.92 37.19 -36.74
CA SER B 344 -4.84 37.09 -38.19
C SER B 344 -3.39 36.81 -38.57
N PHE B 345 -3.19 35.80 -39.41
CA PHE B 345 -1.87 35.34 -39.80
C PHE B 345 -1.61 35.71 -41.25
N LYS B 346 -0.42 36.23 -41.53
CA LYS B 346 -0.03 36.62 -42.88
C LYS B 346 1.36 36.09 -43.20
N ASP B 347 1.58 35.73 -44.46
CA ASP B 347 2.88 35.28 -44.91
C ASP B 347 3.66 36.48 -45.46
N GLN B 348 4.80 36.21 -46.09
CA GLN B 348 5.65 37.29 -46.59
C GLN B 348 4.98 38.05 -47.72
N GLU B 349 4.30 37.35 -48.63
CA GLU B 349 3.68 38.02 -49.77
C GLU B 349 2.26 38.51 -49.48
N GLY B 350 1.74 38.27 -48.27
CA GLY B 350 0.53 38.94 -47.84
C GLY B 350 -0.78 38.17 -47.83
N ARG B 351 -0.75 36.88 -48.16
CA ARG B 351 -1.98 36.09 -48.13
C ARG B 351 -2.39 35.81 -46.69
N GLU B 352 -3.69 35.86 -46.44
CA GLU B 352 -4.22 35.65 -45.10
C GLU B 352 -4.41 34.17 -44.84
N LEU B 353 -3.59 33.61 -43.96
CA LEU B 353 -3.69 32.22 -43.55
C LEU B 353 -4.47 32.12 -42.26
N PHE B 354 -5.17 31.00 -42.08
CA PHE B 354 -5.99 30.77 -40.90
C PHE B 354 -5.65 29.39 -40.33
N VAL B 355 -5.78 29.26 -39.01
CA VAL B 355 -5.49 28.01 -38.35
C VAL B 355 -6.59 26.99 -38.66
N ARG B 356 -6.20 25.72 -38.72
CA ARG B 356 -7.18 24.64 -38.83
C ARG B 356 -7.66 24.31 -37.41
N ARG B 357 -8.91 24.65 -37.12
CA ARG B 357 -9.43 24.47 -35.77
C ARG B 357 -9.53 23.00 -35.42
N MET B 358 -9.07 22.65 -34.23
CA MET B 358 -9.01 21.25 -33.83
C MET B 358 -10.42 20.70 -33.63
N PRO B 359 -10.74 19.56 -34.22
CA PRO B 359 -12.07 18.97 -34.07
C PRO B 359 -12.28 18.43 -32.66
N THR B 360 -13.51 17.99 -32.40
CA THR B 360 -13.88 17.52 -31.06
C THR B 360 -13.16 16.22 -30.72
N PHE B 361 -12.91 15.36 -31.70
CA PHE B 361 -12.36 14.04 -31.42
C PHE B 361 -10.89 14.12 -31.04
N PHE B 362 -10.18 15.14 -31.50
CA PHE B 362 -8.75 15.25 -31.31
C PHE B 362 -8.43 16.04 -30.05
N GLU B 363 -7.43 15.56 -29.32
CA GLU B 363 -6.90 16.24 -28.14
C GLU B 363 -5.57 16.91 -28.42
N THR B 364 -4.73 16.30 -29.26
CA THR B 364 -3.52 16.91 -29.77
C THR B 364 -3.64 16.96 -31.28
N PHE B 365 -3.60 18.17 -31.85
CA PHE B 365 -3.80 18.30 -33.28
C PHE B 365 -2.60 19.00 -33.90
N PRO B 366 -2.18 18.58 -35.09
CA PRO B 366 -1.13 19.30 -35.80
C PRO B 366 -1.58 20.70 -36.18
N VAL B 367 -0.71 21.68 -35.97
CA VAL B 367 -1.02 23.07 -36.27
C VAL B 367 -0.76 23.31 -37.75
N VAL B 368 -1.78 23.75 -38.47
CA VAL B 368 -1.68 23.99 -39.91
C VAL B 368 -2.29 25.37 -40.21
N LEU B 369 -1.47 26.26 -40.77
CA LEU B 369 -1.94 27.53 -41.29
C LEU B 369 -2.25 27.35 -42.78
N ILE B 370 -3.54 27.32 -43.10
CA ILE B 370 -4.04 27.05 -44.43
C ILE B 370 -4.76 28.29 -44.96
N ASP B 371 -4.65 28.54 -46.26
CA ASP B 371 -5.05 29.82 -46.84
C ASP B 371 -6.54 29.84 -47.17
N LYS B 372 -6.96 30.94 -47.82
CA LYS B 372 -8.35 31.10 -48.23
C LYS B 372 -8.75 30.06 -49.28
N ASP B 373 -7.82 29.70 -50.16
CA ASP B 373 -8.09 28.74 -51.22
C ASP B 373 -8.11 27.30 -50.75
N GLY B 374 -7.71 27.02 -49.52
CA GLY B 374 -7.69 25.66 -49.01
C GLY B 374 -6.41 24.90 -49.26
N VAL B 375 -5.31 25.60 -49.55
CA VAL B 375 -4.01 24.96 -49.78
C VAL B 375 -3.16 25.17 -48.53
N VAL B 376 -2.56 24.08 -48.03
CA VAL B 376 -1.74 24.16 -46.83
C VAL B 376 -0.49 24.98 -47.13
N ARG B 377 -0.34 26.09 -46.40
CA ARG B 377 0.76 27.02 -46.65
C ARG B 377 1.84 27.00 -45.57
N ALA B 378 1.48 26.76 -44.31
CA ALA B 378 2.48 26.73 -43.26
C ALA B 378 2.03 25.76 -42.17
N ASP B 379 2.97 25.36 -41.34
CA ASP B 379 2.66 24.50 -40.20
C ASP B 379 3.75 24.62 -39.16
N VAL B 380 3.53 23.97 -38.02
CA VAL B 380 4.59 23.76 -37.04
C VAL B 380 5.07 22.34 -37.29
N PRO B 381 6.13 22.16 -38.08
CA PRO B 381 6.48 20.81 -38.54
C PRO B 381 7.08 19.97 -37.43
N PHE B 382 6.60 18.72 -37.35
CA PHE B 382 7.20 17.76 -36.43
C PHE B 382 8.61 17.40 -36.86
N ARG B 383 8.89 17.43 -38.16
CA ARG B 383 10.20 17.02 -38.66
C ARG B 383 11.24 18.10 -38.44
N LYS B 384 10.98 19.31 -38.95
CA LYS B 384 11.89 20.47 -38.88
C LYS B 384 13.25 20.18 -39.53
N ALA B 385 13.29 19.16 -40.40
CA ALA B 385 14.45 18.80 -41.19
C ALA B 385 13.91 18.28 -42.50
N GLU B 386 14.35 18.87 -43.61
CA GLU B 386 13.71 18.73 -44.92
C GLU B 386 12.23 19.12 -44.84
N SER B 387 11.95 20.14 -44.03
CA SER B 387 10.61 20.65 -43.83
C SER B 387 10.33 21.77 -44.83
N LYS B 388 9.08 21.81 -45.31
CA LYS B 388 8.72 22.71 -46.39
C LYS B 388 7.74 23.80 -46.00
N TYR B 389 7.13 23.74 -44.83
CA TYR B 389 6.09 24.68 -44.43
C TYR B 389 6.35 25.26 -43.05
N SER B 390 7.61 25.40 -42.66
CA SER B 390 7.89 25.89 -41.31
C SER B 390 7.61 27.39 -41.22
N ILE B 391 7.49 27.85 -39.97
CA ILE B 391 7.05 29.22 -39.70
C ILE B 391 8.05 30.23 -40.24
N GLU B 392 9.34 30.01 -39.99
CA GLU B 392 10.35 30.96 -40.47
C GLU B 392 10.57 30.87 -41.97
N GLN B 393 10.33 29.71 -42.57
CA GLN B 393 10.45 29.61 -44.03
C GLN B 393 9.31 30.36 -44.73
N VAL B 394 8.08 30.16 -44.26
CA VAL B 394 6.95 30.86 -44.88
C VAL B 394 6.97 32.34 -44.54
N GLY B 395 7.43 32.69 -43.34
CA GLY B 395 7.47 34.08 -42.92
C GLY B 395 6.12 34.57 -42.43
N VAL B 396 5.61 33.92 -41.39
CA VAL B 396 4.26 34.18 -40.88
C VAL B 396 4.34 35.16 -39.72
N SER B 397 3.52 36.20 -39.77
CA SER B 397 3.37 37.18 -38.71
C SER B 397 1.93 37.19 -38.26
N VAL B 398 1.71 37.39 -36.96
CA VAL B 398 0.39 37.32 -36.35
C VAL B 398 0.01 38.68 -35.79
N THR B 399 -1.23 39.08 -36.01
CA THR B 399 -1.73 40.37 -35.53
C THR B 399 -3.04 40.16 -34.78
N PHE B 400 -3.38 41.13 -33.92
CA PHE B 400 -4.54 41.02 -33.05
C PHE B 400 -5.38 42.30 -33.09
N TYR B 401 -6.70 42.13 -33.07
CA TYR B 401 -7.63 43.25 -33.08
C TYR B 401 -8.75 42.98 -32.08
N GLY B 402 -9.18 44.03 -31.39
CA GLY B 402 -10.36 43.98 -30.55
C GLY B 402 -10.20 43.35 -29.19
N GLY B 403 -8.99 42.90 -28.83
CA GLY B 403 -8.78 42.34 -27.51
C GLY B 403 -7.85 43.19 -26.68
N GLU B 404 -7.20 42.57 -25.68
CA GLU B 404 -6.18 43.28 -24.92
C GLU B 404 -4.99 43.62 -25.81
N LEU B 405 -4.69 42.75 -26.77
CA LEU B 405 -3.72 43.04 -27.81
C LEU B 405 -4.49 43.59 -29.02
N ASN B 406 -4.19 44.84 -29.37
CA ASN B 406 -4.86 45.49 -30.49
C ASN B 406 -3.81 46.24 -31.31
N GLY B 407 -3.67 45.86 -32.58
CA GLY B 407 -2.64 46.45 -33.41
C GLY B 407 -1.25 45.93 -33.15
N LEU B 408 -1.11 44.87 -32.37
CA LEU B 408 0.19 44.31 -32.03
C LEU B 408 0.55 43.21 -33.02
N THR B 409 1.68 43.39 -33.70
CA THR B 409 2.15 42.44 -34.70
C THR B 409 3.38 41.71 -34.17
N PHE B 410 3.33 40.39 -34.16
CA PHE B 410 4.41 39.54 -33.70
C PHE B 410 4.98 38.78 -34.89
N THR B 411 6.31 38.80 -35.03
CA THR B 411 6.99 38.24 -36.18
C THR B 411 7.88 37.04 -35.83
N ASP B 412 8.45 37.01 -34.63
CA ASP B 412 9.39 35.97 -34.26
C ASP B 412 8.71 34.61 -34.20
N PRO B 413 9.37 33.56 -34.72
CA PRO B 413 8.72 32.23 -34.79
C PRO B 413 8.36 31.63 -33.45
N SER B 414 9.16 31.88 -32.41
CA SER B 414 8.87 31.31 -31.08
C SER B 414 7.55 31.81 -30.53
N THR B 415 7.18 33.05 -30.83
CA THR B 415 5.91 33.61 -30.40
C THR B 415 4.79 33.29 -31.38
N VAL B 416 5.08 33.28 -32.68
CA VAL B 416 4.06 32.99 -33.69
C VAL B 416 3.57 31.55 -33.53
N LYS B 417 4.48 30.61 -33.23
CA LYS B 417 4.08 29.21 -33.07
C LYS B 417 3.13 29.04 -31.90
N LYS B 418 3.42 29.68 -30.76
CA LYS B 418 2.56 29.50 -29.60
C LYS B 418 1.23 30.22 -29.78
N TYR B 419 1.20 31.36 -30.46
CA TYR B 419 -0.09 31.97 -30.73
C TYR B 419 -0.91 31.17 -31.73
N ALA B 420 -0.26 30.51 -32.70
CA ALA B 420 -0.98 29.62 -33.59
C ALA B 420 -1.53 28.41 -32.85
N ARG B 421 -0.76 27.90 -31.88
CA ARG B 421 -1.25 26.80 -31.06
C ARG B 421 -2.46 27.23 -30.23
N LYS B 422 -2.42 28.45 -29.70
CA LYS B 422 -3.58 28.96 -28.96
C LYS B 422 -4.78 29.17 -29.88
N ALA B 423 -4.54 29.66 -31.10
CA ALA B 423 -5.62 29.87 -32.06
C ALA B 423 -6.19 28.56 -32.59
N GLN B 424 -5.43 27.45 -32.47
CA GLN B 424 -5.93 26.14 -32.89
C GLN B 424 -7.15 25.73 -32.08
N LEU B 425 -7.26 26.20 -30.84
CA LEU B 425 -8.40 25.90 -29.98
C LEU B 425 -9.59 26.81 -30.22
N GLY B 426 -9.50 27.71 -31.20
CA GLY B 426 -10.57 28.66 -31.45
C GLY B 426 -10.14 30.07 -31.13
N GLU B 427 -11.02 30.85 -30.50
CA GLU B 427 -10.65 32.18 -30.06
C GLU B 427 -9.65 32.10 -28.91
N ILE B 428 -8.76 33.09 -28.84
CA ILE B 428 -7.65 33.08 -27.89
C ILE B 428 -8.05 33.90 -26.67
N PHE B 429 -7.97 33.29 -25.50
CA PHE B 429 -8.27 33.94 -24.24
C PHE B 429 -7.12 33.71 -23.27
N GLU B 430 -7.00 34.61 -22.30
CA GLU B 430 -6.01 34.47 -21.24
C GLU B 430 -6.66 33.93 -19.98
N PHE B 431 -5.92 33.10 -19.26
CA PHE B 431 -6.45 32.37 -18.11
C PHE B 431 -5.56 32.57 -16.90
N ASP B 432 -6.17 32.92 -15.77
CA ASP B 432 -5.49 32.92 -14.48
C ASP B 432 -5.54 31.51 -13.95
N ARG B 433 -4.38 30.85 -13.90
CA ARG B 433 -4.28 29.48 -13.43
C ARG B 433 -3.72 29.37 -12.02
N SER B 434 -3.41 30.50 -11.38
CA SER B 434 -2.83 30.48 -10.04
C SER B 434 -3.88 30.56 -8.94
N THR B 435 -5.11 30.97 -9.27
CA THR B 435 -6.15 31.09 -8.25
C THR B 435 -6.60 29.71 -7.76
N LEU B 436 -6.91 28.80 -8.68
CA LEU B 436 -7.39 27.47 -8.34
C LEU B 436 -6.38 26.37 -8.63
N GLN B 437 -5.18 26.72 -9.08
CA GLN B 437 -4.10 25.77 -9.41
C GLN B 437 -4.57 24.74 -10.43
N SER B 438 -4.93 25.25 -11.62
CA SER B 438 -5.43 24.40 -12.68
C SER B 438 -4.34 23.50 -13.24
N ASP B 439 -4.73 22.30 -13.65
CA ASP B 439 -3.80 21.30 -14.14
C ASP B 439 -3.44 21.44 -15.60
N GLY B 440 -4.33 21.98 -16.43
CA GLY B 440 -4.04 22.23 -17.82
C GLY B 440 -4.82 21.42 -18.84
N VAL B 441 -5.66 20.49 -18.40
CA VAL B 441 -6.46 19.67 -19.31
C VAL B 441 -7.91 20.15 -19.27
N PHE B 442 -8.59 19.99 -20.41
CA PHE B 442 -9.96 20.46 -20.53
C PHE B 442 -10.91 19.57 -19.75
N ARG B 443 -11.97 20.17 -19.20
CA ARG B 443 -12.97 19.48 -18.41
C ARG B 443 -14.27 19.37 -19.20
N SER B 444 -15.29 18.82 -18.54
CA SER B 444 -16.59 18.59 -19.15
C SER B 444 -17.63 19.53 -18.56
N SER B 445 -18.62 19.86 -19.38
CA SER B 445 -19.68 20.76 -18.99
C SER B 445 -20.65 20.09 -18.02
N PRO B 446 -21.40 20.88 -17.25
CA PRO B 446 -22.55 20.31 -16.53
C PRO B 446 -23.54 19.63 -17.46
N ARG B 447 -23.71 20.15 -18.68
CA ARG B 447 -24.53 19.47 -19.68
C ARG B 447 -23.97 18.09 -20.01
N GLY B 448 -22.65 17.99 -20.19
CA GLY B 448 -22.04 16.71 -20.48
C GLY B 448 -22.15 15.73 -19.33
N TRP B 449 -21.92 16.21 -18.11
CA TRP B 449 -22.03 15.33 -16.94
C TRP B 449 -23.47 14.87 -16.74
N PHE B 450 -24.45 15.78 -16.95
CA PHE B 450 -25.86 15.43 -16.88
C PHE B 450 -26.21 14.34 -17.89
N THR B 451 -25.80 14.53 -19.14
CA THR B 451 -26.13 13.55 -20.18
C THR B 451 -25.46 12.21 -19.93
N PHE B 452 -24.20 12.21 -19.49
CA PHE B 452 -23.49 10.96 -19.22
C PHE B 452 -24.16 10.20 -18.08
N GLY B 453 -24.42 10.88 -16.96
CA GLY B 453 -25.06 10.23 -15.82
C GLY B 453 -26.44 9.73 -16.15
N HIS B 454 -27.22 10.52 -16.89
CA HIS B 454 -28.59 10.11 -17.20
C HIS B 454 -28.65 8.98 -18.21
N LEU B 455 -27.70 8.94 -19.17
CA LEU B 455 -27.68 7.80 -20.09
C LEU B 455 -27.25 6.52 -19.39
N SER B 456 -26.26 6.61 -18.50
CA SER B 456 -25.84 5.42 -17.74
C SER B 456 -26.98 4.92 -16.86
N PHE B 457 -27.66 5.85 -16.17
CA PHE B 457 -28.81 5.48 -15.36
C PHE B 457 -29.96 4.95 -16.21
N ALA B 458 -30.09 5.46 -17.45
CA ALA B 458 -31.15 4.97 -18.33
C ALA B 458 -30.92 3.53 -18.74
N LEU B 459 -29.68 3.16 -19.06
CA LEU B 459 -29.41 1.75 -19.35
C LEU B 459 -29.59 0.87 -18.11
N LEU B 460 -29.13 1.35 -16.95
CA LEU B 460 -29.30 0.60 -15.72
C LEU B 460 -30.79 0.38 -15.42
N PHE B 461 -31.61 1.38 -15.67
CA PHE B 461 -33.04 1.23 -15.43
C PHE B 461 -33.73 0.45 -16.54
N PHE B 462 -33.14 0.37 -17.73
CA PHE B 462 -33.61 -0.61 -18.70
C PHE B 462 -33.44 -2.02 -18.16
N PHE B 463 -32.27 -2.31 -17.57
CA PHE B 463 -32.06 -3.62 -16.95
C PHE B 463 -33.00 -3.84 -15.79
N GLY B 464 -33.22 -2.81 -14.98
CA GLY B 464 -34.15 -2.93 -13.85
C GLY B 464 -35.56 -3.21 -14.30
N HIS B 465 -36.01 -2.55 -15.38
CA HIS B 465 -37.33 -2.82 -15.92
C HIS B 465 -37.43 -4.24 -16.46
N ILE B 466 -36.36 -4.73 -17.11
CA ILE B 466 -36.34 -6.13 -17.57
C ILE B 466 -36.48 -7.09 -16.39
N TRP B 467 -35.68 -6.89 -15.35
CA TRP B 467 -35.70 -7.79 -14.20
C TRP B 467 -37.05 -7.78 -13.51
N HIS B 468 -37.64 -6.59 -13.33
CA HIS B 468 -38.92 -6.51 -12.64
C HIS B 468 -40.05 -7.04 -13.51
N GLY B 469 -40.01 -6.83 -14.83
CA GLY B 469 -41.03 -7.39 -15.70
C GLY B 469 -40.95 -8.91 -15.74
N SER B 470 -39.73 -9.46 -15.71
CA SER B 470 -39.56 -10.90 -15.61
C SER B 470 -40.15 -11.43 -14.31
N ARG B 471 -39.89 -10.73 -13.20
CA ARG B 471 -40.48 -11.14 -11.93
C ARG B 471 -42.00 -10.97 -11.94
N THR B 472 -42.50 -10.00 -12.72
CA THR B 472 -43.94 -9.77 -12.82
C THR B 472 -44.63 -10.91 -13.54
N ILE B 473 -44.13 -11.27 -14.73
CA ILE B 473 -44.77 -12.32 -15.52
C ILE B 473 -44.55 -13.68 -14.88
N PHE B 474 -43.38 -13.91 -14.29
CA PHE B 474 -42.98 -15.21 -13.80
C PHE B 474 -42.97 -15.25 -12.27
N ARG B 475 -43.99 -14.62 -11.66
CA ARG B 475 -44.05 -14.53 -10.20
C ARG B 475 -44.30 -15.89 -9.56
N ASP B 476 -45.11 -16.74 -10.18
CA ASP B 476 -45.44 -18.02 -9.57
C ASP B 476 -44.29 -19.01 -9.63
N VAL B 477 -43.39 -18.88 -10.61
CA VAL B 477 -42.28 -19.80 -10.77
C VAL B 477 -40.97 -19.19 -10.28
N PHE B 478 -41.05 -18.18 -9.40
CA PHE B 478 -39.84 -17.54 -8.89
C PHE B 478 -39.04 -18.44 -7.96
N ALA B 479 -39.67 -19.45 -7.36
CA ALA B 479 -38.97 -20.36 -6.48
C ALA B 479 -38.53 -21.66 -7.16
N GLY B 480 -38.86 -21.84 -8.43
CA GLY B 480 -38.49 -23.03 -9.16
C GLY B 480 -39.55 -23.39 -10.17
N ILE B 481 -39.62 -24.69 -10.49
CA ILE B 481 -40.58 -25.20 -11.46
C ILE B 481 -41.54 -26.14 -10.74
N ASP B 482 -42.65 -26.45 -11.42
CA ASP B 482 -43.70 -27.27 -10.82
C ASP B 482 -43.36 -28.75 -10.77
N GLU B 483 -42.41 -29.22 -11.59
CA GLU B 483 -41.91 -30.59 -11.68
C GLU B 483 -42.97 -31.58 -12.17
N ASP B 484 -44.18 -31.12 -12.51
CA ASP B 484 -45.24 -32.01 -12.96
C ASP B 484 -45.38 -31.96 -14.48
N SER C 1 -7.24 -23.49 -71.70
CA SER C 1 -5.93 -23.99 -72.09
C SER C 1 -5.86 -25.51 -71.96
N LEU C 2 -4.93 -26.12 -72.69
CA LEU C 2 -4.75 -27.57 -72.63
C LEU C 2 -4.28 -28.00 -71.25
N THR C 3 -3.37 -27.23 -70.64
CA THR C 3 -2.89 -27.55 -69.30
C THR C 3 -4.01 -27.47 -68.27
N LEU C 4 -4.87 -26.44 -68.37
CA LEU C 4 -6.00 -26.32 -67.46
C LEU C 4 -6.99 -27.45 -67.64
N ILE C 5 -7.25 -27.85 -68.89
CA ILE C 5 -8.18 -28.94 -69.17
C ILE C 5 -7.65 -30.25 -68.59
N LEU C 6 -6.36 -30.52 -68.81
CA LEU C 6 -5.77 -31.75 -68.26
C LEU C 6 -5.74 -31.73 -66.74
N GLN C 7 -5.46 -30.56 -66.15
CA GLN C 7 -5.50 -30.44 -64.69
C GLN C 7 -6.89 -30.72 -64.15
N LEU C 8 -7.92 -30.19 -64.80
CA LEU C 8 -9.28 -30.39 -64.34
C LEU C 8 -9.73 -31.85 -64.50
N VAL C 9 -9.35 -32.47 -65.62
CA VAL C 9 -9.71 -33.88 -65.83
C VAL C 9 -8.99 -34.77 -64.82
N ALA C 10 -7.70 -34.53 -64.58
CA ALA C 10 -6.97 -35.31 -63.59
C ALA C 10 -7.53 -35.10 -62.20
N LEU C 11 -7.84 -33.85 -61.84
CA LEU C 11 -8.42 -33.56 -60.53
C LEU C 11 -9.77 -34.25 -60.35
N PHE C 12 -10.63 -34.20 -61.37
CA PHE C 12 -11.95 -34.84 -61.29
C PHE C 12 -11.83 -36.35 -61.20
N ALA C 13 -10.91 -36.94 -61.98
CA ALA C 13 -10.71 -38.39 -61.93
C ALA C 13 -10.19 -38.83 -60.57
N VAL C 14 -9.29 -38.06 -59.97
CA VAL C 14 -8.79 -38.43 -58.64
C VAL C 14 -9.87 -38.23 -57.59
N VAL C 15 -10.56 -37.08 -57.60
CA VAL C 15 -11.50 -36.78 -56.53
C VAL C 15 -12.73 -37.69 -56.64
N ALA C 16 -13.02 -38.23 -57.82
CA ALA C 16 -14.11 -39.17 -57.97
C ALA C 16 -13.71 -40.60 -57.62
N ALA C 17 -12.41 -40.88 -57.48
CA ALA C 17 -11.95 -42.25 -57.23
C ALA C 17 -12.41 -42.76 -55.88
N GLY C 18 -12.39 -41.92 -54.85
CA GLY C 18 -12.87 -42.27 -53.54
C GLY C 18 -14.35 -42.61 -53.51
N PRO C 19 -15.19 -41.67 -53.95
CA PRO C 19 -16.61 -42.00 -54.09
C PRO C 19 -16.88 -43.18 -55.01
N LEU C 20 -16.08 -43.37 -56.07
CA LEU C 20 -16.28 -44.51 -56.95
C LEU C 20 -16.10 -45.83 -56.22
N VAL C 21 -15.00 -45.96 -55.46
CA VAL C 21 -14.74 -47.22 -54.77
C VAL C 21 -15.76 -47.44 -53.64
N VAL C 22 -16.15 -46.37 -52.94
CA VAL C 22 -17.13 -46.57 -51.86
C VAL C 22 -18.51 -46.94 -52.41
N VAL C 23 -18.96 -46.29 -53.50
CA VAL C 23 -20.25 -46.66 -54.08
C VAL C 23 -20.19 -48.07 -54.66
N LEU C 24 -19.09 -48.43 -55.33
CA LEU C 24 -18.97 -49.77 -55.89
C LEU C 24 -18.94 -50.83 -54.81
N LEU C 25 -18.33 -50.54 -53.65
CA LEU C 25 -18.33 -51.50 -52.56
C LEU C 25 -19.69 -51.57 -51.87
N SER C 26 -20.40 -50.44 -51.78
CA SER C 26 -21.72 -50.44 -51.17
C SER C 26 -22.74 -51.22 -52.02
N VAL C 27 -22.67 -51.06 -53.35
CA VAL C 27 -23.62 -51.76 -54.22
C VAL C 27 -23.15 -53.16 -54.60
N ARG C 28 -21.86 -53.46 -54.44
CA ARG C 28 -21.33 -54.78 -54.77
C ARG C 28 -21.10 -55.53 -53.47
N GLY C 29 -22.18 -56.13 -52.97
CA GLY C 29 -22.10 -56.89 -51.73
C GLY C 29 -22.03 -56.02 -50.49
N GLY C 30 -20.86 -55.96 -49.87
CA GLY C 30 -20.69 -55.20 -48.65
C GLY C 30 -19.28 -55.22 -48.12
N ASN C 31 -19.14 -55.50 -46.82
CA ASN C 31 -17.85 -55.59 -46.11
C ASN C 31 -17.07 -54.28 -46.22
N LEU C 32 -17.69 -53.21 -45.71
CA LEU C 32 -17.05 -51.92 -45.65
C LEU C 32 -17.42 -51.25 -44.32
N GLY D 1 -14.48 -53.44 -40.59
CA GLY D 1 -14.23 -52.96 -39.24
C GLY D 1 -15.31 -53.39 -38.26
N ARG D 2 -15.19 -52.91 -37.03
CA ARG D 2 -16.15 -53.22 -35.98
C ARG D 2 -17.09 -52.05 -35.76
N ASP D 3 -17.93 -52.13 -34.73
CA ASP D 3 -18.91 -51.09 -34.46
C ASP D 3 -18.78 -50.56 -33.03
N GLN D 4 -19.74 -49.73 -32.61
CA GLN D 4 -19.68 -49.14 -31.28
C GLN D 4 -19.96 -50.16 -30.20
N GLU D 5 -20.97 -51.02 -30.41
CA GLU D 5 -21.39 -51.96 -29.37
C GLU D 5 -20.34 -53.03 -29.11
N THR D 6 -19.69 -53.52 -30.16
CA THR D 6 -18.74 -54.61 -30.01
C THR D 6 -17.39 -54.17 -29.46
N THR D 7 -17.09 -52.86 -29.48
CA THR D 7 -15.81 -52.36 -28.99
C THR D 7 -15.92 -51.31 -27.91
N GLY D 8 -17.02 -50.56 -27.82
CA GLY D 8 -17.13 -49.50 -26.86
C GLY D 8 -16.52 -48.18 -27.28
N PHE D 9 -15.93 -48.12 -28.47
CA PHE D 9 -15.31 -46.91 -28.99
C PHE D 9 -16.14 -46.37 -30.14
N ALA D 10 -16.43 -45.08 -30.11
CA ALA D 10 -17.22 -44.45 -31.14
C ALA D 10 -16.40 -44.26 -32.41
N TRP D 11 -17.09 -43.84 -33.48
CA TRP D 11 -16.45 -43.68 -34.78
C TRP D 11 -15.36 -42.61 -34.74
N TRP D 12 -15.61 -41.51 -34.01
CA TRP D 12 -14.61 -40.46 -33.86
C TRP D 12 -13.46 -40.87 -32.94
N ALA D 13 -13.47 -42.11 -32.42
CA ALA D 13 -12.34 -42.73 -31.76
C ALA D 13 -12.08 -44.10 -32.36
N GLY D 14 -12.36 -44.25 -33.66
CA GLY D 14 -12.36 -45.55 -34.30
C GLY D 14 -11.02 -46.26 -34.30
N ASN D 15 -9.93 -45.51 -34.38
CA ASN D 15 -8.60 -46.12 -34.31
C ASN D 15 -8.35 -46.79 -32.97
N ALA D 16 -9.02 -46.33 -31.91
CA ALA D 16 -8.93 -47.03 -30.63
C ALA D 16 -9.47 -48.46 -30.74
N ARG D 17 -10.42 -48.68 -31.64
CA ARG D 17 -10.93 -50.02 -31.91
C ARG D 17 -9.84 -50.97 -32.40
N LEU D 18 -8.77 -50.43 -32.98
CA LEU D 18 -7.64 -51.23 -33.41
C LEU D 18 -6.43 -51.08 -32.47
N ILE D 19 -6.69 -50.78 -31.19
CA ILE D 19 -5.62 -50.80 -30.19
C ILE D 19 -5.12 -52.23 -29.99
N ASN D 20 -6.03 -53.18 -29.82
CA ASN D 20 -5.67 -54.56 -29.52
C ASN D 20 -5.58 -55.44 -30.76
N LEU D 21 -5.88 -54.92 -31.94
CA LEU D 21 -5.81 -55.68 -33.19
C LEU D 21 -4.45 -55.41 -33.83
N SER D 22 -3.55 -56.39 -33.73
CA SER D 22 -2.19 -56.21 -34.20
C SER D 22 -2.11 -56.10 -35.72
N GLY D 23 -2.88 -56.94 -36.44
CA GLY D 23 -2.84 -56.88 -37.89
C GLY D 23 -3.40 -55.58 -38.45
N LYS D 24 -4.53 -55.12 -37.89
CA LYS D 24 -5.09 -53.86 -38.34
C LYS D 24 -4.21 -52.68 -37.91
N LEU D 25 -3.55 -52.80 -36.75
CA LEU D 25 -2.55 -51.81 -36.35
C LEU D 25 -1.43 -51.71 -37.37
N LEU D 26 -0.91 -52.86 -37.80
CA LEU D 26 0.17 -52.87 -38.78
C LEU D 26 -0.31 -52.32 -40.12
N GLY D 27 -1.54 -52.64 -40.50
CA GLY D 27 -2.07 -52.11 -41.75
C GLY D 27 -2.22 -50.61 -41.74
N ALA D 28 -2.74 -50.06 -40.64
CA ALA D 28 -2.86 -48.62 -40.50
C ALA D 28 -1.48 -47.96 -40.52
N HIS D 29 -0.50 -48.57 -39.85
CA HIS D 29 0.84 -48.01 -39.83
C HIS D 29 1.49 -48.00 -41.21
N VAL D 30 1.37 -49.11 -41.95
CA VAL D 30 2.01 -49.19 -43.26
C VAL D 30 1.31 -48.28 -44.26
N ALA D 31 -0.03 -48.17 -44.17
CA ALA D 31 -0.74 -47.23 -45.03
C ALA D 31 -0.37 -45.79 -44.72
N HIS D 32 -0.15 -45.49 -43.42
CA HIS D 32 0.29 -44.15 -43.04
C HIS D 32 1.70 -43.86 -43.55
N ALA D 33 2.59 -44.84 -43.48
CA ALA D 33 3.93 -44.65 -44.02
C ALA D 33 3.87 -44.41 -45.53
N GLY D 34 2.97 -45.13 -46.21
CA GLY D 34 2.74 -44.85 -47.62
C GLY D 34 2.24 -43.44 -47.86
N LEU D 35 1.38 -42.93 -46.97
CA LEU D 35 0.92 -41.55 -47.08
C LEU D 35 2.07 -40.55 -46.92
N ILE D 36 2.96 -40.81 -45.97
CA ILE D 36 4.09 -39.91 -45.72
C ILE D 36 5.03 -39.88 -46.92
N VAL D 37 5.39 -41.05 -47.44
CA VAL D 37 6.27 -41.10 -48.61
C VAL D 37 5.55 -40.55 -49.84
N PHE D 38 4.22 -40.69 -49.89
CA PHE D 38 3.44 -40.11 -50.97
C PHE D 38 3.52 -38.59 -50.94
N TRP D 39 3.41 -37.99 -49.75
CA TRP D 39 3.55 -36.54 -49.68
C TRP D 39 4.95 -36.11 -50.07
N ALA D 40 5.97 -36.87 -49.64
CA ALA D 40 7.35 -36.53 -50.00
C ALA D 40 7.53 -36.54 -51.52
N GLY D 41 7.12 -37.63 -52.17
CA GLY D 41 7.27 -37.72 -53.62
C GLY D 41 6.42 -36.73 -54.38
N ALA D 42 5.15 -36.57 -53.98
CA ALA D 42 4.25 -35.66 -54.67
C ALA D 42 4.69 -34.21 -54.52
N MET D 43 5.14 -33.81 -53.33
CA MET D 43 5.64 -32.47 -53.15
C MET D 43 6.94 -32.24 -53.89
N ASN D 44 7.80 -33.27 -53.98
CA ASN D 44 9.03 -33.14 -54.76
C ASN D 44 8.70 -32.92 -56.23
N LEU D 45 7.77 -33.70 -56.78
CA LEU D 45 7.38 -33.52 -58.18
C LEU D 45 6.71 -32.18 -58.41
N PHE D 46 5.84 -31.75 -57.50
CA PHE D 46 5.18 -30.46 -57.64
C PHE D 46 6.19 -29.31 -57.60
N GLU D 47 7.17 -29.41 -56.70
CA GLU D 47 8.16 -28.35 -56.58
C GLU D 47 9.10 -28.31 -57.78
N VAL D 48 9.50 -29.47 -58.30
CA VAL D 48 10.36 -29.45 -59.49
C VAL D 48 9.56 -29.08 -60.74
N SER D 49 8.24 -29.30 -60.74
CA SER D 49 7.44 -28.80 -61.85
C SER D 49 7.23 -27.30 -61.76
N HIS D 50 7.26 -26.75 -60.54
CA HIS D 50 7.13 -25.32 -60.32
C HIS D 50 8.47 -24.67 -59.96
N PHE D 51 9.58 -25.25 -60.37
CA PHE D 51 10.90 -24.70 -60.05
C PHE D 51 11.39 -23.81 -61.19
N VAL D 52 11.89 -22.64 -60.81
CA VAL D 52 12.43 -21.66 -61.75
C VAL D 52 13.93 -21.56 -61.51
N PRO D 53 14.77 -21.76 -62.52
CA PRO D 53 16.23 -21.81 -62.28
C PRO D 53 16.87 -20.45 -62.05
N GLU D 54 16.41 -19.40 -62.72
CA GLU D 54 17.04 -18.09 -62.59
C GLU D 54 16.62 -17.34 -61.33
N LYS D 55 15.92 -17.98 -60.41
CA LYS D 55 15.57 -17.41 -59.12
C LYS D 55 16.08 -18.30 -57.99
N PRO D 56 16.44 -17.72 -56.85
CA PRO D 56 16.80 -18.55 -55.69
C PRO D 56 15.60 -19.31 -55.17
N MET D 57 15.88 -20.47 -54.57
CA MET D 57 14.81 -21.37 -54.15
C MET D 57 13.99 -20.82 -52.99
N TYR D 58 14.51 -19.88 -52.21
CA TYR D 58 13.72 -19.32 -51.13
C TYR D 58 12.67 -18.33 -51.62
N GLU D 59 12.84 -17.78 -52.82
CA GLU D 59 11.83 -16.90 -53.40
C GLU D 59 10.68 -17.66 -54.04
N GLN D 60 10.85 -18.95 -54.32
CA GLN D 60 9.89 -19.73 -55.06
C GLN D 60 9.00 -20.60 -54.16
N GLY D 61 9.15 -20.51 -52.85
CA GLY D 61 8.33 -21.27 -51.93
C GLY D 61 8.55 -22.77 -51.92
N LEU D 62 9.81 -23.20 -51.90
CA LEU D 62 10.16 -24.62 -51.84
C LEU D 62 10.79 -24.96 -50.50
N ILE D 63 10.46 -26.15 -50.01
CA ILE D 63 10.98 -26.64 -48.73
C ILE D 63 11.65 -28.01 -48.85
N LEU D 64 11.36 -28.80 -49.87
CA LEU D 64 11.97 -30.12 -50.02
C LEU D 64 13.22 -30.08 -50.89
N LEU D 65 13.18 -29.33 -51.99
CA LEU D 65 14.38 -29.13 -52.78
C LEU D 65 15.53 -28.48 -52.01
N PRO D 66 15.32 -27.51 -51.10
CA PRO D 66 16.43 -27.13 -50.21
C PRO D 66 16.96 -28.29 -49.37
N HIS D 67 16.07 -29.19 -48.92
CA HIS D 67 16.52 -30.35 -48.15
C HIS D 67 17.41 -31.27 -48.98
N ILE D 68 17.04 -31.51 -50.24
CA ILE D 68 17.87 -32.36 -51.09
C ILE D 68 19.14 -31.64 -51.52
N ALA D 69 19.06 -30.32 -51.75
CA ALA D 69 20.23 -29.56 -52.18
C ALA D 69 21.25 -29.40 -51.06
N THR D 70 20.80 -29.44 -49.80
CA THR D 70 21.73 -29.38 -48.69
C THR D 70 22.65 -30.59 -48.69
N LEU D 71 22.13 -31.76 -49.06
CA LEU D 71 22.94 -32.96 -49.19
C LEU D 71 23.91 -32.90 -50.35
N GLY D 72 23.78 -31.94 -51.25
CA GLY D 72 24.71 -31.78 -52.35
C GLY D 72 24.31 -32.51 -53.61
N TYR D 73 23.09 -32.27 -54.09
CA TYR D 73 22.59 -32.88 -55.32
C TYR D 73 22.17 -31.78 -56.27
N GLY D 74 22.81 -31.73 -57.44
CA GLY D 74 22.46 -30.75 -58.45
C GLY D 74 22.81 -29.32 -58.10
N VAL D 75 23.80 -29.10 -57.22
CA VAL D 75 24.21 -27.76 -56.83
C VAL D 75 25.73 -27.65 -56.96
N GLY D 76 26.17 -26.44 -57.25
CA GLY D 76 27.59 -26.16 -57.39
C GLY D 76 28.06 -25.11 -56.40
N PRO D 77 29.17 -24.44 -56.71
CA PRO D 77 29.67 -23.39 -55.82
C PRO D 77 28.73 -22.20 -55.78
N GLY D 78 28.67 -21.56 -54.61
CA GLY D 78 27.83 -20.40 -54.42
C GLY D 78 26.36 -20.69 -54.20
N GLY D 79 25.97 -21.97 -54.13
CA GLY D 79 24.59 -22.33 -53.94
C GLY D 79 23.74 -22.37 -55.18
N GLU D 80 24.31 -22.10 -56.35
CA GLU D 80 23.55 -22.14 -57.58
C GLU D 80 23.21 -23.57 -57.96
N VAL D 81 22.08 -23.74 -58.62
CA VAL D 81 21.58 -25.05 -59.01
C VAL D 81 22.12 -25.41 -60.38
N LEU D 82 22.59 -26.66 -60.52
CA LEU D 82 23.12 -27.16 -61.77
C LEU D 82 22.22 -28.17 -62.45
N ASP D 83 21.38 -28.89 -61.70
CA ASP D 83 20.51 -29.90 -62.27
C ASP D 83 19.37 -30.20 -61.30
N THR D 84 18.17 -30.41 -61.85
CA THR D 84 17.01 -30.79 -61.08
C THR D 84 16.67 -32.27 -61.21
N PHE D 85 17.41 -32.98 -62.06
CA PHE D 85 17.20 -34.42 -62.22
C PHE D 85 17.38 -35.23 -60.94
N PRO D 86 18.37 -34.97 -60.05
CA PRO D 86 18.37 -35.69 -58.76
C PRO D 86 17.11 -35.48 -57.93
N TYR D 87 16.57 -34.27 -57.91
CA TYR D 87 15.32 -34.02 -57.20
C TYR D 87 14.16 -34.78 -57.84
N PHE D 88 14.12 -34.80 -59.17
CA PHE D 88 13.08 -35.55 -59.88
C PHE D 88 13.18 -37.05 -59.59
N VAL D 89 14.41 -37.58 -59.56
CA VAL D 89 14.62 -39.00 -59.27
C VAL D 89 14.16 -39.33 -57.85
N SER D 90 14.49 -38.46 -56.89
CA SER D 90 14.06 -38.67 -55.52
C SER D 90 12.54 -38.66 -55.42
N GLY D 91 11.88 -37.73 -56.12
CA GLY D 91 10.43 -37.67 -56.10
C GLY D 91 9.77 -38.90 -56.70
N VAL D 92 10.30 -39.37 -57.83
CA VAL D 92 9.71 -40.54 -58.48
C VAL D 92 9.93 -41.79 -57.64
N LEU D 93 11.12 -41.95 -57.06
CA LEU D 93 11.39 -43.10 -56.20
C LEU D 93 10.49 -43.09 -54.98
N HIS D 94 10.27 -41.91 -54.40
CA HIS D 94 9.36 -41.82 -53.26
C HIS D 94 7.92 -42.14 -53.67
N LEU D 95 7.50 -41.72 -54.86
CA LEU D 95 6.14 -42.05 -55.30
C LEU D 95 5.95 -43.55 -55.50
N ILE D 96 6.95 -44.22 -56.09
CA ILE D 96 6.84 -45.67 -56.30
C ILE D 96 6.85 -46.41 -54.97
N SER D 97 7.75 -46.00 -54.05
CA SER D 97 7.78 -46.62 -52.72
C SER D 97 6.48 -46.36 -51.96
N SER D 98 5.87 -45.20 -52.19
CA SER D 98 4.58 -44.90 -51.59
C SER D 98 3.50 -45.81 -52.13
N ALA D 99 3.54 -46.11 -53.43
CA ALA D 99 2.58 -47.05 -54.01
C ALA D 99 2.71 -48.42 -53.37
N VAL D 100 3.95 -48.88 -53.20
CA VAL D 100 4.19 -50.20 -52.59
C VAL D 100 3.70 -50.22 -51.15
N LEU D 101 4.05 -49.19 -50.37
CA LEU D 101 3.64 -49.12 -48.97
C LEU D 101 2.13 -48.99 -48.84
N GLY D 102 1.49 -48.23 -49.73
CA GLY D 102 0.06 -48.09 -49.68
C GLY D 102 -0.66 -49.38 -49.99
N PHE D 103 -0.14 -50.14 -50.96
CA PHE D 103 -0.71 -51.46 -51.25
C PHE D 103 -0.61 -52.37 -50.04
N GLY D 104 0.56 -52.39 -49.38
CA GLY D 104 0.72 -53.22 -48.20
C GLY D 104 -0.20 -52.83 -47.06
N GLY D 105 -0.29 -51.52 -46.79
CA GLY D 105 -1.17 -51.05 -45.73
C GLY D 105 -2.63 -51.33 -46.00
N VAL D 106 -3.07 -51.13 -47.25
CA VAL D 106 -4.46 -51.40 -47.61
C VAL D 106 -4.75 -52.90 -47.50
N TYR D 107 -3.81 -53.75 -47.93
CA TYR D 107 -4.02 -55.19 -47.87
C TYR D 107 -4.15 -55.67 -46.43
N HIS D 108 -3.24 -55.24 -45.55
CA HIS D 108 -3.37 -55.62 -44.13
C HIS D 108 -4.62 -55.01 -43.49
N SER D 109 -4.99 -53.79 -43.88
CA SER D 109 -6.17 -53.17 -43.29
C SER D 109 -7.45 -53.90 -43.68
N LEU D 110 -7.55 -54.34 -44.94
CA LEU D 110 -8.80 -54.92 -45.42
C LEU D 110 -8.84 -56.44 -45.22
N ILE D 111 -7.91 -57.18 -45.82
CA ILE D 111 -7.98 -58.63 -45.77
C ILE D 111 -6.76 -59.26 -45.12
N GLY D 112 -5.98 -58.48 -44.38
CA GLY D 112 -4.89 -59.03 -43.62
C GLY D 112 -5.41 -59.76 -42.40
N PRO D 113 -4.57 -60.57 -41.76
CA PRO D 113 -5.00 -61.24 -40.53
C PRO D 113 -5.33 -60.25 -39.43
N GLU D 114 -6.38 -60.55 -38.66
CA GLU D 114 -6.83 -59.65 -37.61
C GLU D 114 -5.85 -59.62 -36.45
N THR D 115 -5.34 -60.77 -36.05
CA THR D 115 -4.38 -60.88 -34.95
C THR D 115 -3.22 -61.74 -35.41
N LEU D 116 -2.01 -61.25 -35.20
CA LEU D 116 -0.80 -61.94 -35.64
C LEU D 116 -0.22 -62.87 -34.59
N GLU D 117 -0.76 -62.88 -33.37
CA GLU D 117 -0.12 -63.62 -32.29
C GLU D 117 -0.25 -65.14 -32.47
N GLU D 118 -1.40 -65.62 -32.91
CA GLU D 118 -1.61 -67.07 -32.99
C GLU D 118 -1.05 -67.69 -34.26
N SER D 119 -0.63 -66.89 -35.23
CA SER D 119 -0.12 -67.42 -36.50
C SER D 119 1.27 -66.93 -36.85
N TYR D 120 1.68 -65.76 -36.39
CA TYR D 120 3.00 -65.19 -36.67
C TYR D 120 3.62 -64.77 -35.35
N PRO D 121 4.22 -65.70 -34.61
CA PRO D 121 4.76 -65.37 -33.28
C PRO D 121 5.87 -64.34 -33.28
N PHE D 122 6.59 -64.19 -34.40
CA PHE D 122 7.65 -63.18 -34.45
C PHE D 122 7.06 -61.77 -34.47
N PHE D 123 5.98 -61.57 -35.23
CA PHE D 123 5.33 -60.28 -35.31
C PHE D 123 4.19 -60.11 -34.31
N GLY D 124 3.84 -61.15 -33.57
CA GLY D 124 2.80 -61.03 -32.57
C GLY D 124 3.30 -60.37 -31.31
N TYR D 125 2.43 -59.57 -30.69
CA TYR D 125 2.80 -58.87 -29.48
C TYR D 125 1.56 -58.50 -28.69
N VAL D 126 1.69 -58.53 -27.37
CA VAL D 126 0.71 -57.97 -26.46
C VAL D 126 1.40 -56.81 -25.74
N TRP D 127 0.60 -55.83 -25.33
CA TRP D 127 1.15 -54.58 -24.80
C TRP D 127 1.89 -54.77 -23.48
N LYS D 128 1.61 -55.83 -22.75
CA LYS D 128 2.30 -56.10 -21.48
C LYS D 128 3.55 -56.96 -21.66
N ASP D 129 3.83 -57.43 -22.87
CA ASP D 129 5.04 -58.20 -23.14
C ASP D 129 6.19 -57.23 -23.37
N LYS D 130 6.75 -56.75 -22.25
CA LYS D 130 7.79 -55.74 -22.28
C LYS D 130 9.03 -56.21 -23.04
N ASN D 131 9.33 -57.50 -22.99
CA ASN D 131 10.45 -58.05 -23.75
C ASN D 131 10.21 -57.89 -25.25
N LYS D 132 8.99 -58.19 -25.72
CA LYS D 132 8.70 -58.08 -27.14
C LYS D 132 8.65 -56.62 -27.58
N MET D 133 8.13 -55.73 -26.73
CA MET D 133 8.15 -54.31 -27.08
C MET D 133 9.57 -53.78 -27.15
N THR D 134 10.46 -54.22 -26.25
CA THR D 134 11.85 -53.81 -26.34
C THR D 134 12.53 -54.42 -27.56
N ASN D 135 12.12 -55.62 -27.99
CA ASN D 135 12.66 -56.19 -29.22
C ASN D 135 12.27 -55.35 -30.44
N ILE D 136 11.00 -54.93 -30.50
CA ILE D 136 10.55 -54.07 -31.60
C ILE D 136 11.27 -52.73 -31.57
N LEU D 137 11.42 -52.16 -30.38
CA LEU D 137 12.16 -50.91 -30.22
C LEU D 137 13.62 -51.07 -30.63
N GLY D 138 14.21 -52.23 -30.32
CA GLY D 138 15.58 -52.48 -30.73
C GLY D 138 15.73 -52.60 -32.24
N TYR D 139 14.79 -53.27 -32.89
CA TYR D 139 14.80 -53.35 -34.35
C TYR D 139 14.71 -51.96 -34.98
N HIS D 140 13.81 -51.13 -34.45
CA HIS D 140 13.68 -49.76 -34.97
C HIS D 140 14.90 -48.92 -34.67
N LEU D 141 15.57 -49.17 -33.54
CA LEU D 141 16.81 -48.47 -33.23
C LEU D 141 17.94 -48.87 -34.19
N ILE D 142 17.99 -50.16 -34.56
CA ILE D 142 18.95 -50.59 -35.58
C ILE D 142 18.67 -49.89 -36.89
N ILE D 143 17.39 -49.79 -37.27
CA ILE D 143 17.01 -49.11 -38.51
C ILE D 143 17.43 -47.64 -38.48
N LEU D 144 17.17 -46.96 -37.35
CA LEU D 144 17.54 -45.55 -37.23
C LEU D 144 19.05 -45.34 -37.24
N GLY D 145 19.79 -46.20 -36.56
CA GLY D 145 21.24 -46.10 -36.59
C GLY D 145 21.81 -46.36 -37.98
N CYS D 146 21.21 -47.31 -38.70
CA CYS D 146 21.62 -47.56 -40.08
C CYS D 146 21.33 -46.36 -40.97
N GLY D 147 20.21 -45.68 -40.74
CA GLY D 147 19.91 -44.48 -41.50
C GLY D 147 20.89 -43.34 -41.21
N ALA D 148 21.24 -43.17 -39.93
CA ALA D 148 22.22 -42.15 -39.57
C ALA D 148 23.58 -42.46 -40.18
N TRP D 149 23.99 -43.73 -40.16
CA TRP D 149 25.24 -44.11 -40.78
C TRP D 149 25.17 -44.00 -42.31
N LEU D 150 23.97 -44.16 -42.88
CA LEU D 150 23.80 -43.95 -44.31
C LEU D 150 24.01 -42.48 -44.67
N LEU D 151 23.49 -41.57 -43.85
CA LEU D 151 23.77 -40.16 -44.05
C LEU D 151 25.27 -39.87 -43.89
N VAL D 152 25.91 -40.53 -42.92
CA VAL D 152 27.35 -40.36 -42.72
C VAL D 152 28.13 -40.82 -43.94
N LEU D 153 27.76 -41.97 -44.51
CA LEU D 153 28.42 -42.46 -45.72
C LEU D 153 28.17 -41.52 -46.90
N LYS D 154 26.97 -40.94 -46.97
CA LYS D 154 26.67 -39.96 -48.01
C LYS D 154 27.58 -38.74 -47.91
N ALA D 155 27.78 -38.25 -46.69
CA ALA D 155 28.62 -37.06 -46.51
C ALA D 155 30.11 -37.37 -46.57
N LEU D 156 30.50 -38.64 -46.40
CA LEU D 156 31.92 -38.99 -46.42
C LEU D 156 32.39 -39.43 -47.80
N TYR D 157 31.77 -40.48 -48.36
CA TYR D 157 32.27 -41.10 -49.58
C TYR D 157 31.37 -40.93 -50.79
N PHE D 158 30.17 -40.36 -50.63
CA PHE D 158 29.19 -40.36 -51.71
C PHE D 158 28.87 -38.94 -52.18
N GLY D 159 29.89 -38.12 -52.39
CA GLY D 159 29.71 -36.77 -52.89
C GLY D 159 29.72 -35.69 -51.85
N GLY D 160 29.76 -36.04 -50.57
CA GLY D 160 29.79 -35.04 -49.53
C GLY D 160 28.46 -34.32 -49.39
N VAL D 161 28.51 -33.21 -48.66
CA VAL D 161 27.34 -32.37 -48.42
C VAL D 161 27.72 -30.92 -48.66
N TYR D 162 26.71 -30.07 -48.78
CA TYR D 162 26.94 -28.66 -49.07
C TYR D 162 27.42 -27.94 -47.82
N ASP D 163 28.62 -27.36 -47.90
CA ASP D 163 29.20 -26.59 -46.81
C ASP D 163 29.00 -25.11 -47.13
N THR D 164 28.18 -24.44 -46.32
CA THR D 164 27.99 -23.01 -46.46
C THR D 164 29.14 -22.22 -45.85
N TRP D 165 30.00 -22.87 -45.06
CA TRP D 165 31.15 -22.23 -44.44
C TRP D 165 32.42 -22.38 -45.27
N ALA D 166 32.31 -22.97 -46.46
CA ALA D 166 33.46 -23.05 -47.35
C ALA D 166 33.84 -21.66 -47.84
N PRO D 167 35.13 -21.43 -48.10
CA PRO D 167 35.54 -20.10 -48.58
C PRO D 167 34.96 -19.78 -49.95
N GLY D 168 34.62 -18.51 -50.15
CA GLY D 168 34.04 -18.05 -51.39
C GLY D 168 32.53 -18.00 -51.42
N GLY D 169 31.85 -18.64 -50.48
CA GLY D 169 30.39 -18.63 -50.46
C GLY D 169 29.76 -20.00 -50.40
N GLY D 170 30.53 -21.00 -50.01
CA GLY D 170 29.99 -22.35 -49.85
C GLY D 170 30.12 -23.17 -51.12
N ASP D 171 30.29 -24.48 -50.93
CA ASP D 171 30.46 -25.42 -52.04
C ASP D 171 30.15 -26.81 -51.54
N VAL D 172 29.94 -27.73 -52.48
CA VAL D 172 29.70 -29.13 -52.12
C VAL D 172 31.03 -29.73 -51.69
N ARG D 173 31.19 -29.99 -50.39
CA ARG D 173 32.44 -30.42 -49.81
C ARG D 173 32.36 -31.87 -49.35
N ILE D 174 33.46 -32.60 -49.52
CA ILE D 174 33.62 -33.93 -48.96
C ILE D 174 34.10 -33.79 -47.52
N ILE D 175 33.39 -34.42 -46.59
CA ILE D 175 33.75 -34.31 -45.18
C ILE D 175 35.01 -35.13 -44.92
N SER D 176 36.03 -34.46 -44.38
CA SER D 176 37.29 -35.10 -44.00
C SER D 176 37.55 -34.80 -42.53
N ASN D 177 37.94 -35.84 -41.79
CA ASN D 177 38.20 -35.80 -40.35
C ASN D 177 36.96 -35.31 -39.61
N PRO D 178 35.89 -36.11 -39.51
CA PRO D 178 34.74 -35.70 -38.70
C PRO D 178 35.12 -35.66 -37.23
N THR D 179 34.59 -34.65 -36.54
CA THR D 179 34.94 -34.43 -35.13
C THR D 179 34.20 -35.44 -34.28
N THR D 180 34.89 -36.53 -33.93
CA THR D 180 34.32 -37.62 -33.14
C THR D 180 34.67 -37.50 -31.67
N ASN D 181 35.11 -36.34 -31.20
CA ASN D 181 35.46 -36.17 -29.79
C ASN D 181 34.21 -36.03 -28.95
N ALA D 182 34.08 -36.92 -27.95
CA ALA D 182 32.86 -37.00 -27.16
C ALA D 182 32.60 -35.71 -26.39
N ALA D 183 33.67 -35.03 -25.95
CA ALA D 183 33.51 -33.82 -25.15
C ALA D 183 32.83 -32.72 -25.97
N ILE D 184 33.31 -32.44 -27.18
CA ILE D 184 32.74 -31.37 -27.97
C ILE D 184 31.38 -31.81 -28.55
N ILE D 185 31.21 -33.10 -28.83
CA ILE D 185 29.92 -33.57 -29.34
C ILE D 185 28.83 -33.44 -28.29
N PHE D 186 29.10 -33.86 -27.06
CA PHE D 186 28.09 -33.83 -26.02
C PHE D 186 28.01 -32.50 -25.28
N GLY D 187 28.98 -31.60 -25.48
CA GLY D 187 28.85 -30.25 -24.94
C GLY D 187 27.70 -29.50 -25.57
N TYR D 188 27.34 -29.85 -26.82
CA TYR D 188 26.12 -29.34 -27.42
C TYR D 188 24.90 -29.83 -26.66
N ILE D 189 24.92 -31.08 -26.21
CA ILE D 189 23.77 -31.68 -25.55
C ILE D 189 23.58 -31.09 -24.17
N VAL D 190 24.67 -30.87 -23.44
CA VAL D 190 24.57 -30.36 -22.08
C VAL D 190 24.66 -28.83 -22.07
N LYS D 191 24.47 -28.21 -23.23
CA LYS D 191 24.52 -26.77 -23.36
C LYS D 191 23.20 -26.13 -22.95
N SER D 192 23.27 -24.87 -22.55
CA SER D 192 22.07 -24.12 -22.24
C SER D 192 21.37 -23.71 -23.54
N PRO D 193 20.04 -23.61 -23.54
CA PRO D 193 19.31 -23.24 -24.76
C PRO D 193 19.12 -21.74 -24.97
N PHE D 194 19.83 -20.88 -24.26
CA PHE D 194 19.61 -19.45 -24.36
C PHE D 194 20.57 -18.83 -25.39
N GLY D 195 20.59 -17.51 -25.46
CA GLY D 195 21.44 -16.83 -26.42
C GLY D 195 22.92 -17.00 -26.09
N GLY D 196 23.73 -17.04 -27.14
CA GLY D 196 25.15 -17.31 -27.02
C GLY D 196 25.51 -18.77 -26.91
N ASP D 197 24.59 -19.62 -26.48
CA ASP D 197 24.81 -21.06 -26.41
C ASP D 197 23.89 -21.80 -27.37
N GLY D 198 22.58 -21.57 -27.28
CA GLY D 198 21.63 -22.10 -28.24
C GLY D 198 21.40 -23.59 -28.23
N TRP D 199 21.95 -24.30 -27.24
CA TRP D 199 21.87 -25.77 -27.10
C TRP D 199 22.46 -26.39 -28.37
N ILE D 200 21.71 -27.23 -29.11
CA ILE D 200 22.23 -27.87 -30.30
C ILE D 200 21.89 -27.12 -31.58
N VAL D 201 21.14 -26.02 -31.48
CA VAL D 201 20.84 -25.22 -32.67
C VAL D 201 22.10 -24.50 -33.15
N SER D 202 23.02 -24.20 -32.24
CA SER D 202 24.23 -23.46 -32.58
C SER D 202 25.34 -24.34 -33.11
N VAL D 203 25.05 -25.52 -33.63
CA VAL D 203 26.07 -26.30 -34.32
C VAL D 203 26.41 -25.56 -35.62
N ASP D 204 27.70 -25.27 -35.81
CA ASP D 204 28.12 -24.34 -36.84
C ASP D 204 29.01 -24.96 -37.90
N ASN D 205 29.24 -26.27 -37.85
CA ASN D 205 30.09 -26.89 -38.86
C ASN D 205 29.68 -28.34 -39.11
N LEU D 206 29.82 -28.73 -40.38
CA LEU D 206 29.51 -30.08 -40.80
C LEU D 206 30.41 -31.11 -40.16
N GLU D 207 31.60 -30.73 -39.69
CA GLU D 207 32.45 -31.66 -38.97
C GLU D 207 31.78 -32.12 -37.69
N ASP D 208 31.26 -31.18 -36.89
CA ASP D 208 30.52 -31.56 -35.68
C ASP D 208 29.20 -32.23 -36.04
N ILE D 209 28.57 -31.82 -37.15
CA ILE D 209 27.32 -32.45 -37.56
C ILE D 209 27.53 -33.93 -37.87
N ILE D 210 28.56 -34.25 -38.67
CA ILE D 210 28.81 -35.64 -39.05
C ILE D 210 29.38 -36.42 -37.88
N GLY D 211 30.17 -35.78 -37.01
CA GLY D 211 30.64 -36.47 -35.81
C GLY D 211 29.51 -36.86 -34.88
N GLY D 212 28.56 -35.95 -34.67
CA GLY D 212 27.38 -36.27 -33.89
C GLY D 212 26.52 -37.32 -34.55
N HIS D 213 26.47 -37.33 -35.88
CA HIS D 213 25.70 -38.36 -36.57
C HIS D 213 26.35 -39.73 -36.46
N ILE D 214 27.69 -39.78 -36.52
CA ILE D 214 28.41 -41.03 -36.28
C ILE D 214 28.12 -41.53 -34.87
N TRP D 215 28.18 -40.61 -33.89
CA TRP D 215 27.92 -40.97 -32.51
C TRP D 215 26.50 -41.46 -32.31
N ILE D 216 25.52 -40.78 -32.90
CA ILE D 216 24.13 -41.20 -32.71
C ILE D 216 23.83 -42.50 -33.46
N GLY D 217 24.48 -42.73 -34.60
CA GLY D 217 24.28 -44.00 -35.29
C GLY D 217 24.86 -45.17 -34.53
N THR D 218 26.08 -45.01 -34.01
CA THR D 218 26.69 -46.06 -33.21
C THR D 218 25.91 -46.30 -31.92
N LEU D 219 25.47 -45.22 -31.27
CA LEU D 219 24.70 -45.35 -30.05
C LEU D 219 23.36 -46.03 -30.32
N CYS D 220 22.71 -45.68 -31.42
CA CYS D 220 21.42 -46.31 -31.75
C CYS D 220 21.59 -47.78 -32.07
N ILE D 221 22.68 -48.17 -32.76
CA ILE D 221 22.88 -49.57 -33.07
C ILE D 221 23.18 -50.38 -31.81
N LEU D 222 24.06 -49.87 -30.93
CA LEU D 222 24.33 -50.57 -29.68
C LEU D 222 23.10 -50.61 -28.79
N GLY D 223 22.31 -49.54 -28.75
CA GLY D 223 21.08 -49.54 -27.97
C GLY D 223 20.05 -50.50 -28.52
N GLY D 224 19.97 -50.64 -29.84
CA GLY D 224 19.09 -51.62 -30.43
C GLY D 224 19.48 -53.04 -30.08
N ILE D 225 20.79 -53.35 -30.17
CA ILE D 225 21.26 -54.68 -29.77
C ILE D 225 20.99 -54.92 -28.29
N TRP D 226 21.19 -53.89 -27.47
CA TRP D 226 20.94 -53.97 -26.04
C TRP D 226 19.46 -54.28 -25.76
N HIS D 227 18.55 -53.58 -26.43
CA HIS D 227 17.12 -53.84 -26.23
C HIS D 227 16.70 -55.19 -26.75
N ILE D 228 17.31 -55.67 -27.84
CA ILE D 228 16.97 -56.98 -28.36
C ILE D 228 17.41 -58.06 -27.38
N TYR D 229 18.58 -57.90 -26.77
CA TYR D 229 19.14 -58.92 -25.90
C TYR D 229 18.90 -58.69 -24.41
N THR D 230 18.11 -57.69 -24.03
CA THR D 230 17.79 -57.47 -22.61
C THR D 230 16.30 -57.24 -22.44
N THR D 231 15.90 -57.00 -21.19
CA THR D 231 14.54 -56.75 -20.75
C THR D 231 14.54 -55.55 -19.83
N PRO D 232 13.41 -54.84 -19.71
CA PRO D 232 13.34 -53.72 -18.76
C PRO D 232 13.58 -54.17 -17.33
N TRP D 233 14.32 -53.34 -16.58
CA TRP D 233 14.67 -53.65 -15.21
C TRP D 233 13.47 -53.43 -14.29
N PRO D 234 13.49 -54.02 -13.09
CA PRO D 234 12.35 -53.83 -12.17
C PRO D 234 12.06 -52.38 -11.80
N TRP D 235 13.09 -51.52 -11.70
CA TRP D 235 12.83 -50.12 -11.41
C TRP D 235 12.08 -49.45 -12.56
N ALA D 236 12.44 -49.78 -13.80
CA ALA D 236 11.71 -49.24 -14.95
C ALA D 236 10.30 -49.80 -15.01
N ARG D 237 10.13 -51.09 -14.66
CA ARG D 237 8.80 -51.69 -14.65
C ARG D 237 7.92 -51.07 -13.57
N ARG D 238 8.49 -50.68 -12.44
CA ARG D 238 7.74 -49.99 -11.40
C ARG D 238 7.39 -48.56 -11.82
N ALA D 239 8.34 -47.88 -12.47
CA ALA D 239 8.15 -46.46 -12.78
C ALA D 239 7.21 -46.24 -13.96
N PHE D 240 7.25 -47.10 -14.96
CA PHE D 240 6.52 -46.87 -16.21
C PHE D 240 5.16 -47.56 -16.21
N VAL D 241 4.36 -47.17 -17.20
CA VAL D 241 3.09 -47.82 -17.52
C VAL D 241 3.31 -48.61 -18.80
N TRP D 242 2.71 -49.80 -18.88
CA TRP D 242 3.01 -50.69 -19.98
C TRP D 242 1.80 -50.98 -20.86
N SER D 243 1.08 -49.93 -21.24
CA SER D 243 -0.03 -50.02 -22.17
C SER D 243 0.38 -49.42 -23.51
N GLY D 244 -0.40 -49.77 -24.54
CA GLY D 244 -0.14 -49.22 -25.87
C GLY D 244 -0.36 -47.72 -25.92
N GLU D 245 -1.40 -47.25 -25.24
CA GLU D 245 -1.63 -45.82 -25.12
C GLU D 245 -0.50 -45.13 -24.35
N ALA D 246 0.08 -45.83 -23.37
CA ALA D 246 1.23 -45.27 -22.65
C ALA D 246 2.44 -45.13 -23.56
N TYR D 247 2.72 -46.17 -24.37
CA TYR D 247 3.85 -46.10 -25.30
C TYR D 247 3.62 -45.00 -26.33
N LEU D 248 2.37 -44.87 -26.79
CA LEU D 248 2.01 -43.80 -27.71
C LEU D 248 2.23 -42.43 -27.07
N SER D 249 1.88 -42.28 -25.80
CA SER D 249 2.08 -41.01 -25.11
C SER D 249 3.56 -40.67 -24.99
N TYR D 250 4.39 -41.68 -24.70
CA TYR D 250 5.83 -41.45 -24.63
C TYR D 250 6.36 -40.98 -25.98
N SER D 251 5.93 -41.64 -27.06
CA SER D 251 6.33 -41.23 -28.40
C SER D 251 5.81 -39.84 -28.74
N LEU D 252 4.62 -39.49 -28.25
CA LEU D 252 4.04 -38.18 -28.51
C LEU D 252 4.85 -37.08 -27.84
N ALA D 253 5.24 -37.29 -26.58
CA ALA D 253 6.11 -36.32 -25.91
C ALA D 253 7.43 -36.18 -26.63
N ALA D 254 8.01 -37.30 -27.06
CA ALA D 254 9.28 -37.27 -27.77
C ALA D 254 9.17 -36.48 -29.06
N VAL D 255 8.17 -36.79 -29.89
CA VAL D 255 8.05 -36.10 -31.18
C VAL D 255 7.64 -34.65 -31.01
N SER D 256 6.97 -34.30 -29.90
CA SER D 256 6.72 -32.89 -29.63
C SER D 256 8.02 -32.15 -29.32
N LEU D 257 8.91 -32.78 -28.54
CA LEU D 257 10.22 -32.20 -28.28
C LEU D 257 11.01 -32.03 -29.59
N MET D 258 10.95 -33.04 -30.46
CA MET D 258 11.63 -32.94 -31.75
C MET D 258 11.02 -31.85 -32.63
N GLY D 259 9.70 -31.68 -32.57
CA GLY D 259 9.07 -30.64 -33.37
C GLY D 259 9.48 -29.25 -32.94
N PHE D 260 9.49 -29.00 -31.62
CA PHE D 260 9.96 -27.71 -31.12
C PHE D 260 11.43 -27.49 -31.48
N THR D 261 12.26 -28.54 -31.32
CA THR D 261 13.69 -28.41 -31.60
C THR D 261 13.95 -28.14 -33.08
N ALA D 262 13.23 -28.82 -33.98
CA ALA D 262 13.40 -28.61 -35.41
C ALA D 262 12.86 -27.24 -35.83
N CYS D 263 11.80 -26.77 -35.19
CA CYS D 263 11.38 -25.38 -35.38
C CYS D 263 12.51 -24.41 -35.05
N CYS D 264 13.22 -24.68 -33.96
CA CYS D 264 14.33 -23.81 -33.57
C CYS D 264 15.50 -23.91 -34.56
N PHE D 265 15.81 -25.12 -35.07
CA PHE D 265 16.81 -25.24 -36.12
C PHE D 265 16.42 -24.43 -37.35
N ALA D 266 15.18 -24.58 -37.80
CA ALA D 266 14.75 -23.90 -39.02
C ALA D 266 14.75 -22.38 -38.85
N TRP D 267 14.47 -21.89 -37.64
CA TRP D 267 14.48 -20.45 -37.47
C TRP D 267 15.88 -19.87 -37.26
N PHE D 268 16.77 -20.56 -36.57
CA PHE D 268 18.07 -19.99 -36.21
C PHE D 268 19.26 -20.55 -36.96
N ASN D 269 19.35 -21.86 -37.12
CA ASN D 269 20.54 -22.48 -37.69
C ASN D 269 20.67 -22.20 -39.17
N ASN D 270 21.87 -21.80 -39.60
CA ASN D 270 22.17 -21.58 -41.01
C ASN D 270 23.27 -22.49 -41.52
N THR D 271 23.63 -23.54 -40.77
CA THR D 271 24.63 -24.51 -41.19
C THR D 271 23.99 -25.75 -41.78
N ALA D 272 23.10 -26.40 -41.02
CA ALA D 272 22.34 -27.53 -41.55
C ALA D 272 21.19 -27.08 -42.45
N TYR D 273 20.84 -25.80 -42.40
CA TYR D 273 19.84 -25.18 -43.27
C TYR D 273 20.53 -24.00 -43.94
N PRO D 274 21.24 -24.22 -45.04
CA PRO D 274 22.00 -23.13 -45.68
C PRO D 274 21.11 -22.00 -46.14
N SER D 275 21.62 -20.78 -45.98
CA SER D 275 20.84 -19.59 -46.31
C SER D 275 20.67 -19.44 -47.82
N GLU D 276 21.58 -20.01 -48.61
CA GLU D 276 21.44 -19.96 -50.07
C GLU D 276 20.22 -20.72 -50.55
N PHE D 277 19.74 -21.68 -49.76
CA PHE D 277 18.56 -22.46 -50.11
C PHE D 277 17.32 -22.06 -49.32
N TYR D 278 17.48 -21.77 -48.02
CA TYR D 278 16.35 -21.48 -47.15
C TYR D 278 16.10 -19.99 -46.92
N GLY D 279 16.91 -19.12 -47.51
CA GLY D 279 16.78 -17.71 -47.26
C GLY D 279 17.45 -17.31 -45.97
N PRO D 280 17.65 -16.01 -45.77
CA PRO D 280 18.24 -15.54 -44.51
C PRO D 280 17.29 -15.74 -43.33
N THR D 281 17.87 -15.91 -42.16
CA THR D 281 17.09 -15.98 -40.94
C THR D 281 16.71 -14.56 -40.51
N GLY D 282 16.02 -14.46 -39.38
CA GLY D 282 15.74 -13.18 -38.78
C GLY D 282 17.00 -12.40 -38.42
N PRO D 283 17.84 -12.98 -37.54
CA PRO D 283 19.13 -12.33 -37.24
C PRO D 283 20.00 -12.12 -38.46
N GLU D 284 20.02 -13.08 -39.39
CA GLU D 284 20.84 -12.95 -40.58
C GLU D 284 20.38 -11.79 -41.45
N ALA D 285 19.07 -11.63 -41.62
CA ALA D 285 18.54 -10.55 -42.44
C ALA D 285 18.76 -9.19 -41.78
N SER D 286 18.57 -9.12 -40.45
CA SER D 286 18.82 -7.86 -39.75
C SER D 286 20.29 -7.45 -39.83
N GLN D 287 21.19 -8.40 -39.63
CA GLN D 287 22.62 -8.09 -39.71
C GLN D 287 23.03 -7.77 -41.14
N ALA D 288 22.41 -8.43 -42.13
CA ALA D 288 22.68 -8.10 -43.53
C ALA D 288 22.24 -6.69 -43.87
N GLN D 289 21.08 -6.29 -43.37
CA GLN D 289 20.59 -4.93 -43.56
C GLN D 289 21.54 -3.91 -42.92
N ALA D 290 21.96 -4.17 -41.67
CA ALA D 290 22.87 -3.26 -40.99
C ALA D 290 24.21 -3.17 -41.71
N PHE D 291 24.72 -4.30 -42.18
CA PHE D 291 26.02 -4.33 -42.86
C PHE D 291 25.94 -3.67 -44.24
N THR D 292 24.82 -3.85 -44.93
CA THR D 292 24.65 -3.21 -46.24
C THR D 292 24.56 -1.70 -46.10
N PHE D 293 23.82 -1.21 -45.09
CA PHE D 293 23.77 0.23 -44.89
C PHE D 293 25.11 0.76 -44.37
N LEU D 294 25.84 -0.08 -43.64
CA LEU D 294 27.20 0.25 -43.22
C LEU D 294 28.10 0.51 -44.43
N VAL D 295 28.12 -0.43 -45.38
CA VAL D 295 29.00 -0.25 -46.53
C VAL D 295 28.48 0.85 -47.46
N ARG D 296 27.16 1.09 -47.46
CA ARG D 296 26.62 2.19 -48.27
C ARG D 296 27.08 3.54 -47.73
N ASP D 297 26.94 3.75 -46.42
CA ASP D 297 27.40 5.01 -45.83
C ASP D 297 28.93 5.10 -45.80
N GLN D 298 29.62 3.97 -45.84
CA GLN D 298 31.08 4.01 -45.98
C GLN D 298 31.47 4.45 -47.38
N ARG D 299 30.75 3.99 -48.40
CA ARG D 299 30.99 4.46 -49.76
C ARG D 299 30.60 5.92 -49.91
N LEU D 300 29.63 6.39 -49.14
CA LEU D 300 29.20 7.78 -49.20
C LEU D 300 30.09 8.73 -48.39
N GLY D 301 31.29 8.29 -48.00
CA GLY D 301 32.23 9.14 -47.29
C GLY D 301 31.81 9.53 -45.89
N ALA D 302 31.38 8.55 -45.09
CA ALA D 302 31.01 8.79 -43.70
C ALA D 302 31.78 7.82 -42.81
N ASN D 303 32.24 8.32 -41.66
CA ASN D 303 32.99 7.50 -40.73
C ASN D 303 32.05 6.51 -40.06
N VAL D 304 32.51 5.26 -39.90
CA VAL D 304 31.61 4.23 -39.41
C VAL D 304 31.86 3.89 -37.94
N ALA D 305 33.12 3.97 -37.47
CA ALA D 305 33.37 3.77 -36.05
C ALA D 305 32.84 4.93 -35.23
N SER D 306 33.08 6.15 -35.71
CA SER D 306 32.47 7.36 -35.15
C SER D 306 31.09 7.54 -35.76
N ALA D 307 30.55 8.76 -35.68
CA ALA D 307 29.23 9.12 -36.22
C ALA D 307 28.13 8.31 -35.54
N GLN D 308 27.98 8.59 -34.24
CA GLN D 308 27.03 7.91 -33.39
C GLN D 308 25.59 8.19 -33.82
N GLY D 309 24.67 7.41 -33.26
CA GLY D 309 23.27 7.57 -33.55
C GLY D 309 22.64 8.64 -32.68
N PRO D 310 21.33 8.81 -32.85
CA PRO D 310 20.59 9.81 -32.05
C PRO D 310 20.61 9.55 -30.56
N THR D 311 20.75 8.30 -30.13
CA THR D 311 20.84 7.97 -28.71
C THR D 311 22.26 7.98 -28.20
N GLY D 312 23.24 8.26 -29.06
CA GLY D 312 24.63 8.27 -28.64
C GLY D 312 25.19 6.89 -28.39
N LEU D 313 24.56 5.85 -28.92
CA LEU D 313 25.03 4.49 -28.72
C LEU D 313 25.80 3.96 -29.91
N GLY D 314 25.63 4.54 -31.09
CA GLY D 314 26.32 4.06 -32.28
C GLY D 314 25.38 3.68 -33.40
N LYS D 315 25.48 4.38 -34.52
CA LYS D 315 24.61 4.12 -35.66
C LYS D 315 25.04 2.89 -36.45
N TYR D 316 26.35 2.63 -36.53
CA TYR D 316 26.87 1.54 -37.34
C TYR D 316 27.52 0.44 -36.51
N LEU D 317 28.53 0.77 -35.71
CA LEU D 317 29.28 -0.20 -34.94
C LEU D 317 29.38 0.25 -33.49
N MET D 318 29.16 -0.70 -32.57
CA MET D 318 29.19 -0.38 -31.15
C MET D 318 29.60 -1.64 -30.39
N ARG D 319 29.34 -1.66 -29.08
CA ARG D 319 29.84 -2.70 -28.20
C ARG D 319 28.71 -3.61 -27.71
N SER D 320 28.99 -4.91 -27.71
CA SER D 320 28.10 -5.91 -27.14
C SER D 320 28.20 -5.85 -25.62
N PRO D 321 27.24 -6.47 -24.90
CA PRO D 321 27.38 -6.57 -23.45
C PRO D 321 28.67 -7.25 -22.99
N THR D 322 29.14 -8.26 -23.73
CA THR D 322 30.43 -8.85 -23.41
C THR D 322 31.60 -7.92 -23.77
N GLY D 323 31.51 -7.26 -24.92
CA GLY D 323 32.54 -6.30 -25.33
C GLY D 323 32.95 -6.40 -26.79
N GLU D 324 32.39 -7.30 -27.58
CA GLU D 324 32.79 -7.44 -28.97
C GLU D 324 32.20 -6.33 -29.82
N ILE D 325 32.90 -5.99 -30.90
CA ILE D 325 32.41 -4.97 -31.82
C ILE D 325 31.29 -5.57 -32.66
N ILE D 326 30.09 -5.01 -32.52
CA ILE D 326 28.90 -5.53 -33.17
C ILE D 326 28.25 -4.42 -33.99
N PHE D 327 27.32 -4.81 -34.85
CA PHE D 327 26.59 -3.85 -35.66
C PHE D 327 25.64 -3.04 -34.79
N GLY D 328 25.51 -1.76 -35.11
CA GLY D 328 24.68 -0.88 -34.32
C GLY D 328 23.20 -1.08 -34.58
N GLY D 329 22.40 -0.31 -33.85
CA GLY D 329 20.97 -0.40 -33.97
C GLY D 329 20.38 -1.59 -33.24
N GLU D 330 19.10 -1.81 -33.50
CA GLU D 330 18.33 -2.87 -32.84
C GLU D 330 18.90 -4.26 -33.13
N THR D 331 19.63 -4.41 -34.23
CA THR D 331 20.36 -5.64 -34.55
C THR D 331 21.38 -6.02 -33.50
N MET D 332 21.59 -5.17 -32.47
CA MET D 332 22.36 -5.57 -31.30
C MET D 332 21.79 -6.84 -30.67
N ARG D 333 20.45 -7.01 -30.70
CA ARG D 333 19.83 -8.20 -30.15
C ARG D 333 20.23 -9.45 -30.93
N PHE D 334 20.72 -9.28 -32.16
CA PHE D 334 21.21 -10.36 -32.99
C PHE D 334 22.74 -10.35 -33.10
N TRP D 335 23.42 -9.87 -32.06
CA TRP D 335 24.88 -9.76 -32.11
C TRP D 335 25.58 -11.11 -32.12
N ASP D 336 24.88 -12.20 -31.81
CA ASP D 336 25.47 -13.53 -31.82
C ASP D 336 25.35 -14.23 -33.16
N PHE D 337 24.80 -13.56 -34.18
CA PHE D 337 24.66 -14.18 -35.49
C PHE D 337 26.04 -14.40 -36.11
N ARG D 338 26.24 -15.60 -36.65
CA ARG D 338 27.46 -15.95 -37.34
C ARG D 338 27.10 -16.46 -38.73
N GLY D 339 27.62 -15.80 -39.75
CA GLY D 339 27.34 -16.16 -41.12
C GLY D 339 28.59 -16.22 -41.96
N PRO D 340 28.48 -16.80 -43.16
CA PRO D 340 29.67 -16.94 -44.03
C PRO D 340 30.21 -15.62 -44.54
N TRP D 341 29.42 -14.54 -44.52
CA TRP D 341 29.84 -13.27 -45.06
C TRP D 341 30.25 -12.25 -44.01
N VAL D 342 30.10 -12.56 -42.72
CA VAL D 342 30.63 -11.72 -41.66
C VAL D 342 31.93 -12.26 -41.07
N GLU D 343 32.11 -13.59 -41.04
CA GLU D 343 33.29 -14.18 -40.42
C GLU D 343 34.62 -13.71 -41.01
N PRO D 344 34.83 -13.62 -42.34
CA PRO D 344 36.08 -13.04 -42.83
C PRO D 344 36.28 -11.59 -42.43
N LEU D 345 35.21 -10.87 -42.11
CA LEU D 345 35.29 -9.51 -41.61
C LEU D 345 35.36 -9.43 -40.09
N ARG D 346 35.38 -10.56 -39.40
CA ARG D 346 35.36 -10.59 -37.94
C ARG D 346 36.71 -11.06 -37.42
N GLY D 347 37.31 -10.27 -36.53
CA GLY D 347 38.57 -10.60 -35.92
C GLY D 347 38.41 -11.12 -34.50
N PRO D 348 39.50 -11.12 -33.74
CA PRO D 348 39.43 -11.57 -32.34
C PRO D 348 38.52 -10.72 -31.46
N SER D 349 38.43 -9.42 -31.72
CA SER D 349 37.60 -8.51 -30.92
C SER D 349 36.26 -8.22 -31.59
N GLY D 350 35.73 -9.19 -32.34
CA GLY D 350 34.48 -8.98 -33.06
C GLY D 350 34.69 -8.43 -34.45
N LEU D 351 33.85 -7.50 -34.86
CA LEU D 351 33.97 -6.88 -36.19
C LEU D 351 35.17 -5.93 -36.20
N ASP D 352 36.20 -6.29 -36.96
CA ASP D 352 37.39 -5.46 -37.05
C ASP D 352 37.14 -4.27 -37.95
N LEU D 353 37.58 -3.09 -37.50
CA LEU D 353 37.36 -1.86 -38.25
C LEU D 353 38.17 -1.85 -39.54
N VAL D 354 39.46 -2.22 -39.46
CA VAL D 354 40.30 -2.24 -40.65
C VAL D 354 39.84 -3.32 -41.63
N LYS D 355 39.35 -4.46 -41.13
CA LYS D 355 38.84 -5.50 -42.02
C LYS D 355 37.55 -5.06 -42.69
N LEU D 356 36.65 -4.40 -41.95
CA LEU D 356 35.43 -3.89 -42.55
C LEU D 356 35.71 -2.76 -43.52
N LYS D 357 36.85 -2.07 -43.35
CA LYS D 357 37.19 -0.96 -44.24
C LYS D 357 37.83 -1.46 -45.54
N ASN D 358 38.78 -2.39 -45.46
CA ASN D 358 39.58 -2.76 -46.62
C ASN D 358 39.40 -4.18 -47.12
N ASP D 359 38.98 -5.13 -46.28
CA ASP D 359 38.82 -6.51 -46.68
C ASP D 359 37.39 -6.83 -47.12
N ILE D 360 36.70 -5.85 -47.70
CA ILE D 360 35.34 -6.07 -48.17
C ILE D 360 35.37 -6.96 -49.42
N GLN D 361 34.23 -7.61 -49.68
CA GLN D 361 34.09 -8.45 -50.85
C GLN D 361 32.78 -8.16 -51.58
N PRO D 362 32.82 -8.03 -52.91
CA PRO D 362 31.58 -7.79 -53.67
C PRO D 362 30.56 -8.90 -53.52
N TRP D 363 30.99 -10.16 -53.41
CA TRP D 363 30.03 -11.24 -53.21
C TRP D 363 29.38 -11.16 -51.84
N GLN D 364 30.14 -10.75 -50.82
CA GLN D 364 29.57 -10.54 -49.50
C GLN D 364 28.54 -9.40 -49.53
N GLU D 365 28.87 -8.30 -50.22
CA GLU D 365 27.94 -7.18 -50.32
C GLU D 365 26.68 -7.57 -51.07
N ARG D 366 26.82 -8.33 -52.17
CA ARG D 366 25.66 -8.76 -52.94
C ARG D 366 24.78 -9.70 -52.13
N ARG D 367 25.38 -10.65 -51.40
CA ARG D 367 24.62 -11.56 -50.57
C ARG D 367 23.90 -10.82 -49.45
N ALA D 368 24.58 -9.85 -48.83
CA ALA D 368 23.95 -9.07 -47.77
C ALA D 368 22.79 -8.24 -48.29
N ALA D 369 22.94 -7.64 -49.48
CA ALA D 369 21.85 -6.87 -50.07
C ALA D 369 20.66 -7.75 -50.42
N GLU D 370 20.93 -8.93 -50.98
CA GLU D 370 19.86 -9.86 -51.32
C GLU D 370 19.15 -10.36 -50.07
N TYR D 371 19.90 -10.57 -48.98
CA TYR D 371 19.28 -11.02 -47.74
C TYR D 371 18.48 -9.89 -47.08
N MET D 372 18.95 -8.65 -47.22
CA MET D 372 18.20 -7.50 -46.72
C MET D 372 16.88 -7.35 -47.46
N THR D 373 16.89 -7.56 -48.78
CA THR D 373 15.67 -7.47 -49.56
C THR D 373 14.71 -8.62 -49.23
N HIS D 374 15.24 -9.76 -48.79
CA HIS D 374 14.43 -10.97 -48.64
C HIS D 374 14.37 -11.45 -47.20
N ALA D 375 14.08 -10.54 -46.27
CA ALA D 375 13.98 -10.89 -44.87
C ALA D 375 12.79 -11.82 -44.62
N PRO D 376 12.87 -12.67 -43.57
CA PRO D 376 11.72 -13.52 -43.25
C PRO D 376 10.57 -12.76 -42.60
N LEU D 377 10.06 -11.75 -43.31
CA LEU D 377 8.91 -10.96 -42.86
C LEU D 377 7.86 -11.03 -43.96
N GLY D 378 6.73 -11.64 -43.66
CA GLY D 378 5.69 -11.76 -44.68
C GLY D 378 4.36 -12.11 -44.05
N SER D 379 3.32 -11.97 -44.87
CA SER D 379 1.96 -12.30 -44.46
C SER D 379 1.62 -13.72 -44.91
N LEU D 380 0.51 -14.24 -44.40
CA LEU D 380 0.12 -15.59 -44.79
C LEU D 380 -0.48 -15.65 -46.18
N ASN D 381 -0.73 -14.49 -46.81
CA ASN D 381 -1.05 -14.43 -48.24
C ASN D 381 0.19 -14.50 -49.11
N SER D 382 1.37 -14.72 -48.51
CA SER D 382 2.66 -14.64 -49.17
C SER D 382 2.88 -13.24 -49.76
N VAL D 383 2.79 -12.25 -48.88
CA VAL D 383 3.06 -10.86 -49.22
C VAL D 383 4.32 -10.46 -48.47
N GLY D 384 5.37 -10.16 -49.21
CA GLY D 384 6.66 -9.88 -48.60
C GLY D 384 6.65 -8.58 -47.81
N GLY D 385 7.47 -8.54 -46.76
CA GLY D 385 7.60 -7.37 -45.91
C GLY D 385 6.75 -7.49 -44.66
N VAL D 386 6.78 -6.41 -43.88
CA VAL D 386 6.02 -6.30 -42.64
C VAL D 386 4.53 -6.20 -42.97
N ALA D 387 3.69 -6.25 -41.93
CA ALA D 387 2.24 -6.23 -42.12
C ALA D 387 1.74 -4.96 -42.78
N THR D 388 2.50 -3.86 -42.70
CA THR D 388 2.10 -2.62 -43.37
C THR D 388 2.42 -2.61 -44.85
N GLU D 389 3.25 -3.52 -45.33
CA GLU D 389 3.76 -3.47 -46.70
C GLU D 389 2.65 -3.68 -47.73
N ILE D 390 2.85 -3.05 -48.89
CA ILE D 390 1.91 -3.11 -50.00
C ILE D 390 1.96 -4.50 -50.65
N ASN D 391 0.83 -4.96 -51.17
CA ASN D 391 0.73 -6.24 -51.86
C ASN D 391 1.45 -6.15 -53.20
N ALA D 392 2.78 -6.24 -53.16
CA ALA D 392 3.60 -6.18 -54.35
C ALA D 392 4.69 -7.24 -54.42
N VAL D 393 5.11 -7.81 -53.30
CA VAL D 393 6.16 -8.82 -53.26
C VAL D 393 5.52 -10.15 -52.86
N ASN D 394 5.78 -11.18 -53.65
CA ASN D 394 5.26 -12.52 -53.38
C ASN D 394 6.40 -13.38 -52.83
N PHE D 395 6.60 -13.28 -51.51
CA PHE D 395 7.67 -14.04 -50.87
C PHE D 395 7.43 -14.14 -49.38
N VAL D 396 7.48 -15.36 -48.85
CA VAL D 396 7.57 -15.64 -47.42
C VAL D 396 8.63 -16.72 -47.24
N SER D 397 9.49 -16.55 -46.25
CA SER D 397 10.65 -17.40 -46.08
C SER D 397 10.25 -18.85 -45.81
N PRO D 398 10.90 -19.82 -46.46
CA PRO D 398 10.69 -21.22 -46.10
C PRO D 398 11.07 -21.52 -44.67
N ARG D 399 12.05 -20.80 -44.12
CA ARG D 399 12.38 -20.92 -42.71
C ARG D 399 11.18 -20.53 -41.85
N SER D 400 10.51 -19.43 -42.22
CA SER D 400 9.33 -19.00 -41.48
C SER D 400 8.20 -20.03 -41.58
N TRP D 401 7.97 -20.56 -42.78
CA TRP D 401 6.91 -21.56 -42.95
C TRP D 401 7.19 -22.82 -42.15
N LEU D 402 8.43 -23.32 -42.23
CA LEU D 402 8.80 -24.53 -41.50
C LEU D 402 8.72 -24.32 -39.99
N ALA D 403 9.20 -23.17 -39.51
CA ALA D 403 9.17 -22.89 -38.08
C ALA D 403 7.74 -22.79 -37.56
N THR D 404 6.88 -22.08 -38.29
CA THR D 404 5.49 -21.92 -37.84
C THR D 404 4.76 -23.26 -37.83
N SER D 405 4.85 -24.00 -38.93
CA SER D 405 4.14 -25.28 -39.02
C SER D 405 4.67 -26.28 -38.00
N HIS D 406 5.99 -26.33 -37.80
CA HIS D 406 6.54 -27.30 -36.88
C HIS D 406 6.31 -26.94 -35.43
N PHE D 407 6.27 -25.65 -35.07
CA PHE D 407 5.94 -25.34 -33.68
C PHE D 407 4.47 -25.66 -33.43
N CYS D 408 3.61 -25.39 -34.42
CA CYS D 408 2.19 -25.75 -34.29
C CYS D 408 2.03 -27.24 -34.06
N LEU D 409 2.68 -28.06 -34.89
CA LEU D 409 2.57 -29.51 -34.75
C LEU D 409 3.19 -30.00 -33.45
N GLY D 410 4.30 -29.39 -33.03
CA GLY D 410 4.88 -29.75 -31.75
C GLY D 410 3.98 -29.45 -30.57
N PHE D 411 3.27 -28.31 -30.62
CA PHE D 411 2.38 -27.99 -29.51
C PHE D 411 1.15 -28.89 -29.49
N PHE D 412 0.53 -29.13 -30.66
CA PHE D 412 -0.58 -30.08 -30.70
C PHE D 412 -0.15 -31.46 -30.20
N PHE D 413 1.06 -31.89 -30.56
CA PHE D 413 1.48 -33.20 -30.13
C PHE D 413 1.90 -33.25 -28.68
N PHE D 414 2.32 -32.11 -28.09
CA PHE D 414 2.48 -32.06 -26.65
C PHE D 414 1.14 -32.23 -25.94
N VAL D 415 0.10 -31.56 -26.45
CA VAL D 415 -1.23 -31.71 -25.85
C VAL D 415 -1.74 -33.14 -26.06
N GLY D 416 -1.44 -33.74 -27.20
CA GLY D 416 -1.79 -35.12 -27.43
C GLY D 416 -1.08 -36.07 -26.49
N HIS D 417 0.19 -35.76 -26.18
CA HIS D 417 0.91 -36.53 -25.18
C HIS D 417 0.26 -36.39 -23.81
N LEU D 418 -0.18 -35.19 -23.46
CA LEU D 418 -0.91 -34.98 -22.21
C LEU D 418 -2.17 -35.85 -22.15
N TRP D 419 -2.97 -35.79 -23.21
CA TRP D 419 -4.22 -36.54 -23.28
C TRP D 419 -3.96 -38.04 -23.18
N HIS D 420 -3.00 -38.55 -23.95
CA HIS D 420 -2.77 -39.97 -24.00
C HIS D 420 -2.07 -40.49 -22.74
N ALA D 421 -1.19 -39.69 -22.13
CA ALA D 421 -0.56 -40.09 -20.88
C ALA D 421 -1.58 -40.16 -19.76
N GLY D 422 -2.45 -39.15 -19.67
CA GLY D 422 -3.50 -39.18 -18.68
C GLY D 422 -4.46 -40.35 -18.88
N ARG D 423 -4.86 -40.59 -20.14
CA ARG D 423 -5.78 -41.70 -20.39
C ARG D 423 -5.11 -43.05 -20.17
N ALA D 424 -3.80 -43.15 -20.44
CA ALA D 424 -3.09 -44.39 -20.17
C ALA D 424 -3.00 -44.67 -18.68
N ARG D 425 -2.68 -43.64 -17.90
CA ARG D 425 -2.64 -43.81 -16.44
C ARG D 425 -4.03 -44.16 -15.89
N ALA D 426 -5.07 -43.50 -16.39
CA ALA D 426 -6.43 -43.80 -15.93
C ALA D 426 -6.90 -45.17 -16.39
N ALA D 427 -6.46 -45.63 -17.57
CA ALA D 427 -6.86 -46.94 -18.06
C ALA D 427 -6.16 -48.06 -17.31
N ALA D 428 -4.87 -47.87 -16.99
CA ALA D 428 -4.19 -48.84 -16.15
C ALA D 428 -4.71 -48.81 -14.72
N ALA D 429 -5.20 -47.64 -14.28
CA ALA D 429 -5.72 -47.52 -12.93
C ALA D 429 -7.10 -48.16 -12.79
N GLY D 430 -7.98 -47.97 -13.77
CA GLY D 430 -9.30 -48.55 -13.73
C GLY D 430 -10.46 -47.57 -13.69
N PHE D 431 -10.21 -46.27 -13.59
CA PHE D 431 -11.27 -45.27 -13.56
C PHE D 431 -11.24 -44.35 -14.78
N GLU D 432 -10.92 -44.92 -15.94
CA GLU D 432 -10.90 -44.13 -17.17
C GLU D 432 -12.30 -43.87 -17.72
N LYS D 433 -13.30 -44.61 -17.26
CA LYS D 433 -14.67 -44.44 -17.73
C LYS D 433 -15.54 -43.64 -16.77
N GLY D 434 -15.04 -43.34 -15.58
CA GLY D 434 -15.79 -42.56 -14.61
C GLY D 434 -15.54 -43.06 -13.20
N ILE D 435 -16.43 -42.67 -12.31
CA ILE D 435 -16.36 -43.03 -10.90
C ILE D 435 -17.36 -44.16 -10.65
N ASP D 436 -16.92 -45.17 -9.87
CA ASP D 436 -17.67 -46.41 -9.69
C ASP D 436 -19.03 -46.24 -9.03
N ARG D 437 -19.32 -45.07 -8.44
CA ARG D 437 -20.58 -44.64 -7.84
C ARG D 437 -20.89 -45.39 -6.54
N VAL D 438 -20.11 -46.41 -6.19
CA VAL D 438 -20.29 -47.14 -4.93
C VAL D 438 -18.97 -47.15 -4.19
N ASP D 439 -17.91 -46.74 -4.86
CA ASP D 439 -16.55 -46.72 -4.33
C ASP D 439 -15.88 -45.39 -4.65
N GLU D 440 -16.58 -44.30 -4.36
CA GLU D 440 -16.01 -42.98 -4.58
C GLU D 440 -14.83 -42.74 -3.65
N PRO D 441 -13.64 -42.44 -4.17
CA PRO D 441 -12.46 -42.30 -3.29
C PRO D 441 -12.54 -41.12 -2.34
N VAL D 442 -13.30 -40.08 -2.67
CA VAL D 442 -13.38 -38.91 -1.81
C VAL D 442 -14.16 -39.22 -0.54
N LEU D 443 -15.24 -40.00 -0.65
CA LEU D 443 -16.01 -40.37 0.53
C LEU D 443 -15.26 -41.35 1.42
N SER D 444 -14.21 -41.99 0.92
CA SER D 444 -13.41 -42.91 1.71
C SER D 444 -12.41 -42.19 2.61
N MET D 445 -12.15 -40.91 2.41
CA MET D 445 -11.28 -40.15 3.28
C MET D 445 -12.07 -39.02 3.95
N ARG D 446 -11.48 -38.48 5.01
CA ARG D 446 -12.19 -37.59 5.93
C ARG D 446 -12.51 -36.24 5.30
N PRO D 447 -13.51 -35.52 5.85
CA PRO D 447 -13.83 -34.17 5.36
C PRO D 447 -12.76 -33.12 5.63
N LEU D 448 -13.11 -31.86 5.34
CA LEU D 448 -12.32 -30.63 5.46
C LEU D 448 -11.32 -30.47 4.32
N ASP D 449 -11.30 -31.40 3.37
CA ASP D 449 -10.50 -31.32 2.14
C ASP D 449 -9.01 -31.11 2.38
N ILE E 1 -60.31 -18.86 -18.30
CA ILE E 1 -59.37 -18.74 -17.18
C ILE E 1 -60.03 -18.01 -16.01
N GLY E 2 -59.88 -18.57 -14.82
CA GLY E 2 -60.46 -17.97 -13.62
C GLY E 2 -61.97 -18.12 -13.56
N THR E 3 -62.45 -19.37 -13.70
CA THR E 3 -63.86 -19.80 -13.64
C THR E 3 -64.80 -18.91 -14.47
N TYR E 4 -64.27 -18.29 -15.52
CA TYR E 4 -65.05 -17.46 -16.43
C TYR E 4 -65.27 -18.20 -17.74
N GLN E 5 -66.37 -17.85 -18.42
CA GLN E 5 -66.69 -18.52 -19.68
C GLN E 5 -65.64 -18.22 -20.76
N GLU E 6 -65.19 -16.96 -20.84
CA GLU E 6 -64.12 -16.52 -21.73
C GLU E 6 -64.44 -16.85 -23.20
N LYS E 7 -65.45 -16.13 -23.70
CA LYS E 7 -65.96 -16.34 -25.06
C LYS E 7 -64.84 -16.19 -26.09
N ARG E 8 -64.73 -17.19 -26.96
CA ARG E 8 -63.64 -17.26 -27.94
C ARG E 8 -63.78 -16.17 -28.98
N THR E 9 -62.66 -15.54 -29.33
CA THR E 9 -62.60 -14.47 -30.32
C THR E 9 -61.40 -14.66 -31.23
N TRP E 10 -61.21 -13.68 -32.13
CA TRP E 10 -60.10 -13.73 -33.07
C TRP E 10 -58.76 -13.63 -32.35
N PHE E 11 -58.71 -12.92 -31.22
CA PHE E 11 -57.48 -12.87 -30.43
C PHE E 11 -57.11 -14.25 -29.90
N ASP E 12 -58.11 -14.98 -29.40
CA ASP E 12 -57.84 -16.33 -28.89
C ASP E 12 -57.44 -17.27 -30.02
N ASP E 13 -58.07 -17.13 -31.20
CA ASP E 13 -57.68 -17.94 -32.35
C ASP E 13 -56.25 -17.64 -32.78
N ALA E 14 -55.88 -16.36 -32.81
CA ALA E 14 -54.52 -15.98 -33.19
C ALA E 14 -53.51 -16.49 -32.17
N ASP E 15 -53.83 -16.40 -30.88
CA ASP E 15 -52.94 -16.92 -29.84
C ASP E 15 -52.78 -18.42 -29.96
N ASP E 16 -53.87 -19.14 -30.25
CA ASP E 16 -53.81 -20.59 -30.40
C ASP E 16 -52.97 -20.99 -31.60
N TRP E 17 -53.08 -20.25 -32.71
CA TRP E 17 -52.27 -20.59 -33.87
C TRP E 17 -50.80 -20.21 -33.67
N LEU E 18 -50.54 -19.09 -33.00
CA LEU E 18 -49.16 -18.64 -32.82
C LEU E 18 -48.41 -19.51 -31.82
N ARG E 19 -49.10 -19.98 -30.79
CA ARG E 19 -48.47 -20.83 -29.78
C ARG E 19 -48.66 -22.31 -30.07
N GLN E 20 -48.18 -22.77 -31.21
CA GLN E 20 -48.31 -24.16 -31.63
C GLN E 20 -46.94 -24.73 -31.98
N ASP E 21 -46.74 -26.01 -31.69
CA ASP E 21 -45.47 -26.67 -31.96
C ASP E 21 -45.25 -26.83 -33.45
N ARG E 22 -44.05 -26.53 -33.90
CA ARG E 22 -43.66 -26.59 -35.31
C ARG E 22 -42.13 -26.59 -35.37
N PHE E 23 -41.57 -26.38 -36.56
CA PHE E 23 -40.12 -26.32 -36.71
C PHE E 23 -39.58 -25.08 -36.02
N VAL E 24 -39.98 -23.90 -36.49
CA VAL E 24 -39.56 -22.63 -35.89
C VAL E 24 -40.76 -22.01 -35.18
N PHE E 25 -40.62 -21.83 -33.88
CA PHE E 25 -41.70 -21.27 -33.08
C PHE E 25 -41.88 -19.79 -33.43
N VAL E 26 -43.14 -19.37 -33.53
CA VAL E 26 -43.43 -18.00 -33.93
C VAL E 26 -43.86 -17.17 -32.73
N GLY E 27 -44.99 -17.53 -32.13
CA GLY E 27 -45.53 -16.75 -31.04
C GLY E 27 -45.99 -15.37 -31.53
N TRP E 28 -46.23 -14.49 -30.56
CA TRP E 28 -46.55 -13.12 -30.91
C TRP E 28 -45.30 -12.36 -31.32
N SER E 29 -44.17 -12.66 -30.67
CA SER E 29 -42.90 -12.01 -30.98
C SER E 29 -42.45 -12.30 -32.41
N GLY E 30 -42.89 -13.42 -32.98
CA GLY E 30 -42.59 -13.72 -34.36
C GLY E 30 -43.23 -12.77 -35.35
N LEU E 31 -44.26 -12.03 -34.93
CA LEU E 31 -44.82 -10.99 -35.79
C LEU E 31 -43.87 -9.82 -35.98
N LEU E 32 -42.84 -9.71 -35.16
CA LEU E 32 -41.82 -8.68 -35.25
C LEU E 32 -40.44 -9.26 -35.51
N LEU E 33 -40.09 -10.34 -34.80
CA LEU E 33 -38.78 -10.98 -34.95
C LEU E 33 -38.50 -11.45 -36.37
N LEU E 34 -39.39 -12.26 -36.93
CA LEU E 34 -39.10 -12.85 -38.24
C LEU E 34 -38.87 -11.80 -39.32
N PRO E 35 -39.75 -10.80 -39.53
CA PRO E 35 -39.41 -9.79 -40.53
C PRO E 35 -38.22 -8.92 -40.15
N CYS E 36 -38.11 -8.48 -38.88
CA CYS E 36 -37.02 -7.58 -38.51
C CYS E 36 -35.65 -8.24 -38.65
N ALA E 37 -35.50 -9.44 -38.07
CA ALA E 37 -34.24 -10.16 -38.15
C ALA E 37 -33.93 -10.59 -39.57
N TYR E 38 -34.94 -11.07 -40.32
CA TYR E 38 -34.70 -11.49 -41.69
C TYR E 38 -34.23 -10.32 -42.55
N PHE E 39 -34.86 -9.15 -42.40
CA PHE E 39 -34.45 -8.01 -43.19
C PHE E 39 -33.11 -7.46 -42.75
N ALA E 40 -32.78 -7.53 -41.46
CA ALA E 40 -31.46 -7.08 -41.02
C ALA E 40 -30.36 -7.96 -41.59
N VAL E 41 -30.50 -9.28 -41.48
CA VAL E 41 -29.49 -10.20 -41.98
C VAL E 41 -29.39 -10.13 -43.50
N GLY E 42 -30.54 -10.07 -44.19
CA GLY E 42 -30.53 -9.97 -45.64
C GLY E 42 -29.96 -8.65 -46.12
N GLY E 43 -30.22 -7.56 -45.40
CA GLY E 43 -29.63 -6.28 -45.77
C GLY E 43 -28.13 -6.26 -45.59
N TRP E 44 -27.64 -6.88 -44.51
CA TRP E 44 -26.19 -6.97 -44.33
C TRP E 44 -25.56 -7.82 -45.43
N LEU E 45 -26.18 -8.95 -45.77
CA LEU E 45 -25.61 -9.82 -46.80
C LEU E 45 -25.70 -9.19 -48.18
N THR E 46 -26.72 -8.35 -48.42
CA THR E 46 -26.83 -7.65 -49.69
C THR E 46 -25.83 -6.51 -49.79
N GLY E 47 -25.62 -5.76 -48.70
CA GLY E 47 -24.64 -4.70 -48.70
C GLY E 47 -23.23 -5.21 -48.82
N CYS E 48 -22.94 -6.36 -48.19
CA CYS E 48 -21.62 -6.94 -48.31
C CYS E 48 -21.36 -7.58 -49.67
N THR E 49 -22.39 -7.70 -50.51
CA THR E 49 -22.28 -8.32 -51.82
C THR E 49 -22.33 -7.33 -52.97
N PHE E 50 -23.30 -6.40 -52.96
CA PHE E 50 -23.49 -5.49 -54.08
C PHE E 50 -23.37 -4.03 -53.72
N VAL E 51 -23.92 -3.60 -52.58
CA VAL E 51 -23.98 -2.17 -52.26
C VAL E 51 -22.58 -1.67 -51.90
N THR E 52 -22.15 -0.61 -52.59
CA THR E 52 -20.82 -0.07 -52.45
C THR E 52 -20.74 0.93 -51.29
N SER E 53 -19.55 1.51 -51.12
CA SER E 53 -19.30 2.54 -50.13
C SER E 53 -18.52 3.70 -50.73
N TRP E 54 -18.54 3.83 -52.05
CA TRP E 54 -17.70 4.80 -52.75
C TRP E 54 -18.11 6.24 -52.47
N TYR E 55 -19.35 6.48 -52.05
CA TYR E 55 -19.81 7.84 -51.80
C TYR E 55 -19.91 8.20 -50.33
N THR E 56 -20.10 7.22 -49.45
CA THR E 56 -20.18 7.52 -48.02
C THR E 56 -18.80 7.64 -47.39
N HIS E 57 -17.92 6.70 -47.71
CA HIS E 57 -16.56 6.70 -47.18
C HIS E 57 -15.48 6.82 -48.25
N GLY E 58 -15.84 6.76 -49.53
CA GLY E 58 -14.83 6.70 -50.57
C GLY E 58 -14.04 5.41 -50.52
N LEU E 59 -14.71 4.30 -50.23
CA LEU E 59 -14.05 3.03 -49.99
C LEU E 59 -14.78 1.95 -50.77
N ALA E 60 -14.10 0.84 -51.00
CA ALA E 60 -14.71 -0.36 -51.55
C ALA E 60 -15.08 -1.28 -50.41
N SER E 61 -16.34 -1.70 -50.34
CA SER E 61 -16.79 -2.49 -49.20
C SER E 61 -17.78 -3.59 -49.60
N SER E 62 -17.64 -4.15 -50.79
CA SER E 62 -18.56 -5.20 -51.22
C SER E 62 -17.83 -6.16 -52.14
N TYR E 63 -18.42 -7.35 -52.32
CA TYR E 63 -17.81 -8.38 -53.14
C TYR E 63 -17.77 -7.98 -54.62
N ILE E 64 -18.72 -7.14 -55.06
CA ILE E 64 -18.78 -6.75 -56.46
C ILE E 64 -17.63 -5.84 -56.85
N GLU E 65 -16.96 -5.22 -55.89
CA GLU E 65 -15.82 -4.36 -56.16
C GLU E 65 -14.48 -5.07 -56.00
N GLY E 66 -14.48 -6.32 -55.52
CA GLY E 66 -13.25 -7.06 -55.30
C GLY E 66 -12.97 -7.38 -53.85
N CYS E 67 -13.74 -6.86 -52.90
CA CYS E 67 -13.53 -7.17 -51.50
C CYS E 67 -14.00 -8.59 -51.18
N ASN E 68 -13.34 -9.20 -50.21
CA ASN E 68 -13.69 -10.54 -49.75
C ASN E 68 -14.59 -10.45 -48.52
N PHE E 69 -14.79 -11.60 -47.86
CA PHE E 69 -15.66 -11.66 -46.69
C PHE E 69 -15.15 -10.78 -45.56
N LEU E 70 -13.84 -10.69 -45.40
CA LEU E 70 -13.29 -9.91 -44.29
C LEU E 70 -13.39 -8.41 -44.55
N THR E 71 -13.11 -7.98 -45.77
CA THR E 71 -13.00 -6.54 -46.06
C THR E 71 -14.30 -5.92 -46.55
N ALA E 72 -15.35 -6.70 -46.77
CA ALA E 72 -16.63 -6.14 -47.19
C ALA E 72 -17.47 -5.76 -45.99
N ALA E 73 -18.22 -4.67 -46.12
CA ALA E 73 -19.02 -4.19 -45.00
C ALA E 73 -20.14 -3.31 -45.52
N VAL E 74 -21.23 -3.27 -44.74
CA VAL E 74 -22.28 -2.28 -44.94
C VAL E 74 -21.81 -1.01 -44.25
N SER E 75 -21.41 -0.02 -45.03
CA SER E 75 -20.74 1.16 -44.51
C SER E 75 -21.73 2.14 -43.88
N THR E 76 -21.24 2.88 -42.90
CA THR E 76 -22.03 3.90 -42.23
C THR E 76 -22.26 5.08 -43.17
N PRO E 77 -23.33 5.86 -42.94
CA PRO E 77 -23.58 7.03 -43.78
C PRO E 77 -22.53 8.11 -43.59
N ALA E 78 -22.60 9.13 -44.44
CA ALA E 78 -21.65 10.23 -44.39
C ALA E 78 -21.95 11.14 -43.20
N ASN E 79 -20.88 11.73 -42.65
CA ASN E 79 -21.00 12.57 -41.46
C ASN E 79 -21.84 13.82 -41.71
N SER E 80 -21.86 14.30 -42.95
CA SER E 80 -22.71 15.43 -43.29
C SER E 80 -24.20 15.11 -43.16
N LEU E 81 -24.57 13.83 -43.25
CA LEU E 81 -25.94 13.45 -42.99
C LEU E 81 -26.28 13.51 -41.51
N GLY E 82 -25.25 13.57 -40.65
CA GLY E 82 -25.50 13.66 -39.21
C GLY E 82 -26.10 12.39 -38.67
N HIS E 83 -27.14 12.56 -37.84
CA HIS E 83 -27.89 11.44 -37.28
C HIS E 83 -29.21 11.24 -37.99
N SER E 84 -29.24 11.48 -39.30
CA SER E 84 -30.47 11.27 -40.07
C SER E 84 -30.81 9.80 -40.13
N LEU E 85 -32.11 9.50 -40.03
CA LEU E 85 -32.57 8.13 -40.07
C LEU E 85 -32.46 7.52 -41.46
N LEU E 86 -32.35 8.35 -42.50
CA LEU E 86 -32.15 7.93 -43.89
C LEU E 86 -33.22 6.95 -44.36
N PHE E 87 -34.48 7.34 -44.17
CA PHE E 87 -35.57 6.57 -44.74
C PHE E 87 -35.55 6.69 -46.26
N VAL E 88 -36.06 5.66 -46.93
CA VAL E 88 -36.14 5.73 -48.38
C VAL E 88 -37.14 6.78 -48.81
N TRP E 89 -38.08 7.13 -47.95
CA TRP E 89 -39.02 8.22 -48.18
C TRP E 89 -38.57 9.53 -47.54
N GLY E 90 -37.37 9.57 -46.96
CA GLY E 90 -36.91 10.74 -46.26
C GLY E 90 -36.48 11.84 -47.21
N PRO E 91 -36.01 12.95 -46.63
CA PRO E 91 -35.59 14.09 -47.47
C PRO E 91 -34.30 13.84 -48.23
N GLU E 92 -33.53 12.80 -47.88
CA GLU E 92 -32.29 12.52 -48.56
C GLU E 92 -32.48 11.55 -49.72
N ALA E 93 -33.07 10.38 -49.45
CA ALA E 93 -33.29 9.42 -50.52
C ALA E 93 -34.41 9.86 -51.45
N GLN E 94 -35.53 10.32 -50.87
CA GLN E 94 -36.69 10.84 -51.61
C GLN E 94 -37.25 9.82 -52.60
N GLY E 95 -37.32 8.56 -52.18
CA GLY E 95 -37.94 7.52 -52.98
C GLY E 95 -37.03 6.77 -53.91
N ASP E 96 -35.77 7.19 -54.06
CA ASP E 96 -34.84 6.55 -54.98
C ASP E 96 -34.06 5.48 -54.23
N LEU E 97 -34.37 4.21 -54.53
CA LEU E 97 -33.71 3.09 -53.86
C LEU E 97 -32.24 2.99 -54.25
N THR E 98 -31.93 3.22 -55.53
CA THR E 98 -30.55 3.11 -56.01
C THR E 98 -29.65 4.15 -55.37
N ARG E 99 -30.12 5.38 -55.26
CA ARG E 99 -29.34 6.41 -54.57
C ARG E 99 -29.38 6.23 -53.06
N TRP E 100 -30.45 5.62 -52.54
CA TRP E 100 -30.53 5.31 -51.11
C TRP E 100 -29.46 4.31 -50.71
N PHE E 101 -29.17 3.35 -51.59
CA PHE E 101 -28.07 2.42 -51.33
C PHE E 101 -26.72 3.13 -51.37
N GLN E 102 -26.59 4.14 -52.24
CA GLN E 102 -25.35 4.90 -52.33
C GLN E 102 -25.23 5.96 -51.24
N LEU E 103 -26.33 6.32 -50.58
CA LEU E 103 -26.32 7.33 -49.54
C LEU E 103 -26.05 6.77 -48.15
N GLY E 104 -25.84 5.46 -48.04
CA GLY E 104 -25.60 4.84 -46.75
C GLY E 104 -26.83 4.56 -45.93
N GLY E 105 -28.03 4.67 -46.53
CA GLY E 105 -29.24 4.35 -45.81
C GLY E 105 -29.38 2.89 -45.45
N LEU E 106 -28.65 2.01 -46.15
CA LEU E 106 -28.67 0.60 -45.82
C LEU E 106 -28.13 0.34 -44.43
N TRP E 107 -27.15 1.13 -43.98
CA TRP E 107 -26.65 0.97 -42.62
C TRP E 107 -27.74 1.25 -41.60
N ALA E 108 -28.47 2.36 -41.78
CA ALA E 108 -29.53 2.70 -40.85
C ALA E 108 -30.64 1.66 -40.88
N PHE E 109 -30.99 1.17 -42.08
CA PHE E 109 -31.98 0.11 -42.22
C PHE E 109 -31.56 -1.13 -41.46
N VAL E 110 -30.33 -1.59 -41.68
CA VAL E 110 -29.83 -2.80 -41.03
C VAL E 110 -29.74 -2.62 -39.52
N ALA E 111 -29.27 -1.45 -39.08
CA ALA E 111 -29.08 -1.21 -37.64
C ALA E 111 -30.42 -1.14 -36.90
N LEU E 112 -31.38 -0.38 -37.44
CA LEU E 112 -32.68 -0.29 -36.78
C LEU E 112 -33.41 -1.62 -36.82
N HIS E 113 -33.36 -2.33 -37.94
CA HIS E 113 -34.02 -3.63 -38.02
C HIS E 113 -33.33 -4.65 -37.11
N GLY E 114 -32.02 -4.54 -36.93
CA GLY E 114 -31.32 -5.45 -36.03
C GLY E 114 -31.62 -5.16 -34.57
N ALA E 115 -31.75 -3.87 -34.22
CA ALA E 115 -32.13 -3.51 -32.86
C ALA E 115 -33.54 -4.01 -32.54
N PHE E 116 -34.47 -3.81 -33.47
CA PHE E 116 -35.82 -4.31 -33.26
C PHE E 116 -35.85 -5.84 -33.29
N GLY E 117 -34.97 -6.47 -34.08
CA GLY E 117 -34.88 -7.92 -34.04
C GLY E 117 -34.34 -8.43 -32.72
N LEU E 118 -33.41 -7.70 -32.10
CA LEU E 118 -32.93 -8.07 -30.78
C LEU E 118 -34.05 -7.96 -29.75
N ILE E 119 -34.83 -6.87 -29.84
CA ILE E 119 -36.00 -6.71 -28.96
C ILE E 119 -36.95 -7.88 -29.15
N GLY E 120 -37.23 -8.24 -30.40
CA GLY E 120 -38.15 -9.32 -30.69
C GLY E 120 -37.62 -10.68 -30.25
N PHE E 121 -36.31 -10.88 -30.33
CA PHE E 121 -35.74 -12.17 -29.95
C PHE E 121 -35.76 -12.34 -28.44
N MET E 122 -35.51 -11.27 -27.71
CA MET E 122 -35.57 -11.39 -26.26
C MET E 122 -37.02 -11.49 -25.79
N LEU E 123 -37.95 -10.83 -26.49
CA LEU E 123 -39.37 -11.07 -26.25
C LEU E 123 -39.75 -12.52 -26.59
N ARG E 124 -39.09 -13.11 -27.59
CA ARG E 124 -39.34 -14.50 -27.93
C ARG E 124 -38.88 -15.43 -26.81
N GLN E 125 -37.72 -15.16 -26.22
CA GLN E 125 -37.28 -15.95 -25.07
C GLN E 125 -38.24 -15.80 -23.89
N PHE E 126 -38.71 -14.57 -23.65
CA PHE E 126 -39.73 -14.34 -22.63
C PHE E 126 -41.00 -15.15 -22.90
N GLU E 127 -41.48 -15.14 -24.14
CA GLU E 127 -42.74 -15.80 -24.45
C GLU E 127 -42.60 -17.32 -24.41
N ILE E 128 -41.46 -17.86 -24.87
CA ILE E 128 -41.23 -19.30 -24.77
C ILE E 128 -41.07 -19.72 -23.32
N ALA E 129 -40.37 -18.93 -22.51
CA ALA E 129 -40.21 -19.25 -21.10
C ALA E 129 -41.56 -19.22 -20.37
N ARG E 130 -42.46 -18.34 -20.79
CA ARG E 130 -43.80 -18.37 -20.21
C ARG E 130 -44.63 -19.53 -20.76
N SER E 131 -44.36 -19.96 -22.00
CA SER E 131 -45.09 -21.07 -22.58
C SER E 131 -44.76 -22.38 -21.89
N VAL E 132 -43.47 -22.65 -21.66
CA VAL E 132 -43.05 -23.91 -21.04
C VAL E 132 -42.93 -23.80 -19.52
N ASN E 133 -43.28 -22.65 -18.95
CA ASN E 133 -43.27 -22.38 -17.51
C ASN E 133 -41.86 -22.54 -16.92
N LEU E 134 -40.94 -21.75 -17.45
CA LEU E 134 -39.57 -21.66 -16.96
C LEU E 134 -39.22 -20.20 -16.70
N ARG E 135 -38.29 -19.98 -15.77
CA ARG E 135 -37.85 -18.63 -15.45
C ARG E 135 -37.06 -18.05 -16.62
N PRO E 136 -37.18 -16.76 -16.90
CA PRO E 136 -36.52 -16.14 -18.07
C PRO E 136 -35.10 -15.65 -17.79
N TYR E 137 -34.29 -16.49 -17.14
CA TYR E 137 -32.89 -16.12 -16.92
C TYR E 137 -32.14 -16.04 -18.23
N ASN E 138 -32.61 -16.77 -19.26
CA ASN E 138 -32.01 -16.69 -20.59
C ASN E 138 -32.07 -15.27 -21.14
N ALA E 139 -33.22 -14.63 -21.05
CA ALA E 139 -33.30 -13.28 -21.60
C ALA E 139 -32.87 -12.22 -20.59
N ILE E 140 -32.83 -12.55 -19.30
CA ILE E 140 -32.13 -11.66 -18.37
C ILE E 140 -30.65 -11.60 -18.73
N ALA E 141 -30.08 -12.73 -19.17
CA ALA E 141 -28.72 -12.73 -19.69
C ALA E 141 -28.63 -12.05 -21.05
N PHE E 142 -29.65 -12.23 -21.89
CA PHE E 142 -29.68 -11.63 -23.22
C PHE E 142 -29.98 -10.12 -23.19
N SER E 143 -30.33 -9.57 -22.02
CA SER E 143 -30.40 -8.13 -21.89
C SER E 143 -29.03 -7.48 -22.05
N ALA E 144 -27.97 -8.20 -21.69
CA ALA E 144 -26.61 -7.65 -21.78
C ALA E 144 -26.16 -7.32 -23.21
N PRO E 145 -26.15 -8.24 -24.18
CA PRO E 145 -25.70 -7.82 -25.52
C PRO E 145 -26.67 -6.92 -26.25
N ILE E 146 -27.96 -6.90 -25.89
CA ILE E 146 -28.83 -5.87 -26.45
C ILE E 146 -28.41 -4.49 -25.95
N ALA E 147 -28.07 -4.38 -24.66
CA ALA E 147 -27.55 -3.12 -24.14
C ALA E 147 -26.23 -2.75 -24.80
N VAL E 148 -25.38 -3.75 -25.06
CA VAL E 148 -24.12 -3.52 -25.75
C VAL E 148 -24.35 -3.02 -27.17
N PHE E 149 -25.27 -3.66 -27.90
CA PHE E 149 -25.61 -3.23 -29.25
C PHE E 149 -26.16 -1.81 -29.26
N VAL E 150 -27.04 -1.49 -28.31
CA VAL E 150 -27.62 -0.16 -28.23
C VAL E 150 -26.54 0.88 -27.95
N SER E 151 -25.69 0.61 -26.94
CA SER E 151 -24.68 1.58 -26.54
C SER E 151 -23.62 1.76 -27.61
N VAL E 152 -23.30 0.73 -28.39
CA VAL E 152 -22.24 0.82 -29.37
C VAL E 152 -22.75 1.36 -30.70
N PHE E 153 -23.80 0.76 -31.26
CA PHE E 153 -24.29 1.10 -32.59
C PHE E 153 -25.29 2.25 -32.58
N LEU E 154 -25.87 2.61 -31.43
CA LEU E 154 -26.82 3.71 -31.39
C LEU E 154 -26.38 4.84 -30.47
N ILE E 155 -26.10 4.54 -29.20
CA ILE E 155 -25.82 5.60 -28.23
C ILE E 155 -24.51 6.30 -28.55
N TYR E 156 -23.47 5.54 -28.91
CA TYR E 156 -22.19 6.17 -29.25
C TYR E 156 -22.28 7.08 -30.47
N PRO E 157 -22.80 6.65 -31.64
CA PRO E 157 -22.91 7.62 -32.75
C PRO E 157 -23.89 8.74 -32.46
N LEU E 158 -24.91 8.49 -31.63
CA LEU E 158 -25.84 9.56 -31.27
C LEU E 158 -25.13 10.63 -30.45
N GLY E 159 -24.23 10.21 -29.55
CA GLY E 159 -23.46 11.17 -28.79
C GLY E 159 -22.38 11.84 -29.60
N GLN E 160 -21.88 11.18 -30.64
CA GLN E 160 -20.87 11.79 -31.49
C GLN E 160 -21.55 12.60 -32.60
N SER E 161 -20.76 12.98 -33.62
CA SER E 161 -21.26 13.87 -34.66
C SER E 161 -22.28 13.20 -35.59
N GLY E 162 -22.25 11.88 -35.72
CA GLY E 162 -23.21 11.23 -36.58
C GLY E 162 -22.92 9.76 -36.78
N TRP E 163 -23.82 9.14 -37.55
CA TRP E 163 -23.74 7.70 -37.82
C TRP E 163 -22.45 7.29 -38.49
N PHE E 164 -21.74 8.24 -39.13
CA PHE E 164 -20.45 7.98 -39.73
C PHE E 164 -19.47 7.36 -38.74
N PHE E 165 -19.54 7.77 -37.48
CA PHE E 165 -18.61 7.23 -36.50
C PHE E 165 -19.21 6.06 -35.74
N ALA E 166 -20.34 5.56 -36.21
CA ALA E 166 -20.91 4.30 -35.80
C ALA E 166 -20.10 3.15 -36.41
N PRO E 167 -20.24 1.93 -35.89
CA PRO E 167 -19.55 0.80 -36.54
C PRO E 167 -20.27 0.36 -37.81
N SER E 168 -19.52 0.32 -38.90
CA SER E 168 -20.03 -0.26 -40.14
C SER E 168 -20.13 -1.77 -39.96
N PHE E 169 -21.18 -2.37 -40.52
CA PHE E 169 -21.42 -3.80 -40.30
C PHE E 169 -20.47 -4.59 -41.18
N GLY E 170 -19.38 -5.07 -40.61
CA GLY E 170 -18.39 -5.84 -41.34
C GLY E 170 -17.15 -6.11 -40.51
N VAL E 171 -16.35 -7.08 -40.92
CA VAL E 171 -15.23 -7.54 -40.09
C VAL E 171 -14.14 -6.47 -40.01
N ALA E 172 -13.58 -6.08 -41.15
CA ALA E 172 -12.51 -5.10 -41.17
C ALA E 172 -12.99 -3.72 -40.75
N SER E 173 -14.27 -3.41 -40.97
CA SER E 173 -14.81 -2.14 -40.50
C SER E 173 -14.91 -2.13 -38.97
N ILE E 174 -15.26 -3.26 -38.37
CA ILE E 174 -15.22 -3.38 -36.92
C ILE E 174 -13.78 -3.24 -36.41
N PHE E 175 -12.82 -3.80 -37.14
CA PHE E 175 -11.42 -3.63 -36.74
C PHE E 175 -10.99 -2.18 -36.81
N ARG E 176 -11.42 -1.45 -37.85
CA ARG E 176 -11.16 -0.02 -37.93
C ARG E 176 -11.78 0.72 -36.76
N PHE E 177 -13.02 0.38 -36.42
CA PHE E 177 -13.71 1.00 -35.28
C PHE E 177 -12.96 0.75 -33.97
N ILE E 178 -12.45 -0.46 -33.82
CA ILE E 178 -11.69 -0.85 -32.63
C ILE E 178 -10.39 -0.06 -32.54
N LEU E 179 -9.64 0.02 -33.64
CA LEU E 179 -8.40 0.78 -33.64
C LEU E 179 -8.67 2.27 -33.48
N PHE E 180 -9.84 2.72 -33.93
CA PHE E 180 -10.25 4.11 -33.71
C PHE E 180 -10.44 4.39 -32.23
N PHE E 181 -11.07 3.47 -31.49
CA PHE E 181 -11.15 3.75 -30.05
C PHE E 181 -9.82 3.58 -29.35
N GLN E 182 -8.92 2.75 -29.88
CA GLN E 182 -7.57 2.70 -29.33
C GLN E 182 -6.89 4.06 -29.46
N GLY E 183 -6.88 4.62 -30.66
CA GLY E 183 -6.16 5.85 -30.89
C GLY E 183 -6.82 7.12 -30.40
N PHE E 184 -8.14 7.22 -30.52
CA PHE E 184 -8.83 8.46 -30.21
C PHE E 184 -9.37 8.51 -28.78
N HIS E 185 -9.60 7.36 -28.14
CA HIS E 185 -10.19 7.36 -26.81
C HIS E 185 -9.36 6.65 -25.75
N ASN E 186 -8.38 5.84 -26.14
CA ASN E 186 -7.64 4.96 -25.23
C ASN E 186 -8.62 4.06 -24.47
N TRP E 187 -9.41 3.33 -25.25
CA TRP E 187 -10.47 2.47 -24.71
C TRP E 187 -9.94 1.34 -23.87
N THR E 188 -8.68 0.94 -24.05
CA THR E 188 -8.07 -0.05 -23.16
C THR E 188 -7.93 0.49 -21.75
N LEU E 189 -7.54 1.76 -21.62
CA LEU E 189 -7.30 2.37 -20.32
C LEU E 189 -8.58 2.62 -19.54
N ASN E 190 -9.74 2.53 -20.17
CA ASN E 190 -11.02 2.76 -19.50
C ASN E 190 -11.32 1.64 -18.51
N PRO E 191 -11.55 1.95 -17.22
CA PRO E 191 -11.83 0.88 -16.24
C PRO E 191 -13.11 0.11 -16.52
N PHE E 192 -14.10 0.73 -17.14
CA PHE E 192 -15.32 0.00 -17.49
C PHE E 192 -15.02 -1.04 -18.56
N HIS E 193 -14.20 -0.70 -19.55
CA HIS E 193 -13.73 -1.68 -20.50
C HIS E 193 -12.86 -2.73 -19.83
N MET E 194 -12.12 -2.34 -18.79
CA MET E 194 -11.31 -3.29 -18.04
C MET E 194 -12.19 -4.33 -17.37
N MET E 195 -13.31 -3.89 -16.78
CA MET E 195 -14.27 -4.81 -16.18
C MET E 195 -14.95 -5.67 -17.24
N GLY E 196 -15.20 -5.11 -18.43
CA GLY E 196 -15.77 -5.92 -19.50
C GLY E 196 -14.83 -7.01 -19.97
N VAL E 197 -13.55 -6.69 -20.11
CA VAL E 197 -12.54 -7.68 -20.45
C VAL E 197 -12.47 -8.76 -19.38
N ALA E 198 -12.47 -8.34 -18.10
CA ALA E 198 -12.44 -9.29 -17.01
C ALA E 198 -13.66 -10.19 -17.02
N GLY E 199 -14.84 -9.63 -17.33
CA GLY E 199 -16.05 -10.43 -17.38
C GLY E 199 -16.03 -11.47 -18.48
N VAL E 200 -15.60 -11.07 -19.68
CA VAL E 200 -15.55 -12.02 -20.79
C VAL E 200 -14.51 -13.10 -20.56
N LEU E 201 -13.32 -12.72 -20.08
CA LEU E 201 -12.29 -13.72 -19.84
C LEU E 201 -12.67 -14.66 -18.69
N GLY E 202 -13.30 -14.13 -17.64
CA GLY E 202 -13.78 -14.97 -16.58
C GLY E 202 -14.90 -15.88 -16.99
N ALA E 203 -15.77 -15.41 -17.90
CA ALA E 203 -16.85 -16.25 -18.40
C ALA E 203 -16.32 -17.38 -19.27
N ALA E 204 -15.33 -17.09 -20.11
CA ALA E 204 -14.70 -18.13 -20.91
C ALA E 204 -13.99 -19.14 -20.02
N LEU E 205 -13.30 -18.65 -18.99
CA LEU E 205 -12.66 -19.54 -18.01
C LEU E 205 -13.69 -20.40 -17.31
N LEU E 206 -14.83 -19.81 -16.92
CA LEU E 206 -15.86 -20.55 -16.22
C LEU E 206 -16.46 -21.63 -17.12
N CYS E 207 -16.72 -21.29 -18.39
CA CYS E 207 -17.25 -22.27 -19.32
C CYS E 207 -16.30 -23.44 -19.52
N ALA E 208 -15.02 -23.14 -19.79
CA ALA E 208 -14.05 -24.19 -20.01
C ALA E 208 -13.84 -25.04 -18.76
N ILE E 209 -13.71 -24.40 -17.60
CA ILE E 209 -13.43 -25.12 -16.37
C ILE E 209 -14.65 -25.92 -15.93
N HIS E 210 -15.86 -25.43 -16.19
CA HIS E 210 -17.06 -26.18 -15.80
C HIS E 210 -17.26 -27.39 -16.69
N GLY E 211 -17.04 -27.23 -18.00
CA GLY E 211 -17.13 -28.37 -18.89
C GLY E 211 -16.08 -29.42 -18.58
N ALA E 212 -14.83 -28.99 -18.36
CA ALA E 212 -13.77 -29.93 -18.04
C ALA E 212 -14.01 -30.62 -16.71
N THR E 213 -14.46 -29.88 -15.70
CA THR E 213 -14.73 -30.45 -14.38
C THR E 213 -15.86 -31.47 -14.44
N VAL E 214 -16.95 -31.14 -15.14
CA VAL E 214 -18.07 -32.07 -15.24
C VAL E 214 -17.65 -33.31 -16.01
N GLU E 215 -16.96 -33.13 -17.14
CA GLU E 215 -16.59 -34.27 -17.96
C GLU E 215 -15.48 -35.10 -17.35
N ASN E 216 -14.73 -34.57 -16.39
CA ASN E 216 -13.66 -35.32 -15.74
C ASN E 216 -14.04 -35.83 -14.35
N THR E 217 -15.19 -35.42 -13.81
CA THR E 217 -15.68 -35.95 -12.55
C THR E 217 -16.90 -36.85 -12.75
N LEU E 218 -17.04 -37.44 -13.93
CA LEU E 218 -18.21 -38.25 -14.24
C LEU E 218 -18.22 -39.55 -13.45
N PHE E 219 -19.41 -40.10 -13.27
CA PHE E 219 -19.56 -41.43 -12.72
C PHE E 219 -19.36 -42.46 -13.82
N GLU E 220 -19.20 -43.73 -13.41
CA GLU E 220 -18.92 -44.79 -14.37
C GLU E 220 -20.10 -44.98 -15.34
N ASP E 221 -21.22 -45.49 -14.83
CA ASP E 221 -22.44 -45.78 -15.60
C ASP E 221 -22.15 -46.47 -16.94
N GLY E 222 -21.13 -47.31 -16.98
CA GLY E 222 -20.48 -47.62 -18.23
C GLY E 222 -20.80 -48.91 -18.95
N ASP E 223 -19.93 -49.90 -18.78
CA ASP E 223 -19.85 -51.08 -19.64
C ASP E 223 -19.67 -50.63 -21.10
N GLY E 224 -18.80 -49.64 -21.28
CA GLY E 224 -18.51 -49.05 -22.57
C GLY E 224 -17.51 -47.92 -22.43
N ALA E 225 -16.55 -47.84 -23.35
CA ALA E 225 -15.49 -46.83 -23.25
C ALA E 225 -15.97 -45.44 -23.63
N ASN E 226 -17.09 -45.31 -24.33
CA ASN E 226 -17.63 -44.01 -24.72
C ASN E 226 -18.62 -43.57 -23.65
N THR E 227 -18.28 -42.50 -22.93
CA THR E 227 -19.15 -42.04 -21.85
C THR E 227 -20.39 -41.32 -22.37
N PHE E 228 -20.35 -40.83 -23.62
CA PHE E 228 -21.47 -40.08 -24.16
C PHE E 228 -22.72 -40.95 -24.34
N ARG E 229 -22.55 -42.24 -24.56
CA ARG E 229 -23.66 -43.18 -24.59
C ARG E 229 -24.01 -43.73 -23.22
N ALA E 230 -23.30 -43.30 -22.18
CA ALA E 230 -23.57 -43.71 -20.80
C ALA E 230 -24.49 -42.75 -20.06
N PHE E 231 -25.36 -42.04 -20.80
CA PHE E 231 -26.23 -41.02 -20.23
C PHE E 231 -27.68 -41.31 -20.60
N ASN E 232 -28.58 -41.17 -19.64
CA ASN E 232 -30.01 -41.32 -19.85
C ASN E 232 -30.70 -40.01 -19.50
N PRO E 233 -31.39 -39.36 -20.44
CA PRO E 233 -32.07 -38.10 -20.10
C PRO E 233 -33.19 -38.24 -19.08
N THR E 234 -33.89 -39.38 -19.05
CA THR E 234 -35.03 -39.57 -18.16
C THR E 234 -34.56 -40.28 -16.90
N GLN E 235 -33.97 -39.49 -15.99
CA GLN E 235 -33.50 -39.99 -14.71
C GLN E 235 -33.39 -38.82 -13.75
N ALA E 236 -33.27 -39.14 -12.46
CA ALA E 236 -33.19 -38.16 -11.40
C ALA E 236 -31.94 -38.35 -10.55
N GLU E 237 -30.81 -38.62 -11.21
CA GLU E 237 -29.54 -38.79 -10.52
C GLU E 237 -28.46 -37.99 -11.24
N GLU E 238 -27.51 -37.48 -10.46
CA GLU E 238 -26.38 -36.74 -11.01
C GLU E 238 -25.40 -37.71 -11.66
N THR E 239 -24.80 -37.28 -12.77
CA THR E 239 -23.84 -38.09 -13.49
C THR E 239 -22.40 -37.66 -13.29
N TYR E 240 -22.15 -36.53 -12.64
CA TYR E 240 -20.81 -36.11 -12.29
C TYR E 240 -20.74 -35.84 -10.80
N SER E 241 -19.62 -36.26 -10.18
CA SER E 241 -19.48 -36.22 -8.73
C SER E 241 -19.14 -34.81 -8.29
N MET E 242 -20.16 -34.12 -7.74
CA MET E 242 -19.95 -32.77 -7.23
C MET E 242 -19.00 -32.77 -6.03
N VAL E 243 -19.06 -33.82 -5.20
CA VAL E 243 -18.18 -33.93 -4.05
C VAL E 243 -16.73 -34.07 -4.48
N THR E 244 -16.48 -34.94 -5.46
CA THR E 244 -15.13 -35.13 -5.97
C THR E 244 -14.62 -33.87 -6.65
N ALA E 245 -15.49 -33.19 -7.40
CA ALA E 245 -15.12 -31.93 -8.04
C ALA E 245 -14.75 -30.87 -7.03
N ASN E 246 -15.55 -30.76 -5.95
CA ASN E 246 -15.27 -29.79 -4.90
C ASN E 246 -13.96 -30.09 -4.19
N ARG E 247 -13.71 -31.38 -3.92
CA ARG E 247 -12.45 -31.77 -3.29
C ARG E 247 -11.25 -31.44 -4.18
N PHE E 248 -11.37 -31.75 -5.48
CA PHE E 248 -10.27 -31.51 -6.41
C PHE E 248 -9.97 -30.02 -6.52
N TRP E 249 -10.99 -29.19 -6.70
CA TRP E 249 -10.72 -27.77 -6.86
C TRP E 249 -10.38 -27.08 -5.55
N SER E 250 -10.79 -27.64 -4.41
CA SER E 250 -10.36 -27.09 -3.12
C SER E 250 -8.88 -27.40 -2.87
N GLN E 251 -8.42 -28.58 -3.28
CA GLN E 251 -7.02 -28.92 -3.09
C GLN E 251 -6.12 -28.42 -4.21
N ILE E 252 -6.67 -27.94 -5.33
CA ILE E 252 -5.85 -27.37 -6.40
C ILE E 252 -5.86 -25.85 -6.30
N PHE E 253 -7.05 -25.24 -6.37
CA PHE E 253 -7.15 -23.79 -6.42
C PHE E 253 -7.26 -23.15 -5.04
N GLY E 254 -7.81 -23.87 -4.07
CA GLY E 254 -7.99 -23.33 -2.74
C GLY E 254 -9.46 -23.22 -2.38
N VAL E 255 -10.29 -22.87 -3.36
CA VAL E 255 -11.72 -22.73 -3.17
C VAL E 255 -12.42 -23.53 -4.26
N ALA E 256 -13.67 -23.91 -3.99
CA ALA E 256 -14.45 -24.68 -4.93
C ALA E 256 -15.93 -24.45 -4.69
N PHE E 257 -16.72 -24.71 -5.73
CA PHE E 257 -18.15 -24.55 -5.63
C PHE E 257 -18.78 -25.72 -4.88
N SER E 258 -19.75 -25.42 -4.03
CA SER E 258 -20.52 -26.44 -3.33
C SER E 258 -22.01 -26.36 -3.64
N ASN E 259 -22.42 -25.44 -4.52
CA ASN E 259 -23.81 -25.25 -4.88
C ASN E 259 -23.90 -25.17 -6.40
N LYS E 260 -24.64 -26.10 -7.00
CA LYS E 260 -24.77 -26.10 -8.46
C LYS E 260 -25.56 -24.89 -8.95
N ARG E 261 -26.61 -24.51 -8.22
CA ARG E 261 -27.39 -23.34 -8.60
C ARG E 261 -26.56 -22.07 -8.50
N TRP E 262 -25.75 -21.95 -7.46
CA TRP E 262 -24.86 -20.78 -7.34
C TRP E 262 -23.78 -20.79 -8.41
N LEU E 263 -23.25 -21.97 -8.74
CA LEU E 263 -22.28 -22.10 -9.82
C LEU E 263 -22.84 -21.60 -11.14
N HIS E 264 -24.03 -22.07 -11.50
CA HIS E 264 -24.62 -21.64 -12.76
C HIS E 264 -25.07 -20.19 -12.72
N PHE E 265 -25.49 -19.70 -11.55
CA PHE E 265 -25.81 -18.28 -11.45
C PHE E 265 -24.57 -17.42 -11.61
N PHE E 266 -23.42 -17.89 -11.10
CA PHE E 266 -22.17 -17.15 -11.31
C PHE E 266 -21.76 -17.17 -12.78
N MET E 267 -21.94 -18.32 -13.44
CA MET E 267 -21.67 -18.43 -14.87
C MET E 267 -22.58 -17.50 -15.67
N LEU E 268 -23.79 -17.22 -15.16
CA LEU E 268 -24.63 -16.19 -15.76
C LEU E 268 -24.11 -14.80 -15.42
N PHE E 269 -23.70 -14.59 -14.16
CA PHE E 269 -23.48 -13.26 -13.62
C PHE E 269 -22.23 -12.61 -14.21
N VAL E 270 -21.16 -13.37 -14.38
CA VAL E 270 -19.89 -12.77 -14.81
C VAL E 270 -19.97 -12.12 -16.20
N PRO E 271 -20.44 -12.80 -17.26
CA PRO E 271 -20.46 -12.11 -18.57
C PRO E 271 -21.48 -10.98 -18.64
N VAL E 272 -22.64 -11.14 -17.99
CA VAL E 272 -23.65 -10.08 -18.03
C VAL E 272 -23.12 -8.82 -17.37
N THR E 273 -22.49 -8.96 -16.20
CA THR E 273 -21.92 -7.81 -15.50
C THR E 273 -20.79 -7.17 -16.30
N GLY E 274 -19.93 -8.00 -16.90
CA GLY E 274 -18.85 -7.45 -17.71
C GLY E 274 -19.35 -6.69 -18.92
N LEU E 275 -20.32 -7.27 -19.64
CA LEU E 275 -20.86 -6.62 -20.83
C LEU E 275 -21.62 -5.35 -20.47
N TRP E 276 -22.31 -5.34 -19.33
CA TRP E 276 -23.01 -4.13 -18.91
C TRP E 276 -22.03 -3.02 -18.53
N MET E 277 -20.92 -3.38 -17.86
CA MET E 277 -19.90 -2.39 -17.54
C MET E 277 -19.27 -1.83 -18.80
N SER E 278 -19.01 -2.69 -19.79
CA SER E 278 -18.46 -2.21 -21.06
C SER E 278 -19.45 -1.30 -21.77
N ALA E 279 -20.76 -1.60 -21.68
CA ALA E 279 -21.77 -0.74 -22.26
C ALA E 279 -21.77 0.63 -21.58
N LEU E 280 -21.62 0.65 -20.26
CA LEU E 280 -21.53 1.92 -19.54
C LEU E 280 -20.28 2.71 -19.97
N GLY E 281 -19.18 2.01 -20.21
CA GLY E 281 -17.98 2.67 -20.70
C GLY E 281 -18.15 3.29 -22.08
N VAL E 282 -18.82 2.56 -22.99
CA VAL E 282 -19.08 3.11 -24.32
C VAL E 282 -20.04 4.28 -24.25
N VAL E 283 -21.01 4.24 -23.32
CA VAL E 283 -21.87 5.40 -23.10
C VAL E 283 -21.05 6.59 -22.60
N GLY E 284 -20.07 6.34 -21.74
CA GLY E 284 -19.16 7.41 -21.34
C GLY E 284 -18.38 7.97 -22.52
N LEU E 285 -17.91 7.09 -23.40
CA LEU E 285 -17.18 7.50 -24.60
C LEU E 285 -18.07 8.18 -25.63
N ALA E 286 -19.38 8.02 -25.53
CA ALA E 286 -20.31 8.67 -26.47
C ALA E 286 -20.22 10.19 -26.35
N LEU E 287 -19.83 10.69 -25.19
CA LEU E 287 -19.70 12.12 -24.95
C LEU E 287 -18.24 12.54 -24.84
N ASN E 288 -17.33 11.69 -25.32
CA ASN E 288 -15.88 11.90 -25.26
C ASN E 288 -15.38 12.03 -23.82
N LEU E 289 -16.09 11.41 -22.87
CA LEU E 289 -15.64 11.34 -21.49
C LEU E 289 -14.70 10.15 -21.37
N ARG E 290 -13.48 10.36 -21.85
CA ARG E 290 -12.49 9.30 -21.95
C ARG E 290 -11.61 9.29 -20.70
N ALA E 291 -11.27 8.08 -20.25
CA ALA E 291 -10.20 7.93 -19.28
C ALA E 291 -8.86 7.85 -20.02
N TYR E 292 -8.53 8.97 -20.65
CA TYR E 292 -7.42 9.01 -21.61
C TYR E 292 -6.07 9.18 -20.93
N ASP E 293 -5.98 10.08 -19.95
CA ASP E 293 -4.68 10.42 -19.38
C ASP E 293 -4.72 10.46 -17.86
N PHE E 294 -3.56 10.20 -17.27
CA PHE E 294 -3.32 10.40 -15.84
C PHE E 294 -2.60 11.74 -15.71
N VAL E 295 -3.30 12.72 -15.12
CA VAL E 295 -2.84 14.11 -15.16
C VAL E 295 -1.57 14.29 -14.36
N SER E 296 -1.48 13.66 -13.18
CA SER E 296 -0.29 13.81 -12.35
C SER E 296 0.94 13.22 -13.04
N GLN E 297 0.78 12.06 -13.67
CA GLN E 297 1.86 11.47 -14.45
C GLN E 297 2.21 12.33 -15.65
N GLU E 298 1.22 13.01 -16.24
CA GLU E 298 1.48 13.90 -17.36
C GLU E 298 2.33 15.10 -16.94
N ILE E 299 1.99 15.73 -15.81
CA ILE E 299 2.81 16.85 -15.32
C ILE E 299 4.20 16.38 -14.94
N ARG E 300 4.30 15.19 -14.33
CA ARG E 300 5.62 14.67 -13.96
C ARG E 300 6.48 14.42 -15.19
N ALA E 301 5.89 13.83 -16.24
CA ALA E 301 6.65 13.60 -17.47
C ALA E 301 6.99 14.90 -18.19
N ALA E 302 6.12 15.90 -18.10
CA ALA E 302 6.39 17.18 -18.75
C ALA E 302 7.52 17.93 -18.05
N GLU E 303 7.53 17.91 -16.71
CA GLU E 303 8.57 18.61 -15.96
C GLU E 303 9.85 17.80 -15.79
N ASP E 304 9.82 16.50 -16.09
CA ASP E 304 11.00 15.65 -16.00
C ASP E 304 11.04 14.76 -17.23
N PRO E 305 11.91 15.05 -18.19
CA PRO E 305 11.95 14.27 -19.44
C PRO E 305 12.68 12.95 -19.34
N GLU E 306 13.11 12.52 -18.15
CA GLU E 306 13.71 11.22 -17.96
C GLU E 306 12.73 10.18 -17.45
N PHE E 307 11.45 10.54 -17.36
CA PHE E 307 10.42 9.68 -16.78
C PHE E 307 9.59 9.09 -17.92
N GLU E 308 9.92 7.86 -18.30
CA GLU E 308 9.23 7.15 -19.36
C GLU E 308 8.50 5.94 -18.81
N THR E 309 7.26 5.74 -19.23
CA THR E 309 6.46 4.59 -18.83
C THR E 309 5.73 4.04 -20.04
N PHE E 310 5.19 2.83 -19.88
CA PHE E 310 4.38 2.22 -20.93
C PHE E 310 3.12 3.02 -21.19
N TYR E 311 2.62 3.74 -20.18
CA TYR E 311 1.49 4.63 -20.38
C TYR E 311 1.84 5.77 -21.33
N THR E 312 3.02 6.37 -21.15
CA THR E 312 3.46 7.42 -22.07
C THR E 312 3.71 6.86 -23.46
N LYS E 313 4.21 5.62 -23.55
CA LYS E 313 4.33 4.96 -24.83
C LYS E 313 2.97 4.81 -25.51
N ASN E 314 1.95 4.43 -24.74
CA ASN E 314 0.60 4.30 -25.27
C ASN E 314 0.06 5.64 -25.73
N ILE E 315 0.36 6.72 -24.98
CA ILE E 315 -0.09 8.06 -25.37
C ILE E 315 0.52 8.45 -26.72
N LEU E 316 1.82 8.20 -26.87
CA LEU E 316 2.49 8.51 -28.14
C LEU E 316 1.93 7.66 -29.29
N LEU E 317 1.64 6.39 -29.01
CA LEU E 317 1.07 5.52 -30.04
C LEU E 317 -0.32 5.99 -30.45
N ASN E 318 -1.14 6.44 -29.50
CA ASN E 318 -2.46 6.93 -29.83
C ASN E 318 -2.40 8.23 -30.62
N GLU E 319 -1.41 9.08 -30.31
CA GLU E 319 -1.17 10.26 -31.13
C GLU E 319 -0.81 9.86 -32.56
N GLY E 320 -0.01 8.81 -32.69
CA GLY E 320 0.31 8.30 -34.02
C GLY E 320 -0.91 7.78 -34.77
N ILE E 321 -1.80 7.09 -34.06
CA ILE E 321 -3.06 6.64 -34.67
C ILE E 321 -3.88 7.80 -35.18
N ARG E 322 -4.08 8.82 -34.34
CA ARG E 322 -4.90 9.96 -34.77
C ARG E 322 -4.28 10.67 -35.96
N ALA E 323 -2.97 10.89 -35.92
CA ALA E 323 -2.30 11.62 -37.00
C ALA E 323 -2.31 10.83 -38.31
N TRP E 324 -1.94 9.55 -38.28
CA TRP E 324 -1.87 8.77 -39.51
C TRP E 324 -3.22 8.15 -39.89
N MET E 325 -4.26 8.40 -39.10
CA MET E 325 -5.62 7.97 -39.40
C MET E 325 -6.50 9.04 -40.00
N ALA E 326 -6.42 10.28 -39.48
CA ALA E 326 -7.44 11.30 -39.74
C ALA E 326 -7.64 11.59 -41.22
N ALA E 327 -6.54 11.69 -41.98
CA ALA E 327 -6.61 12.14 -43.36
C ALA E 327 -7.42 11.20 -44.25
N GLN E 328 -7.26 9.89 -44.06
CA GLN E 328 -7.98 8.93 -44.87
C GLN E 328 -9.15 8.28 -44.15
N ASP E 329 -9.36 8.62 -42.88
CA ASP E 329 -10.49 8.07 -42.12
C ASP E 329 -11.66 9.03 -42.13
N GLN E 330 -11.41 10.34 -42.09
CA GLN E 330 -12.47 11.35 -42.07
C GLN E 330 -12.36 12.18 -43.33
N PRO E 331 -13.01 11.76 -44.42
CA PRO E 331 -12.95 12.55 -45.66
C PRO E 331 -13.71 13.86 -45.58
N HIS E 332 -14.64 14.00 -44.63
CA HIS E 332 -15.38 15.25 -44.49
C HIS E 332 -14.50 16.36 -43.94
N GLU E 333 -13.45 16.01 -43.20
CA GLU E 333 -12.56 17.02 -42.65
C GLU E 333 -11.66 17.63 -43.71
N LYS E 334 -11.47 16.92 -44.83
CA LYS E 334 -10.61 17.36 -45.95
C LYS E 334 -9.19 17.65 -45.46
N LEU E 335 -8.70 16.81 -44.57
CA LEU E 335 -7.39 17.02 -43.97
C LEU E 335 -6.29 16.62 -44.95
N THR E 336 -5.82 17.59 -45.73
CA THR E 336 -4.67 17.40 -46.61
C THR E 336 -3.36 17.65 -45.86
N LEU E 337 -3.19 16.84 -44.82
CA LEU E 337 -2.08 17.01 -43.89
C LEU E 337 -0.75 16.70 -44.58
N PRO E 338 0.22 17.60 -44.53
CA PRO E 338 1.52 17.34 -45.16
C PRO E 338 2.34 16.33 -44.39
N GLU E 339 3.38 15.83 -45.06
CA GLU E 339 4.27 14.84 -44.48
C GLU E 339 5.05 15.39 -43.29
N GLU E 340 5.55 16.63 -43.40
CA GLU E 340 6.48 17.18 -42.42
C GLU E 340 5.87 17.37 -41.04
N VAL E 341 4.54 17.42 -40.93
CA VAL E 341 3.91 17.63 -39.63
C VAL E 341 3.42 16.32 -39.02
N LEU E 342 3.38 15.24 -39.81
CA LEU E 342 3.02 13.93 -39.27
C LEU E 342 4.11 13.44 -38.32
N PRO E 343 3.75 13.05 -37.09
CA PRO E 343 4.77 12.52 -36.17
C PRO E 343 5.38 11.23 -36.68
N ARG E 344 6.69 11.13 -36.55
CA ARG E 344 7.45 9.98 -37.01
C ARG E 344 8.69 9.84 -36.16
N GLY E 345 9.02 8.60 -35.80
CA GLY E 345 10.15 8.32 -34.95
C GLY E 345 11.46 8.31 -35.70
N ASN E 346 12.47 7.73 -35.03
CA ASN E 346 13.80 7.59 -35.62
C ASN E 346 13.75 6.58 -36.76
N ALA E 347 14.04 7.04 -37.97
CA ALA E 347 14.08 6.24 -39.22
C ALA E 347 12.72 5.57 -39.38
N LEU E 348 12.70 4.30 -39.80
CA LEU E 348 11.50 3.45 -39.82
C LEU E 348 10.34 4.00 -40.64
N GLU F 1 -43.86 -37.14 -40.98
CA GLU F 1 -43.28 -36.11 -40.11
C GLU F 1 -42.14 -35.40 -40.82
N ARG F 2 -41.53 -36.09 -41.80
CA ARG F 2 -40.40 -35.63 -42.61
C ARG F 2 -39.25 -35.15 -41.73
N PRO F 3 -38.49 -36.09 -41.14
CA PRO F 3 -37.42 -35.69 -40.20
C PRO F 3 -36.12 -35.31 -40.88
N PHE F 4 -36.19 -34.98 -42.17
CA PHE F 4 -35.12 -34.62 -43.13
C PHE F 4 -34.40 -35.85 -43.62
N SER F 5 -34.74 -37.05 -43.15
CA SER F 5 -34.14 -38.28 -43.66
C SER F 5 -34.90 -38.85 -44.85
N ASP F 6 -36.14 -38.42 -45.06
CA ASP F 6 -36.94 -38.87 -46.19
C ASP F 6 -36.89 -37.89 -47.36
N ILE F 7 -36.94 -36.59 -47.08
CA ILE F 7 -36.92 -35.59 -48.14
C ILE F 7 -35.56 -35.56 -48.84
N LEU F 8 -34.48 -35.73 -48.09
CA LEU F 8 -33.15 -35.68 -48.69
C LEU F 8 -32.75 -36.99 -49.34
N THR F 9 -33.60 -38.02 -49.28
CA THR F 9 -33.30 -39.32 -49.86
C THR F 9 -34.34 -39.74 -50.90
N SER F 10 -35.14 -38.81 -51.41
CA SER F 10 -36.23 -39.14 -52.32
C SER F 10 -36.01 -38.51 -53.69
N ILE F 11 -36.10 -39.35 -54.72
CA ILE F 11 -35.96 -38.87 -56.10
C ILE F 11 -37.14 -37.96 -56.46
N ARG F 12 -38.29 -38.13 -55.82
CA ARG F 12 -39.41 -37.21 -56.02
C ARG F 12 -39.02 -35.80 -55.60
N TYR F 13 -38.29 -35.68 -54.48
CA TYR F 13 -37.73 -34.40 -54.08
C TYR F 13 -36.65 -33.95 -55.06
N TRP F 14 -35.82 -34.88 -55.53
CA TRP F 14 -34.64 -34.50 -56.29
C TRP F 14 -34.88 -34.25 -57.78
N VAL F 15 -36.07 -34.56 -58.31
CA VAL F 15 -36.32 -34.27 -59.72
C VAL F 15 -36.70 -32.81 -59.94
N ILE F 16 -37.30 -32.18 -58.93
CA ILE F 16 -37.68 -30.78 -59.05
C ILE F 16 -36.61 -29.83 -58.51
N HIS F 17 -35.70 -30.31 -57.66
CA HIS F 17 -34.58 -29.52 -57.19
C HIS F 17 -33.38 -29.60 -58.11
N SER F 18 -33.40 -30.49 -59.11
CA SER F 18 -32.34 -30.54 -60.11
C SER F 18 -32.48 -29.45 -61.15
N ILE F 19 -33.60 -28.72 -61.16
CA ILE F 19 -33.80 -27.61 -62.08
C ILE F 19 -33.93 -26.28 -61.37
N THR F 20 -34.53 -26.26 -60.17
CA THR F 20 -34.79 -24.99 -59.49
C THR F 20 -33.51 -24.38 -58.93
N VAL F 21 -32.67 -25.18 -58.28
CA VAL F 21 -31.40 -24.70 -57.75
C VAL F 21 -30.45 -24.27 -58.88
N PRO F 22 -30.26 -25.05 -59.97
CA PRO F 22 -29.46 -24.50 -61.08
C PRO F 22 -30.09 -23.28 -61.74
N SER F 23 -31.42 -23.21 -61.80
CA SER F 23 -32.08 -22.03 -62.37
C SER F 23 -31.79 -20.79 -61.52
N LEU F 24 -31.84 -20.94 -60.19
CA LEU F 24 -31.50 -19.83 -59.31
C LEU F 24 -30.03 -19.45 -59.44
N PHE F 25 -29.15 -20.44 -59.61
CA PHE F 25 -27.73 -20.14 -59.79
C PHE F 25 -27.49 -19.37 -61.09
N ILE F 26 -28.16 -19.78 -62.18
CA ILE F 26 -28.02 -19.09 -63.45
C ILE F 26 -28.62 -17.68 -63.37
N ALA F 27 -29.73 -17.54 -62.65
CA ALA F 27 -30.33 -16.22 -62.48
C ALA F 27 -29.40 -15.29 -61.71
N GLY F 28 -28.78 -15.79 -60.65
CA GLY F 28 -27.81 -15.00 -59.92
C GLY F 28 -26.59 -14.67 -60.75
N TRP F 29 -26.15 -15.61 -61.59
CA TRP F 29 -25.04 -15.36 -62.51
C TRP F 29 -25.36 -14.22 -63.47
N LEU F 30 -26.53 -14.29 -64.11
CA LEU F 30 -26.90 -13.30 -65.11
C LEU F 30 -27.21 -11.95 -64.48
N PHE F 31 -27.67 -11.93 -63.23
CA PHE F 31 -28.01 -10.69 -62.56
C PHE F 31 -26.81 -9.78 -62.41
N VAL F 32 -25.63 -10.34 -62.18
CA VAL F 32 -24.42 -9.53 -62.07
C VAL F 32 -23.65 -9.51 -63.40
N SER F 33 -23.80 -10.53 -64.24
CA SER F 33 -23.08 -10.54 -65.51
C SER F 33 -23.74 -9.66 -66.57
N THR F 34 -24.97 -9.21 -66.36
CA THR F 34 -25.65 -8.34 -67.30
C THR F 34 -25.69 -6.88 -66.84
N GLY F 35 -25.02 -6.55 -65.75
CA GLY F 35 -25.01 -5.18 -65.25
C GLY F 35 -26.23 -4.78 -64.46
N LEU F 36 -27.18 -5.69 -64.25
CA LEU F 36 -28.39 -5.36 -63.51
C LEU F 36 -28.08 -5.07 -62.04
N ALA F 37 -27.07 -5.75 -61.48
CA ALA F 37 -26.66 -5.48 -60.11
C ALA F 37 -26.12 -4.05 -59.98
N TYR F 38 -25.29 -3.63 -60.94
CA TYR F 38 -24.80 -2.25 -60.95
C TYR F 38 -25.95 -1.26 -61.15
N ASP F 39 -26.96 -1.67 -61.92
CA ASP F 39 -28.10 -0.79 -62.15
C ASP F 39 -28.93 -0.58 -60.89
N VAL F 40 -29.29 -1.66 -60.19
CA VAL F 40 -30.26 -1.53 -59.12
C VAL F 40 -29.58 -1.17 -57.80
N PHE F 41 -28.35 -1.62 -57.60
CA PHE F 41 -27.66 -1.36 -56.34
C PHE F 41 -26.68 -0.18 -56.42
N GLY F 42 -26.52 0.42 -57.61
CA GLY F 42 -25.69 1.60 -57.74
C GLY F 42 -24.22 1.38 -57.57
N SER F 43 -23.75 0.15 -57.61
CA SER F 43 -22.32 -0.12 -57.48
C SER F 43 -21.60 0.30 -58.74
N PRO F 44 -20.47 1.01 -58.64
CA PRO F 44 -19.75 1.43 -59.85
C PRO F 44 -18.93 0.31 -60.45
N ARG F 45 -18.84 0.34 -61.78
CA ARG F 45 -17.99 -0.58 -62.52
C ARG F 45 -16.53 -0.17 -62.31
N PRO F 46 -15.58 -1.08 -62.59
CA PRO F 46 -14.17 -0.71 -62.45
C PRO F 46 -13.72 0.44 -63.35
N ASN F 47 -14.40 0.68 -64.46
CA ASN F 47 -14.00 1.75 -65.38
C ASN F 47 -14.70 3.07 -65.11
N GLU F 48 -15.61 3.14 -64.13
CA GLU F 48 -16.38 4.35 -63.88
C GLU F 48 -16.23 4.87 -62.45
N TYR F 49 -15.21 4.40 -61.72
CA TYR F 49 -14.99 4.87 -60.36
C TYR F 49 -14.62 6.35 -60.32
N PHE F 50 -13.77 6.80 -61.24
CA PHE F 50 -13.34 8.18 -61.31
C PHE F 50 -13.84 8.81 -62.60
N THR F 51 -14.32 10.05 -62.50
CA THR F 51 -14.78 10.81 -63.65
C THR F 51 -13.70 11.80 -64.07
N GLU F 52 -14.05 12.68 -65.00
CA GLU F 52 -13.10 13.69 -65.47
C GLU F 52 -13.05 14.90 -64.54
N ASP F 53 -14.18 15.24 -63.91
CA ASP F 53 -14.21 16.42 -63.05
C ASP F 53 -13.53 16.15 -61.70
N ARG F 54 -13.60 14.92 -61.21
CA ARG F 54 -12.99 14.55 -59.94
C ARG F 54 -12.14 13.29 -60.11
N GLN F 55 -10.96 13.31 -59.51
CA GLN F 55 -10.04 12.17 -59.55
C GLN F 55 -9.71 11.67 -58.14
N ASP F 56 -10.65 11.82 -57.22
CA ASP F 56 -10.46 11.40 -55.84
C ASP F 56 -11.74 10.76 -55.35
N ALA F 57 -11.80 10.48 -54.05
CA ALA F 57 -12.99 9.89 -53.47
C ALA F 57 -14.08 10.95 -53.35
N PRO F 58 -15.33 10.63 -53.73
CA PRO F 58 -16.41 11.61 -53.59
C PRO F 58 -16.76 11.86 -52.14
N LEU F 59 -17.34 13.03 -51.89
CA LEU F 59 -17.76 13.43 -50.56
C LEU F 59 -19.20 13.93 -50.62
N ILE F 60 -20.03 13.46 -49.69
CA ILE F 60 -21.44 13.82 -49.71
C ILE F 60 -21.64 15.28 -49.32
N THR F 61 -21.00 15.72 -48.23
CA THR F 61 -20.88 17.10 -47.74
C THR F 61 -22.18 17.91 -47.72
N ASP F 62 -23.33 17.24 -47.69
CA ASP F 62 -24.64 17.88 -47.68
C ASP F 62 -25.66 16.87 -47.21
N ARG F 63 -26.80 17.36 -46.70
CA ARG F 63 -27.86 16.48 -46.23
C ARG F 63 -29.14 16.62 -47.04
N PHE F 64 -29.71 17.82 -47.15
CA PHE F 64 -31.02 17.98 -47.75
C PHE F 64 -30.99 18.00 -49.27
N ASN F 65 -29.82 18.15 -49.90
CA ASN F 65 -29.68 18.07 -51.35
C ASN F 65 -28.78 16.90 -51.72
N ALA F 66 -28.72 15.90 -50.84
CA ALA F 66 -27.84 14.76 -51.04
C ALA F 66 -28.24 13.94 -52.25
N LEU F 67 -29.54 13.85 -52.55
CA LEU F 67 -29.99 13.10 -53.72
C LEU F 67 -29.45 13.70 -55.01
N GLU F 68 -29.66 15.01 -55.19
CA GLU F 68 -29.19 15.67 -56.41
C GLU F 68 -27.68 15.69 -56.48
N GLN F 69 -27.00 15.87 -55.33
CA GLN F 69 -25.55 15.94 -55.40
C GLN F 69 -24.92 14.58 -55.63
N VAL F 70 -25.49 13.50 -55.09
CA VAL F 70 -24.95 12.18 -55.38
C VAL F 70 -25.30 11.79 -56.82
N LYS F 71 -26.41 12.31 -57.36
CA LYS F 71 -26.68 12.10 -58.78
C LYS F 71 -25.65 12.80 -59.65
N LYS F 72 -25.22 13.99 -59.24
CA LYS F 72 -24.20 14.71 -60.00
C LYS F 72 -22.83 14.05 -59.85
N LEU F 73 -22.51 13.52 -58.67
CA LEU F 73 -21.21 12.92 -58.42
C LEU F 73 -21.12 11.45 -58.81
N SER F 74 -22.25 10.82 -59.16
CA SER F 74 -22.21 9.45 -59.63
C SER F 74 -21.67 9.39 -61.06
N ALA F 75 -21.46 8.18 -61.55
CA ALA F 75 -20.91 7.99 -62.90
C ALA F 75 -22.00 8.00 -63.96
N GLN F 76 -22.82 9.04 -63.94
CA GLN F 76 -23.91 9.29 -64.90
C GLN F 76 -24.89 8.12 -65.04
N ILE G 1 -46.59 -28.56 -49.57
CA ILE G 1 -45.96 -27.25 -49.43
C ILE G 1 -46.83 -26.32 -48.60
N PHE G 2 -46.50 -25.03 -48.64
CA PHE G 2 -47.22 -23.97 -47.92
C PHE G 2 -47.24 -24.23 -46.42
N THR G 3 -46.12 -24.73 -45.89
CA THR G 3 -45.95 -24.97 -44.47
C THR G 3 -44.92 -24.00 -43.91
N VAL G 4 -44.93 -23.85 -42.58
CA VAL G 4 -44.03 -22.93 -41.92
C VAL G 4 -42.58 -23.39 -42.08
N ARG G 5 -42.34 -24.70 -41.98
CA ARG G 5 -41.00 -25.24 -42.20
C ARG G 5 -40.51 -24.94 -43.62
N TRP G 6 -41.39 -25.15 -44.61
CA TRP G 6 -41.04 -24.87 -46.00
C TRP G 6 -40.70 -23.40 -46.22
N LEU G 7 -41.55 -22.51 -45.69
CA LEU G 7 -41.32 -21.08 -45.86
C LEU G 7 -40.06 -20.62 -45.15
N ALA G 8 -39.82 -21.09 -43.93
CA ALA G 8 -38.64 -20.70 -43.17
C ALA G 8 -37.35 -21.20 -43.82
N ILE G 9 -37.37 -22.41 -44.38
CA ILE G 9 -36.17 -22.89 -45.06
C ILE G 9 -35.97 -22.13 -46.37
N HIS G 10 -37.05 -21.89 -47.12
CA HIS G 10 -36.92 -21.28 -48.44
C HIS G 10 -36.50 -19.82 -48.36
N ALA G 11 -37.00 -19.07 -47.37
CA ALA G 11 -36.66 -17.65 -47.25
C ALA G 11 -35.16 -17.42 -47.03
N ILE G 12 -34.46 -18.40 -46.47
CA ILE G 12 -33.02 -18.32 -46.29
C ILE G 12 -32.25 -19.19 -47.27
N ALA G 13 -32.92 -20.03 -48.05
CA ALA G 13 -32.23 -20.90 -48.99
C ALA G 13 -32.22 -20.33 -50.41
N VAL G 14 -33.36 -19.82 -50.88
CA VAL G 14 -33.41 -19.26 -52.24
C VAL G 14 -32.51 -18.04 -52.40
N PRO G 15 -32.55 -17.01 -51.52
CA PRO G 15 -31.57 -15.93 -51.67
C PRO G 15 -30.14 -16.38 -51.49
N THR G 16 -29.90 -17.42 -50.68
CA THR G 16 -28.54 -17.93 -50.51
C THR G 16 -27.99 -18.48 -51.82
N ILE G 17 -28.80 -19.26 -52.54
CA ILE G 17 -28.35 -19.83 -53.81
C ILE G 17 -28.23 -18.74 -54.87
N PHE G 18 -29.17 -17.79 -54.88
CA PHE G 18 -29.10 -16.68 -55.83
C PHE G 18 -27.83 -15.85 -55.62
N PHE G 19 -27.52 -15.53 -54.36
CA PHE G 19 -26.33 -14.75 -54.05
C PHE G 19 -25.06 -15.55 -54.28
N LEU G 20 -25.09 -16.87 -54.04
CA LEU G 20 -23.93 -17.71 -54.33
C LEU G 20 -23.64 -17.74 -55.83
N GLY G 21 -24.69 -17.81 -56.65
CA GLY G 21 -24.50 -17.73 -58.09
C GLY G 21 -23.95 -16.38 -58.51
N ALA G 22 -24.44 -15.31 -57.90
CA ALA G 22 -23.94 -13.97 -58.22
C ALA G 22 -22.47 -13.81 -57.85
N ILE G 23 -22.08 -14.28 -56.66
CA ILE G 23 -20.70 -14.15 -56.23
C ILE G 23 -19.78 -15.04 -57.05
N THR G 24 -20.25 -16.24 -57.41
CA THR G 24 -19.47 -17.12 -58.28
C THR G 24 -19.26 -16.49 -59.65
N ALA G 25 -20.29 -15.81 -60.18
CA ALA G 25 -20.14 -15.11 -61.45
C ALA G 25 -19.14 -13.97 -61.34
N MET G 26 -19.20 -13.21 -60.25
CA MET G 26 -18.30 -12.07 -60.12
C MET G 26 -16.89 -12.48 -59.70
N GLN G 27 -16.67 -13.76 -59.37
CA GLN G 27 -15.31 -14.25 -59.18
C GLN G 27 -14.52 -14.15 -60.49
N PHE G 28 -15.15 -14.48 -61.60
CA PHE G 28 -14.50 -14.50 -62.91
C PHE G 28 -14.48 -13.13 -63.59
N ILE G 29 -15.02 -12.10 -62.94
CA ILE G 29 -14.98 -10.75 -63.51
C ILE G 29 -13.55 -10.24 -63.38
N GLN G 30 -12.89 -9.98 -64.51
CA GLN G 30 -11.55 -9.44 -64.50
C GLN G 30 -11.61 -7.91 -64.47
N ARG G 31 -10.43 -7.30 -64.48
CA ARG G 31 -10.33 -5.85 -64.38
C ARG G 31 -10.69 -5.17 -65.69
N GLU H 1 -59.59 -8.40 12.52
CA GLU H 1 -59.54 -7.20 13.34
C GLU H 1 -59.22 -5.95 12.51
N PRO H 2 -60.01 -4.89 12.72
CA PRO H 2 -59.76 -3.64 12.00
C PRO H 2 -58.48 -2.97 12.45
N GLY H 3 -57.92 -2.17 11.56
CA GLY H 3 -56.70 -1.43 11.84
C GLY H 3 -56.96 -0.17 12.64
N ILE H 4 -56.03 0.77 12.52
CA ILE H 4 -56.13 2.04 13.23
C ILE H 4 -57.13 2.93 12.48
N VAL H 5 -58.29 3.16 13.08
CA VAL H 5 -59.33 3.97 12.44
C VAL H 5 -58.95 5.45 12.58
N THR H 6 -59.08 6.19 11.48
CA THR H 6 -58.76 7.60 11.39
C THR H 6 -59.83 8.31 10.57
N PRO H 7 -60.10 9.58 10.86
CA PRO H 7 -61.04 10.34 10.01
C PRO H 7 -60.60 10.46 8.57
N LEU H 8 -59.30 10.64 8.32
CA LEU H 8 -58.80 10.68 6.95
C LEU H 8 -58.94 9.32 6.26
N GLY H 9 -58.72 8.24 7.01
CA GLY H 9 -58.91 6.91 6.45
C GLY H 9 -60.36 6.63 6.10
N THR H 10 -61.29 7.10 6.95
CA THR H 10 -62.70 6.94 6.62
C THR H 10 -63.12 7.84 5.47
N LEU H 11 -62.47 9.00 5.31
CA LEU H 11 -62.78 9.88 4.19
C LEU H 11 -62.29 9.28 2.87
N LEU H 12 -61.09 8.73 2.85
CA LEU H 12 -60.52 8.15 1.64
C LEU H 12 -60.88 6.68 1.47
N ARG H 13 -61.76 6.14 2.33
CA ARG H 13 -62.15 4.74 2.24
C ARG H 13 -62.82 4.36 0.91
N PRO H 14 -63.86 5.06 0.41
CA PRO H 14 -64.45 4.63 -0.87
C PRO H 14 -63.51 4.77 -2.05
N LEU H 15 -62.44 5.56 -1.94
CA LEU H 15 -61.46 5.63 -3.00
C LEU H 15 -60.64 4.35 -3.11
N ASN H 16 -60.57 3.55 -2.04
CA ASN H 16 -59.89 2.25 -2.10
C ASN H 16 -60.84 1.21 -1.50
N SER H 17 -61.78 0.74 -2.32
CA SER H 17 -62.74 -0.26 -1.87
C SER H 17 -62.88 -1.41 -2.86
N GLU H 18 -62.87 -1.10 -4.15
CA GLU H 18 -63.18 -2.07 -5.21
C GLU H 18 -61.92 -2.74 -5.77
N ALA H 19 -61.10 -3.26 -4.86
CA ALA H 19 -59.89 -3.99 -5.26
C ALA H 19 -60.28 -5.29 -5.95
N GLY H 20 -60.10 -5.33 -7.27
CA GLY H 20 -60.47 -6.48 -8.07
C GLY H 20 -61.77 -6.36 -8.85
N LYS H 21 -62.46 -5.23 -8.76
CA LYS H 21 -63.70 -5.01 -9.50
C LYS H 21 -63.33 -4.53 -10.90
N VAL H 22 -63.55 -5.39 -11.90
CA VAL H 22 -63.17 -5.11 -13.28
C VAL H 22 -64.39 -5.29 -14.17
N LEU H 23 -64.19 -4.98 -15.47
CA LEU H 23 -65.24 -5.13 -16.46
C LEU H 23 -65.15 -6.50 -17.15
N PRO H 24 -66.27 -7.05 -17.59
CA PRO H 24 -66.22 -8.33 -18.32
C PRO H 24 -65.70 -8.15 -19.73
N GLY H 25 -65.23 -9.25 -20.31
CA GLY H 25 -64.73 -9.24 -21.67
C GLY H 25 -63.43 -8.48 -21.81
N TRP H 26 -63.23 -7.89 -22.99
CA TRP H 26 -62.01 -7.14 -23.27
C TRP H 26 -62.15 -5.66 -22.92
N GLY H 27 -63.37 -5.17 -22.72
CA GLY H 27 -63.54 -3.78 -22.32
C GLY H 27 -63.26 -2.82 -23.45
N THR H 28 -62.36 -1.88 -23.20
CA THR H 28 -62.02 -0.79 -24.12
C THR H 28 -60.68 -0.99 -24.81
N THR H 29 -60.38 -2.23 -25.22
CA THR H 29 -59.10 -2.51 -25.85
C THR H 29 -59.05 -2.07 -27.32
N VAL H 30 -60.21 -1.89 -27.98
CA VAL H 30 -60.20 -1.22 -29.26
C VAL H 30 -59.77 0.24 -29.08
N LEU H 31 -60.21 0.85 -27.98
CA LEU H 31 -59.76 2.20 -27.64
C LEU H 31 -58.27 2.21 -27.26
N MET H 32 -57.78 1.13 -26.62
CA MET H 32 -56.33 0.91 -26.48
C MET H 32 -55.62 0.95 -27.82
N ALA H 33 -56.12 0.21 -28.80
CA ALA H 33 -55.48 0.20 -30.12
C ALA H 33 -55.48 1.59 -30.73
N VAL H 34 -56.62 2.28 -30.67
CA VAL H 34 -56.71 3.62 -31.27
C VAL H 34 -55.76 4.60 -30.58
N ALA H 35 -55.82 4.66 -29.25
CA ALA H 35 -55.00 5.61 -28.51
C ALA H 35 -53.52 5.32 -28.66
N ILE H 36 -53.12 4.04 -28.58
CA ILE H 36 -51.71 3.70 -28.64
C ILE H 36 -51.15 3.94 -30.04
N LEU H 37 -51.91 3.63 -31.08
CA LEU H 37 -51.41 3.90 -32.44
C LEU H 37 -51.34 5.40 -32.73
N LEU H 38 -52.31 6.20 -32.27
CA LEU H 38 -52.17 7.65 -32.45
C LEU H 38 -51.01 8.21 -31.64
N PHE H 39 -50.74 7.67 -30.44
CA PHE H 39 -49.59 8.14 -29.68
C PHE H 39 -48.29 7.78 -30.38
N ALA H 40 -48.22 6.58 -30.97
CA ALA H 40 -47.03 6.19 -31.72
C ALA H 40 -46.85 7.09 -32.94
N VAL H 41 -47.95 7.45 -33.61
CA VAL H 41 -47.88 8.35 -34.76
C VAL H 41 -47.37 9.72 -34.33
N PHE H 42 -47.90 10.25 -33.22
CA PHE H 42 -47.47 11.57 -32.73
C PHE H 42 -46.01 11.55 -32.29
N LEU H 43 -45.60 10.47 -31.61
CA LEU H 43 -44.22 10.33 -31.17
C LEU H 43 -43.28 10.24 -32.36
N LEU H 44 -43.68 9.51 -33.40
CA LEU H 44 -42.90 9.44 -34.62
C LEU H 44 -42.81 10.81 -35.28
N ILE H 45 -43.92 11.57 -35.28
CA ILE H 45 -43.92 12.92 -35.85
C ILE H 45 -42.90 13.79 -35.13
N ILE H 46 -42.90 13.74 -33.81
CA ILE H 46 -41.94 14.49 -33.00
C ILE H 46 -40.51 14.07 -33.33
N LEU H 47 -40.28 12.77 -33.46
CA LEU H 47 -38.94 12.27 -33.78
C LEU H 47 -38.46 12.74 -35.14
N GLU H 48 -39.35 12.74 -36.14
CA GLU H 48 -38.95 13.18 -37.48
C GLU H 48 -38.71 14.68 -37.52
N ILE H 49 -39.52 15.46 -36.80
CA ILE H 49 -39.28 16.90 -36.73
C ILE H 49 -37.92 17.17 -36.09
N TYR H 50 -37.61 16.47 -34.99
CA TYR H 50 -36.42 16.81 -34.25
C TYR H 50 -35.16 16.22 -34.89
N ASN H 51 -35.31 15.14 -35.66
CA ASN H 51 -34.22 14.52 -36.42
C ASN H 51 -34.02 15.16 -37.79
N SER H 52 -34.87 16.12 -38.16
CA SER H 52 -34.87 16.79 -39.45
C SER H 52 -35.12 15.84 -40.62
N SER H 53 -35.78 14.71 -40.36
CA SER H 53 -36.25 13.84 -41.44
C SER H 53 -37.61 14.27 -41.95
N LEU H 54 -38.19 15.32 -41.38
CA LEU H 54 -39.45 15.90 -41.81
C LEU H 54 -39.31 17.41 -41.68
N ILE H 55 -39.59 18.13 -42.76
CA ILE H 55 -39.43 19.57 -42.83
C ILE H 55 -40.79 20.20 -42.99
N LEU H 56 -41.11 21.17 -42.14
CA LEU H 56 -42.35 21.92 -42.21
C LEU H 56 -42.09 23.34 -42.69
N ASP H 57 -43.17 24.07 -42.97
CA ASP H 57 -43.05 25.43 -43.46
C ASP H 57 -42.62 26.39 -42.35
N GLY H 58 -43.09 26.15 -41.13
CA GLY H 58 -42.84 27.07 -40.03
C GLY H 58 -41.78 26.68 -39.03
N VAL H 59 -41.22 25.48 -39.11
CA VAL H 59 -40.21 25.04 -38.15
C VAL H 59 -38.83 25.24 -38.76
N THR H 60 -37.83 25.42 -37.90
CA THR H 60 -36.44 25.58 -38.32
C THR H 60 -35.55 24.49 -37.74
N ASN H 61 -35.80 24.09 -36.49
CA ASN H 61 -35.08 23.03 -35.77
C ASN H 61 -33.59 23.39 -35.67
N SER H 62 -33.37 24.59 -35.12
CA SER H 62 -32.02 25.10 -34.89
C SER H 62 -32.13 26.25 -33.89
N TRP H 63 -30.96 26.73 -33.45
CA TRP H 63 -30.92 27.77 -32.43
C TRP H 63 -31.51 29.09 -32.93
N GLU H 64 -31.49 29.34 -34.24
CA GLU H 64 -32.12 30.53 -34.77
C GLU H 64 -33.63 30.49 -34.68
N SER H 65 -34.21 29.36 -34.23
CA SER H 65 -35.62 29.34 -33.83
C SER H 65 -35.89 30.29 -32.67
N LEU H 66 -34.86 30.66 -31.90
CA LEU H 66 -35.00 31.68 -30.87
C LEU H 66 -35.18 33.07 -31.46
N ALA H 67 -34.87 33.26 -32.75
CA ALA H 67 -34.99 34.56 -33.40
C ALA H 67 -36.44 34.95 -33.63
N MET I 1 29.78 -13.82 -5.39
CA MET I 1 28.53 -13.99 -6.10
C MET I 1 28.49 -15.41 -6.64
N LEU I 2 29.66 -16.04 -6.65
CA LEU I 2 29.75 -17.47 -6.95
C LEU I 2 29.03 -18.30 -5.90
N THR I 3 29.04 -17.84 -4.65
CA THR I 3 28.34 -18.54 -3.58
C THR I 3 26.84 -18.57 -3.82
N LEU I 4 26.29 -17.47 -4.35
CA LEU I 4 24.86 -17.43 -4.69
C LEU I 4 24.54 -18.44 -5.78
N LYS I 5 25.40 -18.54 -6.80
CA LYS I 5 25.18 -19.51 -7.87
C LYS I 5 25.26 -20.94 -7.33
N ILE I 6 26.21 -21.20 -6.44
CA ILE I 6 26.33 -22.53 -5.84
C ILE I 6 25.09 -22.87 -5.03
N PHE I 7 24.60 -21.92 -4.24
CA PHE I 7 23.41 -22.15 -3.43
C PHE I 7 22.18 -22.39 -4.30
N VAL I 8 22.00 -21.58 -5.35
CA VAL I 8 20.87 -21.75 -6.24
C VAL I 8 20.95 -23.09 -6.97
N TYR I 9 22.15 -23.46 -7.42
CA TYR I 9 22.33 -24.76 -8.08
C TYR I 9 22.00 -25.90 -7.14
N THR I 10 22.41 -25.80 -5.88
CA THR I 10 22.11 -26.83 -4.89
C THR I 10 20.60 -26.96 -4.66
N VAL I 11 19.90 -25.82 -4.52
CA VAL I 11 18.47 -25.85 -4.29
C VAL I 11 17.73 -26.42 -5.50
N VAL I 12 18.11 -26.00 -6.71
CA VAL I 12 17.48 -26.49 -7.93
C VAL I 12 17.69 -27.99 -8.07
N THR I 13 18.92 -28.45 -7.84
CA THR I 13 19.22 -29.87 -7.95
C THR I 13 18.48 -30.67 -6.90
N PHE I 14 18.34 -30.12 -5.69
CA PHE I 14 17.59 -30.79 -4.63
C PHE I 14 16.13 -30.99 -5.04
N PHE I 15 15.48 -29.92 -5.50
CA PHE I 15 14.07 -30.04 -5.86
C PHE I 15 13.86 -30.92 -7.08
N VAL I 16 14.74 -30.82 -8.08
CA VAL I 16 14.62 -31.66 -9.26
C VAL I 16 14.88 -33.13 -8.90
N GLY I 17 15.80 -33.38 -7.98
CA GLY I 17 16.04 -34.75 -7.54
C GLY I 17 14.85 -35.33 -6.78
N LEU I 18 14.20 -34.52 -5.93
CA LEU I 18 12.99 -34.99 -5.27
C LEU I 18 11.90 -35.31 -6.29
N PHE I 19 11.75 -34.46 -7.32
CA PHE I 19 10.77 -34.73 -8.37
C PHE I 19 11.05 -36.05 -9.08
N ILE I 20 12.29 -36.22 -9.56
CA ILE I 20 12.65 -37.40 -10.35
C ILE I 20 12.53 -38.66 -9.52
N PHE I 21 13.15 -38.69 -8.34
CA PHE I 21 13.12 -39.91 -7.55
C PHE I 21 11.79 -40.15 -6.85
N GLY I 22 10.96 -39.11 -6.68
CA GLY I 22 9.61 -39.34 -6.24
C GLY I 22 8.77 -40.02 -7.30
N PHE I 23 8.98 -39.64 -8.57
CA PHE I 23 8.26 -40.35 -9.62
C PHE I 23 8.87 -41.74 -9.87
N LEU I 24 10.16 -41.92 -9.57
CA LEU I 24 10.71 -43.29 -9.53
C LEU I 24 10.21 -44.08 -8.33
N SER I 25 9.69 -43.41 -7.30
CA SER I 25 9.29 -44.09 -6.06
C SER I 25 7.95 -44.81 -6.21
N ASN I 26 7.88 -45.61 -7.28
CA ASN I 26 6.75 -46.47 -7.62
C ASN I 26 5.45 -45.66 -7.62
N ASP I 27 5.40 -44.66 -8.49
CA ASP I 27 4.23 -43.79 -8.59
C ASP I 27 2.91 -44.51 -8.91
N PRO I 28 2.84 -45.49 -9.82
CA PRO I 28 1.54 -46.15 -10.06
C PRO I 28 0.95 -46.89 -8.86
N SER I 29 1.74 -47.20 -7.82
CA SER I 29 1.18 -47.85 -6.64
C SER I 29 0.46 -46.89 -5.72
N ARG I 30 0.53 -45.58 -6.00
CA ARG I 30 -0.26 -44.58 -5.27
C ARG I 30 -1.65 -44.41 -5.87
N ASN I 31 -2.12 -45.42 -6.57
CA ASN I 31 -3.39 -45.44 -7.26
C ASN I 31 -4.54 -45.61 -6.28
N PRO I 32 -5.54 -44.72 -6.30
CA PRO I 32 -6.75 -44.94 -5.50
C PRO I 32 -7.73 -45.93 -6.11
N GLY I 33 -7.44 -46.45 -7.30
CA GLY I 33 -8.30 -47.40 -7.97
C GLY I 33 -7.86 -48.84 -7.77
N LYS I 34 -8.50 -49.73 -8.51
CA LYS I 34 -8.25 -51.16 -8.43
C LYS I 34 -7.29 -51.56 -9.56
N GLY I 35 -6.08 -51.95 -9.19
CA GLY I 35 -5.08 -52.36 -10.17
C GLY I 35 -3.95 -51.36 -10.32
N ILE J 1 -38.70 -42.19 -51.78
CA ILE J 1 -38.81 -42.66 -50.40
C ILE J 1 -37.57 -43.46 -50.02
N GLY J 2 -36.49 -42.74 -49.67
CA GLY J 2 -35.26 -43.41 -49.30
C GLY J 2 -34.54 -44.11 -50.42
N ARG J 3 -34.76 -43.67 -51.67
CA ARG J 3 -34.15 -44.35 -52.82
C ARG J 3 -32.66 -44.08 -52.88
N ILE J 4 -32.25 -42.83 -52.77
CA ILE J 4 -30.85 -42.44 -52.90
C ILE J 4 -30.25 -42.42 -51.49
N PRO J 5 -29.02 -42.92 -51.29
CA PRO J 5 -28.45 -42.91 -49.93
C PRO J 5 -28.15 -41.52 -49.41
N LEU J 6 -28.42 -41.34 -48.12
CA LEU J 6 -28.17 -40.05 -47.47
C LEU J 6 -26.68 -39.74 -47.41
N TRP J 7 -25.84 -40.76 -47.25
CA TRP J 7 -24.40 -40.53 -47.25
C TRP J 7 -23.93 -40.08 -48.62
N LEU J 8 -24.51 -40.61 -49.69
CA LEU J 8 -24.15 -40.18 -51.04
C LEU J 8 -24.61 -38.75 -51.28
N VAL J 9 -25.81 -38.40 -50.78
CA VAL J 9 -26.29 -37.03 -50.91
C VAL J 9 -25.37 -36.07 -50.16
N GLY J 10 -24.97 -36.44 -48.94
CA GLY J 10 -24.07 -35.60 -48.17
C GLY J 10 -22.71 -35.47 -48.80
N THR J 11 -22.19 -36.56 -49.40
CA THR J 11 -20.92 -36.51 -50.09
C THR J 11 -20.98 -35.59 -51.30
N VAL J 12 -22.07 -35.66 -52.07
CA VAL J 12 -22.22 -34.79 -53.23
C VAL J 12 -22.32 -33.33 -52.80
N VAL J 13 -23.12 -33.06 -51.76
CA VAL J 13 -23.29 -31.69 -51.28
C VAL J 13 -21.98 -31.14 -50.74
N GLY J 14 -21.24 -31.94 -49.99
CA GLY J 14 -19.95 -31.50 -49.47
C GLY J 14 -18.94 -31.29 -50.57
N LEU J 15 -18.97 -32.12 -51.62
CA LEU J 15 -18.07 -31.92 -52.75
C LEU J 15 -18.37 -30.62 -53.48
N LEU J 16 -19.66 -30.33 -53.70
CA LEU J 16 -20.02 -29.07 -54.34
C LEU J 16 -19.64 -27.88 -53.46
N ALA J 17 -19.84 -27.99 -52.15
CA ALA J 17 -19.47 -26.90 -51.25
C ALA J 17 -17.96 -26.67 -51.23
N ILE J 18 -17.18 -27.74 -51.19
CA ILE J 18 -15.72 -27.63 -51.18
C ILE J 18 -15.23 -27.04 -52.50
N GLY J 19 -15.79 -27.50 -53.63
CA GLY J 19 -15.39 -26.94 -54.91
C GLY J 19 -15.78 -25.49 -55.06
N LEU J 20 -16.94 -25.10 -54.50
CA LEU J 20 -17.37 -23.72 -54.56
C LEU J 20 -16.46 -22.83 -53.71
N LEU J 21 -16.08 -23.30 -52.52
CA LEU J 21 -15.14 -22.55 -51.68
C LEU J 21 -13.77 -22.45 -52.35
N ALA J 22 -13.36 -23.50 -53.06
CA ALA J 22 -12.11 -23.45 -53.81
C ALA J 22 -12.21 -22.45 -54.96
N ILE J 23 -13.39 -22.34 -55.58
CA ILE J 23 -13.61 -21.34 -56.61
C ILE J 23 -13.47 -19.93 -56.03
N PHE J 24 -14.05 -19.71 -54.85
CA PHE J 24 -13.92 -18.39 -54.22
C PHE J 24 -12.48 -18.08 -53.85
N PHE J 25 -11.75 -19.08 -53.34
CA PHE J 25 -10.35 -18.86 -52.99
C PHE J 25 -9.49 -18.64 -54.22
N TYR J 26 -9.82 -19.28 -55.34
CA TYR J 26 -9.15 -19.00 -56.61
C TYR J 26 -9.45 -17.59 -57.10
N GLY J 27 -10.66 -17.12 -56.85
CA GLY J 27 -11.03 -15.77 -57.26
C GLY J 27 -10.35 -14.67 -56.46
N SER J 28 -9.66 -15.02 -55.37
CA SER J 28 -8.90 -14.03 -54.61
C SER J 28 -7.53 -13.76 -55.21
N TYR J 29 -7.06 -14.62 -56.13
CA TYR J 29 -5.78 -14.46 -56.78
C TYR J 29 -5.90 -13.97 -58.22
N VAL J 30 -7.11 -13.91 -58.77
CA VAL J 30 -7.33 -13.42 -60.12
C VAL J 30 -8.49 -12.44 -60.10
N GLY J 31 -8.54 -11.60 -61.13
CA GLY J 31 -9.63 -10.65 -61.24
C GLY J 31 -9.53 -9.52 -60.23
N LEU J 32 -10.70 -9.02 -59.82
CA LEU J 32 -10.76 -7.91 -58.89
C LEU J 32 -10.34 -8.34 -57.49
N GLY J 33 -9.71 -7.40 -56.77
CA GLY J 33 -9.26 -7.68 -55.42
C GLY J 33 -8.03 -8.54 -55.33
N SER J 34 -7.30 -8.72 -56.43
CA SER J 34 -6.12 -9.57 -56.47
C SER J 34 -4.82 -8.78 -56.62
N SER J 35 -4.89 -7.46 -56.53
CA SER J 35 -3.73 -6.54 -56.63
C SER J 35 -3.01 -6.64 -57.96
N LEU J 36 -3.64 -7.20 -58.98
CA LEU J 36 -3.01 -7.39 -60.28
C LEU J 36 -3.90 -6.90 -61.42
N LYS K 1 12.48 -26.78 -64.02
CA LYS K 1 11.27 -27.42 -64.52
C LYS K 1 11.44 -28.93 -64.64
N LEU K 2 10.37 -29.62 -65.02
CA LEU K 2 10.41 -31.05 -65.23
C LEU K 2 11.25 -31.37 -66.47
N PRO K 3 11.79 -32.59 -66.56
CA PRO K 3 12.50 -32.99 -67.78
C PRO K 3 11.58 -32.97 -68.99
N GLU K 4 12.18 -32.73 -70.16
CA GLU K 4 11.41 -32.55 -71.40
C GLU K 4 10.59 -33.78 -71.75
N ALA K 5 11.06 -34.98 -71.38
CA ALA K 5 10.28 -36.18 -71.62
C ALA K 5 9.05 -36.24 -70.73
N TYR K 6 9.10 -35.64 -69.55
CA TYR K 6 8.00 -35.66 -68.60
C TYR K 6 7.26 -34.33 -68.52
N ALA K 7 7.46 -33.45 -69.50
CA ALA K 7 6.74 -32.18 -69.52
C ALA K 7 5.22 -32.31 -69.67
N PRO K 8 4.65 -33.15 -70.55
CA PRO K 8 3.17 -33.21 -70.62
C PRO K 8 2.50 -33.77 -69.37
N PHE K 9 3.23 -34.41 -68.46
CA PHE K 9 2.64 -34.97 -67.25
C PHE K 9 2.61 -33.97 -66.09
N SER K 10 3.03 -32.73 -66.32
CA SER K 10 2.93 -31.71 -65.29
C SER K 10 1.51 -31.45 -64.79
N PRO K 11 0.46 -31.39 -65.63
CA PRO K 11 -0.90 -31.22 -65.07
C PRO K 11 -1.33 -32.33 -64.13
N ILE K 12 -0.92 -33.58 -64.38
CA ILE K 12 -1.24 -34.64 -63.43
C ILE K 12 -0.28 -34.61 -62.25
N VAL K 13 0.87 -33.94 -62.39
CA VAL K 13 1.76 -33.74 -61.25
C VAL K 13 1.15 -32.75 -60.26
N ASP K 14 0.53 -31.67 -60.76
CA ASP K 14 0.04 -30.61 -59.89
C ASP K 14 -1.09 -31.04 -58.96
N VAL K 15 -1.84 -32.08 -59.30
CA VAL K 15 -2.97 -32.48 -58.47
C VAL K 15 -2.52 -33.28 -57.24
N LEU K 16 -1.40 -34.01 -57.36
CA LEU K 16 -0.83 -34.92 -56.37
C LEU K 16 -0.62 -34.42 -54.94
N PRO K 17 -0.42 -33.12 -54.66
CA PRO K 17 -0.35 -32.71 -53.24
C PRO K 17 -1.61 -32.96 -52.42
N ILE K 18 -2.81 -32.79 -52.99
CA ILE K 18 -4.04 -32.81 -52.19
C ILE K 18 -4.55 -34.20 -51.86
N ILE K 19 -3.82 -35.25 -52.28
CA ILE K 19 -4.30 -36.62 -52.08
C ILE K 19 -4.46 -37.00 -50.62
N PRO K 20 -3.55 -36.67 -49.68
CA PRO K 20 -3.84 -37.00 -48.27
C PRO K 20 -5.08 -36.31 -47.70
N VAL K 21 -5.35 -35.06 -48.08
CA VAL K 21 -6.59 -34.42 -47.67
C VAL K 21 -7.79 -35.16 -48.23
N LEU K 22 -7.69 -35.58 -49.50
CA LEU K 22 -8.73 -36.43 -50.06
C LEU K 22 -8.83 -37.77 -49.34
N PHE K 23 -7.72 -38.26 -48.76
CA PHE K 23 -7.75 -39.54 -48.05
C PHE K 23 -8.48 -39.43 -46.72
N ILE K 24 -8.21 -38.38 -45.95
CA ILE K 24 -8.92 -38.22 -44.68
C ILE K 24 -10.40 -37.91 -44.94
N LEU K 25 -10.69 -37.15 -45.99
CA LEU K 25 -12.08 -36.92 -46.36
C LEU K 25 -12.73 -38.21 -46.87
N LEU K 26 -11.95 -39.10 -47.48
CA LEU K 26 -12.47 -40.40 -47.90
C LEU K 26 -12.77 -41.28 -46.69
N ALA K 27 -11.96 -41.16 -45.64
CA ALA K 27 -12.27 -41.86 -44.39
C ALA K 27 -13.60 -41.37 -43.82
N PHE K 28 -13.82 -40.04 -43.88
CA PHE K 28 -15.12 -39.51 -43.44
C PHE K 28 -16.26 -40.01 -44.32
N VAL K 29 -16.04 -40.11 -45.63
CA VAL K 29 -17.06 -40.64 -46.54
C VAL K 29 -17.38 -42.08 -46.21
N TRP K 30 -16.36 -42.89 -45.95
CA TRP K 30 -16.58 -44.29 -45.59
C TRP K 30 -17.33 -44.41 -44.28
N GLN K 31 -17.01 -43.55 -43.31
CA GLN K 31 -17.75 -43.56 -42.05
C GLN K 31 -19.19 -43.12 -42.24
N ALA K 32 -19.46 -42.23 -43.19
CA ALA K 32 -20.84 -41.89 -43.52
C ALA K 32 -21.52 -43.07 -44.19
N SER K 33 -20.77 -43.85 -44.98
CA SER K 33 -21.35 -44.99 -45.68
C SER K 33 -21.67 -46.14 -44.73
N VAL K 34 -20.95 -46.26 -43.61
CA VAL K 34 -21.26 -47.29 -42.64
C VAL K 34 -22.25 -46.76 -41.61
N SER K 35 -22.84 -45.58 -41.90
CA SER K 35 -23.81 -44.90 -41.05
C SER K 35 -23.23 -44.57 -39.68
N PHE K 36 -21.92 -44.33 -39.63
CA PHE K 36 -21.20 -43.91 -38.42
C PHE K 36 -21.39 -44.89 -37.27
N ARG K 37 -21.35 -46.18 -37.56
CA ARG K 37 -21.53 -47.21 -36.53
C ARG K 37 -20.33 -47.26 -35.62
N MET L 1 -51.22 -7.59 10.02
CA MET L 1 -52.54 -8.10 10.38
C MET L 1 -52.83 -7.87 11.85
N ALA L 2 -51.77 -7.88 12.66
CA ALA L 2 -51.84 -7.68 14.10
C ALA L 2 -50.97 -6.48 14.48
N ARG L 3 -50.81 -6.27 15.78
CA ARG L 3 -49.93 -5.20 16.26
C ARG L 3 -48.47 -5.40 15.83
N PRO L 4 -47.85 -6.57 15.95
CA PRO L 4 -46.54 -6.74 15.32
C PRO L 4 -46.67 -6.89 13.81
N ASN L 5 -45.59 -6.54 13.13
CA ASN L 5 -45.58 -6.64 11.67
C ASN L 5 -45.50 -8.09 11.23
N PRO L 6 -46.40 -8.57 10.37
CA PRO L 6 -46.32 -9.98 9.94
C PRO L 6 -45.18 -10.26 8.99
N ASN L 7 -44.65 -9.25 8.32
CA ASN L 7 -43.55 -9.44 7.37
C ASN L 7 -42.19 -9.23 8.03
N LYS L 8 -41.96 -9.94 9.13
CA LYS L 8 -40.70 -9.89 9.85
C LYS L 8 -39.75 -10.91 9.24
N GLN L 9 -38.68 -10.43 8.62
CA GLN L 9 -37.74 -11.29 7.91
C GLN L 9 -36.34 -11.11 8.47
N VAL L 10 -35.53 -12.15 8.31
CA VAL L 10 -34.15 -12.18 8.78
C VAL L 10 -33.22 -12.10 7.58
N VAL L 11 -32.29 -11.16 7.60
CA VAL L 11 -31.36 -10.95 6.51
C VAL L 11 -30.15 -11.85 6.70
N GLU L 12 -29.80 -12.60 5.65
CA GLU L 12 -28.70 -13.55 5.71
C GLU L 12 -27.59 -13.17 4.72
N LEU L 13 -26.36 -13.40 5.15
CA LEU L 13 -25.16 -13.16 4.33
C LEU L 13 -24.08 -14.08 4.89
N ASN L 14 -23.84 -15.21 4.23
CA ASN L 14 -22.94 -16.21 4.77
C ASN L 14 -21.47 -15.79 4.55
N ARG L 15 -20.55 -16.66 4.97
CA ARG L 15 -19.13 -16.34 4.91
C ARG L 15 -18.61 -16.33 3.47
N SER L 16 -19.11 -17.20 2.60
CA SER L 16 -18.69 -17.17 1.21
C SER L 16 -19.14 -15.89 0.51
N SER L 17 -20.37 -15.46 0.79
CA SER L 17 -20.84 -14.17 0.27
C SER L 17 -20.07 -13.01 0.89
N LEU L 18 -19.64 -13.14 2.14
CA LEU L 18 -18.76 -12.14 2.73
C LEU L 18 -17.43 -12.07 1.98
N TYR L 19 -16.87 -13.24 1.63
CA TYR L 19 -15.65 -13.29 0.83
C TYR L 19 -15.84 -12.57 -0.49
N TRP L 20 -16.96 -12.86 -1.16
CA TRP L 20 -17.23 -12.24 -2.46
C TRP L 20 -17.40 -10.74 -2.33
N GLY L 21 -18.08 -10.27 -1.29
CA GLY L 21 -18.25 -8.84 -1.09
C GLY L 21 -16.94 -8.13 -0.81
N LEU L 22 -16.13 -8.70 0.08
CA LEU L 22 -14.84 -8.10 0.40
C LEU L 22 -13.92 -8.06 -0.82
N LEU L 23 -13.88 -9.15 -1.60
CA LEU L 23 -13.08 -9.16 -2.81
C LEU L 23 -13.59 -8.16 -3.84
N LEU L 24 -14.92 -8.06 -3.97
CA LEU L 24 -15.49 -7.11 -4.93
C LEU L 24 -15.11 -5.68 -4.57
N ILE L 25 -15.23 -5.32 -3.30
CA ILE L 25 -14.90 -3.96 -2.87
C ILE L 25 -13.40 -3.68 -3.05
N PHE L 26 -12.56 -4.64 -2.65
CA PHE L 26 -11.12 -4.39 -2.72
C PHE L 26 -10.61 -4.36 -4.15
N VAL L 27 -11.14 -5.23 -5.03
CA VAL L 27 -10.72 -5.22 -6.42
C VAL L 27 -11.24 -3.98 -7.14
N LEU L 28 -12.47 -3.54 -6.82
CA LEU L 28 -12.98 -2.30 -7.40
C LEU L 28 -12.15 -1.11 -6.95
N ALA L 29 -11.73 -1.09 -5.69
CA ALA L 29 -10.88 -0.02 -5.18
C ALA L 29 -9.51 -0.04 -5.86
N VAL L 30 -8.92 -1.23 -6.03
CA VAL L 30 -7.62 -1.35 -6.70
C VAL L 30 -7.72 -0.86 -8.13
N LEU L 31 -8.80 -1.21 -8.81
CA LEU L 31 -8.96 -0.82 -10.22
C LEU L 31 -9.19 0.69 -10.35
N PHE L 32 -10.04 1.27 -9.50
CA PHE L 32 -10.44 2.66 -9.66
C PHE L 32 -9.58 3.65 -8.88
N SER L 33 -8.63 3.19 -8.07
CA SER L 33 -7.82 4.11 -7.28
C SER L 33 -6.88 4.93 -8.17
N SER L 34 -6.35 4.32 -9.23
CA SER L 34 -5.45 5.03 -10.13
C SER L 34 -6.18 6.14 -10.89
N TYR L 35 -7.48 5.95 -11.13
CA TYR L 35 -8.27 6.96 -11.84
C TYR L 35 -8.82 8.01 -10.89
N ILE L 36 -9.19 7.64 -9.66
CA ILE L 36 -9.64 8.63 -8.70
C ILE L 36 -8.48 9.52 -8.26
N PHE L 37 -7.31 8.93 -8.02
CA PHE L 37 -6.11 9.70 -7.72
C PHE L 37 -5.63 10.49 -8.94
N ASN L 38 -5.95 10.02 -10.14
CA ASN L 38 -5.60 10.66 -11.42
C ASN L 38 -4.10 10.88 -11.57
N VAL M 1 -5.55 16.21 -7.67
CA VAL M 1 -6.15 15.41 -6.61
C VAL M 1 -5.10 14.49 -6.01
N ASN M 2 -4.76 14.74 -4.75
CA ASN M 2 -3.77 13.94 -4.04
C ASN M 2 -4.26 13.38 -2.71
N ILE M 3 -5.22 14.04 -2.06
CA ILE M 3 -5.72 13.57 -0.78
C ILE M 3 -7.24 13.47 -0.73
N LEU M 4 -7.98 14.21 -1.56
CA LEU M 4 -9.42 14.01 -1.67
C LEU M 4 -9.72 12.63 -2.24
N GLY M 5 -8.91 12.18 -3.21
CA GLY M 5 -9.01 10.82 -3.67
C GLY M 5 -8.70 9.80 -2.60
N LEU M 6 -7.77 10.13 -1.71
CA LEU M 6 -7.48 9.25 -0.57
C LEU M 6 -8.70 9.12 0.34
N THR M 7 -9.36 10.25 0.63
CA THR M 7 -10.56 10.20 1.46
C THR M 7 -11.68 9.42 0.79
N ALA M 8 -11.86 9.61 -0.52
CA ALA M 8 -12.87 8.86 -1.26
C ALA M 8 -12.57 7.37 -1.25
N THR M 9 -11.31 7.01 -1.46
CA THR M 9 -10.91 5.60 -1.44
C THR M 9 -11.13 5.00 -0.06
N ALA M 10 -10.81 5.75 1.01
CA ALA M 10 -11.02 5.26 2.36
C ALA M 10 -12.50 5.01 2.63
N LEU M 11 -13.36 5.97 2.27
CA LEU M 11 -14.79 5.79 2.50
C LEU M 11 -15.32 4.59 1.70
N PHE M 12 -14.83 4.42 0.47
CA PHE M 12 -15.28 3.32 -0.36
C PHE M 12 -14.79 1.97 0.17
N ILE M 13 -13.61 1.92 0.78
CA ILE M 13 -13.12 0.63 1.25
C ILE M 13 -13.66 0.32 2.63
N ILE M 14 -14.24 1.29 3.34
CA ILE M 14 -14.77 0.96 4.65
C ILE M 14 -16.29 0.76 4.64
N ILE M 15 -17.06 1.72 4.13
CA ILE M 15 -18.52 1.73 4.38
C ILE M 15 -19.22 0.46 3.90
N PRO M 16 -19.04 -0.02 2.65
CA PRO M 16 -19.66 -1.31 2.31
C PRO M 16 -18.98 -2.49 2.97
N THR M 17 -17.67 -2.40 3.25
CA THR M 17 -17.00 -3.45 3.99
C THR M 17 -17.57 -3.58 5.40
N SER M 18 -17.78 -2.45 6.08
CA SER M 18 -18.41 -2.49 7.40
C SER M 18 -19.82 -3.03 7.32
N PHE M 19 -20.60 -2.62 6.31
CA PHE M 19 -21.97 -3.11 6.15
C PHE M 19 -22.01 -4.63 5.95
N LEU M 20 -21.10 -5.14 5.10
CA LEU M 20 -20.98 -6.58 4.90
C LEU M 20 -20.57 -7.29 6.17
N LEU M 21 -19.71 -6.66 6.97
CA LEU M 21 -19.29 -7.27 8.23
C LEU M 21 -20.45 -7.32 9.22
N ILE M 22 -21.30 -6.29 9.24
CA ILE M 22 -22.52 -6.32 10.07
C ILE M 22 -23.38 -7.50 9.70
N LEU M 23 -23.66 -7.66 8.41
CA LEU M 23 -24.53 -8.77 8.00
C LEU M 23 -23.88 -10.13 8.27
N TYR M 24 -22.58 -10.25 8.02
CA TYR M 24 -21.90 -11.52 8.23
C TYR M 24 -21.89 -11.92 9.69
N VAL M 25 -21.59 -10.98 10.59
CA VAL M 25 -21.56 -11.33 12.01
C VAL M 25 -22.98 -11.58 12.53
N LYS M 26 -23.97 -10.84 12.02
CA LYS M 26 -25.37 -11.09 12.37
C LYS M 26 -25.80 -12.49 11.96
N THR M 27 -25.19 -13.05 10.92
CA THR M 27 -25.51 -14.43 10.58
C THR M 27 -24.63 -15.44 11.32
N ALA M 28 -23.37 -15.09 11.56
CA ALA M 28 -22.43 -16.03 12.16
C ALA M 28 -22.74 -16.28 13.62
N ALA M 29 -23.21 -15.26 14.34
CA ALA M 29 -23.53 -15.46 15.75
C ALA M 29 -24.81 -16.27 15.94
N SER M 30 -25.64 -16.40 14.89
CA SER M 30 -26.87 -17.19 14.95
C SER M 30 -26.57 -18.59 14.40
N GLU M 31 -26.01 -19.42 15.29
CA GLU M 31 -25.64 -20.82 14.98
C GLU M 31 -24.69 -20.96 13.81
N LEU N 1 48.41 -9.63 -21.08
CA LEU N 1 47.84 -10.02 -22.38
C LEU N 1 48.33 -9.08 -23.48
N THR N 2 49.34 -9.50 -24.22
CA THR N 2 49.92 -8.68 -25.28
C THR N 2 49.06 -8.76 -26.54
N TYR N 3 49.48 -7.99 -27.56
CA TYR N 3 48.84 -8.03 -28.86
C TYR N 3 49.19 -9.27 -29.66
N ASP N 4 50.21 -10.02 -29.26
CA ASP N 4 50.64 -11.18 -30.02
C ASP N 4 49.66 -12.33 -29.86
N GLU N 5 49.38 -12.74 -28.62
CA GLU N 5 48.45 -13.82 -28.39
C GLU N 5 47.00 -13.40 -28.55
N LEU N 6 46.72 -12.08 -28.56
CA LEU N 6 45.35 -11.63 -28.81
C LEU N 6 44.97 -11.82 -30.28
N GLN N 7 45.87 -11.45 -31.20
CA GLN N 7 45.59 -11.62 -32.62
C GLN N 7 45.62 -13.09 -33.03
N GLY N 8 46.40 -13.91 -32.34
CA GLY N 8 46.45 -15.33 -32.62
C GLY N 8 45.33 -16.12 -32.00
N LEU N 9 44.40 -15.44 -31.33
CA LEU N 9 43.26 -16.08 -30.66
C LEU N 9 42.01 -15.81 -31.50
N THR N 10 41.29 -16.86 -31.85
CA THR N 10 40.15 -16.71 -32.76
C THR N 10 38.95 -16.09 -32.04
N TYR N 11 37.91 -15.81 -32.83
CA TYR N 11 36.70 -15.17 -32.31
C TYR N 11 36.03 -16.04 -31.24
N LEU N 12 35.82 -17.32 -31.55
CA LEU N 12 35.01 -18.19 -30.70
C LEU N 12 35.62 -18.42 -29.32
N GLN N 13 36.90 -18.12 -29.14
CA GLN N 13 37.54 -18.22 -27.84
C GLN N 13 37.57 -16.90 -27.08
N VAL N 14 37.12 -15.81 -27.69
CA VAL N 14 37.06 -14.50 -27.05
C VAL N 14 35.62 -14.20 -26.66
N LYS N 15 34.68 -14.80 -27.41
CA LYS N 15 33.27 -14.55 -27.19
C LYS N 15 32.82 -15.01 -25.81
N GLY N 16 32.17 -14.09 -25.08
CA GLY N 16 31.68 -14.38 -23.74
C GLY N 16 32.73 -14.39 -22.66
N THR N 17 33.95 -13.96 -22.95
CA THR N 17 35.03 -13.98 -21.96
C THR N 17 35.48 -12.60 -21.50
N GLY N 18 35.09 -11.54 -22.21
CA GLY N 18 35.52 -10.21 -21.84
C GLY N 18 36.90 -9.82 -22.32
N ILE N 19 37.59 -10.70 -23.04
CA ILE N 19 38.92 -10.40 -23.58
C ILE N 19 38.83 -9.30 -24.63
N ALA N 20 37.68 -9.18 -25.30
CA ALA N 20 37.49 -8.14 -26.31
C ALA N 20 37.37 -6.74 -25.71
N ASN N 21 37.29 -6.60 -24.39
CA ASN N 21 37.12 -5.32 -23.75
C ASN N 21 38.35 -4.85 -22.97
N THR N 22 39.46 -5.59 -23.04
CA THR N 22 40.67 -5.21 -22.33
C THR N 22 41.78 -4.82 -23.30
N CYS N 23 42.57 -3.83 -22.93
CA CYS N 23 43.65 -3.35 -23.79
C CYS N 23 44.78 -4.37 -23.83
N PRO N 24 45.55 -4.39 -24.93
CA PRO N 24 46.78 -5.19 -24.94
C PRO N 24 47.80 -4.58 -23.98
N VAL N 25 48.34 -5.43 -23.11
CA VAL N 25 49.31 -5.00 -22.10
C VAL N 25 50.64 -5.67 -22.42
N VAL N 26 51.67 -4.85 -22.68
CA VAL N 26 52.98 -5.38 -23.00
C VAL N 26 53.64 -5.96 -21.75
N GLU N 27 54.56 -6.90 -21.96
CA GLU N 27 55.31 -7.50 -20.88
C GLU N 27 56.82 -7.48 -21.09
N GLN N 28 57.28 -7.32 -22.33
CA GLN N 28 58.70 -7.22 -22.62
C GLN N 28 59.12 -5.75 -22.60
N GLY N 29 60.42 -5.51 -22.78
CA GLY N 29 60.93 -4.16 -22.78
C GLY N 29 61.18 -3.65 -21.37
N THR N 30 61.40 -2.34 -21.29
CA THR N 30 61.71 -1.68 -20.03
C THR N 30 60.83 -0.45 -19.86
N SER N 31 60.79 0.06 -18.63
CA SER N 31 60.05 1.27 -18.28
C SER N 31 60.89 2.53 -18.39
N ASN N 32 61.92 2.52 -19.25
CA ASN N 32 62.78 3.69 -19.39
C ASN N 32 62.00 4.87 -19.96
N VAL N 33 61.14 4.60 -20.95
CA VAL N 33 60.22 5.56 -21.60
C VAL N 33 60.98 6.61 -22.41
N ARG N 34 62.05 7.18 -21.85
CA ARG N 34 62.88 8.12 -22.60
C ARG N 34 63.65 7.42 -23.72
N GLU N 35 63.82 6.10 -23.63
CA GLU N 35 64.64 5.34 -24.56
C GLU N 35 64.08 5.36 -25.99
N LEU N 36 62.78 5.60 -26.16
CA LEU N 36 62.16 5.57 -27.48
C LEU N 36 62.74 6.65 -28.39
N LYS N 37 62.83 6.31 -29.67
CA LYS N 37 63.45 7.19 -30.67
C LYS N 37 62.60 8.43 -30.92
N PRO N 38 63.16 9.63 -30.81
CA PRO N 38 62.41 10.84 -31.15
C PRO N 38 62.29 11.00 -32.65
N GLY N 39 61.18 11.56 -33.07
CA GLY N 39 60.94 11.81 -34.49
C GLY N 39 59.45 11.80 -34.79
N ASP N 40 59.14 11.67 -36.07
CA ASP N 40 57.76 11.68 -36.54
C ASP N 40 57.15 10.30 -36.36
N TYR N 41 55.89 10.29 -35.91
CA TYR N 41 55.16 9.05 -35.71
C TYR N 41 53.69 9.27 -36.02
N LYS N 42 53.06 8.23 -36.57
CA LYS N 42 51.64 8.23 -36.91
C LYS N 42 51.10 6.94 -36.29
N LEU N 43 50.62 7.02 -35.05
CA LEU N 43 50.26 5.81 -34.32
C LEU N 43 48.97 5.22 -34.84
N GLU N 44 48.82 3.91 -34.67
CA GLU N 44 47.63 3.18 -35.05
C GLU N 44 47.11 2.36 -33.89
N LYS N 45 45.86 1.93 -34.04
CA LYS N 45 45.06 1.15 -33.07
C LYS N 45 45.28 1.61 -31.63
N PHE N 46 44.97 2.88 -31.40
CA PHE N 46 45.03 3.46 -30.06
C PHE N 46 43.96 2.81 -29.19
N CYS N 47 44.36 2.28 -28.05
CA CYS N 47 43.50 1.49 -27.19
C CYS N 47 43.32 2.20 -25.85
N MET N 48 42.12 2.12 -25.30
CA MET N 48 41.79 2.77 -24.03
C MET N 48 40.83 1.90 -23.23
N GLU N 49 41.13 1.74 -21.94
CA GLU N 49 40.28 0.94 -21.05
C GLU N 49 40.24 1.57 -19.66
N PRO N 50 39.05 1.88 -19.15
CA PRO N 50 38.95 2.43 -17.80
C PRO N 50 39.10 1.36 -16.73
N THR N 51 39.46 1.80 -15.53
CA THR N 51 39.53 0.94 -14.36
C THR N 51 38.70 1.46 -13.20
N SER N 52 38.26 2.71 -13.23
CA SER N 52 37.44 3.27 -12.16
C SER N 52 36.65 4.45 -12.70
N PHE N 53 35.39 4.55 -12.30
CA PHE N 53 34.53 5.67 -12.64
C PHE N 53 34.14 6.37 -11.35
N THR N 54 34.35 7.68 -11.30
CA THR N 54 34.08 8.47 -10.10
C THR N 54 33.37 9.76 -10.47
N VAL N 55 32.44 10.19 -9.60
CA VAL N 55 31.59 11.35 -9.85
C VAL N 55 31.78 12.36 -8.73
N LYS N 56 31.74 13.64 -9.09
CA LYS N 56 31.88 14.74 -8.14
C LYS N 56 30.51 15.13 -7.59
N GLU N 57 30.21 14.68 -6.37
CA GLU N 57 28.85 14.87 -5.85
C GLU N 57 28.75 15.52 -4.48
N VAL N 58 29.66 15.18 -3.57
CA VAL N 58 29.54 15.57 -2.16
C VAL N 58 29.78 17.06 -1.99
N VAL N 59 29.08 17.68 -1.03
CA VAL N 59 29.23 19.10 -0.73
C VAL N 59 29.75 19.24 0.70
N ASP N 60 29.80 18.10 1.40
CA ASP N 60 30.17 18.04 2.82
C ASP N 60 31.67 18.06 3.05
N LYS N 61 32.08 17.62 4.26
CA LYS N 61 33.46 17.64 4.74
C LYS N 61 34.48 17.16 3.70
N GLY N 62 34.10 16.23 2.82
CA GLY N 62 34.99 15.82 1.76
C GLY N 62 35.36 16.90 0.77
N ARG N 63 34.58 17.98 0.71
CA ARG N 63 34.86 19.17 -0.10
C ARG N 63 34.96 18.83 -1.58
N GLU N 64 33.82 18.38 -2.12
CA GLU N 64 33.60 18.13 -3.55
C GLU N 64 34.62 17.13 -4.10
N GLU N 65 34.62 15.94 -3.50
CA GLU N 65 35.54 14.89 -3.89
C GLU N 65 34.88 13.98 -4.92
N PHE N 66 35.59 12.95 -5.35
CA PHE N 66 35.10 11.98 -6.32
C PHE N 66 34.74 10.70 -5.58
N VAL N 67 33.52 10.20 -5.79
CA VAL N 67 33.02 9.04 -5.07
C VAL N 67 32.87 7.86 -6.01
N LYS N 68 32.92 6.66 -5.43
CA LYS N 68 32.79 5.44 -6.20
C LYS N 68 31.35 5.23 -6.64
N THR N 69 31.18 4.54 -7.77
CA THR N 69 29.86 4.25 -8.33
C THR N 69 29.78 2.80 -8.77
N LYS N 70 28.60 2.42 -9.24
CA LYS N 70 28.34 1.10 -9.77
C LYS N 70 28.03 1.20 -11.26
N LEU N 71 28.62 0.30 -12.04
CA LEU N 71 28.46 0.32 -13.49
C LEU N 71 27.11 -0.29 -13.84
N LEU N 72 26.16 0.55 -14.25
CA LEU N 72 24.85 0.07 -14.65
C LEU N 72 24.91 -0.62 -16.01
N THR N 73 25.86 -0.25 -16.85
CA THR N 73 25.99 -0.88 -18.15
C THR N 73 26.94 -2.07 -18.07
N ARG N 74 26.98 -2.84 -19.14
CA ARG N 74 27.86 -4.00 -19.24
C ARG N 74 29.23 -3.55 -19.75
N LEU N 75 30.04 -4.48 -20.23
CA LEU N 75 31.38 -4.13 -20.71
C LEU N 75 31.32 -3.41 -22.06
N THR N 76 30.79 -2.18 -22.05
CA THR N 76 30.71 -1.34 -23.23
C THR N 76 31.50 -0.04 -23.02
N ILE N 77 32.54 -0.10 -22.19
CA ILE N 77 33.26 1.09 -21.77
C ILE N 77 34.61 1.25 -22.45
N SER N 78 35.17 0.19 -23.03
CA SER N 78 36.49 0.28 -23.63
C SER N 78 36.41 0.93 -25.01
N GLN N 79 37.54 1.52 -25.40
CA GLN N 79 37.70 2.17 -26.70
C GLN N 79 38.89 1.55 -27.41
N PHE N 80 38.69 1.14 -28.66
CA PHE N 80 39.72 0.47 -29.44
C PHE N 80 39.69 0.98 -30.87
N GLY N 81 40.74 0.63 -31.62
CA GLY N 81 40.82 0.92 -33.04
C GLY N 81 40.86 2.39 -33.41
N MET N 82 41.70 3.16 -32.74
CA MET N 82 41.80 4.59 -33.00
C MET N 82 43.15 4.93 -33.63
N ASN N 83 43.13 5.88 -34.55
CA ASN N 83 44.33 6.35 -35.24
C ASN N 83 44.66 7.77 -34.80
N GLY N 84 45.69 8.32 -35.42
CA GLY N 84 46.17 9.65 -35.12
C GLY N 84 47.64 9.75 -35.45
N SER N 85 48.29 10.79 -34.92
CA SER N 85 49.72 10.96 -35.12
C SER N 85 50.27 11.80 -33.98
N MET N 86 51.41 11.36 -33.42
CA MET N 86 52.05 12.07 -32.32
C MET N 86 53.51 12.35 -32.66
N LYS N 87 53.97 13.54 -32.31
CA LYS N 87 55.32 14.01 -32.59
C LYS N 87 56.15 13.96 -31.32
N ILE N 88 57.39 13.48 -31.46
CA ILE N 88 58.30 13.31 -30.32
C ILE N 88 59.59 14.08 -30.59
N ASN N 89 60.00 14.88 -29.62
CA ASN N 89 61.26 15.61 -29.68
C ASN N 89 62.31 14.91 -28.82
N ASN N 90 63.56 15.35 -28.98
CA ASN N 90 64.68 14.72 -28.27
C ASN N 90 64.61 14.94 -26.77
N ASP N 91 64.23 16.15 -26.34
CA ASP N 91 64.17 16.45 -24.91
C ASP N 91 62.95 15.83 -24.23
N GLY N 92 61.98 15.34 -25.00
CA GLY N 92 60.80 14.69 -24.44
C GLY N 92 59.50 15.41 -24.69
N SER N 93 59.52 16.64 -25.22
CA SER N 93 58.30 17.38 -25.47
C SER N 93 57.51 16.69 -26.58
N VAL N 94 56.30 16.25 -26.27
CA VAL N 94 55.47 15.50 -27.21
C VAL N 94 54.09 16.13 -27.30
N GLU N 95 53.45 15.91 -28.44
CA GLU N 95 52.07 16.32 -28.68
C GLU N 95 51.28 15.12 -29.12
N PHE N 96 49.97 15.14 -28.86
CA PHE N 96 49.10 14.01 -29.18
C PHE N 96 47.92 14.47 -30.01
N ARG N 97 47.43 13.57 -30.87
CA ARG N 97 46.32 13.87 -31.77
C ARG N 97 45.50 12.62 -31.98
N GLU N 98 44.18 12.72 -31.75
CA GLU N 98 43.23 11.66 -32.02
C GLU N 98 42.21 12.19 -33.00
N ASP N 99 42.00 11.49 -34.12
CA ASP N 99 41.12 12.00 -35.17
C ASP N 99 39.89 11.12 -35.37
N GLU N 100 40.04 9.83 -35.63
CA GLU N 100 38.88 8.98 -35.89
C GLU N 100 39.06 7.63 -35.19
N GLY N 101 38.00 6.85 -35.24
CA GLY N 101 37.93 5.54 -34.62
C GLY N 101 36.81 5.47 -33.61
N LEU N 102 36.74 4.32 -32.92
CA LEU N 102 35.79 4.16 -31.82
C LEU N 102 36.32 4.96 -30.64
N ASP N 103 36.01 6.24 -30.64
CA ASP N 103 36.50 7.20 -29.66
C ASP N 103 35.42 7.66 -28.70
N TYR N 104 34.38 6.85 -28.52
CA TYR N 104 33.27 7.19 -27.64
C TYR N 104 32.62 5.91 -27.14
N ALA N 105 31.94 6.05 -26.00
CA ALA N 105 31.23 4.93 -25.39
C ALA N 105 30.19 5.50 -24.43
N ALA N 106 28.91 5.27 -24.72
CA ALA N 106 27.85 5.71 -23.82
C ALA N 106 27.83 4.83 -22.59
N THR N 107 28.01 5.43 -21.42
CA THR N 107 28.11 4.69 -20.16
C THR N 107 27.21 5.32 -19.12
N THR N 108 26.46 4.49 -18.41
CA THR N 108 25.60 4.94 -17.32
C THR N 108 26.10 4.32 -16.02
N VAL N 109 26.36 5.17 -15.03
CA VAL N 109 26.83 4.73 -13.72
C VAL N 109 25.77 5.09 -12.68
N LYS N 110 25.79 4.35 -11.58
CA LYS N 110 24.81 4.53 -10.50
C LYS N 110 25.51 5.17 -9.30
N LEU N 111 25.10 6.38 -8.97
CA LEU N 111 25.56 6.99 -7.75
C LEU N 111 24.96 6.26 -6.55
N PRO N 112 25.68 6.21 -5.42
CA PRO N 112 25.10 5.60 -4.20
C PRO N 112 23.91 6.41 -3.72
N GLY N 113 22.74 5.79 -3.76
CA GLY N 113 21.50 6.45 -3.40
C GLY N 113 20.46 6.35 -4.50
N GLY N 114 20.69 5.46 -5.45
CA GLY N 114 19.77 5.26 -6.56
C GLY N 114 19.68 6.41 -7.53
N GLU N 115 20.82 7.02 -7.88
CA GLU N 115 20.87 8.11 -8.84
C GLU N 115 21.54 7.62 -10.12
N TYR N 116 20.96 7.95 -11.26
CA TYR N 116 21.46 7.51 -12.55
C TYR N 116 22.25 8.65 -13.20
N VAL N 117 23.51 8.40 -13.51
CA VAL N 117 24.36 9.39 -14.15
C VAL N 117 24.90 8.82 -15.47
N PRO N 118 24.25 9.09 -16.60
CA PRO N 118 24.82 8.66 -17.88
C PRO N 118 25.84 9.66 -18.39
N PHE N 119 26.81 9.16 -19.14
CA PHE N 119 27.82 10.03 -19.72
C PHE N 119 28.41 9.36 -20.95
N LEU N 120 28.85 10.19 -21.90
CA LEU N 120 29.46 9.72 -23.14
C LEU N 120 30.97 9.79 -22.96
N PHE N 121 31.59 8.63 -22.77
CA PHE N 121 33.02 8.55 -22.50
C PHE N 121 33.78 8.74 -23.80
N THR N 122 34.26 9.95 -24.05
CA THR N 122 34.92 10.30 -25.31
C THR N 122 36.37 10.71 -25.06
N ILE N 123 37.17 10.57 -26.12
CA ILE N 123 38.56 11.03 -26.10
C ILE N 123 38.79 11.75 -27.43
N LYS N 124 37.73 11.87 -28.23
CA LYS N 124 37.84 12.40 -29.59
C LYS N 124 38.30 13.85 -29.61
N GLU N 125 39.03 14.19 -30.68
CA GLU N 125 39.61 15.53 -30.89
C GLU N 125 40.52 15.92 -29.73
N PHE N 126 41.32 14.97 -29.25
CA PHE N 126 42.24 15.25 -28.15
C PHE N 126 43.45 16.03 -28.66
N ASP N 127 43.82 17.08 -27.94
CA ASP N 127 44.96 17.91 -28.26
C ASP N 127 45.93 17.81 -27.09
N GLY N 128 46.78 16.78 -27.12
CA GLY N 128 47.72 16.56 -26.03
C GLY N 128 48.99 17.37 -26.21
N LYS N 129 49.59 17.75 -25.08
CA LYS N 129 50.84 18.50 -25.02
C LYS N 129 51.55 18.17 -23.72
N GLY N 130 52.86 18.03 -23.77
CA GLY N 130 53.64 17.78 -22.58
C GLY N 130 54.82 16.89 -22.88
N THR N 131 55.28 16.21 -21.83
CA THR N 131 56.45 15.34 -21.89
C THR N 131 56.01 13.87 -21.86
N LEU N 132 57.00 12.97 -21.92
CA LEU N 132 56.71 11.54 -21.84
C LEU N 132 56.16 11.15 -20.47
N ASP N 133 56.60 11.81 -19.41
CA ASP N 133 56.13 11.48 -18.08
C ASP N 133 54.64 11.76 -17.93
N SER N 134 54.19 12.91 -18.44
CA SER N 134 52.77 13.27 -18.39
C SER N 134 52.51 14.35 -19.42
N PHE N 135 51.67 14.04 -20.42
CA PHE N 135 51.20 15.03 -21.38
C PHE N 135 49.69 15.10 -21.29
N SER N 136 49.16 16.32 -21.25
CA SER N 136 47.73 16.55 -21.06
C SER N 136 47.23 17.58 -22.06
N GLY N 137 45.91 17.72 -22.11
CA GLY N 137 45.27 18.67 -23.00
C GLY N 137 43.76 18.67 -22.89
N ASP N 138 43.08 18.93 -24.00
CA ASP N 138 41.63 18.98 -24.03
C ASP N 138 41.10 18.15 -25.20
N PHE N 139 39.90 17.61 -25.02
CA PHE N 139 39.23 16.83 -26.04
C PHE N 139 37.78 17.30 -26.14
N LEU N 140 37.21 17.18 -27.34
CA LEU N 140 35.85 17.61 -27.58
C LEU N 140 34.87 16.56 -27.05
N VAL N 141 33.86 17.02 -26.33
CA VAL N 141 32.86 16.14 -25.72
C VAL N 141 31.53 16.40 -26.41
N PRO N 142 30.98 15.43 -27.15
CA PRO N 142 29.61 15.57 -27.68
C PRO N 142 28.60 15.57 -26.55
N SER N 143 27.35 15.91 -26.89
CA SER N 143 26.30 16.07 -25.89
C SER N 143 26.02 14.78 -25.13
N TYR N 144 25.42 13.80 -25.83
CA TYR N 144 25.02 12.47 -25.39
C TYR N 144 23.93 11.96 -26.33
N ARG N 145 22.85 12.73 -26.44
CA ARG N 145 21.72 12.39 -27.29
C ARG N 145 21.68 13.31 -28.50
N GLY N 146 21.28 12.77 -29.64
CA GLY N 146 21.18 13.56 -30.85
C GLY N 146 19.98 14.49 -30.85
N SER N 147 19.93 15.35 -31.86
CA SER N 147 18.82 16.28 -31.98
C SER N 147 17.53 15.61 -32.41
N THR N 148 17.61 14.43 -33.03
CA THR N 148 16.41 13.68 -33.40
C THR N 148 15.92 12.75 -32.30
N PHE N 149 16.57 12.76 -31.14
CA PHE N 149 16.11 11.98 -30.01
C PHE N 149 14.80 12.56 -29.47
N LEU N 150 13.88 11.67 -29.11
CA LEU N 150 12.56 12.05 -28.62
C LEU N 150 12.44 11.68 -27.15
N ASP N 151 11.89 12.60 -26.34
CA ASP N 151 11.73 12.30 -24.92
C ASP N 151 10.37 11.62 -24.74
N PRO N 152 9.99 11.18 -23.52
CA PRO N 152 8.65 10.61 -23.32
C PRO N 152 7.43 11.38 -23.83
N LYS N 153 7.57 12.65 -24.17
CA LYS N 153 6.46 13.45 -24.67
C LYS N 153 6.75 14.00 -26.07
N GLY N 154 7.28 13.16 -26.94
CA GLY N 154 7.65 13.61 -28.27
C GLY N 154 8.90 14.45 -28.22
N ARG N 155 8.78 15.73 -28.59
CA ARG N 155 9.82 16.76 -28.43
C ARG N 155 11.19 16.38 -28.99
N GLY N 156 12.22 17.09 -28.56
CA GLY N 156 13.56 16.89 -29.07
C GLY N 156 14.00 18.06 -29.93
N GLY N 157 15.30 18.06 -30.23
CA GLY N 157 15.86 19.16 -31.00
C GLY N 157 15.42 19.19 -32.44
N ALA N 158 15.91 18.27 -33.26
CA ALA N 158 15.61 18.33 -34.70
C ALA N 158 14.15 18.00 -34.96
N THR N 159 13.72 16.79 -34.63
CA THR N 159 12.33 16.40 -34.80
C THR N 159 11.65 16.35 -33.43
N GLY N 160 10.41 16.82 -33.40
CA GLY N 160 9.66 16.81 -32.16
C GLY N 160 8.44 17.70 -32.21
N TYR N 161 7.73 17.73 -31.08
CA TYR N 161 6.49 18.49 -30.94
C TYR N 161 6.70 19.92 -30.49
N ASP N 162 7.88 20.23 -29.94
CA ASP N 162 8.34 21.54 -29.44
C ASP N 162 7.61 21.92 -28.15
N ASN N 163 6.68 21.11 -27.66
CA ASN N 163 5.99 21.39 -26.41
C ASN N 163 5.37 20.11 -25.87
N ALA N 164 4.65 20.25 -24.75
CA ALA N 164 3.88 19.15 -24.17
C ALA N 164 2.46 19.26 -24.70
N ILE N 165 2.10 18.38 -25.63
CA ILE N 165 0.85 18.51 -26.34
C ILE N 165 -0.33 17.82 -25.67
N ALA N 166 -0.08 16.87 -24.75
CA ALA N 166 -1.16 16.10 -24.13
C ALA N 166 -2.06 16.97 -23.27
N LEU N 167 -1.57 18.13 -22.83
CA LEU N 167 -2.38 19.11 -22.11
C LEU N 167 -2.30 20.44 -22.84
N PRO N 168 -3.43 21.04 -23.23
CA PRO N 168 -3.39 22.20 -24.13
C PRO N 168 -3.31 23.55 -23.45
N ALA N 169 -2.97 23.64 -22.17
CA ALA N 169 -2.96 24.93 -21.49
C ALA N 169 -1.60 25.37 -20.96
N LYS N 170 -0.76 24.45 -20.52
CA LYS N 170 0.53 24.79 -19.92
C LYS N 170 1.65 24.25 -20.82
N ALA N 171 2.08 25.08 -21.77
CA ALA N 171 3.18 24.75 -22.67
C ALA N 171 4.15 25.92 -22.76
N ASP N 172 4.29 26.66 -21.67
CA ASP N 172 5.14 27.85 -21.62
C ASP N 172 5.49 28.12 -20.17
N ALA N 173 5.96 29.35 -19.91
CA ALA N 173 6.26 29.88 -18.57
C ALA N 173 7.40 29.15 -17.87
N ASP N 174 7.07 28.28 -16.91
CA ASP N 174 8.11 27.72 -16.04
C ASP N 174 8.94 26.67 -16.76
N GLU N 175 8.32 25.83 -17.59
CA GLU N 175 9.03 24.72 -18.22
C GLU N 175 9.62 25.11 -19.58
N ILE N 176 10.40 26.19 -19.58
CA ILE N 176 11.08 26.62 -20.81
C ILE N 176 12.21 25.66 -21.14
N GLN N 177 13.01 25.27 -20.15
CA GLN N 177 14.17 24.41 -20.36
C GLN N 177 13.80 22.97 -20.68
N ARG N 178 12.54 22.58 -20.53
CA ARG N 178 12.11 21.23 -20.82
C ARG N 178 11.57 21.06 -22.24
N LEU N 179 10.78 22.00 -22.72
CA LEU N 179 10.11 21.88 -24.01
C LEU N 179 10.38 23.04 -24.96
N ASN N 180 10.51 24.27 -24.44
CA ASN N 180 10.65 25.42 -25.33
C ASN N 180 12.01 25.46 -26.00
N ASN N 181 13.06 25.05 -25.30
CA ASN N 181 14.41 25.06 -25.84
C ASN N 181 15.09 23.73 -25.53
N LYS N 182 15.73 23.15 -26.54
CA LYS N 182 16.50 21.93 -26.40
C LYS N 182 17.97 22.25 -26.53
N SER N 183 18.75 21.95 -25.50
CA SER N 183 20.16 22.31 -25.44
C SER N 183 21.01 21.14 -25.93
N TYR N 184 21.89 21.41 -26.89
CA TYR N 184 22.81 20.42 -27.43
C TYR N 184 24.19 21.02 -27.62
N THR N 185 24.56 21.96 -26.75
CA THR N 185 25.86 22.59 -26.84
C THR N 185 26.94 21.63 -26.32
N PRO N 186 27.96 21.32 -27.12
CA PRO N 186 28.98 20.37 -26.68
C PRO N 186 29.84 20.93 -25.55
N GLY N 187 30.38 20.02 -24.74
CA GLY N 187 31.27 20.38 -23.66
C GLY N 187 32.72 20.07 -23.99
N LYS N 188 33.59 20.29 -23.00
CA LYS N 188 35.01 20.04 -23.14
C LYS N 188 35.53 19.34 -21.90
N GLY N 189 36.40 18.36 -22.08
CA GLY N 189 36.99 17.62 -21.00
C GLY N 189 38.51 17.76 -20.98
N SER N 190 39.11 17.35 -19.87
CA SER N 190 40.54 17.38 -19.68
C SER N 190 41.05 15.96 -19.46
N ALA N 191 42.09 15.58 -20.20
CA ALA N 191 42.66 14.24 -20.11
C ALA N 191 44.17 14.35 -19.90
N VAL N 192 44.68 13.58 -18.94
CA VAL N 192 46.12 13.52 -18.65
C VAL N 192 46.58 12.10 -18.93
N PHE N 193 47.64 11.98 -19.72
CA PHE N 193 48.16 10.68 -20.14
C PHE N 193 49.58 10.50 -19.65
N SER N 194 49.88 9.32 -19.11
CA SER N 194 51.22 8.95 -18.69
C SER N 194 51.69 7.74 -19.50
N VAL N 195 52.95 7.75 -19.89
CA VAL N 195 53.54 6.70 -20.72
C VAL N 195 54.42 5.83 -19.84
N ALA N 196 54.25 4.52 -19.94
CA ALA N 196 55.07 3.57 -19.19
C ALA N 196 55.15 2.27 -19.97
N LYS N 197 56.24 1.53 -19.74
CA LYS N 197 56.50 0.23 -20.37
C LYS N 197 56.52 0.34 -21.90
N VAL N 198 57.49 1.10 -22.39
CA VAL N 198 57.64 1.33 -23.82
C VAL N 198 58.51 0.24 -24.42
N ASP N 199 58.04 -0.40 -25.49
CA ASP N 199 58.78 -1.41 -26.22
C ASP N 199 59.09 -0.84 -27.60
N THR N 200 60.33 -0.40 -27.79
CA THR N 200 60.73 0.21 -29.05
C THR N 200 61.05 -0.80 -30.14
N GLU N 201 61.20 -2.08 -29.77
CA GLU N 201 61.45 -3.12 -30.78
C GLU N 201 60.24 -3.32 -31.68
N THR N 202 59.04 -3.25 -31.13
CA THR N 202 57.81 -3.39 -31.89
C THR N 202 57.01 -2.08 -31.97
N GLY N 203 57.47 -1.02 -31.31
CA GLY N 203 56.78 0.25 -31.33
C GLY N 203 55.43 0.24 -30.64
N GLU N 204 55.34 -0.40 -29.48
CA GLU N 204 54.12 -0.49 -28.70
C GLU N 204 54.27 0.30 -27.41
N ILE N 205 53.32 1.19 -27.14
CA ILE N 205 53.37 2.04 -25.96
C ILE N 205 52.15 1.76 -25.10
N ALA N 206 52.30 2.04 -23.80
CA ALA N 206 51.23 1.83 -22.84
C ALA N 206 51.38 2.84 -21.71
N GLY N 207 50.62 2.66 -20.66
CA GLY N 207 50.68 3.53 -19.50
C GLY N 207 49.29 3.75 -18.94
N VAL N 208 49.20 4.73 -18.04
CA VAL N 208 47.95 5.08 -17.39
C VAL N 208 47.48 6.43 -17.92
N PHE N 209 46.18 6.67 -17.78
CA PHE N 209 45.58 7.93 -18.20
C PHE N 209 44.61 8.42 -17.14
N GLU N 210 44.38 9.73 -17.15
CA GLU N 210 43.50 10.40 -16.19
C GLU N 210 42.66 11.40 -16.96
N SER N 211 41.37 11.16 -17.06
CA SER N 211 40.46 12.00 -17.84
C SER N 211 39.34 12.52 -16.94
N ILE N 212 39.08 13.82 -17.03
CA ILE N 212 37.96 14.46 -16.35
C ILE N 212 37.07 15.10 -17.41
N GLN N 213 35.81 14.69 -17.45
CA GLN N 213 34.87 15.14 -18.47
C GLN N 213 33.51 15.34 -17.85
N PRO N 214 32.67 16.20 -18.42
CA PRO N 214 31.30 16.36 -17.92
C PRO N 214 30.43 15.16 -18.27
N SER N 215 29.35 15.00 -17.50
CA SER N 215 28.37 13.95 -17.74
C SER N 215 27.35 14.43 -18.75
N ASP N 216 26.22 13.73 -18.86
CA ASP N 216 25.17 14.11 -19.79
C ASP N 216 24.52 15.42 -19.34
N THR N 217 24.42 16.37 -20.27
CA THR N 217 23.79 17.66 -20.05
C THR N 217 22.29 17.61 -20.39
N GLU N 218 21.86 16.52 -21.04
CA GLU N 218 20.52 16.29 -21.63
C GLU N 218 20.10 17.58 -22.34
N MET N 219 18.90 18.11 -22.08
CA MET N 219 18.45 19.36 -22.67
C MET N 219 18.62 20.54 -21.73
N GLY N 220 19.37 20.37 -20.66
CA GLY N 220 19.59 21.42 -19.69
C GLY N 220 18.70 21.39 -18.47
N ALA N 221 17.97 20.29 -18.24
CA ALA N 221 17.11 20.18 -17.07
C ALA N 221 17.93 20.17 -15.78
N HIS N 222 19.04 19.44 -15.79
CA HIS N 222 19.92 19.35 -14.63
C HIS N 222 21.35 19.63 -15.06
N PRO N 223 22.12 20.36 -14.24
CA PRO N 223 23.52 20.63 -14.61
C PRO N 223 24.35 19.34 -14.63
N ALA N 224 25.30 19.29 -15.56
CA ALA N 224 26.10 18.10 -15.74
C ALA N 224 27.12 17.95 -14.62
N LYS N 225 27.30 16.71 -14.17
CA LYS N 225 28.30 16.40 -13.16
C LYS N 225 29.63 16.06 -13.82
N ASP N 226 30.70 16.13 -13.04
CA ASP N 226 32.04 15.85 -13.53
C ASP N 226 32.37 14.38 -13.33
N ILE N 227 32.86 13.74 -14.39
CA ILE N 227 33.15 12.31 -14.38
C ILE N 227 34.66 12.15 -14.53
N LYS N 228 35.28 11.45 -13.59
CA LYS N 228 36.71 11.19 -13.63
C LYS N 228 36.94 9.74 -14.02
N ILE N 229 37.74 9.51 -15.07
CA ILE N 229 37.99 8.19 -15.60
C ILE N 229 39.47 7.87 -15.41
N THR N 230 39.76 6.79 -14.70
CA THR N 230 41.12 6.29 -14.53
C THR N 230 41.22 4.91 -15.18
N GLY N 231 42.37 4.62 -15.77
CA GLY N 231 42.55 3.34 -16.41
C GLY N 231 43.85 3.30 -17.20
N LEU N 232 43.92 2.30 -18.08
CA LEU N 232 45.09 2.05 -18.90
C LEU N 232 44.82 2.42 -20.35
N TRP N 233 45.91 2.70 -21.08
CA TRP N 233 45.83 3.01 -22.49
C TRP N 233 46.97 2.28 -23.21
N TYR N 234 46.80 2.11 -24.52
CA TYR N 234 47.76 1.36 -25.32
C TYR N 234 47.75 1.89 -26.74
N GLY N 235 48.93 1.91 -27.37
CA GLY N 235 49.05 2.39 -28.73
C GLY N 235 50.22 1.73 -29.43
N GLN N 236 50.17 1.76 -30.76
CA GLN N 236 51.19 1.18 -31.61
C GLN N 236 51.70 2.23 -32.59
N LEU N 237 53.01 2.38 -32.68
CA LEU N 237 53.62 3.40 -33.51
C LEU N 237 53.74 2.92 -34.95
N THR N 238 53.34 3.78 -35.89
CA THR N 238 53.34 3.51 -37.34
C THR N 238 52.61 2.22 -37.73
N ALA O 1 -26.79 5.55 -64.10
CA ALA O 1 -27.39 4.23 -64.16
C ALA O 1 -27.72 3.83 -65.59
N TYR O 2 -26.81 3.10 -66.23
CA TYR O 2 -26.98 2.65 -67.60
C TYR O 2 -26.88 1.12 -67.66
N GLY O 3 -27.75 0.51 -68.45
CA GLY O 3 -27.78 -0.94 -68.54
C GLY O 3 -26.91 -1.53 -69.61
N GLU O 4 -25.71 -1.97 -69.23
CA GLU O 4 -24.77 -2.59 -70.15
C GLU O 4 -24.13 -3.78 -69.46
N GLY O 5 -23.52 -4.65 -70.27
CA GLY O 5 -22.93 -5.86 -69.75
C GLY O 5 -21.68 -5.60 -68.93
N ALA O 6 -21.38 -6.55 -68.05
CA ALA O 6 -20.21 -6.46 -67.18
C ALA O 6 -18.97 -6.94 -67.94
N ASN O 7 -17.83 -6.91 -67.27
CA ASN O 7 -16.55 -7.33 -67.85
C ASN O 7 -16.22 -8.74 -67.37
N VAL O 8 -16.78 -9.73 -68.05
CA VAL O 8 -16.50 -11.13 -67.76
C VAL O 8 -15.91 -11.76 -69.03
N PHE O 9 -14.79 -12.46 -68.86
CA PHE O 9 -14.03 -13.07 -69.96
C PHE O 9 -13.66 -12.03 -71.03
N GLY O 10 -13.23 -10.85 -70.58
CA GLY O 10 -12.90 -9.77 -71.49
C GLY O 10 -11.55 -9.14 -71.23
N ARG O 11 -10.62 -9.91 -70.66
CA ARG O 11 -9.23 -9.52 -70.41
C ARG O 11 -9.10 -8.32 -69.48
N VAL O 12 -7.87 -7.85 -69.29
CA VAL O 12 -7.56 -6.74 -68.38
C VAL O 12 -7.46 -5.45 -69.18
N THR O 13 -7.74 -4.33 -68.50
CA THR O 13 -7.67 -3.02 -69.15
C THR O 13 -6.25 -2.49 -69.17
N ASN O 14 -5.64 -2.29 -68.00
CA ASN O 14 -4.29 -1.77 -67.87
C ASN O 14 -3.45 -2.75 -67.07
N LYS O 15 -2.20 -2.95 -67.51
CA LYS O 15 -1.30 -3.86 -66.81
C LYS O 15 0.05 -3.20 -66.57
N SER O 16 0.42 -2.22 -67.40
CA SER O 16 1.71 -1.57 -67.31
C SER O 16 1.88 -0.74 -66.04
N GLY O 17 0.79 -0.35 -65.39
CA GLY O 17 0.89 0.45 -64.18
C GLY O 17 1.15 1.92 -64.41
N PHE O 18 1.05 2.39 -65.65
CA PHE O 18 1.26 3.79 -65.97
C PHE O 18 0.11 4.32 -66.80
N VAL O 19 -0.31 5.54 -66.49
CA VAL O 19 -1.35 6.23 -67.24
C VAL O 19 -0.73 7.45 -67.89
N PRO O 20 -1.04 7.74 -69.15
CA PRO O 20 -0.48 8.94 -69.78
C PRO O 20 -1.27 10.18 -69.41
N TYR O 21 -0.56 11.23 -69.02
CA TYR O 21 -1.20 12.49 -68.69
C TYR O 21 -0.49 13.61 -69.43
N ALA O 22 -1.27 14.49 -70.04
CA ALA O 22 -0.76 15.63 -70.80
C ALA O 22 -1.14 16.91 -70.08
N GLY O 23 -0.14 17.64 -69.61
CA GLY O 23 -0.34 18.94 -69.00
C GLY O 23 -0.26 20.05 -70.02
N ASP O 24 0.11 21.24 -69.55
CA ASP O 24 0.30 22.37 -70.45
C ASP O 24 1.68 22.26 -71.09
N SER O 25 1.69 21.87 -72.37
CA SER O 25 2.89 21.73 -73.20
C SER O 25 3.86 20.67 -72.69
N PHE O 26 3.35 19.68 -71.95
CA PHE O 26 4.18 18.53 -71.58
C PHE O 26 3.27 17.35 -71.30
N ALA O 27 3.86 16.15 -71.33
CA ALA O 27 3.13 14.91 -71.09
C ALA O 27 4.09 13.85 -70.58
N LEU O 28 3.58 12.98 -69.70
CA LEU O 28 4.40 11.92 -69.14
C LEU O 28 3.51 10.81 -68.60
N LEU O 29 4.14 9.67 -68.31
CA LEU O 29 3.46 8.50 -67.77
C LEU O 29 3.53 8.55 -66.25
N LEU O 30 2.37 8.76 -65.62
CA LEU O 30 2.30 8.78 -64.16
C LEU O 30 1.95 7.38 -63.64
N PRO O 31 2.39 7.04 -62.42
CA PRO O 31 2.02 5.73 -61.86
C PRO O 31 0.52 5.64 -61.62
N SER O 32 -0.04 4.47 -61.90
CA SER O 32 -1.47 4.27 -61.72
C SER O 32 -1.85 4.29 -60.25
N LYS O 33 -1.03 3.67 -59.40
CA LYS O 33 -1.33 3.56 -57.97
C LYS O 33 -1.25 4.90 -57.23
N TRP O 34 -0.71 5.94 -57.87
CA TRP O 34 -0.54 7.24 -57.22
C TRP O 34 -1.77 8.11 -57.46
N ASN O 35 -2.22 8.78 -56.40
CA ASN O 35 -3.41 9.62 -56.46
C ASN O 35 -3.03 11.10 -56.48
N PRO O 36 -3.81 11.95 -57.14
CA PRO O 36 -3.49 13.38 -57.17
C PRO O 36 -3.61 14.02 -55.80
N SER O 37 -2.71 14.96 -55.53
CA SER O 37 -2.69 15.71 -54.28
C SER O 37 -2.74 17.20 -54.59
N ASP O 38 -3.51 17.93 -53.80
CA ASP O 38 -3.70 19.36 -54.00
C ASP O 38 -2.68 20.21 -53.25
N GLU O 39 -1.70 19.58 -52.59
CA GLU O 39 -0.67 20.32 -51.88
C GLU O 39 0.23 21.05 -52.86
N LYS O 40 0.43 22.35 -52.63
CA LYS O 40 1.25 23.19 -53.49
C LYS O 40 2.30 23.89 -52.62
N GLU O 41 3.47 23.26 -52.49
CA GLU O 41 4.58 23.86 -51.76
C GLU O 41 5.14 25.09 -52.44
N VAL O 42 5.20 25.12 -53.77
CA VAL O 42 5.73 26.23 -54.53
C VAL O 42 4.57 26.84 -55.33
N ASP O 43 4.50 28.17 -55.36
CA ASP O 43 3.38 28.87 -56.00
C ASP O 43 3.31 28.66 -57.50
N SER O 44 4.36 28.13 -58.13
CA SER O 44 4.38 27.86 -59.56
C SER O 44 4.35 26.37 -59.86
N ILE O 45 3.54 25.62 -59.09
CA ILE O 45 3.39 24.17 -59.28
C ILE O 45 2.00 23.92 -59.84
N VAL O 46 1.93 23.20 -60.96
CA VAL O 46 0.67 22.90 -61.62
C VAL O 46 0.29 21.43 -61.56
N LEU O 47 1.07 20.58 -60.89
CA LEU O 47 0.81 19.16 -60.84
C LEU O 47 1.49 18.57 -59.61
N ARG O 48 0.81 17.64 -58.95
CA ARG O 48 1.41 16.87 -57.87
C ARG O 48 0.60 15.61 -57.63
N TYR O 49 1.26 14.46 -57.73
CA TYR O 49 0.67 13.16 -57.43
C TYR O 49 1.50 12.48 -56.36
N ALA O 50 0.83 11.84 -55.41
CA ALA O 50 1.51 11.20 -54.30
C ALA O 50 1.02 9.77 -54.15
N ASP O 51 1.87 8.92 -53.57
CA ASP O 51 1.53 7.53 -53.35
C ASP O 51 0.42 7.40 -52.31
N ASN O 52 -0.40 6.36 -52.46
CA ASN O 52 -1.55 6.18 -51.57
C ASN O 52 -1.12 5.74 -50.17
N PHE O 53 -0.03 4.98 -50.07
CA PHE O 53 0.45 4.54 -48.76
C PHE O 53 1.10 5.70 -48.00
N ASP O 54 2.11 6.33 -48.61
CA ASP O 54 2.88 7.36 -47.94
C ASP O 54 3.02 8.58 -48.84
N ALA O 55 3.13 9.74 -48.20
CA ALA O 55 3.37 10.99 -48.91
C ALA O 55 4.85 11.20 -49.24
N VAL O 56 5.71 10.24 -48.89
CA VAL O 56 7.13 10.32 -49.24
C VAL O 56 7.30 10.25 -50.75
N ASN O 57 6.56 9.35 -51.39
CA ASN O 57 6.66 9.14 -52.83
C ASN O 57 5.73 10.10 -53.54
N ASN O 58 6.29 11.19 -54.07
CA ASN O 58 5.52 12.19 -54.79
C ASN O 58 6.23 12.55 -56.09
N VAL O 59 5.44 13.03 -57.05
CA VAL O 59 5.93 13.51 -58.33
C VAL O 59 5.26 14.84 -58.63
N TYR O 60 6.05 15.83 -59.04
CA TYR O 60 5.49 17.15 -59.32
C TYR O 60 6.34 17.83 -60.38
N VAL O 61 5.77 18.87 -60.98
CA VAL O 61 6.44 19.65 -62.01
C VAL O 61 6.43 21.12 -61.60
N ILE O 62 7.36 21.88 -62.17
CA ILE O 62 7.55 23.30 -61.88
C ILE O 62 7.51 24.05 -63.21
N ALA O 63 6.82 25.19 -63.22
CA ALA O 63 6.74 26.02 -64.42
C ALA O 63 7.68 27.23 -64.37
N GLN O 64 7.50 28.10 -63.36
CA GLN O 64 8.28 29.31 -63.14
C GLN O 64 8.36 30.20 -64.38
N ASP O 65 9.37 31.05 -64.44
CA ASP O 65 9.58 31.93 -65.60
C ASP O 65 11.04 32.38 -65.60
N THR O 66 11.77 32.06 -66.66
CA THR O 66 13.19 32.34 -66.74
C THR O 66 13.51 33.16 -67.99
N ASP O 67 14.49 34.04 -67.85
CA ASP O 67 14.98 34.86 -68.96
C ASP O 67 16.08 34.17 -69.76
N LYS O 68 16.55 33.01 -69.29
CA LYS O 68 17.61 32.29 -70.00
C LYS O 68 17.06 31.65 -71.27
N SER O 69 17.94 31.54 -72.27
CA SER O 69 17.54 30.91 -73.53
C SER O 69 17.38 29.40 -73.37
N SER O 70 18.28 28.77 -72.64
CA SER O 70 18.24 27.32 -72.45
C SER O 70 19.02 26.95 -71.19
N ILE O 71 18.90 25.68 -70.80
CA ILE O 71 19.58 25.16 -69.62
C ILE O 71 21.10 25.26 -69.73
N GLN O 72 21.63 25.23 -70.96
CA GLN O 72 23.07 25.40 -71.16
C GLN O 72 23.53 26.78 -70.68
N ASP O 73 22.65 27.77 -70.71
CA ASP O 73 22.99 29.09 -70.19
C ASP O 73 23.26 29.06 -68.69
N TYR O 74 22.71 28.06 -67.99
CA TYR O 74 23.03 27.92 -66.57
C TYR O 74 24.44 27.37 -66.39
N GLY O 75 24.95 26.62 -67.36
CA GLY O 75 26.30 26.10 -67.28
C GLY O 75 26.41 24.65 -66.86
N SER O 76 27.14 24.40 -65.79
CA SER O 76 27.39 23.04 -65.32
C SER O 76 26.14 22.45 -64.68
N PRO O 77 26.01 21.11 -64.68
CA PRO O 77 24.90 20.48 -63.93
C PRO O 77 24.94 20.80 -62.44
N GLU O 78 26.14 20.87 -61.86
CA GLU O 78 26.27 21.24 -60.45
C GLU O 78 25.86 22.69 -60.23
N GLU O 79 26.16 23.56 -61.20
CA GLU O 79 25.72 24.95 -61.12
C GLU O 79 24.20 25.05 -61.21
N PHE O 80 23.58 24.20 -62.04
CA PHE O 80 22.12 24.17 -62.13
C PHE O 80 21.51 23.69 -60.81
N ILE O 81 22.08 22.64 -60.22
CA ILE O 81 21.49 22.06 -59.01
C ILE O 81 21.86 22.82 -57.74
N SER O 82 22.87 23.70 -57.80
CA SER O 82 23.27 24.42 -56.58
C SER O 82 22.29 25.52 -56.20
N GLN O 83 21.65 26.15 -57.18
CA GLN O 83 20.74 27.26 -56.93
C GLN O 83 19.34 26.79 -56.53
N PHE O 84 19.07 25.49 -56.59
CA PHE O 84 17.74 24.96 -56.30
C PHE O 84 17.71 24.23 -54.96
N GLY O 85 18.54 24.65 -54.01
CA GLY O 85 18.60 23.98 -52.72
C GLY O 85 17.29 24.01 -51.96
N TYR O 86 16.44 25.00 -52.24
CA TYR O 86 15.14 25.08 -51.59
C TYR O 86 14.17 24.00 -52.04
N LEU O 87 14.50 23.22 -53.07
CA LEU O 87 13.66 22.05 -53.36
C LEU O 87 14.06 20.85 -52.53
N LEU O 88 15.20 20.90 -51.83
CA LEU O 88 15.61 19.81 -50.96
C LEU O 88 14.98 19.90 -49.58
N GLY O 89 15.09 21.07 -48.94
CA GLY O 89 14.53 21.26 -47.62
C GLY O 89 15.44 22.09 -46.72
N ARG O 90 14.89 23.17 -46.16
CA ARG O 90 15.66 24.04 -45.28
C ARG O 90 15.61 23.49 -43.86
N GLN O 91 16.79 23.41 -43.23
CA GLN O 91 16.86 22.96 -41.85
C GLN O 91 16.24 24.02 -40.94
N ALA O 92 15.22 23.61 -40.18
CA ALA O 92 14.41 24.54 -39.39
C ALA O 92 14.80 24.57 -37.92
N TRP O 93 16.03 24.18 -37.59
CA TRP O 93 16.52 24.21 -36.22
C TRP O 93 17.72 25.12 -36.09
N ALA O 94 17.67 26.03 -35.11
CA ALA O 94 18.78 26.91 -34.78
C ALA O 94 19.67 26.23 -33.75
N GLY O 95 20.61 26.96 -33.18
CA GLY O 95 21.52 26.38 -32.23
C GLY O 95 22.63 25.61 -32.91
N GLN O 96 23.49 25.02 -32.10
CA GLN O 96 24.63 24.27 -32.59
C GLN O 96 24.62 22.85 -32.05
N THR O 97 25.03 21.90 -32.88
CA THR O 97 25.12 20.50 -32.48
C THR O 97 26.13 19.80 -33.39
N VAL O 98 26.89 18.87 -32.81
CA VAL O 98 27.85 18.06 -33.54
C VAL O 98 27.64 16.57 -33.31
N SER O 99 26.79 16.22 -32.34
CA SER O 99 26.57 14.83 -31.94
C SER O 99 25.49 14.14 -32.75
N GLU O 100 25.25 14.59 -33.98
CA GLU O 100 24.30 13.94 -34.87
C GLU O 100 24.91 12.72 -35.55
N GLY O 101 26.10 12.89 -36.12
CA GLY O 101 26.83 11.75 -36.66
C GLY O 101 26.93 11.71 -38.18
N GLY O 102 28.09 12.10 -38.71
CA GLY O 102 28.32 12.02 -40.13
C GLY O 102 27.61 13.08 -40.95
N PHE O 103 27.35 14.24 -40.38
CA PHE O 103 26.66 15.33 -41.08
C PHE O 103 27.42 16.64 -40.91
N ASP O 104 28.74 16.57 -41.11
CA ASP O 104 29.65 17.72 -41.05
C ASP O 104 29.58 18.44 -39.71
N ALA O 105 29.23 19.73 -39.75
CA ALA O 105 29.15 20.54 -38.54
C ALA O 105 27.85 21.34 -38.55
N ASN O 106 27.09 21.23 -37.46
CA ASN O 106 25.83 21.96 -37.25
C ASN O 106 24.81 21.70 -38.35
N LYS O 107 24.78 20.47 -38.88
CA LYS O 107 23.84 20.08 -39.91
C LYS O 107 23.18 18.77 -39.52
N VAL O 108 21.89 18.64 -39.84
CA VAL O 108 21.14 17.42 -39.60
C VAL O 108 20.63 16.81 -40.90
N SER O 109 21.04 17.35 -42.04
CA SER O 109 20.62 16.85 -43.34
C SER O 109 21.72 17.07 -44.36
N SER O 110 22.05 16.02 -45.11
CA SER O 110 23.08 16.09 -46.14
C SER O 110 22.50 15.61 -47.46
N ALA O 111 23.05 16.14 -48.55
CA ALA O 111 22.62 15.79 -49.90
C ALA O 111 23.84 15.42 -50.72
N ALA O 112 23.77 14.28 -51.40
CA ALA O 112 24.86 13.79 -52.23
C ALA O 112 24.38 13.64 -53.67
N LEU O 113 25.11 14.25 -54.61
CA LEU O 113 24.77 14.17 -56.03
C LEU O 113 25.46 12.94 -56.59
N LEU O 114 24.70 11.86 -56.78
CA LEU O 114 25.30 10.59 -57.18
C LEU O 114 25.68 10.56 -58.66
N GLY O 115 24.95 11.29 -59.51
CA GLY O 115 25.25 11.28 -60.92
C GLY O 115 24.54 12.39 -61.66
N VAL O 116 25.09 12.75 -62.82
CA VAL O 116 24.54 13.78 -63.69
C VAL O 116 24.56 13.26 -65.13
N ALA O 117 23.72 13.88 -65.95
CA ALA O 117 23.63 13.49 -67.36
C ALA O 117 23.09 14.67 -68.16
N THR O 118 23.31 14.61 -69.47
CA THR O 118 22.89 15.63 -70.43
C THR O 118 22.21 14.98 -71.63
N GLU O 119 21.28 14.08 -71.36
CA GLU O 119 20.57 13.36 -72.41
C GLU O 119 19.68 14.30 -73.21
N LYS O 120 19.65 14.11 -74.53
CA LYS O 120 18.93 15.00 -75.43
C LYS O 120 17.80 14.26 -76.14
N ASP O 121 16.76 15.01 -76.48
CA ASP O 121 15.53 14.46 -77.04
C ASP O 121 15.53 14.62 -78.57
N LYS O 122 14.56 13.98 -79.22
CA LYS O 122 14.44 14.04 -80.68
C LYS O 122 14.17 15.46 -81.16
N LYS O 123 13.50 16.27 -80.36
CA LYS O 123 13.16 17.65 -80.72
C LYS O 123 14.30 18.63 -80.50
N GLY O 124 15.52 18.13 -80.31
CA GLY O 124 16.65 19.00 -80.06
C GLY O 124 16.64 19.71 -78.72
N LYS O 125 15.90 19.17 -77.75
CA LYS O 125 15.76 19.79 -76.44
C LYS O 125 16.70 19.08 -75.47
N THR O 126 17.67 19.81 -74.94
CA THR O 126 18.58 19.27 -73.94
C THR O 126 17.86 19.12 -72.60
N TYR O 127 18.26 18.10 -71.84
CA TYR O 127 17.67 17.79 -70.55
C TYR O 127 18.76 17.57 -69.51
N TYR O 128 18.57 18.13 -68.32
CA TYR O 128 19.45 17.86 -67.19
C TYR O 128 18.82 16.77 -66.32
N LYS O 129 19.61 15.76 -65.98
CA LYS O 129 19.14 14.63 -65.19
C LYS O 129 20.05 14.48 -63.96
N PHE O 130 19.44 14.47 -62.78
CA PHE O 130 20.16 14.37 -61.52
C PHE O 130 19.55 13.29 -60.65
N GLU O 131 20.41 12.54 -59.96
CA GLU O 131 20.01 11.62 -58.90
C GLU O 131 20.68 12.10 -57.61
N ILE O 132 19.86 12.42 -56.60
CA ILE O 132 20.33 12.99 -55.35
C ILE O 132 19.90 12.10 -54.20
N LEU O 133 20.81 11.79 -53.29
CA LEU O 133 20.49 11.06 -52.09
C LEU O 133 20.49 12.07 -50.94
N SER O 134 19.31 12.34 -50.39
CA SER O 134 19.14 13.30 -49.31
C SER O 134 18.84 12.53 -48.03
N ARG O 135 19.78 12.54 -47.09
CA ARG O 135 19.63 11.83 -45.84
C ARG O 135 19.54 12.83 -44.70
N THR O 136 18.78 12.47 -43.67
CA THR O 136 18.63 13.31 -42.49
C THR O 136 19.27 12.63 -41.29
N ALA O 137 19.30 13.37 -40.18
CA ALA O 137 19.96 12.87 -38.97
C ALA O 137 19.26 11.64 -38.41
N ASP O 138 17.93 11.62 -38.47
CA ASP O 138 17.19 10.43 -38.06
C ASP O 138 17.20 9.34 -39.12
N GLY O 139 17.67 9.63 -40.33
CA GLY O 139 17.69 8.64 -41.40
C GLY O 139 16.31 8.20 -41.82
N ASN O 140 15.44 9.17 -42.13
CA ASN O 140 14.06 8.91 -42.53
C ASN O 140 14.00 8.01 -43.75
N GLU O 141 13.52 6.78 -43.53
CA GLU O 141 13.43 5.73 -44.56
C GLU O 141 14.80 5.43 -45.17
N GLY O 142 15.86 5.59 -44.39
CA GLY O 142 17.21 5.35 -44.87
C GLY O 142 17.70 6.32 -45.91
N GLY O 143 17.11 7.51 -45.97
CA GLY O 143 17.43 8.47 -47.01
C GLY O 143 16.37 8.51 -48.09
N ARG O 144 16.41 9.58 -48.88
CA ARG O 144 15.43 9.82 -49.92
C ARG O 144 16.14 9.96 -51.26
N HIS O 145 15.57 9.32 -52.29
CA HIS O 145 16.08 9.41 -53.65
C HIS O 145 15.30 10.50 -54.38
N GLN O 146 16.03 11.43 -54.98
CA GLN O 146 15.45 12.54 -55.72
C GLN O 146 15.88 12.41 -57.18
N LEU O 147 14.89 12.36 -58.08
CA LEU O 147 15.12 12.22 -59.51
C LEU O 147 14.68 13.52 -60.16
N VAL O 148 15.65 14.34 -60.59
CA VAL O 148 15.36 15.69 -61.07
C VAL O 148 15.65 15.75 -62.56
N LYS O 149 14.64 16.09 -63.35
CA LYS O 149 14.79 16.29 -64.78
C LYS O 149 14.34 17.71 -65.12
N ALA O 150 15.21 18.47 -65.77
CA ALA O 150 14.97 19.88 -66.01
C ALA O 150 15.23 20.24 -67.47
N THR O 151 14.44 21.20 -67.97
CA THR O 151 14.57 21.72 -69.32
C THR O 151 13.93 23.09 -69.38
N VAL O 152 14.23 23.82 -70.46
CA VAL O 152 13.64 25.12 -70.74
C VAL O 152 12.88 25.03 -72.06
N SER O 153 11.61 25.39 -72.04
CA SER O 153 10.78 25.43 -73.23
C SER O 153 9.94 26.70 -73.20
N ASN O 154 9.69 27.26 -74.39
CA ASN O 154 8.93 28.50 -74.59
C ASN O 154 9.54 29.63 -73.77
N GLY O 155 8.88 29.99 -72.68
CA GLY O 155 9.39 30.99 -71.76
C GLY O 155 9.33 30.49 -70.33
N LYS O 156 9.20 29.18 -70.18
CA LYS O 156 9.03 28.53 -68.90
C LYS O 156 10.19 27.57 -68.65
N LEU O 157 10.38 27.22 -67.38
CA LEU O 157 11.41 26.27 -66.96
C LEU O 157 10.70 25.04 -66.45
N TYR O 158 10.61 24.01 -67.30
CA TYR O 158 9.92 22.77 -66.96
C TYR O 158 10.88 21.85 -66.22
N LEU O 159 10.61 21.64 -64.93
CA LEU O 159 11.46 20.80 -64.08
C LEU O 159 10.58 19.73 -63.44
N LEU O 160 11.04 18.48 -63.53
CA LEU O 160 10.35 17.34 -62.93
C LEU O 160 11.16 16.85 -61.74
N LYS O 161 10.48 16.61 -60.62
CA LYS O 161 11.11 16.05 -59.43
C LYS O 161 10.34 14.82 -58.98
N VAL O 162 11.07 13.72 -58.77
CA VAL O 162 10.50 12.48 -58.25
C VAL O 162 11.21 12.17 -56.94
N GLN O 163 10.44 12.16 -55.85
CA GLN O 163 10.96 11.88 -54.52
C GLN O 163 10.56 10.47 -54.12
N ALA O 164 11.53 9.69 -53.63
CA ALA O 164 11.26 8.33 -53.21
C ALA O 164 12.21 7.95 -52.08
N GLY O 165 11.69 7.20 -51.10
CA GLY O 165 12.51 6.77 -50.00
C GLY O 165 13.46 5.66 -50.39
N ASP O 166 14.52 5.50 -49.58
CA ASP O 166 15.49 4.44 -49.82
C ASP O 166 14.86 3.07 -49.61
N LYS O 167 14.03 2.92 -48.58
CA LYS O 167 13.28 1.68 -48.41
C LYS O 167 12.36 1.43 -49.59
N ARG O 168 11.70 2.49 -50.07
CA ARG O 168 10.90 2.41 -51.29
C ARG O 168 11.76 2.03 -52.49
N TRP O 169 13.04 2.43 -52.49
CA TRP O 169 13.90 2.17 -53.64
C TRP O 169 14.13 0.69 -53.85
N PHE O 170 14.36 -0.09 -52.78
CA PHE O 170 14.58 -1.52 -52.96
C PHE O 170 13.39 -2.37 -52.55
N LYS O 171 12.22 -1.78 -52.26
CA LYS O 171 11.05 -2.63 -52.15
C LYS O 171 10.29 -2.75 -53.47
N GLY O 172 10.73 -2.07 -54.52
CA GLY O 172 10.08 -2.19 -55.81
C GLY O 172 9.46 -0.94 -56.41
N THR O 173 10.05 0.23 -56.14
CA THR O 173 9.57 1.48 -56.69
C THR O 173 10.64 2.17 -57.55
N ASP O 174 11.88 1.67 -57.53
CA ASP O 174 12.95 2.28 -58.32
C ASP O 174 12.68 2.23 -59.81
N LYS O 175 12.15 1.09 -60.29
CA LYS O 175 11.88 0.94 -61.72
C LYS O 175 10.79 1.90 -62.20
N GLU O 176 9.70 2.03 -61.44
CA GLU O 176 8.65 2.95 -61.84
C GLU O 176 9.08 4.40 -61.68
N CYS O 177 9.93 4.71 -60.70
CA CYS O 177 10.47 6.05 -60.58
C CYS O 177 11.36 6.41 -61.76
N LEU O 178 12.19 5.46 -62.20
CA LEU O 178 13.01 5.69 -63.39
C LEU O 178 12.15 5.83 -64.64
N GLY O 179 11.05 5.07 -64.71
CA GLY O 179 10.13 5.22 -65.84
C GLY O 179 9.46 6.57 -65.87
N VAL O 180 9.06 7.07 -64.69
CA VAL O 180 8.48 8.42 -64.61
C VAL O 180 9.50 9.47 -65.00
N LEU O 181 10.74 9.32 -64.55
CA LEU O 181 11.81 10.26 -64.91
C LEU O 181 12.09 10.24 -66.41
N ASP O 182 12.02 9.06 -67.03
CA ASP O 182 12.29 8.95 -68.46
C ASP O 182 11.11 9.36 -69.34
N SER O 183 9.88 9.28 -68.84
CA SER O 183 8.72 9.60 -69.64
C SER O 183 8.44 11.10 -69.74
N PHE O 184 9.19 11.93 -69.01
CA PHE O 184 8.97 13.37 -69.03
C PHE O 184 9.45 13.94 -70.36
N THR O 185 8.51 14.26 -71.24
CA THR O 185 8.81 14.83 -72.55
C THR O 185 8.03 16.13 -72.69
N VAL O 186 8.72 17.19 -73.09
CA VAL O 186 8.13 18.52 -73.22
C VAL O 186 7.98 18.82 -74.71
N VAL O 187 6.74 19.07 -75.14
CA VAL O 187 6.45 19.38 -76.53
C VAL O 187 5.82 20.76 -76.64
N MET P 1 2.81 9.18 -1.42
CA MET P 1 1.62 9.04 -0.60
C MET P 1 0.56 8.20 -1.31
N GLU P 2 0.60 8.19 -2.64
CA GLU P 2 -0.27 7.30 -3.39
C GLU P 2 0.24 5.87 -3.39
N ALA P 3 1.57 5.70 -3.37
CA ALA P 3 2.16 4.36 -3.41
C ALA P 3 1.82 3.56 -2.17
N LEU P 4 1.78 4.21 -1.00
CA LEU P 4 1.41 3.50 0.22
C LEU P 4 -0.05 3.06 0.17
N VAL P 5 -0.93 3.88 -0.40
CA VAL P 5 -2.34 3.51 -0.56
C VAL P 5 -2.46 2.31 -1.49
N TYR P 6 -1.71 2.33 -2.61
CA TYR P 6 -1.73 1.19 -3.53
C TYR P 6 -1.24 -0.08 -2.86
N THR P 7 -0.11 -0.01 -2.15
CA THR P 7 0.45 -1.19 -1.52
C THR P 7 -0.48 -1.72 -0.43
N PHE P 8 -1.15 -0.82 0.30
CA PHE P 8 -2.11 -1.25 1.30
C PHE P 8 -3.30 -1.96 0.66
N LEU P 9 -3.82 -1.42 -0.45
CA LEU P 9 -4.95 -2.05 -1.11
C LEU P 9 -4.59 -3.44 -1.63
N LEU P 10 -3.41 -3.58 -2.24
CA LEU P 10 -2.99 -4.90 -2.71
C LEU P 10 -2.69 -5.88 -1.58
N ILE P 11 -2.06 -5.44 -0.48
CA ILE P 11 -1.83 -6.40 0.59
C ILE P 11 -3.14 -6.80 1.26
N GLY P 12 -4.12 -5.89 1.30
CA GLY P 12 -5.45 -6.26 1.75
C GLY P 12 -6.11 -7.26 0.82
N THR P 13 -5.91 -7.10 -0.49
CA THR P 13 -6.46 -8.06 -1.45
C THR P 13 -5.85 -9.44 -1.26
N LEU P 14 -4.52 -9.52 -1.12
CA LEU P 14 -3.88 -10.82 -0.86
C LEU P 14 -4.32 -11.40 0.47
N GLY P 15 -4.57 -10.54 1.47
CA GLY P 15 -5.11 -11.01 2.73
C GLY P 15 -6.47 -11.63 2.57
N ILE P 16 -7.33 -11.03 1.76
CA ILE P 16 -8.66 -11.59 1.52
C ILE P 16 -8.55 -12.91 0.75
N ILE P 17 -7.62 -13.02 -0.19
CA ILE P 17 -7.41 -14.29 -0.89
C ILE P 17 -6.95 -15.38 0.07
N PHE P 18 -5.96 -15.09 0.91
CA PHE P 18 -5.46 -16.07 1.87
C PHE P 18 -6.54 -16.46 2.86
N PHE P 19 -7.31 -15.49 3.34
CA PHE P 19 -8.44 -15.73 4.24
C PHE P 19 -9.51 -16.60 3.60
N SER P 20 -9.88 -16.30 2.35
CA SER P 20 -10.90 -17.11 1.67
C SER P 20 -10.42 -18.52 1.40
N ILE P 21 -9.13 -18.69 1.13
CA ILE P 21 -8.61 -20.03 0.85
C ILE P 21 -8.53 -20.86 2.13
N PHE P 22 -7.94 -20.30 3.19
CA PHE P 22 -7.58 -21.12 4.34
C PHE P 22 -8.60 -21.11 5.48
N PHE P 23 -9.52 -20.15 5.52
CA PHE P 23 -10.49 -20.10 6.61
C PHE P 23 -11.90 -20.04 6.05
N ARG P 24 -12.17 -20.86 5.03
CA ARG P 24 -13.46 -20.91 4.39
C ARG P 24 -14.45 -21.75 5.22
N GLU P 25 -15.72 -21.62 4.89
CA GLU P 25 -16.74 -22.47 5.49
C GLU P 25 -16.60 -23.89 4.96
N PRO P 26 -16.45 -24.90 5.80
CA PRO P 26 -16.33 -26.27 5.32
C PRO P 26 -17.63 -26.75 4.72
N PRO P 27 -17.58 -27.53 3.64
CA PRO P 27 -18.81 -28.15 3.11
C PRO P 27 -19.40 -29.10 4.15
N ARG P 28 -20.74 -29.12 4.21
CA ARG P 28 -21.40 -29.84 5.30
C ARG P 28 -21.61 -31.32 5.00
N ILE P 29 -21.71 -31.69 3.71
CA ILE P 29 -21.86 -33.04 3.16
C ILE P 29 -23.06 -33.79 3.78
N ALA P 30 -23.94 -33.07 4.45
CA ALA P 30 -25.11 -33.68 5.09
C ALA P 30 -26.22 -33.89 4.08
N LEU Q 1 38.77 -2.88 -16.86
CA LEU Q 1 37.94 -3.68 -15.96
C LEU Q 1 37.68 -2.94 -14.67
N VAL Q 2 36.51 -2.31 -14.57
CA VAL Q 2 36.16 -1.54 -13.39
C VAL Q 2 35.51 -2.38 -12.30
N ASP Q 3 35.08 -3.60 -12.60
CA ASP Q 3 34.40 -4.44 -11.63
C ASP Q 3 34.52 -5.91 -12.04
N ASP Q 4 34.27 -6.79 -11.08
CA ASP Q 4 34.51 -8.22 -11.25
C ASP Q 4 33.26 -8.94 -11.74
N ARG Q 5 33.44 -9.78 -12.77
CA ARG Q 5 32.36 -10.55 -13.35
C ARG Q 5 32.78 -12.02 -13.45
N MET Q 6 31.77 -12.89 -13.48
CA MET Q 6 32.03 -14.30 -13.73
C MET Q 6 32.32 -14.58 -15.19
N ASN Q 7 31.73 -13.80 -16.10
CA ASN Q 7 31.92 -13.92 -17.55
C ASN Q 7 31.56 -15.32 -18.06
N GLY Q 8 30.43 -15.83 -17.60
CA GLY Q 8 29.95 -17.14 -17.98
C GLY Q 8 29.01 -17.18 -19.17
N ASP Q 9 28.77 -16.04 -19.84
CA ASP Q 9 27.86 -16.02 -20.97
C ASP Q 9 28.47 -16.73 -22.18
N GLY Q 10 27.65 -17.51 -22.88
CA GLY Q 10 28.12 -18.24 -24.04
C GLY Q 10 29.11 -19.33 -23.66
N THR Q 11 29.98 -19.67 -24.63
CA THR Q 11 31.14 -20.56 -24.55
C THR Q 11 30.70 -22.04 -24.45
N GLY Q 12 29.41 -22.31 -24.27
CA GLY Q 12 28.93 -23.68 -24.19
C GLY Q 12 29.32 -24.41 -22.92
N LEU Q 13 29.08 -23.77 -21.78
CA LEU Q 13 29.43 -24.37 -20.49
C LEU Q 13 28.50 -25.55 -20.18
N PRO Q 14 29.04 -26.72 -19.87
CA PRO Q 14 28.20 -27.88 -19.51
C PRO Q 14 27.37 -27.59 -18.26
N PHE Q 15 26.04 -27.59 -18.44
CA PHE Q 15 25.06 -27.22 -17.43
C PHE Q 15 25.31 -25.82 -16.87
N GLY Q 16 25.95 -24.95 -17.65
CA GLY Q 16 26.34 -23.64 -17.16
C GLY Q 16 27.33 -23.69 -16.02
N VAL Q 17 28.21 -24.68 -16.01
CA VAL Q 17 29.16 -24.90 -14.92
C VAL Q 17 30.48 -24.24 -15.31
N ASN Q 18 30.91 -23.26 -14.51
CA ASN Q 18 32.18 -22.58 -14.73
C ASN Q 18 33.28 -23.04 -13.77
N ASP Q 19 32.91 -23.47 -12.58
CA ASP Q 19 33.85 -23.98 -11.59
C ASP Q 19 33.46 -25.41 -11.24
N GLY Q 20 34.46 -26.25 -10.98
CA GLY Q 20 34.22 -27.64 -10.67
C GLY Q 20 33.39 -27.85 -9.42
N ILE Q 21 33.35 -26.87 -8.53
CA ILE Q 21 32.50 -26.94 -7.34
C ILE Q 21 31.03 -27.01 -7.72
N LEU Q 22 30.65 -26.33 -8.80
CA LEU Q 22 29.25 -26.37 -9.25
C LEU Q 22 28.86 -27.78 -9.69
N GLY Q 23 29.67 -28.40 -10.56
CA GLY Q 23 29.40 -29.76 -10.97
C GLY Q 23 29.46 -30.74 -9.81
N TRP Q 24 30.35 -30.47 -8.84
CA TRP Q 24 30.44 -31.36 -7.69
C TRP Q 24 29.22 -31.25 -6.79
N VAL Q 25 28.63 -30.06 -6.66
CA VAL Q 25 27.41 -30.00 -5.84
C VAL Q 25 26.23 -30.57 -6.62
N ILE Q 26 26.23 -30.49 -7.96
CA ILE Q 26 25.22 -31.20 -8.75
C ILE Q 26 25.30 -32.69 -8.46
N ALA Q 27 26.52 -33.25 -8.57
CA ALA Q 27 26.74 -34.68 -8.34
C ALA Q 27 26.41 -35.07 -6.91
N GLY Q 28 26.81 -34.26 -5.94
CA GLY Q 28 26.55 -34.58 -4.55
C GLY Q 28 25.08 -34.57 -4.19
N THR Q 29 24.34 -33.56 -4.66
CA THR Q 29 22.92 -33.49 -4.35
C THR Q 29 22.15 -34.63 -5.02
N LEU Q 30 22.43 -34.88 -6.30
CA LEU Q 30 21.77 -35.99 -6.99
C LEU Q 30 22.14 -37.33 -6.35
N GLY Q 31 23.40 -37.49 -5.96
CA GLY Q 31 23.83 -38.72 -5.35
C GLY Q 31 23.23 -38.96 -3.98
N THR Q 32 23.09 -37.91 -3.16
CA THR Q 32 22.51 -38.13 -1.84
C THR Q 32 21.01 -38.36 -1.92
N ILE Q 33 20.32 -37.72 -2.88
CA ILE Q 33 18.90 -38.01 -3.07
C ILE Q 33 18.73 -39.45 -3.56
N TRP Q 34 19.58 -39.88 -4.50
CA TRP Q 34 19.54 -41.25 -4.98
C TRP Q 34 19.88 -42.24 -3.88
N ALA Q 35 20.80 -41.88 -2.99
CA ALA Q 35 21.18 -42.77 -1.88
C ALA Q 35 20.03 -42.92 -0.90
N ILE Q 36 19.34 -41.82 -0.58
CA ILE Q 36 18.18 -41.92 0.30
C ILE Q 36 17.09 -42.77 -0.34
N TYR Q 37 16.85 -42.56 -1.64
CA TYR Q 37 15.86 -43.36 -2.38
C TYR Q 37 16.25 -44.84 -2.42
N PHE Q 38 17.53 -45.14 -2.57
CA PHE Q 38 18.01 -46.52 -2.66
C PHE Q 38 17.98 -47.23 -1.32
N VAL Q 39 18.35 -46.53 -0.24
CA VAL Q 39 18.26 -47.13 1.09
C VAL Q 39 16.80 -47.37 1.46
N SER Q 40 15.92 -46.42 1.14
CA SER Q 40 14.49 -46.59 1.44
C SER Q 40 13.77 -47.32 0.30
N GLN Q 41 14.17 -48.57 0.08
CA GLN Q 41 13.55 -49.44 -0.91
C GLN Q 41 12.84 -50.59 -0.21
N LYS Q 42 12.28 -51.49 -1.03
CA LYS Q 42 11.52 -52.67 -0.58
C LYS Q 42 10.35 -52.26 0.32
N ASP Q 43 9.61 -51.24 -0.13
CA ASP Q 43 8.46 -50.72 0.60
C ASP Q 43 7.21 -50.80 -0.28
N LEU Q 44 6.07 -50.99 0.39
CA LEU Q 44 4.75 -51.07 -0.25
C LEU Q 44 4.66 -52.18 -1.31
N SER R 1 -48.34 24.56 -45.35
CA SER R 1 -49.03 23.66 -46.26
C SER R 1 -48.47 22.24 -46.15
N VAL R 2 -48.71 21.44 -47.18
CA VAL R 2 -48.25 20.06 -47.22
C VAL R 2 -46.88 20.05 -47.89
N THR R 3 -45.82 19.97 -47.09
CA THR R 3 -44.47 19.89 -47.61
C THR R 3 -44.25 18.51 -48.23
N PRO R 4 -43.29 18.40 -49.16
CA PRO R 4 -42.97 17.06 -49.72
C PRO R 4 -42.52 16.06 -48.67
N SER R 5 -41.78 16.51 -47.66
CA SER R 5 -41.37 15.61 -46.58
C SER R 5 -42.57 15.09 -45.80
N LEU R 6 -43.53 15.97 -45.49
CA LEU R 6 -44.74 15.55 -44.80
C LEU R 6 -45.59 14.62 -45.67
N LYS R 7 -45.66 14.90 -46.97
CA LYS R 7 -46.41 14.04 -47.88
C LYS R 7 -45.80 12.64 -47.96
N ASN R 8 -44.47 12.58 -48.04
CA ASN R 8 -43.79 11.29 -48.06
C ASN R 8 -43.93 10.57 -46.72
N PHE R 9 -43.98 11.33 -45.62
CA PHE R 9 -44.19 10.74 -44.31
C PHE R 9 -45.59 10.15 -44.18
N LEU R 10 -46.60 10.85 -44.72
CA LEU R 10 -47.96 10.31 -44.70
C LEU R 10 -48.07 9.06 -45.57
N LEU R 11 -47.41 9.07 -46.73
CA LEU R 11 -47.39 7.85 -47.55
C LEU R 11 -46.64 6.73 -46.86
N SER R 12 -45.63 7.06 -46.05
CA SER R 12 -44.93 6.06 -45.26
C SER R 12 -45.83 5.45 -44.20
N LEU R 13 -46.65 6.28 -43.55
CA LEU R 13 -47.62 5.75 -42.58
C LEU R 13 -48.64 4.86 -43.26
N VAL R 14 -49.10 5.25 -44.45
CA VAL R 14 -50.04 4.43 -45.22
C VAL R 14 -49.40 3.11 -45.60
N ALA R 15 -48.14 3.14 -46.03
CA ALA R 15 -47.44 1.91 -46.40
C ALA R 15 -47.20 1.01 -45.18
N GLY R 16 -46.93 1.61 -44.01
CA GLY R 16 -46.79 0.82 -42.80
C GLY R 16 -48.08 0.13 -42.41
N ALA R 17 -49.20 0.85 -42.51
CA ALA R 17 -50.49 0.23 -42.24
C ALA R 17 -50.79 -0.88 -43.24
N VAL R 18 -50.45 -0.65 -44.51
CA VAL R 18 -50.69 -1.64 -45.57
C VAL R 18 -49.86 -2.90 -45.31
N VAL R 19 -48.59 -2.74 -44.93
CA VAL R 19 -47.76 -3.92 -44.71
C VAL R 19 -48.14 -4.63 -43.41
N LEU R 20 -48.63 -3.90 -42.41
CA LEU R 20 -49.15 -4.56 -41.21
C LEU R 20 -50.40 -5.37 -41.54
N ALA R 21 -51.28 -4.83 -42.38
CA ALA R 21 -52.47 -5.56 -42.81
C ALA R 21 -52.09 -6.77 -43.64
N ALA R 22 -51.05 -6.65 -44.47
CA ALA R 22 -50.58 -7.79 -45.26
C ALA R 22 -50.00 -8.89 -44.38
N ILE R 23 -49.27 -8.50 -43.33
CA ILE R 23 -48.72 -9.48 -42.39
C ILE R 23 -49.86 -10.18 -41.65
N ALA R 24 -50.87 -9.43 -41.22
CA ALA R 24 -52.01 -10.02 -40.55
C ALA R 24 -52.79 -10.96 -41.47
N GLY R 25 -52.93 -10.58 -42.75
CA GLY R 25 -53.59 -11.46 -43.71
C GLY R 25 -52.83 -12.74 -43.97
N ALA R 26 -51.50 -12.64 -44.09
CA ALA R 26 -50.68 -13.83 -44.27
C ALA R 26 -50.72 -14.73 -43.04
N VAL R 27 -50.84 -14.14 -41.86
CA VAL R 27 -50.96 -14.94 -40.64
C VAL R 27 -52.31 -15.65 -40.58
N THR R 28 -53.39 -14.93 -40.86
CA THR R 28 -54.71 -15.53 -40.79
C THR R 28 -55.00 -16.46 -41.96
N ALA R 29 -54.18 -16.43 -43.02
CA ALA R 29 -54.30 -17.40 -44.09
C ALA R 29 -53.60 -18.72 -43.78
N VAL R 30 -52.94 -18.80 -42.62
CA VAL R 30 -52.18 -19.96 -42.08
C VAL R 30 -51.29 -20.69 -43.10
N MET S 1 12.44 -42.30 -79.22
CA MET S 1 12.67 -43.00 -77.96
C MET S 1 11.97 -42.29 -76.81
N THR S 2 11.48 -41.07 -77.09
CA THR S 2 10.75 -40.32 -76.08
C THR S 2 9.26 -40.62 -76.13
N SER S 3 8.73 -40.83 -77.34
CA SER S 3 7.31 -41.14 -77.51
C SER S 3 6.95 -42.48 -76.90
N ILE S 4 7.82 -43.49 -77.02
CA ILE S 4 7.55 -44.78 -76.41
C ILE S 4 7.61 -44.67 -74.88
N LEU S 5 8.46 -43.78 -74.37
CA LEU S 5 8.51 -43.54 -72.93
C LEU S 5 7.23 -42.87 -72.44
N GLN S 6 6.72 -41.91 -73.21
CA GLN S 6 5.47 -41.25 -72.86
C GLN S 6 4.30 -42.24 -72.91
N ILE S 7 4.28 -43.12 -73.91
CA ILE S 7 3.23 -44.12 -74.02
C ILE S 7 3.29 -45.09 -72.85
N ALA S 8 4.50 -45.53 -72.48
CA ALA S 8 4.65 -46.43 -71.34
C ALA S 8 4.23 -45.75 -70.04
N LEU S 9 4.54 -44.47 -69.89
CA LEU S 9 4.16 -43.74 -68.69
C LEU S 9 2.65 -43.54 -68.61
N LEU S 10 2.00 -43.26 -69.74
CA LEU S 10 0.54 -43.12 -69.73
C LEU S 10 -0.13 -44.46 -69.42
N GLY S 11 0.41 -45.55 -69.97
CA GLY S 11 -0.09 -46.87 -69.61
C GLY S 11 0.12 -47.18 -68.14
N LEU S 12 1.25 -46.75 -67.59
CA LEU S 12 1.50 -46.94 -66.16
C LEU S 12 0.51 -46.15 -65.31
N VAL S 13 0.18 -44.93 -65.74
CA VAL S 13 -0.81 -44.12 -65.03
C VAL S 13 -2.18 -44.79 -65.07
N LEU S 14 -2.56 -45.31 -66.23
CA LEU S 14 -3.85 -46.00 -66.34
C LEU S 14 -3.89 -47.26 -65.49
N VAL S 15 -2.79 -48.03 -65.48
CA VAL S 15 -2.73 -49.24 -64.67
C VAL S 15 -2.76 -48.90 -63.19
N SER S 16 -2.10 -47.81 -62.79
CA SER S 16 -2.14 -47.36 -61.40
C SER S 16 -3.54 -46.95 -60.99
N PHE S 17 -4.26 -46.25 -61.88
CA PHE S 17 -5.64 -45.88 -61.58
C PHE S 17 -6.52 -47.11 -61.46
N ALA S 18 -6.35 -48.08 -62.36
CA ALA S 18 -7.11 -49.32 -62.28
C ALA S 18 -6.82 -50.06 -60.99
N LEU S 19 -5.56 -50.05 -60.55
CA LEU S 19 -5.20 -50.70 -59.30
C LEU S 19 -5.82 -50.01 -58.10
N VAL S 20 -5.69 -48.68 -58.02
CA VAL S 20 -6.20 -47.97 -56.85
C VAL S 20 -7.72 -47.96 -56.81
N VAL S 21 -8.39 -48.19 -57.94
CA VAL S 21 -9.85 -48.33 -57.88
C VAL S 21 -10.28 -49.77 -57.59
N GLY S 22 -9.63 -50.76 -58.20
CA GLY S 22 -10.09 -52.13 -58.07
C GLY S 22 -9.55 -52.94 -56.91
N VAL S 23 -8.33 -52.64 -56.44
CA VAL S 23 -7.74 -53.42 -55.35
C VAL S 23 -8.53 -53.28 -54.04
N PRO S 24 -8.93 -52.08 -53.59
CA PRO S 24 -9.87 -52.05 -52.46
C PRO S 24 -11.21 -52.70 -52.76
N VAL S 25 -11.67 -52.59 -54.02
CA VAL S 25 -12.90 -53.28 -54.42
C VAL S 25 -12.74 -54.78 -54.33
N VAL S 26 -11.61 -55.31 -54.84
CA VAL S 26 -11.36 -56.74 -54.80
C VAL S 26 -11.21 -57.24 -53.36
N PHE S 27 -10.48 -56.49 -52.53
CA PHE S 27 -10.26 -56.92 -51.15
C PHE S 27 -11.55 -56.88 -50.34
N ALA S 28 -12.28 -55.76 -50.38
CA ALA S 28 -13.47 -55.62 -49.56
C ALA S 28 -14.70 -56.28 -50.16
N SER S 29 -14.57 -56.94 -51.31
CA SER S 29 -15.70 -57.66 -51.87
C SER S 29 -15.97 -58.92 -51.05
N PRO S 30 -17.23 -59.31 -50.89
CA PRO S 30 -17.53 -60.57 -50.20
C PRO S 30 -17.16 -61.76 -51.09
N ASN S 31 -16.07 -62.44 -50.74
CA ASN S 31 -15.52 -63.57 -51.49
C ASN S 31 -15.24 -63.17 -52.95
N GLY S 32 -14.42 -62.14 -53.10
CA GLY S 32 -14.01 -61.68 -54.42
C GLY S 32 -12.52 -61.83 -54.63
N TRP S 33 -11.75 -61.73 -53.54
CA TRP S 33 -10.31 -61.92 -53.60
C TRP S 33 -9.92 -63.34 -53.97
N THR S 34 -10.78 -64.32 -53.70
CA THR S 34 -10.48 -65.71 -54.02
C THR S 34 -10.41 -65.93 -55.53
N GLU S 35 -11.30 -65.28 -56.30
CA GLU S 35 -11.34 -65.48 -57.74
C GLU S 35 -10.68 -64.35 -58.53
N ASN S 36 -10.45 -63.19 -57.92
CA ASN S 36 -9.77 -62.09 -58.60
C ASN S 36 -8.25 -62.18 -58.44
N LYS S 37 -7.74 -63.35 -58.04
CA LYS S 37 -6.30 -63.53 -57.87
C LYS S 37 -5.54 -63.29 -59.17
N GLY S 38 -6.01 -63.90 -60.26
CA GLY S 38 -5.31 -63.78 -61.52
C GLY S 38 -5.29 -62.36 -62.07
N VAL S 39 -6.44 -61.68 -62.05
CA VAL S 39 -6.51 -60.33 -62.60
C VAL S 39 -5.73 -59.35 -61.71
N VAL S 40 -5.78 -59.51 -60.39
CA VAL S 40 -5.03 -58.62 -59.51
C VAL S 40 -3.53 -58.84 -59.67
N PHE S 41 -3.11 -60.11 -59.77
CA PHE S 41 -1.69 -60.42 -59.95
C PHE S 41 -1.20 -59.89 -61.29
N SER S 42 -2.01 -60.04 -62.34
CA SER S 42 -1.64 -59.51 -63.65
C SER S 42 -1.53 -58.00 -63.64
N GLY S 43 -2.45 -57.33 -62.94
CA GLY S 43 -2.38 -55.87 -62.85
C GLY S 43 -1.14 -55.40 -62.11
N LEU S 44 -0.81 -56.06 -61.00
CA LEU S 44 0.38 -55.69 -60.25
C LEU S 44 1.67 -55.99 -61.02
N SER S 45 1.70 -57.13 -61.73
CA SER S 45 2.86 -57.47 -62.54
C SER S 45 3.05 -56.50 -63.69
N VAL S 46 1.96 -56.09 -64.34
CA VAL S 46 2.03 -55.12 -65.42
C VAL S 46 2.47 -53.76 -64.88
N TRP S 47 2.01 -53.41 -63.67
CA TRP S 47 2.44 -52.16 -63.04
C TRP S 47 3.94 -52.16 -62.77
N PHE S 48 4.45 -53.24 -62.18
CA PHE S 48 5.89 -53.34 -61.91
C PHE S 48 6.70 -53.34 -63.20
N LEU S 49 6.22 -54.06 -64.21
CA LEU S 49 6.93 -54.11 -65.50
C LEU S 49 6.93 -52.75 -66.17
N LEU S 50 5.85 -51.99 -66.05
CA LEU S 50 5.80 -50.66 -66.66
C LEU S 50 6.68 -49.68 -65.90
N VAL S 51 6.77 -49.82 -64.57
CA VAL S 51 7.70 -48.99 -63.79
C VAL S 51 9.13 -49.27 -64.23
N PHE S 52 9.50 -50.55 -64.35
CA PHE S 52 10.84 -50.91 -64.80
C PHE S 52 11.09 -50.46 -66.23
N ALA S 53 10.08 -50.54 -67.10
CA ALA S 53 10.25 -50.12 -68.49
C ALA S 53 10.45 -48.62 -68.61
N VAL S 54 9.68 -47.83 -67.85
CA VAL S 54 9.89 -46.38 -67.84
C VAL S 54 11.27 -46.04 -67.28
N GLY S 55 11.69 -46.77 -66.25
CA GLY S 55 13.00 -46.53 -65.68
C GLY S 55 14.14 -46.84 -66.64
N VAL S 56 14.03 -47.94 -67.39
CA VAL S 56 15.11 -48.29 -68.30
C VAL S 56 15.06 -47.43 -69.56
N PHE S 57 13.88 -46.95 -69.95
CA PHE S 57 13.79 -46.08 -71.11
C PHE S 57 14.11 -44.62 -70.79
N ASN S 58 14.15 -44.24 -69.52
CA ASN S 58 14.59 -42.90 -69.16
C ASN S 58 16.05 -42.67 -69.51
N SER S 59 16.88 -43.73 -69.41
CA SER S 59 18.29 -43.58 -69.74
C SER S 59 18.52 -43.42 -71.24
N PHE S 60 17.58 -43.91 -72.06
CA PHE S 60 17.70 -43.80 -73.51
C PHE S 60 16.96 -42.58 -74.07
N ALA S 61 16.35 -41.77 -73.22
CA ALA S 61 15.64 -40.59 -73.69
C ALA S 61 15.96 -39.36 -72.85
N THR T 1 57.85 -101.71 -26.76
CA THR T 1 56.88 -100.97 -27.56
C THR T 1 56.18 -99.89 -26.73
N ILE T 2 55.09 -100.27 -26.09
CA ILE T 2 54.33 -99.35 -25.25
C ILE T 2 54.80 -99.35 -23.81
N ASN T 3 55.55 -100.37 -23.39
CA ASN T 3 56.03 -100.48 -22.01
C ASN T 3 57.11 -99.46 -21.67
N GLN T 4 57.72 -98.83 -22.67
CA GLN T 4 58.76 -97.83 -22.44
C GLN T 4 58.20 -96.52 -21.91
N PHE T 5 56.90 -96.28 -22.09
CA PHE T 5 56.27 -95.00 -21.78
C PHE T 5 55.06 -95.09 -20.86
N TYR T 6 54.49 -96.27 -20.64
CA TYR T 6 53.23 -96.41 -19.91
C TYR T 6 53.29 -97.57 -18.91
N GLY T 7 54.35 -97.60 -18.09
CA GLY T 7 54.48 -98.65 -17.11
C GLY T 7 55.42 -98.28 -15.97
N PRO T 8 55.56 -99.18 -15.00
CA PRO T 8 56.55 -98.95 -13.93
C PRO T 8 57.98 -98.92 -14.45
N ASP T 9 58.27 -99.65 -15.53
CA ASP T 9 59.59 -99.68 -16.13
C ASP T 9 59.75 -98.66 -17.26
N ARG T 10 59.01 -97.56 -17.20
CA ARG T 10 59.04 -96.57 -18.26
C ARG T 10 60.24 -95.64 -18.13
N ASN T 11 60.42 -94.78 -19.13
CA ASN T 11 61.49 -93.79 -19.10
C ASN T 11 61.21 -92.76 -18.01
N LYS T 12 62.26 -92.38 -17.30
CA LYS T 12 62.15 -91.51 -16.14
C LYS T 12 62.86 -90.18 -16.40
N TRP T 13 62.88 -89.32 -15.38
CA TRP T 13 63.38 -87.96 -15.50
C TRP T 13 64.83 -87.83 -15.05
N LEU T 14 65.48 -88.94 -14.69
CA LEU T 14 66.90 -88.96 -14.39
C LEU T 14 67.59 -90.20 -14.95
N GLY T 15 66.86 -91.05 -15.67
CA GLY T 15 67.42 -92.28 -16.18
C GLY T 15 67.51 -93.34 -15.10
N PRO T 16 68.69 -93.93 -14.93
CA PRO T 16 68.87 -94.97 -13.90
C PRO T 16 69.01 -94.42 -12.49
N TYR T 17 69.06 -93.10 -12.31
CA TYR T 17 69.25 -92.48 -11.02
C TYR T 17 67.97 -91.87 -10.46
N SER T 18 66.84 -92.54 -10.65
CA SER T 18 65.55 -92.03 -10.16
C SER T 18 64.70 -93.21 -9.70
N THR T 19 64.74 -93.48 -8.39
CA THR T 19 63.94 -94.53 -7.77
C THR T 19 62.80 -93.96 -6.93
N ASN T 20 62.88 -92.68 -6.58
CA ASN T 20 61.91 -92.03 -5.70
C ASN T 20 60.82 -91.30 -6.46
N THR T 21 60.37 -91.89 -7.57
CA THR T 21 59.24 -91.34 -8.31
C THR T 21 58.00 -91.34 -7.42
N PRO T 22 57.23 -90.25 -7.40
CA PRO T 22 56.06 -90.16 -6.50
C PRO T 22 55.06 -91.26 -6.76
N PRO T 23 54.42 -91.78 -5.70
CA PRO T 23 53.50 -92.93 -5.87
C PRO T 23 52.25 -92.61 -6.67
N TYR T 24 51.80 -91.36 -6.68
CA TYR T 24 50.61 -91.00 -7.45
C TYR T 24 50.91 -90.80 -8.93
N LEU T 25 52.18 -90.84 -9.34
CA LEU T 25 52.54 -90.91 -10.75
C LEU T 25 52.85 -92.36 -11.12
N THR T 26 51.79 -93.18 -11.11
CA THR T 26 51.93 -94.57 -11.51
C THR T 26 52.29 -94.68 -12.99
N GLY T 27 51.66 -93.84 -13.81
CA GLY T 27 51.93 -93.76 -15.23
C GLY T 27 50.81 -94.36 -16.06
N GLU T 28 49.88 -93.50 -16.47
CA GLU T 28 48.83 -93.87 -17.39
C GLU T 28 48.49 -92.74 -18.35
N PHE T 29 49.22 -91.63 -18.31
CA PHE T 29 48.97 -90.43 -19.07
C PHE T 29 50.18 -90.11 -19.94
N PRO T 30 50.01 -89.32 -21.00
CA PRO T 30 51.15 -88.97 -21.85
C PRO T 30 52.24 -88.24 -21.07
N GLY T 31 53.49 -88.57 -21.40
CA GLY T 31 54.62 -88.07 -20.64
C GLY T 31 54.85 -88.94 -19.42
N ASP T 32 54.59 -88.38 -18.23
CA ASP T 32 54.66 -89.09 -16.95
C ASP T 32 56.05 -89.70 -16.73
N TYR T 33 57.06 -88.84 -16.76
CA TYR T 33 58.43 -89.25 -16.50
C TYR T 33 58.76 -89.28 -15.00
N GLY T 34 57.80 -88.94 -14.15
CA GLY T 34 58.01 -88.95 -12.72
C GLY T 34 58.50 -87.66 -12.12
N TRP T 35 58.45 -86.55 -12.86
CA TRP T 35 59.04 -85.29 -12.42
C TRP T 35 57.97 -84.45 -11.72
N ASP T 36 57.78 -84.74 -10.44
CA ASP T 36 56.93 -83.94 -9.56
C ASP T 36 57.64 -83.77 -8.22
N THR T 37 58.92 -83.39 -8.27
CA THR T 37 59.74 -83.29 -7.07
C THR T 37 59.28 -82.16 -6.15
N ALA T 38 58.54 -81.17 -6.66
CA ALA T 38 58.00 -80.13 -5.82
C ALA T 38 56.59 -80.46 -5.32
N GLY T 39 55.96 -81.50 -5.84
CA GLY T 39 54.69 -81.98 -5.34
C GLY T 39 53.50 -81.07 -5.55
N LEU T 40 53.40 -80.40 -6.69
CA LEU T 40 52.24 -79.57 -6.95
C LEU T 40 51.03 -80.35 -7.44
N SER T 41 51.16 -81.65 -7.66
CA SER T 41 50.07 -82.47 -8.18
C SER T 41 49.69 -83.59 -7.23
N ALA T 42 49.77 -83.33 -5.92
CA ALA T 42 49.41 -84.36 -4.93
C ALA T 42 47.93 -84.71 -5.01
N ASP T 43 47.07 -83.71 -5.19
CA ASP T 43 45.65 -83.97 -5.34
C ASP T 43 45.37 -84.46 -6.76
N PRO T 44 44.62 -85.56 -6.92
CA PRO T 44 44.34 -86.07 -8.28
C PRO T 44 43.57 -85.11 -9.17
N GLU T 45 42.63 -84.34 -8.61
CA GLU T 45 41.91 -83.37 -9.43
C GLU T 45 42.82 -82.21 -9.83
N THR T 46 43.70 -81.79 -8.92
CA THR T 46 44.73 -80.81 -9.28
C THR T 46 45.66 -81.38 -10.34
N PHE T 47 45.97 -82.67 -10.25
CA PHE T 47 46.82 -83.32 -11.24
C PHE T 47 46.16 -83.33 -12.62
N LYS T 48 44.87 -83.64 -12.69
CA LYS T 48 44.22 -83.67 -14.00
C LYS T 48 44.01 -82.26 -14.55
N ARG T 49 43.78 -81.28 -13.67
CA ARG T 49 43.69 -79.89 -14.12
C ARG T 49 45.02 -79.43 -14.70
N TYR T 50 46.12 -79.75 -14.01
CA TYR T 50 47.44 -79.37 -14.50
C TYR T 50 47.80 -80.14 -15.78
N ARG T 51 47.36 -81.38 -15.91
CA ARG T 51 47.63 -82.15 -17.13
C ARG T 51 46.92 -81.56 -18.33
N GLU T 52 45.62 -81.26 -18.18
CA GLU T 52 44.85 -80.63 -19.24
C GLU T 52 45.42 -79.28 -19.60
N LEU T 53 45.82 -78.51 -18.59
CA LEU T 53 46.46 -77.21 -18.78
C LEU T 53 47.78 -77.34 -19.54
N GLU T 54 48.60 -78.35 -19.19
CA GLU T 54 49.88 -78.56 -19.84
C GLU T 54 49.70 -78.96 -21.30
N LEU T 55 48.74 -79.84 -21.59
CA LEU T 55 48.52 -80.23 -22.97
C LEU T 55 48.03 -79.06 -23.81
N ILE T 56 47.17 -78.21 -23.25
CA ILE T 56 46.73 -77.02 -23.99
C ILE T 56 47.90 -76.06 -24.21
N HIS T 57 48.76 -75.89 -23.20
CA HIS T 57 49.95 -75.06 -23.34
C HIS T 57 50.86 -75.60 -24.42
N ALA T 58 51.05 -76.92 -24.47
CA ALA T 58 51.90 -77.54 -25.47
C ALA T 58 51.35 -77.34 -26.88
N ARG T 59 50.04 -77.55 -27.04
CA ARG T 59 49.41 -77.39 -28.35
C ARG T 59 49.44 -75.93 -28.80
N TRP T 60 49.43 -74.99 -27.87
CA TRP T 60 49.59 -73.58 -28.25
C TRP T 60 51.03 -73.28 -28.61
N ALA T 61 51.99 -73.83 -27.85
CA ALA T 61 53.38 -73.45 -28.04
C ALA T 61 53.99 -74.07 -29.29
N LEU T 62 53.45 -75.21 -29.77
CA LEU T 62 53.93 -75.74 -31.04
C LEU T 62 53.67 -74.77 -32.18
N LEU T 63 52.43 -74.27 -32.26
CA LEU T 63 52.09 -73.24 -33.24
C LEU T 63 52.86 -71.96 -32.97
N GLY T 64 53.08 -71.63 -31.70
CA GLY T 64 53.84 -70.43 -31.39
C GLY T 64 55.27 -70.49 -31.90
N ALA T 65 55.95 -71.61 -31.67
CA ALA T 65 57.33 -71.75 -32.14
C ALA T 65 57.39 -71.78 -33.66
N LEU T 66 56.49 -72.52 -34.30
CA LEU T 66 56.52 -72.57 -35.76
C LEU T 66 56.11 -71.25 -36.40
N GLY T 67 55.33 -70.41 -35.70
CA GLY T 67 55.01 -69.10 -36.23
C GLY T 67 56.07 -68.07 -35.95
N MET T 68 56.88 -68.28 -34.91
CA MET T 68 58.03 -67.42 -34.67
C MET T 68 59.22 -67.78 -35.54
N VAL T 69 59.26 -69.01 -36.08
CA VAL T 69 60.36 -69.40 -36.96
C VAL T 69 60.06 -69.13 -38.45
N THR T 70 58.81 -69.33 -38.89
CA THR T 70 58.52 -69.38 -40.32
C THR T 70 58.77 -68.07 -41.08
N PRO T 71 58.27 -66.90 -40.65
CA PRO T 71 58.51 -65.69 -41.49
C PRO T 71 59.96 -65.27 -41.56
N GLU T 72 60.74 -65.49 -40.49
CA GLU T 72 62.16 -65.21 -40.55
C GLU T 72 62.86 -66.13 -41.54
N LEU T 73 62.40 -67.38 -41.63
CA LEU T 73 62.92 -68.29 -42.64
C LEU T 73 62.54 -67.85 -44.05
N LEU T 74 61.32 -67.35 -44.21
CA LEU T 74 60.82 -66.95 -45.52
C LEU T 74 61.25 -65.55 -45.93
N GLN T 75 61.97 -64.83 -45.07
CA GLN T 75 62.60 -63.58 -45.50
C GLN T 75 63.51 -63.79 -46.70
N ASP T 76 63.43 -62.88 -47.65
CA ASP T 76 64.24 -62.94 -48.86
C ASP T 76 65.56 -62.20 -48.63
N ASP T 77 66.30 -61.93 -49.71
CA ASP T 77 67.60 -61.26 -49.59
C ASP T 77 67.43 -59.78 -49.26
N ASP T 78 66.75 -59.03 -50.12
CA ASP T 78 66.66 -57.57 -49.98
C ASP T 78 65.71 -57.14 -48.88
N GLY T 79 64.85 -58.01 -48.37
CA GLY T 79 63.91 -57.63 -47.33
C GLY T 79 62.86 -56.63 -47.74
N ILE T 80 62.23 -56.84 -48.90
CA ILE T 80 61.17 -55.95 -49.36
C ILE T 80 59.82 -56.62 -49.12
N MET T 81 59.83 -57.95 -49.03
CA MET T 81 58.62 -58.71 -48.73
C MET T 81 58.31 -58.71 -47.24
N PHE T 82 59.30 -58.40 -46.41
CA PHE T 82 59.16 -58.23 -44.97
C PHE T 82 59.98 -57.03 -44.55
N GLY T 83 59.39 -56.16 -43.73
CA GLY T 83 60.13 -55.04 -43.20
C GLY T 83 60.81 -55.44 -41.90
N GLU T 84 60.45 -54.78 -40.82
CA GLU T 84 60.87 -55.23 -39.50
C GLU T 84 60.03 -56.39 -39.00
N SER T 85 58.91 -56.67 -39.67
CA SER T 85 57.93 -57.65 -39.20
C SER T 85 58.40 -59.09 -39.37
N ALA T 86 59.49 -59.36 -40.08
CA ALA T 86 59.99 -60.72 -40.19
C ALA T 86 60.43 -61.24 -38.83
N ILE T 87 61.04 -60.39 -38.02
CA ILE T 87 61.33 -60.74 -36.64
C ILE T 87 60.02 -60.85 -35.88
N TRP T 88 59.88 -61.89 -35.06
CA TRP T 88 58.58 -62.18 -34.45
C TRP T 88 58.20 -61.14 -33.40
N PHE T 89 59.17 -60.63 -32.64
CA PHE T 89 58.82 -59.75 -31.53
C PHE T 89 58.65 -58.29 -31.94
N LYS T 90 58.70 -57.99 -33.23
CA LYS T 90 58.35 -56.67 -33.73
C LYS T 90 57.39 -56.78 -34.91
N ALA T 91 56.65 -57.88 -34.99
CA ALA T 91 55.66 -58.08 -36.03
C ALA T 91 54.40 -57.27 -35.80
N GLY T 92 54.08 -56.93 -34.54
CA GLY T 92 52.90 -56.15 -34.25
C GLY T 92 52.91 -54.78 -34.91
N ALA T 93 54.08 -54.17 -35.03
CA ALA T 93 54.22 -52.89 -35.71
C ALA T 93 53.87 -52.98 -37.19
N ALA T 94 53.76 -54.20 -37.74
CA ALA T 94 53.28 -54.37 -39.10
C ALA T 94 51.85 -53.88 -39.26
N ILE T 95 51.06 -53.87 -38.17
CA ILE T 95 49.70 -53.34 -38.29
C ILE T 95 49.71 -51.81 -38.37
N PHE T 96 50.82 -51.17 -38.00
CA PHE T 96 50.91 -49.72 -37.98
C PHE T 96 51.67 -49.17 -39.18
N GLN T 97 51.93 -49.98 -40.20
CA GLN T 97 52.61 -49.51 -41.39
C GLN T 97 51.69 -48.62 -42.22
N GLU T 98 52.25 -48.03 -43.27
CA GLU T 98 51.48 -47.13 -44.13
C GLU T 98 50.40 -47.90 -44.91
N GLY T 99 50.63 -49.18 -45.19
CA GLY T 99 49.64 -50.02 -45.82
C GLY T 99 49.14 -51.16 -44.98
N GLY T 100 49.44 -51.18 -43.68
CA GLY T 100 49.07 -52.30 -42.85
C GLY T 100 49.95 -53.50 -43.09
N LEU T 101 49.56 -54.62 -42.50
CA LEU T 101 50.31 -55.85 -42.66
C LEU T 101 49.68 -56.70 -43.76
N ASN T 102 50.51 -57.13 -44.70
CA ASN T 102 50.12 -58.11 -45.69
C ASN T 102 50.73 -59.45 -45.29
N TYR T 103 50.06 -60.53 -45.67
CA TYR T 103 50.55 -61.85 -45.29
C TYR T 103 51.90 -62.14 -45.94
N LEU T 104 52.07 -61.73 -47.19
CA LEU T 104 53.36 -61.84 -47.87
C LEU T 104 53.68 -60.50 -48.51
N GLY T 105 54.67 -60.47 -49.41
CA GLY T 105 55.05 -59.23 -50.07
C GLY T 105 53.95 -58.58 -50.88
N ASN T 106 53.07 -59.37 -51.49
CA ASN T 106 52.00 -58.80 -52.29
C ASN T 106 50.87 -58.30 -51.40
N PRO T 107 50.20 -57.20 -51.78
CA PRO T 107 49.20 -56.58 -50.89
C PRO T 107 47.80 -57.16 -50.99
N SER T 108 47.58 -58.22 -51.76
CA SER T 108 46.22 -58.74 -51.92
C SER T 108 45.80 -59.68 -50.80
N LEU T 109 46.71 -60.06 -49.90
CA LEU T 109 46.38 -60.94 -48.79
C LEU T 109 46.25 -60.14 -47.51
N ILE T 110 45.16 -60.41 -46.77
CA ILE T 110 44.85 -59.79 -45.49
C ILE T 110 44.75 -58.28 -45.67
N HIS T 111 45.90 -57.59 -45.68
CA HIS T 111 45.98 -56.14 -45.87
C HIS T 111 45.12 -55.41 -44.82
N ALA T 112 45.28 -55.80 -43.57
CA ALA T 112 44.52 -55.21 -42.47
C ALA T 112 45.25 -54.00 -41.90
N GLN T 113 44.47 -53.00 -41.51
CA GLN T 113 45.02 -51.78 -40.95
C GLN T 113 44.41 -51.35 -39.62
N ASN T 114 43.35 -52.01 -39.14
CA ASN T 114 42.71 -51.62 -37.89
C ASN T 114 43.02 -52.68 -36.84
N ILE T 115 43.96 -52.34 -35.96
CA ILE T 115 44.36 -53.25 -34.89
C ILE T 115 43.20 -53.46 -33.92
N VAL T 116 42.41 -52.43 -33.68
CA VAL T 116 41.25 -52.56 -32.79
C VAL T 116 40.21 -53.51 -33.37
N ALA T 117 39.94 -53.39 -34.67
CA ALA T 117 38.95 -54.26 -35.31
C ALA T 117 39.43 -55.71 -35.33
N THR T 118 40.69 -55.93 -35.71
CA THR T 118 41.17 -57.31 -35.74
C THR T 118 41.27 -57.89 -34.33
N LEU T 119 41.56 -57.06 -33.32
CA LEU T 119 41.56 -57.55 -31.96
C LEU T 119 40.16 -57.91 -31.50
N ALA T 120 39.16 -57.09 -31.82
CA ALA T 120 37.79 -57.39 -31.42
C ALA T 120 37.29 -58.68 -32.06
N VAL T 121 37.56 -58.85 -33.36
CA VAL T 121 37.18 -60.08 -34.05
C VAL T 121 37.90 -61.27 -33.44
N GLN T 122 39.19 -61.10 -33.12
CA GLN T 122 39.98 -62.17 -32.51
C GLN T 122 39.45 -62.57 -31.14
N VAL T 123 39.09 -61.58 -30.31
CA VAL T 123 38.54 -61.88 -28.99
C VAL T 123 37.19 -62.60 -29.11
N VAL T 124 36.33 -62.15 -30.02
CA VAL T 124 35.02 -62.79 -30.16
C VAL T 124 35.18 -64.24 -30.61
N LEU T 125 36.01 -64.46 -31.64
CA LEU T 125 36.22 -65.81 -32.16
C LEU T 125 36.87 -66.72 -31.14
N MET T 126 37.91 -66.23 -30.45
CA MET T 126 38.61 -67.04 -29.46
C MET T 126 37.74 -67.32 -28.24
N GLY T 127 36.88 -66.38 -27.86
CA GLY T 127 35.95 -66.64 -26.78
C GLY T 127 34.95 -67.73 -27.12
N LEU T 128 34.43 -67.68 -28.35
CA LEU T 128 33.54 -68.76 -28.78
C LEU T 128 34.26 -70.10 -28.84
N VAL T 129 35.51 -70.11 -29.33
CA VAL T 129 36.27 -71.36 -29.41
C VAL T 129 36.55 -71.92 -28.02
N GLU T 130 36.98 -71.08 -27.09
CA GLU T 130 37.30 -71.58 -25.75
C GLU T 130 36.05 -72.01 -25.01
N GLY T 131 34.93 -71.31 -25.21
CA GLY T 131 33.68 -71.74 -24.62
C GLY T 131 33.22 -73.09 -25.16
N TYR T 132 33.40 -73.31 -26.47
CA TYR T 132 33.09 -74.63 -27.03
C TYR T 132 34.04 -75.69 -26.51
N ARG T 133 35.30 -75.32 -26.28
CA ARG T 133 36.27 -76.29 -25.77
C ARG T 133 35.94 -76.73 -24.35
N VAL T 134 35.50 -75.80 -23.50
CA VAL T 134 35.22 -76.14 -22.11
C VAL T 134 33.78 -76.59 -21.89
N ASN T 135 32.88 -76.39 -22.86
CA ASN T 135 31.48 -76.79 -22.70
C ASN T 135 31.03 -77.77 -23.76
N GLY T 136 31.36 -77.55 -25.02
CA GLY T 136 30.85 -78.37 -26.10
C GLY T 136 29.93 -77.59 -27.01
N GLY T 137 30.07 -77.77 -28.32
CA GLY T 137 29.28 -77.02 -29.27
C GLY T 137 29.08 -77.77 -30.57
N PRO T 138 29.21 -77.06 -31.69
CA PRO T 138 29.01 -77.70 -33.01
C PRO T 138 29.98 -78.84 -33.31
N ALA T 139 31.23 -78.73 -32.86
CA ALA T 139 32.22 -79.76 -33.14
C ALA T 139 32.11 -80.97 -32.23
N GLY T 140 31.39 -80.86 -31.12
CA GLY T 140 31.24 -81.96 -30.19
C GLY T 140 30.46 -81.53 -28.97
N GLU T 141 29.86 -82.49 -28.24
CA GLU T 141 29.04 -82.16 -27.09
C GLU T 141 29.55 -82.75 -25.79
N GLY T 142 29.87 -84.04 -25.76
CA GLY T 142 30.33 -84.68 -24.54
C GLY T 142 31.62 -85.46 -24.71
N LEU T 143 32.54 -84.91 -25.51
CA LEU T 143 33.78 -85.60 -25.81
C LEU T 143 34.82 -85.32 -24.73
N ASP T 144 36.02 -85.86 -24.93
CA ASP T 144 37.10 -85.70 -23.97
C ASP T 144 37.59 -84.25 -23.96
N PRO T 145 37.92 -83.71 -22.78
CA PRO T 145 38.46 -82.34 -22.72
C PRO T 145 39.80 -82.17 -23.41
N LEU T 146 40.54 -83.25 -23.66
CA LEU T 146 41.80 -83.20 -24.38
C LEU T 146 41.79 -83.92 -25.71
N TYR T 147 41.04 -85.01 -25.84
CA TYR T 147 41.06 -85.83 -27.05
C TYR T 147 39.65 -86.09 -27.56
N PRO T 148 39.00 -85.08 -28.17
CA PRO T 148 37.67 -85.31 -28.78
C PRO T 148 37.75 -86.27 -29.96
N GLY T 149 38.55 -85.92 -30.97
CA GLY T 149 38.85 -86.79 -32.09
C GLY T 149 37.72 -87.15 -33.01
N GLU T 150 36.57 -86.46 -32.94
CA GLU T 150 35.49 -86.72 -33.89
C GLU T 150 35.51 -85.72 -35.04
N ALA T 151 35.39 -84.44 -34.74
CA ALA T 151 35.54 -83.40 -35.75
C ALA T 151 36.95 -82.86 -35.82
N PHE T 152 37.84 -83.31 -34.92
CA PHE T 152 39.22 -82.85 -34.87
C PHE T 152 40.20 -83.93 -35.31
N ASP T 153 39.70 -85.04 -35.83
CA ASP T 153 40.55 -86.10 -36.38
C ASP T 153 39.96 -86.55 -37.71
N PRO T 154 39.98 -85.70 -38.74
CA PRO T 154 39.37 -86.09 -40.01
C PRO T 154 40.22 -87.05 -40.81
N LEU T 155 41.54 -87.06 -40.60
CA LEU T 155 42.44 -87.93 -41.34
C LEU T 155 42.51 -89.34 -40.78
N GLY T 156 41.73 -89.64 -39.74
CA GLY T 156 41.69 -90.95 -39.14
C GLY T 156 42.80 -91.18 -38.13
N LEU T 157 44.00 -91.50 -38.62
CA LEU T 157 45.22 -91.64 -37.83
C LEU T 157 45.10 -92.50 -36.57
N ALA T 158 44.27 -92.07 -35.63
CA ALA T 158 44.18 -92.71 -34.31
C ALA T 158 43.47 -94.05 -34.36
N ASP T 159 44.12 -95.05 -34.95
CA ASP T 159 43.70 -96.44 -34.88
C ASP T 159 44.52 -97.13 -33.79
N ASP T 160 44.24 -98.43 -33.56
CA ASP T 160 44.92 -99.42 -32.72
C ASP T 160 45.56 -98.82 -31.47
N PRO T 161 44.73 -98.41 -30.47
CA PRO T 161 45.18 -97.53 -29.36
C PRO T 161 46.51 -97.82 -28.69
N GLU T 162 47.05 -99.04 -28.85
CA GLU T 162 48.41 -99.33 -28.40
C GLU T 162 49.43 -98.46 -29.12
N ALA T 163 49.11 -97.99 -30.33
CA ALA T 163 49.93 -97.02 -31.04
C ALA T 163 49.45 -95.58 -30.85
N PHE T 164 48.15 -95.39 -30.59
CA PHE T 164 47.64 -94.07 -30.29
C PHE T 164 48.21 -93.52 -28.99
N ALA T 165 48.53 -94.40 -28.04
CA ALA T 165 49.21 -93.97 -26.82
C ALA T 165 50.61 -93.43 -27.14
N GLU T 166 51.34 -94.13 -28.02
CA GLU T 166 52.65 -93.65 -28.43
C GLU T 166 52.54 -92.33 -29.19
N LEU T 167 51.49 -92.18 -30.00
CA LEU T 167 51.26 -90.90 -30.66
C LEU T 167 50.95 -89.78 -29.67
N LYS T 168 50.20 -90.09 -28.60
CA LYS T 168 49.94 -89.12 -27.55
C LYS T 168 51.24 -88.68 -26.88
N VAL T 169 52.13 -89.62 -26.60
CA VAL T 169 53.41 -89.27 -25.98
C VAL T 169 54.27 -88.46 -26.96
N LYS T 170 54.19 -88.78 -28.25
CA LYS T 170 54.84 -87.96 -29.27
C LYS T 170 54.33 -86.52 -29.20
N GLU T 171 53.01 -86.36 -29.08
CA GLU T 171 52.43 -85.02 -28.98
C GLU T 171 52.91 -84.27 -27.75
N ILE T 172 52.93 -84.96 -26.60
CA ILE T 172 53.29 -84.25 -25.37
C ILE T 172 54.77 -83.90 -25.34
N LYS T 173 55.65 -84.76 -25.88
CA LYS T 173 57.07 -84.38 -25.86
C LYS T 173 57.39 -83.36 -26.94
N ASN T 174 56.73 -83.41 -28.09
CA ASN T 174 56.91 -82.35 -29.07
C ASN T 174 56.43 -81.03 -28.52
N GLY T 175 55.34 -81.04 -27.76
CA GLY T 175 54.87 -79.82 -27.12
C GLY T 175 55.81 -79.35 -26.03
N ARG T 176 56.43 -80.28 -25.30
CA ARG T 176 57.40 -79.89 -24.28
C ARG T 176 58.64 -79.25 -24.90
N LEU T 177 59.11 -79.83 -26.01
CA LEU T 177 60.21 -79.24 -26.75
C LEU T 177 59.81 -77.88 -27.29
N ALA T 178 58.56 -77.73 -27.71
CA ALA T 178 58.08 -76.46 -28.21
C ALA T 178 57.99 -75.41 -27.11
N MET T 179 57.55 -75.79 -25.91
CA MET T 179 57.49 -74.83 -24.81
C MET T 179 58.90 -74.44 -24.35
N PHE T 180 59.83 -75.40 -24.34
CA PHE T 180 61.21 -75.09 -24.01
C PHE T 180 61.81 -74.14 -25.04
N ALA T 181 61.56 -74.39 -26.32
CA ALA T 181 62.04 -73.51 -27.39
C ALA T 181 61.36 -72.15 -27.34
N CYS T 182 60.10 -72.11 -26.91
CA CYS T 182 59.38 -70.85 -26.79
C CYS T 182 59.96 -70.00 -25.66
N LEU T 183 60.29 -70.65 -24.54
CA LEU T 183 60.99 -69.96 -23.46
C LEU T 183 62.35 -69.45 -23.93
N GLY T 184 63.05 -70.27 -24.73
CA GLY T 184 64.31 -69.82 -25.30
C GLY T 184 64.15 -68.63 -26.22
N PHE T 185 63.10 -68.63 -27.04
CA PHE T 185 62.82 -67.49 -27.91
C PHE T 185 62.55 -66.24 -27.10
N PHE T 186 61.77 -66.37 -26.02
CA PHE T 186 61.46 -65.22 -25.18
C PHE T 186 62.71 -64.64 -24.54
N VAL T 187 63.53 -65.50 -23.92
CA VAL T 187 64.72 -65.02 -23.22
C VAL T 187 65.74 -64.46 -24.20
N GLN T 188 65.84 -65.06 -25.40
CA GLN T 188 66.71 -64.49 -26.44
C GLN T 188 66.20 -63.13 -26.88
N ALA T 189 64.87 -62.96 -26.95
CA ALA T 189 64.31 -61.66 -27.30
C ALA T 189 64.63 -60.60 -26.25
N ILE T 190 64.58 -60.99 -24.97
CA ILE T 190 64.83 -60.01 -23.90
C ILE T 190 66.25 -59.47 -23.96
N VAL T 191 67.23 -60.34 -24.20
CA VAL T 191 68.62 -59.95 -24.00
C VAL T 191 69.41 -59.65 -25.28
N THR T 192 68.99 -60.17 -26.44
CA THR T 192 69.76 -59.99 -27.66
C THR T 192 69.20 -58.96 -28.61
N GLY T 193 67.88 -58.86 -28.73
CA GLY T 193 67.27 -57.92 -29.64
C GLY T 193 67.18 -58.39 -31.08
N LYS T 194 67.64 -59.60 -31.39
CA LYS T 194 67.56 -60.16 -32.73
C LYS T 194 66.66 -61.38 -32.72
N GLY T 195 66.25 -61.80 -33.92
CA GLY T 195 65.41 -62.96 -34.07
C GLY T 195 66.14 -64.25 -33.76
N PRO T 196 65.38 -65.33 -33.50
CA PRO T 196 66.04 -66.61 -33.20
C PRO T 196 66.83 -67.19 -34.35
N ILE T 197 66.36 -67.04 -35.59
CA ILE T 197 67.11 -67.53 -36.74
C ILE T 197 68.38 -66.72 -36.92
N GLU T 198 68.31 -65.40 -36.68
CA GLU T 198 69.50 -64.56 -36.71
C GLU T 198 70.49 -64.96 -35.63
N ASN T 199 69.98 -65.31 -34.45
CA ASN T 199 70.85 -65.78 -33.37
C ASN T 199 71.52 -67.10 -33.73
N LEU T 200 70.78 -68.00 -34.39
CA LEU T 200 71.35 -69.26 -34.84
C LEU T 200 72.45 -69.04 -35.87
N THR T 201 72.20 -68.15 -36.84
CA THR T 201 73.23 -67.86 -37.86
C THR T 201 74.44 -67.20 -37.25
N ASP T 202 74.25 -66.30 -36.29
CA ASP T 202 75.37 -65.65 -35.63
C ASP T 202 76.14 -66.61 -34.74
N HIS T 203 75.45 -67.58 -34.14
CA HIS T 203 76.16 -68.60 -33.36
C HIS T 203 76.96 -69.52 -34.26
N LEU T 204 76.41 -69.89 -35.42
CA LEU T 204 77.16 -70.71 -36.37
C LEU T 204 78.29 -69.92 -37.02
N ALA T 205 78.22 -68.59 -37.02
CA ALA T 205 79.31 -67.78 -37.54
C ALA T 205 80.57 -67.93 -36.70
N ASN T 206 80.42 -67.91 -35.38
CA ASN T 206 81.54 -68.09 -34.46
C ASN T 206 81.03 -68.59 -33.12
N PRO T 207 80.99 -69.91 -32.89
CA PRO T 207 80.41 -70.44 -31.65
C PRO T 207 81.28 -70.27 -30.41
N ALA T 208 82.55 -69.87 -30.56
CA ALA T 208 83.41 -69.74 -29.40
C ALA T 208 83.06 -68.51 -28.56
N GLU T 209 82.44 -67.50 -29.17
CA GLU T 209 82.11 -66.27 -28.47
C GLU T 209 80.65 -65.87 -28.60
N ASN T 210 79.98 -66.19 -29.71
CA ASN T 210 78.60 -65.77 -29.94
C ASN T 210 77.66 -66.74 -29.23
N ASN T 211 77.44 -66.46 -27.94
CA ASN T 211 76.48 -67.19 -27.14
C ASN T 211 76.00 -66.27 -26.02
N ALA T 212 75.24 -66.82 -25.07
CA ALA T 212 74.66 -66.02 -24.00
C ALA T 212 75.71 -65.39 -23.11
N PHE T 213 76.91 -65.98 -23.04
CA PHE T 213 77.99 -65.39 -22.27
C PHE T 213 78.46 -64.06 -22.86
N ALA T 214 78.17 -63.80 -24.13
CA ALA T 214 78.45 -62.48 -24.69
C ALA T 214 77.50 -61.42 -24.15
N TYR T 215 76.35 -61.83 -23.60
CA TYR T 215 75.37 -60.91 -23.05
C TYR T 215 75.16 -61.11 -21.56
N ALA T 216 76.12 -61.77 -20.88
CA ALA T 216 75.97 -62.05 -19.46
C ALA T 216 76.10 -60.80 -18.59
N THR T 217 76.72 -59.75 -19.11
CA THR T 217 76.93 -58.51 -18.36
C THR T 217 75.94 -57.42 -18.76
N LYS T 218 74.87 -57.77 -19.47
CA LYS T 218 73.94 -56.77 -19.97
C LYS T 218 73.17 -56.10 -18.84
N PHE T 219 72.60 -56.89 -17.92
CA PHE T 219 71.77 -56.37 -16.86
C PHE T 219 72.57 -56.00 -15.61
N THR T 220 73.85 -55.70 -15.75
CA THR T 220 74.67 -55.34 -14.61
C THR T 220 74.26 -53.96 -14.10
N PRO T 221 73.92 -53.83 -12.81
CA PRO T 221 73.50 -52.52 -12.28
C PRO T 221 74.70 -51.61 -12.08
N GLN T 222 74.63 -50.40 -12.63
CA GLN T 222 75.72 -49.45 -12.52
C GLN T 222 75.33 -48.26 -11.65
N GLU U 1 59.54 -75.61 23.50
CA GLU U 1 60.37 -74.78 22.63
C GLU U 1 60.71 -75.48 21.33
N PHE U 2 60.25 -74.89 20.21
CA PHE U 2 60.51 -75.34 18.85
C PHE U 2 59.97 -76.72 18.52
N TYR U 3 59.20 -77.32 19.43
CA TYR U 3 58.63 -78.64 19.21
C TYR U 3 57.35 -78.76 20.02
N GLY U 4 56.37 -79.48 19.47
CA GLY U 4 55.13 -79.75 20.16
C GLY U 4 54.16 -78.59 20.12
N PRO U 5 52.97 -78.80 20.69
CA PRO U 5 51.94 -77.75 20.66
C PRO U 5 52.31 -76.49 21.42
N ASP U 6 53.28 -76.57 22.33
CA ASP U 6 53.79 -75.39 23.03
C ASP U 6 55.01 -74.80 22.35
N ARG U 7 55.22 -75.09 21.06
CA ARG U 7 56.38 -74.60 20.36
C ARG U 7 56.28 -73.09 20.12
N ALA U 8 57.45 -72.47 19.92
CA ALA U 8 57.49 -71.06 19.53
C ALA U 8 56.90 -70.91 18.13
N LYS U 9 56.09 -69.87 17.95
CA LYS U 9 55.33 -69.71 16.74
C LYS U 9 55.56 -68.32 16.12
N PHE U 10 55.13 -68.18 14.86
CA PHE U 10 55.53 -67.05 14.02
C PHE U 10 54.73 -65.78 14.28
N LEU U 11 53.79 -65.77 15.23
CA LEU U 11 53.14 -64.52 15.60
C LEU U 11 52.95 -64.43 17.11
N GLY U 12 53.74 -65.21 17.86
CA GLY U 12 53.65 -65.25 19.30
C GLY U 12 52.27 -65.65 19.77
N PRO U 13 51.73 -64.90 20.74
CA PRO U 13 50.35 -65.17 21.19
C PRO U 13 49.35 -65.03 20.06
N PHE U 14 49.64 -64.13 19.10
CA PHE U 14 48.79 -63.90 17.94
C PHE U 14 48.68 -65.11 17.02
N SER U 15 49.40 -66.19 17.32
CA SER U 15 49.25 -67.42 16.56
C SER U 15 49.07 -68.66 17.44
N GLU U 16 48.63 -68.50 18.69
CA GLU U 16 48.46 -69.66 19.54
C GLU U 16 47.28 -70.55 19.14
N ASN U 17 46.22 -69.99 18.56
CA ASN U 17 45.03 -70.76 18.23
C ASN U 17 44.87 -71.01 16.74
N ASP U 18 45.04 -69.98 15.90
CA ASP U 18 44.86 -70.12 14.45
C ASP U 18 46.15 -70.66 13.85
N THR U 19 46.39 -71.94 14.10
CA THR U 19 47.52 -72.69 13.60
C THR U 19 47.01 -73.85 12.77
N PRO U 20 47.63 -74.13 11.61
CA PRO U 20 47.19 -75.28 10.79
C PRO U 20 47.29 -76.59 11.53
N GLU U 21 46.30 -77.45 11.32
CA GLU U 21 46.25 -78.74 12.00
C GLU U 21 47.35 -79.67 11.54
N TYR U 22 47.82 -79.52 10.30
CA TYR U 22 48.91 -80.32 9.77
C TYR U 22 50.28 -79.82 10.24
N LEU U 23 50.35 -78.63 10.84
CA LEU U 23 51.58 -78.10 11.40
C LEU U 23 51.57 -78.38 12.90
N THR U 24 51.84 -79.64 13.24
CA THR U 24 51.81 -80.10 14.62
C THR U 24 53.15 -79.97 15.33
N GLY U 25 54.17 -79.42 14.66
CA GLY U 25 55.47 -79.26 15.28
C GLY U 25 56.34 -80.49 15.32
N GLU U 26 55.94 -81.56 14.64
CA GLU U 26 56.77 -82.77 14.59
C GLU U 26 58.07 -82.52 13.83
N PHE U 27 58.04 -81.65 12.83
CA PHE U 27 59.20 -81.36 12.02
C PHE U 27 59.78 -80.00 12.39
N PRO U 28 61.10 -79.84 12.34
CA PRO U 28 61.72 -78.61 12.87
C PRO U 28 61.45 -77.41 11.97
N GLY U 29 61.60 -76.23 12.56
CA GLY U 29 61.28 -74.99 11.89
C GLY U 29 59.81 -74.64 11.91
N ASP U 30 58.98 -75.45 12.57
CA ASP U 30 57.53 -75.26 12.56
C ASP U 30 57.18 -74.11 13.51
N TYR U 31 56.82 -72.97 12.94
CA TYR U 31 56.28 -71.85 13.68
C TYR U 31 54.80 -71.62 13.35
N GLY U 32 54.19 -72.52 12.59
CA GLY U 32 52.80 -72.39 12.25
C GLY U 32 52.48 -71.42 11.13
N TRP U 33 53.45 -71.11 10.27
CA TRP U 33 53.25 -70.14 9.20
C TRP U 33 52.97 -70.86 7.88
N ASP U 34 51.69 -71.21 7.69
CA ASP U 34 51.19 -71.68 6.40
C ASP U 34 49.84 -71.03 6.15
N THR U 35 49.78 -69.71 6.32
CA THR U 35 48.51 -68.98 6.20
C THR U 35 47.94 -69.00 4.79
N ALA U 36 48.76 -69.31 3.78
CA ALA U 36 48.24 -69.50 2.43
C ALA U 36 47.75 -70.92 2.19
N GLY U 37 48.02 -71.84 3.12
CA GLY U 37 47.61 -73.22 2.96
C GLY U 37 48.27 -73.94 1.80
N LEU U 38 49.53 -73.61 1.50
CA LEU U 38 50.21 -74.22 0.37
C LEU U 38 50.61 -75.67 0.64
N SER U 39 50.75 -76.05 1.90
CA SER U 39 51.15 -77.40 2.28
C SER U 39 50.08 -78.06 3.14
N ALA U 40 48.82 -77.89 2.76
CA ALA U 40 47.74 -78.58 3.46
C ALA U 40 47.83 -80.08 3.27
N ASP U 41 48.20 -80.51 2.07
CA ASP U 41 48.41 -81.91 1.73
C ASP U 41 49.73 -82.40 2.32
N PRO U 42 49.75 -83.62 2.88
CA PRO U 42 51.00 -84.12 3.49
C PRO U 42 52.13 -84.37 2.51
N GLN U 43 51.86 -84.94 1.33
CA GLN U 43 52.95 -85.16 0.37
C GLN U 43 53.51 -83.84 -0.15
N THR U 44 52.67 -82.85 -0.43
CA THR U 44 53.22 -81.57 -0.85
C THR U 44 53.92 -80.86 0.30
N PHE U 45 53.51 -81.14 1.54
CA PHE U 45 54.25 -80.62 2.69
C PHE U 45 55.65 -81.21 2.77
N ALA U 46 55.76 -82.52 2.53
CA ALA U 46 57.07 -83.16 2.52
C ALA U 46 57.95 -82.64 1.39
N ARG U 47 57.37 -82.46 0.20
CA ARG U 47 58.14 -81.94 -0.92
C ARG U 47 58.61 -80.50 -0.66
N TYR U 48 57.72 -79.65 -0.13
CA TYR U 48 58.11 -78.29 0.20
C TYR U 48 59.14 -78.25 1.33
N ARG U 49 59.06 -79.19 2.28
CA ARG U 49 60.07 -79.27 3.33
C ARG U 49 61.45 -79.58 2.75
N GLU U 50 61.50 -80.54 1.82
CA GLU U 50 62.77 -80.87 1.19
C GLU U 50 63.30 -79.70 0.37
N ILE U 51 62.42 -79.00 -0.36
CA ILE U 51 62.81 -77.83 -1.13
C ILE U 51 63.37 -76.75 -0.20
N GLU U 52 62.70 -76.50 0.92
CA GLU U 52 63.12 -75.48 1.86
C GLU U 52 64.46 -75.83 2.49
N LEU U 53 64.69 -77.09 2.84
CA LEU U 53 65.96 -77.46 3.47
C LEU U 53 67.12 -77.35 2.49
N ILE U 54 66.92 -77.80 1.24
CA ILE U 54 67.99 -77.66 0.24
C ILE U 54 68.27 -76.19 -0.04
N HIS U 55 67.22 -75.36 -0.10
CA HIS U 55 67.39 -73.93 -0.25
C HIS U 55 68.13 -73.32 0.93
N ALA U 56 67.85 -73.83 2.13
CA ALA U 56 68.52 -73.33 3.34
C ALA U 56 70.02 -73.58 3.27
N ARG U 57 70.40 -74.81 2.93
CA ARG U 57 71.83 -75.13 2.84
C ARG U 57 72.50 -74.33 1.72
N TRP U 58 71.83 -74.23 0.56
CA TRP U 58 72.39 -73.51 -0.57
C TRP U 58 72.59 -72.04 -0.25
N ALA U 59 71.63 -71.42 0.43
CA ALA U 59 71.78 -70.01 0.74
C ALA U 59 72.71 -69.75 1.93
N LEU U 60 72.88 -70.72 2.83
CA LEU U 60 73.93 -70.58 3.83
C LEU U 60 75.29 -70.54 3.15
N LEU U 61 75.50 -71.46 2.19
CA LEU U 61 76.73 -71.45 1.42
C LEU U 61 76.88 -70.16 0.61
N GLY U 62 75.78 -69.70 0.00
CA GLY U 62 75.84 -68.48 -0.80
C GLY U 62 76.12 -67.23 0.02
N ALA U 63 75.45 -67.11 1.18
CA ALA U 63 75.66 -65.95 2.04
C ALA U 63 77.04 -65.93 2.64
N LEU U 64 77.63 -67.11 2.91
CA LEU U 64 79.04 -67.10 3.29
C LEU U 64 79.96 -66.89 2.08
N GLY U 65 79.47 -67.12 0.87
CA GLY U 65 80.29 -67.00 -0.31
C GLY U 65 80.33 -65.63 -0.97
N ILE U 66 79.31 -64.80 -0.78
CA ILE U 66 79.31 -63.46 -1.36
C ILE U 66 79.57 -62.39 -0.32
N LEU U 67 80.00 -62.79 0.87
CA LEU U 67 80.44 -61.86 1.90
C LEU U 67 81.94 -61.94 2.16
N THR U 68 82.47 -63.15 2.34
CA THR U 68 83.89 -63.31 2.66
C THR U 68 84.87 -62.71 1.66
N PRO U 69 84.70 -62.78 0.33
CA PRO U 69 85.64 -62.05 -0.54
C PRO U 69 85.60 -60.54 -0.34
N GLU U 70 84.43 -59.98 -0.03
CA GLU U 70 84.35 -58.54 0.19
C GLU U 70 84.95 -58.14 1.54
N LEU U 71 84.75 -58.97 2.58
CA LEU U 71 85.45 -58.72 3.84
C LEU U 71 86.95 -58.90 3.71
N LEU U 72 87.40 -59.78 2.81
CA LEU U 72 88.83 -59.90 2.56
C LEU U 72 89.36 -58.73 1.74
N SER U 73 88.53 -58.15 0.88
CA SER U 73 88.89 -56.88 0.26
C SER U 73 89.01 -55.79 1.31
N GLN U 74 88.15 -55.84 2.32
CA GLN U 74 88.28 -55.03 3.52
C GLN U 74 89.36 -55.63 4.42
N TYR U 75 89.58 -55.01 5.58
CA TYR U 75 90.48 -55.50 6.63
C TYR U 75 91.91 -55.71 6.14
N ALA U 76 92.29 -56.96 5.86
CA ALA U 76 93.67 -57.27 5.51
C ALA U 76 93.91 -57.24 4.00
N GLY U 77 93.47 -56.17 3.35
CA GLY U 77 93.81 -55.79 1.98
C GLY U 77 94.04 -56.84 0.91
N VAL U 78 93.22 -57.89 0.88
CA VAL U 78 93.40 -58.93 -0.13
C VAL U 78 92.86 -58.42 -1.46
N GLN U 79 93.67 -58.52 -2.51
CA GLN U 79 93.38 -57.92 -3.80
C GLN U 79 92.79 -58.95 -4.75
N PHE U 80 91.77 -58.53 -5.50
CA PHE U 80 91.13 -59.36 -6.52
C PHE U 80 90.98 -58.53 -7.79
N GLY U 81 90.38 -59.12 -8.81
CA GLY U 81 90.01 -58.34 -9.98
C GLY U 81 88.84 -57.42 -9.69
N GLU U 82 87.75 -57.99 -9.18
CA GLU U 82 86.59 -57.22 -8.75
C GLU U 82 85.96 -57.96 -7.57
N PRO U 83 86.16 -57.46 -6.34
CA PRO U 83 85.62 -58.17 -5.17
C PRO U 83 84.10 -58.14 -5.08
N VAL U 84 83.43 -57.28 -5.85
CA VAL U 84 81.97 -57.20 -5.82
C VAL U 84 81.40 -58.51 -6.36
N TRP U 85 80.37 -59.03 -5.66
CA TRP U 85 79.90 -60.38 -5.94
C TRP U 85 79.10 -60.46 -7.24
N PHE U 86 78.28 -59.45 -7.53
CA PHE U 86 77.48 -59.52 -8.75
C PHE U 86 78.25 -59.07 -9.98
N LYS U 87 79.51 -58.65 -9.83
CA LYS U 87 80.39 -58.37 -10.95
C LYS U 87 81.60 -59.31 -10.97
N ALA U 88 81.51 -60.44 -10.25
CA ALA U 88 82.64 -61.37 -10.19
C ALA U 88 82.62 -62.37 -11.34
N GLY U 89 81.44 -62.76 -11.82
CA GLY U 89 81.35 -63.76 -12.87
C GLY U 89 82.02 -63.33 -14.17
N ALA U 90 82.09 -62.02 -14.41
CA ALA U 90 82.73 -61.51 -15.60
C ALA U 90 84.26 -61.55 -15.52
N GLN U 91 84.83 -61.90 -14.35
CA GLN U 91 86.28 -61.87 -14.21
C GLN U 91 87.00 -62.91 -15.07
N ILE U 92 86.30 -63.96 -15.52
CA ILE U 92 86.91 -64.88 -16.48
C ILE U 92 87.13 -64.17 -17.81
N PHE U 93 86.22 -63.28 -18.18
CA PHE U 93 86.33 -62.54 -19.43
C PHE U 93 87.50 -61.56 -19.45
N ALA U 94 88.12 -61.29 -18.31
CA ALA U 94 89.29 -60.42 -18.26
C ALA U 94 90.50 -61.13 -18.86
N ALA U 95 91.54 -60.34 -19.16
CA ALA U 95 92.76 -60.89 -19.74
C ALA U 95 93.48 -61.82 -18.77
N GLY U 96 93.51 -61.46 -17.49
CA GLY U 96 94.13 -62.29 -16.49
C GLY U 96 93.32 -63.47 -16.01
N GLY U 97 92.08 -63.59 -16.50
CA GLY U 97 91.23 -64.70 -16.10
C GLY U 97 90.74 -64.56 -14.66
N LEU U 98 90.33 -65.68 -14.10
CA LEU U 98 89.85 -65.76 -12.72
C LEU U 98 90.89 -66.49 -11.88
N ASN U 99 91.33 -65.85 -10.80
CA ASN U 99 92.28 -66.43 -9.86
C ASN U 99 91.66 -66.44 -8.48
N TYR U 100 92.08 -67.40 -7.66
CA TYR U 100 91.44 -67.60 -6.35
C TYR U 100 91.75 -66.44 -5.40
N LEU U 101 93.02 -66.05 -5.29
CA LEU U 101 93.39 -64.93 -4.44
C LEU U 101 94.28 -63.95 -5.18
N GLY U 102 94.15 -63.89 -6.51
CA GLY U 102 94.98 -63.05 -7.33
C GLY U 102 96.28 -63.69 -7.76
N ASN U 103 96.65 -64.82 -7.17
CA ASN U 103 97.86 -65.53 -7.59
C ASN U 103 97.63 -66.17 -8.95
N GLU U 104 98.56 -65.93 -9.88
CA GLU U 104 98.40 -66.41 -11.25
C GLU U 104 98.49 -67.92 -11.34
N SER U 105 99.11 -68.56 -10.37
CA SER U 105 99.25 -70.02 -10.36
C SER U 105 98.14 -70.72 -9.59
N LEU U 106 97.16 -69.98 -9.07
CA LEU U 106 96.12 -70.60 -8.26
C LEU U 106 95.02 -71.23 -9.12
N ILE U 107 94.32 -70.41 -9.90
CA ILE U 107 93.26 -70.93 -10.75
C ILE U 107 93.56 -70.60 -12.22
N HIS U 108 93.60 -69.30 -12.52
CA HIS U 108 93.93 -68.78 -13.86
C HIS U 108 92.99 -69.38 -14.91
N ALA U 109 91.69 -69.21 -14.67
CA ALA U 109 90.66 -69.83 -15.51
C ALA U 109 90.24 -68.89 -16.63
N GLN U 110 90.18 -69.43 -17.85
CA GLN U 110 89.80 -68.64 -19.01
C GLN U 110 88.71 -69.29 -19.86
N SER U 111 88.43 -70.58 -19.67
CA SER U 111 87.48 -71.30 -20.49
C SER U 111 86.18 -71.43 -19.70
N ILE U 112 85.28 -70.45 -19.88
CA ILE U 112 84.01 -70.44 -19.19
C ILE U 112 83.14 -71.60 -19.65
N ILE U 113 83.24 -71.98 -20.93
CA ILE U 113 82.47 -73.12 -21.43
C ILE U 113 82.97 -74.42 -20.81
N ALA U 114 84.28 -74.55 -20.60
CA ALA U 114 84.81 -75.76 -19.99
C ALA U 114 84.45 -75.84 -18.51
N THR U 115 84.52 -74.71 -17.80
CA THR U 115 84.14 -74.76 -16.38
C THR U 115 82.64 -75.01 -16.23
N LEU U 116 81.82 -74.48 -17.13
CA LEU U 116 80.40 -74.77 -17.09
C LEU U 116 80.13 -76.24 -17.37
N ALA U 117 80.84 -76.82 -18.36
CA ALA U 117 80.64 -78.22 -18.70
C ALA U 117 81.05 -79.14 -17.55
N VAL U 118 82.20 -78.88 -16.93
CA VAL U 118 82.64 -79.76 -15.84
C VAL U 118 81.73 -79.60 -14.63
N GLN U 119 81.26 -78.38 -14.35
CA GLN U 119 80.35 -78.17 -13.23
C GLN U 119 79.02 -78.87 -13.47
N VAL U 120 78.45 -78.73 -14.68
CA VAL U 120 77.15 -79.31 -14.95
C VAL U 120 77.21 -80.83 -14.95
N VAL U 121 78.30 -81.42 -15.46
CA VAL U 121 78.43 -82.87 -15.46
C VAL U 121 78.60 -83.39 -14.04
N LEU U 122 79.54 -82.79 -13.29
CA LEU U 122 79.84 -83.22 -11.94
C LEU U 122 78.63 -83.15 -11.02
N MET U 123 77.99 -81.98 -10.97
CA MET U 123 76.93 -81.88 -9.98
C MET U 123 75.57 -82.29 -10.55
N GLY U 124 75.47 -82.55 -11.87
CA GLY U 124 74.34 -83.32 -12.36
C GLY U 124 74.40 -84.75 -11.84
N LEU U 125 75.61 -85.34 -11.85
CA LEU U 125 75.80 -86.64 -11.21
C LEU U 125 75.50 -86.56 -9.72
N ALA U 126 75.97 -85.51 -9.05
CA ALA U 126 75.77 -85.37 -7.61
C ALA U 126 74.29 -85.24 -7.25
N GLU U 127 73.54 -84.40 -7.97
CA GLU U 127 72.12 -84.24 -7.67
C GLU U 127 71.31 -85.45 -8.11
N ALA U 128 71.75 -86.17 -9.14
CA ALA U 128 71.10 -87.42 -9.49
C ALA U 128 71.28 -88.46 -8.39
N TYR U 129 72.47 -88.51 -7.79
CA TYR U 129 72.68 -89.41 -6.66
C TYR U 129 71.93 -88.95 -5.42
N ARG U 130 71.75 -87.62 -5.25
CA ARG U 130 70.97 -87.12 -4.13
C ARG U 130 69.50 -87.49 -4.26
N ALA U 131 68.91 -87.30 -5.45
CA ALA U 131 67.51 -87.64 -5.64
C ALA U 131 67.28 -89.15 -5.59
N ASN U 132 68.21 -89.94 -6.13
CA ASN U 132 68.07 -91.38 -6.10
C ASN U 132 68.30 -91.94 -4.71
N GLY U 133 69.13 -91.30 -3.90
CA GLY U 133 69.48 -91.84 -2.61
C GLY U 133 70.30 -93.12 -2.69
N GLY U 134 71.29 -93.15 -3.57
CA GLY U 134 72.09 -94.34 -3.80
C GLY U 134 71.56 -95.14 -4.98
N SER U 135 72.43 -96.01 -5.49
CA SER U 135 72.09 -96.82 -6.67
C SER U 135 72.75 -98.18 -6.53
N GLU U 136 71.94 -99.20 -6.26
CA GLU U 136 72.36 -100.61 -6.22
C GLU U 136 73.46 -100.85 -5.20
N GLY U 137 73.13 -100.61 -3.93
CA GLY U 137 74.03 -100.94 -2.85
C GLY U 137 74.88 -99.79 -2.32
N PHE U 138 75.41 -98.96 -3.22
CA PHE U 138 76.26 -97.85 -2.81
C PHE U 138 75.39 -96.76 -2.18
N LEU U 139 75.38 -96.72 -0.84
CA LEU U 139 74.57 -95.78 -0.05
C LEU U 139 73.09 -95.88 -0.42
N ASP U 140 72.62 -97.11 -0.63
CA ASP U 140 71.23 -97.35 -1.05
C ASP U 140 70.30 -97.41 0.16
N ASP U 141 70.29 -96.32 0.92
CA ASP U 141 69.50 -96.20 2.13
C ASP U 141 69.29 -94.71 2.41
N LEU U 142 68.90 -94.39 3.65
CA LEU U 142 68.73 -93.03 4.18
C LEU U 142 67.57 -92.29 3.53
N ASP U 143 67.17 -91.17 4.14
CA ASP U 143 65.93 -90.49 3.80
C ASP U 143 66.10 -89.41 2.73
N THR U 144 67.29 -89.28 2.14
CA THR U 144 67.65 -88.27 1.13
C THR U 144 67.48 -86.84 1.62
N LEU U 145 67.30 -86.64 2.91
CA LEU U 145 67.15 -85.34 3.55
C LEU U 145 68.10 -85.17 4.72
N TYR U 146 68.32 -86.22 5.50
CA TYR U 146 69.30 -86.24 6.59
C TYR U 146 70.12 -87.52 6.47
N PRO U 147 71.06 -87.58 5.51
CA PRO U 147 71.82 -88.82 5.30
C PRO U 147 72.72 -89.22 6.45
N GLY U 148 73.64 -88.35 6.85
CA GLY U 148 74.54 -88.66 7.95
C GLY U 148 75.68 -89.59 7.59
N GLY U 149 75.36 -90.80 7.12
CA GLY U 149 76.35 -91.78 6.72
C GLY U 149 77.23 -91.29 5.59
N ALA U 150 78.56 -91.28 5.84
CA ALA U 150 79.56 -90.73 4.93
C ALA U 150 79.32 -89.24 4.64
N PHE U 151 78.60 -88.57 5.55
CA PHE U 151 78.30 -87.16 5.43
C PHE U 151 78.47 -86.40 6.74
N ASP U 152 78.61 -87.09 7.86
CA ASP U 152 78.88 -86.48 9.17
C ASP U 152 80.12 -87.17 9.73
N PRO U 153 81.31 -86.81 9.22
CA PRO U 153 82.52 -87.52 9.64
C PRO U 153 82.88 -87.37 11.10
N LEU U 154 82.50 -86.26 11.73
CA LEU U 154 82.85 -86.01 13.13
C LEU U 154 81.88 -86.67 14.10
N GLY U 155 80.83 -87.32 13.61
CA GLY U 155 79.91 -88.04 14.46
C GLY U 155 79.03 -87.19 15.36
N LEU U 156 78.52 -86.07 14.86
CA LEU U 156 77.55 -85.29 15.61
C LEU U 156 76.12 -85.82 15.46
N ALA U 157 75.93 -86.86 14.65
CA ALA U 157 74.61 -87.47 14.46
C ALA U 157 74.38 -88.53 15.54
N ASP U 158 74.23 -88.04 16.77
CA ASP U 158 73.93 -88.88 17.92
C ASP U 158 73.19 -88.02 18.93
N ASP U 159 72.62 -88.67 19.95
CA ASP U 159 71.82 -88.03 21.00
C ASP U 159 70.64 -87.31 20.35
N PRO U 160 69.59 -88.06 19.94
CA PRO U 160 68.50 -87.49 19.13
C PRO U 160 67.86 -86.20 19.64
N ASP U 161 67.89 -85.95 20.95
CA ASP U 161 67.37 -84.70 21.47
C ASP U 161 68.18 -83.50 20.97
N THR U 162 69.51 -83.55 21.16
CA THR U 162 70.32 -82.46 20.63
C THR U 162 70.45 -82.53 19.13
N PHE U 163 70.21 -83.70 18.52
CA PHE U 163 70.14 -83.77 17.06
C PHE U 163 68.95 -82.96 16.52
N ALA U 164 67.80 -83.10 17.17
CA ALA U 164 66.62 -82.32 16.79
C ALA U 164 66.84 -80.83 17.10
N GLU U 165 67.49 -80.52 18.22
CA GLU U 165 67.81 -79.13 18.53
C GLU U 165 68.73 -78.53 17.46
N LEU U 166 69.73 -79.29 17.02
CA LEU U 166 70.61 -78.82 15.96
C LEU U 166 69.88 -78.71 14.63
N LYS U 167 68.89 -79.57 14.39
CA LYS U 167 68.06 -79.43 13.19
C LYS U 167 67.28 -78.12 13.21
N VAL U 168 66.74 -77.76 14.38
CA VAL U 168 66.05 -76.48 14.52
C VAL U 168 67.01 -75.33 14.28
N LYS U 169 68.21 -75.42 14.86
CA LYS U 169 69.24 -74.39 14.64
C LYS U 169 69.58 -74.26 13.16
N GLU U 170 69.71 -75.39 12.47
CA GLU U 170 70.06 -75.38 11.05
C GLU U 170 68.97 -74.73 10.20
N ILE U 171 67.71 -75.09 10.45
CA ILE U 171 66.63 -74.54 9.64
C ILE U 171 66.46 -73.05 9.92
N LYS U 172 66.62 -72.63 11.18
CA LYS U 172 66.54 -71.20 11.48
C LYS U 172 67.67 -70.42 10.84
N ASN U 173 68.91 -70.94 10.91
CA ASN U 173 70.04 -70.29 10.28
C ASN U 173 69.87 -70.23 8.76
N GLY U 174 69.34 -71.29 8.17
CA GLY U 174 69.10 -71.29 6.74
C GLY U 174 68.02 -70.33 6.31
N ARG U 175 66.96 -70.19 7.11
CA ARG U 175 65.93 -69.19 6.82
C ARG U 175 66.50 -67.79 6.89
N LEU U 176 67.34 -67.53 7.90
CA LEU U 176 68.03 -66.24 7.97
C LEU U 176 68.92 -66.03 6.76
N ALA U 177 69.58 -67.10 6.31
CA ALA U 177 70.46 -67.00 5.15
C ALA U 177 69.68 -66.71 3.87
N MET U 178 68.51 -67.32 3.70
CA MET U 178 67.72 -67.05 2.50
C MET U 178 67.14 -65.64 2.53
N PHE U 179 66.73 -65.17 3.72
CA PHE U 179 66.30 -63.78 3.87
C PHE U 179 67.42 -62.82 3.52
N SER U 180 68.64 -63.11 4.00
CA SER U 180 69.79 -62.25 3.70
C SER U 180 70.16 -62.32 2.22
N CYS U 181 70.04 -63.49 1.59
CA CYS U 181 70.35 -63.62 0.17
C CYS U 181 69.35 -62.86 -0.69
N LEU U 182 68.07 -62.89 -0.31
CA LEU U 182 67.09 -62.06 -1.00
C LEU U 182 67.40 -60.58 -0.80
N GLY U 183 67.87 -60.22 0.40
CA GLY U 183 68.33 -58.86 0.62
C GLY U 183 69.49 -58.48 -0.27
N PHE U 184 70.46 -59.40 -0.44
CA PHE U 184 71.59 -59.16 -1.33
C PHE U 184 71.11 -58.96 -2.77
N PHE U 185 70.19 -59.81 -3.22
CA PHE U 185 69.67 -59.71 -4.58
C PHE U 185 68.95 -58.38 -4.80
N VAL U 186 68.18 -57.93 -3.81
CA VAL U 186 67.45 -56.67 -3.95
C VAL U 186 68.41 -55.49 -3.90
N GLN U 187 69.38 -55.51 -2.99
CA GLN U 187 70.35 -54.41 -2.88
C GLN U 187 71.21 -54.29 -4.13
N ALA U 188 71.56 -55.41 -4.77
CA ALA U 188 72.34 -55.36 -5.99
C ALA U 188 71.60 -54.61 -7.09
N ILE U 189 70.30 -54.85 -7.21
CA ILE U 189 69.50 -54.22 -8.26
C ILE U 189 69.32 -52.73 -7.99
N VAL U 190 69.01 -52.37 -6.75
CA VAL U 190 68.61 -50.99 -6.45
C VAL U 190 69.81 -50.07 -6.23
N THR U 191 71.00 -50.62 -6.01
CA THR U 191 72.16 -49.77 -5.74
C THR U 191 73.32 -50.00 -6.70
N GLY U 192 73.52 -51.23 -7.17
CA GLY U 192 74.64 -51.49 -8.04
C GLY U 192 75.99 -51.47 -7.36
N LYS U 193 76.03 -51.65 -6.04
CA LYS U 193 77.27 -51.66 -5.29
C LYS U 193 77.22 -52.81 -4.27
N GLY U 194 78.38 -53.10 -3.68
CA GLY U 194 78.53 -54.22 -2.78
C GLY U 194 77.71 -54.10 -1.50
N PRO U 195 77.36 -55.25 -0.90
CA PRO U 195 76.55 -55.23 0.32
C PRO U 195 77.29 -54.69 1.54
N VAL U 196 78.54 -55.10 1.73
CA VAL U 196 79.28 -54.58 2.88
C VAL U 196 79.64 -53.11 2.67
N GLN U 197 79.78 -52.68 1.41
CA GLN U 197 80.01 -51.26 1.17
C GLN U 197 78.73 -50.47 1.38
N ASN U 198 77.57 -51.08 1.11
CA ASN U 198 76.30 -50.47 1.49
C ASN U 198 76.18 -50.36 3.00
N LEU U 199 76.66 -51.38 3.71
CA LEU U 199 76.70 -51.32 5.18
C LEU U 199 77.61 -50.20 5.67
N THR U 200 78.76 -50.03 5.02
CA THR U 200 79.68 -48.95 5.37
C THR U 200 79.05 -47.59 5.10
N ASP U 201 78.32 -47.47 3.98
CA ASP U 201 77.63 -46.23 3.67
C ASP U 201 76.53 -45.93 4.69
N HIS U 202 75.82 -46.96 5.13
CA HIS U 202 74.78 -46.77 6.14
C HIS U 202 75.37 -46.36 7.48
N LEU U 203 76.54 -46.92 7.83
CA LEU U 203 77.17 -46.60 9.10
C LEU U 203 77.69 -45.16 9.16
N ALA U 204 77.95 -44.55 8.00
CA ALA U 204 78.39 -43.16 7.99
C ALA U 204 77.28 -42.22 8.47
N ASP U 205 76.08 -42.38 7.93
CA ASP U 205 74.92 -41.62 8.37
C ASP U 205 73.65 -42.41 8.09
N PRO U 206 73.02 -42.99 9.11
CA PRO U 206 71.81 -43.81 8.87
C PRO U 206 70.60 -43.00 8.43
N THR U 207 70.54 -41.70 8.73
CA THR U 207 69.37 -40.90 8.39
C THR U 207 69.33 -40.52 6.92
N VAL U 208 70.44 -40.61 6.20
CA VAL U 208 70.48 -40.30 4.78
C VAL U 208 70.72 -41.53 3.91
N ASN U 209 71.70 -42.36 4.26
CA ASN U 209 72.04 -43.55 3.48
C ASN U 209 71.17 -44.71 3.95
N ASN U 210 69.96 -44.80 3.40
CA ASN U 210 69.02 -45.87 3.71
C ASN U 210 68.33 -46.32 2.43
N ALA U 211 67.45 -47.31 2.56
CA ALA U 211 66.72 -47.80 1.40
C ALA U 211 65.77 -46.77 0.83
N PHE U 212 65.28 -45.86 1.68
CA PHE U 212 64.37 -44.82 1.21
C PHE U 212 65.05 -43.82 0.29
N ALA U 213 66.37 -43.66 0.40
CA ALA U 213 67.09 -42.74 -0.48
C ALA U 213 67.08 -43.22 -1.93
N SER U 214 67.14 -44.53 -2.14
CA SER U 214 67.10 -45.12 -3.47
C SER U 214 65.71 -45.59 -3.87
N ALA U 215 64.68 -45.18 -3.11
CA ALA U 215 63.32 -45.59 -3.40
C ALA U 215 62.75 -44.90 -4.63
N THR U 216 63.34 -43.80 -5.07
CA THR U 216 62.88 -43.06 -6.23
C THR U 216 63.65 -43.42 -7.50
N LYS U 217 64.47 -44.46 -7.47
CA LYS U 217 65.26 -44.82 -8.64
C LYS U 217 64.39 -45.46 -9.72
N PHE U 218 63.40 -46.25 -9.32
CA PHE U 218 62.57 -47.01 -10.25
C PHE U 218 61.25 -46.32 -10.58
N THR U 219 61.16 -45.01 -10.38
CA THR U 219 59.95 -44.30 -10.74
C THR U 219 59.83 -44.21 -12.26
N PRO U 220 58.61 -44.26 -12.79
CA PRO U 220 58.42 -44.13 -14.23
C PRO U 220 58.23 -42.69 -14.68
N GLY U 221 58.75 -42.40 -15.87
CA GLY U 221 58.63 -41.06 -16.43
C GLY U 221 57.50 -40.95 -17.43
N PRO V 1 17.28 -80.26 -36.79
CA PRO V 1 15.98 -79.85 -36.24
C PRO V 1 15.36 -78.69 -37.00
N ASP V 2 14.21 -78.21 -36.52
CA ASP V 2 13.46 -77.10 -37.12
C ASP V 2 13.12 -77.41 -38.58
N LEU V 3 12.66 -78.63 -38.82
CA LEU V 3 12.29 -79.07 -40.17
C LEU V 3 10.82 -78.81 -40.49
N GLU V 4 10.09 -78.16 -39.60
CA GLU V 4 8.68 -77.88 -39.82
C GLU V 4 8.44 -76.67 -40.72
N LYS V 5 9.49 -76.03 -41.21
CA LYS V 5 9.35 -74.89 -42.11
C LYS V 5 9.92 -75.14 -43.50
N TRP V 6 10.76 -76.17 -43.68
CA TRP V 6 11.26 -76.56 -44.99
C TRP V 6 10.68 -77.88 -45.47
N TYR V 7 9.86 -78.55 -44.66
CA TYR V 7 9.28 -79.83 -45.02
C TYR V 7 7.86 -79.92 -44.49
N GLY V 8 7.10 -80.84 -45.06
CA GLY V 8 5.73 -81.06 -44.64
C GLY V 8 4.73 -80.23 -45.42
N PRO V 9 3.44 -80.37 -45.09
CA PRO V 9 2.42 -79.59 -45.80
C PRO V 9 2.43 -78.12 -45.40
N ASP V 10 2.82 -77.80 -44.18
CA ASP V 10 2.96 -76.42 -43.72
C ASP V 10 4.45 -76.08 -43.74
N ARG V 11 4.85 -75.23 -44.70
CA ARG V 11 6.26 -74.91 -44.88
C ARG V 11 6.34 -73.55 -45.56
N LYS V 12 7.58 -73.09 -45.74
CA LYS V 12 7.81 -71.83 -46.45
C LYS V 12 7.52 -72.01 -47.93
N LEU V 13 6.72 -71.12 -48.50
CA LEU V 13 6.34 -71.17 -49.89
C LEU V 13 6.91 -69.97 -50.62
N PHE V 14 6.87 -70.02 -51.95
CA PHE V 14 7.40 -68.90 -52.74
C PHE V 14 6.50 -67.68 -52.69
N LEU V 15 5.32 -67.77 -52.11
CA LEU V 15 4.47 -66.62 -51.85
C LEU V 15 3.91 -66.77 -50.45
N PRO V 16 3.64 -65.66 -49.74
CA PRO V 16 3.10 -65.77 -48.38
C PRO V 16 1.66 -66.27 -48.33
N GLY V 17 1.10 -66.32 -47.12
CA GLY V 17 -0.22 -66.91 -46.93
C GLY V 17 -1.33 -66.19 -47.67
N GLY V 18 -1.29 -64.86 -47.68
CA GLY V 18 -2.33 -64.10 -48.36
C GLY V 18 -2.26 -64.24 -49.88
N LEU V 19 -1.05 -64.25 -50.43
CA LEU V 19 -0.90 -64.40 -51.88
C LEU V 19 -1.27 -65.80 -52.33
N LEU V 20 -0.77 -66.81 -51.64
CA LEU V 20 -0.82 -68.20 -52.09
C LEU V 20 -1.42 -69.05 -50.98
N ASP V 21 -2.69 -69.42 -51.10
CA ASP V 21 -3.22 -70.43 -50.19
C ASP V 21 -2.67 -71.79 -50.59
N ARG V 22 -2.78 -72.75 -49.68
CA ARG V 22 -2.20 -74.06 -49.93
C ARG V 22 -3.03 -74.92 -50.89
N ASP V 23 -4.23 -74.48 -51.30
CA ASP V 23 -5.05 -75.30 -52.18
C ASP V 23 -4.51 -75.35 -53.60
N ASP V 24 -4.06 -74.23 -54.16
CA ASP V 24 -3.57 -74.20 -55.52
C ASP V 24 -2.09 -74.52 -55.65
N VAL V 25 -1.42 -74.91 -54.56
CA VAL V 25 -0.09 -75.51 -54.70
C VAL V 25 -0.24 -76.81 -55.48
N PRO V 26 0.65 -77.13 -56.42
CA PRO V 26 0.51 -78.39 -57.17
C PRO V 26 0.57 -79.60 -56.26
N GLU V 27 -0.26 -80.60 -56.58
CA GLU V 27 -0.43 -81.78 -55.75
C GLU V 27 0.80 -82.66 -55.68
N TYR V 28 1.77 -82.48 -56.56
CA TYR V 28 3.00 -83.25 -56.54
C TYR V 28 4.12 -82.56 -55.75
N LEU V 29 3.82 -81.47 -55.06
CA LEU V 29 4.78 -80.78 -54.20
C LEU V 29 4.23 -80.83 -52.79
N ASN V 30 4.52 -81.93 -52.09
CA ASN V 30 4.01 -82.18 -50.75
C ASN V 30 5.05 -81.93 -49.66
N GLY V 31 6.11 -81.20 -49.97
CA GLY V 31 7.14 -80.89 -49.00
C GLY V 31 7.97 -82.09 -48.56
N GLU V 32 8.30 -82.97 -49.50
CA GLU V 32 9.19 -84.09 -49.20
C GLU V 32 10.58 -83.94 -49.79
N LEU V 33 10.76 -83.03 -50.73
CA LEU V 33 12.08 -82.69 -51.26
C LEU V 33 12.62 -81.48 -50.53
N ALA V 34 13.94 -81.32 -50.60
CA ALA V 34 14.58 -80.15 -50.00
C ALA V 34 14.33 -78.92 -50.85
N GLY V 35 14.09 -77.79 -50.19
CA GLY V 35 13.83 -76.54 -50.90
C GLY V 35 12.54 -76.52 -51.68
N ASP V 36 11.48 -77.14 -51.17
CA ASP V 36 10.18 -77.12 -51.82
C ASP V 36 9.43 -75.88 -51.36
N TYR V 37 9.23 -74.95 -52.27
CA TYR V 37 8.45 -73.74 -52.02
C TYR V 37 7.14 -73.74 -52.77
N GLY V 38 6.81 -74.81 -53.47
CA GLY V 38 5.60 -74.85 -54.27
C GLY V 38 5.63 -73.88 -55.43
N TYR V 39 6.79 -73.66 -56.03
CA TYR V 39 6.96 -72.68 -57.11
C TYR V 39 6.77 -73.40 -58.44
N ASP V 40 5.61 -73.21 -59.05
CA ASP V 40 5.30 -73.78 -60.36
C ASP V 40 4.33 -72.87 -61.10
N PRO V 41 4.81 -71.73 -61.59
CA PRO V 41 3.93 -70.91 -62.46
C PRO V 41 3.60 -71.58 -63.78
N LEU V 42 4.50 -72.43 -64.28
CA LEU V 42 4.28 -73.16 -65.52
C LEU V 42 4.28 -74.66 -65.23
N GLY V 43 3.69 -75.42 -66.13
CA GLY V 43 3.54 -76.85 -65.95
C GLY V 43 4.76 -77.67 -66.37
N LEU V 44 5.80 -77.68 -65.54
CA LEU V 44 6.98 -78.48 -65.79
C LEU V 44 7.22 -79.58 -64.77
N GLY V 45 6.52 -79.55 -63.63
CA GLY V 45 6.75 -80.56 -62.61
C GLY V 45 6.17 -81.92 -62.95
N LYS V 46 5.02 -81.95 -63.64
CA LYS V 46 4.34 -83.17 -64.04
C LYS V 46 4.00 -84.05 -62.84
N ASP V 47 4.87 -85.02 -62.54
CA ASP V 47 4.65 -85.89 -61.38
C ASP V 47 5.92 -86.03 -60.54
N GLU V 48 5.89 -86.95 -59.57
CA GLU V 48 7.00 -87.12 -58.65
C GLU V 48 8.26 -87.62 -59.34
N GLU V 49 8.12 -88.59 -60.26
CA GLU V 49 9.28 -89.08 -60.97
C GLU V 49 9.91 -88.00 -61.84
N GLN V 50 9.06 -87.19 -62.49
CA GLN V 50 9.55 -86.09 -63.31
C GLN V 50 10.26 -85.04 -62.46
N VAL V 51 9.70 -84.71 -61.28
CA VAL V 51 10.30 -83.66 -60.48
C VAL V 51 11.60 -84.15 -59.83
N GLU V 52 11.73 -85.44 -59.51
CA GLU V 52 13.02 -85.89 -59.00
C GLU V 52 14.05 -86.01 -60.11
N LYS V 53 13.63 -86.38 -61.33
CA LYS V 53 14.55 -86.42 -62.45
C LYS V 53 15.07 -85.02 -62.79
N TYR V 54 14.22 -84.01 -62.67
CA TYR V 54 14.67 -82.63 -62.85
C TYR V 54 15.44 -82.12 -61.63
N ARG V 55 15.17 -82.64 -60.43
CA ARG V 55 15.94 -82.26 -59.25
C ARG V 55 17.38 -82.77 -59.35
N ALA V 56 17.59 -83.87 -60.05
CA ALA V 56 18.96 -84.33 -60.31
C ALA V 56 19.76 -83.24 -61.04
N ASN V 57 19.19 -82.71 -62.13
CA ASN V 57 19.86 -81.65 -62.87
C ASN V 57 19.94 -80.36 -62.07
N GLU V 58 18.92 -80.10 -61.25
CA GLU V 58 18.94 -78.90 -60.40
C GLU V 58 20.09 -78.93 -59.41
N LEU V 59 20.29 -80.09 -58.76
CA LEU V 59 21.38 -80.22 -57.81
C LEU V 59 22.74 -80.17 -58.49
N LEU V 60 22.86 -80.79 -59.67
CA LEU V 60 24.11 -80.70 -60.40
C LEU V 60 24.43 -79.26 -60.80
N HIS V 61 23.42 -78.53 -61.29
CA HIS V 61 23.59 -77.12 -61.64
C HIS V 61 23.95 -76.29 -60.41
N ALA V 62 23.34 -76.58 -59.28
CA ALA V 62 23.61 -75.84 -58.05
C ALA V 62 25.04 -76.02 -57.59
N ARG V 63 25.51 -77.28 -57.54
CA ARG V 63 26.85 -77.55 -57.08
C ARG V 63 27.90 -77.07 -58.09
N TRP V 64 27.56 -77.01 -59.37
CA TRP V 64 28.49 -76.43 -60.32
C TRP V 64 28.52 -74.91 -60.23
N ALA V 65 27.36 -74.28 -60.09
CA ALA V 65 27.28 -72.82 -60.06
C ALA V 65 27.85 -72.23 -58.78
N MET V 66 27.86 -72.97 -57.68
CA MET V 66 28.50 -72.46 -56.47
C MET V 66 30.00 -72.26 -56.68
N LEU V 67 30.66 -73.31 -57.18
CA LEU V 67 32.07 -73.20 -57.55
C LEU V 67 32.29 -72.18 -58.64
N ALA V 68 31.33 -72.05 -59.57
CA ALA V 68 31.45 -71.06 -60.64
C ALA V 68 31.44 -69.64 -60.09
N ALA V 69 30.50 -69.34 -59.19
CA ALA V 69 30.42 -68.00 -58.62
C ALA V 69 31.66 -67.68 -57.80
N ALA V 70 32.12 -68.65 -56.99
CA ALA V 70 33.32 -68.40 -56.20
C ALA V 70 34.55 -68.21 -57.09
N GLY V 71 34.71 -69.05 -58.12
CA GLY V 71 35.84 -68.94 -59.02
C GLY V 71 35.76 -67.80 -60.00
N ILE V 72 34.60 -67.14 -60.08
CA ILE V 72 34.51 -65.89 -60.83
C ILE V 72 34.86 -64.71 -59.93
N ILE V 73 34.37 -64.71 -58.68
CA ILE V 73 34.53 -63.52 -57.84
C ILE V 73 35.90 -63.49 -57.14
N ILE V 74 36.56 -64.62 -56.93
CA ILE V 74 37.82 -64.61 -56.18
C ILE V 74 39.01 -64.11 -57.00
N PRO V 75 39.34 -64.68 -58.17
CA PRO V 75 40.58 -64.24 -58.85
C PRO V 75 40.51 -62.83 -59.39
N GLU V 76 39.32 -62.36 -59.83
CA GLU V 76 39.20 -60.98 -60.27
C GLU V 76 39.43 -60.02 -59.12
N GLY V 77 38.90 -60.34 -57.94
CA GLY V 77 39.14 -59.52 -56.77
C GLY V 77 40.61 -59.51 -56.39
N LEU V 78 41.27 -60.67 -56.47
CA LEU V 78 42.70 -60.72 -56.16
C LEU V 78 43.52 -59.90 -57.14
N GLN V 79 43.20 -60.00 -58.44
CA GLN V 79 43.91 -59.24 -59.46
C GLN V 79 43.69 -57.74 -59.28
N ALA V 80 42.46 -57.34 -58.95
CA ALA V 80 42.18 -55.92 -58.71
C ALA V 80 42.88 -55.42 -57.46
N ASN V 81 43.00 -56.25 -56.43
CA ASN V 81 43.65 -55.83 -55.20
C ASN V 81 45.17 -55.89 -55.28
N GLY V 82 45.74 -56.57 -56.26
CA GLY V 82 47.18 -56.50 -56.45
C GLY V 82 47.91 -57.80 -56.70
N ALA V 83 47.19 -58.90 -56.84
CA ALA V 83 47.85 -60.16 -57.12
C ALA V 83 48.30 -60.22 -58.58
N ASP V 84 49.27 -61.09 -58.85
CA ASP V 84 49.79 -61.28 -60.20
C ASP V 84 49.01 -62.42 -60.83
N ILE V 85 47.84 -62.10 -61.38
CA ILE V 85 46.93 -63.08 -61.92
C ILE V 85 47.01 -63.16 -63.45
N LYS V 86 47.07 -62.00 -64.11
CA LYS V 86 47.04 -61.81 -65.57
C LYS V 86 45.92 -62.64 -66.20
N GLY V 87 44.69 -62.19 -65.93
CA GLY V 87 43.51 -62.86 -66.42
C GLY V 87 42.47 -63.21 -65.38
N GLY V 88 42.43 -62.43 -64.30
CA GLY V 88 41.42 -62.64 -63.27
C GLY V 88 40.00 -62.39 -63.74
N THR V 89 39.83 -61.61 -64.80
CA THR V 89 38.51 -61.39 -65.36
C THR V 89 38.00 -62.69 -65.99
N TRP V 90 36.75 -63.05 -65.67
CA TRP V 90 36.27 -64.38 -66.00
C TRP V 90 35.93 -64.54 -67.49
N PHE V 91 35.42 -63.49 -68.14
CA PHE V 91 35.01 -63.63 -69.52
C PHE V 91 36.14 -63.45 -70.51
N GLU V 92 37.34 -63.13 -70.05
CA GLU V 92 38.52 -63.07 -70.91
C GLU V 92 39.65 -63.94 -70.39
N THR V 93 39.38 -64.82 -69.42
CA THR V 93 40.41 -65.67 -68.85
C THR V 93 40.93 -66.68 -69.87
N GLY V 94 40.03 -67.26 -70.66
CA GLY V 94 40.43 -68.25 -71.65
C GLY V 94 41.28 -67.67 -72.77
N ALA V 95 41.01 -66.42 -73.16
CA ALA V 95 41.71 -65.83 -74.30
C ALA V 95 43.16 -65.46 -74.01
N GLU V 96 43.58 -65.46 -72.75
CA GLU V 96 44.94 -65.04 -72.42
C GLU V 96 45.98 -66.02 -72.96
N MET V 97 45.81 -67.30 -72.67
CA MET V 97 46.78 -68.31 -73.08
C MET V 97 46.40 -69.01 -74.38
N LEU V 98 46.02 -68.20 -75.37
CA LEU V 98 45.62 -68.71 -76.68
C LEU V 98 46.83 -69.13 -77.52
N ASN V 99 47.91 -68.35 -77.45
CA ASN V 99 49.10 -68.60 -78.26
C ASN V 99 50.26 -69.15 -77.43
N GLY V 100 50.01 -69.59 -76.20
CA GLY V 100 51.03 -70.15 -75.35
C GLY V 100 51.41 -69.30 -74.15
N GLY V 101 50.77 -68.15 -73.95
CA GLY V 101 51.05 -67.34 -72.79
C GLY V 101 50.30 -67.84 -71.57
N THR V 102 50.80 -68.96 -71.02
CA THR V 102 50.07 -69.72 -70.01
C THR V 102 49.84 -68.91 -68.74
N LEU V 103 48.70 -69.17 -68.11
CA LEU V 103 48.25 -68.42 -66.95
C LEU V 103 49.11 -68.71 -65.72
N ASN V 104 49.05 -67.80 -64.76
CA ASN V 104 49.67 -67.98 -63.46
C ASN V 104 48.61 -68.40 -62.46
N TYR V 105 48.89 -69.45 -61.70
CA TYR V 105 47.99 -69.93 -60.67
C TYR V 105 48.44 -69.40 -59.31
N PHE V 106 47.48 -68.95 -58.52
CA PHE V 106 47.77 -68.20 -57.30
C PHE V 106 47.19 -68.99 -56.13
N ALA V 107 47.98 -69.93 -55.62
CA ALA V 107 47.58 -70.83 -54.54
C ALA V 107 47.86 -70.16 -53.20
N VAL V 108 46.87 -69.42 -52.72
CA VAL V 108 46.99 -68.66 -51.48
C VAL V 108 47.12 -69.64 -50.32
N PRO V 109 47.78 -69.26 -49.21
CA PRO V 109 48.45 -67.97 -48.99
C PRO V 109 49.91 -67.94 -49.44
N PHE V 110 50.28 -68.76 -50.42
CA PHE V 110 51.67 -68.91 -50.84
C PHE V 110 51.81 -69.06 -52.35
N GLY V 111 50.91 -68.42 -53.11
CA GLY V 111 50.83 -68.64 -54.54
C GLY V 111 51.82 -67.94 -55.44
N VAL V 112 51.31 -67.47 -56.58
CA VAL V 112 52.07 -66.96 -57.71
C VAL V 112 53.01 -68.07 -58.18
N VAL V 113 52.52 -68.92 -59.08
CA VAL V 113 53.34 -69.96 -59.68
C VAL V 113 52.88 -70.15 -61.12
N GLN V 114 53.84 -70.29 -62.03
CA GLN V 114 53.51 -70.47 -63.44
C GLN V 114 53.00 -71.89 -63.69
N ASN V 115 52.18 -72.03 -64.72
CA ASN V 115 51.64 -73.33 -65.12
C ASN V 115 52.22 -73.70 -66.47
N PRO V 116 53.21 -74.60 -66.53
CA PRO V 116 53.85 -74.94 -67.82
C PRO V 116 53.07 -76.02 -68.59
N LEU V 117 51.81 -75.72 -68.92
CA LEU V 117 50.96 -76.64 -69.66
C LEU V 117 50.27 -75.88 -70.80
N PRO V 118 50.32 -76.41 -72.02
CA PRO V 118 49.62 -75.75 -73.14
C PRO V 118 48.13 -76.06 -73.13
N LEU V 119 47.40 -75.33 -73.97
CA LEU V 119 45.94 -75.42 -73.98
C LEU V 119 45.47 -76.80 -74.42
N ALA V 120 46.14 -77.39 -75.43
CA ALA V 120 45.76 -78.72 -75.89
C ALA V 120 45.93 -79.76 -74.78
N ALA V 121 47.05 -79.69 -74.05
CA ALA V 121 47.27 -80.62 -72.96
C ALA V 121 46.25 -80.43 -71.84
N VAL V 122 45.96 -79.17 -71.49
CA VAL V 122 44.99 -78.89 -70.42
C VAL V 122 43.60 -79.40 -70.79
N THR V 123 43.15 -79.10 -72.01
CA THR V 123 41.81 -79.54 -72.40
C THR V 123 41.75 -81.06 -72.57
N LEU V 124 42.85 -81.68 -73.01
CA LEU V 124 42.84 -83.13 -73.16
C LEU V 124 42.74 -83.83 -71.81
N ILE V 125 43.53 -83.38 -70.83
CA ILE V 125 43.45 -84.03 -69.53
C ILE V 125 42.15 -83.67 -68.83
N GLU V 126 41.60 -82.47 -69.08
CA GLU V 126 40.30 -82.12 -68.50
C GLU V 126 39.19 -83.01 -69.05
N ILE V 127 39.18 -83.26 -70.36
CA ILE V 127 38.19 -84.16 -70.94
C ILE V 127 38.35 -85.58 -70.42
N VAL V 128 39.58 -86.12 -70.47
CA VAL V 128 39.76 -87.49 -70.03
C VAL V 128 39.65 -87.67 -68.52
N LEU V 129 39.60 -86.57 -67.77
CA LEU V 129 39.34 -86.65 -66.33
C LEU V 129 37.85 -86.54 -66.02
N LEU V 130 37.20 -85.47 -66.50
CA LEU V 130 35.81 -85.26 -66.15
C LEU V 130 34.85 -86.16 -66.91
N GLY V 131 35.23 -86.68 -68.07
CA GLY V 131 34.41 -87.72 -68.69
C GLY V 131 34.37 -88.97 -67.85
N ALA V 132 35.52 -89.37 -67.30
CA ALA V 132 35.56 -90.49 -66.37
C ALA V 132 34.79 -90.17 -65.09
N VAL V 133 34.87 -88.94 -64.62
CA VAL V 133 34.16 -88.54 -63.41
C VAL V 133 32.65 -88.63 -63.61
N GLU V 134 32.16 -88.10 -64.73
CA GLU V 134 30.73 -88.16 -65.01
C GLU V 134 30.27 -89.58 -65.36
N LYS V 135 31.17 -90.39 -65.91
CA LYS V 135 30.84 -91.81 -66.10
C LYS V 135 30.71 -92.52 -64.76
N PHE V 136 31.56 -92.14 -63.79
CA PHE V 136 31.45 -92.69 -62.44
C PHE V 136 30.16 -92.22 -61.78
N ARG V 137 29.72 -91.00 -62.10
CA ARG V 137 28.51 -90.45 -61.50
C ARG V 137 27.26 -91.16 -62.02
N VAL V 138 27.15 -91.34 -63.34
CA VAL V 138 25.94 -91.92 -63.92
C VAL V 138 25.90 -93.43 -63.85
N ASP V 139 26.99 -94.08 -63.42
CA ASP V 139 27.01 -95.52 -63.26
C ASP V 139 27.16 -95.98 -61.82
N GLY V 140 27.65 -95.11 -60.94
CA GLY V 140 27.83 -95.46 -59.55
C GLY V 140 28.88 -96.52 -59.29
N THR V 141 30.01 -96.46 -60.00
CA THR V 141 31.09 -97.41 -59.85
C THR V 141 32.41 -96.67 -59.76
N GLY V 142 33.23 -97.02 -58.76
CA GLY V 142 34.56 -96.47 -58.63
C GLY V 142 35.56 -97.59 -58.40
N PRO V 143 36.75 -97.48 -59.01
CA PRO V 143 37.73 -98.58 -58.91
C PRO V 143 38.26 -98.82 -57.50
N ALA V 144 38.89 -97.81 -56.91
CA ALA V 144 39.49 -97.85 -55.58
C ALA V 144 40.02 -96.46 -55.25
N GLY V 145 40.11 -96.16 -53.96
CA GLY V 145 40.62 -94.87 -53.56
C GLY V 145 40.71 -94.77 -52.05
N PHE V 146 41.23 -93.64 -51.60
CA PHE V 146 41.37 -93.34 -50.18
C PHE V 146 40.73 -92.00 -49.88
N SER V 147 39.92 -91.95 -48.83
CA SER V 147 39.24 -90.74 -48.39
C SER V 147 39.50 -90.56 -46.90
N PRO V 148 39.52 -89.31 -46.42
CA PRO V 148 39.68 -89.09 -44.98
C PRO V 148 38.58 -89.71 -44.13
N GLY V 149 37.35 -89.76 -44.63
CA GLY V 149 36.25 -90.37 -43.88
C GLY V 149 36.40 -91.87 -43.76
N VAL V 150 36.27 -92.58 -44.88
CA VAL V 150 36.46 -94.02 -44.92
C VAL V 150 37.82 -94.29 -45.57
N GLY V 151 38.67 -95.03 -44.86
CA GLY V 151 40.04 -95.24 -45.31
C GLY V 151 40.21 -96.43 -46.22
N LYS V 152 40.79 -96.18 -47.40
CA LYS V 152 41.08 -97.21 -48.40
C LYS V 152 39.82 -97.99 -48.80
N PHE V 153 38.82 -97.25 -49.24
CA PHE V 153 37.56 -97.87 -49.64
C PHE V 153 37.74 -98.64 -50.94
N ASP V 154 37.10 -99.81 -51.01
CA ASP V 154 37.18 -100.66 -52.18
C ASP V 154 36.11 -100.27 -53.18
N SER V 155 35.95 -101.07 -54.24
CA SER V 155 34.96 -100.76 -55.28
C SER V 155 33.54 -100.99 -54.80
N ASP V 156 33.34 -101.82 -53.78
CA ASP V 156 31.99 -102.15 -53.31
C ASP V 156 31.52 -101.22 -52.19
N ILE V 157 31.62 -99.92 -52.43
CA ILE V 157 31.13 -98.93 -51.46
C ILE V 157 30.12 -98.01 -52.14
N PHE V 158 30.21 -97.89 -53.47
CA PHE V 158 29.31 -97.03 -54.20
C PHE V 158 27.98 -97.70 -54.54
N ASP V 159 27.90 -99.03 -54.44
CA ASP V 159 26.63 -99.71 -54.66
C ASP V 159 25.72 -99.48 -53.45
N GLY V 160 24.45 -99.21 -53.73
CA GLY V 160 23.49 -98.93 -52.69
C GLY V 160 23.55 -97.52 -52.14
N LEU V 161 24.53 -96.72 -52.54
CA LEU V 161 24.62 -95.34 -52.10
C LEU V 161 23.52 -94.51 -52.74
N ASP V 162 23.05 -93.51 -52.00
CA ASP V 162 21.96 -92.67 -52.48
C ASP V 162 22.39 -91.87 -53.70
N LYS V 163 21.54 -91.84 -54.71
CA LYS V 163 21.78 -90.98 -55.86
C LYS V 163 21.68 -89.53 -55.44
N LEU V 164 22.63 -88.72 -55.93
CA LEU V 164 22.77 -87.27 -55.69
C LEU V 164 23.21 -86.95 -54.27
N TYR V 165 23.27 -87.96 -53.40
CA TYR V 165 23.73 -87.77 -52.02
C TYR V 165 24.49 -89.03 -51.57
N PRO V 166 25.65 -89.31 -52.18
CA PRO V 166 26.42 -90.49 -51.75
C PRO V 166 27.28 -90.19 -50.53
N GLY V 167 26.91 -90.78 -49.39
CA GLY V 167 27.70 -90.61 -48.20
C GLY V 167 28.92 -91.49 -48.18
N GLY V 168 29.82 -91.20 -47.25
CA GLY V 168 31.04 -91.97 -47.10
C GLY V 168 32.26 -91.25 -47.60
N PRO V 169 32.76 -91.65 -48.78
CA PRO V 169 33.95 -90.99 -49.33
C PRO V 169 33.75 -89.51 -49.62
N PHE V 170 32.53 -89.10 -49.97
CA PHE V 170 32.23 -87.70 -50.20
C PHE V 170 31.89 -86.95 -48.92
N ASP V 171 31.91 -87.63 -47.77
CA ASP V 171 31.62 -87.02 -46.49
C ASP V 171 32.75 -87.35 -45.50
N PRO V 172 33.92 -86.71 -45.66
CA PRO V 172 34.99 -86.99 -44.69
C PRO V 172 34.75 -86.37 -43.34
N LEU V 173 34.17 -85.16 -43.30
CA LEU V 173 33.86 -84.48 -42.05
C LEU V 173 32.53 -84.91 -41.46
N ASN V 174 31.82 -85.82 -42.13
CA ASN V 174 30.53 -86.37 -41.71
C ASN V 174 29.48 -85.28 -41.53
N LEU V 175 29.12 -84.99 -40.27
CA LEU V 175 28.07 -84.07 -39.86
C LEU V 175 26.79 -84.21 -40.69
N ALA V 176 26.47 -85.45 -41.08
CA ALA V 176 25.25 -85.74 -41.82
C ALA V 176 24.61 -87.05 -41.37
N ASP V 177 25.12 -87.67 -40.31
CA ASP V 177 24.54 -88.93 -39.82
C ASP V 177 23.17 -88.71 -39.22
N ASP V 178 22.96 -87.60 -38.53
CA ASP V 178 21.65 -87.29 -37.98
C ASP V 178 20.72 -86.86 -39.11
N PRO V 179 19.59 -87.52 -39.30
CA PRO V 179 18.70 -87.17 -40.43
C PRO V 179 18.15 -85.75 -40.38
N GLU V 180 17.91 -85.21 -39.19
CA GLU V 180 17.35 -83.86 -39.11
C GLU V 180 18.36 -82.80 -39.55
N VAL V 181 19.60 -82.91 -39.06
CA VAL V 181 20.62 -81.96 -39.51
C VAL V 181 20.96 -82.21 -40.97
N PHE V 182 20.84 -83.46 -41.43
CA PHE V 182 21.07 -83.77 -42.84
C PHE V 182 20.02 -83.11 -43.72
N ALA V 183 18.76 -83.11 -43.29
CA ALA V 183 17.70 -82.49 -44.09
C ALA V 183 17.81 -80.97 -44.08
N GLU V 184 18.09 -80.37 -42.92
CA GLU V 184 18.22 -78.91 -42.91
C GLU V 184 19.48 -78.47 -43.66
N LEU V 185 20.54 -79.27 -43.65
CA LEU V 185 21.70 -78.93 -44.45
C LEU V 185 21.43 -79.18 -45.94
N GLN V 186 20.52 -80.11 -46.26
CA GLN V 186 20.09 -80.27 -47.65
C GLN V 186 19.37 -79.03 -48.15
N VAL V 187 18.44 -78.50 -47.34
CA VAL V 187 17.73 -77.31 -47.80
C VAL V 187 18.68 -76.10 -47.82
N LYS V 188 19.67 -76.08 -46.92
CA LYS V 188 20.72 -75.06 -46.99
C LYS V 188 21.49 -75.15 -48.31
N GLU V 189 21.85 -76.38 -48.71
CA GLU V 189 22.61 -76.58 -49.94
C GLU V 189 21.82 -76.17 -51.17
N ILE V 190 20.54 -76.56 -51.24
CA ILE V 190 19.76 -76.24 -52.43
C ILE V 190 19.46 -74.74 -52.49
N LYS V 191 19.26 -74.09 -51.34
CA LYS V 191 19.04 -72.64 -51.36
C LYS V 191 20.31 -71.90 -51.77
N ASN V 192 21.47 -72.32 -51.23
CA ASN V 192 22.74 -71.70 -51.61
C ASN V 192 23.02 -71.91 -53.09
N GLY V 193 22.70 -73.09 -53.61
CA GLY V 193 22.92 -73.35 -55.03
C GLY V 193 21.99 -72.55 -55.93
N ARG V 194 20.74 -72.37 -55.51
CA ARG V 194 19.83 -71.52 -56.28
C ARG V 194 20.32 -70.08 -56.31
N LEU V 195 20.78 -69.58 -55.15
CA LEU V 195 21.39 -68.25 -55.12
C LEU V 195 22.63 -68.19 -56.01
N ALA V 196 23.39 -69.28 -56.07
CA ALA V 196 24.59 -69.30 -56.89
C ALA V 196 24.28 -69.30 -58.38
N MET V 197 23.25 -70.05 -58.80
CA MET V 197 22.84 -70.01 -60.20
C MET V 197 22.35 -68.62 -60.58
N ILE V 198 21.57 -67.99 -59.70
CA ILE V 198 21.11 -66.63 -59.93
C ILE V 198 22.29 -65.68 -60.04
N ALA V 199 23.30 -65.86 -59.18
CA ALA V 199 24.49 -65.03 -59.20
C ALA V 199 25.29 -65.22 -60.48
N VAL V 200 25.40 -66.45 -60.97
CA VAL V 200 26.18 -66.70 -62.19
C VAL V 200 25.46 -66.11 -63.40
N LEU V 201 24.13 -66.23 -63.45
CA LEU V 201 23.37 -65.58 -64.51
C LEU V 201 23.52 -64.06 -64.45
N ALA V 202 23.52 -63.51 -63.24
CA ALA V 202 23.76 -62.08 -63.06
C ALA V 202 25.16 -61.69 -63.52
N PHE V 203 26.16 -62.55 -63.23
CA PHE V 203 27.53 -62.31 -63.68
C PHE V 203 27.59 -62.24 -65.20
N ALA V 204 26.96 -63.20 -65.87
CA ALA V 204 27.01 -63.25 -67.33
C ALA V 204 26.31 -62.04 -67.96
N ILE V 205 25.10 -61.71 -67.49
CA ILE V 205 24.38 -60.60 -68.09
C ILE V 205 25.05 -59.26 -67.74
N GLN V 206 25.58 -59.12 -66.52
CA GLN V 206 26.32 -57.92 -66.14
C GLN V 206 27.56 -57.74 -66.99
N SER V 207 28.30 -58.82 -67.23
CA SER V 207 29.48 -58.75 -68.08
C SER V 207 29.13 -58.37 -69.50
N TYR V 208 28.03 -58.93 -70.03
CA TYR V 208 27.58 -58.57 -71.37
C TYR V 208 27.20 -57.10 -71.44
N VAL V 209 26.57 -56.57 -70.39
CA VAL V 209 26.09 -55.20 -70.42
C VAL V 209 27.23 -54.20 -70.28
N THR V 210 28.07 -54.36 -69.26
CA THR V 210 29.05 -53.33 -68.93
C THR V 210 30.47 -53.61 -69.39
N GLY V 211 30.79 -54.83 -69.80
CA GLY V 211 32.12 -55.12 -70.31
C GLY V 211 33.20 -55.30 -69.27
N GLU V 212 32.86 -55.29 -67.97
CA GLU V 212 33.84 -55.52 -66.92
C GLU V 212 33.31 -56.57 -65.95
N GLY V 213 34.20 -57.05 -65.10
CA GLY V 213 33.88 -58.12 -64.17
C GLY V 213 32.94 -57.72 -63.06
N PRO V 214 32.31 -58.71 -62.43
CA PRO V 214 31.41 -58.42 -61.30
C PRO V 214 32.10 -57.78 -60.11
N TYR V 215 33.37 -58.11 -59.84
CA TYR V 215 34.07 -57.45 -58.76
C TYR V 215 34.29 -55.98 -59.06
N ALA V 216 34.64 -55.67 -60.31
CA ALA V 216 34.74 -54.27 -60.72
C ALA V 216 33.40 -53.57 -60.60
N ASN V 217 32.32 -54.28 -60.95
CA ASN V 217 30.98 -53.71 -60.85
C ASN V 217 30.63 -53.38 -59.41
N ILE V 218 30.86 -54.31 -58.48
CA ILE V 218 30.48 -54.08 -57.09
C ILE V 218 31.38 -53.01 -56.45
N THR V 219 32.67 -52.99 -56.81
CA THR V 219 33.54 -51.96 -56.24
C THR V 219 33.18 -50.57 -56.75
N LYS V 220 32.90 -50.44 -58.05
CA LYS V 220 32.51 -49.14 -58.58
C LYS V 220 31.13 -48.73 -58.08
N HIS V 221 30.24 -49.71 -57.81
CA HIS V 221 28.93 -49.37 -57.30
C HIS V 221 29.00 -48.90 -55.85
N LEU V 222 29.87 -49.50 -55.04
CA LEU V 222 30.07 -48.97 -53.69
C LEU V 222 30.87 -47.67 -53.70
N SER V 223 31.68 -47.43 -54.73
CA SER V 223 32.38 -46.15 -54.82
C SER V 223 31.40 -45.03 -55.17
N ASP V 224 30.54 -45.25 -56.16
CA ASP V 224 29.56 -44.26 -56.59
C ASP V 224 28.26 -44.96 -56.93
N PRO V 225 27.35 -45.08 -55.96
CA PRO V 225 26.08 -45.81 -56.19
C PRO V 225 25.16 -45.15 -57.19
N PHE V 226 24.84 -43.87 -56.97
CA PHE V 226 23.96 -43.17 -57.90
C PHE V 226 24.67 -42.85 -59.21
N GLY V 227 25.98 -42.61 -59.16
CA GLY V 227 26.75 -42.29 -60.34
C GLY V 227 27.22 -43.47 -61.16
N TYR V 228 26.91 -44.70 -60.73
CA TYR V 228 27.31 -45.88 -61.49
C TYR V 228 26.36 -47.02 -61.15
N ASN V 229 25.44 -47.34 -62.06
CA ASN V 229 24.54 -48.48 -61.93
C ASN V 229 24.07 -48.86 -63.32
N LEU V 230 23.01 -49.67 -63.39
CA LEU V 230 22.47 -50.11 -64.68
C LEU V 230 21.96 -48.95 -65.50
N LEU V 231 21.27 -48.00 -64.86
CA LEU V 231 20.75 -46.84 -65.59
C LEU V 231 21.87 -45.90 -66.01
N THR V 232 22.98 -45.88 -65.27
CA THR V 232 24.12 -45.06 -65.66
C THR V 232 24.84 -45.67 -66.87
N VAL V 233 25.09 -46.98 -66.82
CA VAL V 233 25.79 -47.61 -67.93
C VAL V 233 24.90 -47.74 -69.16
N LEU V 234 23.58 -47.70 -69.00
CA LEU V 234 22.70 -47.71 -70.15
C LEU V 234 22.47 -46.32 -70.72
N GLN V 235 22.91 -45.28 -70.03
CA GLN V 235 22.82 -43.93 -70.57
C GLN V 235 23.86 -43.68 -71.66
N GLY V 236 24.93 -44.46 -71.68
CA GLY V 236 25.98 -44.32 -72.67
C GLY V 236 27.10 -43.39 -72.26
N ASP V 237 26.84 -42.08 -72.24
CA ASP V 237 27.84 -41.09 -71.83
C ASP V 237 27.11 -39.85 -71.36
N ASP V 238 27.38 -39.45 -70.11
CA ASP V 238 26.85 -38.30 -69.37
C ASP V 238 25.35 -38.06 -69.56
N ARG V 239 24.91 -36.83 -69.31
CA ARG V 239 23.50 -36.46 -69.47
C ARG V 239 23.41 -34.94 -69.47
N VAL V 240 22.56 -34.40 -70.34
CA VAL V 240 22.33 -32.96 -70.39
C VAL V 240 21.50 -32.59 -69.17
N PRO V 241 21.97 -31.67 -68.33
CA PRO V 241 21.23 -31.33 -67.12
C PRO V 241 19.96 -30.54 -67.43
N THR V 242 18.96 -30.75 -66.58
CA THR V 242 17.67 -30.08 -66.71
C THR V 242 17.62 -28.78 -65.91
N LEU V 243 18.56 -27.87 -66.13
CA LEU V 243 18.59 -26.60 -65.42
C LEU V 243 18.10 -25.49 -66.34
N SER W 1 19.26 -62.75 -7.90
CA SER W 1 18.85 -63.73 -8.89
C SER W 1 19.67 -65.00 -8.77
N ALA W 2 19.47 -65.72 -7.67
CA ALA W 2 20.12 -67.00 -7.37
C ALA W 2 21.65 -66.86 -7.39
N TRP W 3 22.15 -66.05 -6.46
CA TRP W 3 23.59 -65.81 -6.35
C TRP W 3 24.36 -66.99 -5.75
N TYR W 4 23.66 -67.99 -5.22
CA TYR W 4 24.29 -69.16 -4.62
C TYR W 4 23.67 -70.41 -5.22
N GLY W 5 24.03 -71.56 -4.67
CA GLY W 5 23.46 -72.82 -5.08
C GLY W 5 24.00 -73.32 -6.39
N PRO W 6 23.30 -74.27 -7.01
CA PRO W 6 23.78 -74.85 -8.28
C PRO W 6 23.42 -74.03 -9.50
N ASP W 7 22.35 -73.22 -9.41
CA ASP W 7 21.91 -72.38 -10.51
C ASP W 7 22.52 -70.98 -10.48
N ARG W 8 23.71 -70.85 -9.88
CA ARG W 8 24.39 -69.57 -9.81
C ARG W 8 24.91 -69.17 -11.20
N PRO W 9 25.03 -67.87 -11.45
CA PRO W 9 25.72 -67.44 -12.67
C PRO W 9 27.18 -67.84 -12.64
N LEU W 10 27.71 -68.18 -13.81
CA LEU W 10 29.05 -68.75 -13.92
C LEU W 10 29.98 -67.80 -14.66
N PHE W 11 31.23 -68.21 -14.81
CA PHE W 11 32.30 -67.35 -15.31
C PHE W 11 32.48 -67.41 -16.83
N LEU W 12 31.59 -68.10 -17.55
CA LEU W 12 31.63 -68.07 -19.00
C LEU W 12 30.24 -68.00 -19.62
N GLY W 13 29.21 -67.69 -18.84
CA GLY W 13 27.87 -67.64 -19.41
C GLY W 13 27.33 -69.04 -19.68
N SER W 14 26.63 -69.18 -20.80
CA SER W 14 26.07 -70.46 -21.20
C SER W 14 27.13 -71.47 -21.62
N LEU W 15 28.36 -71.03 -21.90
CA LEU W 15 29.44 -71.90 -22.33
C LEU W 15 30.37 -72.27 -21.19
N SER W 16 29.89 -72.23 -19.95
CA SER W 16 30.75 -72.50 -18.80
C SER W 16 31.02 -73.98 -18.60
N GLY W 17 30.13 -74.85 -19.06
CA GLY W 17 30.30 -76.26 -18.85
C GLY W 17 29.95 -76.68 -17.43
N GLU W 18 30.48 -77.81 -17.03
CA GLU W 18 30.27 -78.33 -15.69
C GLU W 18 31.21 -77.63 -14.72
N PRO W 19 30.72 -76.98 -13.67
CA PRO W 19 31.60 -76.36 -12.69
C PRO W 19 32.33 -77.42 -11.87
N PRO W 20 33.47 -77.07 -11.26
CA PRO W 20 34.19 -78.06 -10.44
C PRO W 20 33.37 -78.49 -9.24
N SER W 21 33.64 -79.72 -8.77
CA SER W 21 32.86 -80.31 -7.68
C SER W 21 33.03 -79.54 -6.38
N TYR W 22 34.23 -79.05 -6.10
CA TYR W 22 34.49 -78.34 -4.85
C TYR W 22 33.84 -76.97 -4.81
N LEU W 23 33.35 -76.45 -5.93
CA LEU W 23 32.68 -75.16 -5.98
C LEU W 23 31.18 -75.43 -6.07
N THR W 24 30.53 -75.55 -4.90
CA THR W 24 29.12 -75.83 -4.81
C THR W 24 28.27 -74.58 -4.59
N GLY W 25 28.86 -73.39 -4.66
CA GLY W 25 28.10 -72.17 -4.44
C GLY W 25 27.80 -71.87 -3.00
N GLU W 26 28.55 -72.47 -2.06
CA GLU W 26 28.32 -72.20 -0.64
C GLU W 26 28.82 -70.82 -0.24
N PHE W 27 29.85 -70.32 -0.91
CA PHE W 27 30.53 -69.10 -0.52
C PHE W 27 30.28 -67.98 -1.53
N PRO W 28 30.34 -66.71 -1.11
CA PRO W 28 30.05 -65.61 -2.03
C PRO W 28 31.04 -65.49 -3.17
N GLY W 29 30.56 -64.98 -4.30
CA GLY W 29 31.39 -64.80 -5.46
C GLY W 29 31.72 -66.07 -6.21
N ASP W 30 30.91 -67.11 -6.05
CA ASP W 30 31.16 -68.38 -6.72
C ASP W 30 30.67 -68.29 -8.16
N TYR W 31 31.61 -68.19 -9.10
CA TYR W 31 31.31 -68.22 -10.52
C TYR W 31 31.86 -69.47 -11.19
N GLY W 32 32.41 -70.40 -10.41
CA GLY W 32 32.96 -71.62 -10.96
C GLY W 32 34.27 -71.46 -11.68
N TRP W 33 35.03 -70.40 -11.42
CA TRP W 33 36.29 -70.15 -12.12
C TRP W 33 37.43 -70.72 -11.28
N ASP W 34 37.78 -71.98 -11.56
CA ASP W 34 39.02 -72.56 -11.05
C ASP W 34 39.48 -73.57 -12.10
N THR W 35 40.33 -73.10 -13.01
CA THR W 35 40.82 -73.93 -14.11
C THR W 35 42.13 -74.63 -13.80
N ALA W 36 42.76 -74.33 -12.66
CA ALA W 36 44.02 -74.95 -12.29
C ALA W 36 43.92 -75.85 -11.07
N GLY W 37 42.73 -76.02 -10.50
CA GLY W 37 42.53 -76.90 -9.36
C GLY W 37 43.22 -76.45 -8.08
N PHE W 38 43.15 -75.16 -7.76
CA PHE W 38 43.79 -74.68 -6.54
C PHE W 38 43.02 -75.06 -5.29
N SER W 39 41.70 -75.18 -5.38
CA SER W 39 40.84 -75.37 -4.22
C SER W 39 40.37 -76.82 -4.08
N ALA W 40 41.26 -77.78 -4.33
CA ALA W 40 40.88 -79.19 -4.25
C ALA W 40 40.45 -79.57 -2.83
N ASP W 41 41.30 -79.27 -1.84
CA ASP W 41 40.83 -79.53 -0.48
C ASP W 41 40.32 -78.23 0.16
N PRO W 42 39.28 -78.31 0.98
CA PRO W 42 38.63 -77.07 1.47
C PRO W 42 39.47 -76.24 2.42
N THR W 43 40.55 -76.80 3.00
CA THR W 43 41.39 -76.00 3.89
C THR W 43 42.11 -74.89 3.12
N THR W 44 42.79 -75.26 2.03
CA THR W 44 43.43 -74.22 1.22
C THR W 44 42.42 -73.38 0.47
N PHE W 45 41.21 -73.92 0.25
CA PHE W 45 40.13 -73.09 -0.28
C PHE W 45 39.75 -72.00 0.73
N ALA W 46 39.69 -72.35 2.02
CA ALA W 46 39.41 -71.36 3.04
C ALA W 46 40.53 -70.32 3.14
N ARG W 47 41.80 -70.77 3.07
CA ARG W 47 42.91 -69.83 3.11
C ARG W 47 42.91 -68.90 1.91
N TYR W 48 42.67 -69.45 0.71
CA TYR W 48 42.57 -68.61 -0.47
C TYR W 48 41.38 -67.67 -0.41
N ARG W 49 40.27 -68.09 0.20
CA ARG W 49 39.11 -67.23 0.32
C ARG W 49 39.37 -66.05 1.23
N THR W 50 39.99 -66.30 2.39
CA THR W 50 40.28 -65.17 3.29
C THR W 50 41.35 -64.27 2.70
N ILE W 51 42.33 -64.83 1.98
CA ILE W 51 43.33 -64.01 1.30
C ILE W 51 42.66 -63.16 0.23
N GLU W 52 41.71 -63.75 -0.52
CA GLU W 52 41.01 -63.03 -1.57
C GLU W 52 40.18 -61.88 -1.01
N LEU W 53 39.47 -62.11 0.10
CA LEU W 53 38.63 -61.05 0.63
C LEU W 53 39.46 -59.94 1.27
N ILE W 54 40.57 -60.30 1.93
CA ILE W 54 41.48 -59.28 2.47
C ILE W 54 42.06 -58.45 1.34
N HIS W 55 42.49 -59.11 0.26
CA HIS W 55 42.99 -58.39 -0.92
C HIS W 55 41.92 -57.54 -1.54
N ALA W 56 40.67 -58.02 -1.54
CA ALA W 56 39.56 -57.26 -2.12
C ALA W 56 39.33 -55.97 -1.37
N ARG W 57 39.29 -56.04 -0.04
CA ARG W 57 39.08 -54.84 0.76
C ARG W 57 40.27 -53.88 0.65
N TRP W 58 41.49 -54.41 0.68
CA TRP W 58 42.68 -53.57 0.52
C TRP W 58 42.71 -52.92 -0.86
N ALA W 59 42.22 -53.61 -1.89
CA ALA W 59 42.19 -53.04 -3.23
C ALA W 59 41.08 -52.02 -3.40
N LEU W 60 39.94 -52.19 -2.71
CA LEU W 60 38.93 -51.15 -2.73
C LEU W 60 39.48 -49.87 -2.11
N LEU W 61 40.15 -50.01 -0.96
CA LEU W 61 40.80 -48.86 -0.33
C LEU W 61 41.88 -48.26 -1.24
N GLY W 62 42.66 -49.11 -1.89
CA GLY W 62 43.73 -48.63 -2.75
C GLY W 62 43.21 -47.91 -3.99
N ALA W 63 42.17 -48.44 -4.63
CA ALA W 63 41.60 -47.79 -5.80
C ALA W 63 40.99 -46.44 -5.43
N LEU W 64 40.27 -46.39 -4.29
CA LEU W 64 39.69 -45.11 -3.88
C LEU W 64 40.78 -44.10 -3.52
N GLY W 65 41.84 -44.55 -2.83
CA GLY W 65 42.93 -43.65 -2.47
C GLY W 65 43.89 -43.34 -3.59
N ILE W 66 43.77 -44.02 -4.72
CA ILE W 66 44.51 -43.65 -5.91
C ILE W 66 43.72 -42.64 -6.74
N ILE W 67 42.41 -42.85 -6.86
CA ILE W 67 41.60 -41.95 -7.68
C ILE W 67 41.36 -40.62 -6.99
N THR W 68 41.05 -40.63 -5.69
CA THR W 68 40.58 -39.43 -5.01
C THR W 68 41.59 -38.27 -4.95
N PRO W 69 42.85 -38.44 -4.51
CA PRO W 69 43.74 -37.27 -4.45
C PRO W 69 44.05 -36.66 -5.81
N GLU W 70 44.13 -37.49 -6.87
CA GLU W 70 44.39 -36.94 -8.19
C GLU W 70 43.19 -36.17 -8.72
N LEU W 71 41.97 -36.68 -8.47
CA LEU W 71 40.76 -35.96 -8.84
C LEU W 71 40.67 -34.62 -8.10
N LEU W 72 41.02 -34.63 -6.81
CA LEU W 72 41.01 -33.39 -6.05
C LEU W 72 42.06 -32.41 -6.55
N ALA W 73 43.23 -32.91 -6.94
CA ALA W 73 44.28 -32.06 -7.49
C ALA W 73 43.82 -31.42 -8.79
N LYS W 74 43.18 -32.19 -9.66
CA LYS W 74 42.69 -31.63 -10.91
C LYS W 74 41.46 -30.74 -10.72
N ASN W 75 40.76 -30.87 -9.60
CA ASN W 75 39.57 -30.06 -9.35
C ASN W 75 39.83 -28.85 -8.46
N GLY W 76 41.07 -28.60 -8.05
CA GLY W 76 41.36 -27.39 -7.32
C GLY W 76 42.28 -27.50 -6.11
N VAL W 77 42.32 -28.67 -5.48
CA VAL W 77 43.13 -28.85 -4.27
C VAL W 77 44.61 -28.79 -4.63
N PRO W 78 45.42 -28.01 -3.92
CA PRO W 78 46.81 -27.81 -4.33
C PRO W 78 47.75 -28.99 -4.06
N PHE W 79 47.78 -29.95 -4.98
CA PHE W 79 48.81 -30.98 -5.01
C PHE W 79 49.77 -30.59 -6.12
N SER W 80 50.99 -30.22 -5.77
CA SER W 80 51.88 -29.52 -6.69
C SER W 80 52.29 -30.32 -7.93
N GLU W 81 53.16 -31.31 -7.76
CA GLU W 81 53.57 -32.13 -8.92
C GLU W 81 53.71 -33.61 -8.62
N ASP W 82 53.93 -34.03 -7.38
CA ASP W 82 54.14 -35.43 -7.06
C ASP W 82 53.08 -36.02 -6.15
N GLY W 83 52.40 -35.19 -5.36
CA GLY W 83 51.30 -35.68 -4.53
C GLY W 83 50.07 -36.07 -5.32
N ALA W 84 49.93 -35.54 -6.53
CA ALA W 84 48.78 -35.89 -7.36
C ALA W 84 48.92 -37.32 -7.90
N ILE W 85 50.00 -37.58 -8.63
CA ILE W 85 50.24 -38.91 -9.18
C ILE W 85 50.70 -39.84 -8.07
N TRP W 86 49.91 -40.91 -7.84
CA TRP W 86 50.09 -41.76 -6.67
C TRP W 86 51.47 -42.44 -6.66
N PHE W 87 51.96 -42.84 -7.83
CA PHE W 87 53.25 -43.51 -7.91
C PHE W 87 54.43 -42.59 -7.58
N LYS W 88 54.20 -41.29 -7.46
CA LYS W 88 55.21 -40.37 -6.94
C LYS W 88 54.81 -39.76 -5.62
N ALA W 89 53.65 -40.15 -5.06
CA ALA W 89 53.19 -39.58 -3.80
C ALA W 89 54.15 -39.89 -2.66
N GLY W 90 54.81 -41.05 -2.71
CA GLY W 90 55.82 -41.38 -1.71
C GLY W 90 57.01 -40.45 -1.72
N ALA W 91 57.26 -39.77 -2.85
CA ALA W 91 58.33 -38.79 -2.91
C ALA W 91 57.90 -37.44 -2.34
N GLU W 92 56.63 -37.29 -1.94
CA GLU W 92 56.17 -36.03 -1.39
C GLU W 92 56.73 -35.78 0.01
N ILE W 93 56.98 -36.84 0.77
CA ILE W 93 57.45 -36.68 2.14
C ILE W 93 58.93 -36.30 2.21
N PHE W 94 59.66 -36.38 1.09
CA PHE W 94 61.08 -36.09 1.08
C PHE W 94 61.40 -34.64 0.75
N LYS W 95 60.41 -33.84 0.37
CA LYS W 95 60.67 -32.44 0.08
C LYS W 95 60.77 -31.64 1.38
N GLU W 96 61.14 -30.37 1.25
CA GLU W 96 61.22 -29.50 2.42
C GLU W 96 59.84 -29.24 3.00
N GLY W 97 58.82 -29.14 2.14
CA GLY W 97 57.46 -28.97 2.62
C GLY W 97 56.85 -30.23 3.20
N GLY W 98 57.42 -31.39 2.92
CA GLY W 98 56.94 -32.64 3.48
C GLY W 98 55.61 -33.10 2.89
N LEU W 99 55.02 -34.06 3.58
CA LEU W 99 53.73 -34.63 3.19
C LEU W 99 52.62 -33.86 3.88
N ASN W 100 51.87 -33.09 3.10
CA ASN W 100 50.77 -32.28 3.60
C ASN W 100 49.44 -32.85 3.10
N TYR W 101 48.50 -33.03 4.02
CA TYR W 101 47.19 -33.56 3.64
C TYR W 101 46.36 -32.45 3.01
N LEU W 102 45.86 -32.71 1.79
CA LEU W 102 45.15 -31.75 0.96
C LEU W 102 45.96 -30.50 0.65
N GLY W 103 47.28 -30.59 0.71
CA GLY W 103 48.13 -29.44 0.47
C GLY W 103 48.08 -28.39 1.54
N ASN W 104 47.65 -28.73 2.75
CA ASN W 104 47.55 -27.79 3.85
C ASN W 104 48.77 -27.91 4.75
N GLU W 105 49.42 -26.78 5.02
CA GLU W 105 50.62 -26.77 5.86
C GLU W 105 50.29 -27.19 7.29
N ASN W 106 49.14 -26.74 7.80
CA ASN W 106 48.76 -27.06 9.18
C ASN W 106 48.28 -28.49 9.33
N LEU W 107 47.99 -29.18 8.23
CA LEU W 107 47.51 -30.57 8.28
C LEU W 107 48.68 -31.53 8.07
N ILE W 108 48.81 -32.48 9.00
CA ILE W 108 49.87 -33.50 9.02
C ILE W 108 51.24 -32.83 9.01
N HIS W 109 51.73 -32.47 7.82
CA HIS W 109 53.08 -31.91 7.62
C HIS W 109 54.14 -32.86 8.19
N ALA W 110 54.22 -34.04 7.57
CA ALA W 110 55.12 -35.09 8.01
C ALA W 110 56.44 -35.03 7.26
N GLN W 111 57.54 -35.24 7.99
CA GLN W 111 58.88 -35.26 7.40
C GLN W 111 59.70 -36.50 7.77
N SER W 112 59.37 -37.21 8.84
CA SER W 112 60.16 -38.36 9.27
C SER W 112 59.50 -39.63 8.75
N ILE W 113 60.00 -40.09 7.59
CA ILE W 113 59.52 -41.34 7.00
C ILE W 113 59.84 -42.52 7.92
N LEU W 114 60.93 -42.42 8.68
CA LEU W 114 61.29 -43.47 9.62
C LEU W 114 60.25 -43.60 10.73
N ALA W 115 59.83 -42.46 11.29
CA ALA W 115 58.82 -42.49 12.34
C ALA W 115 57.47 -42.93 11.80
N THR W 116 57.13 -42.47 10.59
CA THR W 116 55.87 -42.88 9.96
C THR W 116 55.83 -44.38 9.73
N LEU W 117 56.93 -44.93 9.20
CA LEU W 117 57.01 -46.36 8.96
C LEU W 117 56.98 -47.16 10.26
N ALA W 118 57.67 -46.67 11.30
CA ALA W 118 57.66 -47.38 12.58
C ALA W 118 56.27 -47.42 13.20
N VAL W 119 55.56 -46.28 13.16
CA VAL W 119 54.20 -46.23 13.69
C VAL W 119 53.28 -47.15 12.89
N GLN W 120 53.41 -47.13 11.56
CA GLN W 120 52.60 -48.01 10.73
C GLN W 120 52.92 -49.48 11.02
N VAL W 121 54.20 -49.80 11.22
CA VAL W 121 54.59 -51.18 11.49
C VAL W 121 53.99 -51.67 12.79
N ILE W 122 54.08 -50.87 13.87
CA ILE W 122 53.57 -51.35 15.15
C ILE W 122 52.04 -51.41 15.14
N VAL W 123 51.38 -50.42 14.53
CA VAL W 123 49.92 -50.39 14.53
C VAL W 123 49.36 -51.52 13.68
N MET W 124 49.89 -51.71 12.47
CA MET W 124 49.44 -52.79 11.63
C MET W 124 49.86 -54.15 12.16
N GLY W 125 50.97 -54.23 12.90
CA GLY W 125 51.32 -55.47 13.55
C GLY W 125 50.31 -55.88 14.60
N ALA W 126 49.88 -54.92 15.43
CA ALA W 126 48.85 -55.19 16.41
C ALA W 126 47.53 -55.56 15.74
N ALA W 127 47.15 -54.82 14.69
CA ALA W 127 45.87 -55.06 14.02
C ALA W 127 45.84 -56.41 13.31
N GLU W 128 46.90 -56.74 12.58
CA GLU W 128 46.93 -58.01 11.87
C GLU W 128 47.14 -59.18 12.83
N GLY W 129 47.82 -58.95 13.95
CA GLY W 129 47.92 -60.00 14.96
C GLY W 129 46.58 -60.31 15.60
N PHE W 130 45.80 -59.26 15.90
CA PHE W 130 44.45 -59.48 16.39
C PHE W 130 43.58 -60.17 15.34
N ARG W 131 43.76 -59.79 14.07
CA ARG W 131 43.02 -60.43 12.99
C ARG W 131 43.42 -61.88 12.81
N ALA W 132 44.71 -62.19 12.99
CA ALA W 132 45.19 -63.54 12.72
C ALA W 132 44.64 -64.56 13.72
N ASN W 133 44.72 -64.26 15.01
CA ASN W 133 44.29 -65.23 16.01
C ASN W 133 42.78 -65.19 16.25
N GLY W 134 42.11 -64.11 15.89
CA GLY W 134 40.68 -63.98 16.10
C GLY W 134 40.25 -63.53 17.48
N GLU W 135 41.19 -63.12 18.34
CA GLU W 135 40.87 -62.70 19.70
C GLU W 135 41.45 -61.32 19.94
N ALA W 136 40.62 -60.40 20.42
CA ALA W 136 41.09 -59.06 20.73
C ALA W 136 40.63 -58.66 22.12
N PRO W 137 41.36 -57.76 22.78
CA PRO W 137 40.90 -57.28 24.09
C PRO W 137 39.67 -56.39 23.94
N GLY W 138 38.50 -57.01 23.87
CA GLY W 138 37.26 -56.31 23.64
C GLY W 138 36.27 -57.08 22.80
N VAL W 139 36.70 -58.20 22.21
CA VAL W 139 35.81 -59.07 21.46
C VAL W 139 36.35 -60.51 21.56
N GLU W 140 35.45 -61.47 21.73
CA GLU W 140 35.85 -62.83 22.05
C GLU W 140 35.65 -63.82 20.90
N GLY W 141 34.41 -63.96 20.41
CA GLY W 141 34.16 -64.97 19.39
C GLY W 141 33.36 -64.49 18.20
N LEU W 142 33.96 -64.54 17.01
CA LEU W 142 33.30 -64.11 15.79
C LEU W 142 33.82 -64.94 14.63
N ASP W 143 33.21 -64.75 13.47
CA ASP W 143 33.71 -65.34 12.23
C ASP W 143 35.02 -64.64 11.88
N PRO W 144 36.14 -65.36 11.76
CA PRO W 144 37.42 -64.67 11.49
C PRO W 144 37.49 -63.97 10.14
N LEU W 145 36.63 -64.33 9.19
CA LEU W 145 36.60 -63.63 7.92
C LEU W 145 35.53 -62.56 7.87
N TYR W 146 34.40 -62.77 8.55
CA TYR W 146 33.30 -61.82 8.59
C TYR W 146 32.98 -61.52 10.05
N PRO W 147 33.80 -60.69 10.71
CA PRO W 147 33.61 -60.45 12.15
C PRO W 147 32.31 -59.73 12.52
N GLY W 148 32.10 -58.53 11.97
CA GLY W 148 30.97 -57.75 12.42
C GLY W 148 31.20 -57.23 13.83
N GLY W 149 30.10 -57.00 14.55
CA GLY W 149 30.16 -56.50 15.90
C GLY W 149 30.64 -55.06 15.93
N PRO W 150 31.83 -54.84 16.52
CA PRO W 150 32.43 -53.49 16.49
C PRO W 150 32.79 -53.02 15.09
N PHE W 151 32.96 -53.93 14.14
CA PHE W 151 33.24 -53.58 12.75
C PHE W 151 31.98 -53.32 11.95
N ASP W 152 30.81 -53.50 12.55
CA ASP W 152 29.53 -53.22 11.91
C ASP W 152 28.69 -52.36 12.85
N PRO W 153 29.05 -51.07 13.00
CA PRO W 153 28.29 -50.22 13.94
C PRO W 153 26.89 -49.90 13.46
N LEU W 154 26.69 -49.76 12.15
CA LEU W 154 25.38 -49.42 11.62
C LEU W 154 24.47 -50.63 11.49
N GLY W 155 24.99 -51.84 11.61
CA GLY W 155 24.19 -53.04 11.63
C GLY W 155 23.44 -53.38 10.36
N LEU W 156 24.07 -53.27 9.20
CA LEU W 156 23.41 -53.63 7.95
C LEU W 156 23.33 -55.13 7.76
N ALA W 157 24.11 -55.91 8.49
CA ALA W 157 24.15 -57.37 8.33
C ALA W 157 23.39 -58.01 9.49
N ASP W 158 22.08 -58.13 9.31
CA ASP W 158 21.22 -58.77 10.30
C ASP W 158 20.56 -60.04 9.78
N ASP W 159 19.81 -59.95 8.68
CA ASP W 159 19.19 -61.16 8.15
C ASP W 159 20.09 -61.84 7.11
N PRO W 160 20.00 -63.17 7.01
CA PRO W 160 20.88 -63.90 6.09
C PRO W 160 20.71 -63.55 4.62
N GLU W 161 19.49 -63.19 4.19
CA GLU W 161 19.26 -62.87 2.78
C GLU W 161 20.04 -61.64 2.34
N ALA W 162 19.87 -60.53 3.08
CA ALA W 162 20.60 -59.32 2.74
C ALA W 162 22.08 -59.46 3.07
N PHE W 163 22.42 -60.27 4.09
CA PHE W 163 23.83 -60.53 4.36
C PHE W 163 24.50 -61.24 3.18
N ALA W 164 23.80 -62.20 2.58
CA ALA W 164 24.35 -62.92 1.44
C ALA W 164 24.45 -62.02 0.20
N GLU W 165 23.42 -61.21 -0.06
CA GLU W 165 23.47 -60.34 -1.23
C GLU W 165 24.54 -59.26 -1.06
N LEU W 166 24.73 -58.75 0.16
CA LEU W 166 25.76 -57.76 0.40
C LEU W 166 27.15 -58.39 0.38
N LYS W 167 27.26 -59.66 0.77
CA LYS W 167 28.53 -60.38 0.64
C LYS W 167 28.91 -60.55 -0.83
N VAL W 168 27.94 -60.89 -1.67
CA VAL W 168 28.17 -60.99 -3.10
C VAL W 168 28.59 -59.64 -3.67
N LYS W 169 27.92 -58.57 -3.24
CA LYS W 169 28.29 -57.23 -3.66
C LYS W 169 29.72 -56.88 -3.23
N GLU W 170 30.08 -57.25 -2.01
CA GLU W 170 31.43 -56.96 -1.50
C GLU W 170 32.50 -57.68 -2.28
N ILE W 171 32.31 -58.98 -2.53
CA ILE W 171 33.34 -59.74 -3.23
C ILE W 171 33.45 -59.32 -4.69
N LYS W 172 32.32 -58.97 -5.33
CA LYS W 172 32.39 -58.55 -6.72
C LYS W 172 32.99 -57.16 -6.86
N ASN W 173 32.64 -56.23 -5.94
CA ASN W 173 33.26 -54.91 -5.95
C ASN W 173 34.75 -55.00 -5.67
N GLY W 174 35.14 -55.89 -4.75
CA GLY W 174 36.55 -56.10 -4.48
C GLY W 174 37.30 -56.70 -5.64
N ARG W 175 36.65 -57.60 -6.39
CA ARG W 175 37.28 -58.15 -7.59
C ARG W 175 37.48 -57.08 -8.65
N LEU W 176 36.48 -56.21 -8.83
CA LEU W 176 36.62 -55.09 -9.74
C LEU W 176 37.73 -54.15 -9.28
N ALA W 177 37.85 -53.96 -7.97
CA ALA W 177 38.89 -53.09 -7.42
C ALA W 177 40.27 -53.69 -7.60
N MET W 178 40.42 -55.02 -7.44
CA MET W 178 41.69 -55.67 -7.69
C MET W 178 42.08 -55.57 -9.16
N PHE W 179 41.10 -55.75 -10.05
CA PHE W 179 41.35 -55.60 -11.49
C PHE W 179 41.80 -54.18 -11.81
N SER W 180 41.13 -53.18 -11.23
CA SER W 180 41.49 -51.78 -11.46
C SER W 180 42.84 -51.44 -10.84
N CYS W 181 43.20 -52.07 -9.71
CA CYS W 181 44.49 -51.81 -9.10
C CYS W 181 45.62 -52.39 -9.93
N LEU W 182 45.42 -53.59 -10.49
CA LEU W 182 46.40 -54.12 -11.44
C LEU W 182 46.49 -53.24 -12.67
N GLY W 183 45.35 -52.68 -13.10
CA GLY W 183 45.37 -51.71 -14.19
C GLY W 183 46.18 -50.48 -13.86
N PHE W 184 46.05 -49.97 -12.63
CA PHE W 184 46.85 -48.83 -12.18
C PHE W 184 48.33 -49.17 -12.20
N PHE W 185 48.68 -50.35 -11.70
CA PHE W 185 50.08 -50.77 -11.63
C PHE W 185 50.70 -50.89 -13.02
N VAL W 186 49.97 -51.47 -13.97
CA VAL W 186 50.51 -51.62 -15.32
C VAL W 186 50.51 -50.29 -16.06
N GLN W 187 49.49 -49.46 -15.85
CA GLN W 187 49.42 -48.16 -16.51
C GLN W 187 50.54 -47.23 -16.06
N ALA W 188 50.88 -47.26 -14.76
CA ALA W 188 51.97 -46.43 -14.27
C ALA W 188 53.30 -46.85 -14.89
N ILE W 189 53.52 -48.16 -15.01
CA ILE W 189 54.78 -48.65 -15.58
C ILE W 189 54.85 -48.35 -17.08
N VAL W 190 53.76 -48.61 -17.81
CA VAL W 190 53.79 -48.48 -19.26
C VAL W 190 53.77 -47.03 -19.69
N THR W 191 52.82 -46.24 -19.18
CA THR W 191 52.64 -44.88 -19.66
C THR W 191 53.46 -43.86 -18.87
N GLY W 192 53.64 -44.05 -17.57
CA GLY W 192 54.35 -43.09 -16.76
C GLY W 192 53.53 -41.93 -16.27
N LYS W 193 52.22 -41.90 -16.56
CA LYS W 193 51.32 -40.87 -16.10
C LYS W 193 50.32 -41.47 -15.13
N GLY W 194 49.49 -40.61 -14.55
CA GLY W 194 48.49 -41.04 -13.60
C GLY W 194 47.31 -41.72 -14.26
N PRO W 195 46.47 -42.38 -13.46
CA PRO W 195 45.29 -43.05 -14.04
C PRO W 195 44.26 -42.09 -14.60
N ILE W 196 43.94 -41.02 -13.87
CA ILE W 196 42.99 -40.03 -14.39
C ILE W 196 43.58 -39.30 -15.58
N GLN W 197 44.89 -39.06 -15.57
CA GLN W 197 45.54 -38.44 -16.71
C GLN W 197 45.47 -39.35 -17.94
N ASN W 198 45.68 -40.65 -17.76
CA ASN W 198 45.53 -41.59 -18.86
C ASN W 198 44.09 -41.64 -19.37
N LEU W 199 43.13 -41.56 -18.44
CA LEU W 199 41.72 -41.55 -18.84
C LEU W 199 41.38 -40.31 -19.66
N GLN W 200 41.82 -39.13 -19.21
CA GLN W 200 41.55 -37.91 -19.96
C GLN W 200 42.30 -37.87 -21.28
N ASP W 201 43.51 -38.45 -21.33
CA ASP W 201 44.21 -38.57 -22.60
C ASP W 201 43.46 -39.50 -23.54
N HIS W 202 42.80 -40.52 -22.99
CA HIS W 202 42.00 -41.42 -23.83
C HIS W 202 40.74 -40.75 -24.33
N LEU W 203 40.15 -39.85 -23.53
CA LEU W 203 38.91 -39.19 -23.94
C LEU W 203 39.13 -38.18 -25.06
N ALA W 204 40.36 -37.69 -25.24
CA ALA W 204 40.62 -36.71 -26.29
C ALA W 204 40.54 -37.33 -27.68
N ASP W 205 41.17 -38.50 -27.86
CA ASP W 205 41.18 -39.19 -29.14
C ASP W 205 41.34 -40.68 -28.89
N PRO W 206 40.24 -41.38 -28.58
CA PRO W 206 40.35 -42.80 -28.21
C PRO W 206 40.80 -43.71 -29.35
N GLY W 207 40.69 -43.27 -30.60
CA GLY W 207 41.10 -44.10 -31.71
C GLY W 207 42.60 -44.35 -31.75
N VAL W 208 43.40 -43.32 -31.49
CA VAL W 208 44.84 -43.44 -31.55
C VAL W 208 45.50 -43.36 -30.17
N ASN W 209 44.84 -42.76 -29.19
CA ASN W 209 45.44 -42.60 -27.85
C ASN W 209 44.85 -43.67 -26.93
N ASN W 210 45.36 -44.89 -27.11
CA ASN W 210 44.93 -46.05 -26.35
C ASN W 210 46.18 -46.85 -25.97
N ALA W 211 45.97 -48.09 -25.52
CA ALA W 211 47.09 -48.91 -25.05
C ALA W 211 48.00 -49.33 -26.20
N PHE W 212 47.47 -49.41 -27.43
CA PHE W 212 48.30 -49.84 -28.56
C PHE W 212 49.29 -48.77 -28.98
N ALA W 213 49.10 -47.52 -28.56
CA ALA W 213 50.06 -46.47 -28.85
C ALA W 213 51.34 -46.60 -28.03
N SER W 214 51.34 -47.44 -26.98
CA SER W 214 52.50 -47.64 -26.13
C SER W 214 53.04 -49.06 -26.23
N ALA W 215 52.64 -49.81 -27.27
CA ALA W 215 53.09 -51.19 -27.42
C ALA W 215 54.47 -51.30 -28.04
N THR W 216 55.01 -50.23 -28.61
CA THR W 216 56.31 -50.27 -29.27
C THR W 216 57.41 -49.64 -28.43
N LYS W 217 57.14 -49.31 -27.16
CA LYS W 217 58.14 -48.68 -26.31
C LYS W 217 58.92 -49.69 -25.46
N PHE W 218 58.57 -50.97 -25.50
CA PHE W 218 59.29 -52.01 -24.77
C PHE W 218 60.10 -52.91 -25.70
N VAL W 219 60.33 -52.48 -26.93
CA VAL W 219 61.01 -53.32 -27.92
C VAL W 219 62.51 -53.33 -27.60
N PRO W 220 63.11 -54.50 -27.45
CA PRO W 220 64.56 -54.56 -27.26
C PRO W 220 65.31 -54.12 -28.52
N THR W 221 66.50 -53.57 -28.31
CA THR W 221 67.33 -53.11 -29.40
C THR W 221 68.69 -53.79 -29.30
N PRO W 222 69.18 -54.44 -30.37
CA PRO W 222 70.49 -55.10 -30.35
C PRO W 222 71.65 -54.11 -30.24
N GLN X 1 -20.10 41.64 -46.72
CA GLN X 1 -21.40 41.86 -47.34
C GLN X 1 -21.93 40.57 -47.96
N ARG X 2 -21.27 40.12 -49.02
CA ARG X 2 -21.68 38.91 -49.72
C ARG X 2 -21.32 37.67 -48.91
N VAL X 3 -22.08 36.59 -49.14
CA VAL X 3 -21.88 35.36 -48.38
C VAL X 3 -20.74 34.52 -48.93
N ARG X 4 -20.30 34.79 -50.17
CA ARG X 4 -19.19 34.02 -50.74
C ARG X 4 -17.88 34.30 -50.02
N THR X 5 -17.71 35.51 -49.48
CA THR X 5 -16.48 35.84 -48.76
C THR X 5 -16.37 35.06 -47.47
N VAL X 6 -17.42 35.05 -46.65
CA VAL X 6 -17.38 34.35 -45.36
C VAL X 6 -17.36 32.84 -45.59
N LEU X 7 -17.86 32.37 -46.73
CA LEU X 7 -17.70 30.97 -47.11
C LEU X 7 -16.23 30.59 -47.23
N ASP X 8 -15.46 31.40 -47.96
CA ASP X 8 -14.04 31.13 -48.11
C ASP X 8 -13.26 31.43 -46.84
N MET X 9 -13.80 32.27 -45.97
CA MET X 9 -13.20 32.53 -44.67
C MET X 9 -13.40 31.39 -43.68
N ASP X 10 -14.52 30.68 -43.77
CA ASP X 10 -14.82 29.58 -42.85
C ASP X 10 -14.32 28.25 -43.38
N ASP X 11 -14.17 28.12 -44.70
CA ASP X 11 -13.63 26.91 -45.32
C ASP X 11 -12.31 26.41 -44.75
N PRO X 12 -11.26 27.22 -44.55
CA PRO X 12 -10.01 26.62 -44.06
C PRO X 12 -9.98 26.35 -42.56
N ALA X 13 -10.71 27.14 -41.75
CA ALA X 13 -10.68 26.93 -40.31
C ALA X 13 -11.53 25.72 -39.90
N LYS X 14 -12.69 25.54 -40.53
CA LYS X 14 -13.60 24.44 -40.17
C LYS X 14 -14.43 24.07 -41.39
N GLU X 15 -14.21 22.87 -41.92
CA GLU X 15 -14.92 22.41 -43.09
C GLU X 15 -16.31 21.87 -42.77
N GLU X 16 -16.63 21.66 -41.50
CA GLU X 16 -17.94 21.13 -41.10
C GLU X 16 -18.96 22.22 -40.81
N THR X 17 -18.74 23.44 -41.30
CA THR X 17 -19.63 24.54 -41.00
C THR X 17 -20.95 24.36 -41.75
N VAL X 18 -22.06 24.70 -41.07
CA VAL X 18 -23.39 24.39 -41.56
C VAL X 18 -23.71 25.13 -42.85
N LYS X 19 -23.21 26.37 -43.01
CA LYS X 19 -23.47 27.09 -44.25
C LYS X 19 -22.76 26.43 -45.43
N GLU X 20 -21.61 25.81 -45.17
CA GLU X 20 -20.89 25.06 -46.18
C GLU X 20 -21.55 23.73 -46.47
N LEU X 21 -22.19 23.15 -45.46
CA LEU X 21 -22.88 21.88 -45.62
C LEU X 21 -24.30 22.03 -46.15
N ARG X 22 -24.79 23.26 -46.31
CA ARG X 22 -26.12 23.49 -46.88
C ARG X 22 -26.01 24.13 -48.25
N LYS X 23 -26.82 23.62 -49.20
CA LYS X 23 -27.02 24.21 -50.52
C LYS X 23 -25.72 24.37 -51.30
N ASP X 24 -24.78 23.43 -51.12
CA ASP X 24 -23.48 23.50 -51.77
C ASP X 24 -23.39 22.62 -53.00
N ILE X 25 -24.52 22.41 -53.69
CA ILE X 25 -24.47 21.65 -54.94
C ILE X 25 -23.92 22.50 -56.07
N ASN X 26 -23.98 23.82 -55.94
CA ASN X 26 -23.43 24.72 -56.95
C ASN X 26 -21.93 24.91 -56.80
N ASN X 27 -21.35 24.49 -55.67
CA ASN X 27 -19.93 24.66 -55.42
C ASN X 27 -19.13 23.47 -55.97
N GLU Y 1 -65.57 11.75 31.25
CA GLU Y 1 -66.11 11.04 30.09
C GLU Y 1 -65.18 11.21 28.89
N ASN Y 2 -64.42 12.31 28.90
CA ASN Y 2 -63.29 12.56 27.99
C ASN Y 2 -63.70 12.54 26.52
N THR Y 3 -64.52 13.53 26.16
CA THR Y 3 -64.90 13.76 24.77
C THR Y 3 -64.49 15.12 24.25
N SER Y 4 -64.56 16.17 25.08
CA SER Y 4 -64.28 17.52 24.66
C SER Y 4 -62.80 17.69 24.27
N LEU Y 5 -62.55 18.71 23.46
CA LEU Y 5 -61.20 18.96 22.94
C LEU Y 5 -60.23 19.33 24.05
N TRP Y 6 -60.64 20.20 24.97
CA TRP Y 6 -59.76 20.61 26.07
C TRP Y 6 -59.44 19.44 26.98
N ALA Y 7 -60.42 18.58 27.27
CA ALA Y 7 -60.14 17.38 28.05
C ALA Y 7 -59.18 16.46 27.30
N ARG Y 8 -59.50 16.14 26.05
CA ARG Y 8 -58.66 15.23 25.25
C ARG Y 8 -57.21 15.70 25.23
N PHE Y 9 -56.99 16.99 24.99
CA PHE Y 9 -55.65 17.53 25.06
C PHE Y 9 -55.10 17.56 26.49
N CYS Y 10 -55.96 17.67 27.51
CA CYS Y 10 -55.47 17.77 28.89
C CYS Y 10 -54.90 16.44 29.37
N GLU Y 11 -55.68 15.36 29.24
CA GLU Y 11 -55.10 14.05 29.49
C GLU Y 11 -54.08 13.61 28.43
N TRP Y 12 -53.99 14.29 27.28
CA TRP Y 12 -52.87 14.00 26.39
C TRP Y 12 -51.58 14.63 26.90
N ILE Y 13 -51.68 15.85 27.44
CA ILE Y 13 -50.53 16.51 28.07
C ILE Y 13 -50.09 15.74 29.31
N THR Y 14 -51.05 15.34 30.14
CA THR Y 14 -50.76 14.57 31.35
C THR Y 14 -50.72 13.08 31.09
N SER Y 15 -50.49 12.66 29.85
CA SER Y 15 -50.38 11.24 29.52
C SER Y 15 -48.98 10.76 29.91
N THR Y 16 -48.91 9.88 30.89
CA THR Y 16 -47.64 9.28 31.30
C THR Y 16 -47.23 8.11 30.44
N GLU Y 17 -48.02 7.77 29.42
CA GLU Y 17 -47.71 6.68 28.52
C GLU Y 17 -46.78 7.10 27.39
N ASN Y 18 -46.48 8.38 27.27
CA ASN Y 18 -45.61 8.87 26.19
C ASN Y 18 -44.18 8.41 26.40
N ARG Y 19 -43.43 8.31 25.29
CA ARG Y 19 -42.03 7.91 25.36
C ARG Y 19 -41.21 8.94 26.14
N LEU Y 20 -41.45 10.22 25.90
CA LEU Y 20 -40.92 11.30 26.73
C LEU Y 20 -42.11 12.02 27.33
N TYR Y 21 -42.27 11.92 28.64
CA TYR Y 21 -43.31 12.66 29.33
C TYR Y 21 -43.07 14.15 29.17
N ILE Y 22 -44.14 14.91 29.02
CA ILE Y 22 -44.00 16.35 28.88
C ILE Y 22 -44.67 17.08 30.04
N GLY Y 23 -45.95 16.80 30.30
CA GLY Y 23 -46.69 17.59 31.26
C GLY Y 23 -46.82 19.04 30.82
N TRP Y 24 -47.37 19.84 31.72
CA TRP Y 24 -47.52 21.25 31.42
C TRP Y 24 -46.20 22.00 31.42
N PHE Y 25 -45.24 21.61 32.25
CA PHE Y 25 -43.95 22.27 32.13
C PHE Y 25 -43.23 21.85 30.84
N GLY Y 26 -43.51 20.64 30.36
CA GLY Y 26 -42.94 20.22 29.10
C GLY Y 26 -43.51 20.95 27.90
N VAL Y 27 -44.83 21.19 27.91
CA VAL Y 27 -45.45 21.90 26.78
C VAL Y 27 -44.96 23.34 26.72
N ILE Y 28 -44.33 23.86 27.78
CA ILE Y 28 -43.70 25.16 27.59
C ILE Y 28 -42.20 25.03 27.40
N MET Y 29 -41.53 23.97 27.89
CA MET Y 29 -40.08 24.01 27.72
C MET Y 29 -39.74 23.71 26.27
N ILE Y 30 -40.51 22.79 25.65
CA ILE Y 30 -40.14 22.31 24.30
C ILE Y 30 -40.14 23.43 23.27
N PRO Y 31 -41.13 24.33 23.19
CA PRO Y 31 -40.94 25.50 22.30
C PRO Y 31 -39.74 26.34 22.68
N THR Y 32 -39.54 26.64 23.97
CA THR Y 32 -38.42 27.49 24.37
C THR Y 32 -37.08 26.77 24.25
N LEU Y 33 -37.02 25.50 24.65
CA LEU Y 33 -35.77 24.76 24.57
C LEU Y 33 -35.36 24.52 23.12
N LEU Y 34 -36.32 24.18 22.25
CA LEU Y 34 -36.01 24.05 20.84
C LEU Y 34 -35.68 25.40 20.20
N THR Y 35 -36.29 26.49 20.68
CA THR Y 35 -35.90 27.82 20.20
C THR Y 35 -34.44 28.11 20.52
N ALA Y 36 -34.05 27.88 21.78
CA ALA Y 36 -32.67 28.11 22.20
C ALA Y 36 -31.71 27.21 21.44
N ILE Y 37 -32.06 25.92 21.29
CA ILE Y 37 -31.20 24.98 20.57
C ILE Y 37 -31.05 25.38 19.12
N SER Y 38 -32.16 25.78 18.47
CA SER Y 38 -32.12 26.14 17.06
C SER Y 38 -31.27 27.38 16.82
N VAL Y 39 -31.52 28.45 17.59
CA VAL Y 39 -30.77 29.68 17.40
C VAL Y 39 -29.31 29.48 17.79
N TYR Y 40 -29.04 28.67 18.82
CA TYR Y 40 -27.67 28.38 19.21
C TYR Y 40 -26.93 27.62 18.10
N ILE Y 41 -27.58 26.63 17.49
CA ILE Y 41 -26.94 25.84 16.45
C ILE Y 41 -26.66 26.70 15.21
N ILE Y 42 -27.66 27.47 14.78
CA ILE Y 42 -27.46 28.28 13.57
C ILE Y 42 -26.46 29.40 13.84
N ALA Y 43 -26.42 29.94 15.07
CA ALA Y 43 -25.44 30.96 15.40
C ALA Y 43 -24.03 30.39 15.45
N PHE Y 44 -23.88 29.18 15.99
CA PHE Y 44 -22.58 28.55 16.05
C PHE Y 44 -22.09 28.26 14.63
N ILE Y 45 -22.99 27.81 13.76
CA ILE Y 45 -22.60 27.43 12.41
C ILE Y 45 -22.25 28.66 11.57
N ALA Y 46 -23.13 29.66 11.51
CA ALA Y 46 -22.94 30.78 10.59
C ALA Y 46 -23.23 32.11 11.25
N ALA Y 47 -22.67 32.33 12.43
CA ALA Y 47 -22.91 33.64 13.03
C ALA Y 47 -21.87 34.65 12.56
N PRO Y 48 -22.28 35.82 12.09
CA PRO Y 48 -21.31 36.87 11.79
C PRO Y 48 -20.71 37.40 13.08
N PRO Y 49 -19.56 38.06 13.02
CA PRO Y 49 -18.92 38.57 14.24
C PRO Y 49 -19.80 39.59 14.97
N VAL Y 50 -19.75 39.52 16.29
CA VAL Y 50 -20.62 40.28 17.18
C VAL Y 50 -19.79 41.33 17.91
N ASP Y 51 -20.26 42.58 17.89
CA ASP Y 51 -19.57 43.68 18.55
C ASP Y 51 -19.71 43.55 20.06
N ILE Y 52 -18.81 42.79 20.69
CA ILE Y 52 -18.95 42.48 22.11
C ILE Y 52 -18.69 43.71 22.99
N ASP Y 53 -17.66 44.48 22.66
CA ASP Y 53 -17.20 45.55 23.54
C ASP Y 53 -17.89 46.88 23.29
N GLY Y 54 -18.79 46.96 22.30
CA GLY Y 54 -19.42 48.23 22.00
C GLY Y 54 -18.50 49.26 21.41
N ILE Y 55 -17.33 48.84 20.94
CA ILE Y 55 -16.33 49.74 20.39
C ILE Y 55 -16.38 49.75 18.86
N ARG Y 56 -17.52 49.32 18.28
CA ARG Y 56 -17.69 49.16 16.84
C ARG Y 56 -16.64 48.23 16.24
N GLU Y 57 -16.29 47.19 16.99
CA GLU Y 57 -15.33 46.19 16.55
C GLU Y 57 -15.81 44.82 17.02
N PRO Y 58 -16.13 43.91 16.11
CA PRO Y 58 -16.75 42.64 16.49
C PRO Y 58 -15.77 41.50 16.70
N VAL Y 59 -16.29 40.43 17.32
CA VAL Y 59 -15.56 39.19 17.58
C VAL Y 59 -16.32 38.05 16.92
N SER Y 60 -15.63 37.26 16.09
CA SER Y 60 -16.28 36.24 15.27
C SER Y 60 -16.94 35.12 16.08
N GLY Y 61 -16.13 34.28 16.72
CA GLY Y 61 -16.65 33.17 17.51
C GLY Y 61 -17.44 32.12 16.76
N SER Y 62 -17.26 31.97 15.44
CA SER Y 62 -18.03 31.02 14.66
C SER Y 62 -17.16 30.32 13.62
N LEU Y 63 -17.52 29.06 13.34
CA LEU Y 63 -16.72 28.20 12.45
C LEU Y 63 -16.62 28.79 11.06
N LEU Y 64 -17.72 29.33 10.53
CA LEU Y 64 -17.74 29.93 9.20
C LEU Y 64 -16.77 31.10 9.09
N TYR Y 65 -16.42 31.73 10.21
CA TYR Y 65 -15.47 32.83 10.20
C TYR Y 65 -14.08 32.41 10.69
N GLY Y 66 -13.81 31.10 10.70
CA GLY Y 66 -12.48 30.60 10.99
C GLY Y 66 -12.27 29.90 12.31
N ASN Y 67 -13.26 29.92 13.21
CA ASN Y 67 -13.13 29.29 14.51
C ASN Y 67 -13.23 27.76 14.40
N ASN Y 68 -12.66 27.08 15.38
CA ASN Y 68 -12.86 25.65 15.55
C ASN Y 68 -13.82 25.43 16.72
N ILE Y 69 -14.28 24.17 16.88
CA ILE Y 69 -15.35 23.92 17.85
C ILE Y 69 -14.87 24.11 19.29
N ILE Y 70 -13.58 23.89 19.57
CA ILE Y 70 -13.05 24.20 20.88
C ILE Y 70 -13.05 25.70 21.11
N THR Y 71 -12.68 26.48 20.09
CA THR Y 71 -12.76 27.93 20.19
C THR Y 71 -14.11 28.48 19.75
N GLY Y 72 -15.02 27.63 19.30
CA GLY Y 72 -16.34 28.10 18.90
C GLY Y 72 -17.13 28.52 20.12
N ALA Y 73 -17.51 29.80 20.16
CA ALA Y 73 -18.27 30.33 21.28
C ALA Y 73 -19.19 31.42 20.77
N VAL Y 74 -20.48 31.26 21.04
CA VAL Y 74 -21.48 32.28 20.72
C VAL Y 74 -21.13 33.53 21.52
N VAL Y 75 -20.80 34.59 20.80
CA VAL Y 75 -20.33 35.85 21.40
C VAL Y 75 -21.50 36.53 22.11
N PRO Y 76 -21.31 37.05 23.32
CA PRO Y 76 -22.42 37.70 24.02
C PRO Y 76 -22.84 39.04 23.42
N THR Y 77 -23.87 39.64 24.01
CA THR Y 77 -24.51 40.84 23.52
C THR Y 77 -23.55 42.03 23.60
N SER Y 78 -23.82 43.07 22.81
CA SER Y 78 -22.97 44.25 22.78
C SER Y 78 -22.95 44.97 24.13
N ASN Y 79 -21.82 45.63 24.41
CA ASN Y 79 -21.69 46.39 25.64
C ASN Y 79 -22.66 47.58 25.67
N ALA Y 80 -22.76 48.30 24.55
CA ALA Y 80 -23.65 49.46 24.49
C ALA Y 80 -25.12 49.05 24.62
N ILE Y 81 -25.46 47.84 24.19
CA ILE Y 81 -26.82 47.34 24.36
C ILE Y 81 -27.11 47.09 25.82
N GLY Y 82 -26.20 46.43 26.53
CA GLY Y 82 -26.38 46.19 27.95
C GLY Y 82 -27.45 45.14 28.22
N LEU Y 83 -28.43 45.51 29.04
CA LEU Y 83 -29.51 44.62 29.45
C LEU Y 83 -30.86 45.24 29.12
N HIS Y 84 -30.92 46.02 28.04
CA HIS Y 84 -32.11 46.78 27.70
C HIS Y 84 -33.07 46.02 26.80
N PHE Y 85 -33.06 44.69 26.84
CA PHE Y 85 -34.02 43.84 26.12
C PHE Y 85 -34.04 44.06 24.61
N TYR Y 86 -33.03 43.57 23.90
CA TYR Y 86 -32.97 43.71 22.44
C TYR Y 86 -33.26 42.38 21.72
N PRO Y 87 -34.54 42.05 21.46
CA PRO Y 87 -34.85 40.91 20.57
C PRO Y 87 -34.83 41.33 19.10
N ILE Y 88 -35.30 40.45 18.21
CA ILE Y 88 -35.36 40.75 16.78
C ILE Y 88 -36.17 42.01 16.54
N TRP Y 89 -37.27 42.17 17.28
CA TRP Y 89 -38.13 43.33 17.10
C TRP Y 89 -37.68 44.55 17.89
N GLU Y 90 -36.49 44.49 18.52
CA GLU Y 90 -35.77 45.70 18.86
C GLU Y 90 -34.70 45.98 17.81
N ALA Y 91 -34.88 45.43 16.62
CA ALA Y 91 -33.90 45.43 15.56
C ALA Y 91 -34.53 45.87 14.25
N ALA Y 92 -33.73 46.56 13.43
CA ALA Y 92 -34.19 46.98 12.11
C ALA Y 92 -33.93 45.92 11.05
N SER Y 93 -32.84 45.16 11.19
CA SER Y 93 -32.53 44.10 10.24
C SER Y 93 -31.77 42.99 10.96
N LEU Y 94 -31.74 41.82 10.31
CA LEU Y 94 -31.15 40.63 10.90
C LEU Y 94 -29.65 40.76 11.05
N ASP Y 95 -28.99 41.43 10.10
CA ASP Y 95 -27.55 41.63 10.18
C ASP Y 95 -27.16 42.44 11.41
N GLU Y 96 -27.84 43.56 11.64
CA GLU Y 96 -27.49 44.38 12.79
C GLU Y 96 -28.02 43.77 14.08
N TRP Y 97 -29.08 42.95 14.00
CA TRP Y 97 -29.50 42.17 15.15
C TRP Y 97 -28.41 41.21 15.59
N LEU Y 98 -27.74 40.58 14.62
CA LEU Y 98 -26.59 39.74 14.93
C LEU Y 98 -25.40 40.58 15.41
N TYR Y 99 -25.25 41.78 14.86
CA TYR Y 99 -24.12 42.63 15.20
C TYR Y 99 -24.20 43.13 16.64
N ASN Y 100 -25.41 43.41 17.13
CA ASN Y 100 -25.59 43.94 18.48
C ASN Y 100 -25.81 42.87 19.53
N GLY Y 101 -25.77 41.59 19.14
CA GLY Y 101 -25.85 40.51 20.11
C GLY Y 101 -27.23 40.08 20.53
N GLY Y 102 -28.27 40.35 19.72
CA GLY Y 102 -29.61 39.88 19.98
C GLY Y 102 -29.83 38.38 20.05
N PRO Y 103 -29.21 37.57 19.16
CA PRO Y 103 -29.33 36.11 19.31
C PRO Y 103 -28.84 35.61 20.65
N TYR Y 104 -27.82 36.25 21.22
CA TYR Y 104 -27.39 35.93 22.58
C TYR Y 104 -28.49 36.10 23.61
N GLN Y 105 -29.15 37.26 23.63
CA GLN Y 105 -30.22 37.46 24.60
C GLN Y 105 -31.35 36.47 24.37
N LEU Y 106 -31.65 36.17 23.11
CA LEU Y 106 -32.69 35.20 22.79
C LEU Y 106 -32.36 33.83 23.36
N VAL Y 107 -31.14 33.34 23.10
CA VAL Y 107 -30.74 32.00 23.51
C VAL Y 107 -30.65 31.92 25.03
N VAL Y 108 -30.09 32.94 25.69
CA VAL Y 108 -29.96 32.90 27.15
C VAL Y 108 -31.32 32.95 27.82
N CYS Y 109 -32.22 33.80 27.33
CA CYS Y 109 -33.57 33.88 27.88
C CYS Y 109 -34.32 32.56 27.72
N HIS Y 110 -34.25 31.97 26.53
CA HIS Y 110 -34.96 30.72 26.30
C HIS Y 110 -34.32 29.57 27.07
N PHE Y 111 -33.01 29.63 27.32
CA PHE Y 111 -32.37 28.59 28.11
C PHE Y 111 -32.76 28.69 29.58
N PHE Y 112 -32.85 29.92 30.11
CA PHE Y 112 -33.39 30.15 31.45
C PHE Y 112 -34.79 29.56 31.58
N LEU Y 113 -35.66 29.88 30.62
CA LEU Y 113 -37.01 29.36 30.63
C LEU Y 113 -37.02 27.83 30.58
N GLY Y 114 -36.24 27.26 29.65
CA GLY Y 114 -36.24 25.81 29.48
C GLY Y 114 -35.71 25.06 30.69
N VAL Y 115 -34.68 25.60 31.34
CA VAL Y 115 -34.13 24.93 32.51
C VAL Y 115 -35.10 24.97 33.68
N CYS Y 116 -35.72 26.12 33.94
CA CYS Y 116 -36.70 26.20 35.01
CA CYS Y 116 -36.70 26.20 35.01
C CYS Y 116 -37.90 25.29 34.73
N CYS Y 117 -38.36 25.27 33.48
CA CYS Y 117 -39.47 24.39 33.13
C CYS Y 117 -39.08 22.93 33.24
N TYR Y 118 -37.83 22.59 32.90
CA TYR Y 118 -37.36 21.21 32.98
C TYR Y 118 -37.36 20.72 34.42
N MET Y 119 -36.87 21.53 35.36
CA MET Y 119 -36.82 21.01 36.73
C MET Y 119 -38.19 21.02 37.39
N GLY Y 120 -39.05 21.98 37.04
CA GLY Y 120 -40.43 21.89 37.49
C GLY Y 120 -41.15 20.67 36.92
N ARG Y 121 -40.80 20.28 35.69
CA ARG Y 121 -41.33 19.05 35.13
C ARG Y 121 -40.80 17.82 35.85
N GLU Y 122 -39.55 17.87 36.33
CA GLU Y 122 -39.04 16.80 37.17
C GLU Y 122 -39.88 16.67 38.45
N TRP Y 123 -40.22 17.81 39.07
CA TRP Y 123 -41.17 17.81 40.17
C TRP Y 123 -42.49 17.15 39.76
N GLU Y 124 -42.98 17.52 38.58
CA GLU Y 124 -44.29 17.04 38.11
C GLU Y 124 -44.30 15.54 37.88
N LEU Y 125 -43.24 15.02 37.27
CA LEU Y 125 -43.27 13.60 36.93
C LEU Y 125 -43.04 12.78 38.19
N SER Y 126 -42.23 13.29 39.13
CA SER Y 126 -42.10 12.64 40.42
C SER Y 126 -43.43 12.61 41.16
N TYR Y 127 -44.23 13.67 41.00
CA TYR Y 127 -45.58 13.68 41.58
C TYR Y 127 -46.48 12.65 40.90
N ARG Y 128 -46.41 12.55 39.57
CA ARG Y 128 -47.33 11.68 38.83
C ARG Y 128 -46.98 10.21 39.01
N LEU Y 129 -45.69 9.87 38.92
CA LEU Y 129 -45.25 8.48 38.91
C LEU Y 129 -45.14 7.87 40.30
N GLY Y 130 -45.33 8.66 41.35
CA GLY Y 130 -45.20 8.13 42.69
C GLY Y 130 -43.80 8.23 43.26
N MET Y 131 -43.28 9.46 43.35
CA MET Y 131 -41.99 9.72 43.97
C MET Y 131 -42.08 10.85 44.97
N ARG Y 132 -40.93 11.15 45.52
CA ARG Y 132 -40.71 12.31 46.36
C ARG Y 132 -40.10 13.43 45.51
N PRO Y 133 -40.78 14.54 45.36
CA PRO Y 133 -40.23 15.62 44.54
C PRO Y 133 -39.16 16.49 45.17
N TRP Y 134 -38.07 15.88 45.65
CA TRP Y 134 -36.86 16.62 45.95
C TRP Y 134 -35.84 16.51 44.83
N ILE Y 135 -36.19 15.86 43.72
CA ILE Y 135 -35.36 15.90 42.52
C ILE Y 135 -35.26 17.34 42.02
N ALA Y 136 -36.37 18.08 42.07
CA ALA Y 136 -36.34 19.49 41.71
C ALA Y 136 -35.55 20.31 42.73
N VAL Y 137 -35.57 19.90 44.01
CA VAL Y 137 -34.74 20.57 45.01
C VAL Y 137 -33.25 20.36 44.69
N ALA Y 138 -32.89 19.13 44.29
CA ALA Y 138 -31.52 18.85 43.90
C ALA Y 138 -31.13 19.62 42.65
N TYR Y 139 -32.02 19.67 41.65
CA TYR Y 139 -31.78 20.49 40.46
C TYR Y 139 -31.81 21.99 40.73
N SER Y 140 -32.31 22.43 41.88
CA SER Y 140 -32.24 23.85 42.17
C SER Y 140 -30.81 24.35 42.35
N ALA Y 141 -29.83 23.44 42.52
CA ALA Y 141 -28.43 23.85 42.57
C ALA Y 141 -27.84 24.05 41.16
N PRO Y 142 -28.01 23.13 40.19
CA PRO Y 142 -27.62 23.51 38.83
C PRO Y 142 -28.41 24.67 38.26
N VAL Y 143 -29.68 24.82 38.63
CA VAL Y 143 -30.42 26.03 38.25
C VAL Y 143 -29.77 27.26 38.85
N ALA Y 144 -29.40 27.17 40.14
CA ALA Y 144 -28.76 28.30 40.80
C ALA Y 144 -27.48 28.70 40.10
N ALA Y 145 -26.62 27.72 39.82
CA ALA Y 145 -25.34 28.01 39.18
C ALA Y 145 -25.53 28.53 37.75
N ALA Y 146 -26.40 27.89 36.97
CA ALA Y 146 -26.61 28.30 35.60
C ALA Y 146 -27.17 29.71 35.52
N THR Y 147 -28.22 30.01 36.29
CA THR Y 147 -28.80 31.35 36.26
C THR Y 147 -27.84 32.39 36.82
N ALA Y 148 -27.08 32.04 37.87
CA ALA Y 148 -26.14 32.97 38.47
C ALA Y 148 -25.04 33.36 37.50
N VAL Y 149 -24.51 32.40 36.75
CA VAL Y 149 -23.42 32.75 35.85
C VAL Y 149 -23.95 33.28 34.53
N PHE Y 150 -25.17 32.90 34.12
CA PHE Y 150 -25.69 33.29 32.82
C PHE Y 150 -26.35 34.67 32.83
N ILE Y 151 -27.34 34.89 33.70
CA ILE Y 151 -28.14 36.10 33.66
C ILE Y 151 -27.87 37.02 34.85
N ILE Y 152 -27.56 36.46 36.02
CA ILE Y 152 -27.49 37.27 37.23
C ILE Y 152 -26.21 38.10 37.25
N TYR Y 153 -25.15 37.63 36.61
CA TYR Y 153 -23.96 38.48 36.52
C TYR Y 153 -24.22 39.65 35.56
N PRO Y 154 -24.90 39.45 34.40
CA PRO Y 154 -25.36 40.63 33.66
C PRO Y 154 -26.28 41.54 34.44
N ILE Y 155 -27.14 41.00 35.31
CA ILE Y 155 -27.99 41.85 36.13
C ILE Y 155 -27.16 42.70 37.08
N GLY Y 156 -26.16 42.09 37.71
CA GLY Y 156 -25.32 42.82 38.64
C GLY Y 156 -24.44 43.86 37.98
N GLN Y 157 -23.88 43.54 36.81
CA GLN Y 157 -22.94 44.44 36.12
C GLN Y 157 -23.60 45.25 34.99
N GLY Y 158 -24.92 45.21 34.87
CA GLY Y 158 -25.62 46.04 33.92
C GLY Y 158 -25.34 45.79 32.45
N SER Y 159 -24.88 44.59 32.07
CA SER Y 159 -24.54 44.34 30.68
C SER Y 159 -24.54 42.86 30.38
N PHE Y 160 -25.33 42.45 29.38
CA PHE Y 160 -25.29 41.07 28.90
C PHE Y 160 -23.95 40.75 28.25
N SER Y 161 -23.15 41.76 27.90
CA SER Y 161 -21.78 41.55 27.46
C SER Y 161 -20.94 40.86 28.53
N ASP Y 162 -21.29 41.05 29.80
CA ASP Y 162 -20.61 40.33 30.86
C ASP Y 162 -21.16 38.92 31.06
N GLY Y 163 -21.96 38.43 30.13
CA GLY Y 163 -22.48 37.09 30.20
C GLY Y 163 -21.44 36.05 29.88
N MET Y 164 -21.91 34.82 29.73
CA MET Y 164 -21.07 33.67 29.48
C MET Y 164 -21.02 33.39 27.98
N PRO Y 165 -19.88 33.60 27.31
CA PRO Y 165 -19.81 33.31 25.88
C PRO Y 165 -20.01 31.81 25.64
N LEU Y 166 -21.07 31.47 24.92
CA LEU Y 166 -21.55 30.08 24.87
C LEU Y 166 -20.55 29.24 24.09
N GLY Y 167 -19.57 28.73 24.81
CA GLY Y 167 -18.52 27.95 24.21
C GLY Y 167 -17.54 27.51 25.27
N ILE Y 168 -16.37 27.08 24.82
CA ILE Y 168 -15.33 26.54 25.68
C ILE Y 168 -14.30 27.63 25.97
N SER Y 169 -13.74 28.19 24.89
CA SER Y 169 -12.75 29.24 25.03
C SER Y 169 -13.33 30.50 25.64
N GLY Y 170 -14.57 30.85 25.26
CA GLY Y 170 -15.22 31.99 25.88
C GLY Y 170 -15.52 31.78 27.35
N THR Y 171 -15.82 30.53 27.72
CA THR Y 171 -15.95 30.19 29.13
C THR Y 171 -14.65 30.46 29.87
N PHE Y 172 -13.52 30.01 29.29
CA PHE Y 172 -12.23 30.29 29.90
C PHE Y 172 -11.94 31.79 29.95
N ASN Y 173 -12.38 32.54 28.92
CA ASN Y 173 -12.25 33.99 28.90
C ASN Y 173 -12.90 34.61 30.13
N PHE Y 174 -14.17 34.28 30.36
CA PHE Y 174 -14.87 34.88 31.49
C PHE Y 174 -14.33 34.38 32.82
N MET Y 175 -13.85 33.13 32.88
CA MET Y 175 -13.26 32.64 34.12
C MET Y 175 -12.01 33.43 34.48
N ILE Y 176 -11.14 33.70 33.50
CA ILE Y 176 -9.94 34.48 33.78
C ILE Y 176 -10.29 35.93 34.13
N VAL Y 177 -11.25 36.52 33.41
CA VAL Y 177 -11.64 37.90 33.69
C VAL Y 177 -12.26 38.03 35.07
N PHE Y 178 -13.11 37.06 35.44
CA PHE Y 178 -13.78 37.10 36.73
C PHE Y 178 -12.76 36.89 37.83
N GLN Y 179 -11.74 36.05 37.60
CA GLN Y 179 -10.64 35.95 38.55
C GLN Y 179 -9.91 37.28 38.68
N ALA Y 180 -9.63 37.94 37.55
CA ALA Y 180 -8.86 39.18 37.55
C ALA Y 180 -9.55 40.28 38.35
N GLU Y 181 -10.86 40.46 38.16
CA GLU Y 181 -11.58 41.53 38.84
C GLU Y 181 -12.42 41.09 40.03
N HIS Y 182 -12.34 39.83 40.45
CA HIS Y 182 -13.14 39.39 41.58
C HIS Y 182 -12.39 38.51 42.56
N ASN Y 183 -11.32 37.84 42.16
CA ASN Y 183 -10.61 36.83 42.95
C ASN Y 183 -11.56 35.73 43.44
N ILE Y 184 -12.10 34.99 42.46
CA ILE Y 184 -12.93 33.83 42.75
C ILE Y 184 -12.20 32.74 43.51
N LEU Y 185 -10.87 32.63 43.37
CA LEU Y 185 -10.14 31.62 44.11
C LEU Y 185 -10.07 31.94 45.59
N MET Y 186 -10.43 33.17 45.99
CA MET Y 186 -10.32 33.62 47.36
C MET Y 186 -11.67 33.94 47.99
N HIS Y 187 -12.75 33.30 47.54
CA HIS Y 187 -14.04 33.53 48.15
C HIS Y 187 -14.52 32.27 48.86
N PRO Y 188 -14.93 32.38 50.13
CA PRO Y 188 -15.32 31.17 50.90
C PRO Y 188 -16.46 30.37 50.30
N PHE Y 189 -17.41 31.01 49.63
CA PHE Y 189 -18.47 30.24 48.99
C PHE Y 189 -17.93 29.39 47.85
N HIS Y 190 -17.03 29.94 47.05
CA HIS Y 190 -16.37 29.13 46.02
C HIS Y 190 -15.43 28.11 46.63
N MET Y 191 -14.81 28.43 47.79
CA MET Y 191 -13.99 27.48 48.54
C MET Y 191 -14.82 26.24 48.86
N PHE Y 192 -16.04 26.47 49.38
CA PHE Y 192 -16.93 25.37 49.71
C PHE Y 192 -17.39 24.63 48.47
N GLY Y 193 -17.69 25.34 47.38
CA GLY Y 193 -18.15 24.66 46.17
C GLY Y 193 -17.09 23.77 45.54
N VAL Y 194 -15.85 24.25 45.50
CA VAL Y 194 -14.76 23.44 44.93
C VAL Y 194 -14.44 22.26 45.85
N ALA Y 195 -14.42 22.48 47.17
CA ALA Y 195 -14.25 21.35 48.09
C ALA Y 195 -15.42 20.38 47.96
N GLY Y 196 -16.60 20.89 47.58
CA GLY Y 196 -17.74 20.04 47.39
C GLY Y 196 -17.70 19.21 46.12
N VAL Y 197 -17.07 19.72 45.06
CA VAL Y 197 -16.94 18.82 43.91
C VAL Y 197 -15.83 17.79 44.13
N PHE Y 198 -14.76 18.14 44.86
CA PHE Y 198 -13.85 17.07 45.28
C PHE Y 198 -14.58 16.05 46.16
N GLY Y 199 -15.44 16.52 47.07
CA GLY Y 199 -16.21 15.60 47.89
C GLY Y 199 -17.22 14.78 47.11
N GLY Y 200 -17.83 15.39 46.10
CA GLY Y 200 -18.80 14.65 45.29
C GLY Y 200 -18.17 13.54 44.49
N SER Y 201 -17.03 13.82 43.85
CA SER Y 201 -16.29 12.76 43.18
C SER Y 201 -15.76 11.74 44.18
N LEU Y 202 -15.37 12.20 45.37
CA LEU Y 202 -14.93 11.31 46.45
C LEU Y 202 -16.01 10.31 46.83
N PHE Y 203 -17.22 10.80 47.14
CA PHE Y 203 -18.29 9.92 47.55
C PHE Y 203 -18.85 9.11 46.40
N SER Y 204 -18.73 9.61 45.16
CA SER Y 204 -18.99 8.79 43.99
C SER Y 204 -18.12 7.54 44.00
N ALA Y 205 -16.81 7.74 44.17
CA ALA Y 205 -15.88 6.60 44.26
C ALA Y 205 -16.19 5.74 45.47
N MET Y 206 -16.51 6.37 46.61
CA MET Y 206 -16.84 5.64 47.84
C MET Y 206 -18.02 4.69 47.64
N HIS Y 207 -19.16 5.21 47.22
CA HIS Y 207 -20.35 4.37 47.13
C HIS Y 207 -20.22 3.34 46.02
N GLY Y 208 -19.63 3.73 44.88
CA GLY Y 208 -19.44 2.76 43.81
C GLY Y 208 -18.54 1.62 44.23
N SER Y 209 -17.41 1.94 44.86
CA SER Y 209 -16.47 0.92 45.31
C SER Y 209 -17.08 0.06 46.41
N LEU Y 210 -17.82 0.66 47.34
CA LEU Y 210 -18.38 -0.10 48.44
C LEU Y 210 -19.44 -1.07 47.96
N VAL Y 211 -20.29 -0.65 47.01
CA VAL Y 211 -21.32 -1.58 46.52
C VAL Y 211 -20.69 -2.65 45.62
N THR Y 212 -19.81 -2.25 44.70
CA THR Y 212 -19.19 -3.24 43.82
C THR Y 212 -18.20 -4.14 44.55
N SER Y 213 -17.86 -3.80 45.79
CA SER Y 213 -17.05 -4.71 46.61
C SER Y 213 -17.90 -5.86 47.15
N SER Y 214 -19.20 -5.62 47.36
CA SER Y 214 -20.07 -6.54 48.08
C SER Y 214 -21.05 -7.27 47.15
N LEU Y 215 -20.64 -7.58 45.93
CA LEU Y 215 -21.54 -8.15 44.94
C LEU Y 215 -21.87 -9.61 45.28
N ILE Y 216 -23.16 -9.89 45.50
CA ILE Y 216 -23.58 -11.24 45.82
C ILE Y 216 -23.41 -12.14 44.61
N ARG Y 217 -22.92 -13.36 44.84
CA ARG Y 217 -22.59 -14.27 43.75
C ARG Y 217 -23.87 -14.81 43.11
N GLU Y 218 -24.15 -14.34 41.89
CA GLU Y 218 -25.28 -14.82 41.11
C GLU Y 218 -24.88 -15.34 39.74
N THR Y 219 -23.75 -14.90 39.19
CA THR Y 219 -23.26 -15.34 37.89
C THR Y 219 -21.89 -15.99 38.04
N THR Y 220 -21.34 -16.39 36.89
CA THR Y 220 -20.03 -17.04 36.83
C THR Y 220 -18.97 -16.02 36.45
N GLU Y 221 -17.70 -16.43 36.59
CA GLU Y 221 -16.58 -15.59 36.20
C GLU Y 221 -16.50 -15.42 34.68
N ASN Y 222 -17.17 -16.29 33.92
CA ASN Y 222 -17.15 -16.25 32.47
C ASN Y 222 -18.28 -15.40 31.89
N GLU Y 223 -19.04 -14.70 32.72
CA GLU Y 223 -20.03 -13.73 32.24
C GLU Y 223 -20.03 -12.53 33.16
N SER Y 224 -20.50 -11.41 32.63
CA SER Y 224 -20.46 -10.15 33.36
C SER Y 224 -21.40 -10.19 34.56
N ALA Y 225 -20.90 -9.71 35.70
CA ALA Y 225 -21.67 -9.71 36.93
C ALA Y 225 -22.85 -8.74 36.89
N ASN Y 226 -22.93 -7.89 35.85
CA ASN Y 226 -24.15 -7.13 35.61
C ASN Y 226 -25.34 -8.07 35.44
N ALA Y 227 -25.12 -9.23 34.80
CA ALA Y 227 -26.15 -10.24 34.69
C ALA Y 227 -26.57 -10.80 36.05
N GLY Y 228 -25.75 -10.58 37.09
CA GLY Y 228 -26.13 -10.94 38.44
C GLY Y 228 -27.26 -10.10 39.00
N TYR Y 229 -27.51 -8.93 38.41
CA TYR Y 229 -28.63 -8.08 38.79
C TYR Y 229 -29.64 -8.06 37.67
N LYS Y 230 -30.88 -8.44 37.99
CA LYS Y 230 -31.97 -8.44 37.03
C LYS Y 230 -32.85 -7.24 37.30
N PHE Y 231 -33.19 -6.50 36.25
CA PHE Y 231 -34.08 -5.35 36.41
C PHE Y 231 -35.47 -5.82 36.77
N GLY Y 232 -36.10 -5.13 37.73
CA GLY Y 232 -37.39 -5.52 38.22
C GLY Y 232 -37.37 -6.56 39.32
N GLN Y 233 -36.20 -7.03 39.72
CA GLN Y 233 -36.10 -7.98 40.82
C GLN Y 233 -36.32 -7.28 42.16
N GLU Y 234 -36.62 -8.07 43.18
CA GLU Y 234 -36.89 -7.56 44.51
C GLU Y 234 -35.80 -7.86 45.52
N GLU Y 235 -34.99 -8.88 45.28
CA GLU Y 235 -33.91 -9.23 46.19
C GLU Y 235 -32.79 -8.20 46.14
N GLU Y 236 -32.26 -7.85 47.31
CA GLU Y 236 -31.13 -6.93 47.38
C GLU Y 236 -29.89 -7.57 46.77
N THR Y 237 -29.12 -6.78 46.03
CA THR Y 237 -28.03 -7.28 45.21
C THR Y 237 -26.66 -7.21 45.87
N TYR Y 238 -26.51 -6.58 47.04
CA TYR Y 238 -25.19 -6.47 47.63
C TYR Y 238 -25.27 -6.56 49.15
N ASN Y 239 -24.11 -6.50 49.80
CA ASN Y 239 -23.96 -6.68 51.25
C ASN Y 239 -23.77 -5.31 51.90
N ILE Y 240 -24.87 -4.74 52.38
CA ILE Y 240 -24.87 -3.45 53.06
C ILE Y 240 -23.99 -3.51 54.31
N VAL Y 241 -24.14 -4.58 55.10
CA VAL Y 241 -23.40 -4.74 56.34
C VAL Y 241 -21.90 -4.80 56.05
N ALA Y 242 -21.51 -5.56 55.03
CA ALA Y 242 -20.09 -5.69 54.72
C ALA Y 242 -19.49 -4.39 54.19
N ALA Y 243 -20.21 -3.69 53.30
CA ALA Y 243 -19.67 -2.43 52.76
C ALA Y 243 -19.56 -1.36 53.84
N HIS Y 244 -20.58 -1.22 54.69
CA HIS Y 244 -20.50 -0.21 55.73
C HIS Y 244 -19.55 -0.60 56.84
N GLY Y 245 -19.37 -1.90 57.08
CA GLY Y 245 -18.31 -2.33 57.96
C GLY Y 245 -16.94 -2.02 57.40
N TYR Y 246 -16.80 -2.07 56.07
CA TYR Y 246 -15.56 -1.63 55.45
C TYR Y 246 -15.30 -0.15 55.66
N PHE Y 247 -16.33 0.67 55.48
CA PHE Y 247 -16.10 2.10 55.68
C PHE Y 247 -15.80 2.41 57.14
N GLY Y 248 -16.47 1.72 58.07
CA GLY Y 248 -16.19 1.91 59.48
C GLY Y 248 -14.81 1.43 59.89
N ARG Y 249 -14.38 0.28 59.36
CA ARG Y 249 -13.06 -0.24 59.67
C ARG Y 249 -11.94 0.56 59.03
N LEU Y 250 -12.20 1.14 57.86
CA LEU Y 250 -11.18 1.87 57.13
C LEU Y 250 -11.04 3.32 57.61
N ILE Y 251 -12.13 3.94 58.09
CA ILE Y 251 -12.02 5.29 58.61
C ILE Y 251 -12.41 5.35 60.09
N PHE Y 252 -13.68 5.10 60.39
CA PHE Y 252 -14.19 5.27 61.75
C PHE Y 252 -15.49 4.51 61.91
N GLN Y 253 -15.58 3.67 62.93
CA GLN Y 253 -16.76 2.83 63.13
C GLN Y 253 -17.99 3.67 63.46
N TYR Y 254 -17.84 4.67 64.32
CA TYR Y 254 -19.00 5.45 64.76
C TYR Y 254 -19.32 6.62 63.85
N ALA Y 255 -18.32 7.19 63.17
CA ALA Y 255 -18.53 8.32 62.27
C ALA Y 255 -19.04 7.90 60.90
N SER Y 256 -19.43 6.64 60.74
CA SER Y 256 -19.92 6.11 59.47
C SER Y 256 -21.44 6.21 59.41
N PHE Y 257 -21.94 6.18 58.18
CA PHE Y 257 -23.38 6.19 57.90
C PHE Y 257 -23.82 4.74 57.77
N ASN Y 258 -24.15 4.13 58.91
CA ASN Y 258 -24.61 2.74 58.91
C ASN Y 258 -25.92 2.60 58.14
N ASN Y 259 -26.82 3.57 58.29
CA ASN Y 259 -28.08 3.56 57.56
C ASN Y 259 -27.83 3.93 56.10
N SER Y 260 -28.32 3.09 55.19
CA SER Y 260 -28.12 3.35 53.76
C SER Y 260 -28.89 4.58 53.30
N ARG Y 261 -30.09 4.79 53.84
CA ARG Y 261 -30.86 5.97 53.49
C ARG Y 261 -30.20 7.24 53.97
N SER Y 262 -29.62 7.20 55.18
CA SER Y 262 -28.84 8.35 55.67
C SER Y 262 -27.60 8.56 54.81
N LEU Y 263 -26.95 7.47 54.40
CA LEU Y 263 -25.78 7.57 53.51
C LEU Y 263 -26.15 8.26 52.20
N HIS Y 264 -27.25 7.83 51.58
CA HIS Y 264 -27.65 8.44 50.31
C HIS Y 264 -28.13 9.87 50.49
N PHE Y 265 -28.75 10.19 51.64
CA PHE Y 265 -29.06 11.58 51.93
C PHE Y 265 -27.79 12.42 52.02
N PHE Y 266 -26.74 11.87 52.64
CA PHE Y 266 -25.47 12.58 52.71
C PHE Y 266 -24.86 12.78 51.32
N LEU Y 267 -24.89 11.72 50.50
CA LEU Y 267 -24.35 11.80 49.14
C LEU Y 267 -25.14 12.75 48.26
N ALA Y 268 -26.42 12.98 48.59
CA ALA Y 268 -27.21 13.94 47.85
C ALA Y 268 -27.00 15.36 48.36
N VAL Y 269 -26.93 15.51 49.69
CA VAL Y 269 -26.87 16.85 50.27
C VAL Y 269 -25.52 17.50 50.02
N TRP Y 270 -24.42 16.73 50.00
CA TRP Y 270 -23.09 17.36 49.88
C TRP Y 270 -22.89 18.13 48.57
N PRO Y 271 -22.98 17.52 47.38
CA PRO Y 271 -22.75 18.34 46.17
C PRO Y 271 -23.83 19.37 45.94
N VAL Y 272 -25.07 19.08 46.33
CA VAL Y 272 -26.15 20.04 46.13
C VAL Y 272 -25.94 21.29 46.97
N VAL Y 273 -25.62 21.12 48.26
CA VAL Y 273 -25.45 22.31 49.09
C VAL Y 273 -24.16 23.03 48.72
N CYS Y 274 -23.12 22.30 48.30
CA CYS Y 274 -21.88 22.98 47.95
C CYS Y 274 -22.02 23.77 46.65
N ILE Y 275 -22.77 23.24 45.68
CA ILE Y 275 -23.05 24.01 44.48
C ILE Y 275 -24.00 25.16 44.81
N TRP Y 276 -24.89 24.99 45.78
CA TRP Y 276 -25.71 26.09 46.26
C TRP Y 276 -24.83 27.23 46.79
N LEU Y 277 -23.84 26.89 47.61
CA LEU Y 277 -22.95 27.90 48.15
C LEU Y 277 -22.10 28.57 47.06
N THR Y 278 -21.57 27.79 46.11
CA THR Y 278 -20.73 28.42 45.09
C THR Y 278 -21.54 29.27 44.13
N ALA Y 279 -22.80 28.89 43.86
CA ALA Y 279 -23.68 29.75 43.07
C ALA Y 279 -24.05 30.99 43.85
N LEU Y 280 -24.23 30.85 45.16
CA LEU Y 280 -24.48 31.98 46.02
C LEU Y 280 -23.30 32.95 46.01
N GLY Y 281 -22.09 32.40 46.02
CA GLY Y 281 -20.90 33.23 45.93
C GLY Y 281 -20.80 33.98 44.61
N ILE Y 282 -21.07 33.28 43.50
CA ILE Y 282 -21.05 33.92 42.19
C ILE Y 282 -22.09 35.03 42.13
N SER Y 283 -23.28 34.78 42.67
CA SER Y 283 -24.32 35.80 42.68
C SER Y 283 -23.98 37.00 43.56
N THR Y 284 -23.39 36.75 44.74
CA THR Y 284 -22.97 37.85 45.60
C THR Y 284 -21.89 38.69 44.92
N MET Y 285 -20.92 38.02 44.31
CA MET Y 285 -19.83 38.69 43.60
C MET Y 285 -20.29 39.33 42.31
N ALA Y 286 -21.49 38.99 41.83
CA ALA Y 286 -22.08 39.68 40.68
C ALA Y 286 -22.46 41.11 41.04
N PHE Y 287 -22.74 41.37 42.31
CA PHE Y 287 -22.93 42.73 42.80
C PHE Y 287 -21.66 43.29 43.43
N ASN Y 288 -20.50 42.82 42.96
CA ASN Y 288 -19.18 43.30 43.36
C ASN Y 288 -18.95 43.16 44.86
N LEU Y 289 -18.93 41.90 45.31
CA LEU Y 289 -18.58 41.60 46.69
C LEU Y 289 -17.14 41.18 46.89
N ASN Y 290 -16.49 40.64 45.83
CA ASN Y 290 -15.07 40.27 45.82
C ASN Y 290 -14.79 39.10 46.76
N GLY Y 291 -13.64 38.47 46.61
CA GLY Y 291 -13.21 37.41 47.50
C GLY Y 291 -12.36 37.93 48.64
N PHE Y 292 -11.42 37.10 49.09
CA PHE Y 292 -10.44 37.56 50.06
C PHE Y 292 -9.50 38.56 49.39
N ASN Y 293 -9.11 39.57 50.14
CA ASN Y 293 -8.17 40.59 49.66
C ASN Y 293 -7.11 40.76 50.74
N PHE Y 294 -6.05 39.96 50.64
CA PHE Y 294 -4.96 39.95 51.60
C PHE Y 294 -3.66 40.40 50.95
N ASN Y 295 -3.77 41.46 50.14
CA ASN Y 295 -2.65 42.03 49.42
C ASN Y 295 -1.91 42.99 50.34
N GLN Y 296 -0.62 42.71 50.58
CA GLN Y 296 0.25 43.49 51.48
C GLN Y 296 -0.31 43.54 52.90
N SER Y 297 -1.13 42.55 53.26
CA SER Y 297 -1.69 42.49 54.60
C SER Y 297 -0.67 42.04 55.64
N VAL Y 298 0.42 41.45 55.19
CA VAL Y 298 1.47 40.95 56.08
C VAL Y 298 2.66 41.87 55.95
N VAL Y 299 2.90 42.69 56.98
CA VAL Y 299 4.04 43.58 57.04
C VAL Y 299 4.73 43.39 58.39
N ASP Y 300 6.01 43.78 58.46
CA ASP Y 300 6.83 43.55 59.64
C ASP Y 300 6.88 44.79 60.52
N SER Y 301 7.71 44.72 61.57
CA SER Y 301 7.87 45.85 62.49
C SER Y 301 8.48 47.05 61.78
N ASN Y 302 9.41 46.81 60.85
CA ASN Y 302 9.96 47.89 60.05
C ASN Y 302 8.96 48.41 59.02
N GLY Y 303 7.83 47.74 58.84
CA GLY Y 303 6.83 48.13 57.87
C GLY Y 303 7.09 47.65 56.47
N ARG Y 304 8.21 46.96 56.24
CA ARG Y 304 8.49 46.38 54.93
C ARG Y 304 7.49 45.27 54.65
N VAL Y 305 7.05 45.19 53.40
CA VAL Y 305 6.00 44.25 53.03
C VAL Y 305 6.55 42.83 52.99
N LEU Y 306 5.83 41.91 53.64
CA LEU Y 306 6.07 40.48 53.48
C LEU Y 306 5.19 40.03 52.33
N ASN Y 307 5.78 39.88 51.15
CA ASN Y 307 5.02 39.41 50.00
C ASN Y 307 4.57 37.98 50.25
N THR Y 308 3.28 37.74 50.07
CA THR Y 308 2.68 36.44 50.32
C THR Y 308 2.16 35.87 49.00
N TRP Y 309 1.65 34.65 49.06
CA TRP Y 309 0.99 34.07 47.90
C TRP Y 309 -0.27 34.85 47.54
N ALA Y 310 -0.87 35.51 48.52
CA ALA Y 310 -1.97 36.44 48.23
C ALA Y 310 -1.48 37.60 47.38
N ASP Y 311 -0.29 38.12 47.66
CA ASP Y 311 0.26 39.18 46.82
C ASP Y 311 0.69 38.65 45.45
N ILE Y 312 1.12 37.38 45.40
CA ILE Y 312 1.38 36.74 44.12
C ILE Y 312 0.12 36.69 43.27
N ILE Y 313 -1.00 36.31 43.90
CA ILE Y 313 -2.29 36.29 43.21
C ILE Y 313 -2.72 37.72 42.86
N ASN Y 314 -2.39 38.69 43.70
CA ASN Y 314 -2.69 40.09 43.41
C ASN Y 314 -2.00 40.55 42.13
N ARG Y 315 -0.70 40.31 42.03
CA ARG Y 315 0.03 40.72 40.84
C ARG Y 315 -0.36 39.89 39.63
N ALA Y 316 -0.74 38.63 39.85
CA ALA Y 316 -1.37 37.83 38.79
C ALA Y 316 -2.67 38.47 38.32
N ASN Y 317 -3.43 39.01 39.27
CA ASN Y 317 -4.70 39.64 38.96
C ASN Y 317 -4.48 40.92 38.17
N LEU Y 318 -3.41 41.64 38.49
CA LEU Y 318 -2.97 42.76 37.65
C LEU Y 318 -2.64 42.30 36.24
N GLY Y 319 -1.95 41.16 36.14
CA GLY Y 319 -1.57 40.63 34.84
C GLY Y 319 -2.77 40.28 33.98
N MET Y 320 -3.80 39.68 34.56
CA MET Y 320 -5.02 39.43 33.78
C MET Y 320 -5.99 40.60 33.81
N GLU Y 321 -5.61 41.69 34.49
CA GLU Y 321 -6.48 42.86 34.56
C GLU Y 321 -6.14 43.89 33.49
N VAL Y 322 -4.83 44.14 33.26
CA VAL Y 322 -4.37 45.31 32.50
C VAL Y 322 -4.96 45.37 31.09
N MET Y 323 -5.36 44.23 30.54
CA MET Y 323 -5.79 44.19 29.16
C MET Y 323 -6.94 43.22 28.88
N HIS Y 324 -7.68 42.80 29.90
CA HIS Y 324 -8.99 42.22 29.64
C HIS Y 324 -9.91 43.33 29.12
N GLU Y 325 -10.51 43.10 27.95
CA GLU Y 325 -11.17 44.14 27.16
C GLU Y 325 -10.22 45.32 26.96
N ARG Y 326 -9.14 45.03 26.24
CA ARG Y 326 -7.97 45.90 26.11
C ARG Y 326 -8.22 47.15 25.28
N ASN Y 327 -9.45 47.42 24.87
CA ASN Y 327 -9.77 48.65 24.15
C ASN Y 327 -10.93 49.43 24.76
N ALA Y 328 -11.73 48.83 25.63
CA ALA Y 328 -12.94 49.45 26.14
C ALA Y 328 -12.72 50.27 27.41
N HIS Y 329 -11.47 50.42 27.86
CA HIS Y 329 -11.17 51.18 29.07
C HIS Y 329 -10.68 52.56 28.69
N ASN Y 330 -11.48 53.57 29.03
CA ASN Y 330 -11.12 54.97 28.85
C ASN Y 330 -10.85 55.67 30.18
N PHE Y 331 -10.87 54.95 31.28
CA PHE Y 331 -10.66 55.49 32.63
C PHE Y 331 -9.79 54.53 33.42
N PRO Y 332 -9.00 55.03 34.39
CA PRO Y 332 -8.16 54.13 35.19
C PRO Y 332 -8.96 53.18 36.07
N LEU Y 333 -9.87 53.70 36.89
CA LEU Y 333 -10.70 52.85 37.73
C LEU Y 333 -11.81 52.22 36.89
N ASP Y 334 -12.00 50.91 37.05
CA ASP Y 334 -13.00 50.18 36.26
C ASP Y 334 -14.24 49.95 37.14
N LEU Y 335 -15.13 50.94 37.13
CA LEU Y 335 -16.37 50.86 37.89
C LEU Y 335 -17.54 50.36 37.06
N ALA Y 336 -17.31 49.97 35.82
CA ALA Y 336 -18.39 49.47 34.96
C ALA Y 336 -18.53 47.95 35.06
N GLY Z 1 -21.82 -13.54 28.39
CA GLY Z 1 -20.51 -14.11 28.48
C GLY Z 1 -19.42 -13.10 28.76
N LEU Z 2 -18.20 -13.42 28.31
CA LEU Z 2 -17.07 -12.51 28.47
C LEU Z 2 -17.32 -11.21 27.72
N PRO Z 3 -17.20 -10.07 28.39
CA PRO Z 3 -17.37 -8.78 27.72
C PRO Z 3 -16.14 -8.43 26.88
N TRP Z 4 -16.24 -7.31 26.18
CA TRP Z 4 -15.16 -6.86 25.30
C TRP Z 4 -13.87 -6.59 26.06
N TYR Z 5 -13.96 -6.22 27.34
CA TYR Z 5 -12.78 -5.98 28.15
C TYR Z 5 -12.24 -7.24 28.82
N ARG Z 6 -12.77 -8.41 28.45
CA ARG Z 6 -12.28 -9.68 28.97
C ARG Z 6 -11.96 -10.69 27.89
N VAL Z 7 -11.88 -10.24 26.62
CA VAL Z 7 -11.79 -11.18 25.50
C VAL Z 7 -10.53 -12.03 25.59
N HIS Z 8 -9.39 -11.40 25.90
CA HIS Z 8 -8.14 -12.14 25.99
C HIS Z 8 -8.10 -13.12 27.15
N THR Z 9 -9.02 -13.02 28.11
CA THR Z 9 -9.08 -14.07 29.12
C THR Z 9 -9.59 -15.40 28.56
N VAL Z 10 -9.81 -15.54 27.25
CA VAL Z 10 -10.00 -16.87 26.70
C VAL Z 10 -8.69 -17.66 26.70
N VAL Z 11 -7.53 -17.00 26.84
CA VAL Z 11 -6.27 -17.74 26.79
C VAL Z 11 -5.51 -17.65 28.11
N ILE Z 12 -6.25 -17.55 29.23
CA ILE Z 12 -5.59 -17.47 30.53
C ILE Z 12 -4.94 -18.79 30.90
N ASN Z 13 -5.60 -19.92 30.63
CA ASN Z 13 -5.12 -21.23 31.02
C ASN Z 13 -4.69 -22.08 29.83
N ASP Z 14 -4.48 -21.47 28.66
CA ASP Z 14 -4.05 -22.19 27.47
C ASP Z 14 -2.63 -21.78 27.10
N PRO Z 15 -1.62 -22.57 27.45
CA PRO Z 15 -0.23 -22.16 27.19
C PRO Z 15 0.13 -22.12 25.72
N GLY Z 16 -0.48 -22.96 24.88
CA GLY Z 16 -0.16 -22.93 23.46
C GLY Z 16 -0.54 -21.61 22.82
N ARG Z 17 -1.75 -21.14 23.10
CA ARG Z 17 -2.15 -19.81 22.62
C ARG Z 17 -1.46 -18.69 23.37
N LEU Z 18 -1.04 -18.91 24.62
CA LEU Z 18 -0.24 -17.87 25.29
C LEU Z 18 1.08 -17.66 24.55
N ILE Z 19 1.75 -18.75 24.20
CA ILE Z 19 2.99 -18.68 23.42
C ILE Z 19 2.70 -18.13 22.03
N SER Z 20 1.56 -18.49 21.44
CA SER Z 20 1.21 -18.01 20.11
C SER Z 20 0.99 -16.50 20.09
N VAL Z 21 0.22 -15.97 21.06
CA VAL Z 21 -0.05 -14.54 21.07
C VAL Z 21 1.20 -13.76 21.43
N HIS Z 22 2.07 -14.34 22.27
CA HIS Z 22 3.36 -13.69 22.53
C HIS Z 22 4.19 -13.64 21.25
N LEU Z 23 4.16 -14.72 20.47
CA LEU Z 23 4.90 -14.77 19.22
C LEU Z 23 4.39 -13.73 18.22
N MET Z 24 3.07 -13.58 18.12
CA MET Z 24 2.55 -12.62 17.15
C MET Z 24 2.68 -11.19 17.64
N HIS Z 25 2.66 -10.95 18.95
CA HIS Z 25 3.00 -9.62 19.44
C HIS Z 25 4.44 -9.30 19.10
N THR Z 26 5.34 -10.27 19.28
CA THR Z 26 6.74 -10.09 18.90
C THR Z 26 6.87 -9.81 17.41
N ALA Z 27 6.09 -10.52 16.60
CA ALA Z 27 6.08 -10.30 15.16
C ALA Z 27 5.61 -8.89 14.81
N LEU Z 28 4.53 -8.43 15.45
CA LEU Z 28 4.02 -7.09 15.17
C LEU Z 28 5.01 -6.02 15.60
N VAL Z 29 5.68 -6.22 16.73
CA VAL Z 29 6.67 -5.24 17.19
C VAL Z 29 7.86 -5.19 16.24
N ALA Z 30 8.37 -6.35 15.81
CA ALA Z 30 9.49 -6.38 14.88
C ALA Z 30 9.11 -5.78 13.52
N GLY Z 31 7.90 -6.09 13.03
CA GLY Z 31 7.44 -5.51 11.79
C GLY Z 31 7.27 -4.00 11.88
N TRP Z 32 6.77 -3.51 13.01
CA TRP Z 32 6.67 -2.07 13.20
C TRP Z 32 8.05 -1.44 13.21
N ALA Z 33 9.02 -2.08 13.86
CA ALA Z 33 10.37 -1.53 13.91
C ALA Z 33 10.94 -1.41 12.50
N GLY Z 34 10.81 -2.47 11.71
CA GLY Z 34 11.32 -2.43 10.34
C GLY Z 34 10.63 -1.38 9.50
N ALA Z 35 9.29 -1.33 9.56
CA ALA Z 35 8.53 -0.35 8.78
C ALA Z 35 8.83 1.07 9.21
N MET Z 36 9.01 1.29 10.52
CA MET Z 36 9.29 2.61 11.04
C MET Z 36 10.64 3.12 10.57
N THR Z 37 11.68 2.27 10.62
CA THR Z 37 12.96 2.78 10.15
C THR Z 37 13.02 2.86 8.63
N LEU Z 38 12.23 2.05 7.90
CA LEU Z 38 12.10 2.27 6.46
C LEU Z 38 11.47 3.62 6.16
N PHE Z 39 10.41 3.98 6.90
CA PHE Z 39 9.78 5.29 6.71
C PHE Z 39 10.75 6.41 7.06
N GLU Z 40 11.52 6.24 8.13
CA GLU Z 40 12.48 7.26 8.56
C GLU Z 40 13.59 7.44 7.54
N ILE Z 41 14.08 6.35 6.94
CA ILE Z 41 15.08 6.48 5.88
C ILE Z 41 14.47 7.12 4.64
N ALA Z 42 13.20 6.79 4.33
CA ALA Z 42 12.55 7.37 3.17
C ALA Z 42 12.35 8.88 3.32
N VAL Z 43 12.07 9.35 4.54
CA VAL Z 43 11.83 10.77 4.76
C VAL Z 43 13.04 11.50 5.33
N PHE Z 44 14.17 10.81 5.53
CA PHE Z 44 15.33 11.45 6.13
C PHE Z 44 16.04 12.31 5.09
N ASP Z 45 16.53 13.47 5.53
CA ASP Z 45 17.31 14.36 4.67
C ASP Z 45 18.74 14.44 5.20
N PRO Z 46 19.69 13.72 4.59
CA PRO Z 46 21.08 13.78 5.05
C PRO Z 46 21.87 14.95 4.47
N SER Z 47 21.17 15.99 4.02
CA SER Z 47 21.81 17.12 3.35
C SER Z 47 22.82 17.84 4.24
N ASP Z 48 22.47 18.06 5.51
CA ASP Z 48 23.38 18.73 6.45
C ASP Z 48 23.37 17.96 7.76
N PRO Z 49 24.40 17.14 8.02
CA PRO Z 49 24.45 16.40 9.29
C PRO Z 49 24.67 17.29 10.51
N VAL Z 50 25.15 18.51 10.32
CA VAL Z 50 25.46 19.42 11.42
C VAL Z 50 24.31 20.37 11.71
N LEU Z 51 23.81 21.07 10.70
CA LEU Z 51 22.76 22.04 10.90
C LEU Z 51 21.36 21.47 10.75
N ASN Z 52 21.22 20.26 10.20
CA ASN Z 52 19.93 19.58 10.14
C ASN Z 52 20.10 18.11 10.51
N PRO Z 53 20.39 17.82 11.77
CA PRO Z 53 20.60 16.43 12.19
C PRO Z 53 19.28 15.70 12.34
N MET Z 54 19.39 14.40 12.66
CA MET Z 54 18.22 13.53 12.67
C MET Z 54 17.19 13.95 13.71
N TRP Z 55 17.65 14.43 14.88
CA TRP Z 55 16.70 14.87 15.88
C TRP Z 55 16.06 16.21 15.54
N ARG Z 56 16.57 16.92 14.53
CA ARG Z 56 15.84 18.07 14.03
C ARG Z 56 14.80 17.67 12.98
N GLN Z 57 14.80 16.42 12.52
CA GLN Z 57 13.82 15.95 11.56
C GLN Z 57 12.80 15.01 12.18
N GLY Z 58 12.77 14.91 13.51
CA GLY Z 58 11.84 14.04 14.16
C GLY Z 58 12.14 12.56 14.03
N MET Z 59 13.39 12.20 13.76
CA MET Z 59 13.78 10.80 13.63
C MET Z 59 13.73 10.14 15.01
N PHE Z 60 12.98 9.05 15.13
CA PHE Z 60 12.75 8.44 16.43
C PHE Z 60 13.54 7.15 16.63
N VAL Z 61 13.41 6.18 15.73
CA VAL Z 61 14.14 4.92 15.91
C VAL Z 61 15.55 5.00 15.35
N LEU Z 62 15.81 5.94 14.42
CA LEU Z 62 17.15 6.11 13.88
C LEU Z 62 18.19 6.54 14.92
N PRO Z 63 17.93 7.46 15.86
CA PRO Z 63 18.93 7.70 16.92
C PRO Z 63 19.24 6.47 17.75
N PHE Z 64 18.26 5.60 17.99
CA PHE Z 64 18.52 4.36 18.68
C PHE Z 64 19.34 3.40 17.81
N LEU Z 65 19.15 3.45 16.49
CA LEU Z 65 20.02 2.70 15.59
C LEU Z 65 21.46 3.19 15.68
N THR Z 66 21.66 4.50 15.71
CA THR Z 66 23.00 5.06 15.80
C THR Z 66 23.60 4.95 17.19
N ARG Z 67 22.79 4.59 18.20
CA ARG Z 67 23.31 4.48 19.56
C ARG Z 67 24.15 3.22 19.74
N LEU Z 68 23.71 2.11 19.16
CA LEU Z 68 24.34 0.82 19.41
C LEU Z 68 25.47 0.49 18.43
N GLY Z 69 25.60 1.23 17.33
CA GLY Z 69 26.71 0.98 16.43
C GLY Z 69 26.39 1.06 14.95
N VAL Z 70 25.11 1.06 14.58
CA VAL Z 70 24.72 1.15 13.18
C VAL Z 70 24.75 2.62 12.77
N THR Z 71 25.78 3.01 12.00
CA THR Z 71 25.95 4.38 11.58
C THR Z 71 25.85 4.60 10.08
N GLN Z 72 26.28 3.64 9.27
CA GLN Z 72 26.27 3.78 7.82
C GLN Z 72 24.96 3.27 7.24
N SER Z 73 24.76 3.57 5.95
CA SER Z 73 23.58 3.14 5.22
C SER Z 73 23.99 2.69 3.83
N TRP Z 74 23.12 1.89 3.20
CA TRP Z 74 23.37 1.42 1.84
C TRP Z 74 23.23 2.51 0.80
N GLY Z 75 22.73 3.69 1.19
CA GLY Z 75 22.64 4.83 0.30
C GLY Z 75 23.93 5.59 0.08
N GLY Z 76 25.04 5.10 0.64
CA GLY Z 76 26.33 5.73 0.42
C GLY Z 76 26.64 6.91 1.30
N TRP Z 77 25.90 7.11 2.39
CA TRP Z 77 26.15 8.22 3.28
C TRP Z 77 26.16 7.74 4.73
N THR Z 78 26.99 8.38 5.54
CA THR Z 78 27.06 8.14 6.98
C THR Z 78 26.78 9.46 7.69
N ILE Z 79 26.05 9.37 8.81
CA ILE Z 79 25.62 10.56 9.54
C ILE Z 79 26.78 11.37 10.10
N SER Z 80 27.94 10.74 10.31
CA SER Z 80 29.09 11.46 10.85
C SER Z 80 29.80 12.32 9.82
N GLY Z 81 29.44 12.22 8.55
CA GLY Z 81 30.02 13.02 7.48
C GLY Z 81 30.78 12.21 6.45
N GLU Z 82 31.30 11.05 6.84
CA GLU Z 82 32.05 10.21 5.93
C GLU Z 82 31.09 9.51 4.95
N THR Z 83 31.67 8.97 3.88
CA THR Z 83 30.94 8.26 2.85
C THR Z 83 31.08 6.76 3.07
N SER Z 84 29.96 6.06 3.18
CA SER Z 84 29.98 4.62 3.39
C SER Z 84 30.36 3.90 2.10
N SER Z 85 31.66 3.71 1.88
CA SER Z 85 32.13 2.99 0.70
C SER Z 85 31.69 1.53 0.74
N ASN Z 86 31.86 0.88 1.88
CA ASN Z 86 31.40 -0.49 2.11
C ASN Z 86 30.59 -0.51 3.40
N PRO Z 87 29.32 -0.07 3.36
CA PRO Z 87 28.52 -0.02 4.60
C PRO Z 87 28.22 -1.40 5.18
N GLY Z 88 28.36 -2.47 4.41
CA GLY Z 88 28.09 -3.80 4.92
C GLY Z 88 26.62 -4.15 4.87
N ILE Z 89 26.32 -5.36 5.34
CA ILE Z 89 24.94 -5.83 5.35
C ILE Z 89 24.10 -5.09 6.39
N TRP Z 90 24.72 -4.65 7.48
CA TRP Z 90 23.97 -4.06 8.59
C TRP Z 90 23.91 -2.55 8.43
N SER Z 91 23.02 -2.12 7.55
CA SER Z 91 22.67 -0.73 7.37
C SER Z 91 21.35 -0.46 8.08
N TYR Z 92 20.81 0.75 7.92
CA TYR Z 92 19.54 1.09 8.56
C TYR Z 92 18.40 0.27 7.95
N GLU Z 93 18.19 0.40 6.64
CA GLU Z 93 17.13 -0.38 6.04
C GLU Z 93 17.51 -1.85 5.85
N GLY Z 94 18.80 -2.19 5.95
CA GLY Z 94 19.18 -3.59 6.07
C GLY Z 94 18.70 -4.20 7.38
N ALA Z 95 18.86 -3.45 8.48
CA ALA Z 95 18.30 -3.87 9.76
C ALA Z 95 16.79 -3.89 9.70
N ALA Z 96 16.19 -2.99 8.91
CA ALA Z 96 14.75 -3.03 8.69
C ALA Z 96 14.32 -4.33 8.02
N ALA Z 97 15.07 -4.75 6.99
CA ALA Z 97 14.76 -6.00 6.31
C ALA Z 97 14.95 -7.20 7.25
N SER Z 98 15.96 -7.12 8.12
CA SER Z 98 16.15 -8.17 9.13
C SER Z 98 14.97 -8.22 10.08
N HIS Z 99 14.47 -7.05 10.51
CA HIS Z 99 13.28 -7.00 11.36
C HIS Z 99 12.06 -7.56 10.65
N ILE Z 100 11.92 -7.28 9.36
CA ILE Z 100 10.76 -7.74 8.60
C ILE Z 100 10.78 -9.25 8.43
N VAL Z 101 11.94 -9.82 8.09
CA VAL Z 101 12.00 -11.27 7.95
C VAL Z 101 11.85 -11.96 9.31
N LEU Z 102 12.36 -11.34 10.38
CA LEU Z 102 12.12 -11.87 11.72
C LEU Z 102 10.64 -11.83 12.07
N SER Z 103 9.96 -10.74 11.69
CA SER Z 103 8.52 -10.62 11.93
C SER Z 103 7.74 -11.68 11.19
N GLY Z 104 8.12 -11.95 9.94
CA GLY Z 104 7.45 -13.00 9.19
C GLY Z 104 7.64 -14.38 9.81
N LEU Z 105 8.88 -14.67 10.25
CA LEU Z 105 9.14 -15.94 10.91
C LEU Z 105 8.36 -16.06 12.22
N LEU Z 106 8.29 -14.99 13.00
CA LEU Z 106 7.55 -15.00 14.26
C LEU Z 106 6.05 -15.16 14.00
N PHE Z 107 5.52 -14.54 12.94
CA PHE Z 107 4.11 -14.68 12.62
C PHE Z 107 3.79 -16.12 12.21
N LEU Z 108 4.65 -16.73 11.41
CA LEU Z 108 4.45 -18.13 11.02
C LEU Z 108 4.51 -19.05 12.25
N ALA Z 109 5.45 -18.78 13.16
CA ALA Z 109 5.53 -19.56 14.39
C ALA Z 109 4.29 -19.36 15.26
N SER Z 110 3.73 -18.14 15.27
CA SER Z 110 2.52 -17.87 16.02
C SER Z 110 1.33 -18.65 15.47
N VAL Z 111 1.20 -18.68 14.14
CA VAL Z 111 0.11 -19.45 13.52
C VAL Z 111 0.29 -20.93 13.82
N TRP Z 112 1.53 -21.42 13.77
CA TRP Z 112 1.81 -22.82 14.09
C TRP Z 112 1.44 -23.14 15.53
N HIS Z 113 1.78 -22.25 16.46
CA HIS Z 113 1.47 -22.51 17.87
C HIS Z 113 -0.03 -22.39 18.15
N TRP Z 114 -0.74 -21.59 17.36
CA TRP Z 114 -2.19 -21.53 17.53
C TRP Z 114 -2.85 -22.81 17.04
N VAL Z 115 -2.42 -23.30 15.88
CA VAL Z 115 -3.07 -24.49 15.32
C VAL Z 115 -2.63 -25.75 16.06
N TYR Z 116 -1.45 -25.73 16.67
CA TYR Z 116 -0.97 -26.83 17.50
C TYR Z 116 -0.87 -26.32 18.93
N TRP Z 117 -1.99 -26.42 19.65
CA TRP Z 117 -2.05 -25.95 21.04
C TRP Z 117 -2.02 -27.08 22.06
N ASP Z 118 -2.52 -28.26 21.72
CA ASP Z 118 -2.57 -29.38 22.66
C ASP Z 118 -1.22 -30.07 22.78
N LEU Z 119 -0.23 -29.37 23.31
CA LEU Z 119 1.11 -29.92 23.44
C LEU Z 119 1.31 -30.53 24.82
N GLU Z 120 1.77 -31.79 24.84
CA GLU Z 120 1.96 -32.52 26.09
C GLU Z 120 2.99 -31.89 27.00
N LEU Z 121 3.83 -30.99 26.46
CA LEU Z 121 4.75 -30.22 27.30
C LEU Z 121 4.02 -29.41 28.36
N PHE Z 122 2.80 -28.97 28.05
CA PHE Z 122 2.06 -28.20 29.04
C PHE Z 122 1.28 -29.09 29.99
N ARG Z 123 1.43 -30.41 29.88
CA ARG Z 123 0.69 -31.34 30.73
C ARG Z 123 1.71 -31.98 31.65
N ASP Z 124 1.55 -31.81 32.95
CA ASP Z 124 2.46 -32.45 33.87
C ASP Z 124 2.13 -33.95 33.97
N PRO Z 125 3.15 -34.80 34.14
CA PRO Z 125 2.89 -36.25 34.24
C PRO Z 125 2.30 -36.68 35.58
N ARG Z 126 2.15 -35.77 36.54
CA ARG Z 126 1.57 -36.15 37.82
C ARG Z 126 0.07 -36.40 37.70
N THR Z 127 -0.68 -35.38 37.30
CA THR Z 127 -2.13 -35.48 37.22
C THR Z 127 -2.70 -35.22 35.84
N GLY Z 128 -1.96 -34.58 34.93
CA GLY Z 128 -2.44 -34.33 33.59
C GLY Z 128 -3.22 -33.04 33.41
N LYS Z 129 -3.47 -32.30 34.48
CA LYS Z 129 -4.16 -31.03 34.36
C LYS Z 129 -3.22 -29.93 33.86
N THR Z 130 -3.82 -28.84 33.40
CA THR Z 130 -3.06 -27.71 32.88
C THR Z 130 -2.25 -27.04 33.99
N ALA Z 131 -0.94 -26.95 33.78
CA ALA Z 131 -0.04 -26.37 34.76
C ALA Z 131 1.25 -25.94 34.08
N LEU Z 132 1.91 -24.95 34.69
CA LEU Z 132 3.19 -24.43 34.22
C LEU Z 132 4.18 -24.46 35.36
N ASP Z 133 5.38 -24.97 35.09
CA ASP Z 133 6.44 -25.09 36.10
C ASP Z 133 7.14 -23.74 36.28
N LEU Z 134 6.40 -22.80 36.86
CA LEU Z 134 6.86 -21.42 36.99
C LEU Z 134 8.23 -21.22 37.65
N PRO Z 135 8.60 -21.91 38.75
CA PRO Z 135 9.97 -21.70 39.27
C PRO Z 135 11.06 -22.08 38.30
N LYS Z 136 10.93 -23.23 37.63
CA LYS Z 136 11.96 -23.64 36.68
C LYS Z 136 11.94 -22.78 35.42
N ILE Z 137 10.75 -22.35 34.98
CA ILE Z 137 10.66 -21.46 33.82
C ILE Z 137 11.35 -20.13 34.12
N PHE Z 138 11.11 -19.58 35.31
CA PHE Z 138 11.80 -18.34 35.68
C PHE Z 138 13.30 -18.55 35.85
N GLY Z 139 13.72 -19.69 36.40
CA GLY Z 139 15.15 -19.95 36.53
C GLY Z 139 15.83 -20.03 35.17
N ILE Z 140 15.20 -20.71 34.23
CA ILE Z 140 15.73 -20.81 32.87
C ILE Z 140 15.78 -19.43 32.22
N HIS Z 141 14.70 -18.66 32.34
CA HIS Z 141 14.64 -17.36 31.70
C HIS Z 141 15.63 -16.38 32.32
N LEU Z 142 15.82 -16.44 33.64
CA LEU Z 142 16.83 -15.61 34.27
C LEU Z 142 18.24 -16.02 33.86
N PHE Z 143 18.45 -17.33 33.64
CA PHE Z 143 19.75 -17.79 33.15
C PHE Z 143 20.02 -17.27 31.75
N LEU Z 144 19.02 -17.31 30.86
CA LEU Z 144 19.21 -16.77 29.52
C LEU Z 144 19.40 -15.25 29.55
N ALA Z 145 18.67 -14.56 30.42
CA ALA Z 145 18.84 -13.11 30.56
C ALA Z 145 20.23 -12.77 31.04
N GLY Z 146 20.75 -13.52 32.01
CA GLY Z 146 22.12 -13.29 32.47
C GLY Z 146 23.15 -13.59 31.40
N LEU Z 147 22.95 -14.68 30.65
CA LEU Z 147 23.89 -15.01 29.58
C LEU Z 147 23.90 -13.95 28.49
N LEU Z 148 22.71 -13.47 28.09
CA LEU Z 148 22.64 -12.45 27.05
C LEU Z 148 23.21 -11.12 27.54
N CYS Z 149 22.95 -10.75 28.81
CA CYS Z 149 23.51 -9.51 29.35
C CYS Z 149 25.03 -9.59 29.43
N PHE Z 150 25.57 -10.74 29.87
CA PHE Z 150 27.01 -10.89 29.96
C PHE Z 150 27.66 -10.88 28.58
N GLY Z 151 27.01 -11.51 27.59
CA GLY Z 151 27.55 -11.47 26.24
C GLY Z 151 27.52 -10.07 25.65
N PHE Z 152 26.41 -9.35 25.84
CA PHE Z 152 26.30 -7.99 25.33
C PHE Z 152 27.28 -7.05 26.01
N GLY Z 153 27.58 -7.28 27.30
CA GLY Z 153 28.56 -6.48 27.99
C GLY Z 153 29.99 -6.90 27.85
N ALA Z 154 30.25 -8.11 27.34
CA ALA Z 154 31.61 -8.61 27.20
C ALA Z 154 32.11 -8.62 25.77
N PHE Z 155 31.22 -8.60 24.78
CA PHE Z 155 31.67 -8.66 23.40
C PHE Z 155 31.17 -7.51 22.54
N HIS Z 156 29.92 -7.08 22.73
CA HIS Z 156 29.37 -6.01 21.90
C HIS Z 156 29.98 -4.66 22.27
N VAL Z 157 29.83 -4.26 23.53
CA VAL Z 157 30.30 -2.94 23.94
C VAL Z 157 31.80 -2.90 24.19
N THR Z 158 32.44 -4.05 24.47
CA THR Z 158 33.88 -4.07 24.65
C THR Z 158 34.63 -3.95 23.33
N GLY Z 159 33.99 -4.25 22.22
CA GLY Z 159 34.59 -4.08 20.91
C GLY Z 159 35.57 -5.16 20.50
N VAL Z 160 35.88 -6.11 21.38
CA VAL Z 160 36.75 -7.22 20.98
C VAL Z 160 36.04 -8.12 19.98
N PHE Z 161 34.72 -8.11 19.97
CA PHE Z 161 33.91 -8.79 18.97
C PHE Z 161 32.88 -7.88 18.34
N GLY Z 162 32.30 -6.95 19.10
CA GLY Z 162 31.27 -6.08 18.61
C GLY Z 162 31.80 -4.71 18.21
N PRO Z 163 30.88 -3.74 18.02
CA PRO Z 163 31.29 -2.41 17.56
C PRO Z 163 31.53 -1.41 18.68
N GLY Z 164 31.21 -1.77 19.92
CA GLY Z 164 31.29 -0.79 21.00
C GLY Z 164 30.05 0.07 21.02
N ILE Z 165 30.17 1.32 21.47
CA ILE Z 165 29.04 2.24 21.54
C ILE Z 165 29.46 3.61 21.02
N TRP Z 166 28.47 4.49 20.89
CA TRP Z 166 28.69 5.86 20.46
C TRP Z 166 29.00 6.72 21.67
N VAL Z 167 30.23 7.21 21.74
CA VAL Z 167 30.69 8.11 22.79
C VAL Z 167 31.03 9.44 22.14
N SER Z 168 30.60 10.53 22.79
CA SER Z 168 30.83 11.87 22.29
C SER Z 168 31.61 12.66 23.35
N ASP Z 169 32.13 13.80 22.92
CA ASP Z 169 32.77 14.73 23.83
C ASP Z 169 31.71 15.36 24.73
N PRO Z 170 32.11 15.96 25.86
CA PRO Z 170 31.11 16.55 26.78
C PRO Z 170 30.16 17.56 26.14
N TYR Z 171 30.62 18.31 25.14
CA TYR Z 171 29.80 19.32 24.50
C TYR Z 171 29.21 18.84 23.17
N GLY Z 172 29.38 17.56 22.86
CA GLY Z 172 28.75 16.94 21.70
C GLY Z 172 29.21 17.41 20.34
N LEU Z 173 30.51 17.62 20.16
CA LEU Z 173 31.02 18.10 18.87
C LEU Z 173 31.38 16.95 17.92
N THR Z 174 32.35 16.12 18.31
CA THR Z 174 32.87 15.13 17.36
C THR Z 174 31.99 13.88 17.29
N GLY Z 175 31.97 13.08 18.36
CA GLY Z 175 31.17 11.88 18.39
C GLY Z 175 31.76 10.74 17.58
N SER Z 176 31.77 9.53 18.13
CA SER Z 176 32.29 8.39 17.38
C SER Z 176 31.78 7.10 18.01
N VAL Z 177 31.70 6.05 17.19
CA VAL Z 177 31.41 4.71 17.68
C VAL Z 177 32.75 4.00 17.87
N GLN Z 178 33.02 3.54 19.08
CA GLN Z 178 34.26 2.83 19.33
C GLN Z 178 34.06 1.85 20.48
N PRO Z 179 34.95 0.87 20.63
CA PRO Z 179 34.97 0.06 21.85
C PRO Z 179 35.27 0.91 23.07
N VAL Z 180 34.66 0.53 24.19
CA VAL Z 180 34.83 1.23 25.47
C VAL Z 180 35.30 0.23 26.51
N ALA Z 181 36.39 0.56 27.21
CA ALA Z 181 36.90 -0.31 28.25
C ALA Z 181 36.03 -0.19 29.50
N PRO Z 182 35.90 -1.27 30.28
CA PRO Z 182 35.08 -1.20 31.50
C PRO Z 182 35.71 -0.33 32.57
N SER Z 183 34.84 0.30 33.36
CA SER Z 183 35.24 1.10 34.52
C SER Z 183 34.72 0.39 35.75
N TRP Z 184 35.63 -0.13 36.57
CA TRP Z 184 35.28 -0.98 37.70
C TRP Z 184 35.14 -0.23 39.02
N GLY Z 185 35.30 1.09 39.02
CA GLY Z 185 35.22 1.88 40.22
C GLY Z 185 33.95 2.72 40.29
N ALA Z 186 33.99 3.74 41.15
CA ALA Z 186 32.86 4.66 41.28
C ALA Z 186 32.64 5.45 40.00
N GLU Z 187 33.69 5.64 39.20
CA GLU Z 187 33.52 6.25 37.89
C GLU Z 187 32.64 5.40 36.99
N GLY Z 188 32.69 4.07 37.17
CA GLY Z 188 31.77 3.20 36.47
C GLY Z 188 30.32 3.45 36.87
N PHE Z 189 30.10 3.93 38.09
CA PHE Z 189 28.79 4.34 38.53
C PHE Z 189 28.49 5.80 38.22
N ASP Z 190 29.42 6.48 37.55
CA ASP Z 190 29.13 7.82 37.05
C ASP Z 190 28.15 7.67 35.90
N PRO Z 191 26.95 8.26 35.98
CA PRO Z 191 25.96 8.06 34.92
C PRO Z 191 26.34 8.68 33.59
N TYR Z 192 27.24 9.65 33.58
CA TYR Z 192 27.72 10.25 32.34
C TYR Z 192 29.01 9.61 31.85
N ASN Z 193 29.46 8.54 32.48
CA ASN Z 193 30.68 7.85 32.07
C ASN Z 193 30.32 6.63 31.25
N PRO Z 194 30.74 6.54 29.98
CA PRO Z 194 30.42 5.36 29.17
C PRO Z 194 31.23 4.12 29.54
N GLY Z 195 32.25 4.27 30.38
CA GLY Z 195 33.05 3.12 30.79
C GLY Z 195 32.37 2.20 31.77
N GLY Z 196 31.25 2.63 32.36
CA GLY Z 196 30.55 1.77 33.30
C GLY Z 196 29.60 0.79 32.67
N VAL Z 197 29.14 1.07 31.45
CA VAL Z 197 28.16 0.20 30.79
C VAL Z 197 28.68 -1.21 30.55
N PRO Z 198 29.90 -1.43 30.01
CA PRO Z 198 30.39 -2.82 29.93
C PRO Z 198 30.53 -3.50 31.27
N ALA Z 199 31.05 -2.79 32.28
CA ALA Z 199 31.18 -3.36 33.62
C ALA Z 199 29.81 -3.65 34.22
N HIS Z 200 28.86 -2.73 34.02
CA HIS Z 200 27.49 -2.95 34.50
C HIS Z 200 26.88 -4.20 33.89
N HIS Z 201 26.97 -4.34 32.57
CA HIS Z 201 26.35 -5.51 31.94
C HIS Z 201 27.08 -6.79 32.27
N ILE Z 202 28.40 -6.74 32.43
CA ILE Z 202 29.16 -7.94 32.80
C ILE Z 202 28.78 -8.41 34.20
N ALA Z 203 28.75 -7.49 35.17
CA ALA Z 203 28.40 -7.86 36.54
C ALA Z 203 26.94 -8.28 36.63
N ALA Z 204 26.04 -7.60 35.92
CA ALA Z 204 24.63 -7.97 35.91
C ALA Z 204 24.44 -9.35 35.29
N GLY Z 205 25.18 -9.65 34.22
CA GLY Z 205 25.08 -10.96 33.62
C GLY Z 205 25.60 -12.07 34.51
N ILE Z 206 26.72 -11.83 35.20
CA ILE Z 206 27.25 -12.83 36.13
C ILE Z 206 26.27 -13.09 37.26
N LEU Z 207 25.72 -12.01 37.84
CA LEU Z 207 24.76 -12.15 38.93
C LEU Z 207 23.48 -12.84 38.46
N GLY Z 208 23.02 -12.52 37.25
CA GLY Z 208 21.83 -13.16 36.71
C GLY Z 208 22.04 -14.64 36.43
N VAL Z 209 23.23 -14.99 35.94
CA VAL Z 209 23.56 -16.40 35.71
C VAL Z 209 23.56 -17.18 37.02
N LEU Z 210 24.19 -16.62 38.05
CA LEU Z 210 24.22 -17.29 39.35
C LEU Z 210 22.83 -17.39 39.96
N ALA Z 211 22.02 -16.33 39.86
CA ALA Z 211 20.67 -16.36 40.40
C ALA Z 211 19.78 -17.36 39.65
N GLY Z 212 19.93 -17.44 38.33
CA GLY Z 212 19.18 -18.42 37.57
C GLY Z 212 19.59 -19.84 37.90
N LEU Z 213 20.88 -20.06 38.15
CA LEU Z 213 21.33 -21.38 38.56
C LEU Z 213 20.76 -21.75 39.93
N PHE Z 214 20.72 -20.79 40.85
CA PHE Z 214 20.14 -21.05 42.17
C PHE Z 214 18.64 -21.30 42.08
N HIS Z 215 17.96 -20.62 41.16
CA HIS Z 215 16.54 -20.87 40.94
C HIS Z 215 16.31 -22.25 40.33
N LEU Z 216 17.17 -22.68 39.42
CA LEU Z 216 17.07 -23.99 38.81
C LEU Z 216 17.31 -25.08 39.85
N VAL Z 218 17.19 -24.73 43.67
CA VAL Z 218 16.29 -24.73 44.82
C VAL Z 218 14.86 -24.36 44.42
N ARG Z 219 13.89 -25.12 44.92
CA ARG Z 219 12.48 -24.84 44.71
C ARG Z 219 11.97 -23.86 45.76
N PRO Z 220 10.85 -23.16 45.49
CA PRO Z 220 10.30 -22.24 46.50
C PRO Z 220 9.62 -22.96 47.66
N SER Z 221 9.07 -22.20 48.59
CA SER Z 221 8.40 -22.76 49.77
C SER Z 221 6.89 -22.58 49.69
N ILE Z 222 6.19 -23.25 50.61
CA ILE Z 222 4.73 -23.21 50.63
C ILE Z 222 4.22 -21.82 51.03
N ARG Z 223 4.90 -21.16 51.97
CA ARG Z 223 4.40 -19.90 52.52
C ARG Z 223 4.33 -18.81 51.47
N LEU Z 224 5.41 -18.61 50.72
CA LEU Z 224 5.37 -17.64 49.63
C LEU Z 224 4.45 -18.12 48.51
N TYR Z 225 4.32 -19.44 48.36
CA TYR Z 225 3.44 -19.99 47.33
C TYR Z 225 1.98 -19.60 47.57
N PHE Z 226 1.54 -19.66 48.82
CA PHE Z 226 0.18 -19.28 49.16
C PHE Z 226 0.06 -17.80 49.51
N GLY Z 227 1.17 -17.09 49.64
CA GLY Z 227 1.10 -15.66 49.89
C GLY Z 227 1.06 -14.81 48.64
N LEU Z 228 2.03 -14.98 47.74
CA LEU Z 228 2.16 -14.13 46.56
C LEU Z 228 1.24 -14.55 45.42
N SER Z 229 0.30 -15.47 45.67
CA SER Z 229 -0.54 -16.08 44.62
C SER Z 229 0.34 -16.70 43.53
N MET Z 230 1.36 -17.43 44.00
CA MET Z 230 2.32 -18.12 43.13
C MET Z 230 1.66 -19.03 42.12
N GLY Z 231 0.57 -19.68 42.49
CA GLY Z 231 -0.11 -20.60 41.58
C GLY Z 231 -0.69 -19.94 40.34
N SER Z 232 -0.95 -18.64 40.40
CA SER Z 232 -1.53 -17.92 39.28
C SER Z 232 -0.44 -17.33 38.39
N ILE Z 233 -0.61 -17.48 37.08
CA ILE Z 233 0.26 -16.84 36.10
C ILE Z 233 0.10 -15.31 36.15
N GLU Z 234 -1.04 -14.85 36.68
CA GLU Z 234 -1.26 -13.42 36.82
C GLU Z 234 -0.29 -12.79 37.81
N SER Z 235 0.24 -13.58 38.75
CA SER Z 235 1.29 -13.05 39.64
C SER Z 235 2.54 -12.71 38.86
N VAL Z 236 2.93 -13.61 37.94
CA VAL Z 236 4.03 -13.33 37.02
C VAL Z 236 3.70 -12.09 36.19
N LEU Z 237 2.45 -11.96 35.75
CA LEU Z 237 2.04 -10.81 34.96
C LEU Z 237 2.20 -9.51 35.74
N SER Z 238 1.70 -9.49 36.97
CA SER Z 238 1.75 -8.28 37.79
C SER Z 238 3.19 -7.91 38.12
N SER Z 239 4.02 -8.91 38.46
CA SER Z 239 5.42 -8.62 38.77
C SER Z 239 6.18 -8.13 37.54
N SER Z 240 5.92 -8.73 36.37
CA SER Z 240 6.61 -8.31 35.15
C SER Z 240 6.18 -6.92 34.72
N ILE Z 241 4.89 -6.60 34.83
CA ILE Z 241 4.47 -5.25 34.46
C ILE Z 241 5.00 -4.23 35.47
N ALA Z 242 5.14 -4.64 36.74
CA ALA Z 242 5.79 -3.77 37.72
C ALA Z 242 7.22 -3.47 37.33
N ALA Z 243 7.95 -4.52 36.90
CA ALA Z 243 9.32 -4.34 36.45
C ALA Z 243 9.39 -3.46 35.21
N VAL Z 244 8.42 -3.56 34.30
CA VAL Z 244 8.57 -2.80 33.07
C VAL Z 244 8.17 -1.34 33.28
N PHE Z 245 7.24 -1.01 34.20
CA PHE Z 245 7.11 0.45 34.36
C PHE Z 245 8.17 1.00 35.30
N TRP Z 246 8.79 0.14 36.13
CA TRP Z 246 10.03 0.53 36.79
C TRP Z 246 11.07 0.96 35.77
N ALA Z 247 11.29 0.11 34.76
CA ALA Z 247 12.23 0.44 33.70
C ALA Z 247 11.76 1.61 32.85
N ALA Z 248 10.45 1.81 32.72
CA ALA Z 248 9.94 2.95 31.97
C ALA Z 248 10.24 4.26 32.69
N PHE Z 249 10.05 4.29 34.02
CA PHE Z 249 10.44 5.46 34.77
C PHE Z 249 11.94 5.69 34.70
N VAL Z 250 12.71 4.59 34.70
CA VAL Z 250 14.17 4.68 34.59
C VAL Z 250 14.58 5.32 33.25
N VAL Z 251 13.99 4.84 32.15
CA VAL Z 251 14.37 5.35 30.84
C VAL Z 251 13.88 6.79 30.64
N ALA Z 252 12.69 7.12 31.17
CA ALA Z 252 12.21 8.50 31.08
C ALA Z 252 13.14 9.45 31.84
N GLY Z 253 13.56 9.05 33.04
CA GLY Z 253 14.48 9.87 33.80
C GLY Z 253 15.83 10.02 33.12
N THR Z 254 16.39 8.91 32.61
CA THR Z 254 17.72 9.00 32.01
C THR Z 254 17.69 9.76 30.69
N MET Z 255 16.56 9.74 29.97
CA MET Z 255 16.46 10.53 28.75
C MET Z 255 16.26 12.01 29.05
N TRP Z 256 15.50 12.33 30.11
CA TRP Z 256 15.28 13.74 30.40
C TRP Z 256 16.50 14.39 31.06
N TYR Z 257 17.31 13.61 31.79
CA TYR Z 257 18.47 14.19 32.44
C TYR Z 257 19.76 13.98 31.67
N GLY Z 258 19.81 13.04 30.74
CA GLY Z 258 21.04 12.78 30.01
C GLY Z 258 21.98 11.87 30.78
N SER Z 259 22.64 10.97 30.06
CA SER Z 259 23.56 10.03 30.70
C SER Z 259 24.58 9.57 29.66
N ALA Z 260 25.29 8.50 29.99
CA ALA Z 260 26.34 7.98 29.09
C ALA Z 260 25.74 7.42 27.80
N ALA Z 261 24.66 6.67 27.90
CA ALA Z 261 24.03 6.05 26.74
C ALA Z 261 22.99 6.94 26.08
N THR Z 262 22.99 8.24 26.40
CA THR Z 262 22.04 9.21 25.85
C THR Z 262 22.85 10.35 25.23
N PRO Z 263 23.43 10.13 24.05
CA PRO Z 263 24.27 11.17 23.45
C PRO Z 263 23.45 12.34 22.92
N ILE Z 264 23.98 13.55 23.14
CA ILE Z 264 23.35 14.76 22.63
C ILE Z 264 23.37 14.76 21.10
N GLU Z 265 24.47 14.27 20.51
CA GLU Z 265 24.63 14.26 19.07
C GLU Z 265 23.56 13.42 18.37
N LEU Z 266 23.13 12.33 19.01
CA LEU Z 266 22.15 11.44 18.41
C LEU Z 266 20.72 11.73 18.86
N PHE Z 267 20.49 12.13 20.10
CA PHE Z 267 19.15 12.28 20.62
C PHE Z 267 18.74 13.71 20.91
N GLY Z 268 19.54 14.70 20.53
CA GLY Z 268 19.22 16.07 20.78
C GLY Z 268 19.68 16.51 22.16
N PRO Z 269 19.65 17.81 22.42
CA PRO Z 269 20.08 18.31 23.73
C PRO Z 269 19.01 18.12 24.79
N THR Z 270 19.32 18.54 26.01
CA THR Z 270 18.35 18.58 27.09
C THR Z 270 18.03 20.04 27.43
N ARG Z 271 16.83 20.25 27.94
CA ARG Z 271 16.43 21.60 28.35
C ARG Z 271 17.27 22.10 29.51
N TYR Z 272 17.83 21.19 30.32
CA TYR Z 272 18.66 21.60 31.44
C TYR Z 272 20.01 22.13 30.96
N GLN Z 273 20.49 21.65 29.81
CA GLN Z 273 21.72 22.21 29.26
C GLN Z 273 21.51 23.65 28.82
N TRP Z 274 20.36 23.96 28.22
CA TRP Z 274 20.04 25.34 27.89
C TRP Z 274 19.86 26.18 29.14
N ASP Z 275 19.16 25.64 30.14
CA ASP Z 275 18.92 26.39 31.37
C ASP Z 275 20.19 26.52 32.22
N GLN Z 276 21.22 25.74 31.94
CA GLN Z 276 22.48 25.84 32.65
C GLN Z 276 23.58 26.51 31.82
N GLY Z 277 23.26 26.99 30.63
CA GLY Z 277 24.22 27.71 29.80
C GLY Z 277 25.44 26.88 29.43
N PHE Z 278 25.24 25.62 29.08
CA PHE Z 278 26.36 24.71 28.87
C PHE Z 278 27.11 25.06 27.59
N PHE Z 279 26.40 25.08 26.45
CA PHE Z 279 27.04 25.42 25.18
C PHE Z 279 27.50 26.87 25.16
N GLN Z 280 26.72 27.77 25.75
CA GLN Z 280 27.11 29.17 25.83
C GLN Z 280 28.39 29.35 26.63
N GLN Z 281 28.50 28.67 27.76
CA GLN Z 281 29.71 28.74 28.57
C GLN Z 281 30.90 28.17 27.81
N GLU Z 282 30.69 27.08 27.08
CA GLU Z 282 31.76 26.52 26.25
C GLU Z 282 32.25 27.52 25.20
N ILE Z 283 31.32 28.13 24.47
CA ILE Z 283 31.70 29.09 23.42
C ILE Z 283 32.43 30.27 24.05
N GLN Z 284 31.92 30.75 25.18
CA GLN Z 284 32.47 32.00 25.71
C GLN Z 284 33.84 31.78 26.34
N LYS Z 285 34.11 30.58 26.87
CA LYS Z 285 35.47 30.37 27.36
C LYS Z 285 36.41 29.97 26.22
N ARG Z 286 35.89 29.39 25.13
CA ARG Z 286 36.65 29.30 23.90
C ARG Z 286 36.95 30.66 23.28
N VAL Z 287 36.19 31.68 23.65
CA VAL Z 287 36.49 33.04 23.22
C VAL Z 287 37.50 33.71 24.16
N ALA Z 288 37.31 33.51 25.47
CA ALA Z 288 38.22 34.04 26.48
C ALA Z 288 39.64 33.53 26.25
N GLN Z 289 39.80 32.23 26.06
CA GLN Z 289 41.03 31.74 25.48
C GLN Z 289 41.06 32.14 24.02
N SER Z 290 42.22 32.59 23.55
CA SER Z 290 42.50 33.17 22.24
C SER Z 290 41.89 34.57 22.06
N THR Z 291 41.22 35.13 23.07
CA THR Z 291 41.00 36.57 23.09
C THR Z 291 41.87 37.26 24.15
N SER Z 292 42.17 36.58 25.25
CA SER Z 292 43.05 37.14 26.27
C SER Z 292 44.51 37.19 25.84
N GLU Z 293 44.87 36.53 24.73
CA GLU Z 293 46.25 36.53 24.25
C GLU Z 293 46.33 37.12 22.85
N GLY Z 294 45.67 38.26 22.64
CA GLY Z 294 45.62 38.86 21.33
C GLY Z 294 44.50 38.24 20.49
N LEU Z 295 44.49 38.63 19.22
CA LEU Z 295 43.49 38.20 18.22
C LEU Z 295 42.07 38.31 18.78
N SER Z 296 41.67 39.56 19.00
CA SER Z 296 40.45 39.92 19.71
C SER Z 296 39.18 39.51 18.98
N VAL Z 297 38.02 39.89 19.56
CA VAL Z 297 36.71 39.43 19.11
C VAL Z 297 36.33 39.90 17.71
N SER Z 298 37.17 40.70 17.05
CA SER Z 298 36.92 41.01 15.65
C SER Z 298 37.00 39.76 14.78
N GLU Z 299 37.97 38.89 15.06
CA GLU Z 299 38.12 37.60 14.41
C GLU Z 299 38.06 36.49 15.47
N ALA Z 300 38.37 35.26 15.04
CA ALA Z 300 38.41 34.02 15.82
C ALA Z 300 37.03 33.51 16.18
N TRP Z 301 35.99 34.30 15.92
CA TRP Z 301 34.62 33.79 16.03
C TRP Z 301 34.37 32.73 14.96
N ALA Z 302 34.99 32.88 13.79
CA ALA Z 302 35.00 31.81 12.81
C ALA Z 302 35.74 30.58 13.32
N LYS Z 303 36.64 30.75 14.28
CA LYS Z 303 37.25 29.61 14.96
C LYS Z 303 36.23 28.83 15.77
N ILE Z 304 35.12 29.45 16.15
CA ILE Z 304 34.04 28.78 16.86
C ILE Z 304 33.33 27.85 15.87
N PRO Z 305 33.19 26.57 16.19
CA PRO Z 305 32.50 25.65 15.28
C PRO Z 305 31.02 26.01 15.15
N GLU Z 306 30.48 25.75 13.96
CA GLU Z 306 29.08 26.06 13.67
C GLU Z 306 28.12 25.13 14.40
N LYS Z 307 28.55 23.91 14.73
CA LYS Z 307 27.70 23.00 15.50
C LYS Z 307 27.44 23.52 16.90
N LEU Z 308 28.45 24.15 17.50
CA LEU Z 308 28.33 24.68 18.85
C LEU Z 308 27.31 25.81 18.91
N ALA Z 309 27.33 26.71 17.93
CA ALA Z 309 26.33 27.78 17.87
C ALA Z 309 24.94 27.25 17.62
N PHE Z 310 24.82 26.18 16.82
CA PHE Z 310 23.54 25.53 16.63
C PHE Z 310 23.04 24.91 17.92
N TYR Z 311 23.96 24.40 18.74
CA TYR Z 311 23.59 23.89 20.05
C TYR Z 311 23.17 25.01 20.99
N ASP Z 312 23.72 26.22 20.82
CA ASP Z 312 23.34 27.36 21.66
C ASP Z 312 22.14 28.08 21.05
N TYR Z 313 21.02 27.38 20.99
CA TYR Z 313 19.79 27.93 20.43
C TYR Z 313 18.59 27.32 21.15
N ILE Z 314 17.64 28.17 21.56
CA ILE Z 314 16.48 27.67 22.29
C ILE Z 314 15.54 26.89 21.39
N GLY Z 315 15.58 27.11 20.07
CA GLY Z 315 14.86 26.22 19.18
C GLY Z 315 15.43 24.81 19.19
N ASN Z 316 16.69 24.68 19.59
CA ASN Z 316 17.30 23.38 19.78
C ASN Z 316 16.90 22.77 21.13
N ASN Z 317 16.20 23.52 21.97
CA ASN Z 317 15.74 23.01 23.26
C ASN Z 317 14.68 21.94 23.04
N PRO Z 318 14.75 20.81 23.73
CA PRO Z 318 13.70 19.78 23.58
C PRO Z 318 12.39 20.14 24.23
N ALA Z 319 12.36 21.18 25.07
CA ALA Z 319 11.16 21.54 25.81
C ALA Z 319 10.65 22.90 25.36
N LYS Z 320 10.60 23.12 24.05
CA LYS Z 320 10.06 24.35 23.50
C LYS Z 320 8.87 24.13 22.58
N GLY Z 321 8.49 22.89 22.34
CA GLY Z 321 7.36 22.57 21.49
C GLY Z 321 6.06 22.57 22.25
N GLY Z 322 5.09 21.83 21.72
CA GLY Z 322 3.80 21.70 22.36
C GLY Z 322 3.34 20.26 22.30
N LEU Z 323 2.16 20.04 22.87
CA LEU Z 323 1.55 18.71 22.82
C LEU Z 323 1.16 18.34 21.40
N PHE Z 324 0.80 19.34 20.58
CA PHE Z 324 0.23 19.15 19.25
C PHE Z 324 0.97 19.91 18.16
N ARG Z 325 2.12 20.47 18.46
CA ARG Z 325 3.03 20.95 17.42
C ARG Z 325 3.67 19.70 16.86
N THR Z 326 3.01 19.12 15.86
CA THR Z 326 3.27 17.76 15.42
C THR Z 326 4.30 17.72 14.30
N GLY Z 327 5.25 16.79 14.41
CA GLY Z 327 6.16 16.53 13.32
C GLY Z 327 7.61 16.88 13.56
N ALA Z 328 8.31 17.22 12.47
CA ALA Z 328 9.73 17.53 12.52
C ALA Z 328 9.96 18.95 12.99
N MET Z 329 11.13 19.18 13.61
CA MET Z 329 11.51 20.51 14.03
C MET Z 329 11.71 21.44 12.84
N ASN Z 330 12.21 20.89 11.73
CA ASN Z 330 12.38 21.66 10.50
C ASN Z 330 11.02 22.14 9.98
N SER Z 331 9.98 21.31 10.12
CA SER Z 331 8.64 21.77 9.79
C SER Z 331 8.15 22.85 10.76
N GLY Z 332 8.84 23.03 11.88
CA GLY Z 332 8.51 24.07 12.83
C GLY Z 332 9.18 25.40 12.55
N ASP Z 333 10.50 25.42 12.39
CA ASP Z 333 11.21 26.67 12.20
C ASP Z 333 11.98 26.82 10.89
N GLY Z 334 12.09 25.77 10.09
CA GLY Z 334 12.92 25.81 8.91
C GLY Z 334 14.28 25.18 9.16
N ILE Z 335 14.96 24.84 8.07
CA ILE Z 335 16.27 24.21 8.16
C ILE Z 335 17.35 25.28 8.25
N ALA Z 336 18.23 25.16 9.23
CA ALA Z 336 19.31 26.12 9.40
C ALA Z 336 20.29 26.00 8.24
N VAL Z 337 20.69 27.14 7.69
CA VAL Z 337 21.58 27.21 6.54
C VAL Z 337 22.96 27.75 6.93
N GLY Z 338 23.03 28.66 7.89
CA GLY Z 338 24.30 29.21 8.30
C GLY Z 338 24.20 30.01 9.57
N TRP Z 339 25.37 30.21 10.20
CA TRP Z 339 25.49 30.98 11.43
C TRP Z 339 25.95 32.39 11.09
N LEU Z 340 25.23 33.39 11.61
CA LEU Z 340 25.54 34.78 11.34
C LEU Z 340 26.51 35.39 12.35
N GLY Z 341 26.93 34.64 13.36
CA GLY Z 341 27.85 35.15 14.36
C GLY Z 341 27.15 35.65 15.61
N HIS Z 342 27.94 35.80 16.67
CA HIS Z 342 27.40 36.30 17.94
C HIS Z 342 27.16 37.79 17.82
N ALA Z 343 25.96 38.23 18.20
CA ALA Z 343 25.60 39.64 18.16
C ALA Z 343 26.17 40.35 19.38
N SER Z 344 26.99 41.37 19.13
CA SER Z 344 27.48 42.26 20.18
C SER Z 344 26.75 43.59 20.05
N PHE Z 345 26.04 43.99 21.10
CA PHE Z 345 25.27 45.22 21.10
C PHE Z 345 26.02 46.28 21.90
N LYS Z 346 26.10 47.49 21.35
CA LYS Z 346 26.74 48.59 22.07
C LYS Z 346 25.88 49.83 21.96
N ASP Z 347 25.76 50.55 23.07
CA ASP Z 347 24.94 51.75 23.10
C ASP Z 347 25.79 52.96 22.75
N GLN Z 348 25.24 54.16 22.96
CA GLN Z 348 25.89 55.38 22.49
C GLN Z 348 27.13 55.76 23.29
N GLU Z 349 27.29 55.25 24.52
CA GLU Z 349 28.46 55.64 25.30
C GLU Z 349 29.58 54.61 25.24
N GLY Z 350 29.29 53.34 24.99
CA GLY Z 350 30.37 52.40 24.77
C GLY Z 350 30.31 51.06 25.48
N ARG Z 351 29.49 50.96 26.52
CA ARG Z 351 29.39 49.69 27.25
C ARG Z 351 28.72 48.62 26.40
N GLU Z 352 29.12 47.37 26.61
CA GLU Z 352 28.61 46.26 25.81
C GLU Z 352 27.39 45.67 26.51
N LEU Z 353 26.24 45.75 25.84
CA LEU Z 353 24.99 45.23 26.35
C LEU Z 353 24.79 43.80 25.86
N PHE Z 354 23.90 43.08 26.54
CA PHE Z 354 23.59 41.70 26.21
C PHE Z 354 22.09 41.47 26.30
N VAL Z 355 21.58 40.66 25.39
CA VAL Z 355 20.15 40.33 25.39
C VAL Z 355 19.91 39.22 26.41
N ARG Z 356 18.78 39.32 27.12
CA ARG Z 356 18.44 38.31 28.12
C ARG Z 356 18.02 37.02 27.43
N ARG Z 357 18.56 35.90 27.89
CA ARG Z 357 18.22 34.61 27.31
C ARG Z 357 16.82 34.18 27.73
N MET Z 358 16.12 33.56 26.81
CA MET Z 358 14.73 33.19 27.01
C MET Z 358 14.63 31.98 27.92
N PRO Z 359 13.87 32.07 29.02
CA PRO Z 359 13.64 30.87 29.84
C PRO Z 359 12.80 29.86 29.09
N THR Z 360 13.01 28.59 29.45
CA THR Z 360 12.32 27.49 28.77
C THR Z 360 10.81 27.51 29.01
N PHE Z 361 10.37 28.08 30.14
CA PHE Z 361 8.96 28.07 30.52
C PHE Z 361 8.10 29.00 29.66
N PHE Z 362 8.70 29.95 28.95
CA PHE Z 362 7.94 30.97 28.23
C PHE Z 362 7.83 30.62 26.75
N GLU Z 363 6.65 30.86 26.19
CA GLU Z 363 6.47 30.77 24.75
C GLU Z 363 6.86 32.08 24.06
N THR Z 364 6.62 33.20 24.73
CA THR Z 364 7.05 34.52 24.28
C THR Z 364 7.84 35.18 25.40
N PHE Z 365 8.75 36.08 25.02
CA PHE Z 365 9.56 36.76 26.02
C PHE Z 365 9.91 38.16 25.52
N PRO Z 366 9.85 39.16 26.39
CA PRO Z 366 10.28 40.50 25.99
C PRO Z 366 11.78 40.57 25.75
N VAL Z 367 12.18 41.48 24.86
CA VAL Z 367 13.58 41.66 24.50
C VAL Z 367 14.12 42.85 25.29
N VAL Z 368 15.15 42.60 26.09
CA VAL Z 368 15.80 43.64 26.88
C VAL Z 368 17.30 43.55 26.68
N LEU Z 369 17.98 44.66 26.95
CA LEU Z 369 19.41 44.80 26.81
C LEU Z 369 19.97 45.22 28.17
N ILE Z 370 20.81 44.36 28.75
CA ILE Z 370 21.32 44.51 30.10
C ILE Z 370 22.82 44.76 30.06
N ASP Z 371 23.30 45.60 30.98
CA ASP Z 371 24.70 45.93 31.07
C ASP Z 371 25.50 44.78 31.70
N LYS Z 372 26.81 44.97 31.79
CA LYS Z 372 27.66 43.98 32.46
C LYS Z 372 27.33 43.87 33.94
N ASP Z 373 26.91 44.96 34.56
CA ASP Z 373 26.62 44.97 36.00
C ASP Z 373 25.27 44.36 36.35
N GLY Z 374 24.44 44.04 35.36
CA GLY Z 374 23.19 43.34 35.61
C GLY Z 374 21.95 44.19 35.78
N VAL Z 375 21.93 45.39 35.20
CA VAL Z 375 20.75 46.25 35.24
C VAL Z 375 20.36 46.58 33.79
N VAL Z 376 19.07 46.45 33.49
CA VAL Z 376 18.56 46.58 32.13
C VAL Z 376 18.83 47.99 31.60
N ARG Z 377 19.46 48.07 30.42
CA ARG Z 377 19.74 49.35 29.78
C ARG Z 377 18.73 49.73 28.71
N ALA Z 378 18.12 48.76 28.04
CA ALA Z 378 17.16 49.07 26.99
C ALA Z 378 16.13 47.96 26.91
N ASP Z 379 15.05 48.23 26.18
CA ASP Z 379 14.03 47.22 25.96
C ASP Z 379 13.31 47.53 24.66
N VAL Z 380 12.64 46.52 24.12
CA VAL Z 380 11.72 46.73 23.01
C VAL Z 380 10.52 47.44 23.62
N PRO Z 381 10.20 48.66 23.19
CA PRO Z 381 9.16 49.43 23.86
C PRO Z 381 7.77 48.96 23.46
N PHE Z 382 7.02 48.44 24.43
CA PHE Z 382 5.61 48.17 24.19
C PHE Z 382 4.82 49.46 24.12
N ARG Z 383 4.96 50.30 25.16
CA ARG Z 383 4.17 51.52 25.25
C ARG Z 383 4.63 52.58 24.25
N LYS Z 384 5.95 52.79 24.14
CA LYS Z 384 6.60 53.79 23.29
C LYS Z 384 6.13 55.22 23.59
N ALA Z 385 5.44 55.43 24.70
CA ALA Z 385 4.95 56.75 25.08
C ALA Z 385 5.46 57.06 26.47
N GLU Z 386 6.19 58.18 26.59
CA GLU Z 386 6.91 58.57 27.79
C GLU Z 386 7.83 57.46 28.26
N SER Z 387 8.46 56.79 27.29
CA SER Z 387 9.43 55.74 27.53
C SER Z 387 10.82 56.27 27.23
N LYS Z 388 11.77 56.00 28.12
CA LYS Z 388 13.12 56.47 27.96
C LYS Z 388 14.13 55.33 27.99
N TYR Z 389 13.68 54.13 27.62
CA TYR Z 389 14.54 52.97 27.45
C TYR Z 389 14.59 52.46 26.02
N SER Z 390 13.84 53.05 25.10
CA SER Z 390 13.75 52.55 23.74
C SER Z 390 15.08 52.67 23.01
N ILE Z 391 15.31 51.74 22.08
CA ILE Z 391 16.55 51.73 21.31
C ILE Z 391 16.63 52.96 20.41
N GLU Z 392 15.46 53.44 19.93
CA GLU Z 392 15.41 54.61 19.05
C GLU Z 392 15.93 55.88 19.74
N GLN Z 393 15.93 55.92 21.06
CA GLN Z 393 16.49 57.05 21.79
C GLN Z 393 17.75 56.72 22.56
N VAL Z 394 18.06 55.45 22.79
CA VAL Z 394 19.31 55.10 23.45
C VAL Z 394 20.45 55.06 22.43
N GLY Z 395 20.22 54.47 21.26
CA GLY Z 395 21.23 54.42 20.23
C GLY Z 395 22.15 53.22 20.30
N VAL Z 396 21.57 52.02 20.21
CA VAL Z 396 22.34 50.78 20.27
C VAL Z 396 22.52 50.23 18.88
N SER Z 397 23.77 49.94 18.51
CA SER Z 397 24.14 49.31 17.26
C SER Z 397 24.57 47.87 17.53
N VAL Z 398 24.32 47.01 16.55
CA VAL Z 398 24.64 45.58 16.67
C VAL Z 398 25.73 45.23 15.67
N THR Z 399 26.70 44.43 16.10
CA THR Z 399 27.80 44.02 15.25
C THR Z 399 27.98 42.51 15.32
N PHE Z 400 28.43 41.92 14.22
CA PHE Z 400 28.58 40.47 14.08
C PHE Z 400 29.99 40.12 13.64
N TYR Z 401 30.44 38.92 14.04
CA TYR Z 401 31.79 38.48 13.76
C TYR Z 401 31.82 36.98 13.49
N GLY Z 402 32.66 36.57 12.54
CA GLY Z 402 32.96 35.16 12.33
C GLY Z 402 31.90 34.34 11.62
N GLY Z 403 30.82 34.95 11.14
CA GLY Z 403 29.79 34.20 10.47
C GLY Z 403 29.60 34.62 9.03
N GLU Z 404 28.39 34.41 8.49
CA GLU Z 404 28.08 34.92 7.16
C GLU Z 404 28.13 36.44 7.15
N LEU Z 405 27.70 37.07 8.24
CA LEU Z 405 27.89 38.49 8.48
C LEU Z 405 29.01 38.65 9.50
N ASN Z 406 30.10 39.29 9.10
CA ASN Z 406 31.26 39.49 9.96
C ASN Z 406 31.69 40.94 9.86
N GLY Z 407 31.88 41.58 11.02
CA GLY Z 407 32.29 42.96 11.07
C GLY Z 407 31.25 43.97 10.62
N LEU Z 408 30.02 43.53 10.34
CA LEU Z 408 28.98 44.43 9.85
C LEU Z 408 28.21 44.98 11.04
N THR Z 409 28.18 46.31 11.15
CA THR Z 409 27.48 46.99 12.24
C THR Z 409 26.23 47.64 11.70
N PHE Z 410 25.08 47.22 12.22
CA PHE Z 410 23.79 47.80 11.89
C PHE Z 410 23.42 48.82 12.95
N THR Z 411 22.97 50.00 12.49
CA THR Z 411 22.53 51.08 13.35
C THR Z 411 21.05 51.39 13.19
N ASP Z 412 20.42 50.89 12.13
CA ASP Z 412 19.01 51.16 11.88
C ASP Z 412 18.14 50.54 12.97
N PRO Z 413 17.21 51.30 13.56
CA PRO Z 413 16.43 50.79 14.69
C PRO Z 413 15.61 49.55 14.38
N SER Z 414 15.03 49.46 13.19
CA SER Z 414 14.20 48.31 12.83
C SER Z 414 15.03 47.03 12.78
N THR Z 415 16.19 47.08 12.12
CA THR Z 415 16.99 45.87 12.00
C THR Z 415 17.70 45.52 13.31
N VAL Z 416 18.07 46.51 14.14
CA VAL Z 416 18.67 46.15 15.43
C VAL Z 416 17.60 45.55 16.34
N LYS Z 417 16.36 46.03 16.24
CA LYS Z 417 15.26 45.42 17.00
C LYS Z 417 15.01 43.98 16.54
N LYS Z 418 14.98 43.77 15.21
CA LYS Z 418 14.71 42.43 14.69
C LYS Z 418 15.82 41.45 15.07
N TYR Z 419 17.08 41.86 14.98
CA TYR Z 419 18.16 40.95 15.33
C TYR Z 419 18.29 40.78 16.83
N ALA Z 420 17.86 41.77 17.62
CA ALA Z 420 17.79 41.58 19.07
C ALA Z 420 16.71 40.58 19.43
N ARG Z 421 15.57 40.62 18.73
CA ARG Z 421 14.53 39.62 18.91
C ARG Z 421 15.01 38.24 18.48
N LYS Z 422 15.84 38.17 17.45
CA LYS Z 422 16.40 36.89 17.02
C LYS Z 422 17.42 36.35 18.01
N ALA Z 423 18.26 37.23 18.56
CA ALA Z 423 19.24 36.84 19.57
C ALA Z 423 18.62 36.58 20.93
N GLN Z 424 17.36 36.99 21.12
CA GLN Z 424 16.63 36.66 22.34
C GLN Z 424 16.51 35.14 22.53
N LEU Z 425 16.42 34.41 21.42
CA LEU Z 425 16.32 32.95 21.43
C LEU Z 425 17.68 32.27 21.56
N GLY Z 426 18.77 33.02 21.65
CA GLY Z 426 20.08 32.44 21.77
C GLY Z 426 21.02 32.92 20.68
N GLU Z 427 21.61 31.99 19.93
CA GLU Z 427 22.46 32.38 18.81
C GLU Z 427 21.60 32.85 17.63
N ILE Z 428 22.28 33.32 16.59
CA ILE Z 428 21.62 33.93 15.44
C ILE Z 428 21.84 33.02 14.24
N PHE Z 429 20.75 32.53 13.67
CA PHE Z 429 20.81 31.60 12.55
C PHE Z 429 19.77 31.96 11.51
N GLU Z 430 20.07 31.60 10.26
CA GLU Z 430 19.15 31.78 9.15
C GLU Z 430 18.50 30.44 8.80
N PHE Z 431 17.18 30.46 8.60
CA PHE Z 431 16.41 29.25 8.41
C PHE Z 431 15.65 29.33 7.09
N ASP Z 432 15.74 28.28 6.30
CA ASP Z 432 14.93 28.13 5.09
C ASP Z 432 13.57 27.58 5.50
N ARG Z 433 12.50 28.26 5.07
CA ARG Z 433 11.16 27.98 5.55
C ARG Z 433 10.18 27.55 4.47
N SER Z 434 10.31 28.05 3.24
CA SER Z 434 9.34 27.77 2.20
C SER Z 434 9.44 26.37 1.62
N THR Z 435 10.51 25.62 1.93
CA THR Z 435 10.67 24.29 1.36
C THR Z 435 9.77 23.26 2.05
N LEU Z 436 9.49 23.45 3.34
CA LEU Z 436 8.67 22.52 4.10
C LEU Z 436 7.41 23.17 4.67
N GLN Z 437 7.11 24.41 4.27
CA GLN Z 437 5.96 25.18 4.75
C GLN Z 437 5.99 25.30 6.28
N SER Z 438 7.04 25.95 6.77
CA SER Z 438 7.23 26.09 8.22
C SER Z 438 6.18 27.02 8.81
N ASP Z 439 5.53 26.57 9.88
CA ASP Z 439 4.50 27.37 10.53
C ASP Z 439 5.11 28.52 11.33
N GLY Z 440 6.21 28.25 12.03
CA GLY Z 440 6.87 29.28 12.81
C GLY Z 440 7.18 28.90 14.24
N VAL Z 441 6.28 28.14 14.87
CA VAL Z 441 6.49 27.75 16.26
C VAL Z 441 7.54 26.64 16.35
N PHE Z 442 8.05 26.44 17.56
CA PHE Z 442 9.04 25.41 17.81
C PHE Z 442 8.36 24.07 18.06
N ARG Z 443 9.06 22.99 17.66
CA ARG Z 443 8.59 21.64 17.88
C ARG Z 443 9.35 21.02 19.05
N SER Z 444 9.14 19.73 19.28
CA SER Z 444 9.79 19.02 20.37
C SER Z 444 10.74 17.95 19.83
N SER Z 445 11.77 17.68 20.60
CA SER Z 445 12.80 16.72 20.23
C SER Z 445 12.28 15.29 20.39
N PRO Z 446 12.89 14.34 19.68
CA PRO Z 446 12.58 12.92 19.91
C PRO Z 446 12.82 12.49 21.35
N ARG Z 447 13.82 13.06 22.02
CA ARG Z 447 14.05 12.77 23.43
C ARG Z 447 12.85 13.21 24.28
N GLY Z 448 12.33 14.41 24.02
CA GLY Z 448 11.17 14.88 24.75
C GLY Z 448 9.92 14.07 24.50
N TRP Z 449 9.67 13.71 23.24
CA TRP Z 449 8.51 12.89 22.93
C TRP Z 449 8.65 11.49 23.52
N PHE Z 450 9.86 10.94 23.49
CA PHE Z 450 10.15 9.65 24.12
C PHE Z 450 9.82 9.69 25.61
N THR Z 451 10.29 10.74 26.29
CA THR Z 451 10.06 10.86 27.73
C THR Z 451 8.58 11.03 28.04
N PHE Z 452 7.87 11.83 27.24
CA PHE Z 452 6.44 12.02 27.48
C PHE Z 452 5.66 10.73 27.30
N GLY Z 453 5.92 10.03 26.19
CA GLY Z 453 5.22 8.78 25.94
C GLY Z 453 5.51 7.73 26.99
N HIS Z 454 6.78 7.63 27.43
CA HIS Z 454 7.12 6.62 28.42
C HIS Z 454 6.62 6.98 29.81
N LEU Z 455 6.52 8.27 30.13
CA LEU Z 455 5.92 8.64 31.41
C LEU Z 455 4.43 8.31 31.44
N SER Z 456 3.72 8.61 30.35
CA SER Z 456 2.30 8.25 30.27
C SER Z 456 2.11 6.74 30.33
N PHE Z 457 2.97 6.00 29.61
CA PHE Z 457 2.90 4.54 29.62
C PHE Z 457 3.21 3.98 31.01
N ALA Z 458 4.15 4.60 31.73
CA ALA Z 458 4.49 4.15 33.07
C ALA Z 458 3.34 4.38 34.05
N LEU Z 459 2.65 5.52 33.93
CA LEU Z 459 1.47 5.74 34.77
C LEU Z 459 0.37 4.73 34.46
N LEU Z 460 0.11 4.48 33.18
CA LEU Z 460 -0.90 3.50 32.81
C LEU Z 460 -0.52 2.11 33.30
N PHE Z 461 0.77 1.77 33.27
CA PHE Z 461 1.18 0.46 33.75
C PHE Z 461 1.19 0.37 35.26
N PHE Z 462 1.32 1.50 35.97
CA PHE Z 462 1.12 1.49 37.41
C PHE Z 462 -0.34 1.16 37.73
N PHE Z 463 -1.28 1.76 36.99
CA PHE Z 463 -2.68 1.39 37.14
C PHE Z 463 -2.90 -0.08 36.83
N GLY Z 464 -2.24 -0.57 35.78
CA GLY Z 464 -2.36 -1.98 35.43
C GLY Z 464 -1.80 -2.90 36.48
N HIS Z 465 -0.70 -2.50 37.12
CA HIS Z 465 -0.13 -3.34 38.17
C HIS Z 465 -1.01 -3.36 39.40
N ILE Z 466 -1.66 -2.24 39.73
CA ILE Z 466 -2.62 -2.24 40.84
C ILE Z 466 -3.78 -3.17 40.52
N TRP Z 467 -4.31 -3.08 39.30
CA TRP Z 467 -5.43 -3.93 38.90
C TRP Z 467 -5.04 -5.40 38.91
N HIS Z 468 -3.85 -5.73 38.43
CA HIS Z 468 -3.42 -7.13 38.41
C HIS Z 468 -3.06 -7.62 39.80
N GLY Z 469 -2.61 -6.74 40.69
CA GLY Z 469 -2.43 -7.15 42.07
C GLY Z 469 -3.74 -7.52 42.73
N SER Z 470 -4.77 -6.70 42.49
CA SER Z 470 -6.12 -7.05 42.94
C SER Z 470 -6.59 -8.36 42.33
N ARG Z 471 -6.29 -8.55 41.05
CA ARG Z 471 -6.68 -9.78 40.35
C ARG Z 471 -5.99 -11.01 40.92
N THR Z 472 -4.71 -10.87 41.27
CA THR Z 472 -3.94 -11.99 41.81
C THR Z 472 -4.44 -12.39 43.19
N ILE Z 473 -4.51 -11.41 44.10
CA ILE Z 473 -4.91 -11.77 45.46
C ILE Z 473 -6.39 -12.05 45.58
N PHE Z 474 -7.20 -11.64 44.60
CA PHE Z 474 -8.64 -11.79 44.68
C PHE Z 474 -9.18 -12.63 43.53
N ARG Z 475 -8.51 -13.74 43.24
CA ARG Z 475 -8.94 -14.64 42.17
C ARG Z 475 -10.12 -15.51 42.56
N ASP Z 476 -10.56 -15.44 43.81
CA ASP Z 476 -11.60 -16.35 44.29
C ASP Z 476 -12.99 -15.70 44.35
N VAL Z 477 -13.07 -14.38 44.43
CA VAL Z 477 -14.34 -13.72 44.64
C VAL Z 477 -14.69 -12.72 43.54
N PHE Z 478 -14.29 -13.03 42.30
CA PHE Z 478 -14.59 -12.12 41.19
C PHE Z 478 -16.07 -12.07 40.86
N ALA Z 479 -16.64 -13.23 40.49
CA ALA Z 479 -18.05 -13.30 40.09
C ALA Z 479 -19.01 -12.91 41.21
N GLY Z 480 -18.57 -12.99 42.44
CA GLY Z 480 -19.41 -12.61 43.56
C GLY Z 480 -18.72 -12.92 44.87
N ILE Z 481 -19.46 -12.70 45.94
CA ILE Z 481 -18.95 -12.91 47.28
C ILE Z 481 -19.58 -14.16 47.88
N ASP Z 482 -19.05 -14.59 49.02
CA ASP Z 482 -19.46 -15.84 49.65
C ASP Z 482 -20.83 -15.77 50.31
N GLU Z 483 -21.44 -14.58 50.40
CA GLU Z 483 -22.80 -14.31 50.88
C GLU Z 483 -23.12 -14.94 52.25
N ASP Z 484 -22.10 -15.27 53.02
CA ASP Z 484 -22.31 -15.92 54.31
C ASP Z 484 -21.43 -15.29 55.39
N SER AA 1 -8.65 49.96 78.55
CA SER AA 1 -9.89 50.72 78.47
C SER AA 1 -11.03 49.98 79.15
N LEU AA 2 -11.81 50.72 79.96
CA LEU AA 2 -12.90 50.11 80.73
C LEU AA 2 -13.97 49.50 79.84
N THR AA 3 -14.13 50.03 78.63
CA THR AA 3 -15.13 49.46 77.71
C THR AA 3 -14.77 48.04 77.30
N LEU AA 4 -13.48 47.70 77.23
CA LEU AA 4 -13.09 46.35 76.86
C LEU AA 4 -13.42 45.35 77.97
N ILE AA 5 -13.14 45.71 79.22
CA ILE AA 5 -13.45 44.83 80.34
C ILE AA 5 -14.96 44.68 80.49
N LEU AA 6 -15.72 45.77 80.31
CA LEU AA 6 -17.16 45.62 80.49
C LEU AA 6 -17.76 44.87 79.30
N GLN AA 7 -17.16 45.00 78.11
CA GLN AA 7 -17.54 44.17 76.97
C GLN AA 7 -17.31 42.70 77.26
N LEU AA 8 -16.17 42.37 77.86
CA LEU AA 8 -15.87 40.96 78.14
C LEU AA 8 -16.79 40.40 79.22
N VAL AA 9 -17.13 41.20 80.24
CA VAL AA 9 -18.03 40.66 81.26
C VAL AA 9 -19.46 40.59 80.74
N ALA AA 10 -19.86 41.48 79.82
CA ALA AA 10 -21.16 41.34 79.17
C ALA AA 10 -21.19 40.10 78.28
N LEU AA 11 -20.08 39.81 77.61
CA LEU AA 11 -19.98 38.58 76.83
C LEU AA 11 -20.08 37.36 77.74
N PHE AA 12 -19.46 37.42 78.91
CA PHE AA 12 -19.58 36.32 79.87
C PHE AA 12 -21.01 36.15 80.35
N ALA AA 13 -21.69 37.27 80.60
CA ALA AA 13 -23.09 37.22 81.03
C ALA AA 13 -23.98 36.61 79.95
N VAL AA 14 -23.73 36.92 78.68
CA VAL AA 14 -24.57 36.36 77.62
C VAL AA 14 -24.15 34.94 77.22
N VAL AA 15 -22.92 34.52 77.49
CA VAL AA 15 -22.54 33.15 77.14
C VAL AA 15 -22.89 32.20 78.28
N ALA AA 16 -23.05 32.71 79.50
CA ALA AA 16 -23.42 31.84 80.61
C ALA AA 16 -24.93 31.75 80.83
N ALA AA 17 -25.71 32.68 80.28
CA ALA AA 17 -27.15 32.73 80.55
C ALA AA 17 -27.87 31.49 80.03
N GLY AA 18 -27.49 31.01 78.86
CA GLY AA 18 -28.07 29.82 78.28
C GLY AA 18 -27.77 28.53 79.04
N PRO AA 19 -26.47 28.20 79.19
CA PRO AA 19 -26.12 26.99 79.94
C PRO AA 19 -26.62 26.95 81.37
N LEU AA 20 -26.66 28.09 82.07
CA LEU AA 20 -27.20 28.07 83.44
C LEU AA 20 -28.68 27.70 83.42
N VAL AA 21 -29.44 28.25 82.47
CA VAL AA 21 -30.87 27.96 82.39
C VAL AA 21 -31.09 26.49 82.05
N VAL AA 22 -30.36 25.96 81.07
CA VAL AA 22 -30.58 24.58 80.67
C VAL AA 22 -30.11 23.61 81.75
N VAL AA 23 -29.04 23.94 82.48
CA VAL AA 23 -28.54 23.07 83.54
C VAL AA 23 -29.51 23.07 84.72
N LEU AA 24 -29.99 24.25 85.12
CA LEU AA 24 -30.95 24.32 86.22
C LEU AA 24 -32.26 23.64 85.87
N LEU AA 25 -32.72 23.76 84.62
CA LEU AA 25 -33.94 23.07 84.22
C LEU AA 25 -33.74 21.57 84.04
N SER AA 26 -32.51 21.14 83.74
CA SER AA 26 -32.23 19.71 83.66
C SER AA 26 -32.11 19.08 85.04
N VAL AA 27 -31.63 19.82 86.03
CA VAL AA 27 -31.51 19.27 87.38
C VAL AA 27 -32.74 19.52 88.24
N ARG AA 28 -33.63 20.43 87.85
CA ARG AA 28 -34.82 20.77 88.62
C ARG AA 28 -36.06 20.29 87.87
N GLY AA 29 -36.50 19.07 88.18
CA GLY AA 29 -37.72 18.55 87.62
C GLY AA 29 -37.62 18.10 86.18
N GLY AA 30 -38.22 18.85 85.27
CA GLY AA 30 -38.22 18.49 83.86
C GLY AA 30 -39.13 19.37 83.03
N ASN AA 31 -39.98 18.73 82.21
CA ASN AA 31 -40.93 19.39 81.32
C ASN AA 31 -40.24 20.36 80.36
N LEU AA 32 -39.08 19.95 79.84
CA LEU AA 32 -38.34 20.77 78.89
C LEU AA 32 -38.18 20.02 77.57
N GLY BA 1 -42.61 19.63 74.80
CA GLY BA 1 -41.63 18.81 74.11
C GLY BA 1 -42.11 17.40 73.85
N ARG BA 2 -42.08 16.99 72.59
CA ARG BA 2 -42.51 15.66 72.17
C ARG BA 2 -41.32 14.85 71.67
N ASP BA 3 -41.55 13.54 71.55
CA ASP BA 3 -40.54 12.62 71.05
C ASP BA 3 -40.75 12.39 69.55
N GLN BA 4 -39.98 11.45 69.01
CA GLN BA 4 -40.13 11.08 67.61
C GLN BA 4 -41.36 10.20 67.39
N GLU BA 5 -41.62 9.29 68.33
CA GLU BA 5 -42.59 8.23 68.10
C GLU BA 5 -44.02 8.76 68.08
N THR BA 6 -44.38 9.60 69.04
CA THR BA 6 -45.75 10.09 69.14
C THR BA 6 -46.10 11.13 68.08
N THR BA 7 -45.11 11.74 67.43
CA THR BA 7 -45.35 12.77 66.44
C THR BA 7 -44.93 12.39 65.03
N GLY BA 8 -44.05 11.40 64.86
CA GLY BA 8 -43.57 11.03 63.55
C GLY BA 8 -42.50 11.93 63.00
N PHE BA 9 -42.07 12.94 63.75
CA PHE BA 9 -41.06 13.90 63.31
C PHE BA 9 -39.84 13.83 64.21
N ALA BA 10 -38.67 13.92 63.61
CA ALA BA 10 -37.42 13.89 64.36
C ALA BA 10 -37.12 15.28 64.94
N TRP BA 11 -35.95 15.39 65.58
CA TRP BA 11 -35.56 16.66 66.19
C TRP BA 11 -35.35 17.74 65.13
N TRP BA 12 -34.75 17.36 63.98
CA TRP BA 12 -34.62 18.27 62.84
C TRP BA 12 -35.95 18.49 62.10
N ALA BA 13 -37.04 18.00 62.69
CA ALA BA 13 -38.40 18.30 62.28
C ALA BA 13 -39.22 18.73 63.49
N GLY BA 14 -38.57 19.38 64.46
CA GLY BA 14 -39.18 19.61 65.76
C GLY BA 14 -40.43 20.45 65.72
N ASN BA 15 -40.37 21.61 65.07
CA ASN BA 15 -41.58 22.42 64.96
C ASN BA 15 -42.58 21.82 63.97
N ALA BA 16 -42.17 20.84 63.16
CA ALA BA 16 -43.15 20.06 62.43
C ALA BA 16 -44.08 19.33 63.39
N ARG BA 17 -43.56 18.97 64.57
CA ARG BA 17 -44.38 18.37 65.62
C ARG BA 17 -45.49 19.31 66.10
N LEU BA 18 -45.36 20.62 65.85
CA LEU BA 18 -46.40 21.55 66.22
C LEU BA 18 -47.15 22.10 65.01
N ILE BA 19 -47.12 21.38 63.89
CA ILE BA 19 -47.97 21.77 62.75
C ILE BA 19 -49.44 21.73 63.14
N ASN BA 20 -49.85 20.68 63.85
CA ASN BA 20 -51.21 20.56 64.36
C ASN BA 20 -51.38 21.12 65.77
N LEU BA 21 -50.53 22.07 66.16
CA LEU BA 21 -50.62 22.77 67.45
C LEU BA 21 -50.81 24.25 67.17
N SER BA 22 -52.05 24.71 67.25
CA SER BA 22 -52.35 26.12 66.97
C SER BA 22 -51.73 27.04 68.01
N GLY BA 23 -51.86 26.69 69.29
CA GLY BA 23 -51.36 27.55 70.35
C GLY BA 23 -49.84 27.66 70.37
N LYS BA 24 -49.15 26.51 70.31
CA LYS BA 24 -47.70 26.55 70.28
C LYS BA 24 -47.19 27.11 68.96
N LEU BA 25 -47.95 26.92 67.88
CA LEU BA 25 -47.61 27.56 66.60
C LEU BA 25 -47.61 29.08 66.74
N LEU BA 26 -48.69 29.63 67.30
CA LEU BA 26 -48.76 31.08 67.48
C LEU BA 26 -47.73 31.56 68.48
N GLY BA 27 -47.41 30.74 69.48
CA GLY BA 27 -46.37 31.12 70.43
C GLY BA 27 -45.00 31.20 69.79
N ALA BA 28 -44.68 30.23 68.92
CA ALA BA 28 -43.43 30.28 68.18
C ALA BA 28 -43.39 31.49 67.26
N HIS BA 29 -44.53 31.81 66.62
CA HIS BA 29 -44.60 32.98 65.77
C HIS BA 29 -44.38 34.28 66.55
N VAL BA 30 -44.98 34.39 67.73
CA VAL BA 30 -44.82 35.58 68.56
C VAL BA 30 -43.38 35.69 69.05
N ALA BA 31 -42.79 34.57 69.46
CA ALA BA 31 -41.39 34.57 69.90
C ALA BA 31 -40.46 34.96 68.77
N HIS BA 32 -40.74 34.50 67.55
CA HIS BA 32 -39.90 34.83 66.42
C HIS BA 32 -40.07 36.29 66.00
N ALA BA 33 -41.30 36.83 66.11
CA ALA BA 33 -41.50 38.25 65.87
C ALA BA 33 -40.72 39.07 66.89
N GLY BA 34 -40.70 38.61 68.14
CA GLY BA 34 -39.87 39.24 69.14
C GLY BA 34 -38.39 39.18 68.80
N LEU BA 35 -37.95 38.06 68.22
CA LEU BA 35 -36.57 37.94 67.77
C LEU BA 35 -36.25 38.95 66.66
N ILE BA 36 -37.17 39.10 65.71
CA ILE BA 36 -36.97 40.02 64.60
C ILE BA 36 -36.89 41.46 65.10
N VAL BA 37 -37.83 41.87 65.94
CA VAL BA 37 -37.80 43.25 66.42
C VAL BA 37 -36.67 43.46 67.44
N PHE BA 38 -36.21 42.39 68.11
CA PHE BA 38 -35.03 42.51 68.96
C PHE BA 38 -33.79 42.76 68.11
N TRP BA 39 -33.68 42.11 66.96
CA TRP BA 39 -32.57 42.43 66.08
C TRP BA 39 -32.72 43.82 65.50
N ALA BA 40 -33.96 44.28 65.28
CA ALA BA 40 -34.17 45.66 64.84
C ALA BA 40 -33.61 46.65 65.85
N GLY BA 41 -33.99 46.49 67.12
CA GLY BA 41 -33.49 47.36 68.16
C GLY BA 41 -31.99 47.25 68.37
N ALA BA 42 -31.46 46.01 68.34
CA ALA BA 42 -30.03 45.80 68.52
C ALA BA 42 -29.22 46.41 67.37
N MET BA 43 -29.70 46.23 66.14
CA MET BA 43 -29.03 46.83 64.98
C MET BA 43 -29.05 48.35 65.07
N ASN BA 44 -30.20 48.93 65.42
CA ASN BA 44 -30.30 50.37 65.53
C ASN BA 44 -29.36 50.91 66.59
N LEU BA 45 -29.37 50.30 67.78
CA LEU BA 45 -28.54 50.79 68.87
C LEU BA 45 -27.05 50.57 68.60
N PHE BA 46 -26.68 49.43 68.01
CA PHE BA 46 -25.28 49.18 67.69
C PHE BA 46 -24.78 50.15 66.62
N GLU BA 47 -25.61 50.40 65.60
CA GLU BA 47 -25.23 51.30 64.53
C GLU BA 47 -25.08 52.73 65.04
N VAL BA 48 -26.02 53.20 65.87
CA VAL BA 48 -25.88 54.55 66.41
C VAL BA 48 -24.76 54.62 67.45
N SER BA 49 -24.40 53.49 68.06
CA SER BA 49 -23.25 53.49 68.98
C SER BA 49 -21.95 53.65 68.21
N HIS BA 50 -21.86 53.06 67.03
CA HIS BA 50 -20.67 53.20 66.19
C HIS BA 50 -20.86 54.23 65.08
N PHE BA 51 -21.87 55.09 65.20
CA PHE BA 51 -22.12 56.11 64.19
C PHE BA 51 -21.26 57.34 64.43
N VAL BA 52 -20.44 57.68 63.44
CA VAL BA 52 -19.61 58.88 63.46
C VAL BA 52 -20.26 59.89 62.53
N PRO BA 53 -20.59 61.10 63.00
CA PRO BA 53 -21.39 62.01 62.17
C PRO BA 53 -20.61 62.68 61.05
N GLU BA 54 -19.34 63.03 61.27
CA GLU BA 54 -18.59 63.77 60.27
C GLU BA 54 -18.37 62.94 58.99
N LYS BA 55 -18.04 61.66 59.14
CA LYS BA 55 -17.95 60.82 57.96
C LYS BA 55 -19.35 60.46 57.47
N PRO BA 56 -19.53 60.25 56.18
CA PRO BA 56 -20.83 59.79 55.68
C PRO BA 56 -21.18 58.42 56.23
N MET BA 57 -22.45 58.25 56.54
CA MET BA 57 -22.97 57.04 57.18
C MET BA 57 -22.87 55.79 56.33
N TYR BA 58 -22.75 55.90 55.00
CA TYR BA 58 -22.52 54.71 54.21
C TYR BA 58 -21.07 54.26 54.24
N GLU BA 59 -20.14 55.17 54.54
CA GLU BA 59 -18.73 54.79 54.68
C GLU BA 59 -18.49 53.95 55.92
N GLN BA 60 -19.40 53.98 56.89
CA GLN BA 60 -19.22 53.31 58.16
C GLN BA 60 -19.92 51.96 58.23
N GLY BA 61 -20.46 51.49 57.10
CA GLY BA 61 -21.19 50.23 57.08
C GLY BA 61 -22.50 50.29 57.82
N LEU BA 62 -23.23 51.40 57.73
CA LEU BA 62 -24.50 51.58 58.41
C LEU BA 62 -25.64 51.46 57.41
N ILE BA 63 -26.67 50.71 57.81
CA ILE BA 63 -27.80 50.42 56.95
C ILE BA 63 -29.09 51.02 57.47
N LEU BA 64 -29.29 51.01 58.78
CA LEU BA 64 -30.59 51.32 59.34
C LEU BA 64 -30.80 52.82 59.55
N LEU BA 65 -29.74 53.55 59.90
CA LEU BA 65 -29.80 55.00 59.88
C LEU BA 65 -30.17 55.56 58.51
N PRO BA 66 -29.68 55.02 57.38
CA PRO BA 66 -30.28 55.40 56.08
C PRO BA 66 -31.78 55.16 56.00
N HIS BA 67 -32.28 54.06 56.56
CA HIS BA 67 -33.72 53.78 56.52
C HIS BA 67 -34.50 54.84 57.30
N ILE BA 68 -34.03 55.17 58.50
CA ILE BA 68 -34.74 56.17 59.29
C ILE BA 68 -34.59 57.55 58.66
N ALA BA 69 -33.49 57.80 57.95
CA ALA BA 69 -33.33 59.05 57.23
C ALA BA 69 -34.30 59.15 56.05
N THR BA 70 -34.51 58.04 55.35
CA THR BA 70 -35.53 58.00 54.30
C THR BA 70 -36.92 58.21 54.89
N LEU BA 71 -37.13 57.74 56.13
CA LEU BA 71 -38.36 58.05 56.83
C LEU BA 71 -38.49 59.54 57.10
N GLY BA 72 -37.37 60.26 57.23
CA GLY BA 72 -37.40 61.70 57.37
C GLY BA 72 -37.24 62.22 58.78
N TYR BA 73 -36.23 61.72 59.50
CA TYR BA 73 -35.97 62.16 60.87
C TYR BA 73 -34.48 62.41 61.06
N GLY BA 74 -34.15 63.52 61.71
CA GLY BA 74 -32.78 63.81 62.07
C GLY BA 74 -31.89 64.31 60.95
N VAL BA 75 -32.47 64.73 59.83
CA VAL BA 75 -31.70 65.23 58.69
C VAL BA 75 -32.28 66.56 58.24
N GLY BA 76 -31.47 67.33 57.51
CA GLY BA 76 -31.87 68.62 57.03
C GLY BA 76 -31.63 68.79 55.54
N PRO BA 77 -31.21 70.00 55.13
CA PRO BA 77 -30.99 70.28 53.71
C PRO BA 77 -29.66 69.76 53.23
N GLY BA 78 -29.67 68.70 52.43
CA GLY BA 78 -28.47 68.09 51.91
C GLY BA 78 -28.17 66.71 52.44
N GLY BA 79 -28.99 66.17 53.33
CA GLY BA 79 -28.79 64.84 53.86
C GLY BA 79 -27.79 64.72 54.98
N GLU BA 80 -27.30 65.84 55.53
CA GLU BA 80 -26.39 65.75 56.65
C GLU BA 80 -27.15 65.38 57.93
N VAL BA 81 -26.43 64.74 58.85
CA VAL BA 81 -27.03 64.29 60.09
C VAL BA 81 -27.05 65.44 61.09
N LEU BA 82 -28.17 65.60 61.79
CA LEU BA 82 -28.36 66.68 62.73
C LEU BA 82 -28.72 66.22 64.13
N ASP BA 83 -29.54 65.18 64.27
CA ASP BA 83 -29.97 64.71 65.57
C ASP BA 83 -30.24 63.20 65.49
N THR BA 84 -29.55 62.43 66.32
CA THR BA 84 -29.74 60.99 66.40
C THR BA 84 -30.80 60.59 67.43
N PHE BA 85 -31.45 61.57 68.05
CA PHE BA 85 -32.51 61.29 69.00
C PHE BA 85 -33.69 60.49 68.42
N PRO BA 86 -34.23 60.79 67.23
CA PRO BA 86 -35.27 59.88 66.68
C PRO BA 86 -34.76 58.48 66.41
N TYR BA 87 -33.48 58.35 66.01
CA TYR BA 87 -32.89 57.03 65.82
C TYR BA 87 -32.89 56.27 67.14
N PHE BA 88 -32.50 56.95 68.23
CA PHE BA 88 -32.53 56.33 69.54
C PHE BA 88 -33.93 55.94 69.96
N VAL BA 89 -34.91 56.82 69.70
CA VAL BA 89 -36.29 56.53 70.12
C VAL BA 89 -36.83 55.33 69.38
N SER BA 90 -36.57 55.23 68.07
CA SER BA 90 -37.00 54.08 67.30
C SER BA 90 -36.36 52.80 67.82
N GLY BA 91 -35.04 52.84 68.08
CA GLY BA 91 -34.37 51.65 68.58
C GLY BA 91 -34.84 51.22 69.96
N VAL BA 92 -35.06 52.19 70.85
CA VAL BA 92 -35.53 51.88 72.21
C VAL BA 92 -36.93 51.29 72.16
N LEU BA 93 -37.82 51.87 71.34
CA LEU BA 93 -39.17 51.34 71.20
C LEU BA 93 -39.13 49.92 70.66
N HIS BA 94 -38.23 49.66 69.70
CA HIS BA 94 -38.09 48.31 69.18
C HIS BA 94 -37.61 47.33 70.26
N LEU BA 95 -36.67 47.77 71.10
CA LEU BA 95 -36.18 46.89 72.17
C LEU BA 95 -37.25 46.59 73.21
N ILE BA 96 -38.04 47.60 73.59
CA ILE BA 96 -39.09 47.39 74.57
C ILE BA 96 -40.18 46.48 74.01
N SER BA 97 -40.61 46.72 72.77
CA SER BA 97 -41.58 45.85 72.13
C SER BA 97 -41.00 44.44 71.95
N SER BA 98 -39.68 44.34 71.78
CA SER BA 98 -39.03 43.04 71.71
C SER BA 98 -39.13 42.29 73.03
N ALA BA 99 -38.95 43.00 74.13
CA ALA BA 99 -39.13 42.38 75.45
C ALA BA 99 -40.56 41.89 75.62
N VAL BA 100 -41.54 42.70 75.21
CA VAL BA 100 -42.95 42.33 75.34
C VAL BA 100 -43.24 41.09 74.49
N LEU BA 101 -42.84 41.11 73.21
CA LEU BA 101 -43.13 39.99 72.32
C LEU BA 101 -42.35 38.74 72.71
N GLY BA 102 -41.13 38.89 73.24
CA GLY BA 102 -40.40 37.73 73.70
C GLY BA 102 -41.06 37.08 74.91
N PHE BA 103 -41.56 37.90 75.84
CA PHE BA 103 -42.30 37.35 76.98
C PHE BA 103 -43.56 36.63 76.53
N GLY BA 104 -44.29 37.22 75.58
CA GLY BA 104 -45.47 36.55 75.05
C GLY BA 104 -45.14 35.25 74.33
N GLY BA 105 -44.06 35.27 73.55
CA GLY BA 105 -43.67 34.08 72.81
C GLY BA 105 -43.25 32.95 73.72
N VAL BA 106 -42.46 33.25 74.76
CA VAL BA 106 -42.06 32.18 75.67
C VAL BA 106 -43.26 31.71 76.50
N TYR BA 107 -44.20 32.61 76.82
CA TYR BA 107 -45.40 32.20 77.55
C TYR BA 107 -46.23 31.21 76.74
N HIS BA 108 -46.52 31.55 75.49
CA HIS BA 108 -47.33 30.65 74.65
C HIS BA 108 -46.52 29.51 74.05
N SER BA 109 -45.21 29.50 74.21
CA SER BA 109 -44.40 28.36 73.78
C SER BA 109 -44.15 27.37 74.89
N LEU BA 110 -44.21 27.82 76.15
CA LEU BA 110 -43.99 26.93 77.29
C LEU BA 110 -45.30 26.51 77.96
N ILE BA 111 -46.10 27.47 78.43
CA ILE BA 111 -47.32 27.10 79.14
C ILE BA 111 -48.57 27.57 78.41
N GLY BA 112 -48.44 27.98 77.15
CA GLY BA 112 -49.58 28.35 76.37
C GLY BA 112 -50.44 27.14 76.06
N PRO BA 113 -51.72 27.36 75.78
CA PRO BA 113 -52.60 26.24 75.43
C PRO BA 113 -52.11 25.54 74.17
N GLU BA 114 -52.28 24.21 74.15
CA GLU BA 114 -51.75 23.41 73.04
C GLU BA 114 -52.49 23.71 71.75
N THR BA 115 -53.83 23.73 71.80
CA THR BA 115 -54.66 24.09 70.66
C THR BA 115 -55.65 25.15 71.09
N LEU BA 116 -55.90 26.11 70.21
CA LEU BA 116 -56.79 27.23 70.48
C LEU BA 116 -58.22 26.95 70.07
N GLU BA 117 -58.50 25.79 69.49
CA GLU BA 117 -59.83 25.52 68.94
C GLU BA 117 -60.85 25.28 70.04
N GLU BA 118 -60.47 24.52 71.08
CA GLU BA 118 -61.42 24.15 72.12
C GLU BA 118 -61.69 25.28 73.11
N SER BA 119 -60.88 26.33 73.11
CA SER BA 119 -61.03 27.41 74.09
C SER BA 119 -61.35 28.76 73.47
N TYR BA 120 -60.75 29.10 72.34
CA TYR BA 120 -60.94 30.40 71.70
C TYR BA 120 -61.31 30.18 70.25
N PRO BA 121 -62.61 30.06 69.94
CA PRO BA 121 -63.04 29.77 68.56
C PRO BA 121 -62.65 30.84 67.55
N PHE BA 122 -62.58 32.11 67.96
CA PHE BA 122 -62.10 33.14 67.04
C PHE BA 122 -60.65 32.90 66.65
N PHE BA 123 -59.83 32.49 67.61
CA PHE BA 123 -58.44 32.13 67.35
C PHE BA 123 -58.26 30.66 67.03
N GLY BA 124 -59.32 29.86 67.14
CA GLY BA 124 -59.23 28.45 66.78
C GLY BA 124 -59.35 28.28 65.28
N TYR BA 125 -58.47 27.45 64.72
CA TYR BA 125 -58.42 27.27 63.28
C TYR BA 125 -57.70 25.98 62.94
N VAL BA 126 -58.03 25.43 61.78
CA VAL BA 126 -57.27 24.35 61.16
C VAL BA 126 -56.91 24.80 59.76
N TRP BA 127 -56.10 23.99 59.08
CA TRP BA 127 -55.64 24.33 57.74
C TRP BA 127 -56.70 24.06 56.68
N LYS BA 128 -57.89 23.59 57.06
CA LYS BA 128 -58.97 23.37 56.11
C LYS BA 128 -60.16 24.29 56.33
N ASP BA 129 -60.18 25.05 57.42
CA ASP BA 129 -61.26 26.00 57.68
C ASP BA 129 -61.06 27.22 56.80
N LYS BA 130 -61.62 27.13 55.59
CA LYS BA 130 -61.39 28.14 54.56
C LYS BA 130 -61.92 29.51 54.95
N ASN BA 131 -63.16 29.57 55.44
CA ASN BA 131 -63.75 30.86 55.80
C ASN BA 131 -63.02 31.51 56.98
N LYS BA 132 -62.70 30.72 58.00
CA LYS BA 132 -62.02 31.24 59.19
C LYS BA 132 -60.63 31.75 58.86
N MET BA 133 -59.86 30.97 58.08
CA MET BA 133 -58.51 31.41 57.78
C MET BA 133 -58.47 32.49 56.70
N THR BA 134 -59.50 32.60 55.87
CA THR BA 134 -59.59 33.77 55.01
C THR BA 134 -59.96 35.01 55.79
N ASN BA 135 -60.73 34.84 56.89
CA ASN BA 135 -60.96 35.96 57.79
C ASN BA 135 -59.65 36.40 58.44
N ILE BA 136 -58.80 35.45 58.83
CA ILE BA 136 -57.49 35.78 59.39
C ILE BA 136 -56.62 36.49 58.34
N LEU BA 137 -56.65 36.01 57.09
CA LEU BA 137 -55.94 36.65 56.00
C LEU BA 137 -56.44 38.07 55.77
N GLY BA 138 -57.76 38.27 55.87
CA GLY BA 138 -58.31 39.61 55.75
C GLY BA 138 -57.89 40.53 56.87
N TYR BA 139 -57.81 40.00 58.10
CA TYR BA 139 -57.30 40.78 59.23
C TYR BA 139 -55.87 41.23 58.96
N HIS BA 140 -55.02 40.33 58.46
CA HIS BA 140 -53.64 40.68 58.16
C HIS BA 140 -53.56 41.69 57.03
N LEU BA 141 -54.41 41.56 56.02
CA LEU BA 141 -54.44 42.52 54.92
C LEU BA 141 -54.86 43.91 55.41
N ILE BA 142 -55.85 43.99 56.30
CA ILE BA 142 -56.26 45.27 56.85
C ILE BA 142 -55.14 45.88 57.68
N ILE BA 143 -54.42 45.04 58.44
CA ILE BA 143 -53.30 45.52 59.24
C ILE BA 143 -52.20 46.10 58.35
N LEU BA 144 -51.86 45.39 57.26
CA LEU BA 144 -50.81 45.87 56.36
C LEU BA 144 -51.25 47.13 55.62
N GLY BA 145 -52.52 47.21 55.24
CA GLY BA 145 -53.02 48.44 54.64
C GLY BA 145 -52.98 49.61 55.60
N CYS BA 146 -53.25 49.33 56.89
CA CYS BA 146 -53.13 50.37 57.90
C CYS BA 146 -51.68 50.84 58.06
N GLY BA 147 -50.72 49.92 57.97
CA GLY BA 147 -49.32 50.31 58.02
C GLY BA 147 -48.92 51.16 56.82
N ALA BA 148 -49.40 50.79 55.62
CA ALA BA 148 -49.15 51.60 54.44
C ALA BA 148 -49.78 52.98 54.58
N TRP BA 149 -50.98 53.06 55.15
CA TRP BA 149 -51.62 54.34 55.40
C TRP BA 149 -50.86 55.15 56.45
N LEU BA 150 -50.23 54.49 57.42
CA LEU BA 150 -49.38 55.18 58.39
C LEU BA 150 -48.19 55.82 57.70
N LEU BA 151 -47.56 55.08 56.77
CA LEU BA 151 -46.47 55.65 55.98
C LEU BA 151 -46.97 56.84 55.14
N VAL BA 152 -48.16 56.71 54.57
CA VAL BA 152 -48.75 57.77 53.77
C VAL BA 152 -48.97 59.03 54.62
N LEU BA 153 -49.54 58.85 55.82
CA LEU BA 153 -49.79 59.99 56.69
C LEU BA 153 -48.50 60.61 57.20
N LYS BA 154 -47.45 59.79 57.40
CA LYS BA 154 -46.15 60.33 57.75
C LYS BA 154 -45.61 61.23 56.64
N ALA BA 155 -45.77 60.78 55.39
CA ALA BA 155 -45.34 61.61 54.27
C ALA BA 155 -46.21 62.85 54.09
N LEU BA 156 -47.49 62.76 54.45
CA LEU BA 156 -48.44 63.85 54.20
C LEU BA 156 -48.38 64.95 55.26
N TYR BA 157 -48.69 64.60 56.51
CA TYR BA 157 -48.89 65.60 57.55
C TYR BA 157 -47.88 65.49 58.69
N PHE BA 158 -46.93 64.56 58.63
CA PHE BA 158 -46.03 64.37 59.77
C PHE BA 158 -44.58 64.69 59.40
N GLY BA 159 -44.37 65.81 58.71
CA GLY BA 159 -43.04 66.28 58.38
C GLY BA 159 -42.53 65.87 57.02
N GLY BA 160 -43.24 64.99 56.32
CA GLY BA 160 -42.79 64.56 55.02
C GLY BA 160 -41.64 63.59 55.10
N VAL BA 161 -41.06 63.31 53.93
CA VAL BA 161 -39.93 62.40 53.82
C VAL BA 161 -38.84 63.06 52.98
N TYR BA 162 -37.69 62.39 52.93
CA TYR BA 162 -36.53 62.93 52.23
C TYR BA 162 -36.64 62.69 50.73
N ASP BA 163 -36.32 63.73 49.96
CA ASP BA 163 -36.25 63.64 48.50
C ASP BA 163 -34.81 63.93 48.09
N THR BA 164 -34.16 62.94 47.49
CA THR BA 164 -32.86 63.19 46.88
C THR BA 164 -33.00 63.97 45.58
N TRP BA 165 -34.18 63.91 44.96
CA TRP BA 165 -34.46 64.61 43.70
C TRP BA 165 -34.81 66.08 43.90
N ALA BA 166 -34.84 66.56 45.14
CA ALA BA 166 -35.16 67.96 45.41
C ALA BA 166 -34.07 68.86 44.84
N PRO BA 167 -34.43 70.07 44.39
CA PRO BA 167 -33.42 71.00 43.88
C PRO BA 167 -32.44 71.40 44.97
N GLY BA 168 -31.16 71.45 44.60
CA GLY BA 168 -30.10 71.74 45.53
C GLY BA 168 -29.41 70.54 46.13
N GLY BA 169 -30.01 69.34 46.03
CA GLY BA 169 -29.37 68.15 46.53
C GLY BA 169 -30.14 67.35 47.55
N GLY BA 170 -31.46 67.47 47.56
CA GLY BA 170 -32.27 66.66 48.46
C GLY BA 170 -32.56 67.29 49.80
N ASP BA 171 -33.80 67.15 50.27
CA ASP BA 171 -34.23 67.73 51.53
C ASP BA 171 -35.48 67.02 51.99
N VAL BA 172 -35.85 67.23 53.26
CA VAL BA 172 -37.12 66.70 53.75
C VAL BA 172 -38.24 67.61 53.29
N ARG BA 173 -39.28 67.01 52.71
CA ARG BA 173 -40.38 67.76 52.11
C ARG BA 173 -41.72 67.12 52.44
N ILE BA 174 -42.77 67.93 52.28
CA ILE BA 174 -44.16 67.48 52.44
C ILE BA 174 -44.71 67.18 51.06
N ILE BA 175 -45.32 66.00 50.92
CA ILE BA 175 -45.84 65.55 49.63
C ILE BA 175 -47.30 65.96 49.50
N SER BA 176 -47.66 66.50 48.34
CA SER BA 176 -49.02 66.95 48.07
C SER BA 176 -49.42 66.49 46.67
N ASN BA 177 -50.74 66.27 46.48
CA ASN BA 177 -51.35 65.81 45.24
C ASN BA 177 -50.68 64.53 44.73
N PRO BA 178 -50.95 63.39 45.37
CA PRO BA 178 -50.26 62.15 44.98
C PRO BA 178 -50.76 61.64 43.64
N THR BA 179 -49.96 60.76 43.04
CA THR BA 179 -50.28 60.16 41.75
C THR BA 179 -51.42 59.17 41.88
N THR BA 180 -52.65 59.63 41.64
CA THR BA 180 -53.84 58.79 41.70
C THR BA 180 -54.26 58.27 40.33
N ASN BA 181 -53.51 58.57 39.28
CA ASN BA 181 -53.85 58.09 37.95
C ASN BA 181 -53.59 56.60 37.85
N ALA BA 182 -54.60 55.84 37.42
CA ALA BA 182 -54.49 54.39 37.39
C ALA BA 182 -53.47 53.92 36.36
N ALA BA 183 -53.48 54.52 35.17
CA ALA BA 183 -52.55 54.11 34.12
C ALA BA 183 -51.10 54.39 34.53
N ILE BA 184 -50.85 55.57 35.07
CA ILE BA 184 -49.49 55.92 35.49
C ILE BA 184 -49.07 55.07 36.68
N ILE BA 185 -50.00 54.73 37.57
CA ILE BA 185 -49.62 54.01 38.78
C ILE BA 185 -49.47 52.52 38.52
N PHE BA 186 -50.08 51.97 37.47
CA PHE BA 186 -49.93 50.56 37.13
C PHE BA 186 -49.00 50.33 35.95
N GLY BA 187 -48.50 51.40 35.32
CA GLY BA 187 -47.51 51.23 34.28
C GLY BA 187 -46.24 50.57 34.77
N TYR BA 188 -45.87 50.81 36.04
CA TYR BA 188 -44.73 50.12 36.61
C TYR BA 188 -45.00 48.62 36.75
N ILE BA 189 -46.22 48.25 37.15
CA ILE BA 189 -46.55 46.83 37.31
C ILE BA 189 -46.57 46.12 35.96
N VAL BA 190 -47.08 46.79 34.92
CA VAL BA 190 -47.17 46.16 33.61
C VAL BA 190 -45.90 46.42 32.79
N LYS BA 191 -44.84 46.88 33.44
CA LYS BA 191 -43.60 47.21 32.77
C LYS BA 191 -42.69 45.99 32.62
N SER BA 192 -41.80 46.06 31.63
CA SER BA 192 -40.75 45.07 31.43
C SER BA 192 -39.67 45.23 32.50
N PRO BA 193 -39.04 44.14 32.92
CA PRO BA 193 -38.04 44.21 33.99
C PRO BA 193 -36.61 44.47 33.53
N PHE BA 194 -36.36 44.52 32.23
CA PHE BA 194 -34.99 44.68 31.73
C PHE BA 194 -34.53 46.13 31.86
N GLY BA 195 -33.37 46.43 31.29
CA GLY BA 195 -32.80 47.76 31.44
C GLY BA 195 -33.59 48.81 30.67
N GLY BA 196 -33.53 50.04 31.18
CA GLY BA 196 -34.27 51.15 30.61
C GLY BA 196 -35.67 51.28 31.19
N ASP BA 197 -36.26 50.15 31.57
CA ASP BA 197 -37.58 50.10 32.18
C ASP BA 197 -37.54 49.62 33.62
N GLY BA 198 -36.95 48.45 33.87
CA GLY BA 198 -36.72 47.98 35.22
C GLY BA 198 -37.95 47.64 36.04
N TRP BA 199 -39.12 47.49 35.41
CA TRP BA 199 -40.37 47.12 36.07
C TRP BA 199 -40.70 48.18 37.13
N ILE BA 200 -40.67 47.86 38.42
CA ILE BA 200 -40.96 48.84 39.46
C ILE BA 200 -39.71 49.40 40.12
N VAL BA 201 -38.51 49.05 39.64
CA VAL BA 201 -37.29 49.66 40.15
C VAL BA 201 -37.22 51.13 39.77
N SER BA 202 -37.75 51.49 38.60
CA SER BA 202 -37.60 52.82 38.03
C SER BA 202 -38.55 53.85 38.62
N VAL BA 203 -39.07 53.64 39.83
CA VAL BA 203 -39.85 54.68 40.47
C VAL BA 203 -38.91 55.80 40.89
N ASP BA 204 -39.24 57.04 40.52
CA ASP BA 204 -38.27 58.12 40.59
C ASP BA 204 -38.65 59.30 41.47
N ASN BA 205 -39.93 59.48 41.82
CA ASN BA 205 -40.31 60.66 42.59
C ASN BA 205 -41.31 60.32 43.68
N LEU BA 206 -41.29 61.15 44.73
CA LEU BA 206 -42.02 60.87 45.95
C LEU BA 206 -43.52 61.01 45.77
N GLU BA 207 -43.98 61.89 44.87
CA GLU BA 207 -45.42 61.98 44.61
C GLU BA 207 -45.95 60.66 44.07
N ASP BA 208 -45.21 60.06 43.13
CA ASP BA 208 -45.58 58.74 42.62
C ASP BA 208 -45.46 57.67 43.71
N ILE BA 209 -44.42 57.76 44.55
CA ILE BA 209 -44.23 56.77 45.61
C ILE BA 209 -45.43 56.79 46.56
N ILE BA 210 -45.84 57.99 46.98
CA ILE BA 210 -46.94 58.10 47.94
C ILE BA 210 -48.27 57.75 47.28
N GLY BA 211 -48.44 58.09 46.00
CA GLY BA 211 -49.64 57.67 45.29
C GLY BA 211 -49.74 56.15 45.19
N GLY BA 212 -48.62 55.49 44.93
CA GLY BA 212 -48.61 54.03 44.91
C GLY BA 212 -48.89 53.44 46.28
N HIS BA 213 -48.38 54.08 47.34
CA HIS BA 213 -48.67 53.60 48.68
C HIS BA 213 -50.15 53.74 49.03
N ILE BA 214 -50.77 54.86 48.62
CA ILE BA 214 -52.21 55.02 48.82
C ILE BA 214 -52.98 53.97 48.05
N TRP BA 215 -52.57 53.72 46.80
CA TRP BA 215 -53.21 52.70 45.98
C TRP BA 215 -53.13 51.32 46.65
N ILE BA 216 -51.93 50.94 47.09
CA ILE BA 216 -51.76 49.62 47.69
C ILE BA 216 -52.47 49.52 49.04
N GLY BA 217 -52.53 50.62 49.81
CA GLY BA 217 -53.20 50.56 51.10
C GLY BA 217 -54.71 50.44 50.95
N THR BA 218 -55.30 51.24 50.06
CA THR BA 218 -56.74 51.15 49.84
C THR BA 218 -57.12 49.81 49.24
N LEU BA 219 -56.32 49.31 48.29
CA LEU BA 219 -56.60 48.01 47.70
C LEU BA 219 -56.46 46.89 48.74
N CYS BA 220 -55.46 46.98 49.63
CA CYS BA 220 -55.30 45.97 50.66
C CYS BA 220 -56.45 45.99 51.66
N ILE BA 221 -56.96 47.18 51.99
CA ILE BA 221 -58.13 47.26 52.87
C ILE BA 221 -59.35 46.63 52.19
N LEU BA 222 -59.53 46.90 50.89
CA LEU BA 222 -60.62 46.28 50.15
C LEU BA 222 -60.47 44.76 50.09
N GLY BA 223 -59.25 44.28 49.91
CA GLY BA 223 -59.02 42.84 49.89
C GLY BA 223 -59.24 42.20 51.25
N GLY BA 224 -58.90 42.91 52.32
CA GLY BA 224 -59.16 42.40 53.65
C GLY BA 224 -60.64 42.26 53.94
N ILE BA 225 -61.42 43.29 53.61
CA ILE BA 225 -62.86 43.19 53.82
C ILE BA 225 -63.48 42.18 52.86
N TRP BA 226 -62.87 41.97 51.68
CA TRP BA 226 -63.35 40.96 50.76
C TRP BA 226 -63.14 39.55 51.32
N HIS BA 227 -61.93 39.26 51.81
CA HIS BA 227 -61.65 37.95 52.39
C HIS BA 227 -62.46 37.71 53.65
N ILE BA 228 -62.74 38.77 54.43
CA ILE BA 228 -63.56 38.59 55.62
C ILE BA 228 -65.00 38.29 55.25
N TYR BA 229 -65.55 39.03 54.29
CA TYR BA 229 -66.97 38.91 53.96
C TYR BA 229 -67.31 37.82 52.96
N THR BA 230 -66.32 37.14 52.38
CA THR BA 230 -66.61 36.14 51.35
C THR BA 230 -65.93 34.81 51.69
N THR BA 231 -66.06 33.87 50.74
CA THR BA 231 -65.59 32.49 50.82
C THR BA 231 -64.86 32.17 49.52
N PRO BA 232 -63.78 31.39 49.57
CA PRO BA 232 -63.08 30.99 48.35
C PRO BA 232 -63.98 30.23 47.38
N TRP BA 233 -63.79 30.49 46.09
CA TRP BA 233 -64.63 29.90 45.06
C TRP BA 233 -64.27 28.43 44.84
N PRO BA 234 -65.23 27.62 44.37
CA PRO BA 234 -64.92 26.21 44.10
C PRO BA 234 -63.82 25.98 43.08
N TRP BA 235 -63.67 26.86 42.09
CA TRP BA 235 -62.55 26.71 41.17
C TRP BA 235 -61.23 26.96 41.87
N ALA BA 236 -61.19 27.88 42.82
CA ALA BA 236 -60.01 28.09 43.63
C ALA BA 236 -59.72 26.87 44.50
N ARG BA 237 -60.78 26.25 45.04
CA ARG BA 237 -60.61 25.02 45.81
C ARG BA 237 -60.04 23.90 44.95
N ARG BA 238 -60.54 23.77 43.72
CA ARG BA 238 -60.07 22.71 42.83
C ARG BA 238 -58.63 22.95 42.40
N ALA BA 239 -58.28 24.19 42.06
CA ALA BA 239 -56.93 24.48 41.59
C ALA BA 239 -55.90 24.49 42.72
N PHE BA 240 -56.32 24.82 43.93
CA PHE BA 240 -55.39 24.98 45.04
C PHE BA 240 -55.23 23.70 45.86
N VAL BA 241 -54.21 23.72 46.70
CA VAL BA 241 -53.94 22.70 47.70
C VAL BA 241 -54.00 23.37 49.07
N TRP BA 242 -54.69 22.72 50.01
CA TRP BA 242 -55.15 23.43 51.20
C TRP BA 242 -54.55 22.89 52.49
N SER BA 243 -53.24 22.71 52.53
CA SER BA 243 -52.55 22.34 53.76
C SER BA 243 -51.79 23.54 54.32
N GLY BA 244 -51.49 23.47 55.62
CA GLY BA 244 -50.70 24.50 56.25
C GLY BA 244 -49.32 24.63 55.62
N GLU BA 245 -48.72 23.50 55.23
CA GLU BA 245 -47.44 23.54 54.54
C GLU BA 245 -47.60 24.15 53.15
N ALA BA 246 -48.78 24.00 52.54
CA ALA BA 246 -49.04 24.66 51.26
C ALA BA 246 -49.07 26.17 51.42
N TYR BA 247 -49.75 26.65 52.46
CA TYR BA 247 -49.78 28.11 52.68
C TYR BA 247 -48.39 28.63 53.01
N LEU BA 248 -47.62 27.81 53.74
CA LEU BA 248 -46.22 28.16 54.03
C LEU BA 248 -45.40 28.28 52.75
N SER BA 249 -45.53 27.31 51.85
CA SER BA 249 -44.78 27.35 50.59
C SER BA 249 -45.20 28.52 49.71
N TYR BA 250 -46.50 28.85 49.71
CA TYR BA 250 -46.98 29.97 48.93
C TYR BA 250 -46.40 31.28 49.46
N SER BA 251 -46.39 31.44 50.79
CA SER BA 251 -45.79 32.62 51.39
C SER BA 251 -44.29 32.68 51.13
N LEU BA 252 -43.63 31.52 51.09
CA LEU BA 252 -42.20 31.50 50.79
C LEU BA 252 -41.91 31.88 49.34
N ALA BA 253 -42.77 31.46 48.41
CA ALA BA 253 -42.62 31.93 47.03
C ALA BA 253 -42.78 33.43 46.94
N ALA BA 254 -43.79 33.96 47.66
CA ALA BA 254 -44.03 35.40 47.66
C ALA BA 254 -42.83 36.15 48.23
N VAL BA 255 -42.27 35.67 49.35
CA VAL BA 255 -41.15 36.40 49.95
C VAL BA 255 -39.87 36.19 49.15
N SER BA 256 -39.76 35.09 48.40
CA SER BA 256 -38.59 34.92 47.54
C SER BA 256 -38.59 35.92 46.39
N LEU BA 257 -39.75 36.07 45.72
CA LEU BA 257 -39.88 37.10 44.70
C LEU BA 257 -39.67 38.48 45.31
N MET BA 258 -40.16 38.67 46.54
CA MET BA 258 -39.99 39.91 47.28
C MET BA 258 -38.52 40.22 47.50
N GLY BA 259 -37.75 39.21 47.90
CA GLY BA 259 -36.33 39.41 48.17
C GLY BA 259 -35.52 39.68 46.92
N PHE BA 260 -35.83 38.98 45.82
CA PHE BA 260 -35.14 39.26 44.56
C PHE BA 260 -35.42 40.69 44.09
N THR BA 261 -36.68 41.11 44.19
CA THR BA 261 -37.03 42.47 43.80
C THR BA 261 -36.37 43.50 44.71
N ALA BA 262 -36.27 43.19 46.01
CA ALA BA 262 -35.61 44.11 46.94
C ALA BA 262 -34.11 44.19 46.68
N CYS BA 263 -33.50 43.08 46.28
CA CYS BA 263 -32.09 43.09 45.90
C CYS BA 263 -31.86 43.98 44.67
N CYS BA 264 -32.77 43.89 43.69
CA CYS BA 264 -32.68 44.77 42.53
C CYS BA 264 -32.88 46.23 42.94
N PHE BA 265 -33.79 46.49 43.88
CA PHE BA 265 -33.96 47.84 44.41
C PHE BA 265 -32.68 48.35 45.06
N ALA BA 266 -32.02 47.51 45.86
CA ALA BA 266 -30.79 47.93 46.52
C ALA BA 266 -29.68 48.20 45.53
N TRP BA 267 -29.59 47.38 44.46
CA TRP BA 267 -28.51 47.56 43.49
C TRP BA 267 -28.78 48.67 42.48
N PHE BA 268 -30.03 49.10 42.28
CA PHE BA 268 -30.26 50.10 41.24
C PHE BA 268 -30.99 51.35 41.71
N ASN BA 269 -31.98 51.23 42.59
CA ASN BA 269 -32.82 52.37 42.94
C ASN BA 269 -32.06 53.38 43.79
N ASN BA 270 -32.12 54.65 43.39
CA ASN BA 270 -31.54 55.73 44.16
C ASN BA 270 -32.57 56.74 44.67
N THR BA 271 -33.85 56.53 44.37
CA THR BA 271 -34.91 57.41 44.87
C THR BA 271 -35.41 56.93 46.23
N ALA BA 272 -35.89 55.68 46.29
CA ALA BA 272 -36.28 55.10 47.57
C ALA BA 272 -35.07 54.76 48.43
N TYR BA 273 -33.88 54.71 47.82
CA TYR BA 273 -32.63 54.50 48.54
C TYR BA 273 -31.64 55.58 48.12
N PRO BA 274 -31.73 56.78 48.70
CA PRO BA 274 -30.80 57.85 48.32
C PRO BA 274 -29.35 57.47 48.57
N SER BA 275 -28.49 57.83 47.61
CA SER BA 275 -27.09 57.46 47.70
C SER BA 275 -26.36 58.27 48.76
N GLU BA 276 -26.89 59.43 49.12
CA GLU BA 276 -26.34 60.22 50.21
C GLU BA 276 -26.33 59.45 51.52
N PHE BA 277 -27.20 58.45 51.66
CA PHE BA 277 -27.26 57.64 52.86
C PHE BA 277 -26.83 56.20 52.65
N TYR BA 278 -27.25 55.58 51.54
CA TYR BA 278 -26.94 54.18 51.27
C TYR BA 278 -25.65 53.98 50.48
N GLY BA 279 -24.97 55.05 50.08
CA GLY BA 279 -23.82 54.91 49.22
C GLY BA 279 -24.24 54.94 47.76
N PRO BA 280 -23.32 55.31 46.89
CA PRO BA 280 -23.65 55.38 45.47
C PRO BA 280 -23.86 54.00 44.86
N THR BA 281 -24.68 53.96 43.82
CA THR BA 281 -24.85 52.74 43.06
C THR BA 281 -23.64 52.57 42.13
N GLY BA 282 -23.56 51.41 41.50
CA GLY BA 282 -22.65 51.20 40.40
C GLY BA 282 -22.86 52.17 39.26
N PRO BA 283 -24.12 52.37 38.82
CA PRO BA 283 -24.39 53.41 37.81
C PRO BA 283 -23.92 54.79 38.22
N GLU BA 284 -24.16 55.12 39.49
CA GLU BA 284 -23.84 56.45 39.99
C GLU BA 284 -22.32 56.62 40.07
N ALA BA 285 -21.61 55.58 40.48
CA ALA BA 285 -20.15 55.64 40.55
C ALA BA 285 -19.52 55.73 39.17
N SER BA 286 -20.04 54.97 38.19
CA SER BA 286 -19.46 54.99 36.86
C SER BA 286 -19.68 56.34 36.19
N GLN BA 287 -20.92 56.86 36.23
CA GLN BA 287 -21.15 58.18 35.65
C GLN BA 287 -20.46 59.28 36.45
N ALA BA 288 -20.23 59.08 37.74
CA ALA BA 288 -19.47 60.05 38.53
C ALA BA 288 -18.02 60.09 38.10
N GLN BA 289 -17.43 58.92 37.81
CA GLN BA 289 -16.06 58.90 37.31
C GLN BA 289 -15.94 59.58 35.96
N ALA BA 290 -16.90 59.29 35.06
CA ALA BA 290 -16.88 59.93 33.75
C ALA BA 290 -17.01 61.44 33.87
N PHE BA 291 -17.94 61.90 34.73
CA PHE BA 291 -18.19 63.32 34.91
C PHE BA 291 -16.99 64.02 35.56
N THR BA 292 -16.36 63.37 36.55
CA THR BA 292 -15.21 63.96 37.22
C THR BA 292 -14.03 64.10 36.27
N PHE BA 293 -13.74 63.06 35.46
CA PHE BA 293 -12.66 63.20 34.49
C PHE BA 293 -13.00 64.20 33.40
N LEU BA 294 -14.27 64.30 33.01
CA LEU BA 294 -14.69 65.29 32.02
C LEU BA 294 -14.44 66.71 32.53
N VAL BA 295 -14.88 67.00 33.76
CA VAL BA 295 -14.70 68.35 34.28
C VAL BA 295 -13.24 68.62 34.62
N ARG BA 296 -12.48 67.57 34.94
CA ARG BA 296 -11.04 67.74 35.17
C ARG BA 296 -10.33 68.18 33.90
N ASP BA 297 -10.59 67.48 32.79
CA ASP BA 297 -9.98 67.89 31.53
C ASP BA 297 -10.59 69.17 30.99
N GLN BA 298 -11.81 69.53 31.41
CA GLN BA 298 -12.35 70.83 31.08
C GLN BA 298 -11.58 71.94 31.79
N ARG BA 299 -11.33 71.76 33.09
CA ARG BA 299 -10.64 72.81 33.85
C ARG BA 299 -9.15 72.85 33.57
N LEU BA 300 -8.57 71.80 32.97
CA LEU BA 300 -7.17 71.88 32.53
C LEU BA 300 -7.05 72.15 31.03
N GLY BA 301 -8.13 72.62 30.40
CA GLY BA 301 -8.09 73.03 29.00
C GLY BA 301 -8.12 71.94 27.95
N ALA BA 302 -9.24 71.24 27.85
CA ALA BA 302 -9.44 70.27 26.78
C ALA BA 302 -10.90 70.32 26.34
N ASN BA 303 -11.14 70.08 25.06
CA ASN BA 303 -12.47 70.06 24.49
C ASN BA 303 -13.05 68.66 24.56
N VAL BA 304 -14.23 68.53 25.17
CA VAL BA 304 -14.80 67.21 25.39
C VAL BA 304 -15.60 66.72 24.19
N ALA BA 305 -16.13 67.65 23.37
CA ALA BA 305 -16.88 67.24 22.19
C ALA BA 305 -15.94 66.65 21.14
N SER BA 306 -14.74 67.21 21.00
CA SER BA 306 -13.71 66.69 20.13
C SER BA 306 -12.84 65.72 20.92
N ALA BA 307 -11.66 65.40 20.41
CA ALA BA 307 -10.67 64.53 21.07
C ALA BA 307 -11.25 63.14 21.32
N GLN BA 308 -11.51 62.45 20.20
CA GLN BA 308 -11.99 61.08 20.25
C GLN BA 308 -10.99 60.17 20.93
N GLY BA 309 -11.51 59.13 21.58
CA GLY BA 309 -10.68 58.21 22.32
C GLY BA 309 -9.89 57.28 21.42
N PRO BA 310 -9.21 56.30 22.02
CA PRO BA 310 -8.47 55.32 21.21
C PRO BA 310 -9.36 54.51 20.29
N THR BA 311 -10.62 54.28 20.67
CA THR BA 311 -11.56 53.55 19.85
C THR BA 311 -12.13 54.38 18.71
N GLY BA 312 -11.94 55.70 18.73
CA GLY BA 312 -12.51 56.55 17.71
C GLY BA 312 -13.98 56.86 17.91
N LEU BA 313 -14.58 56.40 19.01
CA LEU BA 313 -15.98 56.64 19.30
C LEU BA 313 -16.22 57.85 20.18
N GLY BA 314 -15.20 58.30 20.93
CA GLY BA 314 -15.36 59.43 21.82
C GLY BA 314 -15.01 59.10 23.27
N LYS BA 315 -13.89 59.63 23.76
CA LYS BA 315 -13.44 59.31 25.11
C LYS BA 315 -14.37 59.87 26.18
N TYR BA 316 -14.93 61.05 25.96
CA TYR BA 316 -15.75 61.72 26.96
C TYR BA 316 -17.22 61.81 26.61
N LEU BA 317 -17.57 61.87 25.32
CA LEU BA 317 -18.96 61.93 24.90
C LEU BA 317 -19.20 60.88 23.82
N MET BA 318 -20.27 60.09 23.97
CA MET BA 318 -20.72 59.30 22.83
C MET BA 318 -22.24 59.38 22.69
N ARG BA 319 -22.77 58.48 21.86
CA ARG BA 319 -24.19 58.42 21.56
C ARG BA 319 -24.73 57.07 22.00
N SER BA 320 -25.88 57.09 22.67
CA SER BA 320 -26.55 55.85 23.01
C SER BA 320 -27.07 55.19 21.73
N PRO BA 321 -27.28 53.88 21.74
CA PRO BA 321 -27.83 53.22 20.55
C PRO BA 321 -29.17 53.78 20.10
N THR BA 322 -29.98 54.30 21.02
CA THR BA 322 -31.22 54.98 20.64
C THR BA 322 -30.98 56.40 20.15
N GLY BA 323 -29.78 56.94 20.32
CA GLY BA 323 -29.44 58.25 19.80
C GLY BA 323 -29.25 59.36 20.81
N GLU BA 324 -29.26 59.07 22.10
CA GLU BA 324 -29.13 60.11 23.11
C GLU BA 324 -27.65 60.38 23.41
N ILE BA 325 -27.34 61.64 23.71
CA ILE BA 325 -25.98 62.04 24.03
C ILE BA 325 -25.66 61.60 25.45
N ILE BA 326 -24.61 60.78 25.60
CA ILE BA 326 -24.26 60.17 26.88
C ILE BA 326 -22.77 60.34 27.09
N PHE BA 327 -22.33 59.99 28.31
CA PHE BA 327 -20.91 60.11 28.65
C PHE BA 327 -20.07 59.10 27.90
N GLY BA 328 -18.76 59.29 27.96
CA GLY BA 328 -17.83 58.39 27.34
C GLY BA 328 -17.53 57.18 28.22
N GLY BA 329 -16.56 56.39 27.77
CA GLY BA 329 -16.15 55.20 28.46
C GLY BA 329 -17.14 54.05 28.36
N GLU BA 330 -16.73 52.94 28.97
CA GLU BA 330 -17.56 51.73 29.04
C GLU BA 330 -18.86 51.99 29.80
N THR BA 331 -18.91 53.09 30.55
CA THR BA 331 -20.10 53.63 31.20
C THR BA 331 -21.25 53.89 30.21
N MET BA 332 -21.01 53.79 28.89
CA MET BA 332 -22.13 53.75 27.94
C MET BA 332 -23.13 52.66 28.31
N ARG BA 333 -22.64 51.50 28.79
CA ARG BA 333 -23.53 50.42 29.18
C ARG BA 333 -24.39 50.78 30.38
N PHE BA 334 -24.05 51.83 31.11
CA PHE BA 334 -24.86 52.26 32.25
C PHE BA 334 -25.58 53.56 31.94
N TRP BA 335 -25.80 53.84 30.64
CA TRP BA 335 -26.30 55.13 30.18
C TRP BA 335 -27.72 55.45 30.62
N ASP BA 336 -28.47 54.49 31.15
CA ASP BA 336 -29.83 54.72 31.59
C ASP BA 336 -29.93 55.15 33.05
N PHE BA 337 -28.81 55.50 33.68
CA PHE BA 337 -28.82 55.89 35.08
C PHE BA 337 -29.50 57.24 35.30
N ARG BA 338 -30.25 57.34 36.39
CA ARG BA 338 -30.95 58.55 36.77
C ARG BA 338 -30.65 58.87 38.22
N GLY BA 339 -29.76 59.84 38.43
CA GLY BA 339 -29.49 60.36 39.76
C GLY BA 339 -29.58 61.86 39.73
N PRO BA 340 -30.02 62.47 40.85
CA PRO BA 340 -30.48 63.86 40.80
C PRO BA 340 -29.42 64.92 40.55
N TRP BA 341 -28.21 64.52 40.16
CA TRP BA 341 -27.13 65.45 39.87
C TRP BA 341 -26.72 65.45 38.40
N VAL BA 342 -27.53 64.88 37.50
CA VAL BA 342 -27.19 64.93 36.08
C VAL BA 342 -28.35 65.46 35.23
N GLU BA 343 -29.58 65.37 35.74
CA GLU BA 343 -30.72 65.89 34.96
C GLU BA 343 -30.62 67.37 34.61
N PRO BA 344 -30.20 68.29 35.50
CA PRO BA 344 -29.95 69.66 35.03
C PRO BA 344 -28.86 69.72 33.96
N LEU BA 345 -27.89 68.82 34.01
CA LEU BA 345 -26.87 68.72 32.97
C LEU BA 345 -27.40 68.08 31.69
N ARG BA 346 -28.59 67.48 31.73
CA ARG BA 346 -29.13 66.73 30.61
C ARG BA 346 -30.23 67.53 29.92
N GLY BA 347 -30.07 67.72 28.60
CA GLY BA 347 -31.03 68.47 27.83
C GLY BA 347 -31.93 67.58 26.99
N PRO BA 348 -32.42 68.11 25.86
CA PRO BA 348 -33.35 67.32 25.04
C PRO BA 348 -32.71 66.13 24.33
N SER BA 349 -31.55 66.33 23.70
CA SER BA 349 -30.87 65.26 22.99
C SER BA 349 -29.96 64.44 23.90
N GLY BA 350 -30.06 64.64 25.20
CA GLY BA 350 -29.15 64.00 26.13
C GLY BA 350 -28.36 65.06 26.87
N LEU BA 351 -27.04 64.92 26.91
CA LEU BA 351 -26.20 65.90 27.59
C LEU BA 351 -26.07 67.14 26.73
N ASP BA 352 -26.53 68.28 27.24
CA ASP BA 352 -26.40 69.54 26.51
C ASP BA 352 -24.96 70.03 26.61
N LEU BA 353 -24.35 70.29 25.46
CA LEU BA 353 -22.94 70.66 25.41
C LEU BA 353 -22.68 71.99 26.12
N VAL BA 354 -23.50 73.01 25.82
CA VAL BA 354 -23.32 74.31 26.44
C VAL BA 354 -23.57 74.23 27.95
N LYS BA 355 -24.52 73.40 28.37
CA LYS BA 355 -24.81 73.21 29.79
C LYS BA 355 -23.60 72.63 30.51
N LEU BA 356 -23.04 71.53 29.97
CA LEU BA 356 -21.89 70.90 30.62
C LEU BA 356 -20.61 71.71 30.47
N LYS BA 357 -20.54 72.63 29.52
CA LYS BA 357 -19.34 73.45 29.38
C LYS BA 357 -19.37 74.70 30.25
N ASN BA 358 -20.56 75.27 30.48
CA ASN BA 358 -20.61 76.58 31.13
C ASN BA 358 -21.38 76.64 32.45
N ASP BA 359 -22.11 75.60 32.83
CA ASP BA 359 -22.96 75.74 34.01
C ASP BA 359 -22.73 74.64 35.04
N ILE BA 360 -21.47 74.43 35.43
CA ILE BA 360 -21.15 73.40 36.42
C ILE BA 360 -21.63 73.84 37.80
N GLN BA 361 -21.74 72.87 38.72
CA GLN BA 361 -22.14 73.15 40.09
C GLN BA 361 -21.19 72.48 41.07
N PRO BA 362 -20.69 73.21 42.08
CA PRO BA 362 -19.75 72.62 43.04
C PRO BA 362 -20.32 71.45 43.83
N TRP BA 363 -21.59 71.50 44.20
CA TRP BA 363 -22.18 70.38 44.94
C TRP BA 363 -22.25 69.13 44.08
N GLN BA 364 -22.59 69.28 42.80
CA GLN BA 364 -22.60 68.13 41.90
C GLN BA 364 -21.21 67.56 41.71
N GLU BA 365 -20.20 68.42 41.53
CA GLU BA 365 -18.86 67.90 41.28
C GLU BA 365 -18.28 67.23 42.52
N ARG BA 366 -18.54 67.79 43.72
CA ARG BA 366 -18.02 67.15 44.92
C ARG BA 366 -18.78 65.87 45.25
N ARG BA 367 -20.10 65.84 44.96
CA ARG BA 367 -20.87 64.61 45.16
C ARG BA 367 -20.37 63.51 44.24
N ALA BA 368 -20.09 63.84 42.98
CA ALA BA 368 -19.58 62.84 42.04
C ALA BA 368 -18.19 62.38 42.43
N ALA BA 369 -17.33 63.29 42.89
CA ALA BA 369 -15.98 62.90 43.30
C ALA BA 369 -16.03 61.98 44.53
N GLU BA 370 -16.88 62.29 45.50
CA GLU BA 370 -16.98 61.45 46.69
C GLU BA 370 -17.60 60.09 46.37
N TYR BA 371 -18.56 60.04 45.46
CA TYR BA 371 -19.08 58.74 45.02
C TYR BA 371 -18.05 57.95 44.23
N MET BA 372 -17.18 58.64 43.49
CA MET BA 372 -16.09 57.98 42.79
C MET BA 372 -15.10 57.36 43.77
N THR BA 373 -14.74 58.10 44.82
CA THR BA 373 -13.80 57.58 45.79
C THR BA 373 -14.38 56.45 46.65
N HIS BA 374 -15.69 56.28 46.65
CA HIS BA 374 -16.36 55.27 47.47
C HIS BA 374 -17.40 54.52 46.64
N ALA BA 375 -16.96 54.00 45.49
CA ALA BA 375 -17.81 53.19 44.64
C ALA BA 375 -18.23 51.91 45.37
N PRO BA 376 -19.41 51.35 45.03
CA PRO BA 376 -19.82 50.07 45.63
C PRO BA 376 -18.97 48.92 45.15
N LEU BA 377 -17.74 48.85 45.66
CA LEU BA 377 -16.75 47.91 45.15
C LEU BA 377 -15.72 47.67 46.25
N GLY BA 378 -15.73 46.46 46.80
CA GLY BA 378 -14.81 46.12 47.87
C GLY BA 378 -14.94 44.66 48.21
N SER BA 379 -14.06 44.21 49.11
CA SER BA 379 -13.98 42.80 49.47
C SER BA 379 -14.84 42.50 50.69
N LEU BA 380 -15.07 41.22 50.93
CA LEU BA 380 -15.77 40.80 52.13
C LEU BA 380 -14.96 41.07 53.39
N ASN BA 381 -13.63 41.23 53.25
CA ASN BA 381 -12.79 41.72 54.33
C ASN BA 381 -12.83 43.24 54.44
N SER BA 382 -13.76 43.88 53.74
CA SER BA 382 -13.94 45.33 53.72
C SER BA 382 -12.72 46.05 53.17
N VAL BA 383 -11.99 45.39 52.27
CA VAL BA 383 -10.89 46.00 51.56
C VAL BA 383 -11.47 46.68 50.33
N GLY BA 384 -11.28 47.99 50.21
CA GLY BA 384 -11.93 48.75 49.16
C GLY BA 384 -11.36 48.47 47.80
N GLY BA 385 -12.13 48.89 46.79
CA GLY BA 385 -11.72 48.75 45.41
C GLY BA 385 -11.86 47.34 44.86
N VAL BA 386 -11.25 47.13 43.70
CA VAL BA 386 -11.22 45.84 43.02
C VAL BA 386 -10.36 44.87 43.80
N ALA BA 387 -10.40 43.59 43.39
CA ALA BA 387 -9.62 42.54 44.03
C ALA BA 387 -8.11 42.74 43.87
N THR BA 388 -7.69 43.63 42.98
CA THR BA 388 -6.27 43.92 42.82
C THR BA 388 -5.81 45.07 43.69
N GLU BA 389 -6.72 45.73 44.40
CA GLU BA 389 -6.36 46.95 45.13
C GLU BA 389 -5.90 46.63 46.54
N ILE BA 390 -4.94 47.43 47.01
CA ILE BA 390 -4.33 47.25 48.32
C ILE BA 390 -5.31 47.73 49.40
N ASN BA 391 -5.21 47.13 50.58
CA ASN BA 391 -6.07 47.45 51.71
C ASN BA 391 -5.74 48.81 52.31
N ALA BA 392 -6.32 49.87 51.77
CA ALA BA 392 -6.12 51.22 52.27
C ALA BA 392 -7.42 51.98 52.54
N VAL BA 393 -8.49 51.67 51.81
CA VAL BA 393 -9.79 52.30 52.02
C VAL BA 393 -10.71 51.25 52.62
N ASN BA 394 -11.13 51.48 53.86
CA ASN BA 394 -11.99 50.53 54.58
C ASN BA 394 -13.43 50.92 54.29
N PHE BA 395 -13.97 50.41 53.19
CA PHE BA 395 -15.35 50.70 52.82
C PHE BA 395 -15.87 49.68 51.82
N VAL BA 396 -17.03 49.10 52.13
CA VAL BA 396 -17.83 48.34 51.18
C VAL BA 396 -19.26 48.83 51.32
N SER BA 397 -19.93 49.07 50.20
CA SER BA 397 -21.19 49.79 50.22
C SER BA 397 -22.30 48.97 50.87
N PRO BA 398 -23.16 49.61 51.67
CA PRO BA 398 -24.36 48.93 52.15
C PRO BA 398 -25.25 48.45 51.04
N ARG BA 399 -25.25 49.15 49.89
CA ARG BA 399 -25.97 48.67 48.72
C ARG BA 399 -25.49 47.29 48.29
N SER BA 400 -24.17 47.13 48.18
CA SER BA 400 -23.59 45.83 47.81
C SER BA 400 -23.92 44.77 48.85
N TRP BA 401 -23.76 45.11 50.13
CA TRP BA 401 -24.00 44.11 51.18
C TRP BA 401 -25.47 43.67 51.24
N LEU BA 402 -26.40 44.63 51.15
CA LEU BA 402 -27.82 44.28 51.13
C LEU BA 402 -28.20 43.49 49.89
N ALA BA 403 -27.65 43.86 48.72
CA ALA BA 403 -27.98 43.11 47.50
C ALA BA 403 -27.52 41.67 47.60
N THR BA 404 -26.30 41.46 48.11
CA THR BA 404 -25.77 40.11 48.27
C THR BA 404 -26.61 39.29 49.25
N SER BA 405 -26.83 39.83 50.45
CA SER BA 405 -27.54 39.09 51.47
C SER BA 405 -28.99 38.84 51.07
N HIS BA 406 -29.64 39.81 50.42
CA HIS BA 406 -31.02 39.63 50.02
C HIS BA 406 -31.14 38.66 48.85
N PHE BA 407 -30.13 38.57 47.98
CA PHE BA 407 -30.18 37.48 47.01
C PHE BA 407 -30.08 36.13 47.72
N CYS BA 408 -29.21 36.03 48.72
CA CYS BA 408 -29.08 34.79 49.48
C CYS BA 408 -30.42 34.38 50.08
N LEU BA 409 -31.08 35.34 50.72
CA LEU BA 409 -32.38 35.10 51.36
C LEU BA 409 -33.44 34.72 50.34
N GLY BA 410 -33.50 35.46 49.22
CA GLY BA 410 -34.52 35.18 48.23
C GLY BA 410 -34.35 33.82 47.56
N PHE BA 411 -33.12 33.46 47.22
CA PHE BA 411 -32.90 32.18 46.54
C PHE BA 411 -33.11 31.01 47.49
N PHE BA 412 -32.56 31.09 48.70
CA PHE BA 412 -32.80 30.03 49.67
C PHE BA 412 -34.28 29.89 50.03
N PHE BA 413 -35.02 31.01 50.07
CA PHE BA 413 -36.44 30.91 50.33
C PHE BA 413 -37.22 30.41 49.12
N PHE BA 414 -36.71 30.61 47.91
CA PHE BA 414 -37.29 29.94 46.75
C PHE BA 414 -37.15 28.43 46.87
N VAL BA 415 -35.97 27.97 47.26
CA VAL BA 415 -35.76 26.53 47.43
C VAL BA 415 -36.63 26.00 48.56
N GLY BA 416 -36.82 26.79 49.62
CA GLY BA 416 -37.72 26.38 50.69
C GLY BA 416 -39.17 26.33 50.25
N HIS BA 417 -39.59 27.29 49.42
CA HIS BA 417 -40.92 27.26 48.85
C HIS BA 417 -41.13 26.02 48.02
N LEU BA 418 -40.13 25.65 47.20
CA LEU BA 418 -40.26 24.46 46.37
C LEU BA 418 -40.30 23.20 47.24
N TRP BA 419 -39.48 23.17 48.29
CA TRP BA 419 -39.47 22.08 49.27
C TRP BA 419 -40.88 21.86 49.85
N HIS BA 420 -41.40 22.89 50.49
CA HIS BA 420 -42.70 22.78 51.13
C HIS BA 420 -43.82 22.65 50.10
N ALA BA 421 -43.61 23.10 48.87
CA ALA BA 421 -44.61 22.99 47.83
C ALA BA 421 -44.74 21.54 47.35
N GLY BA 422 -43.61 20.89 47.10
CA GLY BA 422 -43.64 19.48 46.76
C GLY BA 422 -44.22 18.65 47.89
N ARG BA 423 -43.87 19.01 49.14
CA ARG BA 423 -44.41 18.26 50.27
C ARG BA 423 -45.90 18.50 50.44
N ALA BA 424 -46.37 19.70 50.13
CA ALA BA 424 -47.79 20.01 50.19
C ALA BA 424 -48.56 19.20 49.15
N ARG BA 425 -48.08 19.19 47.90
CA ARG BA 425 -48.76 18.46 46.84
C ARG BA 425 -48.82 16.97 47.15
N ALA BA 426 -47.68 16.39 47.56
CA ALA BA 426 -47.65 14.96 47.86
C ALA BA 426 -48.44 14.59 49.12
N ALA BA 427 -48.39 15.41 50.16
CA ALA BA 427 -49.12 15.12 51.39
C ALA BA 427 -50.63 15.25 51.20
N ALA BA 428 -51.07 16.26 50.43
CA ALA BA 428 -52.48 16.34 50.11
C ALA BA 428 -52.90 15.23 49.16
N ALA BA 429 -51.97 14.72 48.35
CA ALA BA 429 -52.22 13.52 47.58
C ALA BA 429 -52.20 12.27 48.45
N GLY BA 430 -51.75 12.39 49.70
CA GLY BA 430 -51.70 11.24 50.59
C GLY BA 430 -50.53 10.34 50.34
N PHE BA 431 -49.35 10.90 50.09
CA PHE BA 431 -48.20 10.13 49.63
C PHE BA 431 -46.92 10.52 50.36
N GLU BA 432 -47.01 11.05 51.58
CA GLU BA 432 -45.89 11.74 52.20
C GLU BA 432 -44.73 10.85 52.64
N LYS BA 433 -44.74 9.56 52.28
CA LYS BA 433 -43.70 8.64 52.72
C LYS BA 433 -43.10 7.79 51.61
N GLY BA 434 -43.82 7.53 50.52
CA GLY BA 434 -43.32 6.70 49.45
C GLY BA 434 -44.36 5.74 48.90
N ILE BA 435 -43.99 4.87 47.97
CA ILE BA 435 -44.94 3.92 47.39
C ILE BA 435 -45.22 2.82 48.39
N ASP BA 436 -46.39 2.21 48.27
CA ASP BA 436 -46.91 1.30 49.28
C ASP BA 436 -46.38 -0.12 49.17
N ARG BA 437 -45.53 -0.40 48.17
CA ARG BA 437 -44.87 -1.69 47.91
C ARG BA 437 -45.87 -2.76 47.46
N VAL BA 438 -47.17 -2.46 47.48
CA VAL BA 438 -48.19 -3.39 47.04
C VAL BA 438 -49.13 -2.67 46.08
N ASP BA 439 -49.04 -1.34 46.05
CA ASP BA 439 -49.89 -0.53 45.17
C ASP BA 439 -49.03 0.38 44.30
N GLU BA 440 -47.98 -0.17 43.71
CA GLU BA 440 -47.08 0.63 42.89
C GLU BA 440 -47.76 1.02 41.59
N PRO BA 441 -47.88 2.31 41.27
CA PRO BA 441 -48.45 2.69 39.97
C PRO BA 441 -47.60 2.28 38.77
N VAL BA 442 -46.30 2.04 38.98
CA VAL BA 442 -45.42 1.72 37.87
C VAL BA 442 -45.73 0.34 37.30
N LEU BA 443 -45.91 -0.65 38.19
CA LEU BA 443 -46.10 -2.03 37.75
C LEU BA 443 -47.46 -2.29 37.13
N SER BA 444 -48.39 -1.34 37.19
CA SER BA 444 -49.74 -1.52 36.68
C SER BA 444 -49.97 -0.84 35.34
N MET BA 445 -48.97 -0.11 34.80
CA MET BA 445 -49.11 0.56 33.52
C MET BA 445 -48.34 -0.19 32.44
N ARG BA 446 -48.40 0.36 31.23
CA ARG BA 446 -47.79 -0.29 30.08
C ARG BA 446 -46.27 -0.10 30.08
N PRO BA 447 -45.53 -1.04 29.47
CA PRO BA 447 -44.08 -0.86 29.30
C PRO BA 447 -43.72 0.09 28.17
N LEU BA 448 -42.44 0.11 27.81
CA LEU BA 448 -41.76 0.89 26.75
C LEU BA 448 -41.54 2.34 27.19
N ASP BA 449 -42.05 2.75 28.35
CA ASP BA 449 -41.81 4.05 28.97
C ASP BA 449 -42.13 5.25 28.07
N ILE CA 1 -1.81 -23.48 57.68
CA ILE CA 1 -2.47 -23.28 56.39
C ILE CA 1 -2.11 -24.40 55.43
N GLY CA 2 -3.03 -24.71 54.51
CA GLY CA 2 -2.82 -25.74 53.52
C GLY CA 2 -2.68 -27.13 54.12
N THR CA 3 -3.49 -27.43 55.13
CA THR CA 3 -3.60 -28.69 55.88
C THR CA 3 -2.25 -29.31 56.27
N TYR CA 4 -1.23 -28.47 56.44
CA TYR CA 4 0.08 -28.88 56.90
C TYR CA 4 0.25 -28.31 58.31
N GLN CA 5 1.22 -28.84 59.06
CA GLN CA 5 1.32 -28.54 60.49
C GLN CA 5 1.54 -27.05 60.74
N GLU CA 6 2.47 -26.42 60.02
CA GLU CA 6 2.73 -24.97 60.07
C GLU CA 6 2.99 -24.49 61.50
N LYS CA 7 4.14 -24.92 62.02
CA LYS CA 7 4.58 -24.49 63.34
C LYS CA 7 4.65 -22.97 63.42
N ARG CA 8 4.05 -22.41 64.47
CA ARG CA 8 3.93 -20.96 64.59
C ARG CA 8 5.29 -20.33 64.86
N THR CA 9 5.59 -19.27 64.11
CA THR CA 9 6.87 -18.59 64.20
C THR CA 9 6.67 -17.10 64.45
N TRP CA 10 7.75 -16.33 64.32
CA TRP CA 10 7.67 -14.88 64.54
C TRP CA 10 6.73 -14.22 63.54
N PHE CA 11 6.77 -14.65 62.27
CA PHE CA 11 5.87 -14.12 61.27
C PHE CA 11 4.41 -14.42 61.62
N ASP CA 12 4.15 -15.65 62.07
CA ASP CA 12 2.78 -16.04 62.43
C ASP CA 12 2.27 -15.25 63.63
N ASP CA 13 3.12 -15.08 64.65
CA ASP CA 13 2.74 -14.29 65.82
C ASP CA 13 2.48 -12.84 65.45
N ALA CA 14 3.34 -12.28 64.59
CA ALA CA 14 3.15 -10.90 64.14
C ALA CA 14 1.87 -10.75 63.35
N ASP CA 15 1.56 -11.69 62.46
CA ASP CA 15 0.33 -11.61 61.68
C ASP CA 15 -0.89 -11.74 62.58
N ASP CA 16 -0.87 -12.66 63.53
CA ASP CA 16 -2.01 -12.85 64.42
C ASP CA 16 -2.23 -11.64 65.32
N TRP CA 17 -1.15 -11.02 65.78
CA TRP CA 17 -1.28 -9.81 66.59
C TRP CA 17 -1.66 -8.60 65.74
N LEU CA 18 -1.35 -8.63 64.45
CA LEU CA 18 -1.55 -7.47 63.59
C LEU CA 18 -2.93 -7.41 62.95
N ARG CA 19 -3.41 -8.49 62.34
CA ARG CA 19 -4.75 -8.46 61.73
C ARG CA 19 -5.78 -8.91 62.77
N GLN CA 20 -6.33 -7.92 63.47
CA GLN CA 20 -7.36 -8.16 64.47
C GLN CA 20 -8.18 -6.89 64.64
N ASP CA 21 -9.33 -7.04 65.30
CA ASP CA 21 -10.23 -5.91 65.49
C ASP CA 21 -9.71 -4.98 66.57
N ARG CA 22 -9.57 -3.70 66.23
CA ARG CA 22 -9.18 -2.66 67.18
C ARG CA 22 -10.03 -1.43 66.86
N PHE CA 23 -9.76 -0.33 67.59
CA PHE CA 23 -10.36 0.94 67.19
C PHE CA 23 -9.69 1.48 65.93
N VAL CA 24 -8.36 1.34 65.84
CA VAL CA 24 -7.60 1.64 64.65
C VAL CA 24 -6.87 0.37 64.22
N PHE CA 25 -7.05 -0.01 62.96
CA PHE CA 25 -6.43 -1.23 62.47
C PHE CA 25 -4.97 -0.97 62.18
N VAL CA 26 -4.09 -1.82 62.73
CA VAL CA 26 -2.66 -1.64 62.52
C VAL CA 26 -2.23 -2.49 61.33
N GLY CA 27 -2.30 -3.81 61.49
CA GLY CA 27 -1.88 -4.73 60.43
C GLY CA 27 -0.43 -4.57 60.03
N TRP CA 28 -0.10 -5.20 58.90
CA TRP CA 28 1.25 -5.08 58.35
C TRP CA 28 1.45 -3.71 57.71
N SER CA 29 0.43 -3.21 56.99
CA SER CA 29 0.52 -1.91 56.34
C SER CA 29 0.69 -0.76 57.33
N GLY CA 30 0.32 -0.97 58.59
CA GLY CA 30 0.55 0.04 59.61
C GLY CA 30 2.00 0.23 59.97
N LEU CA 31 2.88 -0.70 59.55
CA LEU CA 31 4.31 -0.50 59.74
C LEU CA 31 4.84 0.67 58.94
N LEU CA 32 4.16 1.07 57.88
CA LEU CA 32 4.56 2.19 57.02
C LEU CA 32 3.54 3.32 57.02
N LEU CA 33 2.24 2.97 56.91
CA LEU CA 33 1.21 3.98 56.76
C LEU CA 33 1.13 4.89 57.97
N LEU CA 34 1.10 4.32 59.18
CA LEU CA 34 1.03 5.15 60.39
C LEU CA 34 2.22 6.08 60.55
N PRO CA 35 3.49 5.62 60.52
CA PRO CA 35 4.58 6.60 60.70
C PRO CA 35 4.70 7.58 59.54
N CYS CA 36 4.49 7.13 58.29
CA CYS CA 36 4.64 8.03 57.15
C CYS CA 36 3.55 9.09 57.13
N ALA CA 37 2.29 8.69 57.33
CA ALA CA 37 1.19 9.65 57.37
C ALA CA 37 1.31 10.59 58.54
N TYR CA 38 1.72 10.07 59.71
CA TYR CA 38 1.90 10.91 60.89
C TYR CA 38 2.99 11.96 60.64
N PHE CA 39 4.11 11.55 60.04
CA PHE CA 39 5.18 12.48 59.74
C PHE CA 39 4.74 13.52 58.72
N ALA CA 40 3.97 13.10 57.70
CA ALA CA 40 3.52 14.03 56.68
C ALA CA 40 2.59 15.09 57.25
N VAL CA 41 1.58 14.67 58.03
CA VAL CA 41 0.63 15.62 58.59
C VAL CA 41 1.30 16.50 59.62
N GLY CA 42 2.23 15.94 60.41
CA GLY CA 42 2.95 16.76 61.38
C GLY CA 42 3.84 17.79 60.72
N GLY CA 43 4.54 17.39 59.65
CA GLY CA 43 5.38 18.33 58.94
C GLY CA 43 4.58 19.45 58.29
N TRP CA 44 3.43 19.12 57.70
CA TRP CA 44 2.62 20.15 57.07
C TRP CA 44 2.02 21.11 58.10
N LEU CA 45 1.45 20.56 59.18
CA LEU CA 45 0.86 21.42 60.20
C LEU CA 45 1.92 22.23 60.93
N THR CA 46 3.15 21.74 61.01
CA THR CA 46 4.24 22.54 61.55
C THR CA 46 4.64 23.64 60.56
N GLY CA 47 4.64 23.31 59.26
CA GLY CA 47 5.04 24.29 58.27
C GLY CA 47 4.07 25.45 58.14
N CYS CA 48 2.77 25.18 58.26
CA CYS CA 48 1.81 26.26 58.11
C CYS CA 48 1.72 27.19 59.33
N THR CA 49 2.39 26.86 60.42
CA THR CA 49 2.46 27.76 61.56
C THR CA 49 3.85 28.32 61.81
N PHE CA 50 4.89 27.64 61.33
CA PHE CA 50 6.26 27.96 61.69
C PHE CA 50 7.13 28.33 60.50
N VAL CA 51 7.10 27.53 59.42
CA VAL CA 51 8.13 27.60 58.38
C VAL CA 51 7.98 28.88 57.57
N THR CA 52 8.99 29.75 57.65
CA THR CA 52 9.07 30.94 56.84
C THR CA 52 9.63 30.60 55.47
N SER CA 53 9.11 31.27 54.44
CA SER CA 53 9.55 31.07 53.06
C SER CA 53 10.49 32.17 52.61
N TRP CA 54 11.00 32.97 53.56
CA TRP CA 54 11.79 34.14 53.21
C TRP CA 54 13.14 33.79 52.60
N TYR CA 55 13.61 32.57 52.76
CA TYR CA 55 14.87 32.15 52.18
C TYR CA 55 14.71 31.12 51.08
N THR CA 56 13.53 30.54 50.91
CA THR CA 56 13.28 29.59 49.83
C THR CA 56 12.66 30.28 48.62
N HIS CA 57 11.50 30.89 48.80
CA HIS CA 57 10.84 31.67 47.75
C HIS CA 57 10.90 33.16 48.02
N GLY CA 58 11.44 33.58 49.16
CA GLY CA 58 11.40 34.98 49.53
C GLY CA 58 9.99 35.47 49.79
N LEU CA 59 9.17 34.66 50.46
CA LEU CA 59 7.77 34.99 50.71
C LEU CA 59 7.44 34.69 52.16
N ALA CA 60 6.18 34.94 52.52
CA ALA CA 60 5.66 34.64 53.85
C ALA CA 60 4.63 33.51 53.72
N SER CA 61 4.84 32.42 54.45
CA SER CA 61 4.00 31.24 54.28
C SER CA 61 3.74 30.50 55.59
N SER CA 62 3.63 31.20 56.71
CA SER CA 62 3.29 30.55 57.97
C SER CA 62 2.69 31.56 58.93
N TYR CA 63 2.06 31.05 59.99
CA TYR CA 63 1.42 31.92 60.97
C TYR CA 63 2.44 32.69 61.80
N ILE CA 64 3.71 32.27 61.82
CA ILE CA 64 4.71 32.98 62.60
C ILE CA 64 5.06 34.33 61.98
N GLU CA 65 4.77 34.51 60.70
CA GLU CA 65 4.97 35.76 60.01
C GLU CA 65 3.73 36.63 60.00
N GLY CA 66 2.60 36.11 60.47
CA GLY CA 66 1.33 36.81 60.42
C GLY CA 66 0.40 36.37 59.32
N CYS CA 67 0.73 35.30 58.60
CA CYS CA 67 -0.12 34.81 57.53
C CYS CA 67 -1.35 34.11 58.09
N ASN CA 68 -2.39 34.03 57.27
CA ASN CA 68 -3.60 33.30 57.65
C ASN CA 68 -3.49 31.85 57.18
N PHE CA 69 -4.62 31.13 57.22
CA PHE CA 69 -4.61 29.71 56.88
C PHE CA 69 -4.27 29.47 55.41
N LEU CA 70 -4.85 30.26 54.50
CA LEU CA 70 -4.61 30.02 53.08
C LEU CA 70 -3.20 30.39 52.67
N THR CA 71 -2.73 31.58 53.06
CA THR CA 71 -1.40 32.03 52.67
C THR CA 71 -0.28 31.27 53.37
N ALA CA 72 -0.59 30.46 54.36
CA ALA CA 72 0.41 29.62 55.02
C ALA CA 72 0.66 28.38 54.18
N ALA CA 73 1.94 28.04 54.01
CA ALA CA 73 2.29 26.92 53.16
C ALA CA 73 3.68 26.38 53.53
N VAL CA 74 3.84 25.07 53.34
CA VAL CA 74 5.17 24.47 53.34
C VAL CA 74 5.76 24.74 51.97
N SER CA 75 6.80 25.57 51.92
CA SER CA 75 7.32 26.07 50.65
C SER CA 75 8.38 25.15 50.07
N THR CA 76 8.43 25.14 48.74
CA THR CA 76 9.33 24.27 48.00
C THR CA 76 10.78 24.72 48.15
N PRO CA 77 11.73 23.82 47.93
CA PRO CA 77 13.15 24.22 47.93
C PRO CA 77 13.46 25.16 46.78
N ALA CA 78 14.56 25.89 46.93
CA ALA CA 78 15.00 26.82 45.90
C ALA CA 78 15.47 26.08 44.66
N ASN CA 79 15.22 26.69 43.49
CA ASN CA 79 15.55 26.07 42.22
C ASN CA 79 17.05 25.87 42.03
N SER CA 80 17.89 26.63 42.76
CA SER CA 80 19.33 26.40 42.71
C SER CA 80 19.68 25.01 43.23
N LEU CA 81 18.88 24.49 44.15
CA LEU CA 81 19.05 23.12 44.63
C LEU CA 81 18.65 22.09 43.57
N GLY CA 82 17.96 22.51 42.51
CA GLY CA 82 17.60 21.58 41.45
C GLY CA 82 16.59 20.56 41.92
N HIS CA 83 16.86 19.29 41.65
CA HIS CA 83 16.01 18.19 42.08
C HIS CA 83 16.65 17.41 43.23
N SER CA 84 17.37 18.11 44.09
CA SER CA 84 17.95 17.46 45.26
C SER CA 84 16.86 17.11 46.25
N LEU CA 85 17.05 16.01 46.98
CA LEU CA 85 16.08 15.60 47.99
C LEU CA 85 16.22 16.37 49.29
N LEU CA 86 17.32 17.10 49.47
CA LEU CA 86 17.57 17.96 50.64
C LEU CA 86 17.45 17.19 51.94
N PHE CA 87 18.31 16.19 52.12
CA PHE CA 87 18.37 15.47 53.38
C PHE CA 87 18.90 16.39 54.47
N VAL CA 88 18.43 16.15 55.71
CA VAL CA 88 18.97 16.91 56.83
C VAL CA 88 20.42 16.50 57.09
N TRP CA 89 20.76 15.24 56.83
CA TRP CA 89 22.14 14.79 56.94
C TRP CA 89 22.95 15.08 55.67
N GLY CA 90 22.28 15.24 54.53
CA GLY CA 90 22.95 15.38 53.27
C GLY CA 90 23.72 16.69 53.16
N PRO CA 91 24.39 16.87 52.01
CA PRO CA 91 25.28 18.04 51.84
C PRO CA 91 24.57 19.38 51.92
N GLU CA 92 23.25 19.41 51.73
CA GLU CA 92 22.52 20.66 51.84
C GLU CA 92 22.51 21.17 53.27
N ALA CA 93 22.22 20.29 54.24
CA ALA CA 93 22.07 20.69 55.63
C ALA CA 93 23.15 20.13 56.54
N GLN CA 94 23.58 18.87 56.31
CA GLN CA 94 24.66 18.22 57.07
C GLN CA 94 24.35 18.14 58.56
N GLY CA 95 23.19 17.60 58.91
CA GLY CA 95 22.83 17.34 60.28
C GLY CA 95 22.21 18.49 61.03
N ASP CA 96 22.10 19.67 60.42
CA ASP CA 96 21.59 20.86 61.12
C ASP CA 96 20.12 21.04 60.75
N LEU CA 97 19.24 20.66 61.67
CA LEU CA 97 17.80 20.77 61.45
C LEU CA 97 17.38 22.23 61.28
N THR CA 98 17.97 23.12 62.08
CA THR CA 98 17.56 24.52 62.13
C THR CA 98 17.70 25.20 60.77
N ARG CA 99 18.82 24.99 60.10
CA ARG CA 99 18.98 25.53 58.76
C ARG CA 99 18.44 24.60 57.67
N TRP CA 100 18.17 23.34 58.01
CA TRP CA 100 17.44 22.48 57.08
C TRP CA 100 16.02 22.97 56.86
N PHE CA 101 15.40 23.53 57.91
CA PHE CA 101 14.10 24.18 57.77
C PHE CA 101 14.17 25.39 56.85
N GLN CA 102 15.22 26.21 56.98
CA GLN CA 102 15.35 27.38 56.13
C GLN CA 102 15.68 27.03 54.69
N LEU CA 103 16.19 25.83 54.44
CA LEU CA 103 16.46 25.36 53.09
C LEU CA 103 15.21 24.91 52.35
N GLY CA 104 14.09 24.74 53.05
CA GLY CA 104 12.91 24.16 52.44
C GLY CA 104 12.98 22.66 52.25
N GLY CA 105 13.90 21.99 52.94
CA GLY CA 105 14.02 20.55 52.81
C GLY CA 105 12.84 19.77 53.34
N LEU CA 106 12.04 20.39 54.24
CA LEU CA 106 10.88 19.68 54.73
C LEU CA 106 9.82 19.57 53.66
N TRP CA 107 9.88 20.39 52.60
CA TRP CA 107 8.99 20.18 51.47
C TRP CA 107 9.22 18.81 50.85
N ALA CA 108 10.48 18.49 50.53
CA ALA CA 108 10.80 17.19 49.98
C ALA CA 108 10.55 16.08 51.00
N PHE CA 109 10.85 16.36 52.28
CA PHE CA 109 10.59 15.39 53.35
C PHE CA 109 9.10 15.03 53.43
N VAL CA 110 8.24 16.05 53.48
CA VAL CA 110 6.81 15.83 53.62
C VAL CA 110 6.22 15.24 52.34
N ALA CA 111 6.72 15.66 51.17
CA ALA CA 111 6.22 15.09 49.92
C ALA CA 111 6.58 13.62 49.80
N LEU CA 112 7.82 13.26 50.16
CA LEU CA 112 8.24 11.86 50.16
C LEU CA 112 7.44 11.03 51.16
N HIS CA 113 7.31 11.52 52.39
CA HIS CA 113 6.57 10.78 53.40
C HIS CA 113 5.09 10.72 53.08
N GLY CA 114 4.57 11.71 52.35
CA GLY CA 114 3.18 11.65 51.93
C GLY CA 114 2.97 10.67 50.79
N ALA CA 115 3.95 10.54 49.89
CA ALA CA 115 3.88 9.51 48.87
C ALA CA 115 3.89 8.13 49.51
N PHE CA 116 4.77 7.93 50.49
CA PHE CA 116 4.77 6.66 51.21
C PHE CA 116 3.51 6.46 52.04
N GLY CA 117 2.91 7.55 52.52
CA GLY CA 117 1.64 7.44 53.21
C GLY CA 117 0.50 7.04 52.30
N LEU CA 118 0.51 7.56 51.07
CA LEU CA 118 -0.46 7.14 50.06
C LEU CA 118 -0.29 5.66 49.74
N ILE CA 119 0.96 5.22 49.60
CA ILE CA 119 1.24 3.80 49.36
C ILE CA 119 0.74 2.95 50.53
N GLY CA 120 1.02 3.40 51.76
CA GLY CA 120 0.57 2.68 52.94
C GLY CA 120 -0.94 2.66 53.08
N PHE CA 121 -1.62 3.73 52.67
CA PHE CA 121 -3.08 3.74 52.75
C PHE CA 121 -3.69 2.78 51.74
N MET CA 122 -3.14 2.73 50.52
CA MET CA 122 -3.62 1.75 49.56
C MET CA 122 -3.32 0.33 50.03
N LEU CA 123 -2.16 0.13 50.66
CA LEU CA 123 -1.84 -1.18 51.20
C LEU CA 123 -2.74 -1.56 52.37
N ARG CA 124 -3.16 -0.56 53.16
CA ARG CA 124 -4.11 -0.81 54.23
C ARG CA 124 -5.48 -1.22 53.68
N GLN CA 125 -5.91 -0.56 52.60
CA GLN CA 125 -7.15 -0.95 51.93
C GLN CA 125 -7.06 -2.38 51.42
N PHE CA 126 -5.93 -2.72 50.79
CA PHE CA 126 -5.74 -4.07 50.28
C PHE CA 126 -5.70 -5.10 51.41
N GLU CA 127 -5.04 -4.77 52.51
CA GLU CA 127 -4.91 -5.69 53.63
C GLU CA 127 -6.27 -5.92 54.32
N ILE CA 128 -7.06 -4.85 54.49
CA ILE CA 128 -8.39 -5.01 55.06
C ILE CA 128 -9.28 -5.86 54.14
N ALA CA 129 -9.22 -5.58 52.84
CA ALA CA 129 -10.00 -6.34 51.87
C ALA CA 129 -9.58 -7.82 51.86
N ARG CA 130 -8.30 -8.10 52.11
CA ARG CA 130 -7.88 -9.48 52.25
C ARG CA 130 -8.34 -10.08 53.57
N SER CA 131 -8.30 -9.29 54.65
CA SER CA 131 -8.62 -9.79 55.98
C SER CA 131 -10.06 -10.26 56.06
N VAL CA 132 -10.98 -9.51 55.44
CA VAL CA 132 -12.39 -9.89 55.52
C VAL CA 132 -13.03 -10.04 54.12
N ASN CA 133 -12.20 -10.24 53.09
CA ASN CA 133 -12.52 -11.00 51.88
C ASN CA 133 -13.70 -10.46 51.05
N LEU CA 134 -13.55 -9.23 50.56
CA LEU CA 134 -14.39 -8.73 49.47
C LEU CA 134 -13.49 -7.95 48.50
N ARG CA 135 -14.06 -7.62 47.32
CA ARG CA 135 -13.28 -7.06 46.23
C ARG CA 135 -12.73 -5.68 46.58
N PRO CA 136 -11.48 -5.36 46.16
CA PRO CA 136 -10.83 -4.09 46.51
C PRO CA 136 -11.08 -2.96 45.50
N TYR CA 137 -12.35 -2.69 45.20
CA TYR CA 137 -12.66 -1.59 44.30
C TYR CA 137 -12.39 -0.25 44.94
N ASN CA 138 -12.30 -0.18 46.27
CA ASN CA 138 -11.85 1.06 46.91
C ASN CA 138 -10.41 1.38 46.52
N ALA CA 139 -9.54 0.37 46.52
CA ALA CA 139 -8.17 0.58 46.07
C ALA CA 139 -8.12 0.84 44.56
N ILE CA 140 -9.00 0.18 43.80
CA ILE CA 140 -9.05 0.44 42.35
C ILE CA 140 -9.42 1.89 42.07
N ALA CA 141 -10.38 2.44 42.82
CA ALA CA 141 -10.72 3.85 42.66
C ALA CA 141 -9.67 4.77 43.27
N PHE CA 142 -8.95 4.29 44.29
CA PHE CA 142 -7.88 5.05 44.93
C PHE CA 142 -6.62 5.11 44.09
N SER CA 143 -6.54 4.30 43.04
CA SER CA 143 -5.42 4.39 42.11
C SER CA 143 -5.28 5.76 41.46
N ALA CA 144 -6.37 6.51 41.34
CA ALA CA 144 -6.33 7.83 40.70
C ALA CA 144 -5.81 8.96 41.60
N PRO CA 145 -6.17 9.04 42.90
CA PRO CA 145 -5.53 10.08 43.74
C PRO CA 145 -4.02 9.97 43.80
N ILE CA 146 -3.46 8.76 43.88
CA ILE CA 146 -2.01 8.66 43.90
C ILE CA 146 -1.42 9.01 42.54
N ALA CA 147 -2.14 8.74 41.46
CA ALA CA 147 -1.68 9.15 40.13
C ALA CA 147 -1.61 10.66 40.03
N VAL CA 148 -2.63 11.35 40.53
CA VAL CA 148 -2.62 12.81 40.57
C VAL CA 148 -1.46 13.31 41.42
N PHE CA 149 -1.28 12.71 42.61
CA PHE CA 149 -0.22 13.14 43.53
C PHE CA 149 1.15 13.01 42.89
N VAL CA 150 1.44 11.84 42.30
CA VAL CA 150 2.72 11.64 41.63
C VAL CA 150 2.89 12.61 40.48
N SER CA 151 1.88 12.71 39.63
CA SER CA 151 2.00 13.46 38.38
C SER CA 151 2.10 14.97 38.61
N VAL CA 152 1.65 15.47 39.76
CA VAL CA 152 1.76 16.91 40.00
C VAL CA 152 2.83 17.28 41.02
N PHE CA 153 3.22 16.38 41.93
CA PHE CA 153 4.20 16.74 42.94
C PHE CA 153 5.59 16.18 42.65
N LEU CA 154 5.70 15.18 41.78
CA LEU CA 154 7.00 14.63 41.44
C LEU CA 154 7.29 14.71 39.95
N ILE CA 155 6.35 14.30 39.11
CA ILE CA 155 6.60 14.25 37.66
C ILE CA 155 6.81 15.65 37.10
N TYR CA 156 5.97 16.61 37.51
CA TYR CA 156 6.15 17.97 36.99
C TYR CA 156 7.46 18.63 37.43
N PRO CA 157 7.85 18.62 38.72
CA PRO CA 157 9.17 19.20 39.04
C PRO CA 157 10.32 18.44 38.43
N LEU CA 158 10.23 17.11 38.34
CA LEU CA 158 11.32 16.34 37.74
C LEU CA 158 11.45 16.62 36.25
N GLY CA 159 10.33 16.91 35.58
CA GLY CA 159 10.42 17.30 34.18
C GLY CA 159 10.90 18.73 34.01
N GLN CA 160 10.52 19.62 34.93
CA GLN CA 160 10.94 21.00 34.87
C GLN CA 160 12.27 21.19 35.59
N SER CA 161 12.63 22.45 35.84
CA SER CA 161 13.96 22.76 36.37
C SER CA 161 14.14 22.27 37.80
N GLY CA 162 13.09 22.26 38.61
CA GLY CA 162 13.24 21.78 39.98
C GLY CA 162 11.98 21.97 40.79
N TRP CA 163 12.11 21.60 42.07
CA TRP CA 163 10.98 21.61 43.01
C TRP CA 163 10.35 22.98 43.17
N PHE CA 164 11.08 24.05 42.84
CA PHE CA 164 10.53 25.40 42.91
C PHE CA 164 9.29 25.53 42.03
N PHE CA 165 9.27 24.87 40.88
CA PHE CA 165 8.07 24.91 40.05
C PHE CA 165 7.03 23.89 40.47
N ALA CA 166 7.38 22.99 41.39
CA ALA CA 166 6.41 22.11 42.00
C ALA CA 166 5.46 22.92 42.90
N PRO CA 167 4.23 22.46 43.09
CA PRO CA 167 3.33 23.17 44.01
C PRO CA 167 3.81 23.08 45.44
N SER CA 168 3.54 24.15 46.19
CA SER CA 168 3.85 24.19 47.60
C SER CA 168 2.64 23.75 48.41
N PHE CA 169 2.90 23.17 49.58
CA PHE CA 169 1.83 22.65 50.41
C PHE CA 169 1.06 23.77 51.10
N GLY CA 170 0.04 24.32 50.43
CA GLY CA 170 -0.74 25.38 51.02
C GLY CA 170 -1.74 25.95 50.04
N VAL CA 171 -2.91 26.38 50.55
CA VAL CA 171 -4.06 26.69 49.70
C VAL CA 171 -3.75 27.82 48.73
N ALA CA 172 -3.20 28.92 49.25
CA ALA CA 172 -2.84 30.03 48.36
C ALA CA 172 -1.66 29.67 47.49
N SER CA 173 -0.76 28.80 47.97
CA SER CA 173 0.33 28.33 47.13
C SER CA 173 -0.18 27.42 46.02
N ILE CA 174 -1.17 26.57 46.30
CA ILE CA 174 -1.83 25.81 45.25
C ILE CA 174 -2.51 26.74 44.26
N PHE CA 175 -3.07 27.85 44.75
CA PHE CA 175 -3.70 28.81 43.85
C PHE CA 175 -2.65 29.46 42.94
N ARG CA 176 -1.47 29.76 43.50
CA ARG CA 176 -0.36 30.28 42.71
C ARG CA 176 0.07 29.29 41.64
N PHE CA 177 0.18 28.02 42.01
CA PHE CA 177 0.55 26.97 41.06
C PHE CA 177 -0.52 26.80 39.97
N ILE CA 178 -1.79 26.94 40.35
CA ILE CA 178 -2.90 26.83 39.41
C ILE CA 178 -2.85 27.97 38.39
N LEU CA 179 -2.65 29.20 38.87
CA LEU CA 179 -2.51 30.32 37.95
C LEU CA 179 -1.23 30.22 37.14
N PHE CA 180 -0.21 29.56 37.69
CA PHE CA 180 1.03 29.30 36.96
C PHE CA 180 0.78 28.40 35.75
N PHE CA 181 -0.01 27.35 35.94
CA PHE CA 181 -0.39 26.54 34.77
C PHE CA 181 -1.36 27.27 33.85
N GLN CA 182 -2.18 28.16 34.39
CA GLN CA 182 -3.08 28.94 33.53
C GLN CA 182 -2.28 29.81 32.57
N GLY CA 183 -1.26 30.48 33.09
CA GLY CA 183 -0.47 31.37 32.26
C GLY CA 183 0.57 30.70 31.40
N PHE CA 184 1.39 29.84 32.01
CA PHE CA 184 2.52 29.26 31.29
C PHE CA 184 2.08 28.11 30.38
N HIS CA 185 1.05 27.37 30.77
CA HIS CA 185 0.73 26.12 30.09
C HIS CA 185 -0.59 26.15 29.32
N ASN CA 186 -1.45 27.14 29.55
CA ASN CA 186 -2.81 27.17 29.04
C ASN CA 186 -3.55 25.88 29.37
N TRP CA 187 -3.55 25.56 30.67
CA TRP CA 187 -4.08 24.30 31.17
C TRP CA 187 -5.58 24.15 30.91
N THR CA 188 -6.30 25.26 30.73
CA THR CA 188 -7.72 25.17 30.38
C THR CA 188 -7.89 24.57 28.99
N LEU CA 189 -7.02 24.91 28.05
CA LEU CA 189 -7.13 24.41 26.68
C LEU CA 189 -6.53 23.04 26.48
N ASN CA 190 -6.04 22.40 27.54
CA ASN CA 190 -5.43 21.09 27.38
C ASN CA 190 -6.49 20.01 27.25
N PRO CA 191 -6.37 19.13 26.24
CA PRO CA 191 -7.42 18.13 26.00
C PRO CA 191 -7.61 17.14 27.13
N PHE CA 192 -6.51 16.64 27.70
CA PHE CA 192 -6.60 15.71 28.82
C PHE CA 192 -7.20 16.41 30.04
N HIS CA 193 -6.94 17.71 30.19
CA HIS CA 193 -7.58 18.45 31.27
C HIS CA 193 -9.08 18.58 31.05
N MET CA 194 -9.52 18.81 29.80
CA MET CA 194 -10.96 18.81 29.56
C MET CA 194 -11.57 17.43 29.78
N MET CA 195 -10.82 16.37 29.46
CA MET CA 195 -11.24 15.01 29.79
C MET CA 195 -11.46 14.88 31.30
N GLY CA 196 -10.51 15.38 32.09
CA GLY CA 196 -10.61 15.28 33.54
C GLY CA 196 -11.73 16.11 34.15
N VAL CA 197 -11.89 17.36 33.73
CA VAL CA 197 -12.95 18.20 34.26
C VAL CA 197 -14.32 17.65 33.87
N ALA CA 198 -14.45 17.10 32.65
CA ALA CA 198 -15.69 16.46 32.26
C ALA CA 198 -15.98 15.26 33.16
N GLY CA 199 -14.96 14.44 33.44
CA GLY CA 199 -15.15 13.31 34.32
C GLY CA 199 -15.53 13.70 35.74
N VAL CA 200 -14.91 14.75 36.26
CA VAL CA 200 -15.18 15.15 37.65
C VAL CA 200 -16.55 15.79 37.79
N LEU CA 201 -16.95 16.66 36.84
CA LEU CA 201 -18.29 17.21 36.94
C LEU CA 201 -19.34 16.13 36.70
N GLY CA 202 -19.04 15.14 35.85
CA GLY CA 202 -19.92 13.99 35.72
C GLY CA 202 -19.99 13.14 36.97
N ALA CA 203 -18.88 13.07 37.72
CA ALA CA 203 -18.91 12.38 39.00
C ALA CA 203 -19.80 13.11 39.99
N ALA CA 204 -19.73 14.45 39.99
CA ALA CA 204 -20.65 15.23 40.81
C ALA CA 204 -22.10 15.01 40.36
N LEU CA 205 -22.32 14.95 39.04
CA LEU CA 205 -23.63 14.60 38.49
C LEU CA 205 -24.14 13.28 39.03
N LEU CA 206 -23.32 12.23 38.93
CA LEU CA 206 -23.75 10.90 39.34
C LEU CA 206 -23.98 10.81 40.83
N CYS CA 207 -23.11 11.45 41.63
CA CYS CA 207 -23.30 11.42 43.08
C CYS CA 207 -24.58 12.13 43.49
N ALA CA 208 -24.80 13.34 42.97
CA ALA CA 208 -25.99 14.10 43.32
C ALA CA 208 -27.25 13.39 42.84
N ILE CA 209 -27.25 12.93 41.60
CA ILE CA 209 -28.43 12.30 41.03
C ILE CA 209 -28.71 10.97 41.69
N HIS CA 210 -27.67 10.23 42.11
CA HIS CA 210 -27.88 8.94 42.75
C HIS CA 210 -28.44 9.11 44.15
N GLY CA 211 -27.86 10.03 44.92
CA GLY CA 211 -28.37 10.28 46.25
C GLY CA 211 -29.81 10.80 46.23
N ALA CA 212 -30.07 11.79 45.37
CA ALA CA 212 -31.41 12.36 45.28
C ALA CA 212 -32.41 11.33 44.78
N THR CA 213 -32.04 10.53 43.77
CA THR CA 213 -32.96 9.54 43.22
C THR CA 213 -33.27 8.46 44.25
N VAL CA 214 -32.24 7.95 44.93
CA VAL CA 214 -32.47 6.90 45.93
C VAL CA 214 -33.35 7.43 47.05
N GLU CA 215 -33.03 8.63 47.56
CA GLU CA 215 -33.84 9.19 48.63
C GLU CA 215 -35.21 9.66 48.15
N ASN CA 216 -35.46 9.69 46.84
CA ASN CA 216 -36.75 10.17 46.35
C ASN CA 216 -37.63 9.08 45.76
N THR CA 217 -37.11 7.87 45.52
CA THR CA 217 -37.94 6.77 45.05
C THR CA 217 -38.04 5.65 46.09
N LEU CA 218 -37.86 6.01 47.36
CA LEU CA 218 -37.88 5.04 48.45
C LEU CA 218 -39.24 4.37 48.58
N PHE CA 219 -39.23 3.12 49.05
CA PHE CA 219 -40.46 2.43 49.40
C PHE CA 219 -41.06 3.03 50.66
N GLU CA 220 -42.22 2.51 51.06
CA GLU CA 220 -42.86 3.01 52.28
C GLU CA 220 -42.02 2.72 53.51
N ASP CA 221 -41.96 1.44 53.91
CA ASP CA 221 -41.25 0.95 55.08
C ASP CA 221 -41.47 1.81 56.33
N GLY CA 222 -42.63 2.46 56.43
CA GLY CA 222 -42.77 3.61 57.29
C GLY CA 222 -43.71 3.56 58.46
N ASP CA 223 -44.91 4.10 58.26
CA ASP CA 223 -45.83 4.51 59.33
C ASP CA 223 -45.13 5.51 60.25
N GLY CA 224 -44.34 6.40 59.64
CA GLY CA 224 -43.57 7.43 60.30
C GLY CA 224 -42.86 8.28 59.26
N ALA CA 225 -42.85 9.60 59.46
CA ALA CA 225 -42.34 10.51 58.44
C ALA CA 225 -40.81 10.50 58.33
N ASN CA 226 -40.10 10.00 59.33
CA ASN CA 226 -38.64 9.93 59.29
C ASN CA 226 -38.25 8.65 58.59
N THR CA 227 -37.94 8.74 57.30
CA THR CA 227 -37.64 7.56 56.50
C THR CA 227 -36.27 6.97 56.82
N PHE CA 228 -35.41 7.70 57.54
CA PHE CA 228 -34.09 7.19 57.86
C PHE CA 228 -34.16 5.94 58.71
N ARG CA 229 -35.05 5.93 59.71
CA ARG CA 229 -35.26 4.74 60.51
C ARG CA 229 -36.06 3.67 59.78
N ALA CA 230 -36.57 3.98 58.59
CA ALA CA 230 -37.26 2.98 57.77
C ALA CA 230 -36.33 1.91 57.24
N PHE CA 231 -35.02 2.14 57.24
CA PHE CA 231 -34.05 1.17 56.78
C PHE CA 231 -33.58 0.30 57.94
N ASN CA 232 -33.48 -1.00 57.69
CA ASN CA 232 -32.94 -1.93 58.67
C ASN CA 232 -31.61 -2.46 58.17
N PRO CA 233 -30.59 -2.54 59.02
CA PRO CA 233 -29.29 -3.06 58.56
C PRO CA 233 -29.33 -4.51 58.10
N THR CA 234 -30.30 -5.30 58.56
CA THR CA 234 -30.39 -6.71 58.20
C THR CA 234 -31.68 -6.95 57.42
N GLN CA 235 -31.63 -6.76 56.11
CA GLN CA 235 -32.75 -7.07 55.23
C GLN CA 235 -32.20 -7.34 53.84
N ALA CA 236 -32.88 -8.23 53.11
CA ALA CA 236 -32.46 -8.64 51.77
C ALA CA 236 -33.43 -8.16 50.71
N GLU CA 237 -34.05 -7.01 50.92
CA GLU CA 237 -35.02 -6.44 49.99
C GLU CA 237 -34.65 -5.00 49.67
N GLU CA 238 -35.06 -4.55 48.49
CA GLU CA 238 -34.75 -3.21 48.02
C GLU CA 238 -35.43 -2.15 48.88
N THR CA 239 -34.78 -1.00 49.00
CA THR CA 239 -35.31 0.11 49.78
C THR CA 239 -35.81 1.28 48.95
N TYR CA 240 -35.44 1.33 47.67
CA TYR CA 240 -35.90 2.39 46.77
C TYR CA 240 -36.36 1.78 45.46
N SER CA 241 -37.42 2.34 44.89
CA SER CA 241 -38.09 1.77 43.72
C SER CA 241 -37.28 2.07 42.47
N MET CA 242 -36.40 1.13 42.11
CA MET CA 242 -35.53 1.32 40.96
C MET CA 242 -36.31 1.34 39.65
N VAL CA 243 -37.38 0.55 39.54
CA VAL CA 243 -38.15 0.54 38.29
C VAL CA 243 -38.86 1.87 38.11
N THR CA 244 -39.36 2.45 39.20
CA THR CA 244 -39.91 3.80 39.17
C THR CA 244 -38.84 4.81 38.77
N ALA CA 245 -37.61 4.64 39.28
CA ALA CA 245 -36.51 5.52 38.89
C ALA CA 245 -36.22 5.40 37.40
N ASN CA 246 -36.21 4.18 36.88
CA ASN CA 246 -35.93 3.95 35.46
C ASN CA 246 -37.00 4.60 34.59
N ARG CA 247 -38.28 4.46 34.98
CA ARG CA 247 -39.34 5.11 34.21
C ARG CA 247 -39.24 6.63 34.28
N PHE CA 248 -38.94 7.17 35.47
CA PHE CA 248 -38.81 8.62 35.63
C PHE CA 248 -37.69 9.18 34.77
N TRP CA 249 -36.52 8.54 34.79
CA TRP CA 249 -35.41 9.03 34.00
C TRP CA 249 -35.54 8.71 32.51
N SER CA 250 -36.29 7.67 32.15
CA SER CA 250 -36.55 7.42 30.74
C SER CA 250 -37.50 8.47 30.17
N GLN CA 251 -38.42 8.96 30.98
CA GLN CA 251 -39.34 9.98 30.49
C GLN CA 251 -38.81 11.39 30.67
N ILE CA 252 -37.85 11.61 31.56
CA ILE CA 252 -37.27 12.94 31.77
C ILE CA 252 -36.07 13.12 30.85
N PHE CA 253 -35.10 12.21 30.95
CA PHE CA 253 -33.83 12.32 30.26
C PHE CA 253 -33.79 11.58 28.93
N GLY CA 254 -34.61 10.53 28.77
CA GLY CA 254 -34.60 9.71 27.58
C GLY CA 254 -33.90 8.38 27.78
N VAL CA 255 -32.89 8.33 28.64
CA VAL CA 255 -32.19 7.11 28.98
C VAL CA 255 -32.19 6.95 30.49
N ALA CA 256 -32.04 5.71 30.93
CA ALA CA 256 -32.04 5.41 32.36
C ALA CA 256 -31.23 4.15 32.59
N PHE CA 257 -30.81 3.97 33.85
CA PHE CA 257 -30.06 2.78 34.22
C PHE CA 257 -30.99 1.60 34.44
N SER CA 258 -30.57 0.43 33.95
CA SER CA 258 -31.30 -0.81 34.17
C SER CA 258 -30.55 -1.75 35.10
N ASN CA 259 -29.50 -1.27 35.77
CA ASN CA 259 -28.71 -2.12 36.65
C ASN CA 259 -28.06 -1.29 37.75
N LYS CA 260 -28.31 -1.70 39.00
CA LYS CA 260 -27.65 -1.05 40.14
C LYS CA 260 -26.14 -1.26 40.09
N ARG CA 261 -25.70 -2.45 39.69
CA ARG CA 261 -24.27 -2.74 39.65
C ARG CA 261 -23.55 -1.88 38.63
N TRP CA 262 -24.10 -1.79 37.41
CA TRP CA 262 -23.49 -0.93 36.40
C TRP CA 262 -23.61 0.54 36.76
N LEU CA 263 -24.70 0.93 37.42
CA LEU CA 263 -24.85 2.31 37.89
C LEU CA 263 -23.74 2.67 38.87
N HIS CA 264 -23.52 1.82 39.87
CA HIS CA 264 -22.51 2.09 40.87
C HIS CA 264 -21.11 2.00 40.29
N PHE CA 265 -20.89 1.07 39.35
CA PHE CA 265 -19.58 0.98 38.73
C PHE CA 265 -19.28 2.16 37.83
N PHE CA 266 -20.29 2.70 37.14
CA PHE CA 266 -20.05 3.91 36.35
C PHE CA 266 -19.84 5.12 37.24
N MET CA 267 -20.51 5.13 38.40
CA MET CA 267 -20.24 6.15 39.41
C MET CA 267 -18.80 6.08 39.88
N LEU CA 268 -18.27 4.86 40.01
CA LEU CA 268 -16.84 4.68 40.27
C LEU CA 268 -16.01 5.10 39.07
N PHE CA 269 -16.52 4.87 37.86
CA PHE CA 269 -15.72 4.98 36.64
C PHE CA 269 -15.44 6.43 36.27
N VAL CA 270 -16.43 7.31 36.43
CA VAL CA 270 -16.26 8.69 35.96
C VAL CA 270 -15.13 9.47 36.64
N PRO CA 271 -14.97 9.47 38.01
CA PRO CA 271 -13.90 10.31 38.56
C PRO CA 271 -12.52 9.67 38.42
N VAL CA 272 -12.42 8.34 38.42
CA VAL CA 272 -11.12 7.71 38.24
C VAL CA 272 -10.60 7.95 36.83
N THR CA 273 -11.49 7.88 35.83
CA THR CA 273 -11.09 8.20 34.46
C THR CA 273 -10.71 9.67 34.32
N GLY CA 274 -11.50 10.56 34.94
CA GLY CA 274 -11.16 11.98 34.89
C GLY CA 274 -9.82 12.29 35.53
N LEU CA 275 -9.57 11.75 36.72
CA LEU CA 275 -8.31 12.03 37.40
C LEU CA 275 -7.12 11.40 36.69
N TRP CA 276 -7.31 10.22 36.10
CA TRP CA 276 -6.20 9.60 35.36
C TRP CA 276 -5.87 10.39 34.10
N MET CA 277 -6.89 10.88 33.40
CA MET CA 277 -6.60 11.69 32.22
C MET CA 277 -6.00 13.04 32.59
N SER CA 278 -6.42 13.62 33.72
CA SER CA 278 -5.78 14.85 34.20
C SER CA 278 -4.31 14.59 34.57
N ALA CA 279 -4.04 13.44 35.17
CA ALA CA 279 -2.67 13.06 35.48
C ALA CA 279 -1.83 12.91 34.22
N LEU CA 280 -2.40 12.31 33.18
CA LEU CA 280 -1.69 12.21 31.91
C LEU CA 280 -1.44 13.58 31.29
N GLY CA 281 -2.41 14.50 31.46
CA GLY CA 281 -2.23 15.85 30.94
C GLY CA 281 -1.13 16.62 31.65
N VAL CA 282 -1.08 16.54 32.98
CA VAL CA 282 -0.01 17.24 33.69
C VAL CA 282 1.33 16.54 33.47
N VAL CA 283 1.32 15.23 33.21
CA VAL CA 283 2.53 14.54 32.78
C VAL CA 283 3.02 15.09 31.46
N GLY CA 284 2.09 15.33 30.52
CA GLY CA 284 2.46 15.99 29.27
C GLY CA 284 2.98 17.40 29.49
N LEU CA 285 2.40 18.11 30.45
CA LEU CA 285 2.88 19.45 30.79
C LEU CA 285 4.26 19.44 31.43
N ALA CA 286 4.65 18.32 32.05
CA ALA CA 286 5.91 18.24 32.76
C ALA CA 286 7.12 18.48 31.88
N LEU CA 287 7.00 18.27 30.57
CA LEU CA 287 8.11 18.44 29.64
C LEU CA 287 7.87 19.57 28.65
N ASN CA 288 7.08 20.56 29.05
CA ASN CA 288 6.75 21.75 28.24
C ASN CA 288 6.12 21.33 26.91
N LEU CA 289 5.15 20.42 26.99
CA LEU CA 289 4.39 19.95 25.84
C LEU CA 289 2.94 20.32 26.13
N ARG CA 290 2.52 21.46 25.62
CA ARG CA 290 1.24 22.05 25.97
C ARG CA 290 0.32 22.12 24.75
N ALA CA 291 -0.97 22.31 25.03
CA ALA CA 291 -1.95 22.68 24.02
C ALA CA 291 -2.10 24.19 23.95
N TYR CA 292 -0.97 24.88 23.79
CA TYR CA 292 -0.95 26.33 23.93
C TYR CA 292 -1.49 27.04 22.70
N ASP CA 293 -0.84 26.85 21.55
CA ASP CA 293 -1.15 27.62 20.35
C ASP CA 293 -1.86 26.77 19.31
N PHE CA 294 -2.99 27.30 18.80
CA PHE CA 294 -3.64 26.78 17.60
C PHE CA 294 -2.98 27.44 16.40
N VAL CA 295 -2.26 26.65 15.60
CA VAL CA 295 -1.39 27.20 14.56
C VAL CA 295 -2.20 27.97 13.51
N SER CA 296 -3.27 27.37 12.99
CA SER CA 296 -4.04 28.01 11.94
C SER CA 296 -4.75 29.27 12.44
N GLN CA 297 -5.30 29.23 13.66
CA GLN CA 297 -5.97 30.39 14.20
C GLN CA 297 -4.99 31.53 14.48
N GLU CA 298 -3.80 31.22 15.01
CA GLU CA 298 -2.82 32.27 15.23
C GLU CA 298 -2.30 32.83 13.91
N ILE CA 299 -2.22 31.98 12.88
CA ILE CA 299 -1.81 32.47 11.56
C ILE CA 299 -2.83 33.45 11.01
N ARG CA 300 -4.12 33.08 11.03
CA ARG CA 300 -5.12 33.98 10.47
C ARG CA 300 -5.31 35.22 11.34
N ALA CA 301 -5.04 35.12 12.65
CA ALA CA 301 -5.02 36.32 13.48
C ALA CA 301 -3.82 37.20 13.14
N ALA CA 302 -2.69 36.61 12.76
CA ALA CA 302 -1.52 37.39 12.38
C ALA CA 302 -1.74 38.15 11.08
N GLU CA 303 -2.25 37.47 10.05
CA GLU CA 303 -2.55 38.18 8.81
C GLU CA 303 -3.98 38.71 8.73
N ASP CA 304 -4.68 38.84 9.85
CA ASP CA 304 -5.98 39.51 9.89
C ASP CA 304 -6.10 40.34 11.16
N PRO CA 305 -5.95 41.67 11.07
CA PRO CA 305 -6.07 42.51 12.28
C PRO CA 305 -7.49 42.62 12.83
N GLU CA 306 -8.51 42.22 12.09
CA GLU CA 306 -9.88 42.24 12.59
C GLU CA 306 -10.29 40.93 13.24
N PHE CA 307 -9.60 39.83 12.94
CA PHE CA 307 -10.00 38.51 13.41
C PHE CA 307 -9.74 38.37 14.90
N GLU CA 308 -10.70 38.82 15.72
CA GLU CA 308 -10.63 38.68 17.16
C GLU CA 308 -11.49 37.50 17.60
N THR CA 309 -10.93 36.65 18.45
CA THR CA 309 -11.65 35.53 19.02
C THR CA 309 -11.34 35.42 20.50
N PHE CA 310 -12.17 34.65 21.19
CA PHE CA 310 -11.94 34.37 22.61
C PHE CA 310 -10.66 33.58 22.81
N TYR CA 311 -10.30 32.72 21.85
CA TYR CA 311 -9.04 31.98 21.97
C TYR CA 311 -7.84 32.91 21.91
N THR CA 312 -7.86 33.88 20.99
CA THR CA 312 -6.77 34.84 20.90
C THR CA 312 -6.75 35.74 22.13
N LYS CA 313 -7.93 36.07 22.67
CA LYS CA 313 -7.99 36.82 23.91
C LYS CA 313 -7.34 36.05 25.05
N ASN CA 314 -7.62 34.74 25.14
CA ASN CA 314 -6.95 33.90 26.13
C ASN CA 314 -5.45 33.85 25.91
N ILE CA 315 -5.00 33.73 24.66
CA ILE CA 315 -3.56 33.65 24.40
C ILE CA 315 -2.88 34.93 24.87
N LEU CA 316 -3.47 36.09 24.52
CA LEU CA 316 -2.85 37.35 24.89
C LEU CA 316 -2.86 37.53 26.40
N LEU CA 317 -3.98 37.20 27.07
CA LEU CA 317 -4.02 37.23 28.53
C LEU CA 317 -2.98 36.31 29.15
N ASN CA 318 -2.68 35.18 28.53
CA ASN CA 318 -1.63 34.31 29.08
C ASN CA 318 -0.24 34.90 28.96
N GLU CA 319 0.13 35.54 27.83
CA GLU CA 319 1.47 36.14 27.86
C GLU CA 319 1.51 37.32 28.82
N GLY CA 320 0.36 37.99 29.03
CA GLY CA 320 0.31 39.01 30.06
C GLY CA 320 0.51 38.43 31.45
N ILE CA 321 -0.09 37.26 31.69
CA ILE CA 321 0.11 36.55 32.96
C ILE CA 321 1.58 36.30 33.18
N ARG CA 322 2.25 35.74 32.18
CA ARG CA 322 3.65 35.34 32.32
C ARG CA 322 4.57 36.54 32.48
N ALA CA 323 4.27 37.62 31.74
CA ALA CA 323 5.06 38.85 31.86
C ALA CA 323 4.94 39.42 33.27
N TRP CA 324 3.76 39.30 33.89
CA TRP CA 324 3.70 39.73 35.29
C TRP CA 324 4.22 38.66 36.25
N MET CA 325 4.23 37.38 35.86
CA MET CA 325 4.74 36.33 36.73
C MET CA 325 6.22 36.51 36.99
N ALA CA 326 7.00 36.63 35.90
CA ALA CA 326 8.43 36.33 35.91
C ALA CA 326 9.20 37.04 37.03
N ALA CA 327 8.98 38.34 37.18
CA ALA CA 327 9.79 39.14 38.09
C ALA CA 327 9.57 38.75 39.55
N GLN CA 328 8.32 38.68 39.99
CA GLN CA 328 8.01 38.42 41.40
C GLN CA 328 7.80 36.95 41.71
N ASP CA 329 7.80 36.06 40.71
CA ASP CA 329 7.69 34.63 40.98
C ASP CA 329 8.97 33.88 40.72
N GLN CA 330 9.95 34.47 40.03
CA GLN CA 330 11.20 33.79 39.71
C GLN CA 330 12.36 34.64 40.23
N PRO CA 331 12.63 34.61 41.54
CA PRO CA 331 13.76 35.38 42.06
C PRO CA 331 15.10 34.93 41.53
N HIS CA 332 15.28 33.63 41.29
CA HIS CA 332 16.56 33.13 40.80
C HIS CA 332 16.84 33.52 39.35
N GLU CA 333 15.85 34.03 38.62
CA GLU CA 333 16.11 34.66 37.33
C GLU CA 333 16.45 36.13 37.48
N LYS CA 334 16.13 36.73 38.64
CA LYS CA 334 16.26 38.17 38.96
C LYS CA 334 15.90 39.05 37.77
N LEU CA 335 14.75 38.76 37.17
CA LEU CA 335 14.29 39.48 35.99
C LEU CA 335 13.79 40.86 36.39
N THR CA 336 14.62 41.86 36.19
CA THR CA 336 14.28 43.25 36.54
C THR CA 336 13.57 43.95 35.37
N LEU CA 337 12.42 43.38 35.01
CA LEU CA 337 11.62 43.91 33.92
C LEU CA 337 11.08 45.29 34.27
N PRO CA 338 11.35 46.32 33.48
CA PRO CA 338 10.83 47.66 33.79
C PRO CA 338 9.32 47.73 33.60
N GLU CA 339 8.76 48.86 34.04
CA GLU CA 339 7.31 49.06 33.96
C GLU CA 339 6.84 49.21 32.52
N GLU CA 340 7.65 49.81 31.65
CA GLU CA 340 7.21 50.13 30.30
C GLU CA 340 7.09 48.88 29.43
N VAL CA 341 7.97 47.89 29.64
CA VAL CA 341 7.95 46.71 28.79
C VAL CA 341 6.76 45.81 29.10
N LEU CA 342 6.12 46.01 30.25
CA LEU CA 342 4.95 45.24 30.63
C LEU CA 342 3.79 45.55 29.69
N PRO CA 343 3.19 44.55 29.05
CA PRO CA 343 2.06 44.83 28.14
C PRO CA 343 0.81 45.20 28.92
N ARG CA 344 0.11 46.22 28.42
CA ARG CA 344 -1.11 46.67 29.07
C ARG CA 344 -1.98 47.39 28.03
N GLY CA 345 -3.27 47.48 28.34
CA GLY CA 345 -4.22 48.12 27.45
C GLY CA 345 -4.36 49.60 27.72
N ASN CA 346 -5.34 50.20 27.07
CA ASN CA 346 -5.62 51.61 27.27
C ASN CA 346 -6.22 51.86 28.65
N ALA CA 347 -5.87 53.01 29.22
CA ALA CA 347 -6.27 53.46 30.56
C ALA CA 347 -5.81 52.41 31.58
N LEU CA 348 -6.57 52.28 32.67
CA LEU CA 348 -6.32 51.31 33.75
C LEU CA 348 -4.92 51.39 34.36
N GLU DA 1 -15.98 -1.47 77.32
CA GLU DA 1 -15.33 -1.14 76.06
C GLU DA 1 -15.02 0.35 76.00
N ARG DA 2 -15.80 1.12 76.77
CA ARG DA 2 -15.70 2.57 76.91
C ARG DA 2 -15.81 3.25 75.55
N PRO DA 3 -17.00 3.26 74.92
CA PRO DA 3 -17.13 3.80 73.55
C PRO DA 3 -17.42 5.30 73.53
N PHE DA 4 -16.46 6.09 74.05
CA PHE DA 4 -16.44 7.54 74.01
C PHE DA 4 -17.65 8.20 74.68
N SER DA 5 -18.39 7.47 75.50
CA SER DA 5 -19.56 8.01 76.19
C SER DA 5 -19.34 8.11 77.69
N ASP DA 6 -18.89 7.03 78.32
CA ASP DA 6 -18.63 7.07 79.75
C ASP DA 6 -17.30 7.76 80.06
N ILE DA 7 -16.38 7.78 79.09
CA ILE DA 7 -15.04 8.34 79.33
C ILE DA 7 -15.11 9.83 79.59
N LEU DA 8 -15.78 10.57 78.70
CA LEU DA 8 -15.85 12.02 78.86
C LEU DA 8 -16.73 12.44 80.03
N THR DA 9 -17.64 11.56 80.47
CA THR DA 9 -18.53 11.85 81.58
C THR DA 9 -17.99 11.34 82.91
N SER DA 10 -16.77 10.82 82.93
CA SER DA 10 -16.17 10.24 84.13
C SER DA 10 -15.30 11.26 84.83
N ILE DA 11 -15.57 11.45 86.12
CA ILE DA 11 -14.82 12.41 86.93
C ILE DA 11 -13.37 12.00 87.06
N ARG DA 12 -13.08 10.69 87.05
CA ARG DA 12 -11.70 10.23 87.13
C ARG DA 12 -10.92 10.64 85.88
N TYR DA 13 -11.55 10.53 84.71
CA TYR DA 13 -10.92 11.00 83.47
C TYR DA 13 -10.78 12.52 83.46
N TRP DA 14 -11.77 13.23 84.00
CA TRP DA 14 -11.74 14.68 83.94
C TRP DA 14 -10.68 15.27 84.88
N VAL DA 15 -10.51 14.69 86.08
CA VAL DA 15 -9.57 15.23 87.05
C VAL DA 15 -8.14 15.12 86.56
N ILE DA 16 -7.76 13.96 86.02
CA ILE DA 16 -6.39 13.79 85.52
C ILE DA 16 -6.13 14.62 84.27
N HIS DA 17 -7.19 15.10 83.60
CA HIS DA 17 -7.05 16.00 82.47
C HIS DA 17 -7.37 17.44 82.83
N SER DA 18 -7.50 17.75 84.11
CA SER DA 18 -7.65 19.12 84.57
C SER DA 18 -6.32 19.84 84.71
N ILE DA 19 -5.20 19.13 84.52
CA ILE DA 19 -3.87 19.69 84.66
C ILE DA 19 -3.08 19.59 83.37
N THR DA 20 -3.15 18.45 82.69
CA THR DA 20 -2.31 18.19 81.51
C THR DA 20 -2.65 19.13 80.36
N VAL DA 21 -3.93 19.34 80.08
CA VAL DA 21 -4.34 20.22 78.98
C VAL DA 21 -3.95 21.68 79.26
N PRO DA 22 -4.22 22.26 80.45
CA PRO DA 22 -3.67 23.61 80.69
C PRO DA 22 -2.15 23.66 80.68
N SER DA 23 -1.49 22.59 81.12
CA SER DA 23 -0.02 22.56 81.09
C SER DA 23 0.49 22.61 79.65
N LEU DA 24 -0.14 21.84 78.75
CA LEU DA 24 0.23 21.87 77.35
C LEU DA 24 -0.06 23.23 76.72
N PHE DA 25 -1.19 23.85 77.10
CA PHE DA 25 -1.51 25.18 76.58
C PHE DA 25 -0.48 26.21 77.03
N ILE DA 26 -0.09 26.15 78.31
CA ILE DA 26 0.89 27.10 78.84
C ILE DA 26 2.27 26.87 78.22
N ALA DA 27 2.65 25.60 78.03
CA ALA DA 27 3.92 25.30 77.39
C ALA DA 27 3.95 25.76 75.94
N GLY DA 28 2.84 25.58 75.22
CA GLY DA 28 2.75 26.09 73.86
C GLY DA 28 2.78 27.61 73.80
N TRP DA 29 2.18 28.27 74.80
CA TRP DA 29 2.26 29.72 74.89
C TRP DA 29 3.70 30.17 75.08
N LEU DA 30 4.40 29.55 76.03
CA LEU DA 30 5.76 29.97 76.35
C LEU DA 30 6.76 29.61 75.26
N PHE DA 31 6.49 28.54 74.50
CA PHE DA 31 7.40 28.11 73.45
C PHE DA 31 7.52 29.15 72.33
N VAL DA 32 6.50 29.98 72.17
CA VAL DA 32 6.52 31.04 71.16
C VAL DA 32 6.84 32.37 71.82
N SER DA 33 6.29 32.60 73.02
CA SER DA 33 6.50 33.88 73.70
C SER DA 33 7.95 34.07 74.16
N THR DA 34 8.65 32.99 74.50
CA THR DA 34 10.04 33.07 74.91
C THR DA 34 11.02 33.01 73.74
N GLY DA 35 10.52 32.83 72.52
CA GLY DA 35 11.37 32.82 71.35
C GLY DA 35 12.16 31.55 71.12
N LEU DA 36 11.85 30.47 71.85
CA LEU DA 36 12.54 29.20 71.64
C LEU DA 36 12.32 28.67 70.24
N ALA DA 37 11.13 28.90 69.66
CA ALA DA 37 10.88 28.55 68.27
C ALA DA 37 11.81 29.33 67.35
N TYR DA 38 11.98 30.64 67.61
CA TYR DA 38 12.89 31.45 66.82
C TYR DA 38 14.33 30.95 66.94
N ASP DA 39 14.72 30.50 68.13
CA ASP DA 39 16.09 30.03 68.33
C ASP DA 39 16.35 28.71 67.62
N VAL DA 40 15.61 27.66 67.99
CA VAL DA 40 15.86 26.33 67.43
C VAL DA 40 15.27 26.14 66.04
N PHE DA 41 14.62 27.16 65.47
CA PHE DA 41 13.94 26.99 64.20
C PHE DA 41 14.65 27.65 63.02
N GLY DA 42 15.15 28.87 63.19
CA GLY DA 42 15.74 29.59 62.09
C GLY DA 42 14.78 30.55 61.40
N SER DA 43 13.65 30.82 62.04
CA SER DA 43 12.68 31.75 61.48
C SER DA 43 13.05 33.18 61.87
N PRO DA 44 12.97 34.14 60.95
CA PRO DA 44 13.38 35.52 61.28
C PRO DA 44 12.25 36.31 61.93
N ARG DA 45 12.62 37.06 62.97
CA ARG DA 45 11.68 37.96 63.61
C ARG DA 45 11.48 39.21 62.75
N PRO DA 46 10.34 39.89 62.90
CA PRO DA 46 10.11 41.12 62.11
C PRO DA 46 11.12 42.23 62.37
N ASN DA 47 11.72 42.28 63.56
CA ASN DA 47 12.76 43.27 63.82
C ASN DA 47 14.05 42.92 63.10
N GLU DA 48 14.38 41.64 63.00
CA GLU DA 48 15.55 41.16 62.27
C GLU DA 48 15.16 40.63 60.89
N TYR DA 49 14.09 41.20 60.31
CA TYR DA 49 13.60 40.75 59.01
C TYR DA 49 14.63 41.00 57.91
N PHE DA 50 15.25 42.17 57.92
CA PHE DA 50 16.26 42.53 56.94
C PHE DA 50 17.59 42.80 57.62
N THR DA 51 18.67 42.52 56.90
CA THR DA 51 20.00 42.90 57.35
C THR DA 51 20.37 44.25 56.76
N GLU DA 52 21.47 44.82 57.25
CA GLU DA 52 21.93 46.10 56.73
C GLU DA 52 22.58 45.96 55.36
N ASP DA 53 23.14 44.78 55.05
CA ASP DA 53 23.81 44.58 53.77
C ASP DA 53 22.82 44.55 52.62
N ARG DA 54 21.75 43.76 52.76
CA ARG DA 54 20.77 43.57 51.70
C ARG DA 54 19.42 44.13 52.14
N GLN DA 55 18.84 44.98 51.30
CA GLN DA 55 17.51 45.53 51.51
C GLN DA 55 16.41 44.73 50.83
N ASP DA 56 16.78 43.71 50.07
CA ASP DA 56 15.84 42.96 49.24
C ASP DA 56 15.67 41.55 49.77
N ALA DA 57 14.90 40.76 49.03
CA ALA DA 57 14.67 39.37 49.42
C ALA DA 57 15.96 38.56 49.29
N PRO DA 58 16.22 37.63 50.19
CA PRO DA 58 17.43 36.80 50.08
C PRO DA 58 17.34 35.80 48.93
N LEU DA 59 18.50 35.49 48.37
CA LEU DA 59 18.64 34.52 47.30
C LEU DA 59 19.77 33.58 47.64
N ILE DA 60 19.47 32.29 47.79
CA ILE DA 60 20.51 31.30 48.05
C ILE DA 60 21.42 31.16 46.83
N THR DA 61 20.82 30.80 45.69
CA THR DA 61 21.51 30.65 44.39
C THR DA 61 22.70 29.69 44.48
N ASP DA 62 22.57 28.63 45.28
CA ASP DA 62 23.59 27.60 45.35
C ASP DA 62 22.96 26.29 45.78
N ARG DA 63 23.70 25.21 45.58
CA ARG DA 63 23.21 23.85 45.85
C ARG DA 63 24.02 23.11 46.91
N PHE DA 64 25.34 23.31 46.94
CA PHE DA 64 26.20 22.55 47.84
C PHE DA 64 26.69 23.35 49.04
N ASN DA 65 27.05 24.62 48.84
CA ASN DA 65 27.48 25.48 49.94
C ASN DA 65 26.30 26.27 50.52
N ALA DA 66 25.08 25.80 50.27
CA ALA DA 66 23.88 26.50 50.73
C ALA DA 66 23.76 26.52 52.24
N LEU DA 67 24.42 25.60 52.96
CA LEU DA 67 24.37 25.60 54.42
C LEU DA 67 25.03 26.86 54.99
N GLU DA 68 26.32 27.03 54.72
CA GLU DA 68 27.00 28.24 55.17
C GLU DA 68 26.49 29.49 54.44
N GLN DA 69 25.91 29.32 53.25
CA GLN DA 69 25.31 30.47 52.57
C GLN DA 69 24.07 30.97 53.32
N VAL DA 70 23.20 30.08 53.76
CA VAL DA 70 22.05 30.55 54.52
C VAL DA 70 22.50 30.96 55.92
N LYS DA 71 23.63 30.42 56.39
CA LYS DA 71 24.23 30.92 57.63
C LYS DA 71 24.59 32.39 57.53
N LYS DA 72 25.19 32.80 56.41
CA LYS DA 72 25.57 34.20 56.25
C LYS DA 72 24.46 35.09 55.69
N LEU DA 73 23.38 34.52 55.14
CA LEU DA 73 22.25 35.32 54.67
C LEU DA 73 21.08 35.37 55.63
N SER DA 74 21.06 34.58 56.69
CA SER DA 74 19.96 34.64 57.64
C SER DA 74 20.16 35.82 58.59
N ALA DA 75 19.28 35.92 59.59
CA ALA DA 75 19.41 36.97 60.59
C ALA DA 75 20.32 36.53 61.73
N GLN DA 76 21.52 36.07 61.36
CA GLN DA 76 22.55 35.60 62.28
C GLN DA 76 22.08 34.51 63.25
N ILE EA 1 -3.08 2.00 80.99
CA ILE EA 1 -3.89 1.64 79.84
C ILE EA 1 -2.94 1.43 78.66
N PHE EA 2 -2.51 2.55 78.05
CA PHE EA 2 -1.50 2.56 76.98
C PHE EA 2 -1.87 1.65 75.81
N THR EA 3 -3.14 1.68 75.41
CA THR EA 3 -3.60 0.85 74.31
C THR EA 3 -3.29 1.50 72.98
N VAL EA 4 -3.63 0.79 71.90
CA VAL EA 4 -3.43 1.33 70.55
C VAL EA 4 -4.29 2.55 70.32
N ARG EA 5 -5.54 2.52 70.77
CA ARG EA 5 -6.41 3.68 70.70
C ARG EA 5 -5.87 4.82 71.56
N TRP EA 6 -5.27 4.48 72.71
CA TRP EA 6 -4.65 5.48 73.58
C TRP EA 6 -3.53 6.23 72.86
N LEU EA 7 -2.60 5.49 72.25
CA LEU EA 7 -1.51 6.12 71.51
C LEU EA 7 -2.02 6.89 70.30
N ALA EA 8 -2.99 6.33 69.58
CA ALA EA 8 -3.53 6.99 68.38
C ALA EA 8 -4.21 8.30 68.73
N ILE EA 9 -4.95 8.33 69.83
CA ILE EA 9 -5.59 9.56 70.26
C ILE EA 9 -4.55 10.56 70.77
N HIS EA 10 -3.56 10.09 71.52
CA HIS EA 10 -2.62 11.01 72.17
C HIS EA 10 -1.67 11.66 71.17
N ALA EA 11 -1.22 10.90 70.15
CA ALA EA 11 -0.30 11.44 69.16
C ALA EA 11 -0.93 12.56 68.32
N ILE EA 12 -2.25 12.63 68.27
CA ILE EA 12 -2.97 13.68 67.57
C ILE EA 12 -3.67 14.63 68.55
N ALA EA 13 -3.60 14.33 69.84
CA ALA EA 13 -4.19 15.19 70.86
C ALA EA 13 -3.19 16.14 71.50
N VAL EA 14 -2.04 15.63 71.94
CA VAL EA 14 -1.03 16.46 72.60
C VAL EA 14 -0.44 17.53 71.66
N PRO EA 15 0.08 17.20 70.46
CA PRO EA 15 0.71 18.26 69.66
C PRO EA 15 -0.27 19.28 69.10
N THR EA 16 -1.51 18.88 68.78
CA THR EA 16 -2.46 19.85 68.25
C THR EA 16 -2.83 20.90 69.29
N ILE EA 17 -3.00 20.50 70.55
CA ILE EA 17 -3.24 21.51 71.58
C ILE EA 17 -1.97 22.29 71.90
N PHE EA 18 -0.79 21.67 71.76
CA PHE EA 18 0.45 22.41 71.93
C PHE EA 18 0.58 23.55 70.91
N PHE EA 19 0.43 23.24 69.63
CA PHE EA 19 0.42 24.27 68.60
C PHE EA 19 -0.82 25.17 68.70
N LEU EA 20 -1.91 24.69 69.30
CA LEU EA 20 -3.09 25.53 69.46
C LEU EA 20 -2.83 26.64 70.47
N GLY EA 21 -2.22 26.29 71.61
CA GLY EA 21 -1.76 27.30 72.54
C GLY EA 21 -0.68 28.19 71.94
N ALA EA 22 0.14 27.63 71.05
CA ALA EA 22 1.12 28.44 70.33
C ALA EA 22 0.44 29.51 69.49
N ILE EA 23 -0.60 29.14 68.73
CA ILE EA 23 -1.35 30.12 67.93
C ILE EA 23 -2.07 31.11 68.85
N THR EA 24 -2.56 30.66 69.99
CA THR EA 24 -3.25 31.56 70.92
C THR EA 24 -2.30 32.63 71.45
N ALA EA 25 -1.07 32.23 71.82
CA ALA EA 25 -0.06 33.20 72.20
C ALA EA 25 0.35 34.05 71.01
N MET EA 26 0.25 33.48 69.81
CA MET EA 26 0.81 34.06 68.60
C MET EA 26 -0.11 35.13 68.03
N GLN EA 27 -1.39 35.07 68.38
CA GLN EA 27 -2.34 36.10 67.98
C GLN EA 27 -2.06 37.42 68.68
N PHE EA 28 -1.69 37.38 69.95
CA PHE EA 28 -1.48 38.58 70.74
C PHE EA 28 -0.07 39.15 70.60
N ILE EA 29 0.78 38.52 69.81
CA ILE EA 29 2.13 39.03 69.57
C ILE EA 29 2.02 40.34 68.80
N GLN EA 30 2.55 41.42 69.39
CA GLN EA 30 2.43 42.74 68.79
C GLN EA 30 3.56 42.95 67.78
N ARG EA 31 3.56 44.14 67.17
CA ARG EA 31 4.55 44.48 66.16
C ARG EA 31 5.84 44.99 66.80
N GLU FA 1 -7.44 -37.78 27.20
CA GLU FA 1 -6.89 -37.56 25.86
C GLU FA 1 -5.49 -36.96 25.96
N PRO FA 2 -4.52 -37.59 25.31
CA PRO FA 2 -3.15 -37.08 25.36
C PRO FA 2 -2.96 -35.87 24.47
N GLY FA 3 -1.81 -35.22 24.63
CA GLY FA 3 -1.43 -34.08 23.85
C GLY FA 3 -0.68 -34.46 22.59
N ILE FA 4 0.08 -33.51 22.06
CA ILE FA 4 0.89 -33.72 20.88
C ILE FA 4 2.32 -34.06 21.31
N VAL FA 5 2.75 -35.27 20.99
CA VAL FA 5 4.06 -35.77 21.39
C VAL FA 5 5.06 -35.48 20.27
N THR FA 6 6.20 -34.91 20.64
CA THR FA 6 7.23 -34.51 19.69
C THR FA 6 8.61 -34.78 20.32
N PRO FA 7 9.64 -34.99 19.49
CA PRO FA 7 10.97 -35.29 20.04
C PRO FA 7 11.55 -34.22 20.95
N LEU FA 8 11.51 -32.94 20.55
CA LEU FA 8 12.02 -31.89 21.42
C LEU FA 8 11.16 -31.74 22.67
N GLY FA 9 9.87 -32.03 22.59
CA GLY FA 9 9.03 -32.03 23.77
C GLY FA 9 9.41 -33.12 24.75
N THR FA 10 9.70 -34.32 24.24
CA THR FA 10 10.19 -35.37 25.11
C THR FA 10 11.56 -35.04 25.67
N LEU FA 11 12.37 -34.29 24.92
CA LEU FA 11 13.70 -33.92 25.38
C LEU FA 11 13.63 -32.93 26.54
N LEU FA 12 12.84 -31.86 26.40
CA LEU FA 12 12.80 -30.82 27.42
C LEU FA 12 11.64 -31.00 28.40
N ARG FA 13 11.09 -32.21 28.49
CA ARG FA 13 10.07 -32.51 29.49
C ARG FA 13 10.51 -32.30 30.94
N PRO FA 14 11.71 -32.72 31.39
CA PRO FA 14 12.07 -32.46 32.80
C PRO FA 14 12.16 -30.99 33.17
N LEU FA 15 12.28 -30.09 32.18
CA LEU FA 15 12.19 -28.67 32.49
C LEU FA 15 10.80 -28.29 33.00
N ASN FA 16 9.74 -28.89 32.46
CA ASN FA 16 8.37 -28.66 32.93
C ASN FA 16 7.79 -30.02 33.32
N SER FA 17 8.12 -30.47 34.52
CA SER FA 17 7.56 -31.69 35.07
C SER FA 17 7.08 -31.53 36.50
N GLU FA 18 7.80 -30.78 37.33
CA GLU FA 18 7.48 -30.65 38.75
C GLU FA 18 6.71 -29.36 39.04
N ALA FA 19 5.51 -29.29 38.46
CA ALA FA 19 4.65 -28.14 38.63
C ALA FA 19 4.10 -28.11 40.05
N GLY FA 20 4.67 -27.25 40.90
CA GLY FA 20 4.21 -27.12 42.27
C GLY FA 20 5.07 -27.82 43.31
N LYS FA 21 6.23 -28.34 42.95
CA LYS FA 21 7.10 -28.99 43.91
C LYS FA 21 7.79 -27.93 44.77
N VAL FA 22 7.63 -28.04 46.09
CA VAL FA 22 8.11 -27.04 47.04
C VAL FA 22 8.77 -27.76 48.22
N LEU FA 23 9.52 -27.00 49.02
CA LEU FA 23 10.09 -27.59 50.23
C LEU FA 23 9.38 -27.02 51.45
N PRO FA 24 9.29 -27.78 52.55
CA PRO FA 24 8.65 -27.26 53.75
C PRO FA 24 9.48 -26.18 54.42
N GLY FA 25 8.88 -25.53 55.41
CA GLY FA 25 9.55 -24.47 56.14
C GLY FA 25 9.49 -23.13 55.41
N TRP FA 26 10.12 -22.14 56.03
CA TRP FA 26 10.15 -20.80 55.46
C TRP FA 26 11.09 -20.69 54.27
N GLY FA 27 11.99 -21.64 54.09
CA GLY FA 27 12.88 -21.61 52.94
C GLY FA 27 14.11 -20.76 53.13
N THR FA 28 14.15 -19.61 52.47
CA THR FA 28 15.37 -18.80 52.39
C THR FA 28 15.03 -17.32 52.64
N THR FA 29 14.23 -17.08 53.69
CA THR FA 29 13.79 -15.73 54.01
C THR FA 29 14.91 -14.87 54.58
N VAL FA 30 15.92 -15.48 55.20
CA VAL FA 30 17.07 -14.69 55.67
C VAL FA 30 17.85 -14.11 54.49
N LEU FA 31 17.99 -14.87 53.39
CA LEU FA 31 18.62 -14.31 52.22
C LEU FA 31 17.69 -13.37 51.46
N MET FA 32 16.36 -13.58 51.55
CA MET FA 32 15.43 -12.53 51.14
C MET FA 32 15.74 -11.22 51.84
N ALA FA 33 15.90 -11.26 53.16
CA ALA FA 33 16.18 -10.07 53.93
C ALA FA 33 17.48 -9.41 53.50
N VAL FA 34 18.57 -10.17 53.45
CA VAL FA 34 19.88 -9.57 53.17
C VAL FA 34 19.98 -9.10 51.72
N ALA FA 35 19.45 -9.89 50.76
CA ALA FA 35 19.54 -9.51 49.37
C ALA FA 35 18.64 -8.32 49.06
N ILE FA 36 17.45 -8.27 49.65
CA ILE FA 36 16.55 -7.15 49.41
C ILE FA 36 17.10 -5.88 50.02
N LEU FA 37 17.73 -5.96 51.21
CA LEU FA 37 18.32 -4.75 51.77
C LEU FA 37 19.54 -4.29 50.96
N LEU FA 38 20.31 -5.25 50.42
CA LEU FA 38 21.45 -4.89 49.58
C LEU FA 38 21.00 -4.22 48.29
N PHE FA 39 19.94 -4.75 47.67
CA PHE FA 39 19.39 -4.10 46.47
C PHE FA 39 18.84 -2.72 46.82
N ALA FA 40 18.23 -2.58 47.99
CA ALA FA 40 17.72 -1.29 48.41
C ALA FA 40 18.83 -0.27 48.58
N VAL FA 41 19.91 -0.63 49.28
CA VAL FA 41 20.98 0.34 49.49
C VAL FA 41 21.72 0.63 48.20
N PHE FA 42 21.79 -0.34 47.29
CA PHE FA 42 22.39 -0.13 45.98
C PHE FA 42 21.57 0.86 45.15
N LEU FA 43 20.24 0.68 45.17
CA LEU FA 43 19.35 1.58 44.44
C LEU FA 43 19.39 2.99 45.03
N LEU FA 44 19.48 3.11 46.35
CA LEU FA 44 19.67 4.44 46.94
C LEU FA 44 21.03 5.03 46.59
N ILE FA 45 22.08 4.22 46.50
CA ILE FA 45 23.39 4.76 46.12
C ILE FA 45 23.33 5.35 44.72
N ILE FA 46 22.73 4.62 43.77
CA ILE FA 46 22.64 5.16 42.41
C ILE FA 46 21.65 6.33 42.34
N LEU FA 47 20.59 6.32 43.17
CA LEU FA 47 19.64 7.43 43.18
C LEU FA 47 20.29 8.71 43.67
N GLU FA 48 21.06 8.63 44.76
CA GLU FA 48 21.69 9.82 45.30
C GLU FA 48 22.88 10.26 44.46
N ILE FA 49 23.52 9.34 43.74
CA ILE FA 49 24.57 9.75 42.80
C ILE FA 49 23.96 10.49 41.62
N TYR FA 50 22.86 9.96 41.07
CA TYR FA 50 22.21 10.59 39.93
C TYR FA 50 21.46 11.86 40.33
N ASN FA 51 21.16 12.00 41.61
CA ASN FA 51 20.52 13.18 42.19
C ASN FA 51 21.54 14.21 42.66
N SER FA 52 22.83 13.89 42.56
CA SER FA 52 23.93 14.71 43.10
C SER FA 52 23.79 14.91 44.59
N SER FA 53 23.21 13.93 45.27
CA SER FA 53 23.09 13.93 46.72
C SER FA 53 24.26 13.26 47.41
N LEU FA 54 25.09 12.53 46.67
CA LEU FA 54 26.30 11.92 47.18
C LEU FA 54 27.47 12.38 46.34
N ILE FA 55 28.58 12.71 47.00
CA ILE FA 55 29.78 13.20 46.33
C ILE FA 55 30.93 12.26 46.66
N LEU FA 56 31.64 11.80 45.63
CA LEU FA 56 32.80 10.93 45.78
C LEU FA 56 34.03 11.62 45.23
N ASP FA 57 35.12 10.86 45.16
CA ASP FA 57 36.37 11.32 44.59
C ASP FA 57 36.49 11.08 43.09
N GLY FA 58 35.51 10.42 42.49
CA GLY FA 58 35.59 10.10 41.07
C GLY FA 58 34.35 10.36 40.25
N VAL FA 59 33.24 10.69 40.91
CA VAL FA 59 31.97 10.95 40.23
C VAL FA 59 31.75 12.45 40.16
N THR FA 60 31.21 12.91 39.05
CA THR FA 60 30.83 14.31 38.87
C THR FA 60 29.35 14.48 38.60
N ASN FA 61 28.72 13.49 37.97
CA ASN FA 61 27.30 13.52 37.56
C ASN FA 61 27.02 14.72 36.67
N SER FA 62 27.94 14.98 35.74
CA SER FA 62 27.79 16.06 34.78
C SER FA 62 28.43 15.65 33.46
N TRP FA 63 28.10 16.40 32.42
CA TRP FA 63 28.49 16.05 31.06
C TRP FA 63 30.00 15.98 30.85
N GLU FA 64 30.79 16.67 31.68
CA GLU FA 64 32.23 16.61 31.50
C GLU FA 64 32.79 15.23 31.82
N SER FA 65 32.01 14.36 32.47
CA SER FA 65 32.40 12.97 32.66
C SER FA 65 32.52 12.23 31.33
N LEU FA 66 31.92 12.77 30.26
CA LEU FA 66 32.14 12.22 28.92
C LEU FA 66 33.59 12.38 28.46
N ALA FA 67 34.34 13.29 29.06
CA ALA FA 67 35.75 13.47 28.70
C ALA FA 67 36.59 12.29 29.17
N MET GA 1 -41.46 42.50 10.71
CA MET GA 1 -41.27 43.38 11.85
C MET GA 1 -42.50 43.40 12.77
N LEU GA 2 -43.49 44.22 12.42
CA LEU GA 2 -44.72 44.27 13.20
C LEU GA 2 -45.48 42.95 13.11
N THR GA 3 -45.42 42.30 11.94
CA THR GA 3 -45.98 40.97 11.80
C THR GA 3 -45.26 39.98 12.70
N LEU GA 4 -43.94 40.13 12.84
CA LEU GA 4 -43.18 39.26 13.74
C LEU GA 4 -43.59 39.49 15.19
N LYS GA 5 -43.80 40.75 15.59
CA LYS GA 5 -44.28 41.03 16.95
C LYS GA 5 -45.64 40.40 17.18
N ILE GA 6 -46.55 40.53 16.21
CA ILE GA 6 -47.89 39.98 16.35
C ILE GA 6 -47.83 38.47 16.46
N PHE GA 7 -47.03 37.81 15.60
CA PHE GA 7 -46.96 36.35 15.61
C PHE GA 7 -46.34 35.82 16.89
N VAL GA 8 -45.23 36.41 17.34
CA VAL GA 8 -44.57 35.92 18.55
C VAL GA 8 -45.45 36.18 19.77
N TYR GA 9 -46.12 37.34 19.81
CA TYR GA 9 -47.03 37.63 20.92
C TYR GA 9 -48.19 36.64 20.95
N THR GA 10 -48.75 36.31 19.78
CA THR GA 10 -49.83 35.32 19.74
C THR GA 10 -49.36 33.95 20.21
N VAL GA 11 -48.18 33.50 19.78
CA VAL GA 11 -47.76 32.14 20.15
C VAL GA 11 -47.40 32.07 21.63
N VAL GA 12 -46.76 33.10 22.19
CA VAL GA 12 -46.46 33.07 23.61
C VAL GA 12 -47.73 33.20 24.44
N THR GA 13 -48.70 34.00 23.96
CA THR GA 13 -49.98 34.12 24.66
C THR GA 13 -50.73 32.79 24.64
N PHE GA 14 -50.67 32.08 23.51
CA PHE GA 14 -51.31 30.78 23.39
C PHE GA 14 -50.69 29.76 24.36
N PHE GA 15 -49.36 29.72 24.42
CA PHE GA 15 -48.69 28.79 25.33
C PHE GA 15 -48.96 29.14 26.79
N VAL GA 16 -48.94 30.43 27.13
CA VAL GA 16 -49.19 30.87 28.50
C VAL GA 16 -50.63 30.58 28.90
N GLY GA 17 -51.57 30.76 27.97
CA GLY GA 17 -52.96 30.44 28.26
C GLY GA 17 -53.17 28.94 28.48
N LEU GA 18 -52.53 28.11 27.65
CA LEU GA 18 -52.61 26.67 27.84
C LEU GA 18 -52.08 26.28 29.22
N PHE GA 19 -50.92 26.83 29.59
CA PHE GA 19 -50.39 26.66 30.95
C PHE GA 19 -51.34 27.08 32.07
N ILE GA 20 -51.84 28.32 32.02
CA ILE GA 20 -52.61 28.86 33.13
C ILE GA 20 -53.89 28.07 33.31
N PHE GA 21 -54.61 27.80 32.22
CA PHE GA 21 -55.85 27.07 32.37
C PHE GA 21 -55.64 25.57 32.56
N GLY GA 22 -54.48 25.04 32.14
CA GLY GA 22 -54.17 23.65 32.43
C GLY GA 22 -53.95 23.40 33.90
N PHE GA 23 -53.22 24.29 34.57
CA PHE GA 23 -53.19 24.22 36.03
C PHE GA 23 -54.52 24.60 36.66
N LEU GA 24 -55.34 25.40 35.99
CA LEU GA 24 -56.66 25.71 36.54
C LEU GA 24 -57.59 24.51 36.50
N SER GA 25 -57.34 23.54 35.62
CA SER GA 25 -58.25 22.41 35.44
C SER GA 25 -58.14 21.31 36.50
N ASN GA 26 -58.23 21.69 37.79
CA ASN GA 26 -58.33 20.77 38.93
C ASN GA 26 -57.21 19.72 38.95
N ASP GA 27 -55.99 20.20 39.11
CA ASP GA 27 -54.80 19.34 39.13
C ASP GA 27 -54.59 18.46 40.36
N PRO GA 28 -55.06 18.82 41.57
CA PRO GA 28 -54.97 17.85 42.70
C PRO GA 28 -55.69 16.52 42.48
N SER GA 29 -56.47 16.35 41.41
CA SER GA 29 -57.09 15.07 41.11
C SER GA 29 -56.25 14.22 40.16
N ARG GA 30 -55.06 14.67 39.78
CA ARG GA 30 -54.19 13.93 38.87
C ARG GA 30 -53.29 12.91 39.57
N ASN GA 31 -53.29 12.88 40.90
CA ASN GA 31 -52.41 11.97 41.61
C ASN GA 31 -52.90 10.53 41.47
N PRO GA 32 -51.98 9.56 41.43
CA PRO GA 32 -52.39 8.15 41.35
C PRO GA 32 -52.86 7.57 42.67
N GLY GA 33 -52.45 8.14 43.80
CA GLY GA 33 -52.85 7.64 45.10
C GLY GA 33 -54.19 8.19 45.55
N LYS GA 34 -54.49 7.98 46.83
CA LYS GA 34 -55.74 8.43 47.42
C LYS GA 34 -55.46 9.66 48.29
N GLY GA 35 -56.14 10.76 47.99
CA GLY GA 35 -55.99 12.00 48.72
C GLY GA 35 -56.73 13.16 48.10
N ILE HA 1 -18.79 8.43 86.65
CA ILE HA 1 -19.63 7.80 85.64
C ILE HA 1 -20.93 8.58 85.49
N GLY HA 2 -21.02 9.38 84.44
CA GLY HA 2 -22.21 10.14 84.15
C GLY HA 2 -22.54 11.26 85.12
N ARG HA 3 -21.59 11.63 85.99
CA ARG HA 3 -21.85 12.71 86.93
C ARG HA 3 -21.88 14.06 86.22
N ILE HA 4 -21.00 14.26 85.25
CA ILE HA 4 -21.01 15.44 84.39
C ILE HA 4 -21.67 15.04 83.08
N PRO HA 5 -22.75 15.71 82.67
CA PRO HA 5 -23.47 15.27 81.47
C PRO HA 5 -22.65 15.40 80.20
N LEU HA 6 -22.91 14.49 79.24
CA LEU HA 6 -22.17 14.51 77.99
C LEU HA 6 -22.54 15.74 77.16
N TRP HA 7 -23.81 16.17 77.22
CA TRP HA 7 -24.19 17.40 76.54
C TRP HA 7 -23.52 18.61 77.18
N LEU HA 8 -23.34 18.57 78.50
CA LEU HA 8 -22.60 19.63 79.17
C LEU HA 8 -21.14 19.66 78.74
N VAL HA 9 -20.51 18.49 78.65
CA VAL HA 9 -19.11 18.41 78.21
C VAL HA 9 -18.97 18.92 76.78
N GLY HA 10 -19.88 18.50 75.91
CA GLY HA 10 -19.86 18.98 74.53
C GLY HA 10 -20.10 20.48 74.45
N THR HA 11 -20.96 21.01 75.31
CA THR HA 11 -21.20 22.45 75.34
C THR HA 11 -19.95 23.21 75.76
N VAL HA 12 -19.23 22.70 76.77
CA VAL HA 12 -17.99 23.36 77.21
C VAL HA 12 -16.93 23.31 76.11
N VAL HA 13 -16.77 22.16 75.47
CA VAL HA 13 -15.79 22.03 74.40
C VAL HA 13 -16.15 22.93 73.22
N GLY HA 14 -17.44 22.98 72.88
CA GLY HA 14 -17.87 23.83 71.78
C GLY HA 14 -17.71 25.31 72.06
N LEU HA 15 -18.00 25.74 73.29
CA LEU HA 15 -17.81 27.15 73.62
C LEU HA 15 -16.33 27.52 73.66
N LEU HA 16 -15.48 26.59 74.12
CA LEU HA 16 -14.04 26.81 74.06
C LEU HA 16 -13.58 26.98 72.63
N ALA HA 17 -14.03 26.10 71.73
CA ALA HA 17 -13.62 26.17 70.32
C ALA HA 17 -14.17 27.42 69.65
N ILE HA 18 -15.41 27.81 69.95
CA ILE HA 18 -16.01 28.97 69.31
C ILE HA 18 -15.35 30.26 69.80
N GLY HA 19 -15.11 30.37 71.11
CA GLY HA 19 -14.39 31.52 71.62
C GLY HA 19 -12.97 31.60 71.08
N LEU HA 20 -12.34 30.45 70.87
CA LEU HA 20 -11.00 30.43 70.30
C LEU HA 20 -11.02 30.85 68.84
N LEU HA 21 -12.05 30.46 68.10
CA LEU HA 21 -12.22 30.92 66.73
C LEU HA 21 -12.44 32.43 66.69
N ALA HA 22 -13.20 32.95 67.66
CA ALA HA 22 -13.39 34.40 67.76
C ALA HA 22 -12.08 35.10 68.08
N ILE HA 23 -11.25 34.50 68.93
CA ILE HA 23 -9.93 35.05 69.23
C ILE HA 23 -9.06 35.08 67.98
N PHE HA 24 -9.09 33.98 67.20
CA PHE HA 24 -8.29 33.91 65.98
C PHE HA 24 -8.75 34.93 64.95
N PHE HA 25 -10.06 35.12 64.81
CA PHE HA 25 -10.57 36.16 63.91
C PHE HA 25 -10.24 37.55 64.44
N TYR HA 26 -10.17 37.72 65.76
CA TYR HA 26 -9.70 38.97 66.33
C TYR HA 26 -8.22 39.19 66.02
N GLY HA 27 -7.45 38.11 65.89
CA GLY HA 27 -6.06 38.16 65.53
C GLY HA 27 -5.76 38.54 64.10
N SER HA 28 -6.78 38.71 63.27
CA SER HA 28 -6.61 39.23 61.93
C SER HA 28 -6.77 40.74 61.85
N TYR HA 29 -7.26 41.37 62.93
CA TYR HA 29 -7.39 42.81 62.99
C TYR HA 29 -6.32 43.46 63.88
N VAL HA 30 -5.54 42.66 64.61
CA VAL HA 30 -4.41 43.14 65.40
C VAL HA 30 -3.27 42.14 65.24
N GLY HA 31 -2.11 42.50 65.78
CA GLY HA 31 -0.98 41.60 65.74
C GLY HA 31 -0.32 41.54 64.37
N LEU HA 32 0.46 40.47 64.17
CA LEU HA 32 1.19 40.28 62.93
C LEU HA 32 0.23 39.96 61.78
N GLY HA 33 0.52 40.53 60.61
CA GLY HA 33 -0.30 40.30 59.44
C GLY HA 33 -1.69 40.87 59.53
N SER HA 34 -1.84 42.08 60.07
CA SER HA 34 -3.14 42.70 60.27
C SER HA 34 -3.26 44.06 59.59
N SER HA 35 -2.37 44.35 58.63
CA SER HA 35 -2.40 45.58 57.83
C SER HA 35 -2.31 46.84 58.67
N LEU HA 36 -1.49 46.83 59.72
CA LEU HA 36 -1.29 48.01 60.54
C LEU HA 36 0.11 48.06 61.15
N LYS IA 1 -22.92 58.53 67.76
CA LYS IA 1 -22.37 58.15 69.06
C LYS IA 1 -23.42 58.23 70.16
N LEU IA 2 -23.02 57.83 71.37
CA LEU IA 2 -23.94 57.76 72.49
C LEU IA 2 -24.01 59.10 73.22
N PRO IA 3 -25.14 59.42 73.84
CA PRO IA 3 -25.31 60.71 74.51
C PRO IA 3 -24.72 60.67 75.91
N GLU IA 4 -24.96 61.75 76.66
CA GLU IA 4 -24.46 61.85 78.02
C GLU IA 4 -25.16 60.87 78.96
N ALA IA 5 -26.42 60.51 78.67
CA ALA IA 5 -27.16 59.62 79.55
C ALA IA 5 -26.77 58.16 79.36
N TYR IA 6 -26.48 57.77 78.12
CA TYR IA 6 -26.20 56.38 77.79
C TYR IA 6 -24.73 56.12 77.48
N ALA IA 7 -23.84 57.05 77.86
CA ALA IA 7 -22.43 56.93 77.48
C ALA IA 7 -21.71 55.66 77.96
N PRO IA 8 -21.83 55.21 79.23
CA PRO IA 8 -21.10 53.98 79.60
C PRO IA 8 -21.74 52.70 79.08
N PHE IA 9 -22.83 52.78 78.32
CA PHE IA 9 -23.57 51.61 77.85
C PHE IA 9 -23.12 51.12 76.48
N SER IA 10 -22.09 51.76 75.90
CA SER IA 10 -21.53 51.25 74.65
C SER IA 10 -20.96 49.85 74.76
N PRO IA 11 -20.20 49.47 75.81
CA PRO IA 11 -19.82 48.06 75.92
C PRO IA 11 -21.00 47.12 76.15
N ILE IA 12 -22.11 47.60 76.72
CA ILE IA 12 -23.31 46.77 76.82
C ILE IA 12 -23.92 46.53 75.44
N VAL IA 13 -24.08 47.59 74.65
CA VAL IA 13 -24.72 47.45 73.35
C VAL IA 13 -23.79 46.77 72.35
N ASP IA 14 -22.49 46.75 72.63
CA ASP IA 14 -21.53 46.09 71.76
C ASP IA 14 -21.74 44.57 71.67
N VAL IA 15 -22.44 43.99 72.63
CA VAL IA 15 -22.62 42.54 72.70
C VAL IA 15 -23.97 42.10 72.12
N LEU IA 16 -24.92 43.03 71.96
CA LEU IA 16 -26.26 42.73 71.48
C LEU IA 16 -26.38 41.91 70.18
N PRO IA 17 -25.58 42.14 69.12
CA PRO IA 17 -25.84 41.39 67.86
C PRO IA 17 -25.69 39.87 67.96
N ILE IA 18 -24.86 39.34 68.85
CA ILE IA 18 -24.62 37.89 68.85
C ILE IA 18 -25.73 37.10 69.53
N ILE IA 19 -26.81 37.77 69.97
CA ILE IA 19 -27.89 37.06 70.65
C ILE IA 19 -28.58 36.02 69.79
N PRO IA 20 -28.97 36.28 68.51
CA PRO IA 20 -29.65 35.21 67.76
C PRO IA 20 -28.77 34.03 67.38
N VAL IA 21 -27.50 34.26 67.05
CA VAL IA 21 -26.63 33.12 66.74
C VAL IA 21 -26.32 32.32 68.01
N LEU IA 22 -26.12 33.00 69.14
CA LEU IA 22 -26.01 32.28 70.40
C LEU IA 22 -27.33 31.60 70.77
N PHE IA 23 -28.45 32.11 70.25
CA PHE IA 23 -29.75 31.54 70.53
C PHE IA 23 -29.98 30.24 69.76
N ILE IA 24 -29.59 30.20 68.49
CA ILE IA 24 -29.70 28.93 67.78
C ILE IA 24 -28.69 27.94 68.34
N LEU IA 25 -27.54 28.43 68.84
CA LEU IA 25 -26.63 27.56 69.56
C LEU IA 25 -27.27 27.02 70.84
N LEU IA 26 -28.05 27.87 71.53
CA LEU IA 26 -28.80 27.43 72.72
C LEU IA 26 -29.83 26.36 72.35
N ALA IA 27 -30.46 26.50 71.18
CA ALA IA 27 -31.40 25.48 70.73
C ALA IA 27 -30.70 24.15 70.51
N PHE IA 28 -29.49 24.18 69.93
CA PHE IA 28 -28.70 22.96 69.82
C PHE IA 28 -28.33 22.40 71.19
N VAL IA 29 -28.04 23.28 72.16
CA VAL IA 29 -27.76 22.85 73.53
C VAL IA 29 -28.96 22.13 74.13
N TRP IA 30 -30.15 22.70 73.97
CA TRP IA 30 -31.35 22.08 74.53
C TRP IA 30 -31.65 20.74 73.87
N GLN IA 31 -31.46 20.66 72.55
CA GLN IA 31 -31.72 19.39 71.87
C GLN IA 31 -30.69 18.33 72.25
N ALA IA 32 -29.46 18.76 72.56
CA ALA IA 32 -28.48 17.81 73.07
C ALA IA 32 -28.78 17.41 74.50
N SER IA 33 -29.36 18.34 75.27
CA SER IA 33 -29.67 18.07 76.68
C SER IA 33 -30.88 17.17 76.83
N VAL IA 34 -31.76 17.14 75.82
CA VAL IA 34 -32.90 16.22 75.85
C VAL IA 34 -32.49 14.91 75.18
N SER IA 35 -31.18 14.75 74.96
CA SER IA 35 -30.57 13.51 74.45
C SER IA 35 -31.05 13.13 73.06
N PHE IA 36 -31.39 14.15 72.25
CA PHE IA 36 -31.85 13.98 70.86
C PHE IA 36 -33.04 13.03 70.79
N ARG IA 37 -34.13 13.45 71.45
CA ARG IA 37 -35.35 12.67 71.52
C ARG IA 37 -36.04 12.57 70.16
N MET JA 1 -6.89 -30.39 26.67
CA MET JA 1 -7.24 -31.75 27.06
C MET JA 1 -7.49 -32.62 25.84
N ALA JA 2 -8.50 -32.26 25.04
CA ALA JA 2 -8.88 -32.97 23.83
C ALA JA 2 -8.51 -32.13 22.61
N ARG JA 3 -8.91 -32.62 21.43
CA ARG JA 3 -8.66 -31.85 20.20
C ARG JA 3 -9.43 -30.54 20.15
N PRO JA 4 -10.75 -30.47 20.44
CA PRO JA 4 -11.37 -29.15 20.54
C PRO JA 4 -10.95 -28.46 21.81
N ASN JA 5 -11.03 -27.13 21.80
CA ASN JA 5 -10.60 -26.38 22.98
C ASN JA 5 -11.74 -26.15 23.96
N PRO JA 6 -11.49 -26.37 25.26
CA PRO JA 6 -12.52 -26.04 26.27
C PRO JA 6 -12.83 -24.56 26.39
N ASN JA 7 -11.90 -23.67 26.06
CA ASN JA 7 -12.16 -22.23 26.15
C ASN JA 7 -12.72 -21.67 24.85
N LYS JA 8 -13.75 -22.33 24.31
CA LYS JA 8 -14.50 -21.81 23.17
C LYS JA 8 -15.55 -20.85 23.71
N GLN JA 9 -15.41 -19.56 23.41
CA GLN JA 9 -16.17 -18.54 24.10
C GLN JA 9 -16.85 -17.58 23.13
N VAL JA 10 -18.03 -17.11 23.54
CA VAL JA 10 -18.82 -16.13 22.82
C VAL JA 10 -18.68 -14.79 23.52
N VAL JA 11 -18.44 -13.72 22.75
CA VAL JA 11 -18.29 -12.37 23.27
C VAL JA 11 -19.55 -11.58 22.94
N GLU JA 12 -20.08 -10.87 23.92
CA GLU JA 12 -21.35 -10.17 23.78
C GLU JA 12 -21.25 -8.73 24.30
N LEU JA 13 -22.11 -7.86 23.77
CA LEU JA 13 -22.17 -6.47 24.18
C LEU JA 13 -23.51 -5.89 23.73
N ASN JA 14 -24.33 -5.46 24.69
CA ASN JA 14 -25.67 -4.98 24.38
C ASN JA 14 -25.63 -3.61 23.71
N ARG JA 15 -26.81 -3.21 23.20
CA ARG JA 15 -26.93 -1.92 22.50
C ARG JA 15 -26.72 -0.73 23.43
N SER JA 16 -26.99 -0.89 24.72
CA SER JA 16 -26.68 0.18 25.66
C SER JA 16 -25.18 0.45 25.71
N SER JA 17 -24.38 -0.62 25.72
CA SER JA 17 -22.93 -0.44 25.69
C SER JA 17 -22.46 -0.01 24.31
N LEU JA 18 -23.19 -0.36 23.24
CA LEU JA 18 -22.96 0.27 21.94
C LEU JA 18 -23.11 1.78 22.04
N TYR JA 19 -24.19 2.24 22.67
CA TYR JA 19 -24.42 3.67 22.80
C TYR JA 19 -23.29 4.32 23.59
N TRP JA 20 -22.85 3.65 24.66
CA TRP JA 20 -21.74 4.17 25.45
C TRP JA 20 -20.46 4.29 24.62
N GLY JA 21 -20.11 3.24 23.87
CA GLY JA 21 -18.88 3.28 23.08
C GLY JA 21 -18.93 4.28 21.94
N LEU JA 22 -20.06 4.32 21.22
CA LEU JA 22 -20.15 5.23 20.07
C LEU JA 22 -20.19 6.68 20.52
N LEU JA 23 -20.90 6.99 21.62
CA LEU JA 23 -20.83 8.35 22.14
C LEU JA 23 -19.46 8.69 22.68
N LEU JA 24 -18.75 7.71 23.28
CA LEU JA 24 -17.38 7.95 23.72
C LEU JA 24 -16.49 8.34 22.56
N ILE JA 25 -16.57 7.59 21.45
CA ILE JA 25 -15.74 7.90 20.29
C ILE JA 25 -16.15 9.23 19.65
N PHE JA 26 -17.46 9.50 19.59
CA PHE JA 26 -17.93 10.74 18.98
C PHE JA 26 -17.49 11.97 19.78
N VAL JA 27 -17.62 11.93 21.11
CA VAL JA 27 -17.18 13.08 21.89
C VAL JA 27 -15.66 13.14 22.00
N LEU JA 28 -14.95 12.01 21.87
CA LEU JA 28 -13.49 12.07 21.77
C LEU JA 28 -13.09 12.77 20.48
N ALA JA 29 -13.80 12.49 19.38
CA ALA JA 29 -13.55 13.20 18.14
C ALA JA 29 -13.88 14.68 18.27
N VAL JA 30 -14.96 15.01 18.97
CA VAL JA 30 -15.29 16.41 19.24
C VAL JA 30 -14.16 17.10 20.00
N LEU JA 31 -13.62 16.40 21.01
CA LEU JA 31 -12.59 16.99 21.85
C LEU JA 31 -11.28 17.16 21.09
N PHE JA 32 -10.88 16.17 20.30
CA PHE JA 32 -9.55 16.16 19.67
C PHE JA 32 -9.55 16.67 18.22
N SER JA 33 -10.70 17.05 17.66
CA SER JA 33 -10.74 17.46 16.26
C SER JA 33 -10.00 18.78 16.06
N SER JA 34 -10.25 19.77 16.91
CA SER JA 34 -9.57 21.05 16.78
C SER JA 34 -8.09 20.97 17.09
N TYR JA 35 -7.66 19.89 17.73
CA TYR JA 35 -6.25 19.69 18.03
C TYR JA 35 -5.52 19.02 16.89
N ILE JA 36 -6.10 17.96 16.31
CA ILE JA 36 -5.46 17.34 15.16
C ILE JA 36 -5.53 18.27 13.95
N PHE JA 37 -6.61 19.02 13.82
CA PHE JA 37 -6.69 20.08 12.82
C PHE JA 37 -5.69 21.20 13.11
N ASN JA 38 -5.62 21.63 14.37
CA ASN JA 38 -4.76 22.73 14.84
C ASN JA 38 -4.94 24.01 14.03
N VAL KA 1 -1.24 19.69 8.45
CA VAL KA 1 -2.20 18.78 9.03
C VAL KA 1 -3.63 19.21 8.69
N ASN KA 2 -3.78 19.91 7.56
CA ASN KA 2 -5.11 20.35 7.15
C ASN KA 2 -6.00 19.18 6.77
N ILE KA 3 -5.46 18.23 6.00
CA ILE KA 3 -6.20 17.03 5.63
C ILE KA 3 -5.61 15.77 6.27
N LEU KA 4 -4.40 15.86 6.84
CA LEU KA 4 -3.95 14.82 7.74
C LEU KA 4 -4.88 14.71 8.94
N GLY KA 5 -5.42 15.85 9.39
CA GLY KA 5 -6.47 15.82 10.39
C GLY KA 5 -7.71 15.11 9.89
N LEU KA 6 -8.07 15.29 8.62
CA LEU KA 6 -9.19 14.57 8.02
C LEU KA 6 -8.99 13.07 8.10
N THR KA 7 -7.84 12.58 7.64
CA THR KA 7 -7.64 11.13 7.60
C THR KA 7 -7.49 10.55 9.01
N ALA KA 8 -6.88 11.31 9.94
CA ALA KA 8 -6.74 10.83 11.30
C ALA KA 8 -8.10 10.77 12.00
N THR KA 9 -8.92 11.82 11.87
CA THR KA 9 -10.25 11.84 12.46
C THR KA 9 -11.12 10.77 11.83
N ALA KA 10 -10.98 10.56 10.51
CA ALA KA 10 -11.75 9.54 9.81
C ALA KA 10 -11.44 8.16 10.38
N LEU KA 11 -10.17 7.79 10.46
CA LEU KA 11 -9.84 6.45 10.97
C LEU KA 11 -10.16 6.31 12.46
N PHE KA 12 -10.00 7.39 13.23
CA PHE KA 12 -10.36 7.37 14.65
C PHE KA 12 -11.86 7.19 14.85
N ILE KA 13 -12.68 7.66 13.91
CA ILE KA 13 -14.10 7.36 13.96
C ILE KA 13 -14.36 5.94 13.50
N ILE KA 14 -13.72 5.52 12.40
CA ILE KA 14 -14.06 4.28 11.71
C ILE KA 14 -13.73 3.04 12.54
N ILE KA 15 -12.48 2.92 13.02
CA ILE KA 15 -12.06 1.65 13.63
C ILE KA 15 -12.88 1.28 14.86
N PRO KA 16 -13.10 2.16 15.84
CA PRO KA 16 -13.97 1.75 16.96
C PRO KA 16 -15.43 1.58 16.59
N THR KA 17 -15.97 2.34 15.63
CA THR KA 17 -17.39 2.17 15.32
C THR KA 17 -17.63 0.85 14.60
N SER KA 18 -16.72 0.44 13.71
CA SER KA 18 -16.85 -0.86 13.06
C SER KA 18 -16.65 -1.99 14.06
N PHE KA 19 -15.67 -1.84 14.95
CA PHE KA 19 -15.42 -2.84 15.98
C PHE KA 19 -16.63 -3.04 16.88
N LEU KA 20 -17.16 -1.94 17.42
CA LEU KA 20 -18.31 -1.99 18.32
C LEU KA 20 -19.55 -2.51 17.61
N LEU KA 21 -19.76 -2.10 16.34
CA LEU KA 21 -20.91 -2.58 15.59
C LEU KA 21 -20.83 -4.08 15.33
N ILE KA 22 -19.63 -4.59 15.02
CA ILE KA 22 -19.46 -6.02 14.77
C ILE KA 22 -19.79 -6.82 16.02
N LEU KA 23 -19.21 -6.44 17.15
CA LEU KA 23 -19.48 -7.19 18.37
C LEU KA 23 -20.93 -6.99 18.88
N TYR KA 24 -21.54 -5.84 18.59
CA TYR KA 24 -22.93 -5.64 18.96
C TYR KA 24 -23.86 -6.56 18.16
N VAL KA 25 -23.64 -6.65 16.85
CA VAL KA 25 -24.52 -7.53 16.08
C VAL KA 25 -24.22 -8.99 16.39
N LYS KA 26 -23.01 -9.29 16.87
CA LYS KA 26 -22.77 -10.61 17.44
C LYS KA 26 -23.65 -10.85 18.66
N THR KA 27 -23.80 -9.84 19.51
CA THR KA 27 -24.69 -9.96 20.66
C THR KA 27 -26.15 -10.11 20.24
N ALA KA 28 -26.62 -9.20 19.38
CA ALA KA 28 -28.02 -9.11 19.03
C ALA KA 28 -28.49 -10.23 18.11
N ALA KA 29 -27.57 -10.89 17.41
CA ALA KA 29 -27.95 -12.01 16.57
C ALA KA 29 -28.46 -13.18 17.39
N SER KA 30 -27.81 -13.47 18.51
CA SER KA 30 -28.23 -14.54 19.41
C SER KA 30 -29.29 -14.00 20.37
N GLU KA 31 -30.47 -13.76 19.79
CA GLU KA 31 -31.65 -13.22 20.49
C GLU KA 31 -31.34 -11.89 21.19
N LEU LA 1 -41.47 68.53 13.50
CA LEU LA 1 -40.61 68.58 14.66
C LEU LA 1 -39.57 69.67 14.52
N THR LA 2 -39.91 70.87 14.97
CA THR LA 2 -39.04 72.04 14.84
C THR LA 2 -38.22 72.22 16.11
N TYR LA 3 -37.30 73.19 16.06
CA TYR LA 3 -36.44 73.47 17.20
C TYR LA 3 -37.20 74.13 18.33
N ASP LA 4 -38.30 74.83 18.02
CA ASP LA 4 -39.06 75.55 19.04
C ASP LA 4 -39.66 74.60 20.07
N GLU LA 5 -40.26 73.50 19.62
CA GLU LA 5 -40.81 72.51 20.54
C GLU LA 5 -39.87 71.35 20.79
N LEU LA 6 -38.68 71.34 20.18
CA LEU LA 6 -37.68 70.32 20.52
C LEU LA 6 -37.21 70.48 21.96
N GLN LA 7 -37.01 71.74 22.39
CA GLN LA 7 -36.70 72.01 23.79
C GLN LA 7 -37.94 72.00 24.67
N GLY LA 8 -39.13 71.99 24.06
CA GLY LA 8 -40.37 71.97 24.82
C GLY LA 8 -40.76 70.62 25.39
N LEU LA 9 -40.02 69.57 25.05
CA LEU LA 9 -40.27 68.24 25.58
C LEU LA 9 -39.11 67.81 26.48
N THR LA 10 -39.44 67.14 27.56
CA THR LA 10 -38.44 66.73 28.54
C THR LA 10 -37.71 65.47 28.06
N TYR LA 11 -36.72 65.04 28.85
CA TYR LA 11 -35.91 63.89 28.47
C TYR LA 11 -36.66 62.58 28.60
N LEU LA 12 -37.66 62.52 29.49
CA LEU LA 12 -38.39 61.28 29.71
C LEU LA 12 -39.20 60.88 28.48
N GLN LA 13 -39.82 61.85 27.81
CA GLN LA 13 -40.64 61.54 26.64
C GLN LA 13 -39.83 61.45 25.36
N VAL LA 14 -38.52 61.67 25.41
CA VAL LA 14 -37.66 61.51 24.24
C VAL LA 14 -36.65 60.39 24.40
N LYS LA 15 -36.50 59.81 25.59
CA LYS LA 15 -35.54 58.74 25.80
C LYS LA 15 -36.00 57.47 25.10
N GLY LA 16 -35.09 56.87 24.33
CA GLY LA 16 -35.40 55.64 23.63
C GLY LA 16 -36.37 55.78 22.47
N THR LA 17 -36.63 57.00 22.00
CA THR LA 17 -37.60 57.25 20.95
C THR LA 17 -36.98 57.74 19.65
N GLY LA 18 -35.66 57.91 19.60
CA GLY LA 18 -35.00 58.35 18.40
C GLY LA 18 -35.13 59.82 18.08
N ILE LA 19 -35.83 60.59 18.92
CA ILE LA 19 -35.94 62.04 18.70
C ILE LA 19 -34.59 62.71 18.92
N ALA LA 20 -33.78 62.17 19.83
CA ALA LA 20 -32.43 62.68 20.06
C ALA LA 20 -31.50 62.47 18.88
N ASN LA 21 -31.90 61.66 17.90
CA ASN LA 21 -31.17 61.49 16.66
C ASN LA 21 -32.01 62.00 15.49
N THR LA 22 -32.64 63.16 15.70
CA THR LA 22 -33.47 63.79 14.68
C THR LA 22 -33.24 65.29 14.71
N CYS LA 23 -32.84 65.85 13.57
CA CYS LA 23 -32.59 67.29 13.48
C CYS LA 23 -33.91 68.06 13.38
N PRO LA 24 -33.94 69.29 13.89
CA PRO LA 24 -35.12 70.13 13.69
C PRO LA 24 -35.27 70.52 12.23
N VAL LA 25 -36.52 70.74 11.84
CA VAL LA 25 -36.86 71.15 10.47
C VAL LA 25 -37.59 72.49 10.55
N VAL LA 26 -37.31 73.36 9.59
CA VAL LA 26 -37.89 74.70 9.56
C VAL LA 26 -39.24 74.60 8.83
N GLU LA 27 -40.31 75.01 9.51
CA GLU LA 27 -41.65 74.92 8.94
C GLU LA 27 -42.17 76.25 8.41
N GLN LA 28 -41.58 77.36 8.81
CA GLN LA 28 -42.02 78.68 8.36
C GLN LA 28 -40.99 79.25 7.39
N GLY LA 29 -41.31 80.39 6.80
CA GLY LA 29 -40.43 81.00 5.83
C GLY LA 29 -40.64 80.44 4.44
N THR LA 30 -39.71 80.81 3.56
CA THR LA 30 -39.77 80.38 2.17
C THR LA 30 -38.44 79.73 1.79
N SER LA 31 -38.50 78.89 0.75
CA SER LA 31 -37.33 78.16 0.27
C SER LA 31 -36.55 78.94 -0.78
N ASN LA 32 -36.82 80.23 -0.93
CA ASN LA 32 -36.13 81.03 -1.94
C ASN LA 32 -34.69 81.33 -1.56
N VAL LA 33 -34.32 81.14 -0.29
CA VAL LA 33 -32.94 81.20 0.23
C VAL LA 33 -32.33 82.61 0.19
N ARG LA 34 -32.54 83.33 -0.93
CA ARG LA 34 -31.94 84.65 -1.13
C ARG LA 34 -32.40 85.68 -0.11
N GLU LA 35 -33.51 85.44 0.60
CA GLU LA 35 -34.04 86.40 1.57
C GLU LA 35 -33.17 86.54 2.80
N LEU LA 36 -32.17 85.69 3.00
CA LEU LA 36 -31.30 85.77 4.17
C LEU LA 36 -30.45 87.04 4.14
N LYS LA 37 -30.29 87.65 5.31
CA LYS LA 37 -29.52 88.89 5.41
C LYS LA 37 -28.03 88.62 5.21
N PRO LA 38 -27.35 89.42 4.41
CA PRO LA 38 -25.92 89.19 4.18
C PRO LA 38 -25.05 89.83 5.25
N GLY LA 39 -23.85 89.30 5.39
CA GLY LA 39 -22.87 89.82 6.31
C GLY LA 39 -22.18 88.70 7.07
N ASP LA 40 -21.34 89.08 8.03
CA ASP LA 40 -20.64 88.13 8.87
C ASP LA 40 -21.58 87.53 9.91
N TYR LA 41 -21.56 86.21 10.04
CA TYR LA 41 -22.42 85.50 10.98
C TYR LA 41 -21.63 84.44 11.73
N LYS LA 42 -22.16 84.07 12.88
CA LYS LA 42 -21.56 83.07 13.79
C LYS LA 42 -22.65 82.04 14.09
N LEU LA 43 -22.63 80.90 13.41
CA LEU LA 43 -23.71 79.93 13.56
C LEU LA 43 -23.46 79.09 14.79
N GLU LA 44 -24.54 78.66 15.45
CA GLU LA 44 -24.43 77.75 16.57
C GLU LA 44 -25.55 76.72 16.44
N LYS LA 45 -25.34 75.57 17.10
CA LYS LA 45 -26.25 74.42 17.02
C LYS LA 45 -26.42 73.96 15.58
N PHE LA 46 -25.31 73.90 14.85
CA PHE LA 46 -25.31 73.36 13.50
C PHE LA 46 -25.42 71.85 13.59
N CYS LA 47 -26.43 71.29 12.94
CA CYS LA 47 -26.79 69.89 13.10
C CYS LA 47 -26.60 69.13 11.79
N MET LA 48 -26.29 67.84 11.93
CA MET LA 48 -26.00 66.95 10.82
C MET LA 48 -26.91 65.74 10.98
N GLU LA 49 -27.35 65.15 9.85
CA GLU LA 49 -28.17 63.94 9.94
C GLU LA 49 -28.13 63.19 8.60
N PRO LA 50 -27.69 61.93 8.59
CA PRO LA 50 -27.64 61.18 7.33
C PRO LA 50 -28.97 60.49 7.04
N THR LA 51 -29.27 60.37 5.74
CA THR LA 51 -30.46 59.66 5.27
C THR LA 51 -30.17 58.40 4.49
N SER LA 52 -28.92 58.18 4.07
CA SER LA 52 -28.57 57.00 3.30
C SER LA 52 -27.07 56.77 3.40
N PHE LA 53 -26.69 55.52 3.68
CA PHE LA 53 -25.29 55.12 3.75
C PHE LA 53 -25.04 54.09 2.66
N THR LA 54 -24.23 54.45 1.67
CA THR LA 54 -23.91 53.56 0.56
C THR LA 54 -22.42 53.55 0.33
N VAL LA 55 -21.91 52.37 -0.03
CA VAL LA 55 -20.47 52.13 -0.18
C VAL LA 55 -20.19 51.83 -1.65
N LYS LA 56 -19.18 52.50 -2.20
CA LYS LA 56 -18.78 52.26 -3.58
C LYS LA 56 -18.24 50.85 -3.73
N GLU LA 57 -18.55 50.20 -4.85
CA GLU LA 57 -18.06 48.87 -5.14
C GLU LA 57 -17.59 48.81 -6.59
N VAL LA 58 -16.40 48.28 -6.80
CA VAL LA 58 -15.90 48.03 -8.15
C VAL LA 58 -16.67 46.82 -8.66
N VAL LA 59 -17.69 47.07 -9.49
CA VAL LA 59 -18.53 46.00 -10.00
C VAL LA 59 -17.71 45.11 -10.92
N ASP LA 60 -18.01 43.81 -10.90
CA ASP LA 60 -17.18 42.80 -11.54
C ASP LA 60 -17.08 42.97 -13.05
N LYS LA 61 -18.17 43.33 -13.72
CA LYS LA 61 -18.20 43.42 -15.16
C LYS LA 61 -17.73 44.78 -15.70
N GLY LA 62 -16.99 45.55 -14.89
CA GLY LA 62 -16.47 46.82 -15.31
C GLY LA 62 -17.28 48.03 -14.87
N ARG LA 63 -18.49 47.81 -14.36
CA ARG LA 63 -19.32 48.90 -13.90
C ARG LA 63 -18.77 49.47 -12.59
N GLU LA 64 -19.25 50.66 -12.23
CA GLU LA 64 -18.80 51.33 -11.01
C GLU LA 64 -19.91 52.23 -10.51
N GLU LA 65 -20.56 51.84 -9.42
CA GLU LA 65 -21.61 52.66 -8.81
C GLU LA 65 -21.72 52.29 -7.34
N PHE LA 66 -22.37 53.16 -6.58
CA PHE LA 66 -22.59 52.96 -5.15
C PHE LA 66 -23.77 52.02 -4.96
N VAL LA 67 -23.62 51.05 -4.05
CA VAL LA 67 -24.68 50.08 -3.76
C VAL LA 67 -25.16 50.31 -2.33
N LYS LA 68 -26.45 50.04 -2.10
CA LYS LA 68 -27.03 50.25 -0.79
C LYS LA 68 -26.55 49.20 0.21
N THR LA 69 -26.30 49.65 1.43
CA THR LA 69 -25.79 48.80 2.50
C THR LA 69 -26.78 48.77 3.66
N LYS LA 70 -26.44 47.96 4.66
CA LYS LA 70 -27.25 47.82 5.87
C LYS LA 70 -26.46 48.33 7.06
N LEU LA 71 -27.08 49.19 7.86
CA LEU LA 71 -26.41 49.78 9.02
C LEU LA 71 -26.28 48.74 10.12
N LEU LA 72 -25.04 48.37 10.46
CA LEU LA 72 -24.83 47.37 11.50
C LEU LA 72 -25.03 47.95 12.89
N THR LA 73 -24.64 49.21 13.09
CA THR LA 73 -24.86 49.81 14.40
C THR LA 73 -26.29 50.35 14.48
N ARG LA 74 -26.71 50.70 15.69
CA ARG LA 74 -28.03 51.28 15.86
C ARG LA 74 -27.98 52.77 15.55
N LEU LA 75 -29.06 53.49 15.89
CA LEU LA 75 -29.18 54.89 15.49
C LEU LA 75 -28.17 55.79 16.19
N THR LA 76 -26.92 55.72 15.74
CA THR LA 76 -25.81 56.53 16.23
C THR LA 76 -25.11 57.22 15.07
N ILE LA 77 -25.89 57.87 14.20
CA ILE LA 77 -25.37 58.33 12.91
C ILE LA 77 -25.10 59.83 12.86
N SER LA 78 -25.88 60.62 13.60
CA SER LA 78 -25.81 62.07 13.43
C SER LA 78 -24.73 62.69 14.29
N GLN LA 79 -24.46 63.98 14.02
CA GLN LA 79 -23.46 64.76 14.72
C GLN LA 79 -24.06 66.13 15.02
N PHE LA 80 -24.03 66.55 16.29
CA PHE LA 80 -24.59 67.82 16.71
C PHE LA 80 -23.49 68.73 17.26
N GLY LA 81 -23.89 69.92 17.70
CA GLY LA 81 -23.01 70.86 18.37
C GLY LA 81 -21.86 71.41 17.57
N MET LA 82 -22.13 71.87 16.34
CA MET LA 82 -21.09 72.36 15.44
C MET LA 82 -21.05 73.88 15.49
N ASN LA 83 -19.85 74.45 15.52
CA ASN LA 83 -19.65 75.89 15.58
C ASN LA 83 -18.94 76.37 14.31
N GLY LA 84 -18.60 77.67 14.29
CA GLY LA 84 -17.93 78.27 13.15
C GLY LA 84 -18.43 79.64 12.76
N SER LA 85 -17.86 80.24 11.72
CA SER LA 85 -18.23 81.57 11.26
C SER LA 85 -18.65 81.56 9.80
N MET LA 86 -19.72 82.31 9.49
CA MET LA 86 -20.22 82.48 8.13
C MET LA 86 -20.18 83.94 7.70
N LYS LA 87 -19.91 84.13 6.42
CA LYS LA 87 -20.01 85.40 5.74
C LYS LA 87 -20.88 85.22 4.51
N ILE LA 88 -21.82 86.15 4.32
CA ILE LA 88 -22.72 86.14 3.16
C ILE LA 88 -22.57 87.48 2.46
N ASN LA 89 -22.36 87.44 1.15
CA ASN LA 89 -22.19 88.66 0.36
C ASN LA 89 -23.44 88.95 -0.46
N ASN LA 90 -23.42 90.10 -1.13
CA ASN LA 90 -24.56 90.51 -1.94
C ASN LA 90 -24.72 89.61 -3.17
N ASP LA 91 -23.60 89.24 -3.81
CA ASP LA 91 -23.66 88.35 -4.96
C ASP LA 91 -23.95 86.91 -4.56
N GLY LA 92 -23.77 86.57 -3.27
CA GLY LA 92 -24.08 85.25 -2.78
C GLY LA 92 -22.88 84.35 -2.54
N SER LA 93 -21.66 84.82 -2.79
CA SER LA 93 -20.48 84.01 -2.54
C SER LA 93 -20.28 83.83 -1.04
N VAL LA 94 -20.17 82.58 -0.60
CA VAL LA 94 -20.08 82.25 0.82
C VAL LA 94 -18.90 81.34 1.08
N GLU LA 95 -18.42 81.38 2.33
CA GLU LA 95 -17.38 80.48 2.81
C GLU LA 95 -17.89 79.83 4.08
N PHE LA 96 -17.37 78.65 4.37
CA PHE LA 96 -17.76 77.87 5.54
C PHE LA 96 -16.53 77.51 6.37
N ARG LA 97 -16.65 77.65 7.68
CA ARG LA 97 -15.58 77.33 8.62
C ARG LA 97 -16.14 76.50 9.75
N GLU LA 98 -15.50 75.37 10.04
CA GLU LA 98 -15.87 74.49 11.14
C GLU LA 98 -14.67 74.32 12.06
N ASP LA 99 -14.90 74.45 13.36
CA ASP LA 99 -13.82 74.48 14.33
C ASP LA 99 -13.82 73.31 15.31
N GLU LA 100 -14.92 73.08 16.04
CA GLU LA 100 -14.97 71.99 17.01
C GLU LA 100 -16.39 71.44 17.08
N GLY LA 101 -16.59 70.49 17.99
CA GLY LA 101 -17.87 69.85 18.20
C GLY LA 101 -17.76 68.34 18.09
N LEU LA 102 -18.92 67.69 18.18
CA LEU LA 102 -18.99 66.24 18.00
C LEU LA 102 -18.76 65.97 16.52
N ASP LA 103 -17.48 65.96 16.15
CA ASP LA 103 -17.03 66.00 14.76
C ASP LA 103 -16.50 64.66 14.24
N TYR LA 104 -16.99 63.56 14.79
CA TYR LA 104 -16.64 62.23 14.30
C TYR LA 104 -17.82 61.29 14.56
N ALA LA 105 -17.88 60.22 13.79
CA ALA LA 105 -18.94 59.22 13.96
C ALA LA 105 -18.44 57.88 13.44
N ALA LA 106 -18.02 57.00 14.35
CA ALA LA 106 -17.59 55.66 13.97
C ALA LA 106 -18.80 54.78 13.81
N THR LA 107 -19.03 54.28 12.60
CA THR LA 107 -20.20 53.46 12.30
C THR LA 107 -19.82 52.40 11.29
N THR LA 108 -20.14 51.15 11.59
CA THR LA 108 -19.89 50.02 10.71
C THR LA 108 -21.18 49.67 9.97
N VAL LA 109 -21.08 49.40 8.68
CA VAL LA 109 -22.21 49.03 7.85
C VAL LA 109 -21.93 47.67 7.22
N LYS LA 110 -23.00 46.97 6.85
CA LYS LA 110 -22.90 45.66 6.22
C LYS LA 110 -23.24 45.78 4.75
N LEU LA 111 -22.30 45.41 3.89
CA LEU LA 111 -22.55 45.34 2.46
C LEU LA 111 -23.30 44.07 2.13
N PRO LA 112 -24.09 44.06 1.04
CA PRO LA 112 -24.75 42.82 0.61
C PRO LA 112 -23.74 41.76 0.18
N GLY LA 113 -23.64 40.69 0.96
CA GLY LA 113 -22.67 39.64 0.70
C GLY LA 113 -21.82 39.32 1.91
N GLY LA 114 -22.26 39.78 3.08
CA GLY LA 114 -21.51 39.56 4.32
C GLY LA 114 -20.21 40.32 4.41
N GLU LA 115 -20.18 41.57 3.94
CA GLU LA 115 -19.00 42.41 3.99
C GLU LA 115 -19.25 43.58 4.92
N TYR LA 116 -18.28 43.88 5.78
CA TYR LA 116 -18.34 44.98 6.73
C TYR LA 116 -17.28 46.02 6.38
N VAL LA 117 -17.69 47.28 6.30
CA VAL LA 117 -16.76 48.37 6.04
C VAL LA 117 -16.92 49.43 7.12
N PRO LA 118 -16.08 49.44 8.15
CA PRO LA 118 -16.14 50.51 9.15
C PRO LA 118 -15.58 51.81 8.59
N PHE LA 119 -16.12 52.92 9.09
CA PHE LA 119 -15.65 54.23 8.66
C PHE LA 119 -15.97 55.25 9.74
N LEU LA 120 -15.30 56.39 9.65
CA LEU LA 120 -15.50 57.51 10.57
C LEU LA 120 -16.15 58.64 9.78
N PHE LA 121 -17.48 58.69 9.82
CA PHE LA 121 -18.22 59.77 9.17
C PHE LA 121 -17.90 61.08 9.87
N THR LA 122 -17.13 61.94 9.21
CA THR LA 122 -16.69 63.20 9.78
C THR LA 122 -16.89 64.33 8.78
N ILE LA 123 -17.04 65.54 9.33
CA ILE LA 123 -17.22 66.75 8.54
C ILE LA 123 -16.31 67.83 9.10
N LYS LA 124 -15.36 67.42 9.96
CA LYS LA 124 -14.52 68.36 10.68
C LYS LA 124 -13.64 69.18 9.75
N GLU LA 125 -13.43 70.45 10.13
CA GLU LA 125 -12.57 71.39 9.43
C GLU LA 125 -12.96 71.53 7.95
N PHE LA 126 -14.26 71.66 7.70
CA PHE LA 126 -14.76 71.77 6.35
C PHE LA 126 -14.75 73.23 5.89
N ASP LA 127 -14.30 73.45 4.66
CA ASP LA 127 -14.21 74.78 4.05
C ASP LA 127 -15.02 74.77 2.76
N GLY LA 128 -16.32 75.04 2.88
CA GLY LA 128 -17.19 75.06 1.72
C GLY LA 128 -17.17 76.38 0.98
N LYS LA 129 -16.83 76.35 -0.30
CA LYS LA 129 -16.74 77.55 -1.13
C LYS LA 129 -17.74 77.45 -2.26
N GLY LA 130 -18.49 78.55 -2.47
CA GLY LA 130 -19.49 78.60 -3.51
C GLY LA 130 -20.56 79.63 -3.22
N THR LA 131 -21.79 79.35 -3.64
CA THR LA 131 -22.92 80.24 -3.42
C THR LA 131 -23.85 79.63 -2.38
N LEU LA 132 -24.99 80.30 -2.14
CA LEU LA 132 -25.97 79.77 -1.20
C LEU LA 132 -26.61 78.49 -1.71
N ASP LA 133 -26.78 78.36 -3.02
CA ASP LA 133 -27.43 77.18 -3.58
C ASP LA 133 -26.56 75.95 -3.42
N SER LA 134 -25.28 76.05 -3.74
CA SER LA 134 -24.36 74.93 -3.62
C SER LA 134 -22.96 75.45 -3.35
N PHE LA 135 -22.19 74.67 -2.58
CA PHE LA 135 -20.83 75.02 -2.21
C PHE LA 135 -20.12 73.78 -1.72
N SER LA 136 -18.88 73.58 -2.14
CA SER LA 136 -18.12 72.39 -1.81
C SER LA 136 -16.75 72.78 -1.30
N GLY LA 137 -16.00 71.77 -0.88
CA GLY LA 137 -14.66 71.99 -0.36
C GLY LA 137 -14.03 70.70 0.09
N ASP LA 138 -13.04 70.83 0.97
CA ASP LA 138 -12.31 69.68 1.50
C ASP LA 138 -12.30 69.76 3.02
N PHE LA 139 -12.43 68.60 3.66
CA PHE LA 139 -12.47 68.51 5.11
C PHE LA 139 -11.49 67.44 5.59
N LEU LA 140 -11.03 67.60 6.83
CA LEU LA 140 -10.08 66.66 7.41
C LEU LA 140 -10.77 65.34 7.75
N VAL LA 141 -10.12 64.24 7.41
CA VAL LA 141 -10.66 62.90 7.68
C VAL LA 141 -9.67 62.09 8.51
N PRO LA 142 -9.95 61.83 9.78
CA PRO LA 142 -9.10 60.89 10.53
C PRO LA 142 -9.31 59.47 10.03
N SER LA 143 -8.36 58.60 10.35
CA SER LA 143 -8.46 57.21 9.93
C SER LA 143 -9.66 56.52 10.58
N TYR LA 144 -9.58 56.29 11.89
CA TYR LA 144 -10.58 55.55 12.68
C TYR LA 144 -10.09 55.38 14.11
N ARG LA 145 -9.17 54.43 14.29
CA ARG LA 145 -8.66 54.02 15.58
C ARG LA 145 -7.49 54.90 16.01
N GLY LA 146 -7.26 54.95 17.32
CA GLY LA 146 -6.14 55.70 17.84
C GLY LA 146 -4.82 55.00 17.59
N SER LA 147 -3.73 55.74 17.85
CA SER LA 147 -2.38 55.20 17.66
C SER LA 147 -2.09 54.06 18.63
N THR LA 148 -2.78 54.04 19.77
CA THR LA 148 -2.58 53.04 20.80
C THR LA 148 -3.52 51.85 20.68
N PHE LA 149 -4.29 51.76 19.60
CA PHE LA 149 -5.22 50.64 19.43
C PHE LA 149 -4.45 49.33 19.27
N LEU LA 150 -4.97 48.28 19.89
CA LEU LA 150 -4.32 46.98 19.95
C LEU LA 150 -5.12 45.96 19.17
N ASP LA 151 -4.46 45.24 18.26
CA ASP LA 151 -5.08 44.21 17.46
C ASP LA 151 -5.06 42.90 18.26
N PRO LA 152 -5.59 41.79 17.71
CA PRO LA 152 -5.52 40.49 18.42
C PRO LA 152 -4.16 40.07 18.96
N LYS LA 153 -3.05 40.57 18.42
CA LYS LA 153 -1.73 40.20 18.90
C LYS LA 153 -0.95 41.45 19.31
N GLY LA 154 -1.60 42.31 20.08
CA GLY LA 154 -0.98 43.55 20.52
C GLY LA 154 -0.71 44.49 19.36
N ARG LA 155 0.56 44.84 19.16
CA ARG LA 155 1.05 45.65 18.04
C ARG LA 155 0.33 46.98 17.89
N GLY LA 156 0.53 47.65 16.77
CA GLY LA 156 -0.10 48.94 16.51
C GLY LA 156 0.93 50.06 16.50
N GLY LA 157 0.41 51.27 16.32
CA GLY LA 157 1.26 52.45 16.21
C GLY LA 157 1.94 52.88 17.49
N ALA LA 158 1.17 53.41 18.45
CA ALA LA 158 1.78 53.92 19.67
C ALA LA 158 2.17 52.80 20.62
N THR LA 159 1.18 52.07 21.12
CA THR LA 159 1.42 50.97 22.04
C THR LA 159 1.30 49.64 21.30
N GLY LA 160 2.18 48.70 21.62
CA GLY LA 160 2.14 47.40 21.00
C GLY LA 160 3.52 46.78 20.90
N TYR LA 161 3.53 45.50 20.52
CA TYR LA 161 4.75 44.71 20.44
C TYR LA 161 5.57 44.95 19.18
N ASP LA 162 4.98 45.58 18.15
CA ASP LA 162 5.53 45.78 16.81
C ASP LA 162 5.76 44.49 16.04
N ASN LA 163 5.38 43.34 16.60
CA ASN LA 163 5.51 42.06 15.90
C ASN LA 163 4.66 41.03 16.63
N ALA LA 164 4.24 40.01 15.88
CA ALA LA 164 3.45 38.91 16.44
C ALA LA 164 4.42 37.94 17.09
N ILE LA 165 4.59 38.05 18.41
CA ILE LA 165 5.55 37.23 19.13
C ILE LA 165 5.06 35.81 19.41
N ALA LA 166 3.83 35.47 19.00
CA ALA LA 166 3.36 34.10 19.15
C ALA LA 166 4.10 33.13 18.25
N LEU LA 167 4.72 33.62 17.19
CA LEU LA 167 5.49 32.80 16.26
C LEU LA 167 6.95 33.22 16.35
N PRO LA 168 7.85 32.35 16.82
CA PRO LA 168 9.27 32.70 16.93
C PRO LA 168 10.01 32.86 15.61
N ALA LA 169 9.33 32.72 14.47
CA ALA LA 169 9.98 32.89 13.17
C ALA LA 169 9.24 33.85 12.24
N LYS LA 170 8.02 34.26 12.55
CA LYS LA 170 7.26 35.18 11.71
C LYS LA 170 7.47 36.63 12.16
N ALA LA 171 8.74 37.00 12.27
CA ALA LA 171 9.14 38.37 12.61
C ALA LA 171 9.69 39.13 11.42
N ASP LA 172 10.43 38.46 10.54
CA ASP LA 172 10.95 39.03 9.31
C ASP LA 172 10.32 38.26 8.15
N ALA LA 173 9.32 38.85 7.52
CA ALA LA 173 8.60 38.21 6.43
C ALA LA 173 8.02 39.30 5.53
N ASP LA 174 7.10 38.90 4.64
CA ASP LA 174 6.43 39.86 3.77
C ASP LA 174 5.43 40.73 4.52
N GLU LA 175 5.12 40.40 5.78
CA GLU LA 175 4.15 41.16 6.56
C GLU LA 175 4.82 42.39 7.22
N ILE LA 176 5.43 43.21 6.36
CA ILE LA 176 6.01 44.47 6.83
C ILE LA 176 4.91 45.46 7.21
N GLN LA 177 3.86 45.54 6.39
CA GLN LA 177 2.74 46.43 6.66
C GLN LA 177 1.81 45.89 7.74
N ARG LA 178 1.98 44.65 8.16
CA ARG LA 178 1.09 44.03 9.14
C ARG LA 178 1.60 44.17 10.57
N LEU LA 179 2.91 44.06 10.79
CA LEU LA 179 3.46 44.15 12.14
C LEU LA 179 4.45 45.28 12.32
N ASN LA 180 5.34 45.51 11.35
CA ASN LA 180 6.41 46.49 11.52
C ASN LA 180 5.83 47.89 11.56
N ASN LA 181 4.97 48.23 10.60
CA ASN LA 181 4.41 49.57 10.50
C ASN LA 181 2.90 49.50 10.40
N LYS LA 182 2.23 50.49 10.97
CA LYS LA 182 0.79 50.66 10.87
C LYS LA 182 0.51 52.06 10.34
N SER LA 183 -0.22 52.16 9.24
CA SER LA 183 -0.44 53.43 8.57
C SER LA 183 -1.58 54.20 9.22
N TYR LA 184 -1.29 55.44 9.64
CA TYR LA 184 -2.30 56.34 10.20
C TYR LA 184 -2.32 57.65 9.44
N THR LA 185 -2.23 57.58 8.12
CA THR LA 185 -2.28 58.79 7.30
C THR LA 185 -3.70 59.31 7.21
N PRO LA 186 -3.98 60.54 7.63
CA PRO LA 186 -5.34 61.06 7.52
C PRO LA 186 -5.68 61.44 6.08
N GLY LA 187 -6.82 60.93 5.61
CA GLY LA 187 -7.27 61.20 4.27
C GLY LA 187 -8.02 62.51 4.17
N LYS LA 188 -8.51 62.78 2.96
CA LYS LA 188 -9.32 63.97 2.68
C LYS LA 188 -10.59 63.53 1.97
N GLY LA 189 -11.66 64.30 2.17
CA GLY LA 189 -12.96 63.96 1.64
C GLY LA 189 -13.61 65.11 0.91
N SER LA 190 -14.72 64.79 0.23
CA SER LA 190 -15.48 65.76 -0.55
C SER LA 190 -16.87 65.91 0.05
N ALA LA 191 -17.29 67.15 0.27
CA ALA LA 191 -18.62 67.42 0.81
C ALA LA 191 -19.35 68.40 -0.09
N VAL LA 192 -20.60 68.07 -0.42
CA VAL LA 192 -21.47 68.92 -1.22
C VAL LA 192 -22.66 69.29 -0.34
N PHE LA 193 -22.96 70.59 -0.25
CA PHE LA 193 -24.01 71.09 0.62
C PHE LA 193 -24.94 71.99 -0.18
N SER LA 194 -26.21 72.02 0.24
CA SER LA 194 -27.22 72.88 -0.35
C SER LA 194 -28.10 73.45 0.74
N VAL LA 195 -28.40 74.74 0.65
CA VAL LA 195 -29.18 75.45 1.65
C VAL LA 195 -30.61 75.61 1.14
N ALA LA 196 -31.59 75.28 1.99
CA ALA LA 196 -32.99 75.41 1.61
C ALA LA 196 -33.82 75.70 2.86
N LYS LA 197 -34.97 76.35 2.63
CA LYS LA 197 -35.95 76.70 3.68
C LYS LA 197 -35.30 77.53 4.79
N VAL LA 198 -34.86 78.72 4.41
CA VAL LA 198 -34.20 79.64 5.34
C VAL LA 198 -35.27 80.49 6.03
N ASP LA 199 -35.23 80.50 7.35
CA ASP LA 199 -36.12 81.36 8.16
C ASP LA 199 -35.31 82.59 8.55
N THR LA 200 -35.59 83.71 7.90
CA THR LA 200 -34.85 84.94 8.17
C THR LA 200 -35.22 85.58 9.50
N GLU LA 201 -36.35 85.18 10.10
CA GLU LA 201 -36.75 85.76 11.37
C GLU LA 201 -35.81 85.33 12.50
N THR LA 202 -35.52 84.03 12.59
CA THR LA 202 -34.65 83.49 13.62
C THR LA 202 -33.30 83.03 13.09
N GLY LA 203 -33.01 83.30 11.81
CA GLY LA 203 -31.75 82.88 11.21
C GLY LA 203 -31.58 81.38 11.12
N GLU LA 204 -32.67 80.65 10.94
CA GLU LA 204 -32.62 79.20 10.83
C GLU LA 204 -32.42 78.79 9.38
N ILE LA 205 -31.57 77.78 9.17
CA ILE LA 205 -31.25 77.28 7.84
C ILE LA 205 -31.38 75.77 7.84
N ALA LA 206 -31.62 75.21 6.65
CA ALA LA 206 -31.75 73.76 6.48
C ALA LA 206 -31.28 73.40 5.08
N GLY LA 207 -31.45 72.14 4.73
CA GLY LA 207 -31.09 71.68 3.40
C GLY LA 207 -30.54 70.27 3.44
N VAL LA 208 -30.21 69.78 2.25
CA VAL LA 208 -29.69 68.43 2.05
C VAL LA 208 -28.20 68.52 1.70
N PHE LA 209 -27.40 67.66 2.30
CA PHE LA 209 -25.96 67.64 2.08
C PHE LA 209 -25.53 66.33 1.44
N GLU LA 210 -24.26 66.28 1.05
CA GLU LA 210 -23.66 65.10 0.44
C GLU LA 210 -22.24 64.98 0.99
N SER LA 211 -21.83 63.77 1.35
CA SER LA 211 -20.51 63.54 1.94
C SER LA 211 -19.81 62.39 1.23
N ILE LA 212 -18.63 62.68 0.69
CA ILE LA 212 -17.75 61.68 0.09
C ILE LA 212 -16.49 61.64 0.94
N GLN LA 213 -16.14 60.44 1.42
CA GLN LA 213 -14.97 60.31 2.30
C GLN LA 213 -14.48 58.87 2.25
N PRO LA 214 -13.16 58.66 2.29
CA PRO LA 214 -12.64 57.30 2.36
C PRO LA 214 -12.82 56.70 3.74
N SER LA 215 -13.04 55.39 3.75
CA SER LA 215 -13.32 54.66 4.99
C SER LA 215 -12.03 54.29 5.71
N ASP LA 216 -12.16 53.37 6.65
CA ASP LA 216 -11.02 52.78 7.34
C ASP LA 216 -10.09 51.99 6.42
N THR LA 217 -8.79 52.24 6.59
CA THR LA 217 -7.73 51.54 5.88
C THR LA 217 -7.17 50.38 6.69
N GLU LA 218 -7.78 50.07 7.84
CA GLU LA 218 -7.38 49.02 8.80
C GLU LA 218 -5.87 48.97 9.03
N MET LA 219 -5.30 50.15 9.28
CA MET LA 219 -3.96 50.34 9.83
C MET LA 219 -2.88 49.65 8.99
N GLY LA 220 -2.74 50.17 7.77
CA GLY LA 220 -1.73 49.64 6.87
C GLY LA 220 -2.09 48.26 6.34
N ALA LA 221 -3.20 48.18 5.63
CA ALA LA 221 -3.70 46.92 5.09
C ALA LA 221 -4.47 47.24 3.81
N HIS LA 222 -5.38 46.32 3.42
CA HIS LA 222 -6.27 46.41 2.27
C HIS LA 222 -6.83 47.81 2.08
N PRO LA 223 -6.88 48.31 0.84
CA PRO LA 223 -7.24 49.72 0.61
C PRO LA 223 -8.66 50.05 1.07
N ALA LA 224 -8.81 51.26 1.59
CA ALA LA 224 -10.10 51.74 2.08
C ALA LA 224 -11.04 52.03 0.91
N LYS LA 225 -12.30 52.25 1.25
CA LYS LA 225 -13.34 52.47 0.26
C LYS LA 225 -13.97 53.84 0.45
N ASP LA 226 -14.42 54.42 -0.67
CA ASP LA 226 -15.06 55.74 -0.65
C ASP LA 226 -16.54 55.57 -0.40
N ILE LA 227 -17.08 56.38 0.51
CA ILE LA 227 -18.46 56.25 0.99
C ILE LA 227 -19.24 57.49 0.58
N LYS LA 228 -20.43 57.28 0.03
CA LYS LA 228 -21.33 58.37 -0.31
C LYS LA 228 -22.39 58.48 0.79
N ILE LA 229 -22.45 59.64 1.44
CA ILE LA 229 -23.35 59.87 2.55
C ILE LA 229 -24.25 61.05 2.21
N THR LA 230 -25.55 60.81 2.20
CA THR LA 230 -26.55 61.84 1.94
C THR LA 230 -27.42 62.04 3.18
N GLY LA 231 -27.92 63.24 3.36
CA GLY LA 231 -28.80 63.47 4.49
C GLY LA 231 -29.22 64.92 4.62
N LEU LA 232 -29.93 65.19 5.70
CA LEU LA 232 -30.46 66.51 6.02
C LEU LA 232 -29.59 67.18 7.08
N TRP LA 233 -29.43 68.50 6.96
CA TRP LA 233 -28.68 69.27 7.94
C TRP LA 233 -29.50 70.49 8.35
N TYR LA 234 -29.19 71.01 9.55
CA TYR LA 234 -29.90 72.15 10.10
C TYR LA 234 -28.92 73.03 10.86
N GLY LA 235 -29.16 74.35 10.82
CA GLY LA 235 -28.31 75.28 11.52
C GLY LA 235 -29.09 76.49 12.01
N GLN LA 236 -28.46 77.22 12.93
CA GLN LA 236 -29.01 78.42 13.53
C GLN LA 236 -27.95 79.51 13.53
N LEU LA 237 -28.28 80.67 12.98
CA LEU LA 237 -27.34 81.77 12.84
C LEU LA 237 -27.46 82.70 14.05
N THR LA 238 -26.42 82.72 14.89
CA THR LA 238 -26.31 83.58 16.07
C THR LA 238 -27.49 83.48 17.05
N ALA MA 1 19.41 33.82 65.15
CA ALA MA 1 18.43 33.08 65.94
C ALA MA 1 18.81 33.06 67.42
N TYR MA 2 19.29 34.21 67.91
CA TYR MA 2 19.66 34.33 69.31
C TYR MA 2 18.41 34.34 70.19
N GLY MA 3 18.61 34.02 71.47
CA GLY MA 3 17.49 33.85 72.38
C GLY MA 3 16.94 35.11 73.00
N GLU MA 4 15.79 35.57 72.51
CA GLU MA 4 15.05 36.67 73.11
C GLU MA 4 13.56 36.42 72.93
N GLY MA 5 12.77 36.97 73.85
CA GLY MA 5 11.34 36.76 73.82
C GLY MA 5 10.65 37.51 72.69
N ALA MA 6 9.41 37.11 72.43
CA ALA MA 6 8.61 37.73 71.38
C ALA MA 6 8.09 39.09 71.84
N ASN MA 7 7.69 39.91 70.87
CA ASN MA 7 7.16 41.25 71.13
C ASN MA 7 5.66 41.13 71.39
N VAL MA 8 5.27 41.29 72.65
CA VAL MA 8 3.87 41.12 73.04
C VAL MA 8 3.57 42.08 74.20
N PHE MA 9 2.38 42.68 74.14
CA PHE MA 9 1.84 43.54 75.21
C PHE MA 9 2.75 44.74 75.48
N GLY MA 10 3.24 45.37 74.42
CA GLY MA 10 4.10 46.52 74.56
C GLY MA 10 3.84 47.60 73.52
N ARG MA 11 2.60 47.65 73.02
CA ARG MA 11 2.12 48.62 72.02
C ARG MA 11 2.85 48.48 70.68
N VAL MA 12 2.35 49.21 69.67
CA VAL MA 12 2.96 49.14 68.34
C VAL MA 12 4.19 50.05 68.28
N THR MA 13 5.12 49.70 67.40
CA THR MA 13 6.36 50.45 67.23
C THR MA 13 6.27 51.51 66.14
N ASN MA 14 5.66 51.19 65.00
CA ASN MA 14 5.58 52.12 63.88
C ASN MA 14 4.21 52.05 63.24
N LYS MA 15 3.57 53.21 63.08
CA LYS MA 15 2.28 53.29 62.41
C LYS MA 15 2.20 54.44 61.40
N SER MA 16 3.06 55.46 61.52
CA SER MA 16 3.02 56.61 60.61
C SER MA 16 3.33 56.24 59.16
N GLY MA 17 4.02 55.12 58.93
CA GLY MA 17 4.29 54.66 57.59
C GLY MA 17 5.52 55.23 56.92
N PHE MA 18 6.30 56.06 57.61
CA PHE MA 18 7.49 56.65 57.04
C PHE MA 18 8.71 56.28 57.88
N VAL MA 19 9.79 55.92 57.19
CA VAL MA 19 11.05 55.54 57.84
C VAL MA 19 12.15 56.48 57.34
N PRO MA 20 12.82 57.21 58.22
CA PRO MA 20 13.89 58.11 57.79
C PRO MA 20 15.05 57.36 57.12
N TYR MA 21 15.71 58.04 56.19
CA TYR MA 21 16.87 57.51 55.51
C TYR MA 21 17.77 58.68 55.12
N ALA MA 22 19.07 58.45 55.16
CA ALA MA 22 20.05 59.44 54.75
C ALA MA 22 21.04 58.80 53.79
N GLY MA 23 21.49 59.56 52.80
CA GLY MA 23 22.49 59.09 51.86
C GLY MA 23 23.73 59.97 51.89
N ASP MA 24 24.21 60.38 50.72
CA ASP MA 24 25.36 61.28 50.66
C ASP MA 24 24.90 62.75 50.64
N SER MA 25 25.15 63.44 51.75
CA SER MA 25 24.85 64.86 51.95
C SER MA 25 23.36 65.17 51.84
N PHE MA 26 22.48 64.21 52.07
CA PHE MA 26 21.05 64.44 52.00
C PHE MA 26 20.32 63.40 52.84
N ALA MA 27 19.10 63.74 53.24
CA ALA MA 27 18.27 62.86 54.07
C ALA MA 27 16.81 63.21 53.86
N LEU MA 28 15.96 62.19 53.72
CA LEU MA 28 14.54 62.42 53.53
C LEU MA 28 13.76 61.25 54.11
N LEU MA 29 12.44 61.37 54.06
CA LEU MA 29 11.54 60.34 54.55
C LEU MA 29 11.17 59.41 53.40
N LEU MA 30 11.33 58.11 53.63
CA LEU MA 30 10.92 57.14 52.63
C LEU MA 30 9.73 56.35 53.14
N PRO MA 31 8.82 55.94 52.26
CA PRO MA 31 7.70 55.09 52.69
C PRO MA 31 8.20 53.74 53.20
N SER MA 32 7.55 53.26 54.26
CA SER MA 32 7.96 52.01 54.88
C SER MA 32 7.53 50.79 54.06
N LYS MA 33 6.45 50.92 53.30
CA LYS MA 33 5.97 49.82 52.47
C LYS MA 33 6.58 49.81 51.08
N TRP MA 34 7.45 50.77 50.77
CA TRP MA 34 8.10 50.82 49.47
C TRP MA 34 9.44 50.11 49.51
N ASN MA 35 9.83 49.54 48.37
CA ASN MA 35 11.08 48.81 48.27
C ASN MA 35 11.99 49.45 47.24
N PRO MA 36 13.24 49.76 47.60
CA PRO MA 36 14.18 50.31 46.63
C PRO MA 36 14.47 49.32 45.51
N SER MA 37 14.60 49.85 44.29
CA SER MA 37 14.78 49.05 43.09
C SER MA 37 16.17 49.29 42.52
N ASP MA 38 16.79 48.21 42.02
CA ASP MA 38 18.11 48.29 41.42
C ASP MA 38 18.10 48.79 39.99
N GLU MA 39 16.91 48.98 39.41
CA GLU MA 39 16.79 49.53 38.06
C GLU MA 39 17.13 51.02 38.13
N LYS MA 40 18.39 51.36 37.85
CA LYS MA 40 18.79 52.77 37.85
C LYS MA 40 18.20 53.39 36.60
N GLU MA 41 17.53 54.53 36.75
CA GLU MA 41 16.83 55.12 35.63
C GLU MA 41 17.79 55.91 34.76
N VAL MA 42 18.35 56.99 35.30
CA VAL MA 42 19.26 57.86 34.59
C VAL MA 42 20.67 57.42 34.99
N ASP MA 43 21.69 57.85 34.25
CA ASP MA 43 23.05 57.42 34.55
C ASP MA 43 23.61 58.02 35.85
N SER MA 44 22.93 58.97 36.48
CA SER MA 44 23.45 59.67 37.66
C SER MA 44 22.58 59.45 38.89
N ILE MA 45 22.16 58.21 39.17
CA ILE MA 45 21.24 57.96 40.26
C ILE MA 45 21.98 57.29 41.41
N VAL MA 46 21.77 57.80 42.62
CA VAL MA 46 22.34 57.23 43.83
C VAL MA 46 21.32 56.42 44.61
N LEU MA 47 20.09 56.92 44.72
CA LEU MA 47 19.03 56.26 45.47
C LEU MA 47 17.75 56.24 44.65
N ARG MA 48 17.03 55.11 44.72
CA ARG MA 48 15.75 54.98 44.04
C ARG MA 48 14.87 54.04 44.83
N TYR MA 49 13.62 54.45 45.07
CA TYR MA 49 12.64 53.65 45.79
C TYR MA 49 11.40 53.49 44.92
N ALA MA 50 10.66 52.40 45.15
CA ALA MA 50 9.46 52.12 44.39
C ALA MA 50 8.51 51.26 45.21
N ASP MA 51 7.24 51.25 44.80
CA ASP MA 51 6.23 50.43 45.48
C ASP MA 51 6.24 49.01 44.93
N ASN MA 52 6.07 48.04 45.83
CA ASN MA 52 6.08 46.64 45.42
C ASN MA 52 4.81 46.24 44.68
N PHE MA 53 3.68 46.87 45.01
CA PHE MA 53 2.43 46.58 44.30
C PHE MA 53 2.53 47.01 42.85
N ASP MA 54 2.71 48.30 42.61
CA ASP MA 54 2.88 48.84 41.27
C ASP MA 54 4.22 49.56 41.19
N ALA MA 55 4.97 49.30 40.12
CA ALA MA 55 6.24 49.96 39.92
C ALA MA 55 6.09 51.42 39.51
N VAL MA 56 4.87 51.86 39.20
CA VAL MA 56 4.62 53.25 38.83
C VAL MA 56 4.91 54.17 40.01
N ASN MA 57 4.50 53.78 41.22
CA ASN MA 57 4.73 54.58 42.42
C ASN MA 57 6.21 54.46 42.79
N ASN MA 58 7.04 55.27 42.13
CA ASN MA 58 8.48 55.22 42.32
C ASN MA 58 9.02 56.62 42.59
N VAL MA 59 10.26 56.67 43.07
CA VAL MA 59 10.93 57.92 43.41
C VAL MA 59 12.44 57.68 43.36
N TYR MA 60 13.18 58.68 42.86
CA TYR MA 60 14.64 58.61 42.88
C TYR MA 60 15.23 60.02 42.97
N VAL MA 61 16.55 60.06 43.12
CA VAL MA 61 17.30 61.31 43.25
C VAL MA 61 18.36 61.35 42.15
N ILE MA 62 18.80 62.56 41.84
CA ILE MA 62 19.79 62.82 40.79
C ILE MA 62 20.97 63.54 41.40
N ALA MA 63 22.19 63.05 41.14
CA ALA MA 63 23.39 63.68 41.65
C ALA MA 63 24.27 64.22 40.54
N GLN MA 64 23.66 64.84 39.54
CA GLN MA 64 24.40 65.41 38.42
C GLN MA 64 25.21 66.62 38.87
N ASP MA 65 26.39 66.79 38.29
CA ASP MA 65 27.22 67.95 38.60
C ASP MA 65 26.63 69.21 37.97
N THR MA 66 26.99 70.36 38.53
CA THR MA 66 26.50 71.65 38.07
C THR MA 66 27.64 72.50 37.54
N ASP MA 67 27.32 73.43 36.64
CA ASP MA 67 28.27 74.39 36.10
C ASP MA 67 27.96 75.82 36.54
N LYS MA 68 26.78 76.06 37.10
CA LYS MA 68 26.40 77.37 37.59
C LYS MA 68 26.61 77.44 39.10
N SER MA 69 26.16 78.54 39.70
CA SER MA 69 26.30 78.73 41.14
C SER MA 69 25.14 78.13 41.92
N SER MA 70 23.90 78.39 41.49
CA SER MA 70 22.73 77.90 42.19
C SER MA 70 21.54 77.87 41.23
N ILE MA 71 20.44 77.29 41.71
CA ILE MA 71 19.19 77.23 40.94
C ILE MA 71 18.65 78.62 40.66
N GLN MA 72 18.97 79.60 41.51
CA GLN MA 72 18.61 80.99 41.21
C GLN MA 72 19.25 81.44 39.91
N ASP MA 73 20.50 81.01 39.67
CA ASP MA 73 21.15 81.27 38.39
C ASP MA 73 20.43 80.59 37.23
N TYR MA 74 19.67 79.53 37.50
CA TYR MA 74 18.85 78.92 36.46
C TYR MA 74 17.65 79.79 36.11
N GLY MA 75 17.20 80.63 37.04
CA GLY MA 75 16.14 81.56 36.73
C GLY MA 75 14.74 81.16 37.15
N SER MA 76 13.77 81.49 36.29
CA SER MA 76 12.36 81.28 36.61
C SER MA 76 12.00 79.80 36.63
N PRO MA 77 10.92 79.43 37.33
CA PRO MA 77 10.49 78.01 37.34
C PRO MA 77 10.18 77.44 35.96
N GLU MA 78 9.56 78.22 35.08
CA GLU MA 78 9.27 77.74 33.73
C GLU MA 78 10.55 77.46 32.96
N GLU MA 79 11.53 78.36 33.07
CA GLU MA 79 12.81 78.15 32.40
C GLU MA 79 13.58 76.98 32.99
N PHE MA 80 13.44 76.75 34.30
CA PHE MA 80 14.11 75.60 34.91
C PHE MA 80 13.47 74.28 34.46
N ILE MA 81 12.14 74.25 34.38
CA ILE MA 81 11.46 73.03 33.96
C ILE MA 81 11.71 72.76 32.47
N SER MA 82 11.77 73.81 31.66
CA SER MA 82 11.88 73.66 30.20
C SER MA 82 13.20 73.05 29.74
N GLN MA 83 14.21 72.95 30.60
CA GLN MA 83 15.48 72.36 30.22
C GLN MA 83 15.59 70.87 30.55
N PHE MA 84 14.72 70.36 31.42
CA PHE MA 84 14.83 69.01 31.98
C PHE MA 84 13.66 68.15 31.55
N GLY MA 85 13.35 68.16 30.25
CA GLY MA 85 12.26 67.37 29.73
C GLY MA 85 12.55 65.90 29.51
N TYR MA 86 13.78 65.45 29.78
CA TYR MA 86 14.11 64.04 29.63
C TYR MA 86 13.55 63.20 30.78
N LEU MA 87 13.28 63.82 31.92
CA LEU MA 87 12.81 63.07 33.09
C LEU MA 87 11.41 62.49 32.87
N LEU MA 88 10.55 63.18 32.12
CA LEU MA 88 9.21 62.68 31.92
C LEU MA 88 9.18 61.49 30.95
N GLY MA 89 9.95 61.57 29.87
CA GLY MA 89 9.99 60.49 28.91
C GLY MA 89 9.62 60.93 27.50
N ARG MA 90 10.52 60.69 26.55
CA ARG MA 90 10.27 61.05 25.17
C ARG MA 90 9.39 60.01 24.49
N GLN MA 91 8.54 60.48 23.58
CA GLN MA 91 7.66 59.59 22.84
C GLN MA 91 8.45 58.87 21.74
N ALA MA 92 8.44 57.54 21.78
CA ALA MA 92 9.15 56.74 20.80
C ALA MA 92 8.34 56.46 19.54
N TRP MA 93 7.12 56.99 19.47
CA TRP MA 93 6.27 56.84 18.30
C TRP MA 93 6.37 58.09 17.45
N ALA MA 94 6.73 57.93 16.18
CA ALA MA 94 7.05 59.06 15.31
C ALA MA 94 6.02 59.29 14.20
N GLY MA 95 5.13 58.34 13.94
CA GLY MA 95 4.18 58.51 12.85
C GLY MA 95 3.14 59.58 13.17
N GLN MA 96 2.79 60.34 12.14
CA GLN MA 96 1.80 61.41 12.30
C GLN MA 96 0.39 60.83 12.40
N THR MA 97 -0.38 61.32 13.37
CA THR MA 97 -1.72 60.83 13.62
C THR MA 97 -2.59 61.99 14.10
N VAL MA 98 -3.86 61.97 13.71
CA VAL MA 98 -4.83 62.97 14.14
C VAL MA 98 -6.00 62.23 14.78
N SER MA 99 -5.92 60.90 14.77
CA SER MA 99 -7.00 60.05 15.27
C SER MA 99 -6.91 59.81 16.78
N GLU MA 100 -6.21 60.66 17.52
CA GLU MA 100 -6.15 60.59 18.97
C GLU MA 100 -6.74 61.80 19.67
N GLY MA 101 -6.59 63.00 19.09
CA GLY MA 101 -7.27 64.18 19.57
C GLY MA 101 -6.82 64.76 20.90
N GLY MA 102 -7.06 66.05 21.09
CA GLY MA 102 -6.76 66.72 22.34
C GLY MA 102 -5.30 67.05 22.59
N PHE MA 103 -4.40 66.64 21.69
CA PHE MA 103 -2.97 66.88 21.83
C PHE MA 103 -2.45 67.54 20.56
N ASP MA 104 -1.16 67.89 20.60
CA ASP MA 104 -0.52 68.52 19.45
C ASP MA 104 -0.27 67.48 18.36
N ALA MA 105 0.11 67.96 17.17
CA ALA MA 105 0.34 67.08 16.04
C ALA MA 105 1.55 66.20 16.26
N ASN MA 106 1.42 64.91 15.91
CA ASN MA 106 2.44 63.88 16.09
C ASN MA 106 2.86 63.81 17.56
N LYS MA 107 1.88 63.94 18.45
CA LYS MA 107 2.09 63.86 19.89
C LYS MA 107 1.04 62.96 20.51
N VAL MA 108 1.46 62.10 21.43
CA VAL MA 108 0.55 61.22 22.16
C VAL MA 108 0.59 61.49 23.66
N SER MA 109 1.42 62.42 24.11
CA SER MA 109 1.51 62.75 25.51
C SER MA 109 1.67 64.26 25.67
N SER MA 110 1.25 64.77 26.84
CA SER MA 110 1.35 66.19 27.14
C SER MA 110 1.78 66.36 28.59
N ALA MA 111 2.44 67.48 28.86
CA ALA MA 111 2.91 67.83 30.19
C ALA MA 111 2.10 69.01 30.69
N ALA MA 112 1.09 68.74 31.51
CA ALA MA 112 0.22 69.77 32.07
C ALA MA 112 0.81 70.24 33.38
N LEU MA 113 1.25 71.50 33.40
CA LEU MA 113 1.85 72.09 34.61
C LEU MA 113 0.73 72.41 35.60
N LEU MA 114 0.71 71.69 36.72
CA LEU MA 114 -0.32 71.88 37.73
C LEU MA 114 0.06 72.94 38.77
N GLY MA 115 1.34 73.32 38.87
CA GLY MA 115 1.72 74.35 39.82
C GLY MA 115 3.21 74.52 40.00
N VAL MA 116 3.59 75.67 40.58
CA VAL MA 116 4.98 75.99 40.91
C VAL MA 116 4.99 76.56 42.32
N ALA MA 117 6.19 76.62 42.91
CA ALA MA 117 6.33 77.12 44.26
C ALA MA 117 7.72 77.71 44.47
N THR MA 118 7.86 78.49 45.54
CA THR MA 118 9.11 79.12 45.94
C THR MA 118 9.23 78.94 47.45
N GLU MA 119 9.84 77.84 47.87
CA GLU MA 119 9.93 77.47 49.28
C GLU MA 119 11.35 77.76 49.78
N LYS MA 120 11.44 78.48 50.89
CA LYS MA 120 12.72 78.85 51.48
C LYS MA 120 13.11 77.86 52.57
N ASP MA 121 14.43 77.70 52.76
CA ASP MA 121 14.97 76.82 53.78
C ASP MA 121 15.11 77.61 55.09
N LYS MA 122 15.91 77.09 56.02
CA LYS MA 122 16.10 77.75 57.31
C LYS MA 122 16.66 79.16 57.16
N LYS MA 123 17.66 79.36 56.29
CA LYS MA 123 18.31 80.66 56.20
C LYS MA 123 18.10 81.39 54.88
N GLY MA 124 18.55 80.85 53.74
CA GLY MA 124 18.39 81.59 52.49
C GLY MA 124 18.24 80.79 51.20
N LYS MA 125 18.29 79.47 51.28
CA LYS MA 125 18.32 78.64 50.09
C LYS MA 125 16.90 78.25 49.69
N THR MA 126 16.60 78.33 48.40
CA THR MA 126 15.26 78.09 47.93
C THR MA 126 15.08 76.62 47.53
N TYR MA 127 13.91 76.08 47.84
CA TYR MA 127 13.52 74.71 47.50
C TYR MA 127 12.44 74.81 46.42
N TYR MA 128 12.83 74.64 45.16
CA TYR MA 128 11.86 74.70 44.07
C TYR MA 128 10.97 73.46 44.08
N LYS MA 129 9.66 73.66 44.19
CA LYS MA 129 8.69 72.57 44.13
C LYS MA 129 7.68 72.86 43.04
N PHE MA 130 7.44 71.88 42.18
CA PHE MA 130 6.47 72.02 41.09
C PHE MA 130 5.56 70.78 41.07
N GLU MA 131 4.58 70.81 40.17
CA GLU MA 131 3.67 69.69 39.99
C GLU MA 131 3.29 69.64 38.52
N ILE MA 132 3.55 68.50 37.87
CA ILE MA 132 3.32 68.35 36.43
C ILE MA 132 2.47 67.11 36.20
N LEU MA 133 1.42 67.25 35.40
CA LEU MA 133 0.56 66.14 35.01
C LEU MA 133 1.08 65.57 33.70
N SER MA 134 1.35 64.27 33.69
CA SER MA 134 1.91 63.57 32.52
C SER MA 134 0.85 62.61 31.99
N ARG MA 135 0.00 63.11 31.09
CA ARG MA 135 -1.02 62.30 30.48
C ARG MA 135 -0.48 61.58 29.25
N THR MA 136 -1.29 60.67 28.72
CA THR MA 136 -1.00 59.98 27.46
C THR MA 136 -2.24 60.07 26.57
N ALA MA 137 -2.08 59.58 25.34
CA ALA MA 137 -3.21 59.57 24.40
C ALA MA 137 -4.32 58.65 24.88
N ASP MA 138 -3.96 57.48 25.41
CA ASP MA 138 -4.94 56.56 25.97
C ASP MA 138 -5.27 56.86 27.42
N GLY MA 139 -4.49 57.72 28.08
CA GLY MA 139 -4.72 58.05 29.47
C GLY MA 139 -4.48 56.89 30.42
N ASN MA 140 -3.35 56.20 30.27
CA ASN MA 140 -3.04 55.07 31.13
C ASN MA 140 -2.88 55.53 32.58
N GLU MA 141 -3.59 54.84 33.47
CA GLU MA 141 -3.69 55.19 34.90
C GLU MA 141 -4.25 56.60 35.09
N GLY MA 142 -5.04 57.08 34.14
CA GLY MA 142 -5.59 58.42 34.20
C GLY MA 142 -4.56 59.52 34.18
N GLY MA 143 -3.38 59.27 33.61
CA GLY MA 143 -2.28 60.21 33.66
C GLY MA 143 -1.34 59.90 34.81
N ARG MA 144 -0.29 60.70 34.90
CA ARG MA 144 0.72 60.56 35.94
C ARG MA 144 1.11 61.93 36.46
N HIS MA 145 1.14 62.10 37.78
CA HIS MA 145 1.52 63.36 38.38
C HIS MA 145 3.01 63.36 38.72
N GLN MA 146 3.71 64.41 38.29
CA GLN MA 146 5.13 64.57 38.53
C GLN MA 146 5.32 65.60 39.63
N LEU MA 147 5.82 65.16 40.79
CA LEU MA 147 6.09 66.04 41.93
C LEU MA 147 7.60 66.18 42.05
N VAL MA 148 8.14 67.30 41.60
CA VAL MA 148 9.58 67.50 41.48
C VAL MA 148 10.06 68.53 42.48
N LYS MA 149 11.21 68.26 43.09
CA LYS MA 149 11.86 69.17 44.02
C LYS MA 149 13.35 69.22 43.72
N ALA MA 150 13.92 70.42 43.70
CA ALA MA 150 15.32 70.61 43.34
C ALA MA 150 16.01 71.57 44.30
N THR MA 151 17.33 71.40 44.42
CA THR MA 151 18.16 72.25 45.28
C THR MA 151 19.61 72.11 44.85
N VAL MA 152 20.47 72.95 45.41
CA VAL MA 152 21.90 72.98 45.09
C VAL MA 152 22.71 72.74 46.36
N SER MA 153 23.48 71.66 46.35
CA SER MA 153 24.46 71.37 47.39
C SER MA 153 25.82 71.91 46.95
N ASN MA 154 26.92 71.44 47.55
CA ASN MA 154 28.24 71.83 47.09
C ASN MA 154 28.52 71.13 45.76
N GLY MA 155 28.03 71.72 44.67
CA GLY MA 155 27.96 70.98 43.44
C GLY MA 155 26.83 69.97 43.59
N LYS MA 156 26.81 69.00 42.67
CA LYS MA 156 25.91 67.85 42.73
C LYS MA 156 24.44 68.29 42.81
N LEU MA 157 23.98 68.88 41.69
CA LEU MA 157 22.60 69.36 41.60
C LEU MA 157 21.60 68.24 41.87
N TYR MA 158 20.84 68.40 42.95
CA TYR MA 158 19.96 67.35 43.46
C TYR MA 158 18.52 67.61 43.01
N LEU MA 159 18.00 66.73 42.16
CA LEU MA 159 16.60 66.74 41.79
C LEU MA 159 15.89 65.49 42.30
N LEU MA 160 14.58 65.62 42.45
CA LEU MA 160 13.70 64.55 42.92
C LEU MA 160 12.48 64.51 42.01
N LYS MA 161 11.88 63.33 41.89
CA LYS MA 161 10.49 63.28 41.39
C LYS MA 161 9.82 62.09 42.09
N VAL MA 162 8.63 62.34 42.63
CA VAL MA 162 7.81 61.29 43.21
C VAL MA 162 6.73 61.00 42.17
N GLN MA 163 7.04 60.11 41.24
CA GLN MA 163 6.13 59.75 40.16
C GLN MA 163 5.16 58.71 40.69
N ALA MA 164 3.86 58.96 40.49
CA ALA MA 164 2.84 58.06 41.01
C ALA MA 164 1.62 58.11 40.09
N GLY MA 165 0.84 57.03 40.14
CA GLY MA 165 -0.36 56.96 39.33
C GLY MA 165 -1.46 57.87 39.85
N ASP MA 166 -2.27 58.37 38.90
CA ASP MA 166 -3.35 59.28 39.27
C ASP MA 166 -4.51 58.55 39.94
N LYS MA 167 -4.71 57.26 39.64
CA LYS MA 167 -5.69 56.50 40.40
C LYS MA 167 -5.24 56.31 41.84
N ARG MA 168 -3.93 56.12 42.04
CA ARG MA 168 -3.38 56.10 43.39
C ARG MA 168 -3.49 57.46 44.05
N TRP MA 169 -3.49 58.53 43.24
CA TRP MA 169 -3.55 59.89 43.78
C TRP MA 169 -4.85 60.14 44.54
N PHE MA 170 -5.97 59.62 44.03
CA PHE MA 170 -7.23 59.71 44.76
C PHE MA 170 -7.64 58.40 45.43
N LYS MA 171 -6.77 57.38 45.43
CA LYS MA 171 -7.07 56.14 46.13
C LYS MA 171 -6.09 55.84 47.26
N GLY MA 172 -5.46 56.86 47.85
CA GLY MA 172 -4.67 56.65 49.04
C GLY MA 172 -3.16 56.69 48.89
N THR MA 173 -2.63 57.60 48.06
CA THR MA 173 -1.20 57.75 47.90
C THR MA 173 -0.77 59.23 47.89
N ASP MA 174 -1.71 60.16 47.76
CA ASP MA 174 -1.36 61.58 47.67
C ASP MA 174 -0.71 62.09 48.96
N LYS MA 175 -1.24 61.67 50.11
CA LYS MA 175 -0.68 62.12 51.39
C LYS MA 175 0.74 61.59 51.59
N GLU MA 176 0.97 60.33 51.23
CA GLU MA 176 2.31 59.75 51.32
C GLU MA 176 3.27 60.44 50.35
N CYS MA 177 2.79 60.76 49.14
CA CYS MA 177 3.61 61.46 48.18
C CYS MA 177 3.98 62.86 48.67
N LEU MA 178 3.02 63.55 49.30
CA LEU MA 178 3.31 64.87 49.86
C LEU MA 178 4.29 64.78 51.02
N GLY MA 179 4.17 63.73 51.84
CA GLY MA 179 5.11 63.53 52.93
C GLY MA 179 6.52 63.24 52.44
N VAL MA 180 6.64 62.52 51.33
CA VAL MA 180 7.96 62.33 50.72
C VAL MA 180 8.46 63.64 50.12
N LEU MA 181 7.56 64.41 49.51
CA LEU MA 181 7.94 65.64 48.80
C LEU MA 181 8.46 66.71 49.75
N ASP MA 182 7.78 66.93 50.87
CA ASP MA 182 8.17 68.03 51.75
C ASP MA 182 9.28 67.65 52.72
N SER MA 183 9.76 66.41 52.69
CA SER MA 183 10.85 65.97 53.55
C SER MA 183 12.18 65.87 52.83
N PHE MA 184 12.24 66.27 51.55
CA PHE MA 184 13.46 66.20 50.75
C PHE MA 184 14.40 67.35 51.14
N THR MA 185 14.98 67.21 52.34
CA THR MA 185 15.86 68.22 52.89
C THR MA 185 17.31 67.85 52.58
N VAL MA 186 18.04 68.78 51.98
CA VAL MA 186 19.44 68.57 51.61
C VAL MA 186 20.30 69.56 52.39
N VAL MA 187 21.24 69.03 53.16
CA VAL MA 187 22.18 69.86 53.91
C VAL MA 187 23.59 69.58 53.43
N MET NA 1 -13.29 23.78 4.73
CA MET NA 1 -13.32 22.32 4.77
C MET NA 1 -13.56 21.82 6.20
N GLU NA 2 -12.99 22.54 7.17
CA GLU NA 2 -13.13 22.13 8.56
C GLU NA 2 -14.55 22.33 9.07
N ALA NA 3 -15.24 23.36 8.58
CA ALA NA 3 -16.59 23.66 9.03
C ALA NA 3 -17.56 22.53 8.66
N LEU NA 4 -17.38 21.94 7.47
CA LEU NA 4 -18.19 20.81 7.05
C LEU NA 4 -18.00 19.62 7.99
N VAL NA 5 -16.75 19.33 8.36
CA VAL NA 5 -16.47 18.20 9.22
C VAL NA 5 -17.04 18.43 10.61
N TYR NA 6 -16.87 19.66 11.15
CA TYR NA 6 -17.43 19.99 12.46
C TYR NA 6 -18.94 19.84 12.46
N THR NA 7 -19.61 20.41 11.45
CA THR NA 7 -21.07 20.36 11.38
C THR NA 7 -21.56 18.93 11.23
N PHE NA 8 -20.93 18.14 10.35
CA PHE NA 8 -21.37 16.78 10.11
C PHE NA 8 -21.19 15.91 11.35
N LEU NA 9 -20.04 16.02 12.02
CA LEU NA 9 -19.81 15.15 13.16
C LEU NA 9 -20.67 15.59 14.35
N LEU NA 10 -20.96 16.89 14.49
CA LEU NA 10 -21.81 17.33 15.57
C LEU NA 10 -23.28 16.95 15.33
N ILE NA 11 -23.76 17.04 14.09
CA ILE NA 11 -25.13 16.62 13.83
C ILE NA 11 -25.23 15.10 13.96
N GLY NA 12 -24.16 14.36 13.65
CA GLY NA 12 -24.15 12.94 13.92
C GLY NA 12 -24.20 12.64 15.41
N THR NA 13 -23.50 13.45 16.21
CA THR NA 13 -23.54 13.29 17.67
C THR NA 13 -24.96 13.51 18.21
N LEU NA 14 -25.62 14.58 17.78
CA LEU NA 14 -26.97 14.82 18.27
C LEU NA 14 -27.97 13.81 17.71
N GLY NA 15 -27.74 13.31 16.49
CA GLY NA 15 -28.59 12.26 15.96
C GLY NA 15 -28.46 10.96 16.73
N ILE NA 16 -27.25 10.62 17.16
CA ILE NA 16 -27.11 9.40 17.95
C ILE NA 16 -27.57 9.61 19.40
N ILE NA 17 -27.59 10.86 19.89
CA ILE NA 17 -28.35 11.15 21.11
C ILE NA 17 -29.82 10.82 20.92
N PHE NA 18 -30.39 11.24 19.79
CA PHE NA 18 -31.79 10.93 19.48
C PHE NA 18 -32.02 9.43 19.39
N PHE NA 19 -31.08 8.72 18.75
CA PHE NA 19 -31.19 7.27 18.61
C PHE NA 19 -31.13 6.58 19.97
N SER NA 20 -30.22 7.00 20.85
CA SER NA 20 -30.14 6.42 22.17
C SER NA 20 -31.34 6.77 23.04
N ILE NA 21 -31.98 7.91 22.78
CA ILE NA 21 -33.16 8.29 23.57
C ILE NA 21 -34.37 7.46 23.15
N PHE NA 22 -34.70 7.45 21.86
CA PHE NA 22 -35.94 6.83 21.42
C PHE NA 22 -35.78 5.35 21.06
N PHE NA 23 -34.70 5.00 20.37
CA PHE NA 23 -34.51 3.65 19.84
C PHE NA 23 -33.65 2.81 20.77
N ARG NA 24 -33.78 3.01 22.07
CA ARG NA 24 -33.00 2.30 23.07
C ARG NA 24 -33.55 0.90 23.30
N GLU NA 25 -32.83 0.13 24.12
CA GLU NA 25 -33.28 -1.20 24.52
C GLU NA 25 -34.38 -1.08 25.55
N PRO NA 26 -35.58 -1.60 25.30
CA PRO NA 26 -36.65 -1.53 26.29
C PRO NA 26 -36.40 -2.49 27.43
N PRO NA 27 -36.38 -2.00 28.67
CA PRO NA 27 -36.17 -2.90 29.81
C PRO NA 27 -37.38 -3.79 30.06
N ARG NA 28 -37.13 -4.92 30.71
CA ARG NA 28 -38.16 -5.90 30.99
C ARG NA 28 -38.53 -5.88 32.47
N ILE NA 29 -39.80 -6.16 32.75
CA ILE NA 29 -40.28 -6.18 34.13
C ILE NA 29 -40.08 -7.55 34.77
N ALA NA 30 -39.78 -8.58 33.98
CA ALA NA 30 -39.58 -9.92 34.51
C ALA NA 30 -38.28 -10.02 35.30
N LEU OA 1 -33.00 59.80 8.48
CA LEU OA 1 -33.28 58.41 8.82
C LEU OA 1 -32.78 57.47 7.72
N VAL OA 2 -31.71 56.74 8.01
CA VAL OA 2 -31.14 55.84 7.01
C VAL OA 2 -31.92 54.55 6.87
N ASP OA 3 -32.71 54.18 7.89
CA ASP OA 3 -33.57 53.00 7.81
C ASP OA 3 -34.69 53.18 8.82
N ASP OA 4 -35.75 52.41 8.63
CA ASP OA 4 -36.90 52.48 9.52
C ASP OA 4 -36.60 51.82 10.88
N ARG OA 5 -37.14 52.40 11.94
CA ARG OA 5 -36.99 51.87 13.28
C ARG OA 5 -38.29 52.04 14.05
N MET OA 6 -38.46 51.21 15.07
CA MET OA 6 -39.71 51.14 15.81
C MET OA 6 -39.72 52.03 17.05
N ASN OA 7 -38.54 52.25 17.65
CA ASN OA 7 -38.37 53.03 18.87
C ASN OA 7 -39.28 52.53 20.00
N GLY OA 8 -39.44 51.21 20.08
CA GLY OA 8 -40.28 50.58 21.06
C GLY OA 8 -39.62 50.31 22.40
N ASP OA 9 -38.34 50.62 22.55
CA ASP OA 9 -37.64 50.39 23.80
C ASP OA 9 -37.83 51.57 24.75
N GLY OA 10 -37.80 51.28 26.04
CA GLY OA 10 -37.87 52.31 27.05
C GLY OA 10 -39.27 52.88 27.25
N THR OA 11 -39.30 54.01 27.95
CA THR OA 11 -40.47 54.83 28.28
C THR OA 11 -41.50 54.11 29.16
N GLY OA 12 -41.20 52.88 29.58
CA GLY OA 12 -42.12 52.12 30.41
C GLY OA 12 -43.45 51.83 29.74
N LEU OA 13 -43.42 51.47 28.46
CA LEU OA 13 -44.66 51.26 27.71
C LEU OA 13 -45.39 50.02 28.21
N PRO OA 14 -46.71 50.10 28.41
CA PRO OA 14 -47.44 49.01 29.07
C PRO OA 14 -47.39 47.71 28.27
N PHE OA 15 -47.07 46.62 28.99
CA PHE OA 15 -46.87 45.29 28.43
C PHE OA 15 -45.82 45.27 27.31
N GLY OA 16 -44.99 46.30 27.23
CA GLY OA 16 -44.05 46.41 26.13
C GLY OA 16 -44.69 46.59 24.77
N VAL OA 17 -45.97 46.98 24.71
CA VAL OA 17 -46.65 47.12 23.44
C VAL OA 17 -46.75 48.59 23.07
N ASN OA 18 -46.63 48.88 21.77
CA ASN OA 18 -46.80 50.22 21.23
C ASN OA 18 -47.98 50.32 20.27
N ASP OA 19 -48.58 49.19 19.92
CA ASP OA 19 -49.75 49.14 19.05
C ASP OA 19 -50.84 48.32 19.72
N GLY OA 20 -52.09 48.75 19.53
CA GLY OA 20 -53.21 48.08 20.17
C GLY OA 20 -53.54 46.72 19.58
N ILE OA 21 -53.01 46.41 18.39
CA ILE OA 21 -53.27 45.12 17.78
C ILE OA 21 -52.61 43.99 18.58
N LEU OA 22 -51.47 44.28 19.22
CA LEU OA 22 -50.83 43.28 20.07
C LEU OA 22 -51.69 42.94 21.28
N GLY OA 23 -52.22 43.97 21.94
CA GLY OA 23 -53.13 43.73 23.06
C GLY OA 23 -54.40 43.05 22.63
N TRP OA 24 -54.90 43.39 21.43
CA TRP OA 24 -56.11 42.75 20.92
C TRP OA 24 -55.89 41.26 20.67
N VAL OA 25 -54.78 40.89 20.03
CA VAL OA 25 -54.56 39.47 19.76
C VAL OA 25 -54.24 38.71 21.06
N ILE OA 26 -53.59 39.37 22.02
CA ILE OA 26 -53.34 38.74 23.32
C ILE OA 26 -54.67 38.46 24.02
N ALA OA 27 -55.56 39.45 24.05
CA ALA OA 27 -56.86 39.29 24.69
C ALA OA 27 -57.70 38.25 23.97
N GLY OA 28 -57.63 38.22 22.63
CA GLY OA 28 -58.38 37.24 21.87
C GLY OA 28 -57.91 35.82 22.12
N THR OA 29 -56.60 35.60 22.16
CA THR OA 29 -56.07 34.27 22.43
C THR OA 29 -56.40 33.82 23.86
N LEU OA 30 -56.24 34.72 24.83
CA LEU OA 30 -56.60 34.39 26.21
C LEU OA 30 -58.09 34.08 26.34
N GLY OA 31 -58.92 34.88 25.67
CA GLY OA 31 -60.36 34.67 25.75
C GLY OA 31 -60.80 33.39 25.08
N THR OA 32 -60.17 33.01 23.96
CA THR OA 32 -60.59 31.79 23.29
C THR OA 32 -60.08 30.55 24.03
N ILE OA 33 -58.90 30.62 24.66
CA ILE OA 33 -58.45 29.48 25.46
C ILE OA 33 -59.32 29.34 26.71
N TRP OA 34 -59.69 30.47 27.33
CA TRP OA 34 -60.60 30.42 28.47
C TRP OA 34 -61.98 29.92 28.05
N ALA OA 35 -62.41 30.27 26.84
CA ALA OA 35 -63.70 29.81 26.34
C ALA OA 35 -63.70 28.30 26.13
N ILE OA 36 -62.62 27.76 25.58
CA ILE OA 36 -62.50 26.31 25.42
C ILE OA 36 -62.50 25.62 26.79
N TYR OA 37 -61.73 26.17 27.73
CA TYR OA 37 -61.68 25.60 29.08
C TYR OA 37 -63.02 25.71 29.80
N PHE OA 38 -63.81 26.74 29.50
CA PHE OA 38 -65.09 26.95 30.15
C PHE OA 38 -66.20 26.11 29.54
N VAL OA 39 -66.14 25.86 28.23
CA VAL OA 39 -67.14 24.97 27.63
C VAL OA 39 -66.80 23.52 27.87
N SER OA 40 -65.54 23.21 28.15
CA SER OA 40 -65.14 21.84 28.51
C SER OA 40 -65.07 21.68 30.03
N GLN OA 41 -66.17 21.99 30.70
CA GLN OA 41 -66.26 21.93 32.15
C GLN OA 41 -67.14 20.77 32.59
N LYS OA 42 -67.32 20.67 33.91
CA LYS OA 42 -68.11 19.62 34.56
C LYS OA 42 -67.60 18.23 34.18
N ASP OA 43 -66.28 18.10 34.10
CA ASP OA 43 -65.62 16.84 33.74
C ASP OA 43 -64.66 16.43 34.83
N LEU OA 44 -64.16 15.20 34.69
CA LEU OA 44 -63.20 14.58 35.62
C LEU OA 44 -63.75 14.50 37.05
N SER PA 1 39.03 9.59 48.89
CA SER PA 1 38.94 9.29 50.32
C SER PA 1 37.48 9.17 50.75
N VAL PA 2 37.24 9.29 52.05
CA VAL PA 2 35.89 9.18 52.61
C VAL PA 2 35.33 10.60 52.72
N THR PA 3 34.27 10.86 51.96
CA THR PA 3 33.67 12.18 51.92
C THR PA 3 32.71 12.39 53.09
N PRO PA 4 32.47 13.64 53.49
CA PRO PA 4 31.43 13.90 54.48
C PRO PA 4 30.05 13.45 54.03
N SER PA 5 29.77 13.50 52.73
CA SER PA 5 28.51 12.98 52.22
C SER PA 5 28.40 11.49 52.44
N LEU PA 6 29.49 10.75 52.22
CA LEU PA 6 29.49 9.31 52.47
C LEU PA 6 29.36 9.00 53.95
N LYS PA 7 30.00 9.82 54.80
CA LYS PA 7 29.86 9.65 56.25
C LYS PA 7 28.41 9.86 56.68
N ASN PA 8 27.77 10.90 56.13
CA ASN PA 8 26.36 11.14 56.43
C ASN PA 8 25.47 10.03 55.90
N PHE PA 9 25.83 9.45 54.76
CA PHE PA 9 25.12 8.29 54.24
C PHE PA 9 25.20 7.11 55.19
N LEU PA 10 26.39 6.82 55.70
CA LEU PA 10 26.56 5.71 56.63
C LEU PA 10 25.78 5.96 57.92
N LEU PA 11 25.83 7.19 58.44
CA LEU PA 11 25.07 7.53 59.63
C LEU PA 11 23.57 7.41 59.40
N SER PA 12 23.10 7.84 58.22
CA SER PA 12 21.68 7.73 57.89
C SER PA 12 21.24 6.28 57.79
N LEU PA 13 22.09 5.42 57.21
CA LEU PA 13 21.70 4.02 57.06
C LEU PA 13 21.67 3.28 58.39
N VAL PA 14 22.66 3.54 59.26
CA VAL PA 14 22.62 2.91 60.58
C VAL PA 14 21.47 3.48 61.41
N ALA PA 15 21.11 4.76 61.17
CA ALA PA 15 19.95 5.33 61.82
C ALA PA 15 18.66 4.66 61.34
N GLY PA 16 18.57 4.36 60.05
CA GLY PA 16 17.42 3.64 59.53
C GLY PA 16 17.32 2.24 60.09
N ALA PA 17 18.47 1.57 60.27
CA ALA PA 17 18.47 0.26 60.92
C ALA PA 17 18.00 0.36 62.37
N VAL PA 18 18.42 1.42 63.06
CA VAL PA 18 17.96 1.66 64.44
C VAL PA 18 16.46 1.90 64.46
N VAL PA 19 15.94 2.64 63.47
CA VAL PA 19 14.50 2.90 63.37
C VAL PA 19 13.75 1.59 63.12
N LEU PA 20 14.28 0.72 62.27
CA LEU PA 20 13.64 -0.57 62.02
C LEU PA 20 13.62 -1.44 63.28
N ALA PA 21 14.72 -1.44 64.03
CA ALA PA 21 14.76 -2.18 65.29
C ALA PA 21 13.78 -1.61 66.30
N ALA PA 22 13.64 -0.28 66.34
CA ALA PA 22 12.69 0.35 67.24
C ALA PA 22 11.25 0.03 66.86
N ILE PA 23 10.99 -0.04 65.55
CA ILE PA 23 9.66 -0.42 65.07
C ILE PA 23 9.34 -1.85 65.50
N ALA PA 24 10.31 -2.75 65.34
CA ALA PA 24 10.13 -4.14 65.76
C ALA PA 24 9.89 -4.25 67.26
N GLY PA 25 10.66 -3.50 68.06
CA GLY PA 25 10.48 -3.54 69.50
C GLY PA 25 9.14 -2.96 69.93
N ALA PA 26 8.71 -1.85 69.32
CA ALA PA 26 7.44 -1.23 69.67
C ALA PA 26 6.28 -2.13 69.28
N VAL PA 27 6.41 -2.89 68.19
CA VAL PA 27 5.29 -3.76 67.81
C VAL PA 27 5.31 -5.06 68.61
N THR PA 28 6.47 -5.50 69.11
CA THR PA 28 6.47 -6.73 69.91
C THR PA 28 6.26 -6.46 71.40
N ALA PA 29 6.30 -5.21 71.84
CA ALA PA 29 6.09 -4.90 73.25
C ALA PA 29 4.61 -4.75 73.61
N VAL PA 30 3.71 -5.31 72.80
CA VAL PA 30 2.23 -5.27 72.94
C VAL PA 30 1.64 -3.97 73.49
N MET QA 1 -28.55 65.81 87.26
CA MET QA 1 -29.69 64.98 87.61
C MET QA 1 -29.76 63.76 86.68
N THR QA 2 -28.62 63.44 86.06
CA THR QA 2 -28.54 62.28 85.18
C THR QA 2 -28.13 61.02 85.95
N SER QA 3 -27.65 61.18 87.19
CA SER QA 3 -27.19 60.03 87.96
C SER QA 3 -28.33 59.08 88.29
N ILE QA 4 -29.49 59.62 88.69
CA ILE QA 4 -30.63 58.78 89.03
C ILE QA 4 -31.13 58.03 87.79
N LEU QA 5 -31.09 58.69 86.62
CA LEU QA 5 -31.51 58.03 85.39
C LEU QA 5 -30.52 56.92 85.01
N GLN QA 6 -29.22 57.17 85.19
CA GLN QA 6 -28.21 56.14 84.88
C GLN QA 6 -28.37 54.93 85.80
N ILE QA 7 -28.58 55.17 87.10
CA ILE QA 7 -28.77 54.06 88.03
C ILE QA 7 -30.07 53.31 87.74
N ALA QA 8 -31.12 54.03 87.34
CA ALA QA 8 -32.37 53.38 86.96
C ALA QA 8 -32.19 52.50 85.73
N LEU QA 9 -31.45 52.98 84.75
CA LEU QA 9 -31.16 52.17 83.56
C LEU QA 9 -30.33 50.93 83.91
N LEU QA 10 -29.34 51.09 84.78
CA LEU QA 10 -28.54 49.95 85.22
C LEU QA 10 -29.39 48.93 85.96
N GLY QA 11 -30.29 49.41 86.83
CA GLY QA 11 -31.22 48.51 87.49
C GLY QA 11 -32.15 47.81 86.53
N LEU QA 12 -32.53 48.50 85.44
CA LEU QA 12 -33.35 47.87 84.41
C LEU QA 12 -32.58 46.75 83.72
N VAL QA 13 -31.28 46.96 83.48
CA VAL QA 13 -30.45 45.92 82.88
C VAL QA 13 -30.33 44.70 83.81
N LEU QA 14 -30.12 44.95 85.11
CA LEU QA 14 -30.01 43.85 86.05
C LEU QA 14 -31.33 43.09 86.22
N VAL QA 15 -32.46 43.81 86.29
CA VAL QA 15 -33.74 43.09 86.39
C VAL QA 15 -34.03 42.35 85.09
N SER QA 16 -33.49 42.85 83.96
CA SER QA 16 -33.59 42.14 82.70
C SER QA 16 -32.90 40.79 82.77
N PHE QA 17 -31.64 40.78 83.23
CA PHE QA 17 -30.91 39.51 83.33
C PHE QA 17 -31.62 38.59 84.31
N ALA QA 18 -32.09 39.14 85.43
CA ALA QA 18 -32.72 38.33 86.48
C ALA QA 18 -33.98 37.64 85.96
N LEU QA 19 -34.88 38.39 85.32
CA LEU QA 19 -36.11 37.73 84.88
C LEU QA 19 -35.98 36.99 83.55
N VAL QA 20 -35.01 37.29 82.69
CA VAL QA 20 -34.85 36.41 81.54
C VAL QA 20 -34.22 35.09 81.99
N VAL QA 21 -33.49 35.12 83.11
CA VAL QA 21 -33.04 33.86 83.72
C VAL QA 21 -34.22 33.13 84.35
N GLY QA 22 -35.06 33.84 85.09
CA GLY QA 22 -36.08 33.20 85.90
C GLY QA 22 -37.42 32.84 85.27
N VAL QA 23 -38.00 33.75 84.48
CA VAL QA 23 -39.38 33.57 84.00
C VAL QA 23 -39.55 32.34 83.10
N PRO QA 24 -38.67 32.05 82.12
CA PRO QA 24 -38.79 30.76 81.42
C PRO QA 24 -38.59 29.56 82.35
N VAL QA 25 -37.70 29.68 83.34
CA VAL QA 25 -37.57 28.63 84.35
C VAL QA 25 -38.85 28.55 85.20
N VAL QA 26 -39.49 29.69 85.45
CA VAL QA 26 -40.76 29.70 86.17
C VAL QA 26 -41.82 28.92 85.39
N PHE QA 27 -41.89 29.12 84.06
CA PHE QA 27 -42.82 28.34 83.25
C PHE QA 27 -42.46 26.86 83.23
N ALA QA 28 -41.18 26.55 83.02
CA ALA QA 28 -40.75 25.17 82.89
C ALA QA 28 -40.69 24.42 84.22
N SER QA 29 -40.79 25.12 85.35
CA SER QA 29 -40.79 24.45 86.64
C SER QA 29 -42.12 23.73 86.85
N PRO QA 30 -42.10 22.44 87.19
CA PRO QA 30 -43.36 21.73 87.48
C PRO QA 30 -44.02 22.31 88.73
N ASN QA 31 -45.24 22.82 88.55
CA ASN QA 31 -45.98 23.54 89.59
C ASN QA 31 -45.17 24.72 90.12
N GLY QA 32 -44.44 25.39 89.23
CA GLY QA 32 -43.63 26.53 89.60
C GLY QA 32 -44.26 27.83 89.16
N TRP QA 33 -44.89 27.83 87.99
CA TRP QA 33 -45.66 28.99 87.55
C TRP QA 33 -46.85 29.24 88.45
N THR QA 34 -47.42 28.16 89.01
CA THR QA 34 -48.55 28.28 89.93
C THR QA 34 -48.16 28.97 91.24
N GLU QA 35 -46.91 28.85 91.67
CA GLU QA 35 -46.47 29.47 92.91
C GLU QA 35 -45.74 30.78 92.71
N ASN QA 36 -45.16 31.02 91.52
CA ASN QA 36 -44.46 32.26 91.22
C ASN QA 36 -45.37 33.30 90.58
N LYS QA 37 -46.68 33.19 90.81
CA LYS QA 37 -47.63 34.15 90.24
C LYS QA 37 -47.37 35.56 90.77
N GLY QA 38 -47.29 35.69 92.09
CA GLY QA 38 -47.05 37.01 92.68
C GLY QA 38 -45.68 37.56 92.35
N VAL QA 39 -44.67 36.68 92.31
CA VAL QA 39 -43.31 37.13 92.00
C VAL QA 39 -43.23 37.64 90.56
N VAL QA 40 -43.83 36.89 89.62
CA VAL QA 40 -43.83 37.31 88.23
C VAL QA 40 -44.65 38.59 88.04
N PHE QA 41 -45.78 38.70 88.74
CA PHE QA 41 -46.61 39.91 88.62
C PHE QA 41 -45.89 41.13 89.16
N SER QA 42 -45.22 41.00 90.32
CA SER QA 42 -44.45 42.12 90.86
C SER QA 42 -43.27 42.46 89.95
N GLY QA 43 -42.65 41.46 89.34
CA GLY QA 43 -41.59 41.72 88.39
C GLY QA 43 -42.07 42.51 87.19
N LEU QA 44 -43.20 42.10 86.59
CA LEU QA 44 -43.72 42.83 85.43
C LEU QA 44 -44.18 44.23 85.81
N SER QA 45 -44.71 44.39 87.02
CA SER QA 45 -45.08 45.71 87.50
C SER QA 45 -43.86 46.62 87.61
N VAL QA 46 -42.75 46.11 88.17
CA VAL QA 46 -41.57 46.96 88.27
C VAL QA 46 -40.93 47.16 86.89
N TRP QA 47 -41.09 46.21 85.95
CA TRP QA 47 -40.76 46.48 84.55
C TRP QA 47 -41.47 47.72 84.02
N PHE QA 48 -42.81 47.70 84.05
CA PHE QA 48 -43.57 48.79 83.44
C PHE QA 48 -43.27 50.11 84.14
N LEU QA 49 -43.17 50.09 85.47
CA LEU QA 49 -42.92 51.32 86.21
C LEU QA 49 -41.50 51.85 86.00
N LEU QA 50 -40.50 50.96 85.93
CA LEU QA 50 -39.13 51.43 85.77
C LEU QA 50 -38.85 51.90 84.35
N VAL QA 51 -39.44 51.22 83.36
CA VAL QA 51 -39.31 51.70 81.98
C VAL QA 51 -40.01 53.05 81.83
N PHE QA 52 -41.16 53.22 82.48
CA PHE QA 52 -41.84 54.51 82.48
C PHE QA 52 -41.00 55.57 83.17
N ALA QA 53 -40.32 55.20 84.27
CA ALA QA 53 -39.46 56.15 84.97
C ALA QA 53 -38.29 56.59 84.12
N VAL QA 54 -37.68 55.65 83.40
CA VAL QA 54 -36.58 55.99 82.49
C VAL QA 54 -37.07 56.92 81.38
N GLY QA 55 -38.23 56.61 80.81
CA GLY QA 55 -38.76 57.46 79.74
C GLY QA 55 -39.12 58.86 80.22
N VAL QA 56 -39.65 58.96 81.44
CA VAL QA 56 -39.98 60.27 82.00
C VAL QA 56 -38.72 61.05 82.33
N PHE QA 57 -37.73 60.39 82.95
CA PHE QA 57 -36.51 61.07 83.36
C PHE QA 57 -35.63 61.46 82.19
N ASN QA 58 -35.74 60.78 81.05
CA ASN QA 58 -34.98 61.19 79.87
C ASN QA 58 -35.43 62.56 79.37
N SER QA 59 -36.73 62.85 79.48
CA SER QA 59 -37.21 64.19 79.14
C SER QA 59 -36.72 65.23 80.14
N PHE QA 60 -36.51 64.82 81.39
CA PHE QA 60 -35.98 65.72 82.42
C PHE QA 60 -34.45 65.77 82.42
N ALA QA 61 -33.79 64.86 81.70
CA ALA QA 61 -32.33 64.85 81.65
C ALA QA 61 -31.82 64.80 80.22
N GLN RA 1 40.47 33.76 29.90
CA GLN RA 1 41.41 33.33 30.91
C GLN RA 1 40.84 33.54 32.32
N ARG RA 2 40.47 34.79 32.61
CA ARG RA 2 39.91 35.10 33.91
C ARG RA 2 38.49 34.58 34.01
N VAL RA 3 38.19 33.85 35.10
CA VAL RA 3 36.85 33.33 35.29
C VAL RA 3 35.87 34.37 35.81
N ARG RA 4 36.38 35.47 36.37
CA ARG RA 4 35.48 36.51 36.88
C ARG RA 4 34.90 37.36 35.76
N THR RA 5 35.67 37.59 34.68
CA THR RA 5 35.17 38.36 33.56
C THR RA 5 34.12 37.58 32.77
N VAL RA 6 34.31 36.28 32.61
CA VAL RA 6 33.31 35.47 31.91
C VAL RA 6 32.09 35.25 32.79
N LEU RA 7 32.26 35.35 34.12
CA LEU RA 7 31.10 35.29 35.02
C LEU RA 7 30.19 36.48 34.80
N ASP RA 8 30.76 37.69 34.84
CA ASP RA 8 30.00 38.90 34.55
C ASP RA 8 29.54 38.99 33.10
N MET RA 9 30.09 38.16 32.21
CA MET RA 9 29.61 38.15 30.83
C MET RA 9 28.42 37.21 30.67
N ASP RA 10 28.42 36.08 31.40
CA ASP RA 10 27.28 35.18 31.38
C ASP RA 10 26.08 35.72 32.17
N ASP RA 11 26.33 36.48 33.25
CA ASP RA 11 25.25 36.98 34.10
C ASP RA 11 24.16 37.80 33.38
N PRO RA 12 24.46 38.77 32.51
CA PRO RA 12 23.36 39.47 31.82
C PRO RA 12 22.58 38.58 30.89
N ALA RA 13 23.19 37.50 30.40
CA ALA RA 13 22.50 36.56 29.54
C ALA RA 13 21.60 35.63 30.35
N LYS RA 14 22.14 35.00 31.37
CA LYS RA 14 21.36 34.13 32.25
C LYS RA 14 22.04 34.06 33.62
N GLU RA 15 21.24 33.84 34.65
CA GLU RA 15 21.75 33.71 36.01
C GLU RA 15 21.61 32.28 36.55
N GLU RA 16 21.74 31.28 35.68
CA GLU RA 16 21.59 29.89 36.08
C GLU RA 16 22.71 29.01 35.54
N THR RA 17 23.79 29.60 35.04
CA THR RA 17 24.92 28.83 34.54
C THR RA 17 25.62 28.12 35.69
N VAL RA 18 26.16 26.93 35.40
CA VAL RA 18 26.78 26.10 36.43
C VAL RA 18 27.96 26.83 37.07
N LYS RA 19 28.75 27.54 36.27
CA LYS RA 19 29.86 28.31 36.82
C LYS RA 19 29.39 29.46 37.69
N GLU RA 20 28.19 29.99 37.42
CA GLU RA 20 27.61 30.99 38.32
C GLU RA 20 27.03 30.33 39.58
N LEU RA 21 26.63 29.06 39.48
CA LEU RA 21 26.11 28.33 40.63
C LEU RA 21 27.21 27.71 41.47
N ARG RA 22 28.46 27.73 41.00
CA ARG RA 22 29.59 27.19 41.74
C ARG RA 22 30.54 28.30 42.15
N LYS RA 23 30.97 28.27 43.41
CA LYS RA 23 31.92 29.22 43.99
C LYS RA 23 31.43 30.66 43.88
N ASP RA 24 30.13 30.86 44.04
CA ASP RA 24 29.54 32.19 44.08
C ASP RA 24 29.24 32.64 45.51
N ILE RA 25 29.73 31.90 46.51
CA ILE RA 25 29.52 32.27 47.89
C ILE RA 25 30.33 33.52 48.27
N ASN RA 26 31.35 33.85 47.48
CA ASN RA 26 32.10 35.07 47.71
C ASN RA 26 31.25 36.32 47.43
N ASN RA 27 30.35 36.23 46.46
CA ASN RA 27 29.48 37.36 46.12
C ASN RA 27 28.41 37.58 47.18
#